data_5N60
#
_entry.id   5N60
#
loop_
_entity.id
_entity.type
_entity.pdbx_description
1 polymer 'DNA-directed RNA polymerase I subunit RPA190'
2 polymer 'DNA-directed RNA polymerase I subunit RPA135'
3 polymer 'DNA-directed RNA polymerases I and III subunit RPAC1'
4 polymer 'DNA-directed RNA polymerase I subunit RPA14'
5 polymer 'DNA-directed RNA polymerases I, II, and III subunit RPABC1'
6 polymer 'DNA-directed RNA polymerases I, II, and III subunit RPABC2'
7 polymer 'DNA-directed RNA polymerase I subunit RPA43'
8 polymer 'DNA-directed RNA polymerases I, II, and III subunit RPABC3'
9 polymer 'DNA-directed RNA polymerase I subunit RPA12'
10 polymer 'DNA-directed RNA polymerases I, II, and III subunit RPABC5'
11 polymer 'DNA-directed RNA polymerases I and III subunit RPAC2'
12 polymer 'DNA-directed RNA polymerases I, II, and III subunit RPABC4'
13 polymer 'DNA-directed RNA polymerase I subunit RPA49'
14 polymer 'DNA-directed RNA polymerase I subunit RPA34'
15 polymer 'RNA polymerase I-specific transcription initiation factor RRN3'
16 polymer 'RNA polymerase I-specific transcription initiation factor RRN6'
17 polymer 'RNA polymerase I-specific transcription initiation factor RRN7'
18 polymer 'RNA polymerase I-specific transcription initiation factor RRN11'
19 non-polymer 'ZINC ION'
#
loop_
_entity_poly.entity_id
_entity_poly.type
_entity_poly.pdbx_seq_one_letter_code
_entity_poly.pdbx_strand_id
1 'polypeptide(L)'
;MDISKPVGSEITSVDFGILTAKEIRNLSAKQITNPTVLDNLGHPVSGGLYDLALGAFLRNLCSTCGLDEKFCPGHQGHIE
LPVPCYNPLFFNQLYIYLRASCLFCHHFRLKSVEVHRYACKLRLLQYGLIDESYKLDEITLGSLNSSMYTDDEAIEDNED
EMDGEGSKQSKDISSTLLNELKSKRSEYVDMAIAKALSDGRTTERGSFTATVNDERKKLVHEFHKKLLSRGKCDNCGMFS
PKFRKDGFTKIFETALNEKQITNNRVKGFIRQDMIKKQKQAKKLDGSNEASANDEESFDVGRNPTTRPKTGSTYILSTEV
KNILDTVFRKEQCVLQYVFHSRPNLSRKLVKADSFFMDVLVVPPTRFRLPSKLGEEVHENSQNQLLSKVLTTSLLIRDLN
DDLSKLQKDKVSLEDRRVIFSRLMNAFVTIQNDVNAFIDSTKAQGRTSGKVPIPGVKQALEKKEGLFRKHMMGKRVNYAA
RSVISPDPNIETNEIGVPPVFAVKLTYPEPVTAYNIAELRQAVINGPDKWPGATQIQNEDGSLVSLIGMSVEQRKALANQ
LLTPSSNVSTHTLNKKVYRHIKNRDVVLMNRQPTLHKASMMGHKVRVLPNEKTLRLHYANTGAYNADFDGDEMNMHFPQN
ENARAEALNLANTDSQYLTPTSGSPVRGLIQDHISAGVWLTSKDSFFTREQYQQYIYGCIRPEDGHTTRSKIVTLPPTIF
KPYPLWTGKQIITTVLLNVTPPDMPGINLISKNKIKNEYWGKGSLENEVLFKDGALLCGILDKSQYGASKYGIVHSLHEV
YGPEVAAKVLSVLGRLFTNYITATAFTCGMDDLRLTAEGNKWRTDILKTSVDTGREAAAEVTNLDKDTPADDPELLKRLQ
EILRDNNKSGILDAVTSSKVNAITSQVVSKCVPDGTMKKFPCNSMQAMALSGAKGSNVNVSQIMCLLGQQALEGRRVPVM
VSGKTLPSFKPYETDAMAGGYVKGRFYSGIKPQEYYFHCMAGREGLIDTAVKTSRSGYLQRCLTKQLEGVHVSYDNSIRD
ADGTLVQFMYGGDAIDITKESHMTQFEFCLDNYYALLKKYNPSALIEHLDVESALKYSKKTLKYRKKHSKEPHYKQSVKY
DPVLAKYNPAKYLGSVSENFQDKLESFLDKNSKLFKSSDGVNEKKFRALMQLKYMRSLINPGEAVGIIASQSVGEPSTQM
TLNTFHFAGHGAANVTLGIPRLREIVMTASAAIKTPQMTLPIWNDVSDEQADTFCKSISKVLLSEVIDKVIVTETTGTSN
TAGGNAARSYVIHMRFFDNNEYSEEYDVSKEELQNVISNQFIHLLEAAIVKEIKKQKRTTGPDIGVAVPRLQTDVANSSS
NSKRLEEDNDEEQSHKKTKQAVSYDEPDEDEIETMREAEKSSDEEGIDSDKESDSDSEDEDVDMNEQINKSIVEANNNMN
KVQRDRQSAIISHHRFITKYNFDDESGKWCEFKLELAADTEKLLMVNIVEEICRKSIIRQIPHIDRCVHPEPENGKRVLV
TEGVNFQAMWDQEAFIDVDGITSNDVAAVLKTYGVEAARNTIVNEINNVFSRYAISVSFRHLDLIADMMTRQGTYLAFNR
QGMETSTSSFMKMSYETTCQFLTKAVLDNEREQLDSPSARIVVGKLNNVGTGSFDVLAKVPNAA
;
A
2 'polypeptide(L)'
;MSKVIKPPGQARTADFRTLERESRFINPPKDKSAFPLLQEAVQPHIGSFNALTEGPDGGLLNLGVKDIGEKVIFDGKPLN
SEDEISNSGYLGNKLSVSVEQVSIAKPMSNDGVSSAVERKVYPSESRQRLTSYRGKLLLKLKWSVNNGEENLFEVRDCGG
LPVMLQSNRCHLNKMSPYELVQHKEESDEIGGYFIVNGIEKLIRMLIVQRRNHPMAIIRPSFANRGASYSHYGIQIRSVR
PDQTSQTNVLHYLNDGQVTFRFSWRKNEYLVPVVMILKALCHTSDREIFDGIIGNDVKDSFLTDRLELLLRGFKKRYPHL
QNRTQVLQYLGDKFRVVFQASPDQSDLEVGQEVLDRIVLVHLGKDGSQDKFRMLLFMIRKLYSLVAGECSPDNPDATQHQ
EVLLGGFLYGMILKEKIDEYLQNIIAQVRMDINRGMAINFKDKRYMSRVLMRVNENIGSKMQYFLSTGNLVSQSGLDLQQ
VSGYTVVAEKINFYRFISHFRMVHRGSFFAQLKTTTVRKLLPESWGFLCPVHTPDGSPCGLLNHFAHKCRISTQQSDVSR
IPSILYSLGVAPASHTFAAGPSLCCVQIDGKIIGWVSHEQGKIIADTLRYWKVEGKTPGLPIDLEIGYVPPSTRGQYPGL
YLFGGHSRMLRPVRYLPLDKEDIVGPFEQVYMNIAVTPQEIQNNVHTHVEFTPTNILSILANLTPFSDFNQSPRNMYQCQ
MGKQTMGTPGVALCHRSDNKLYRLQTGQTPIVKANLYDDYGMDNFPNGFNAVVAVISYTGYDMDDAMIINKSADERGFGY
GTMYKTEKVDLALNRNRGDPITQHFGFGNDEWPKEWLEKLDEDGLPYIGTYVEEGDPICAYFDDTLNKTKIKTYHSSEPA
YIEEVNLIGDESNKFQELQTVSIKYRIRRTPQIGDKFSSRHGQKGVCSRKWPTIDMPFSETGIQPDIIINPHAFPSRMTI
GMFVESLAGKAGALHGIAQDSTPWIFNEDDTPADYFGEQLAKAGYNYHGNEPMYSGATGEELRADIYVGVVYYQRLRHMV
NDKFQVRSTGPVNSLTMQPVKGRKRHGGIRVGEMERDALIGHGTSFLLQDRLLNSSDYTQASVCRECGSILTTQQSVPRI
GSISTVCCRRCSMRFEDAKKLLTKSEDGEKIFIDDSQIWEDGQGNKFVGGNETTTVAIPFVLKYLDSELSAMGIRLRYNV
EPK
;
B
3 'polypeptide(L)'
;MSNIVGIEYNRVTNTTSTDFPGFSKDAENEWNVEKFKKDFEVNISSLDAREANFDLINIDTSIANAFRRIMISEVPSVAA
EYVYFFNNTSVIQDEVLAHRIGLVPLKVDPDMLTWVDSNLPDDEKFTDENTIVLSLNVKCTRNPDAPKGSTDPKELYNNA
HVYARDLKFEPQGRQSTTFADCPVVPADPDILLAKLRPGQEISLKAHCILGIGGDHAKFSPVSTASYRLLPQINILQPIK
GESARRFQKCFPPGVIGIDEGSDEAYVKDARKDTVSREVLRYEEFADKVKLGRVRNHFIFNVESAGAMTPEEIFFKSVRI
LKNKAEYLKNCPITQ
;
C
4 'polypeptide(L)'
;MMKGSRRTGNNTATTLNTPVVIHATQLPQHVSTDEVLQFLESFIDEKENIIDSTTMNTISGNAADADAAAVANTSLNIDT
NLSSSISQLKRIQRDFKGLPPAQDFSAAPIQVSTTEKKETSIGVSATGGKKTTFADE
;
D
5 'polypeptide(L)'
;MDQENERNISRLWRAFRTVKEMVKDRGYFITQEEVELPLEDFKAKYCDSMGRPQRKMMSFQANPTEESISKFPDMGSLWV
EFCDEPSVGVKTMKTFVIHIQEKNFQTGIFVYQNNITPSAMKLVPSIPPATIETFNEAALVVNITHHELVPKHIRLSSDE
KRELLKRYRLKESQLPRIQRADPVALYLGLKRGEVVKIIRKSETSGRYASYRICM
;
E
6 'polypeptide(L)'
;MSDYEEAFNDGNENFEDFDVEHFSDEETYEEKPQFKDGETTDANGKTIVTGGNGPEDFQQHEQIRRKTLKEKAIPKDQRA
TTPYMTKYERARILGTRALQISMNAPVFVDLEGETDPLRIAMKELAEKKIPLVIRRYLPDGSFEDWSVEELIVDL
;
F
7 'polypeptide(L)'
;MSQVKRANENRETARFIKKHKKQVTNPIDEKNGTSNCIVRVPIALYVSLAPMYLENPLQGVMKQHLNPLVMKYNNKVGGV
VLGYEGLKILDADPLSKEDTSEKLIKITPDTPFGFTWCHVNLYVWQPQVGDVLEGYIFIQSASHIGLLIHDAFNASIKKN
NIPVDWTFVHNDVEEDADVINTDENNGNNNNEDNKDSNGGSNSLGKFSFGNRSLGHWVDSNGEPIDGKLRFTVRNVHTTG
RVVSVDGTLISDADEEGNGYNSSRSQAESLPIVSNKKIVFDDEVSIENKESHKELDLPEVKEDNGSEIVYEENTSESNDG
ESSDSD
;
G
8 'polypeptide(L)'
;MSNTLFDDIFQVSEVDPGRYNKVCRIEAASTTQDQCKLTLDINVELFPVAAQDSLTVTIASSLNLEDTPANDSSATRSWR
PPQAGDRSLADDYDYVMYGTAYKFEEVSKDLIAVYYSFGGLLMRLEGNYRNLNNLKQENAYLLIRR
;
H
9 'polypeptide(L)'
;MSVVGSLIFCLDCGDLLENPNAVLGSNVECSQCKAIYPKSQFSNLKVVTTTADDAFPSSLRAKKSVVKTSLKKNELKDGA
TIKEKCPQCGNEEMNYHTLQLRSADEGATVFYTCTSCGYKFRTNN
;
I
10 'polypeptide(L)' MIVPVRCFSCGKVVGDKWESYLNLLQEDELDEGTALSRLGLKRYCCRRMILTHVDLIEKFLRYNPLEKRD J
11 'polypeptide(L)'
;MTEDIEQKKTATEVTPQEPKHIQEEEEQDVDMTGDEEQEEEPDREKIKLLTQATSEDGTSASFQIVEEDHTLGNALRYVI
MKNPDVEFCGYSIPHPSENLLNIRIQTYGETTAVDALQKGLKDLMDLCDVVESKFTEKIKSM
;
K
12 'polypeptide(L)' MSREGFQIPTNLDAAAAGTSQARTATLKYICAECSSKLSLSRTDAVRCKDCGHRILLKARTKRLVQFEAR L
13 'polypeptide(L)'
;MSVKRSVSEIEIESVQDQPSVAVGSFFKGFRAPSDTTFDLYKKKKSEKDEFVLHGENERLEYEGYTDSSSQASNQYVVGL
FNPEKKSIQLYKAPVLVSKVVSKSSKNLRGPKIKSKSDTRPSALRNALGEAFGTKKAKKAIADLERNRIDSDKLTDSAID
IVDSVRTASKDLPTRAQLDEITSNDRPTPLANIDATDVEQIYPIESIIPKKELQFIRVSSILKEADKEKKLELFPYQNNS
KYVAKKLDSLTQPSQMTKLQLLYYLSLLLGVYENRRVNNKTKLLERLNSPPEILVDGILSRFTVIKPGQFGRSKDRSYFI
DPQNEDKILCYILAIIMHLDNFIVEITPLAHELNLKPSKVVSLFRVLGAIVKGATVAQAEAFGIPKSTAASYKIATMKVP
FKLPEMTRRGRGPRR
;
M
14 'polypeptide(L)'
;MSKLSKDYVSDSDSDDEVISNEFSIPDGFKKCKHLKNFPLNGDNKKKAKQQQVWLIKFPSNVDISKLKSLPVDFESSTTM
TIDKHDYKIMDDTDIESSLTQDNLSNMTLLVPSESKESLKIASTAKDNAPLQFDKVFSVSETAKIPAIDYSKVRVPRKDV
PKVEGLKLEHFATGYDAEDFHVAEEVKENKKEPKKRSHHDDEEESSEKKKKKKEKREKREKKDKKDKKKKHRD
;
N
15 'polypeptide(L)'
;MMAFENTSKRPPQDFVAPIDQKKRKVQFSDSTGLVTLQPEEIKDEVFSAAMYSRFVKSALDDLDKNDSTQIGIIANQVAL
PSKNPERINDKNLNILLDILSSNINRIESSRGTFLIQSIINFEKWWELPPHTLSKYIYFIKILCSSIPKWWQDVSMILVS
CFILPIKQTVCHHDMLKYFLRMIPSSMGFIDTYLAKFFPNKNDTRRKLVNYTSNLLKLRGYCSELGFQIWSLLIEKIISI
DVELQNELDELDDDVDDDDLEEVDLEDDDDLDDDSGDDDDENCGNSNEELRSGAADGSQSDSEDMDIIEGMDGTEEYNVE
LTQGIKELSTKLDSILTLVSTHVEEQVTPESLESGEGVGVFNTLTTLFKTHVLPTYYTRSIQYIMFHVSQQQLELMDSFL
VTLIDISFAVNEAAEKKIKSLQYLGSYIARAKKLSRTQIIFVASYLTSWLNRYVIEREEEVDQRGGMERFKHFYAAFQAL
CYIFCFRHNIFRDTDGNWECELDKFFQRMVISKFNPLKFCNENVMLMFARIAQQESVAYCFSIIENNNNERLRGIIGKAD
SDKKENSAQANTTSSSWSLATRQQFIDLQSYFPYDPLFLKNYKILMKEYYIEWSEASGEYESDGSDD
;
O
16 'polypeptide(L)'
;MSEGQIPSSDVLGSQLGVGVQGASLYCPQENYTTKKQEKPQWLRPVDDTLAEDALDLHIVVKSLLCDTAIRYISDDKVLQ
ESDADDDLITSDIDEDTDNQGDTSIVVNPVIPVVPKDVHFFKKVDVGNDSMFGVNCDTPVSFQDYIPSDLLRNLDDTLQE
STNSSRPMQDAFFWDPTVANRLDSQYIQTASDLRNYRDGTEIIAYASGKTGSVLNIAVLTRQNTLHLNRHNNVTSIELHS
PIKSIKIPGASESIGRRSNLVGIITENSFQIFRIESVHSRSCDVMVSSSEPLYFVEIDDLQVVDFAFNPWDLQQFAIIDI
KGNWSIGRIPKNFNNNNKRKLQLIDNLHGTIFDPEELSSWKRIEWFSHFQKILVFDRSKMIEIDFMNNWQTEVVQAKAWS
NIRDYKRIDDKNGILLTSREIIIVGASESNDPVRRISWKHDLDPDDTTLRITVQKVKKPDHILLVAFVYSMRHKRIYMHV
FSHRKANLFQSLGCSTVLEIPGGTPTGIETILTLDHIDDESRREEDADENFELVVDFLVKLRNSSEVYYYALSNTQNSEP
NKQETPIIVDHPEWASLFNNADEREKESIGALVSQIKLKERERISRVQNLIEHENSHDEDKYLQDLGYRLSIATNELLES
WQKTKDESILSGSLSHSKLKNLLENSDSFASIPEFSSLLDQFFQYYQDQDVTFIGFEKLLHLFLHEDVPGLDIFYNKLLQ
CWVLVSPQAELLTKEIVKDIIWSLARLEKPSLFEPIQNEISRSLSGPYQDIISSWDMDDINEEDESNEFNFDSQFSAPFN
GRPPFNLNSQSQIPTIKSSQSSGLARRKRILKTQSQKATPLSQSTQNLSVLPDSMTPAFTLMQPPSSQISFVNDSQPRNS
QKAKKKKKRIRGFG
;
P
17 'polypeptide(L)'
;MSTFIRGPICGTDNCPSRLWRIIDGRRTCQYGHVMEGDVEFNDDEDDLNGLGAGVITRRLNLTTNATGSFQSSQLTNSQL
LQQQQRQSHKKFKKLIGHEAKLLFLKSFQFILKRQIRWLITEMRFPKEFEHVAKIIWLKILKTINDQPQEELKLQLHMTS
TISILYLASTHLSLPVYTCDYIKWICTAKMPYFQASEILPKSWRIQLPNYYVSILEGSISPFNGQLYNKIALTCGMIHFK
EFFNSEISCQGLLLKLVMQCALPPEFYFYTKQVIEFEETDIRNLTLWERTDERHTGRVSNHAELRVLSYFMLTINWMLSF
DRDRQYPLKWILSLTESLTQRTTTSESIGRNIVKVVYPDKPTSSDYFQWSEEETLEFLKWMEKQFLPTQTKSLHNENGSM
EMTIDQKIARRKLYKIFPLDREANHDGEFNDSTHQLTFIEDLQERYAKQTPFFESNKIRDSLNYQEANPPARKEAIGRLL
THIASQLLVDFAISKEQLKDCISRIKNACLHRMN
;
Q
18 'polypeptide(L)'
;MFEVPITLTNRKFAQRRKLKYQYINYISRRFDRISKKSTTTDSLPTPENSAAENNDEEEGQNSEAGTYRRSVLQQKKRRR
ERHWRSVVGEIYSTTESETDSQEEETEEGGEHDTGIDKEDSDEERKFWKKYEKPEKSFEIWRTVSSQNKQPINKQKMTYH
NFKKIEKIPLRKMEIPLLHCTKENKLYFQSISRGLEPLKTSTSEVRNYRTRHIVTLTDLLHLNVSRHNWSLAYKIFATLI
RIPGVQIKSLWGIGVEILDNLSNSSSGLDFLQWMCQIYSSKSRFVQNINYRSIVPPFQTGSRTHTAKFAITYLWSSLINC
QKSMEPSSNIIDKPFDTENDLLQELIDKISEWVLTPPFMEDAEVWFIYASCHLLKADTLSRQFVNDNKNNDLIGLDRDIK
INQVIKHIHYVRTFLKICLDKGGFAVPSRLIENQLKSFESRLYGEAQDIQERDVANVYDSIDNSSVENSFGDVYETNAEF
LDTQLMDLSPEDNGLDEMHYSDEDSSE
;
R
#
loop_
_chem_comp.id
_chem_comp.type
_chem_comp.name
_chem_comp.formula
ZN non-polymer 'ZINC ION' 'Zn 2'
#
# COMPACT_ATOMS: atom_id res chain seq x y z
N MET A 1 8.50 11.12 24.12
CA MET A 1 9.17 12.15 24.96
C MET A 1 8.31 12.60 26.14
N ASP A 2 8.86 12.47 27.34
CA ASP A 2 8.11 12.60 28.59
C ASP A 2 8.83 13.56 29.50
N ILE A 3 8.17 14.62 29.93
CA ILE A 3 8.86 15.62 30.73
C ILE A 3 9.32 15.09 32.08
N SER A 4 8.90 13.88 32.43
CA SER A 4 9.30 13.30 33.70
C SER A 4 10.36 12.22 33.53
N LYS A 5 10.90 12.09 32.32
CA LYS A 5 12.08 11.26 32.09
C LYS A 5 13.25 12.09 31.53
N PRO A 6 13.82 12.95 32.38
CA PRO A 6 14.90 13.77 31.86
C PRO A 6 16.14 12.96 31.51
N VAL A 7 16.94 13.50 30.62
CA VAL A 7 18.21 12.92 30.22
C VAL A 7 19.38 13.82 30.62
N GLY A 8 20.38 13.24 31.28
CA GLY A 8 21.54 14.01 31.72
C GLY A 8 22.65 14.08 30.69
N SER A 9 22.93 12.95 30.06
CA SER A 9 23.98 12.92 29.05
C SER A 9 23.52 13.56 27.74
N GLU A 10 24.45 14.19 27.03
CA GLU A 10 24.12 14.97 25.85
C GLU A 10 25.18 14.71 24.80
N ILE A 11 24.78 14.48 23.55
CA ILE A 11 25.74 14.29 22.47
C ILE A 11 26.21 15.67 22.00
N THR A 12 27.51 15.91 21.91
CA THR A 12 27.96 17.25 21.53
C THR A 12 28.64 17.34 20.19
N SER A 13 29.11 16.22 19.67
CA SER A 13 29.69 16.19 18.33
C SER A 13 29.71 14.75 17.82
N VAL A 14 29.85 14.60 16.52
CA VAL A 14 29.98 13.27 15.92
C VAL A 14 31.25 13.15 15.09
N ASP A 15 32.01 12.06 15.26
CA ASP A 15 33.24 11.85 14.47
C ASP A 15 33.05 10.75 13.44
N PHE A 16 33.38 11.03 12.18
CA PHE A 16 33.34 10.02 11.12
C PHE A 16 34.62 9.18 11.02
N GLY A 17 34.48 7.87 10.78
CA GLY A 17 35.65 7.03 10.67
C GLY A 17 35.37 5.66 10.11
N ILE A 18 36.37 4.79 10.21
CA ILE A 18 36.26 3.47 9.58
C ILE A 18 36.38 2.34 10.57
N LEU A 19 35.43 1.41 10.52
CA LEU A 19 35.48 0.21 11.33
C LEU A 19 36.61 -0.72 10.90
N THR A 20 37.47 -1.08 11.84
CA THR A 20 38.51 -2.06 11.60
C THR A 20 38.00 -3.47 11.84
N ALA A 21 38.58 -4.44 11.13
CA ALA A 21 38.11 -5.81 11.26
C ALA A 21 38.36 -6.35 12.67
N LYS A 22 39.32 -5.76 13.37
CA LYS A 22 39.56 -6.14 14.76
C LYS A 22 38.39 -5.72 15.68
N GLU A 23 37.95 -4.48 15.56
CA GLU A 23 36.82 -3.97 16.33
C GLU A 23 35.58 -4.85 16.15
N ILE A 24 35.22 -5.02 14.88
CA ILE A 24 34.08 -5.80 14.48
C ILE A 24 34.08 -7.20 15.12
N ARG A 25 35.16 -7.93 14.93
CA ARG A 25 35.28 -9.26 15.53
C ARG A 25 35.07 -9.23 17.04
N ASN A 26 35.58 -8.21 17.68
CA ASN A 26 35.45 -8.11 19.12
C ASN A 26 34.03 -7.84 19.54
N LEU A 27 33.36 -6.90 18.87
CA LEU A 27 32.00 -6.49 19.26
C LEU A 27 30.93 -7.47 18.81
N SER A 28 31.26 -8.30 17.83
CA SER A 28 30.26 -9.16 17.20
C SER A 28 29.57 -10.14 18.17
N ALA A 29 28.29 -10.35 17.96
CA ALA A 29 27.51 -11.21 18.84
C ALA A 29 27.48 -12.64 18.32
N LYS A 30 27.86 -12.81 17.06
CA LYS A 30 27.80 -14.10 16.40
C LYS A 30 28.40 -13.97 15.02
N GLN A 31 29.23 -14.94 14.62
CA GLN A 31 29.71 -14.99 13.25
C GLN A 31 28.69 -15.76 12.43
N ILE A 32 28.24 -15.18 11.32
CA ILE A 32 27.21 -15.77 10.49
C ILE A 32 27.88 -16.50 9.34
N THR A 33 27.44 -17.73 9.06
CA THR A 33 28.13 -18.58 8.08
C THR A 33 27.18 -19.42 7.24
N ASN A 34 25.92 -19.48 7.62
CA ASN A 34 24.93 -20.28 6.89
C ASN A 34 24.02 -19.45 5.97
N PRO A 35 24.03 -19.77 4.66
CA PRO A 35 23.20 -19.04 3.70
C PRO A 35 21.74 -19.26 4.00
N THR A 36 21.42 -20.44 4.52
CA THR A 36 20.04 -20.80 4.83
C THR A 36 19.52 -20.05 6.06
N VAL A 37 18.29 -19.58 5.98
CA VAL A 37 17.79 -18.66 6.97
C VAL A 37 16.85 -19.33 7.96
N LEU A 38 15.95 -20.18 7.46
CA LEU A 38 15.03 -20.93 8.32
C LEU A 38 15.04 -22.44 8.07
N ASP A 39 14.53 -23.20 9.03
CA ASP A 39 14.41 -24.65 8.88
C ASP A 39 12.97 -25.01 8.51
N ASN A 40 12.68 -26.31 8.48
CA ASN A 40 11.34 -26.77 8.15
C ASN A 40 10.24 -26.37 9.15
N LEU A 41 10.62 -26.00 10.36
CA LEU A 41 9.62 -25.57 11.37
C LEU A 41 9.65 -24.05 11.57
N GLY A 42 10.25 -23.34 10.62
CA GLY A 42 10.31 -21.89 10.66
C GLY A 42 11.11 -21.29 11.80
N HIS A 43 12.06 -22.05 12.34
CA HIS A 43 12.91 -21.49 13.37
C HIS A 43 14.18 -20.97 12.72
N PRO A 44 14.80 -19.98 13.35
CA PRO A 44 16.09 -19.53 12.83
C PRO A 44 17.13 -20.67 12.78
N VAL A 45 17.76 -20.83 11.63
CA VAL A 45 18.94 -21.65 11.50
C VAL A 45 20.07 -21.03 12.31
N SER A 46 20.71 -21.84 13.14
CA SER A 46 21.88 -21.41 13.91
C SER A 46 23.04 -21.03 13.02
N GLY A 47 23.65 -19.90 13.28
CA GLY A 47 24.74 -19.43 12.46
C GLY A 47 24.26 -18.83 11.14
N GLY A 48 22.95 -18.72 11.00
CA GLY A 48 22.33 -18.11 9.85
C GLY A 48 21.98 -16.65 10.10
N LEU A 49 21.30 -16.03 9.14
CA LEU A 49 21.03 -14.60 9.23
C LEU A 49 19.99 -14.21 10.26
N TYR A 50 19.20 -15.15 10.75
CA TYR A 50 18.23 -14.82 11.79
C TYR A 50 18.67 -15.38 13.13
N ASP A 51 19.90 -15.84 13.20
CA ASP A 51 20.45 -16.36 14.44
C ASP A 51 20.10 -15.44 15.60
N LEU A 52 19.67 -16.07 16.68
CA LEU A 52 19.05 -15.37 17.79
C LEU A 52 20.01 -14.53 18.62
N ALA A 53 21.30 -14.63 18.32
CA ALA A 53 22.28 -13.78 18.96
C ALA A 53 22.21 -12.37 18.39
N LEU A 54 21.59 -12.23 17.22
CA LEU A 54 21.51 -10.94 16.54
C LEU A 54 20.25 -10.23 16.97
N GLY A 55 19.45 -10.90 17.77
CA GLY A 55 18.29 -10.28 18.36
C GLY A 55 17.08 -11.17 18.32
N ALA A 56 16.10 -10.82 19.16
CA ALA A 56 14.83 -11.50 19.20
C ALA A 56 14.21 -11.45 17.83
N PHE A 57 13.52 -12.51 17.47
CA PHE A 57 12.91 -12.64 16.17
C PHE A 57 11.62 -13.41 16.37
N LEU A 58 10.53 -12.79 15.91
CA LEU A 58 9.18 -13.34 16.10
C LEU A 58 8.89 -13.63 17.59
N ARG A 59 8.46 -14.85 17.89
CA ARG A 59 8.18 -15.25 19.27
C ARG A 59 9.45 -15.22 20.12
N ASN A 60 10.54 -15.67 19.52
CA ASN A 60 11.76 -16.07 20.22
C ASN A 60 12.42 -14.92 20.99
N LEU A 61 13.14 -15.25 22.04
CA LEU A 61 13.87 -14.26 22.82
C LEU A 61 15.30 -14.16 22.33
N CYS A 62 15.85 -12.96 22.43
CA CYS A 62 17.24 -12.68 22.04
C CYS A 62 18.18 -13.52 22.90
N SER A 63 19.13 -14.17 22.27
CA SER A 63 20.09 -15.01 22.97
C SER A 63 21.23 -14.20 23.55
N THR A 64 21.30 -12.91 23.23
CA THR A 64 22.42 -12.13 23.71
C THR A 64 22.05 -11.34 24.97
N CYS A 65 20.85 -10.79 25.01
CA CYS A 65 20.39 -9.98 26.14
C CYS A 65 19.23 -10.64 26.86
N GLY A 66 18.54 -11.55 26.17
CA GLY A 66 17.40 -12.23 26.77
C GLY A 66 16.06 -11.52 26.65
N LEU A 67 16.09 -10.31 26.08
CA LEU A 67 14.88 -9.51 25.82
C LEU A 67 13.98 -9.98 24.66
N ASP A 68 12.69 -9.65 24.76
CA ASP A 68 11.68 -9.88 23.72
C ASP A 68 11.70 -8.89 22.52
N GLU A 69 11.08 -9.30 21.43
CA GLU A 69 11.07 -8.53 20.18
C GLU A 69 10.81 -7.04 20.39
N LYS A 70 10.34 -6.68 21.58
CA LYS A 70 9.97 -5.30 21.89
C LYS A 70 11.06 -4.52 22.60
N PHE A 71 11.71 -5.13 23.59
CA PHE A 71 12.75 -4.45 24.38
C PHE A 71 14.19 -4.78 23.95
N CYS A 72 14.33 -5.67 22.98
CA CYS A 72 15.66 -6.05 22.54
C CYS A 72 16.10 -5.15 21.38
N PRO A 73 17.23 -4.47 21.56
CA PRO A 73 17.62 -3.40 20.64
C PRO A 73 18.22 -4.00 19.39
N GLY A 74 18.54 -5.29 19.43
CA GLY A 74 19.25 -5.95 18.34
C GLY A 74 20.76 -5.86 18.55
N HIS A 75 21.50 -6.76 17.94
CA HIS A 75 22.95 -6.77 18.10
C HIS A 75 23.60 -7.12 16.79
N GLN A 76 24.78 -6.58 16.52
CA GLN A 76 25.36 -6.86 15.21
C GLN A 76 26.26 -8.08 15.28
N GLY A 77 26.31 -8.79 14.16
CA GLY A 77 27.25 -9.90 14.00
C GLY A 77 28.12 -9.62 12.79
N HIS A 78 28.91 -10.58 12.36
CA HIS A 78 29.78 -10.32 11.24
C HIS A 78 29.94 -11.54 10.37
N ILE A 79 30.22 -11.32 9.09
CA ILE A 79 30.62 -12.39 8.19
C ILE A 79 32.14 -12.28 7.98
N GLU A 80 32.82 -13.42 7.94
CA GLU A 80 34.25 -13.46 7.66
C GLU A 80 34.49 -13.64 6.18
N LEU A 81 34.98 -12.60 5.52
CA LEU A 81 35.35 -12.68 4.11
C LEU A 81 36.68 -13.41 3.97
N PRO A 82 36.68 -14.53 3.24
CA PRO A 82 37.81 -15.46 3.15
C PRO A 82 38.97 -14.84 2.37
N VAL A 83 38.75 -13.67 1.83
CA VAL A 83 39.72 -13.03 0.96
C VAL A 83 39.35 -11.54 0.96
N PRO A 84 40.36 -10.66 1.04
CA PRO A 84 40.09 -9.21 1.16
C PRO A 84 39.35 -8.66 -0.05
N CYS A 85 38.41 -7.76 0.20
CA CYS A 85 37.72 -7.09 -0.88
C CYS A 85 37.92 -5.59 -0.78
N TYR A 86 37.93 -4.90 -1.92
CA TYR A 86 37.94 -3.44 -1.91
C TYR A 86 36.62 -2.99 -1.34
N ASN A 87 36.63 -1.99 -0.46
CA ASN A 87 35.40 -1.36 -0.02
C ASN A 87 34.97 -0.48 -1.16
N PRO A 88 33.84 -0.80 -1.75
CA PRO A 88 33.36 -0.09 -2.95
C PRO A 88 33.20 1.43 -2.75
N LEU A 89 33.05 1.91 -1.53
CA LEU A 89 32.96 3.36 -1.31
C LEU A 89 34.22 4.11 -1.79
N PHE A 90 35.38 3.52 -1.58
CA PHE A 90 36.69 4.17 -1.58
C PHE A 90 37.60 3.76 -2.73
N PHE A 91 37.09 2.91 -3.63
CA PHE A 91 37.91 2.36 -4.71
C PHE A 91 38.56 3.43 -5.58
N ASN A 92 37.93 4.58 -5.76
CA ASN A 92 38.53 5.60 -6.60
C ASN A 92 39.77 6.19 -5.98
N GLN A 93 39.70 6.42 -4.67
CA GLN A 93 40.84 6.97 -3.95
C GLN A 93 41.98 5.96 -3.89
N LEU A 94 41.64 4.71 -3.62
CA LEU A 94 42.62 3.64 -3.69
C LEU A 94 43.32 3.71 -5.06
N TYR A 95 42.53 3.79 -6.12
CA TYR A 95 43.06 3.87 -7.48
C TYR A 95 44.08 4.99 -7.62
N ILE A 96 43.76 6.16 -7.09
CA ILE A 96 44.68 7.29 -7.18
C ILE A 96 46.03 6.99 -6.53
N TYR A 97 46.02 6.55 -5.28
CA TYR A 97 47.27 6.26 -4.63
C TYR A 97 48.05 5.10 -5.29
N LEU A 98 47.34 4.05 -5.68
CA LEU A 98 47.98 2.93 -6.38
C LEU A 98 48.73 3.41 -7.63
N ARG A 99 48.07 4.21 -8.46
CA ARG A 99 48.67 4.70 -9.69
C ARG A 99 49.88 5.58 -9.40
N ALA A 100 49.79 6.37 -8.33
CA ALA A 100 50.81 7.34 -7.94
C ALA A 100 52.06 6.68 -7.37
N SER A 101 51.93 5.43 -6.98
CA SER A 101 53.02 4.73 -6.33
C SER A 101 54.19 4.37 -7.26
N CYS A 102 55.37 4.27 -6.67
CA CYS A 102 56.52 3.69 -7.34
C CYS A 102 56.70 2.28 -6.80
N LEU A 103 56.56 1.28 -7.65
CA LEU A 103 56.62 -0.09 -7.18
C LEU A 103 58.05 -0.53 -6.86
N PHE A 104 59.01 0.39 -7.01
CA PHE A 104 60.40 0.08 -6.69
C PHE A 104 60.90 0.68 -5.37
N CYS A 105 60.89 2.00 -5.23
CA CYS A 105 61.37 2.62 -3.99
C CYS A 105 60.25 2.83 -2.98
N HIS A 106 59.02 2.65 -3.42
CA HIS A 106 57.83 2.64 -2.56
C HIS A 106 57.46 4.00 -1.97
N HIS A 107 58.05 5.06 -2.50
CA HIS A 107 57.54 6.41 -2.26
C HIS A 107 56.53 6.70 -3.35
N PHE A 108 55.89 7.86 -3.30
CA PHE A 108 55.13 8.31 -4.45
C PHE A 108 56.15 8.73 -5.49
N ARG A 109 55.80 8.60 -6.76
CA ARG A 109 56.75 8.96 -7.81
C ARG A 109 57.04 10.46 -7.87
N LEU A 110 56.23 11.26 -7.18
CA LEU A 110 56.47 12.69 -7.05
C LEU A 110 57.67 12.90 -6.13
N LYS A 111 58.57 13.81 -6.51
CA LYS A 111 59.78 14.03 -5.73
C LYS A 111 59.47 14.34 -4.27
N SER A 112 60.20 13.70 -3.37
CA SER A 112 60.00 13.83 -1.92
C SER A 112 59.85 15.28 -1.43
N VAL A 113 60.66 16.17 -1.99
CA VAL A 113 60.68 17.58 -1.62
C VAL A 113 59.34 18.27 -1.85
N GLU A 114 58.68 17.92 -2.94
CA GLU A 114 57.40 18.47 -3.30
C GLU A 114 56.35 17.93 -2.37
N VAL A 115 56.36 16.62 -2.20
CA VAL A 115 55.43 15.96 -1.31
C VAL A 115 55.55 16.56 0.09
N HIS A 116 56.76 16.87 0.51
CA HIS A 116 56.92 17.46 1.82
C HIS A 116 56.35 18.87 1.86
N ARG A 117 56.37 19.57 0.71
CA ARG A 117 55.87 20.94 0.64
C ARG A 117 54.35 20.94 0.78
N TYR A 118 53.73 19.89 0.27
CA TYR A 118 52.30 19.72 0.46
C TYR A 118 51.97 19.34 1.88
N ALA A 119 52.84 18.55 2.50
CA ALA A 119 52.55 18.12 3.84
C ALA A 119 52.62 19.33 4.75
N CYS A 120 53.58 20.21 4.47
CA CYS A 120 53.72 21.41 5.29
C CYS A 120 52.51 22.28 5.17
N LYS A 121 52.05 22.51 3.95
CA LYS A 121 50.90 23.38 3.72
C LYS A 121 49.61 22.85 4.36
N LEU A 122 49.26 21.61 4.07
CA LEU A 122 48.10 20.99 4.69
C LEU A 122 48.18 21.00 6.21
N ARG A 123 49.36 20.80 6.77
CA ARG A 123 49.46 20.81 8.21
C ARG A 123 49.12 22.19 8.75
N LEU A 124 49.61 23.22 8.08
CA LEU A 124 49.31 24.60 8.47
C LEU A 124 47.81 24.87 8.39
N LEU A 125 47.16 24.25 7.43
CA LEU A 125 45.74 24.50 7.21
C LEU A 125 44.88 23.80 8.24
N GLN A 126 45.45 22.82 8.94
CA GLN A 126 44.71 22.18 10.02
C GLN A 126 44.45 23.20 11.13
N TYR A 127 45.34 24.19 11.23
CA TYR A 127 45.24 25.24 12.24
C TYR A 127 44.66 26.54 11.66
N GLY A 128 44.18 26.46 10.41
CA GLY A 128 43.53 27.60 9.79
C GLY A 128 44.47 28.68 9.32
N LEU A 129 45.76 28.41 9.41
CA LEU A 129 46.81 29.34 9.06
C LEU A 129 46.99 29.54 7.54
N ILE A 130 46.00 30.16 6.91
CA ILE A 130 46.04 30.33 5.46
C ILE A 130 47.19 31.22 4.98
N ASP A 131 47.44 32.34 5.64
CA ASP A 131 48.51 33.24 5.19
C ASP A 131 49.84 32.52 5.24
N GLU A 132 50.03 31.76 6.31
CA GLU A 132 51.28 31.07 6.54
C GLU A 132 51.57 30.04 5.46
N SER A 133 50.53 29.35 4.98
CA SER A 133 50.71 28.34 3.95
C SER A 133 51.17 28.91 2.63
N TYR A 134 50.96 30.20 2.43
CA TYR A 134 51.44 30.85 1.22
C TYR A 134 52.87 31.31 1.46
N LYS A 135 53.12 31.78 2.68
CA LYS A 135 54.46 32.18 3.06
C LYS A 135 55.39 30.97 3.00
N LEU A 136 54.86 29.80 3.29
CA LEU A 136 55.69 28.59 3.22
C LEU A 136 56.30 28.45 1.84
N ASP A 137 55.53 28.81 0.82
CA ASP A 137 56.01 28.70 -0.56
C ASP A 137 57.14 29.68 -0.84
N GLU A 138 57.25 30.73 -0.02
CA GLU A 138 58.28 31.77 -0.22
C GLU A 138 59.66 31.31 0.21
N ILE A 139 59.79 30.04 0.56
CA ILE A 139 61.04 29.56 1.11
C ILE A 139 61.96 28.87 0.09
N THR A 140 63.04 29.58 -0.29
CA THR A 140 64.27 29.05 -0.91
C THR A 140 65.42 29.98 -0.50
N LEU A 141 66.65 29.48 -0.45
CA LEU A 141 67.80 30.28 -0.02
C LEU A 141 68.49 31.06 -1.13
N SER A 174 69.20 18.97 -6.66
CA SER A 174 70.39 18.48 -5.97
C SER A 174 70.13 18.15 -4.51
N SER A 175 70.55 16.96 -4.08
CA SER A 175 70.08 16.32 -2.83
C SER A 175 70.61 16.81 -1.49
N THR A 176 71.65 17.63 -1.47
CA THR A 176 72.12 18.10 -0.17
C THR A 176 71.35 19.35 0.24
N LEU A 177 71.18 20.26 -0.72
CA LEU A 177 70.40 21.47 -0.53
C LEU A 177 68.96 21.18 -0.13
N LEU A 178 68.37 20.18 -0.78
CA LEU A 178 66.96 19.87 -0.59
C LEU A 178 66.62 19.55 0.85
N ASN A 179 67.45 18.74 1.51
CA ASN A 179 67.17 18.38 2.89
C ASN A 179 67.26 19.55 3.84
N GLU A 180 68.06 20.56 3.47
CA GLU A 180 68.10 21.78 4.25
C GLU A 180 66.86 22.60 3.95
N LEU A 181 66.42 22.62 2.69
CA LEU A 181 65.17 23.28 2.32
C LEU A 181 63.99 22.66 3.08
N LYS A 182 63.83 21.34 2.96
CA LYS A 182 62.83 20.59 3.72
C LYS A 182 62.88 20.96 5.19
N SER A 183 64.09 21.00 5.73
CA SER A 183 64.29 21.25 7.15
C SER A 183 63.84 22.65 7.57
N LYS A 184 64.11 23.65 6.74
CA LYS A 184 63.81 25.03 7.10
C LYS A 184 62.34 25.35 6.90
N ARG A 185 61.71 24.70 5.94
CA ARG A 185 60.27 24.78 5.78
C ARG A 185 59.61 24.15 7.00
N SER A 186 60.17 23.04 7.46
CA SER A 186 59.64 22.34 8.62
C SER A 186 59.72 23.20 9.85
N GLU A 187 60.86 23.85 10.06
CA GLU A 187 60.98 24.70 11.24
C GLU A 187 60.11 25.97 11.12
N TYR A 188 59.66 26.29 9.91
CA TYR A 188 58.77 27.43 9.76
C TYR A 188 57.37 27.05 10.19
N VAL A 189 56.92 25.88 9.75
CA VAL A 189 55.62 25.39 10.11
C VAL A 189 55.47 25.30 11.62
N ASP A 190 56.46 24.71 12.27
CA ASP A 190 56.44 24.59 13.73
C ASP A 190 56.37 25.95 14.40
N MET A 191 57.21 26.89 13.94
CA MET A 191 57.27 28.21 14.55
C MET A 191 55.94 28.95 14.38
N ALA A 192 55.28 28.72 13.25
CA ALA A 192 54.03 29.38 12.93
C ALA A 192 52.88 28.87 13.78
N ILE A 193 52.79 27.55 13.90
CA ILE A 193 51.79 26.93 14.75
C ILE A 193 52.00 27.28 16.22
N ALA A 194 53.24 27.28 16.67
CA ALA A 194 53.55 27.66 18.04
C ALA A 194 53.05 29.06 18.27
N LYS A 195 53.46 29.99 17.40
CA LYS A 195 53.07 31.38 17.51
C LYS A 195 51.56 31.52 17.45
N ALA A 196 50.92 30.75 16.57
CA ALA A 196 49.48 30.85 16.45
C ALA A 196 48.76 30.38 17.70
N LEU A 197 49.31 29.38 18.37
CA LEU A 197 48.70 28.86 19.58
C LEU A 197 48.88 29.81 20.76
N SER A 198 50.03 30.48 20.83
CA SER A 198 50.32 31.36 21.96
C SER A 198 49.37 32.54 21.98
N ASP A 199 49.18 33.21 20.84
CA ASP A 199 48.12 34.21 20.74
C ASP A 199 46.77 33.55 20.48
N GLY A 200 45.76 34.33 20.15
CA GLY A 200 44.42 33.77 20.04
C GLY A 200 44.16 32.76 18.94
N ARG A 201 44.90 32.87 17.83
CA ARG A 201 44.47 32.35 16.52
C ARG A 201 44.11 30.86 16.34
N THR A 202 44.52 29.98 17.25
CA THR A 202 44.12 28.56 17.17
C THR A 202 44.17 27.80 18.49
N THR A 203 43.53 26.64 18.50
CA THR A 203 43.65 25.66 19.55
C THR A 203 44.29 24.40 18.96
N GLU A 204 44.58 23.45 19.84
CA GLU A 204 45.16 22.18 19.45
C GLU A 204 44.16 21.34 18.69
N ARG A 205 42.90 21.80 18.68
CA ARG A 205 41.81 21.12 17.98
C ARG A 205 41.69 21.67 16.57
N GLY A 206 42.49 22.68 16.26
CA GLY A 206 42.50 23.24 14.94
C GLY A 206 41.52 24.39 14.78
N SER A 207 41.37 24.84 13.54
CA SER A 207 40.47 25.92 13.20
C SER A 207 39.94 25.62 11.83
N PHE A 208 38.62 25.57 11.68
CA PHE A 208 38.07 25.10 10.44
C PHE A 208 36.85 25.88 9.95
N THR A 209 37.09 26.83 9.06
CA THR A 209 36.06 27.64 8.45
C THR A 209 35.97 27.33 6.98
N ALA A 210 35.01 27.94 6.30
CA ALA A 210 34.81 27.70 4.88
C ALA A 210 36.02 28.11 4.05
N THR A 211 36.61 29.27 4.35
CA THR A 211 37.74 29.71 3.55
C THR A 211 38.90 28.75 3.74
N VAL A 212 39.04 28.22 4.94
CA VAL A 212 40.09 27.24 5.19
C VAL A 212 39.80 25.96 4.43
N ASN A 213 38.56 25.49 4.54
CA ASN A 213 38.18 24.27 3.87
C ASN A 213 38.37 24.40 2.33
N ASP A 214 38.20 25.60 1.81
CA ASP A 214 38.37 25.81 0.37
C ASP A 214 39.83 25.66 -0.02
N GLU A 215 40.72 26.31 0.73
CA GLU A 215 42.14 26.22 0.48
C GLU A 215 42.62 24.77 0.61
N ARG A 216 42.13 24.08 1.63
CA ARG A 216 42.48 22.68 1.82
C ARG A 216 42.11 21.83 0.62
N LYS A 217 40.87 21.97 0.15
CA LYS A 217 40.37 21.12 -0.95
C LYS A 217 41.16 21.36 -2.24
N LYS A 218 41.51 22.62 -2.51
CA LYS A 218 42.30 22.94 -3.68
C LYS A 218 43.61 22.18 -3.61
N LEU A 219 44.27 22.27 -2.45
CA LEU A 219 45.62 21.70 -2.31
C LEU A 219 45.58 20.21 -2.54
N VAL A 220 44.63 19.55 -1.91
CA VAL A 220 44.52 18.11 -2.10
C VAL A 220 44.25 17.78 -3.56
N HIS A 221 43.53 18.64 -4.27
CA HIS A 221 43.26 18.36 -5.66
C HIS A 221 44.56 18.52 -6.44
N GLU A 222 45.23 19.66 -6.23
CA GLU A 222 46.52 19.97 -6.84
C GLU A 222 47.53 18.86 -6.56
N PHE A 223 47.56 18.40 -5.31
CA PHE A 223 48.45 17.32 -4.91
C PHE A 223 48.16 16.05 -5.70
N HIS A 224 46.89 15.66 -5.82
CA HIS A 224 46.53 14.45 -6.53
C HIS A 224 46.84 14.55 -8.02
N LYS A 225 46.64 15.74 -8.57
CA LYS A 225 46.94 15.96 -9.98
C LYS A 225 48.43 15.76 -10.20
N LYS A 226 49.24 16.30 -9.29
CA LYS A 226 50.67 16.19 -9.41
C LYS A 226 51.16 14.77 -9.17
N LEU A 227 50.40 13.99 -8.41
CA LEU A 227 50.77 12.62 -8.13
C LEU A 227 50.71 11.77 -9.37
N LEU A 228 49.63 11.93 -10.13
CA LEU A 228 49.34 11.12 -11.29
C LEU A 228 50.05 11.65 -12.53
N SER A 229 50.58 12.86 -12.42
CA SER A 229 51.22 13.51 -13.56
C SER A 229 52.67 13.05 -13.82
N ARG A 230 53.17 12.16 -12.98
CA ARG A 230 54.56 11.77 -13.10
C ARG A 230 54.65 10.41 -13.77
N GLY A 231 55.65 10.23 -14.63
CA GLY A 231 55.90 8.94 -15.24
C GLY A 231 57.04 8.25 -14.51
N LYS A 232 58.25 8.56 -14.92
CA LYS A 232 59.45 8.14 -14.21
C LYS A 232 59.40 8.63 -12.76
N CYS A 233 59.82 7.80 -11.82
CA CYS A 233 59.90 8.20 -10.42
C CYS A 233 60.98 9.27 -10.21
N ASP A 234 60.59 10.41 -9.63
CA ASP A 234 61.52 11.51 -9.41
C ASP A 234 62.57 11.19 -8.36
N ASN A 235 62.42 10.07 -7.70
CA ASN A 235 63.24 9.78 -6.54
C ASN A 235 64.26 8.67 -6.74
N CYS A 236 63.90 7.66 -7.53
CA CYS A 236 64.84 6.58 -7.84
C CYS A 236 65.03 6.40 -9.34
N GLY A 237 64.20 7.09 -10.11
CA GLY A 237 64.34 7.15 -11.56
C GLY A 237 63.81 5.97 -12.34
N MET A 238 63.13 5.04 -11.68
CA MET A 238 62.61 3.86 -12.36
C MET A 238 61.22 4.09 -12.93
N PHE A 239 60.81 3.19 -13.82
CA PHE A 239 59.45 3.17 -14.34
C PHE A 239 58.69 2.01 -13.70
N SER A 240 57.49 2.30 -13.19
CA SER A 240 56.59 1.22 -12.74
C SER A 240 55.56 0.97 -13.85
N PRO A 241 55.15 -0.31 -14.00
CA PRO A 241 54.09 -0.64 -14.96
C PRO A 241 52.80 0.12 -14.61
N LYS A 242 52.05 0.50 -15.63
CA LYS A 242 50.86 1.31 -15.42
C LYS A 242 49.65 0.48 -14.98
N PHE A 243 48.81 1.07 -14.12
CA PHE A 243 47.61 0.37 -13.66
C PHE A 243 46.33 0.89 -14.31
N ARG A 244 45.45 -0.04 -14.68
CA ARG A 244 44.19 0.28 -15.35
C ARG A 244 43.03 -0.39 -14.60
N LYS A 245 41.82 0.14 -14.73
CA LYS A 245 40.69 -0.40 -13.95
C LYS A 245 39.45 -0.90 -14.74
N ASP A 246 38.39 -1.20 -13.99
CA ASP A 246 37.04 -1.48 -14.49
C ASP A 246 36.06 -0.48 -13.87
N GLY A 247 34.78 -0.61 -14.21
CA GLY A 247 33.73 0.13 -13.51
C GLY A 247 33.16 -0.80 -12.46
N PHE A 248 33.76 -1.99 -12.43
CA PHE A 248 33.34 -3.10 -11.60
C PHE A 248 34.47 -3.48 -10.65
N THR A 249 35.31 -2.50 -10.35
CA THR A 249 36.42 -2.69 -9.42
C THR A 249 37.30 -3.95 -9.67
N LYS A 250 37.93 -4.01 -10.85
CA LYS A 250 39.01 -4.95 -11.11
C LYS A 250 40.23 -4.13 -11.53
N ILE A 251 41.42 -4.57 -11.15
CA ILE A 251 42.63 -3.82 -11.50
C ILE A 251 43.58 -4.59 -12.40
N PHE A 252 43.91 -4.02 -13.54
CA PHE A 252 44.86 -4.65 -14.45
C PHE A 252 46.22 -3.95 -14.41
N GLU A 253 47.29 -4.74 -14.60
CA GLU A 253 48.65 -4.19 -14.62
C GLU A 253 49.29 -4.37 -15.98
N THR A 254 49.51 -3.27 -16.69
CA THR A 254 50.17 -3.32 -18.01
C THR A 254 51.70 -3.38 -17.92
N ALA A 255 52.28 -4.49 -18.35
CA ALA A 255 53.73 -4.67 -18.32
C ALA A 255 54.52 -3.58 -19.07
N LEU A 256 55.82 -3.53 -18.78
CA LEU A 256 56.66 -2.43 -19.21
C LEU A 256 56.98 -2.32 -20.69
N ASN A 257 57.01 -1.07 -21.17
CA ASN A 257 57.33 -0.74 -22.56
C ASN A 257 58.85 -0.74 -22.83
N GLU A 258 59.24 -0.92 -24.09
CA GLU A 258 60.65 -1.16 -24.48
C GLU A 258 61.71 -0.15 -24.03
N LYS A 259 61.49 1.12 -24.36
CA LYS A 259 62.35 2.20 -23.90
C LYS A 259 62.46 2.18 -22.38
N GLN A 260 61.36 1.80 -21.73
CA GLN A 260 61.25 1.85 -20.28
C GLN A 260 61.97 0.70 -19.60
N ILE A 261 62.01 -0.46 -20.23
CA ILE A 261 62.77 -1.57 -19.66
C ILE A 261 64.25 -1.28 -19.83
N THR A 262 64.60 -0.61 -20.93
CA THR A 262 65.98 -0.19 -21.16
C THR A 262 66.43 0.80 -20.08
N ASN A 263 65.64 1.85 -19.91
CA ASN A 263 65.87 2.85 -18.86
C ASN A 263 66.02 2.23 -17.47
N ASN A 264 65.23 1.20 -17.20
CA ASN A 264 65.22 0.58 -15.88
C ASN A 264 66.51 -0.18 -15.51
N ARG A 265 67.12 -0.89 -16.47
CA ARG A 265 68.32 -1.65 -16.14
C ARG A 265 69.59 -0.80 -16.11
N VAL A 266 69.54 0.35 -16.78
CA VAL A 266 70.61 1.32 -16.67
C VAL A 266 70.76 1.80 -15.21
N LYS A 267 69.62 1.95 -14.54
CA LYS A 267 69.59 2.31 -13.12
C LYS A 267 69.76 1.09 -12.23
N GLY A 268 70.01 -0.06 -12.86
CA GLY A 268 70.19 -1.32 -12.14
C GLY A 268 71.33 -1.36 -11.15
N PHE A 269 72.43 -0.67 -11.43
CA PHE A 269 73.60 -0.72 -10.56
C PHE A 269 73.46 0.16 -9.33
N ILE A 270 72.81 1.32 -9.50
CA ILE A 270 72.52 2.20 -8.38
C ILE A 270 71.71 1.50 -7.27
N ARG A 271 70.70 0.73 -7.67
CA ARG A 271 70.01 -0.12 -6.71
C ARG A 271 70.85 -1.36 -6.40
N GLN A 272 71.75 -1.22 -5.43
CA GLN A 272 72.54 -2.33 -4.90
C GLN A 272 73.33 -1.98 -3.63
N ASP A 273 72.65 -2.14 -2.49
CA ASP A 273 73.17 -1.80 -1.17
C ASP A 273 72.31 -2.48 -0.09
N SER A 312 49.20 -7.22 -20.34
CA SER A 312 48.26 -6.97 -19.24
C SER A 312 47.99 -8.20 -18.37
N THR A 313 47.48 -7.97 -17.16
CA THR A 313 47.15 -9.05 -16.22
C THR A 313 46.20 -8.55 -15.12
N TYR A 314 45.24 -9.38 -14.71
CA TYR A 314 44.52 -9.09 -13.47
C TYR A 314 45.54 -9.16 -12.35
N ILE A 315 45.42 -8.26 -11.39
CA ILE A 315 46.24 -8.33 -10.20
C ILE A 315 45.34 -8.39 -8.97
N LEU A 316 45.55 -9.42 -8.16
CA LEU A 316 44.77 -9.69 -6.97
C LEU A 316 44.69 -8.50 -6.00
N SER A 317 43.58 -8.40 -5.29
CA SER A 317 43.43 -7.35 -4.30
C SER A 317 44.52 -7.46 -3.22
N THR A 318 44.97 -8.68 -2.95
CA THR A 318 46.06 -8.89 -1.99
C THR A 318 47.39 -8.31 -2.46
N GLU A 319 47.68 -8.35 -3.76
CA GLU A 319 48.88 -7.71 -4.26
C GLU A 319 48.77 -6.20 -4.08
N VAL A 320 47.65 -5.64 -4.54
CA VAL A 320 47.39 -4.22 -4.41
C VAL A 320 47.56 -3.77 -2.96
N LYS A 321 47.03 -4.54 -2.02
CA LYS A 321 47.11 -4.15 -0.62
C LYS A 321 48.57 -4.14 -0.14
N ASN A 322 49.37 -5.09 -0.60
CA ASN A 322 50.75 -5.11 -0.18
C ASN A 322 51.53 -3.91 -0.68
N ILE A 323 51.31 -3.55 -1.94
CA ILE A 323 51.92 -2.36 -2.50
C ILE A 323 51.58 -1.09 -1.72
N LEU A 324 50.30 -0.85 -1.46
CA LEU A 324 49.85 0.31 -0.71
C LEU A 324 50.29 0.29 0.77
N ASP A 325 50.27 -0.89 1.39
CA ASP A 325 50.77 -1.04 2.75
C ASP A 325 52.16 -0.43 2.91
N THR A 326 53.08 -0.78 2.03
CA THR A 326 54.43 -0.20 2.07
C THR A 326 54.49 1.29 1.73
N VAL A 327 53.82 1.70 0.66
CA VAL A 327 53.75 3.13 0.32
C VAL A 327 53.17 3.97 1.47
N PHE A 328 52.14 3.45 2.14
CA PHE A 328 51.57 4.16 3.27
C PHE A 328 52.53 4.26 4.46
N ARG A 329 53.40 3.29 4.64
CA ARG A 329 54.44 3.40 5.66
C ARG A 329 55.42 4.52 5.32
N LYS A 330 55.90 4.53 4.08
CA LYS A 330 56.93 5.48 3.66
C LYS A 330 56.37 6.89 3.54
N GLU A 331 55.24 7.03 2.89
CA GLU A 331 54.70 8.36 2.69
C GLU A 331 53.73 8.76 3.82
N GLN A 332 53.93 8.19 5.01
CA GLN A 332 53.01 8.40 6.12
C GLN A 332 52.81 9.87 6.52
N CYS A 333 53.92 10.62 6.56
CA CYS A 333 53.87 12.04 6.90
C CYS A 333 52.82 12.79 6.10
N VAL A 334 52.91 12.79 4.78
CA VAL A 334 51.96 13.53 3.98
C VAL A 334 50.56 12.97 4.20
N LEU A 335 50.43 11.66 4.31
CA LEU A 335 49.10 11.05 4.37
C LEU A 335 48.38 11.42 5.66
N GLN A 336 49.18 11.65 6.69
CA GLN A 336 48.72 12.06 7.99
C GLN A 336 47.93 13.38 7.90
N TYR A 337 48.29 14.23 6.95
CA TYR A 337 47.55 15.47 6.77
C TYR A 337 46.53 15.44 5.62
N VAL A 338 46.75 14.58 4.64
CA VAL A 338 45.79 14.42 3.56
C VAL A 338 44.51 13.76 4.07
N PHE A 339 44.64 12.96 5.13
CA PHE A 339 43.49 12.21 5.60
C PHE A 339 42.91 12.78 6.89
N HIS A 340 43.41 13.95 7.30
CA HIS A 340 42.89 14.61 8.49
C HIS A 340 42.75 16.11 8.28
N SER A 341 41.51 16.60 8.21
CA SER A 341 41.24 18.04 8.11
C SER A 341 41.51 18.78 9.42
N ARG A 342 41.42 18.06 10.54
CA ARG A 342 41.83 18.56 11.85
C ARG A 342 43.12 17.88 12.28
N PRO A 343 43.85 18.47 13.23
CA PRO A 343 44.98 17.78 13.86
C PRO A 343 44.53 16.43 14.38
N ASN A 344 45.37 15.42 14.20
CA ASN A 344 45.05 14.06 14.59
C ASN A 344 45.56 13.79 15.99
N LEU A 345 44.79 14.26 16.96
CA LEU A 345 45.16 14.08 18.36
C LEU A 345 45.26 12.62 18.73
N SER A 346 44.32 11.80 18.24
CA SER A 346 44.30 10.35 18.44
C SER A 346 45.63 9.66 18.12
N ARG A 347 46.40 10.26 17.23
CA ARG A 347 47.73 9.75 16.84
C ARG A 347 47.70 8.42 16.09
N LYS A 348 46.54 8.01 15.58
CA LYS A 348 46.43 6.76 14.82
C LYS A 348 47.15 6.86 13.48
N LEU A 349 47.85 5.80 13.08
CA LEU A 349 48.48 5.77 11.75
C LEU A 349 47.40 5.72 10.68
N VAL A 350 47.74 6.21 9.49
CA VAL A 350 46.86 6.06 8.35
C VAL A 350 47.23 4.78 7.64
N LYS A 351 46.34 3.81 7.63
CA LYS A 351 46.66 2.50 7.11
C LYS A 351 45.98 2.21 5.78
N ALA A 352 46.63 1.42 4.95
CA ALA A 352 46.06 1.01 3.67
C ALA A 352 44.81 0.15 3.85
N ASP A 353 44.71 -0.53 4.99
CA ASP A 353 43.61 -1.47 5.24
C ASP A 353 42.29 -0.75 5.13
N SER A 354 42.31 0.55 5.45
CA SER A 354 41.10 1.35 5.46
C SER A 354 40.35 1.30 4.13
N PHE A 355 41.06 1.01 3.04
CA PHE A 355 40.45 0.90 1.73
C PHE A 355 39.93 -0.50 1.39
N PHE A 356 40.12 -1.45 2.30
CA PHE A 356 39.78 -2.87 2.06
C PHE A 356 38.83 -3.36 3.14
N MET A 357 38.05 -4.58 3.10
CA MET A 357 37.19 -5.20 4.11
C MET A 357 37.55 -6.68 4.26
N ASP A 358 37.90 -7.08 5.48
CA ASP A 358 38.18 -8.49 5.72
C ASP A 358 36.95 -9.14 6.37
N VAL A 359 36.02 -8.29 6.83
CA VAL A 359 34.75 -8.75 7.39
C VAL A 359 33.61 -7.82 6.97
N LEU A 360 32.38 -8.31 7.05
CA LEU A 360 31.20 -7.50 6.80
C LEU A 360 30.39 -7.50 8.06
N VAL A 361 29.90 -6.33 8.46
CA VAL A 361 29.03 -6.25 9.62
C VAL A 361 27.62 -6.64 9.19
N VAL A 362 27.10 -7.69 9.82
CA VAL A 362 25.69 -8.06 9.66
C VAL A 362 24.90 -7.23 10.64
N PRO A 363 24.00 -6.37 10.13
CA PRO A 363 23.20 -5.49 10.98
C PRO A 363 22.25 -6.37 11.79
N PRO A 364 21.70 -5.85 12.89
CA PRO A 364 20.79 -6.61 13.78
C PRO A 364 19.52 -7.08 13.08
N THR A 365 18.94 -8.17 13.57
CA THR A 365 17.77 -8.75 12.92
C THR A 365 16.61 -7.77 12.74
N ARG A 366 16.41 -6.84 13.69
CA ARG A 366 15.28 -5.91 13.57
C ARG A 366 15.36 -4.95 12.38
N PHE A 367 16.55 -4.83 11.80
CA PHE A 367 16.69 -4.03 10.58
C PHE A 367 16.62 -4.86 9.31
N ARG A 368 16.37 -6.17 9.45
CA ARG A 368 16.33 -7.08 8.31
C ARG A 368 15.15 -8.03 8.38
N LEU A 369 14.00 -7.53 8.81
CA LEU A 369 12.83 -8.38 8.98
C LEU A 369 12.13 -8.67 7.68
N PRO A 370 11.39 -9.78 7.63
CA PRO A 370 10.63 -10.03 6.40
C PRO A 370 9.50 -9.00 6.28
N SER A 371 8.78 -9.02 5.16
CA SER A 371 7.64 -8.12 4.98
C SER A 371 6.39 -8.95 4.74
N LYS A 372 5.22 -8.44 5.15
CA LYS A 372 4.01 -9.07 4.64
C LYS A 372 3.22 -8.17 3.68
N LEU A 373 3.11 -8.66 2.44
CA LEU A 373 2.31 -8.02 1.40
C LEU A 373 0.92 -8.61 1.51
N GLY A 374 0.13 -7.99 2.38
CA GLY A 374 -1.20 -8.49 2.69
C GLY A 374 -1.12 -9.75 3.52
N GLU A 375 -1.26 -10.89 2.86
CA GLU A 375 -1.23 -12.17 3.55
C GLU A 375 0.06 -12.94 3.27
N GLU A 376 0.63 -12.77 2.09
CA GLU A 376 1.86 -13.45 1.71
C GLU A 376 3.10 -12.80 2.33
N VAL A 377 4.06 -13.62 2.76
CA VAL A 377 5.27 -13.12 3.42
C VAL A 377 6.48 -13.18 2.50
N HIS A 378 7.23 -12.09 2.40
CA HIS A 378 8.36 -11.98 1.48
C HIS A 378 9.67 -11.84 2.23
N GLU A 379 10.72 -12.50 1.75
CA GLU A 379 12.03 -12.37 2.41
C GLU A 379 12.58 -10.96 2.34
N ASN A 380 13.43 -10.63 3.30
CA ASN A 380 14.12 -9.35 3.33
C ASN A 380 15.20 -9.29 2.26
N SER A 381 15.21 -8.23 1.46
CA SER A 381 16.12 -8.18 0.32
C SER A 381 17.60 -8.07 0.73
N GLN A 382 17.88 -7.38 1.83
CA GLN A 382 19.25 -7.33 2.31
C GLN A 382 19.73 -8.73 2.75
N ASN A 383 18.81 -9.61 3.17
CA ASN A 383 19.23 -10.95 3.53
C ASN A 383 19.56 -11.74 2.31
N GLN A 384 18.80 -11.53 1.24
CA GLN A 384 19.05 -12.21 -0.02
C GLN A 384 20.45 -11.90 -0.53
N LEU A 385 20.86 -10.65 -0.40
CA LEU A 385 22.20 -10.26 -0.77
C LEU A 385 23.27 -10.84 0.14
N LEU A 386 23.04 -10.83 1.45
CA LEU A 386 24.02 -11.35 2.42
C LEU A 386 24.22 -12.85 2.29
N SER A 387 23.18 -13.58 1.91
CA SER A 387 23.33 -15.02 1.81
C SER A 387 24.17 -15.39 0.58
N LYS A 388 24.17 -14.51 -0.41
CA LYS A 388 25.01 -14.72 -1.58
C LYS A 388 26.48 -14.52 -1.21
N VAL A 389 26.74 -13.58 -0.31
CA VAL A 389 28.07 -13.43 0.26
C VAL A 389 28.45 -14.69 1.03
N LEU A 390 27.47 -15.28 1.72
CA LEU A 390 27.72 -16.46 2.54
C LEU A 390 28.09 -17.70 1.73
N THR A 391 27.36 -17.95 0.65
CA THR A 391 27.65 -19.10 -0.21
C THR A 391 29.03 -18.99 -0.86
N THR A 392 29.32 -17.81 -1.38
CA THR A 392 30.58 -17.61 -2.07
C THR A 392 31.67 -17.82 -1.06
N SER A 393 31.38 -17.42 0.17
CA SER A 393 32.33 -17.52 1.25
C SER A 393 32.67 -18.98 1.56
N LEU A 394 31.66 -19.82 1.73
CA LEU A 394 31.89 -21.23 1.95
C LEU A 394 32.63 -21.82 0.78
N LEU A 395 32.26 -21.42 -0.42
CA LEU A 395 32.85 -21.99 -1.63
C LEU A 395 34.33 -21.67 -1.75
N ILE A 396 34.70 -20.46 -1.33
CA ILE A 396 36.11 -20.06 -1.37
C ILE A 396 36.91 -20.78 -0.26
N ARG A 397 36.24 -21.03 0.86
CA ARG A 397 36.90 -21.74 1.96
C ARG A 397 37.21 -23.17 1.56
N ASP A 398 36.56 -23.64 0.49
CA ASP A 398 36.80 -24.99 -0.05
C ASP A 398 37.89 -25.00 -1.10
N LEU A 399 37.90 -23.94 -1.91
CA LEU A 399 38.95 -23.75 -2.88
C LEU A 399 40.26 -23.67 -2.12
N ASN A 400 40.21 -22.95 -0.99
CA ASN A 400 41.39 -22.75 -0.16
C ASN A 400 41.83 -24.05 0.52
N ASP A 401 40.93 -25.02 0.58
CA ASP A 401 41.19 -26.26 1.29
C ASP A 401 41.90 -27.23 0.34
N ASP A 402 41.44 -27.22 -0.91
CA ASP A 402 42.03 -28.06 -1.94
C ASP A 402 43.35 -27.47 -2.39
N LEU A 403 43.49 -26.17 -2.23
CA LEU A 403 44.68 -25.46 -2.66
C LEU A 403 45.88 -25.84 -1.80
N SER A 404 45.63 -26.05 -0.52
CA SER A 404 46.69 -26.41 0.43
C SER A 404 47.11 -27.88 0.27
N LYS A 405 46.20 -28.70 -0.25
CA LYS A 405 46.47 -30.13 -0.49
C LYS A 405 47.22 -30.38 -1.80
N LEU A 406 47.72 -29.31 -2.40
CA LEU A 406 49.03 -29.34 -3.06
C LEU A 406 50.14 -29.60 -2.04
N GLN A 407 51.11 -30.41 -2.43
CA GLN A 407 52.51 -30.01 -2.40
C GLN A 407 52.77 -28.84 -3.35
N LYS A 408 52.15 -28.88 -4.52
CA LYS A 408 52.75 -29.49 -5.70
C LYS A 408 54.27 -29.39 -5.71
N ASP A 409 54.91 -29.92 -4.67
CA ASP A 409 56.32 -30.29 -4.75
C ASP A 409 56.56 -31.38 -5.79
N LYS A 410 55.66 -32.36 -5.84
CA LYS A 410 55.62 -33.30 -6.94
C LYS A 410 55.30 -32.60 -8.25
N VAL A 411 54.37 -31.64 -8.21
CA VAL A 411 53.00 -31.88 -8.64
C VAL A 411 52.63 -30.97 -9.80
N SER A 412 52.06 -31.57 -10.85
CA SER A 412 52.26 -31.06 -12.21
C SER A 412 51.65 -29.68 -12.37
N LEU A 413 52.33 -28.82 -13.13
CA LEU A 413 52.25 -27.38 -12.93
C LEU A 413 50.83 -26.87 -13.18
N GLU A 414 50.18 -27.41 -14.21
CA GLU A 414 49.13 -26.69 -14.91
C GLU A 414 47.95 -26.40 -13.99
N ASP A 415 47.60 -27.37 -13.15
CA ASP A 415 46.61 -27.16 -12.10
C ASP A 415 46.78 -25.76 -11.50
N ARG A 416 47.99 -25.22 -11.59
CA ARG A 416 48.24 -23.84 -11.18
C ARG A 416 47.34 -22.90 -11.93
N ARG A 417 47.16 -23.14 -13.23
CA ARG A 417 46.32 -22.28 -14.06
C ARG A 417 44.83 -22.41 -13.71
N VAL A 418 44.39 -23.63 -13.47
CA VAL A 418 43.00 -23.87 -13.16
C VAL A 418 42.62 -23.34 -11.76
N ILE A 419 43.51 -23.49 -10.78
CA ILE A 419 43.26 -22.98 -9.45
C ILE A 419 43.12 -21.48 -9.52
N PHE A 420 44.00 -20.84 -10.30
CA PHE A 420 43.90 -19.39 -10.48
C PHE A 420 42.57 -19.01 -11.13
N SER A 421 42.18 -19.77 -12.14
CA SER A 421 40.91 -19.55 -12.83
C SER A 421 39.74 -19.55 -11.85
N ARG A 422 39.74 -20.51 -10.92
CA ARG A 422 38.66 -20.61 -9.96
C ARG A 422 38.73 -19.46 -8.97
N LEU A 423 39.93 -19.02 -8.64
CA LEU A 423 40.09 -17.95 -7.67
C LEU A 423 39.65 -16.62 -8.23
N MET A 424 40.02 -16.36 -9.48
CA MET A 424 39.62 -15.13 -10.16
C MET A 424 38.11 -15.08 -10.17
N ASN A 425 37.49 -16.21 -10.55
CA ASN A 425 36.04 -16.30 -10.58
C ASN A 425 35.38 -15.91 -9.26
N ALA A 426 35.85 -16.50 -8.18
CA ALA A 426 35.34 -16.17 -6.85
C ALA A 426 35.48 -14.68 -6.47
N PHE A 427 36.68 -14.13 -6.61
CA PHE A 427 36.94 -12.74 -6.30
C PHE A 427 36.02 -11.84 -7.11
N VAL A 428 35.90 -12.12 -8.41
CA VAL A 428 35.10 -11.24 -9.26
C VAL A 428 33.64 -11.20 -8.82
N THR A 429 33.07 -12.38 -8.54
CA THR A 429 31.66 -12.41 -8.21
C THR A 429 31.36 -11.93 -6.78
N ILE A 430 32.26 -12.15 -5.82
CA ILE A 430 32.02 -11.53 -4.53
C ILE A 430 32.12 -10.01 -4.67
N GLN A 431 33.11 -9.56 -5.44
CA GLN A 431 33.30 -8.11 -5.64
C GLN A 431 32.10 -7.53 -6.36
N ASN A 432 31.47 -8.33 -7.20
CA ASN A 432 30.29 -7.83 -7.86
C ASN A 432 29.12 -7.68 -6.90
N ASP A 433 28.96 -8.67 -6.00
CA ASP A 433 27.85 -8.66 -5.06
C ASP A 433 27.97 -7.51 -4.06
N VAL A 434 29.22 -7.17 -3.73
CA VAL A 434 29.49 -6.02 -2.87
C VAL A 434 29.16 -4.73 -3.61
N ASN A 435 29.71 -4.59 -4.82
CA ASN A 435 29.38 -3.47 -5.69
C ASN A 435 27.90 -3.23 -5.84
N ALA A 436 27.16 -4.31 -6.09
CA ALA A 436 25.73 -4.21 -6.32
C ALA A 436 24.98 -3.62 -5.14
N PHE A 437 25.55 -3.81 -3.95
CA PHE A 437 24.91 -3.45 -2.69
C PHE A 437 25.19 -1.99 -2.34
N ILE A 438 26.35 -1.51 -2.77
CA ILE A 438 26.80 -0.16 -2.47
C ILE A 438 26.55 0.83 -3.62
N ASP A 439 25.79 -2.04 -3.66
CA ASP A 439 25.62 -0.99 -4.66
C ASP A 439 25.28 -1.61 -6.00
N SER A 440 24.00 -1.62 -6.35
CA SER A 440 23.56 -2.35 -7.54
C SER A 440 24.19 -1.81 -8.84
N THR A 441 24.70 -0.59 -8.75
CA THR A 441 25.39 0.06 -9.84
C THR A 441 26.66 -0.66 -10.21
N LYS A 442 27.33 -1.16 -9.18
CA LYS A 442 28.60 -1.81 -9.39
C LYS A 442 28.42 -3.31 -9.68
N ALA A 443 27.18 -3.72 -9.98
CA ALA A 443 26.87 -5.10 -10.31
C ALA A 443 26.54 -5.26 -11.79
N GLN A 444 26.91 -6.41 -12.34
CA GLN A 444 26.64 -6.71 -13.74
C GLN A 444 25.16 -6.96 -13.91
N GLY A 445 24.54 -6.17 -14.80
CA GLY A 445 23.10 -6.22 -15.05
C GLY A 445 22.59 -7.63 -15.25
N ARG A 446 21.58 -7.98 -14.46
CA ARG A 446 21.10 -9.36 -14.40
C ARG A 446 20.15 -9.73 -15.54
N THR A 447 20.36 -10.94 -16.08
CA THR A 447 19.45 -11.60 -17.03
C THR A 447 18.70 -10.64 -17.96
N SER A 448 19.45 -9.67 -18.52
CA SER A 448 18.94 -8.52 -19.30
C SER A 448 17.42 -8.31 -19.29
N GLY A 449 16.96 -7.62 -18.26
CA GLY A 449 15.55 -7.46 -17.98
C GLY A 449 15.42 -7.31 -16.48
N LYS A 450 14.32 -7.82 -15.92
CA LYS A 450 14.09 -7.86 -14.46
C LYS A 450 14.20 -6.51 -13.71
N VAL A 451 15.09 -5.62 -14.18
CA VAL A 451 15.51 -4.42 -13.44
C VAL A 451 16.19 -4.77 -12.11
N PRO A 452 17.31 -4.10 -11.80
CA PRO A 452 18.12 -4.48 -10.64
C PRO A 452 17.35 -4.41 -9.33
N ILE A 453 17.75 -5.26 -8.38
CA ILE A 453 17.24 -5.15 -7.02
C ILE A 453 18.14 -4.18 -6.28
N PRO A 454 17.54 -3.23 -5.56
CA PRO A 454 18.27 -2.18 -4.82
C PRO A 454 19.23 -2.75 -3.81
N GLY A 455 20.44 -2.25 -3.78
CA GLY A 455 21.37 -2.59 -2.72
C GLY A 455 21.27 -1.55 -1.64
N VAL A 456 22.04 -1.71 -0.57
CA VAL A 456 21.99 -0.78 0.54
C VAL A 456 22.11 0.68 0.09
N LYS A 457 23.06 0.98 -0.79
CA LYS A 457 23.22 2.35 -1.27
C LYS A 457 21.88 2.90 -1.80
N GLN A 458 21.20 2.10 -2.61
CA GLN A 458 19.95 2.53 -3.22
C GLN A 458 18.80 2.66 -2.20
N ALA A 459 18.82 1.84 -1.15
CA ALA A 459 17.85 1.99 -0.06
C ALA A 459 18.03 3.33 0.66
N LEU A 460 19.27 3.71 0.97
CA LEU A 460 19.53 4.99 1.60
C LEU A 460 19.29 6.19 0.69
N GLU A 461 19.37 5.97 -0.62
CA GLU A 461 19.32 7.08 -1.58
C GLU A 461 18.10 7.07 -2.50
N LYS A 462 17.32 6.00 -2.35
CA LYS A 462 16.27 5.61 -3.28
C LYS A 462 15.05 6.50 -3.08
N LYS A 463 14.24 6.63 -4.14
CA LYS A 463 13.05 7.46 -4.10
C LYS A 463 13.46 8.86 -3.68
N GLU A 464 12.83 9.37 -2.64
CA GLU A 464 13.16 10.72 -2.19
C GLU A 464 14.24 10.74 -1.10
N GLY A 465 14.44 9.60 -0.44
CA GLY A 465 15.50 9.47 0.53
C GLY A 465 15.09 9.71 1.97
N LEU A 466 15.83 9.11 2.92
CA LEU A 466 15.50 9.18 4.33
C LEU A 466 15.26 10.60 4.78
N PHE A 467 16.13 11.51 4.34
CA PHE A 467 16.03 12.89 4.79
C PHE A 467 14.71 13.54 4.43
N ARG A 468 14.27 13.36 3.20
CA ARG A 468 13.09 14.04 2.72
C ARG A 468 11.80 13.33 3.15
N LYS A 469 11.86 12.01 3.24
CA LYS A 469 10.69 11.18 3.42
C LYS A 469 10.38 10.94 4.90
N HIS A 470 11.42 10.98 5.74
CA HIS A 470 11.25 10.73 7.17
C HIS A 470 11.88 11.77 8.09
N MET A 471 12.34 12.89 7.58
CA MET A 471 12.83 13.90 8.48
C MET A 471 12.22 15.24 8.13
N MET A 472 12.29 15.64 6.88
CA MET A 472 11.67 16.88 6.45
C MET A 472 10.18 16.73 6.70
N GLY A 473 9.68 15.53 6.45
CA GLY A 473 8.27 15.24 6.42
C GLY A 473 8.11 13.93 7.14
N LYS A 474 6.97 13.73 7.78
CA LYS A 474 6.73 12.55 8.60
C LYS A 474 5.23 12.20 8.62
N ARG A 475 4.89 10.97 8.96
CA ARG A 475 3.53 10.64 9.26
C ARG A 475 3.37 11.00 10.74
N VAL A 476 2.22 11.50 11.15
CA VAL A 476 2.09 12.01 12.49
C VAL A 476 0.96 11.39 13.24
N ASN A 477 0.92 11.56 14.56
CA ASN A 477 0.14 10.66 15.41
C ASN A 477 -1.14 11.30 15.98
N TYR A 478 -0.99 12.07 17.06
CA TYR A 478 -2.09 12.88 17.59
C TYR A 478 -2.40 14.05 16.68
N ALA A 479 -3.67 14.44 16.57
CA ALA A 479 -4.03 15.39 15.54
C ALA A 479 -5.25 14.89 14.83
N ALA A 480 -5.86 15.76 14.03
CA ALA A 480 -7.09 15.41 13.34
C ALA A 480 -7.16 16.11 11.97
N ARG A 481 -8.06 15.65 11.10
CA ARG A 481 -8.24 16.27 9.80
C ARG A 481 -9.71 16.33 9.49
N SER A 482 -10.14 17.40 8.85
CA SER A 482 -11.55 17.56 8.50
C SER A 482 -11.70 18.55 7.38
N VAL A 483 -12.76 18.41 6.60
CA VAL A 483 -13.25 19.53 5.81
C VAL A 483 -13.53 20.79 6.67
N ILE A 484 -13.16 21.96 6.18
CA ILE A 484 -13.50 23.18 6.89
C ILE A 484 -14.79 23.84 6.37
N SER A 485 -15.48 24.53 7.27
CA SER A 485 -16.71 25.29 6.96
C SER A 485 -16.61 26.69 7.55
N PRO A 486 -17.24 27.67 6.91
CA PRO A 486 -17.07 29.04 7.41
C PRO A 486 -17.91 29.29 8.67
N ASP A 487 -17.45 30.19 9.52
CA ASP A 487 -18.22 30.60 10.68
C ASP A 487 -17.91 32.02 11.06
N PRO A 488 -18.89 32.94 10.98
CA PRO A 488 -18.63 34.33 11.36
C PRO A 488 -18.75 34.55 12.86
N ASN A 489 -19.24 33.54 13.58
CA ASN A 489 -19.57 33.68 15.00
C ASN A 489 -18.50 33.19 15.97
N ILE A 490 -17.37 32.71 15.45
CA ILE A 490 -16.25 32.45 16.33
C ILE A 490 -15.26 33.60 16.17
N GLU A 491 -14.33 33.72 17.11
CA GLU A 491 -13.34 34.78 17.04
C GLU A 491 -12.38 34.52 15.88
N THR A 492 -11.77 35.58 15.38
CA THR A 492 -10.85 35.45 14.30
C THR A 492 -9.60 34.64 14.69
N ASN A 493 -9.43 34.40 15.99
CA ASN A 493 -8.27 33.64 16.47
C ASN A 493 -8.59 32.27 17.04
N GLU A 494 -9.83 31.84 16.86
CA GLU A 494 -10.33 30.57 17.35
C GLU A 494 -10.46 29.57 16.19
N ILE A 495 -10.81 28.33 16.54
CA ILE A 495 -11.14 27.30 15.57
C ILE A 495 -12.28 26.49 16.19
N GLY A 496 -13.32 26.25 15.41
CA GLY A 496 -14.46 25.52 15.92
C GLY A 496 -14.23 24.04 15.84
N VAL A 497 -14.16 23.38 16.99
CA VAL A 497 -13.78 21.98 17.05
C VAL A 497 -14.99 21.11 17.27
N PRO A 498 -15.21 20.10 16.41
CA PRO A 498 -16.33 19.19 16.61
C PRO A 498 -16.07 18.25 17.75
N PRO A 499 -17.11 17.95 18.53
CA PRO A 499 -17.06 17.16 19.76
C PRO A 499 -16.47 15.79 19.49
N VAL A 500 -16.72 15.27 18.29
CA VAL A 500 -16.12 14.02 17.88
C VAL A 500 -14.58 14.06 18.02
N PHE A 501 -13.99 15.24 17.84
CA PHE A 501 -12.57 15.40 18.08
C PHE A 501 -12.31 15.65 19.55
N ALA A 502 -13.10 16.54 20.13
CA ALA A 502 -12.87 17.03 21.49
C ALA A 502 -12.85 15.92 22.52
N VAL A 503 -13.52 14.83 22.20
CA VAL A 503 -13.63 13.71 23.09
C VAL A 503 -12.50 12.69 22.93
N LYS A 504 -11.77 12.75 21.82
CA LYS A 504 -10.71 11.78 21.58
C LYS A 504 -9.33 12.34 21.78
N LEU A 505 -9.19 13.64 21.60
CA LEU A 505 -7.91 14.31 21.81
C LEU A 505 -7.73 14.63 23.28
N THR A 506 -6.65 14.12 23.86
CA THR A 506 -6.22 14.53 25.19
C THR A 506 -4.83 15.14 25.12
N TYR A 507 -4.64 16.27 25.77
CA TYR A 507 -3.41 16.52 26.50
C TYR A 507 -3.26 15.50 27.62
N PRO A 508 -2.05 14.98 27.78
CA PRO A 508 -1.59 14.49 29.08
C PRO A 508 -1.45 15.59 30.14
N GLU A 509 -2.49 15.83 30.94
CA GLU A 509 -2.41 16.82 32.03
C GLU A 509 -1.86 16.23 33.31
N PRO A 510 -0.76 16.82 33.81
CA PRO A 510 -0.24 16.52 35.14
C PRO A 510 -1.23 17.03 36.19
N VAL A 511 -1.43 16.24 37.24
CA VAL A 511 -2.41 16.54 38.28
C VAL A 511 -1.80 17.37 39.41
N THR A 512 -2.43 18.49 39.76
CA THR A 512 -1.89 19.36 40.79
C THR A 512 -3.00 19.88 41.69
N ALA A 513 -2.61 20.57 42.75
CA ALA A 513 -3.57 21.21 43.65
C ALA A 513 -4.51 22.10 42.88
N TYR A 514 -3.98 22.80 41.87
CA TYR A 514 -4.78 23.79 41.18
C TYR A 514 -5.78 23.21 40.18
N ASN A 515 -5.61 21.94 39.83
CA ASN A 515 -6.51 21.35 38.83
C ASN A 515 -7.17 20.03 39.23
N ILE A 516 -7.04 19.65 40.50
CA ILE A 516 -7.55 18.36 40.95
C ILE A 516 -9.08 18.27 40.82
N ALA A 517 -9.77 19.40 40.97
CA ALA A 517 -11.22 19.45 40.82
C ALA A 517 -11.58 19.05 39.41
N GLU A 518 -11.03 19.80 38.44
CA GLU A 518 -11.24 19.57 37.01
C GLU A 518 -10.95 18.13 36.57
N LEU A 519 -9.80 17.61 36.96
CA LEU A 519 -9.39 16.32 36.44
C LEU A 519 -10.20 15.20 37.08
N ARG A 520 -10.63 15.42 38.32
CA ARG A 520 -11.53 14.48 39.00
C ARG A 520 -12.75 14.27 38.11
N GLN A 521 -13.34 15.38 37.69
CA GLN A 521 -14.56 15.36 36.90
C GLN A 521 -14.35 14.66 35.56
N ALA A 522 -13.23 14.96 34.90
CA ALA A 522 -12.89 14.34 33.63
C ALA A 522 -12.84 12.83 33.74
N VAL A 523 -12.08 12.33 34.71
CA VAL A 523 -12.00 10.90 34.96
C VAL A 523 -13.36 10.30 35.25
N ILE A 524 -14.18 10.98 36.06
CA ILE A 524 -15.54 10.52 36.30
C ILE A 524 -16.32 10.46 34.99
N ASN A 525 -16.26 11.51 34.19
CA ASN A 525 -16.93 11.55 32.90
C ASN A 525 -16.56 10.41 31.94
N GLY A 526 -15.31 9.94 32.03
CA GLY A 526 -14.90 8.79 31.24
C GLY A 526 -14.50 9.13 29.82
N PRO A 527 -14.27 8.09 29.02
CA PRO A 527 -13.77 8.20 27.65
C PRO A 527 -14.82 8.81 26.73
N ASP A 528 -16.09 8.68 27.08
CA ASP A 528 -17.12 8.93 26.07
C ASP A 528 -18.05 10.11 26.32
N LYS A 529 -17.99 10.70 27.51
CA LYS A 529 -18.72 11.94 27.80
C LYS A 529 -17.75 13.13 27.83
N TRP A 530 -17.93 14.08 26.93
CA TRP A 530 -17.02 15.22 26.87
C TRP A 530 -17.47 16.27 27.86
N PRO A 531 -16.54 16.95 28.54
CA PRO A 531 -15.07 16.83 28.55
C PRO A 531 -14.66 15.78 29.57
N GLY A 532 -14.05 14.71 29.09
CA GLY A 532 -13.68 13.60 29.94
C GLY A 532 -12.24 13.22 29.74
N ALA A 533 -11.94 11.93 29.84
CA ALA A 533 -10.59 11.47 29.91
C ALA A 533 -10.55 10.01 29.47
N THR A 534 -9.42 9.56 28.91
CA THR A 534 -9.38 8.18 28.42
C THR A 534 -8.46 7.30 29.24
N GLN A 535 -7.53 7.92 29.96
CA GLN A 535 -6.68 7.15 30.86
C GLN A 535 -5.87 7.96 31.84
N ILE A 536 -5.28 7.23 32.77
CA ILE A 536 -4.47 7.82 33.81
C ILE A 536 -3.06 7.25 33.77
N GLN A 537 -2.07 8.13 33.86
CA GLN A 537 -0.70 7.68 33.99
C GLN A 537 -0.34 7.73 35.46
N ASN A 538 0.15 6.61 35.98
CA ASN A 538 0.61 6.58 37.37
C ASN A 538 2.06 7.04 37.48
N GLU A 539 2.51 7.26 38.71
CA GLU A 539 3.83 7.82 38.94
C GLU A 539 4.93 6.86 38.47
N ASP A 540 4.63 5.56 38.43
CA ASP A 540 5.56 4.58 37.91
C ASP A 540 5.36 4.39 36.42
N GLY A 541 4.91 5.44 35.75
CA GLY A 541 4.79 5.45 34.30
C GLY A 541 3.68 4.63 33.70
N SER A 542 3.17 3.65 34.44
CA SER A 542 2.13 2.78 33.94
C SER A 542 0.82 3.49 33.64
N LEU A 543 0.12 3.01 32.63
CA LEU A 543 -1.17 3.57 32.23
C LEU A 543 -2.30 2.71 32.72
N VAL A 544 -3.42 3.34 33.01
CA VAL A 544 -4.65 2.62 33.36
C VAL A 544 -5.77 3.09 32.45
N SER A 545 -6.38 2.16 31.72
CA SER A 545 -7.45 2.54 30.81
C SER A 545 -8.76 2.78 31.55
N LEU A 546 -9.45 3.84 31.18
CA LEU A 546 -10.75 4.15 31.73
C LEU A 546 -11.85 3.56 30.85
N ILE A 547 -11.44 2.78 29.85
CA ILE A 547 -12.39 2.34 28.84
C ILE A 547 -13.42 1.31 29.32
N GLY A 548 -12.96 0.18 29.81
CA GLY A 548 -13.93 -0.82 30.23
C GLY A 548 -14.73 -0.49 31.49
N MET A 549 -14.58 0.71 32.02
CA MET A 549 -14.99 0.94 33.41
C MET A 549 -16.39 1.45 33.70
N SER A 550 -16.88 1.06 34.86
CA SER A 550 -18.13 1.55 35.40
C SER A 550 -17.88 2.91 36.02
N VAL A 551 -18.97 3.57 36.38
CA VAL A 551 -18.91 4.88 37.00
C VAL A 551 -18.25 4.80 38.38
N GLU A 552 -18.46 3.70 39.10
CA GLU A 552 -17.91 3.58 40.44
C GLU A 552 -16.41 3.38 40.39
N GLN A 553 -15.96 2.49 39.51
CA GLN A 553 -14.53 2.27 39.38
C GLN A 553 -13.83 3.59 39.03
N ARG A 554 -14.40 4.35 38.10
CA ARG A 554 -13.86 5.66 37.75
C ARG A 554 -13.84 6.62 38.93
N LYS A 555 -14.93 6.67 39.70
CA LYS A 555 -15.00 7.52 40.89
C LYS A 555 -13.89 7.18 41.88
N ALA A 556 -13.53 5.89 41.93
CA ALA A 556 -12.48 5.41 42.81
C ALA A 556 -11.14 5.95 42.36
N LEU A 557 -10.80 5.71 41.10
CA LEU A 557 -9.56 6.23 40.53
C LEU A 557 -9.47 7.75 40.63
N ALA A 558 -10.59 8.43 40.46
CA ALA A 558 -10.62 9.87 40.59
C ALA A 558 -10.30 10.35 42.01
N ASN A 559 -10.50 9.48 42.99
CA ASN A 559 -10.23 9.88 44.37
C ASN A 559 -8.81 9.59 44.81
N GLN A 560 -8.05 8.93 43.96
CA GLN A 560 -6.66 8.64 44.30
C GLN A 560 -5.68 9.34 43.36
N LEU A 561 -6.16 10.37 42.67
CA LEU A 561 -5.33 11.13 41.73
C LEU A 561 -4.19 11.85 42.41
N LEU A 562 -4.40 12.23 43.65
CA LEU A 562 -3.48 13.12 44.32
C LEU A 562 -2.95 12.52 45.64
N THR A 563 -2.89 11.19 45.73
CA THR A 563 -2.33 10.56 46.92
C THR A 563 -0.83 10.74 46.93
N PRO A 564 -0.24 10.91 48.13
CA PRO A 564 1.22 11.05 48.31
C PRO A 564 2.05 9.93 47.68
N SER A 565 3.37 10.00 47.84
CA SER A 565 4.23 8.97 47.28
C SER A 565 4.54 7.87 48.30
N SER A 566 4.42 6.63 47.84
CA SER A 566 4.75 5.48 48.65
C SER A 566 6.00 4.85 48.07
N ASN A 567 6.88 5.71 47.55
CA ASN A 567 8.03 5.26 46.78
C ASN A 567 8.95 6.47 46.55
N VAL A 568 10.15 6.40 47.08
CA VAL A 568 11.11 7.51 47.01
C VAL A 568 11.51 7.85 45.58
N SER A 569 11.65 6.82 44.74
CA SER A 569 12.12 6.98 43.36
C SER A 569 11.17 7.76 42.43
N THR A 570 9.89 7.66 42.70
CA THR A 570 8.91 8.38 41.90
C THR A 570 8.35 9.58 42.66
N HIS A 571 8.96 9.92 43.78
CA HIS A 571 8.37 10.92 44.66
C HIS A 571 8.28 12.30 44.05
N THR A 572 9.06 12.55 43.01
CA THR A 572 9.07 13.87 42.39
C THR A 572 7.96 14.02 41.33
N LEU A 573 7.29 12.92 41.02
CA LEU A 573 6.28 12.93 39.97
C LEU A 573 4.87 12.96 40.53
N ASN A 574 3.96 13.37 39.67
CA ASN A 574 2.54 13.35 39.94
C ASN A 574 1.89 12.56 38.83
N LYS A 575 0.67 12.10 39.06
CA LYS A 575 -0.06 11.38 38.03
C LYS A 575 -0.42 12.30 36.86
N LYS A 576 -0.79 11.71 35.74
CA LYS A 576 -1.23 12.49 34.60
C LYS A 576 -2.60 11.98 34.17
N VAL A 577 -3.50 12.89 33.83
CA VAL A 577 -4.77 12.46 33.27
C VAL A 577 -4.84 12.78 31.79
N TYR A 578 -5.08 11.75 30.97
CA TYR A 578 -5.20 11.94 29.54
C TYR A 578 -6.60 12.43 29.23
N ARG A 579 -6.80 13.73 29.42
CA ARG A 579 -8.10 14.38 29.26
C ARG A 579 -8.47 14.65 27.80
N HIS A 580 -9.77 14.83 27.55
CA HIS A 580 -10.24 15.62 26.40
C HIS A 580 -9.86 17.11 26.48
N ILE A 581 -9.52 17.67 25.33
CA ILE A 581 -9.17 19.09 25.18
C ILE A 581 -10.37 20.05 25.27
N LYS A 582 -10.11 21.31 25.61
CA LYS A 582 -11.18 22.27 25.93
C LYS A 582 -10.84 23.72 25.53
N ASN A 583 -11.67 24.67 25.90
CA ASN A 583 -11.61 25.99 25.27
C ASN A 583 -10.39 26.81 25.69
N ARG A 584 -9.78 26.38 26.78
CA ARG A 584 -8.58 26.97 27.34
C ARG A 584 -7.36 26.68 26.41
N ASP A 585 -7.54 25.69 25.52
CA ASP A 585 -6.46 25.05 24.80
C ASP A 585 -6.10 25.73 23.49
N VAL A 586 -4.91 25.39 22.98
CA VAL A 586 -4.44 25.91 21.72
C VAL A 586 -4.09 24.78 20.74
N VAL A 587 -4.52 24.88 19.51
CA VAL A 587 -4.07 23.92 18.56
C VAL A 587 -3.34 24.59 17.42
N LEU A 588 -2.75 23.79 16.56
CA LEU A 588 -2.03 24.24 15.39
C LEU A 588 -2.83 23.86 14.15
N MET A 589 -3.29 24.85 13.40
CA MET A 589 -4.09 24.55 12.21
C MET A 589 -3.21 24.62 10.98
N ASN A 590 -3.48 23.73 10.03
CA ASN A 590 -2.65 23.62 8.82
C ASN A 590 -3.44 23.28 7.56
N ARG A 591 -3.24 24.07 6.51
CA ARG A 591 -3.75 23.70 5.20
C ARG A 591 -2.57 23.59 4.25
N GLN A 592 -2.53 22.51 3.48
CA GLN A 592 -1.45 22.28 2.51
C GLN A 592 -1.89 22.76 1.15
N PRO A 593 -0.93 23.19 0.32
CA PRO A 593 0.50 23.34 0.55
C PRO A 593 0.83 24.45 1.56
N THR A 594 1.82 24.19 2.40
CA THR A 594 2.23 25.15 3.40
C THR A 594 3.45 25.92 2.89
N LEU A 595 3.20 27.03 2.20
CA LEU A 595 4.29 27.73 1.52
C LEU A 595 4.84 28.91 2.31
N HIS A 596 4.12 29.37 3.33
CA HIS A 596 4.73 30.31 4.25
C HIS A 596 4.20 30.01 5.64
N LYS A 597 4.80 30.60 6.66
CA LYS A 597 4.47 30.22 8.01
C LYS A 597 3.00 30.50 8.42
N ALA A 598 2.36 31.49 7.82
CA ALA A 598 0.97 31.75 8.12
C ALA A 598 0.02 30.67 7.61
N SER A 599 0.53 29.68 6.89
CA SER A 599 -0.31 28.52 6.57
C SER A 599 -0.22 27.47 7.65
N MET A 600 0.44 27.82 8.76
CA MET A 600 0.40 27.01 9.96
C MET A 600 0.37 27.86 11.22
N MET A 601 -0.82 28.19 11.69
CA MET A 601 -0.92 29.08 12.84
C MET A 601 -1.56 28.44 14.07
N GLY A 602 -1.36 29.09 15.22
CA GLY A 602 -2.04 28.67 16.44
C GLY A 602 -3.40 29.33 16.63
N HIS A 603 -4.43 28.50 16.82
CA HIS A 603 -5.77 28.98 17.14
C HIS A 603 -6.22 28.53 18.53
N LYS A 604 -7.00 29.38 19.18
CA LYS A 604 -7.63 29.03 20.45
C LYS A 604 -8.80 28.08 20.19
N VAL A 605 -8.93 27.03 21.00
CA VAL A 605 -9.98 26.05 20.78
C VAL A 605 -11.35 26.54 21.24
N ARG A 606 -12.37 26.32 20.42
CA ARG A 606 -13.75 26.56 20.81
C ARG A 606 -14.61 25.35 20.40
N VAL A 607 -14.92 24.50 21.38
CA VAL A 607 -15.74 23.31 21.12
C VAL A 607 -17.19 23.68 20.86
N LEU A 608 -17.74 23.16 19.77
CA LEU A 608 -19.07 23.50 19.30
C LEU A 608 -19.97 22.27 19.21
N PRO A 609 -21.06 22.25 19.97
CA PRO A 609 -21.96 21.09 19.94
C PRO A 609 -22.52 20.83 18.54
N ASN A 610 -22.79 19.56 18.25
CA ASN A 610 -23.47 19.17 17.01
C ASN A 610 -22.69 19.35 15.70
N GLU A 611 -21.49 19.90 15.73
CA GLU A 611 -20.74 20.06 14.49
C GLU A 611 -19.99 18.80 14.07
N LYS A 612 -19.89 18.57 12.77
CA LYS A 612 -19.12 17.45 12.22
C LYS A 612 -17.93 17.94 11.41
N THR A 613 -17.83 19.25 11.18
CA THR A 613 -16.64 19.80 10.55
C THR A 613 -15.92 20.87 11.39
N LEU A 614 -14.71 21.22 10.98
CA LEU A 614 -13.96 22.31 11.59
C LEU A 614 -14.50 23.66 11.11
N ARG A 615 -14.75 24.57 12.03
CA ARG A 615 -15.28 25.87 11.62
C ARG A 615 -14.27 26.98 11.80
N LEU A 616 -14.14 27.80 10.78
CA LEU A 616 -13.04 28.74 10.67
C LEU A 616 -13.56 30.10 10.23
N HIS A 617 -13.21 31.14 10.95
CA HIS A 617 -13.60 32.48 10.56
C HIS A 617 -12.99 32.90 9.23
N TYR A 618 -13.75 33.65 8.44
CA TYR A 618 -13.30 34.08 7.14
C TYR A 618 -11.97 34.83 7.16
N ALA A 619 -11.73 35.63 8.20
CA ALA A 619 -10.53 36.46 8.29
C ALA A 619 -9.22 35.66 8.13
N ASN A 620 -9.31 34.34 8.13
CA ASN A 620 -8.15 33.48 8.04
C ASN A 620 -7.94 32.88 6.66
N THR A 621 -8.87 33.09 5.73
CA THR A 621 -8.74 32.44 4.43
C THR A 621 -7.48 32.92 3.75
N GLY A 622 -7.22 34.23 3.84
CA GLY A 622 -6.05 34.82 3.24
C GLY A 622 -4.78 34.08 3.57
N ALA A 623 -4.53 33.89 4.86
CA ALA A 623 -3.34 33.21 5.37
C ALA A 623 -3.24 31.82 4.82
N TYR A 624 -4.31 31.06 4.97
CA TYR A 624 -4.28 29.64 4.63
C TYR A 624 -4.48 29.41 3.16
N ASN A 625 -4.88 30.46 2.44
CA ASN A 625 -5.28 30.31 1.05
C ASN A 625 -6.46 29.27 0.95
N ALA A 626 -7.45 29.43 1.82
CA ALA A 626 -8.54 28.46 1.93
C ALA A 626 -9.75 28.92 1.14
N ASP A 627 -10.46 27.99 0.50
CA ASP A 627 -11.59 28.37 -0.36
C ASP A 627 -12.99 27.95 0.11
N PHE A 628 -13.04 27.07 1.11
CA PHE A 628 -14.28 26.41 1.54
C PHE A 628 -14.97 25.57 0.48
N ASP A 629 -14.23 25.15 -0.56
CA ASP A 629 -14.79 24.24 -1.57
C ASP A 629 -14.51 22.76 -1.24
N GLY A 630 -14.50 22.40 0.03
CA GLY A 630 -14.29 21.01 0.37
C GLY A 630 -12.83 20.69 0.63
N ASP A 631 -12.05 21.75 0.73
CA ASP A 631 -10.69 21.62 1.16
C ASP A 631 -10.63 21.26 2.65
N GLU A 632 -9.54 20.60 3.03
CA GLU A 632 -9.40 20.05 4.37
C GLU A 632 -8.26 20.72 5.13
N MET A 633 -8.37 20.73 6.45
CA MET A 633 -7.26 21.20 7.29
C MET A 633 -6.89 20.19 8.36
N ASN A 634 -5.70 20.33 8.88
CA ASN A 634 -5.20 19.45 9.92
C ASN A 634 -5.21 20.21 11.21
N MET A 635 -5.58 19.54 12.29
CA MET A 635 -5.51 20.18 13.59
C MET A 635 -4.50 19.41 14.41
N HIS A 636 -3.50 20.11 14.94
CA HIS A 636 -2.46 19.45 15.71
C HIS A 636 -2.54 19.91 17.15
N PHE A 637 -2.45 18.96 18.07
CA PHE A 637 -2.65 19.30 19.49
C PHE A 637 -1.39 19.12 20.31
N PRO A 638 -0.58 20.18 20.44
CA PRO A 638 0.69 20.15 21.15
C PRO A 638 0.51 19.67 22.56
N GLN A 639 1.52 18.99 23.07
CA GLN A 639 1.33 18.10 24.20
C GLN A 639 2.08 18.43 25.51
N ASN A 640 2.62 19.63 25.61
CA ASN A 640 3.36 20.03 26.79
C ASN A 640 3.40 21.54 26.85
N GLU A 641 3.63 22.12 28.01
CA GLU A 641 3.44 23.57 28.14
C GLU A 641 4.39 24.44 27.30
N ASN A 642 5.60 23.97 27.00
CA ASN A 642 6.50 24.75 26.15
C ASN A 642 5.88 24.91 24.78
N ALA A 643 5.29 23.83 24.25
CA ALA A 643 4.70 23.93 22.95
C ALA A 643 3.44 24.79 23.03
N ARG A 644 2.73 24.71 24.15
CA ARG A 644 1.56 25.56 24.34
C ARG A 644 1.98 27.02 24.23
N ALA A 645 3.00 27.40 24.99
CA ALA A 645 3.41 28.78 25.08
C ALA A 645 3.77 29.32 23.69
N GLU A 646 4.42 28.48 22.89
CA GLU A 646 4.84 28.87 21.56
C GLU A 646 3.68 29.05 20.60
N ALA A 647 2.73 28.12 20.63
CA ALA A 647 1.56 28.22 19.77
C ALA A 647 0.66 29.41 20.16
N LEU A 648 0.73 29.86 21.41
CA LEU A 648 -0.12 30.98 21.84
C LEU A 648 0.57 32.33 21.71
N ASN A 649 1.89 32.31 21.62
CA ASN A 649 2.64 33.57 21.60
C ASN A 649 3.52 33.84 20.37
N LEU A 650 3.80 32.81 19.57
CA LEU A 650 4.72 32.95 18.46
C LEU A 650 4.07 32.59 17.14
N ALA A 651 3.36 31.47 17.10
CA ALA A 651 2.76 31.04 15.85
C ALA A 651 1.25 31.32 15.88
N ASN A 652 0.82 32.09 16.87
CA ASN A 652 -0.62 32.36 16.99
C ASN A 652 -1.11 33.30 15.88
N THR A 653 -2.36 33.16 15.47
CA THR A 653 -2.91 33.97 14.39
C THR A 653 -2.72 35.47 14.61
N ASP A 654 -2.93 35.88 15.86
CA ASP A 654 -3.37 37.23 16.18
C ASP A 654 -2.34 38.28 15.79
N SER A 655 -1.07 37.97 16.05
CA SER A 655 0.02 38.87 15.70
C SER A 655 0.07 39.04 14.19
N GLN A 656 -0.15 37.94 13.48
CA GLN A 656 0.21 37.85 12.08
C GLN A 656 -0.71 38.65 11.15
N TYR A 657 -1.03 39.87 11.58
CA TYR A 657 -1.84 40.76 10.80
C TYR A 657 -1.05 41.23 9.55
N LEU A 658 0.19 41.67 9.75
CA LEU A 658 1.00 42.06 8.62
C LEU A 658 1.88 40.90 8.14
N THR A 659 2.04 40.78 6.82
CA THR A 659 2.88 39.74 6.21
C THR A 659 4.33 40.13 6.33
N PRO A 660 5.23 39.15 6.39
CA PRO A 660 6.61 39.61 6.37
C PRO A 660 7.15 39.96 4.98
N THR A 661 6.52 39.50 3.90
CA THR A 661 6.89 39.90 2.55
C THR A 661 7.08 41.42 2.33
N SER A 662 6.06 42.21 2.66
CA SER A 662 6.09 43.65 2.42
C SER A 662 5.54 44.39 3.63
N GLY A 663 5.06 43.67 4.62
CA GLY A 663 4.59 44.34 5.82
C GLY A 663 3.18 44.92 5.70
N SER A 664 2.33 44.21 4.96
CA SER A 664 1.00 44.69 4.68
C SER A 664 -0.04 43.72 5.22
N PRO A 665 -1.28 44.19 5.36
CA PRO A 665 -2.34 43.37 5.95
C PRO A 665 -2.67 42.14 5.13
N VAL A 666 -2.96 41.03 5.81
CA VAL A 666 -3.50 39.82 5.17
C VAL A 666 -4.87 39.46 5.69
N ARG A 667 -5.27 40.02 6.81
CA ARG A 667 -6.57 39.70 7.35
C ARG A 667 -7.50 40.87 7.10
N GLY A 668 -8.72 40.60 6.62
CA GLY A 668 -9.75 41.59 6.53
C GLY A 668 -11.06 40.93 6.19
N LEU A 669 -12.14 41.71 6.12
CA LEU A 669 -13.45 41.21 5.77
C LEU A 669 -13.64 41.26 4.25
N ILE A 670 -14.60 40.48 3.75
CA ILE A 670 -14.77 40.35 2.31
C ILE A 670 -16.26 40.42 1.96
N GLN A 671 -16.59 40.38 0.67
CA GLN A 671 -17.98 40.23 0.17
C GLN A 671 -19.14 40.90 0.95
N ASP A 672 -20.06 40.11 1.51
CA ASP A 672 -21.20 40.65 2.27
C ASP A 672 -20.81 41.82 3.17
N HIS A 673 -19.67 41.69 3.81
CA HIS A 673 -19.24 42.65 4.80
C HIS A 673 -18.83 43.97 4.20
N ILE A 674 -18.28 43.95 2.98
CA ILE A 674 -17.96 45.22 2.32
C ILE A 674 -19.24 45.88 1.82
N SER A 675 -20.08 45.12 1.13
CA SER A 675 -21.34 45.62 0.64
C SER A 675 -22.15 46.19 1.80
N ALA A 676 -22.23 45.44 2.89
CA ALA A 676 -22.93 45.90 4.09
C ALA A 676 -22.39 47.23 4.61
N GLY A 677 -21.08 47.37 4.69
CA GLY A 677 -20.48 48.61 5.17
C GLY A 677 -20.81 49.85 4.37
N VAL A 678 -20.82 49.73 3.05
CA VAL A 678 -21.17 50.85 2.19
C VAL A 678 -22.57 51.33 2.51
N TRP A 679 -23.46 50.38 2.76
CA TRP A 679 -24.82 50.69 3.14
C TRP A 679 -24.99 51.23 4.57
N LEU A 680 -24.42 50.55 5.56
CA LEU A 680 -24.59 50.95 6.94
C LEU A 680 -24.00 52.33 7.22
N THR A 681 -22.92 52.68 6.53
CA THR A 681 -22.25 53.93 6.85
C THR A 681 -22.66 55.06 5.89
N SER A 682 -23.64 54.78 5.03
CA SER A 682 -24.20 55.78 4.11
C SER A 682 -24.89 56.93 4.87
N LYS A 683 -24.82 58.15 4.35
CA LYS A 683 -25.55 59.27 4.94
C LYS A 683 -27.05 58.98 5.11
N ASP A 684 -27.63 58.20 4.20
CA ASP A 684 -29.05 57.83 4.24
C ASP A 684 -29.40 56.89 5.40
N SER A 685 -28.39 56.46 6.15
CA SER A 685 -28.59 55.47 7.21
C SER A 685 -28.90 56.04 8.59
N PHE A 686 -30.09 55.73 9.08
CA PHE A 686 -30.55 56.20 10.39
C PHE A 686 -31.18 55.06 11.18
N PHE A 687 -31.12 55.15 12.49
CA PHE A 687 -31.55 54.06 13.36
C PHE A 687 -32.20 54.65 14.57
N THR A 688 -33.26 54.01 15.05
CA THR A 688 -33.91 54.47 16.26
C THR A 688 -33.11 53.98 17.44
N ARG A 689 -33.43 54.52 18.63
CA ARG A 689 -32.77 54.09 19.85
C ARG A 689 -32.74 52.57 19.95
N GLU A 690 -33.88 51.95 19.69
CA GLU A 690 -34.04 50.49 19.80
C GLU A 690 -33.08 49.75 18.89
N GLN A 691 -33.02 50.17 17.63
CA GLN A 691 -32.18 49.52 16.64
C GLN A 691 -30.69 49.72 16.96
N TYR A 692 -30.34 50.97 17.23
CA TYR A 692 -28.97 51.37 17.58
C TYR A 692 -28.43 50.54 18.72
N GLN A 693 -29.16 50.48 19.81
CA GLN A 693 -28.72 49.68 20.95
C GLN A 693 -28.60 48.19 20.61
N GLN A 694 -29.47 47.71 19.74
CA GLN A 694 -29.45 46.31 19.39
C GLN A 694 -28.26 45.95 18.48
N TYR A 695 -27.90 46.83 17.55
CA TYR A 695 -26.76 46.56 16.69
C TYR A 695 -25.49 46.50 17.54
N ILE A 696 -25.41 47.41 18.50
CA ILE A 696 -24.26 47.52 19.39
C ILE A 696 -24.06 46.22 20.16
N TYR A 697 -25.08 45.80 20.89
CA TYR A 697 -24.94 44.63 21.74
C TYR A 697 -24.74 43.33 20.96
N GLY A 698 -25.29 43.27 19.77
CA GLY A 698 -25.20 42.07 18.97
C GLY A 698 -23.78 41.84 18.47
N CYS A 699 -22.96 42.87 18.44
CA CYS A 699 -21.61 42.74 17.93
C CYS A 699 -20.48 42.94 18.95
N ILE A 700 -20.78 43.55 20.09
CA ILE A 700 -19.74 43.86 21.07
C ILE A 700 -19.27 42.61 21.80
N ARG A 701 -20.22 41.79 22.24
CA ARG A 701 -19.89 40.65 23.10
C ARG A 701 -19.13 41.08 24.35
N PRO A 702 -19.73 41.98 25.15
CA PRO A 702 -19.02 42.60 26.28
C PRO A 702 -18.71 41.59 27.37
N GLU A 703 -19.39 40.46 27.31
CA GLU A 703 -19.13 39.35 28.22
C GLU A 703 -17.87 38.61 27.78
N ASP A 704 -16.80 39.36 27.52
CA ASP A 704 -15.53 38.82 27.04
C ASP A 704 -14.33 39.30 27.81
N GLY A 705 -13.16 39.13 27.19
CA GLY A 705 -11.91 39.63 27.74
C GLY A 705 -11.79 41.12 27.51
N HIS A 706 -12.62 41.66 26.61
CA HIS A 706 -12.68 43.11 26.40
C HIS A 706 -13.69 43.82 27.30
N THR A 707 -13.61 43.50 28.61
CA THR A 707 -14.18 44.31 29.69
C THR A 707 -13.31 45.57 29.77
N THR A 708 -13.38 46.40 28.72
CA THR A 708 -12.76 47.71 28.75
C THR A 708 -13.58 48.59 29.70
N ARG A 709 -14.88 48.27 29.78
CA ARG A 709 -15.78 48.71 30.85
C ARG A 709 -16.68 47.52 31.19
N SER A 710 -17.29 47.52 32.38
CA SER A 710 -18.29 46.50 32.63
C SER A 710 -19.67 47.14 32.50
N LYS A 711 -19.77 48.09 31.57
CA LYS A 711 -21.03 48.73 31.20
C LYS A 711 -20.87 49.27 29.77
N ILE A 712 -21.81 48.94 28.87
CA ILE A 712 -21.75 49.46 27.51
C ILE A 712 -22.05 50.96 27.40
N VAL A 713 -21.17 51.67 26.72
CA VAL A 713 -21.29 53.11 26.53
C VAL A 713 -21.95 53.42 25.21
N THR A 714 -22.82 54.43 25.19
CA THR A 714 -23.50 54.83 23.96
C THR A 714 -23.33 56.33 23.74
N LEU A 715 -23.56 56.78 22.52
CA LEU A 715 -23.50 58.20 22.24
C LEU A 715 -24.89 58.81 22.33
N PRO A 716 -24.96 60.14 22.42
CA PRO A 716 -26.28 60.77 22.24
C PRO A 716 -26.66 60.71 20.77
N PRO A 717 -27.96 60.80 20.48
CA PRO A 717 -28.42 60.71 19.08
C PRO A 717 -27.97 61.92 18.25
N THR A 718 -27.90 61.75 16.94
CA THR A 718 -27.54 62.87 16.08
C THR A 718 -28.73 63.80 15.94
N ILE A 719 -29.91 63.23 15.71
CA ILE A 719 -31.10 64.03 15.63
C ILE A 719 -31.85 63.87 16.94
N PHE A 720 -32.05 64.99 17.63
CA PHE A 720 -32.77 65.00 18.90
C PHE A 720 -34.26 65.17 18.68
N LYS A 721 -34.62 66.04 17.73
CA LYS A 721 -36.00 66.41 17.52
C LYS A 721 -36.19 66.66 16.03
N PRO A 722 -37.32 66.21 15.46
CA PRO A 722 -38.57 65.65 16.01
C PRO A 722 -38.58 64.22 16.55
N TYR A 723 -37.50 63.47 16.38
CA TYR A 723 -37.51 62.05 16.70
C TYR A 723 -36.07 61.68 16.96
N PRO A 724 -35.79 60.93 18.04
CA PRO A 724 -34.40 60.53 18.30
C PRO A 724 -33.87 59.51 17.28
N LEU A 725 -32.89 59.96 16.48
CA LEU A 725 -32.21 59.09 15.50
C LEU A 725 -30.66 59.07 15.59
N TRP A 726 -30.07 57.89 15.45
CA TRP A 726 -28.60 57.74 15.36
C TRP A 726 -28.22 57.43 13.92
N THR A 727 -27.04 57.84 13.49
CA THR A 727 -26.55 57.46 12.16
C THR A 727 -25.68 56.20 12.20
N GLY A 728 -25.44 55.62 11.02
CA GLY A 728 -24.60 54.45 10.89
C GLY A 728 -23.18 54.73 11.35
N LYS A 729 -22.66 55.88 10.95
CA LYS A 729 -21.33 56.29 11.37
C LYS A 729 -21.19 56.32 12.90
N GLN A 730 -22.29 56.62 13.61
CA GLN A 730 -22.30 56.54 15.06
C GLN A 730 -22.19 55.10 15.58
N ILE A 731 -22.71 54.13 14.83
CA ILE A 731 -22.57 52.75 15.24
C ILE A 731 -21.09 52.36 15.26
N ILE A 732 -20.33 52.89 14.30
CA ILE A 732 -18.93 52.61 14.21
C ILE A 732 -18.21 53.28 15.37
N THR A 733 -18.54 54.54 15.60
CA THR A 733 -17.88 55.28 16.66
C THR A 733 -18.13 54.60 17.98
N THR A 734 -19.34 54.04 18.11
CA THR A 734 -19.76 53.43 19.36
C THR A 734 -19.00 52.12 19.57
N VAL A 735 -18.92 51.32 18.51
CA VAL A 735 -18.10 50.12 18.52
C VAL A 735 -16.67 50.40 19.01
N LEU A 736 -15.95 51.28 18.32
CA LEU A 736 -14.59 51.62 18.72
C LEU A 736 -14.52 52.11 20.16
N LEU A 737 -15.52 52.90 20.53
CA LEU A 737 -15.58 53.47 21.85
C LEU A 737 -15.69 52.37 22.91
N ASN A 738 -16.32 51.26 22.56
CA ASN A 738 -16.48 50.19 23.53
C ASN A 738 -15.36 49.17 23.53
N VAL A 739 -14.50 49.18 22.51
CA VAL A 739 -13.42 48.21 22.47
C VAL A 739 -12.01 48.79 22.50
N THR A 740 -11.86 50.11 22.37
CA THR A 740 -10.52 50.68 22.57
C THR A 740 -10.34 51.04 24.03
N PRO A 741 -9.08 51.11 24.51
CA PRO A 741 -8.76 51.44 25.91
C PRO A 741 -9.31 52.81 26.31
N PRO A 742 -9.92 52.87 27.49
CA PRO A 742 -10.62 54.07 27.97
C PRO A 742 -9.64 55.12 28.46
N ASP A 743 -8.49 54.65 28.94
CA ASP A 743 -7.42 55.54 29.41
C ASP A 743 -6.57 56.01 28.25
N MET A 744 -7.16 56.09 27.06
CA MET A 744 -6.41 56.38 25.85
C MET A 744 -7.26 57.07 24.80
N PRO A 745 -6.76 58.18 24.25
CA PRO A 745 -7.50 59.06 23.34
C PRO A 745 -7.93 58.32 22.10
N GLY A 746 -9.00 58.76 21.45
CA GLY A 746 -9.55 58.03 20.32
C GLY A 746 -8.73 58.25 19.09
N ILE A 747 -8.80 57.30 18.17
CA ILE A 747 -7.95 57.32 16.99
C ILE A 747 -8.20 58.55 16.09
N ASN A 748 -7.17 59.00 15.40
CA ASN A 748 -7.24 60.12 14.47
C ASN A 748 -6.73 59.75 13.08
N LEU A 749 -7.64 59.72 12.11
CA LEU A 749 -7.27 59.26 10.78
C LEU A 749 -7.90 60.08 9.66
N ILE A 750 -7.08 60.54 8.72
CA ILE A 750 -7.59 61.10 7.48
C ILE A 750 -7.18 60.20 6.32
N SER A 751 -8.16 59.58 5.68
CA SER A 751 -7.96 58.54 4.69
C SER A 751 -8.93 58.72 3.55
N LYS A 752 -8.94 57.79 2.61
CA LYS A 752 -9.87 57.81 1.48
C LYS A 752 -10.38 56.43 1.21
N ASN A 753 -11.55 56.33 0.59
CA ASN A 753 -12.08 55.04 0.20
C ASN A 753 -12.17 54.95 -1.31
N LYS A 754 -12.74 53.86 -1.82
CA LYS A 754 -12.69 53.56 -3.25
C LYS A 754 -13.77 54.27 -4.06
N ILE A 755 -14.71 54.93 -3.41
CA ILE A 755 -15.84 55.53 -4.10
C ILE A 755 -15.75 57.05 -4.27
N LYS A 756 -15.72 57.52 -5.52
CA LYS A 756 -15.54 58.93 -5.80
C LYS A 756 -16.73 59.74 -5.28
N ASN A 757 -16.48 60.98 -4.88
CA ASN A 757 -17.58 61.84 -4.39
C ASN A 757 -18.76 61.99 -5.37
N GLU A 758 -18.45 62.06 -6.66
CA GLU A 758 -19.47 62.21 -7.71
C GLU A 758 -20.58 61.19 -7.54
N TYR A 759 -20.27 60.00 -7.06
CA TYR A 759 -21.30 58.95 -6.93
C TYR A 759 -22.40 59.25 -5.91
N TRP A 760 -22.14 60.15 -4.98
CA TRP A 760 -23.15 60.44 -3.96
C TRP A 760 -24.00 61.66 -4.33
N GLY A 761 -23.43 62.54 -5.13
CA GLY A 761 -24.15 63.73 -5.54
C GLY A 761 -23.31 64.98 -5.43
N LYS A 762 -23.92 66.12 -5.75
CA LYS A 762 -23.25 67.39 -5.65
C LYS A 762 -22.73 67.60 -4.22
N GLY A 763 -21.53 68.14 -4.14
CA GLY A 763 -21.01 68.64 -2.88
C GLY A 763 -20.60 67.60 -1.86
N SER A 764 -20.74 66.32 -2.20
CA SER A 764 -20.39 65.24 -1.30
C SER A 764 -18.92 65.24 -0.94
N LEU A 765 -18.65 64.76 0.26
CA LEU A 765 -17.29 64.55 0.68
C LEU A 765 -17.14 63.12 1.20
N GLU A 766 -18.07 62.25 0.81
CA GLU A 766 -18.09 60.91 1.37
C GLU A 766 -16.91 60.02 0.95
N ASN A 767 -16.03 60.51 0.07
CA ASN A 767 -14.87 59.74 -0.35
C ASN A 767 -13.75 59.90 0.68
N GLU A 768 -13.76 61.04 1.34
CA GLU A 768 -12.84 61.36 2.41
C GLU A 768 -13.25 60.65 3.72
N VAL A 769 -12.37 59.83 4.29
CA VAL A 769 -12.66 59.14 5.54
C VAL A 769 -12.03 59.92 6.67
N LEU A 770 -12.85 60.44 7.57
CA LEU A 770 -12.35 61.22 8.69
C LEU A 770 -12.68 60.62 10.05
N PHE A 771 -11.65 60.23 10.81
CA PHE A 771 -11.82 59.89 12.21
C PHE A 771 -11.19 60.97 13.07
N LYS A 772 -11.99 61.58 13.93
CA LYS A 772 -11.46 62.56 14.88
C LYS A 772 -11.80 62.01 16.25
N ASP A 773 -10.81 62.01 17.14
CA ASP A 773 -10.95 61.50 18.51
C ASP A 773 -11.78 60.22 18.63
N GLY A 774 -11.65 59.36 17.62
CA GLY A 774 -12.24 58.03 17.66
C GLY A 774 -13.60 57.96 17.04
N ALA A 775 -14.09 59.09 16.54
CA ALA A 775 -15.42 59.19 15.92
C ALA A 775 -15.33 59.32 14.41
N LEU A 776 -16.12 58.52 13.71
CA LEU A 776 -16.25 58.65 12.25
C LEU A 776 -17.16 59.84 11.90
N LEU A 777 -16.54 60.94 11.50
CA LEU A 777 -17.25 62.18 11.22
C LEU A 777 -17.62 62.36 9.75
N CYS A 778 -16.95 61.65 8.85
CA CYS A 778 -17.24 61.79 7.42
C CYS A 778 -16.71 60.57 6.66
N GLY A 779 -17.37 60.22 5.56
CA GLY A 779 -16.94 59.12 4.71
C GLY A 779 -17.56 57.78 5.02
N ILE A 780 -17.68 56.92 4.00
CA ILE A 780 -18.13 55.55 4.21
C ILE A 780 -16.92 54.64 4.39
N LEU A 781 -17.17 53.44 4.94
CA LEU A 781 -16.15 52.42 5.10
C LEU A 781 -16.29 51.25 4.10
N ASP A 782 -15.15 50.72 3.68
CA ASP A 782 -14.95 50.16 2.36
C ASP A 782 -13.95 49.01 2.44
N LYS A 783 -13.73 48.33 1.32
CA LYS A 783 -12.61 47.40 1.20
C LYS A 783 -11.29 48.07 1.57
N SER A 784 -11.20 49.38 1.36
CA SER A 784 -9.98 50.11 1.68
C SER A 784 -9.82 50.33 3.18
N GLN A 785 -10.87 50.10 3.96
CA GLN A 785 -10.79 50.45 5.36
C GLN A 785 -10.74 49.24 6.31
N TYR A 786 -11.39 48.14 5.95
CA TYR A 786 -11.40 46.95 6.78
C TYR A 786 -11.36 45.70 5.91
N GLY A 787 -10.93 45.87 4.65
CA GLY A 787 -10.39 44.78 3.86
C GLY A 787 -8.96 44.58 4.34
N ALA A 788 -8.21 43.68 3.70
CA ALA A 788 -6.78 43.60 4.02
C ALA A 788 -6.10 44.75 3.28
N SER A 789 -5.97 45.90 3.92
CA SER A 789 -5.71 47.14 3.21
C SER A 789 -4.85 48.13 3.97
N LYS A 790 -3.66 48.42 3.43
CA LYS A 790 -2.72 49.24 4.14
C LYS A 790 -3.28 50.66 4.46
N TYR A 791 -3.13 51.09 5.72
CA TYR A 791 -3.42 52.46 6.15
C TYR A 791 -4.89 52.79 6.23
N GLY A 792 -5.74 51.75 6.21
CA GLY A 792 -7.16 51.92 6.48
C GLY A 792 -7.43 51.97 7.98
N ILE A 793 -8.69 51.91 8.38
CA ILE A 793 -8.99 52.07 9.79
C ILE A 793 -8.43 50.93 10.64
N VAL A 794 -8.62 49.68 10.21
CA VAL A 794 -8.16 48.60 11.07
C VAL A 794 -6.64 48.50 11.16
N HIS A 795 -5.93 48.84 10.08
CA HIS A 795 -4.47 48.88 10.15
C HIS A 795 -4.05 50.04 11.04
N SER A 796 -4.77 51.16 10.98
CA SER A 796 -4.48 52.31 11.85
C SER A 796 -4.66 51.95 13.32
N LEU A 797 -5.67 51.13 13.61
CA LEU A 797 -5.99 50.75 14.96
C LEU A 797 -4.94 49.81 15.46
N HIS A 798 -4.47 48.96 14.54
CA HIS A 798 -3.38 48.05 14.80
C HIS A 798 -2.15 48.81 15.22
N GLU A 799 -1.81 49.92 14.56
CA GLU A 799 -0.62 50.70 14.98
C GLU A 799 -0.72 51.39 16.33
N VAL A 800 -1.85 52.01 16.58
CA VAL A 800 -2.00 52.85 17.74
C VAL A 800 -2.29 52.01 18.97
N TYR A 801 -3.12 50.97 18.83
CA TYR A 801 -3.59 50.22 20.00
C TYR A 801 -3.10 48.76 20.08
N GLY A 802 -2.36 48.32 19.06
CA GLY A 802 -1.79 46.99 19.08
C GLY A 802 -2.64 45.92 18.41
N PRO A 803 -2.09 44.71 18.27
CA PRO A 803 -2.81 43.69 17.50
C PRO A 803 -4.04 43.14 18.19
N GLU A 804 -4.10 43.13 19.52
CA GLU A 804 -5.24 42.53 20.19
C GLU A 804 -6.48 43.36 19.91
N VAL A 805 -6.39 44.67 20.12
CA VAL A 805 -7.50 45.57 19.79
C VAL A 805 -7.94 45.48 18.32
N ALA A 806 -6.97 45.50 17.40
CA ALA A 806 -7.28 45.40 15.95
C ALA A 806 -8.01 44.10 15.61
N ALA A 807 -7.53 43.01 16.17
CA ALA A 807 -8.22 41.75 15.98
C ALA A 807 -9.64 41.77 16.56
N LYS A 808 -9.82 42.44 17.68
CA LYS A 808 -11.14 42.54 18.30
C LYS A 808 -12.03 43.40 17.43
N VAL A 809 -11.53 44.53 16.96
CA VAL A 809 -12.31 45.39 16.08
C VAL A 809 -12.78 44.64 14.84
N LEU A 810 -11.90 43.82 14.31
CA LEU A 810 -12.18 43.07 13.11
C LEU A 810 -13.32 42.07 13.33
N SER A 811 -13.29 41.36 14.45
CA SER A 811 -14.37 40.42 14.80
C SER A 811 -15.69 41.13 15.07
N VAL A 812 -15.62 42.22 15.81
CA VAL A 812 -16.78 43.04 16.14
C VAL A 812 -17.46 43.53 14.88
N LEU A 813 -16.68 44.16 14.00
CA LEU A 813 -17.20 44.67 12.73
C LEU A 813 -17.83 43.54 11.93
N GLY A 814 -17.18 42.38 11.95
CA GLY A 814 -17.71 41.21 11.29
C GLY A 814 -19.10 40.87 11.76
N ARG A 815 -19.32 40.84 13.09
CA ARG A 815 -20.66 40.50 13.59
C ARG A 815 -21.67 41.62 13.26
N LEU A 816 -21.24 42.86 13.43
CA LEU A 816 -22.08 43.98 13.08
C LEU A 816 -22.60 43.85 11.65
N PHE A 817 -21.69 43.69 10.70
CA PHE A 817 -22.13 43.58 9.31
C PHE A 817 -22.93 42.31 9.04
N THR A 818 -22.58 41.22 9.69
CA THR A 818 -23.35 39.99 9.53
C THR A 818 -24.79 40.17 9.99
N ASN A 819 -24.96 40.77 11.17
CA ASN A 819 -26.26 41.13 11.71
C ASN A 819 -27.03 42.11 10.85
N TYR A 820 -26.36 43.18 10.44
CA TYR A 820 -26.97 44.16 9.55
C TYR A 820 -27.48 43.50 8.26
N ILE A 821 -26.76 42.46 7.82
CA ILE A 821 -27.16 41.79 6.60
C ILE A 821 -28.39 40.91 6.83
N THR A 822 -28.47 40.26 7.99
CA THR A 822 -29.63 39.46 8.31
C THR A 822 -30.89 40.34 8.43
N ALA A 823 -30.68 41.62 8.70
CA ALA A 823 -31.77 42.54 8.98
C ALA A 823 -32.24 43.27 7.72
N THR A 824 -31.29 43.60 6.84
CA THR A 824 -31.60 44.15 5.51
C THR A 824 -31.11 43.38 4.27
N ALA A 825 -30.17 42.44 4.44
CA ALA A 825 -29.66 41.61 3.34
C ALA A 825 -29.01 42.34 2.14
N PHE A 826 -29.37 41.93 0.91
CA PHE A 826 -28.40 41.56 -0.14
C PHE A 826 -28.99 41.68 -1.56
N THR A 827 -28.14 41.68 -2.59
CA THR A 827 -28.47 42.30 -3.88
C THR A 827 -28.33 41.34 -5.09
N CYS A 828 -29.32 41.38 -5.98
CA CYS A 828 -29.25 40.65 -7.26
C CYS A 828 -29.89 41.44 -8.42
N GLY A 829 -29.48 41.15 -9.65
CA GLY A 829 -30.37 40.56 -10.64
C GLY A 829 -30.05 40.87 -12.09
N MET A 830 -30.90 40.35 -13.00
CA MET A 830 -30.92 40.76 -14.39
C MET A 830 -30.97 42.26 -14.56
N ASP A 831 -31.77 42.94 -13.72
CA ASP A 831 -31.99 44.37 -13.84
C ASP A 831 -30.68 45.19 -13.71
N ASP A 832 -29.77 44.65 -12.90
CA ASP A 832 -28.46 45.25 -12.70
C ASP A 832 -27.58 45.14 -13.94
N LEU A 833 -28.01 44.35 -14.93
CA LEU A 833 -27.17 44.10 -16.08
C LEU A 833 -27.65 44.78 -17.35
N ARG A 834 -28.67 45.63 -17.25
CA ARG A 834 -29.28 46.24 -18.44
C ARG A 834 -28.82 47.64 -18.70
N LEU A 835 -28.64 47.98 -19.97
CA LEU A 835 -28.55 49.36 -20.41
C LEU A 835 -29.94 49.90 -20.72
N THR A 836 -30.08 51.22 -20.63
CA THR A 836 -31.33 51.87 -21.03
C THR A 836 -31.43 51.81 -22.53
N ALA A 837 -32.56 52.23 -23.09
CA ALA A 837 -32.70 52.24 -24.53
C ALA A 837 -31.72 53.26 -25.13
N GLU A 838 -31.58 54.37 -24.42
CA GLU A 838 -30.63 55.40 -24.78
C GLU A 838 -29.22 54.82 -24.88
N GLY A 839 -28.83 54.06 -23.84
CA GLY A 839 -27.52 53.47 -23.75
C GLY A 839 -27.25 52.38 -24.79
N ASN A 840 -28.25 51.54 -25.04
CA ASN A 840 -28.10 50.52 -26.06
C ASN A 840 -27.93 51.11 -27.45
N LYS A 841 -28.51 52.30 -27.66
CA LYS A 841 -28.32 53.01 -28.92
C LYS A 841 -26.87 53.48 -29.03
N TRP A 842 -26.38 54.15 -27.99
CA TRP A 842 -24.99 54.55 -27.91
C TRP A 842 -24.07 53.40 -28.31
N ARG A 843 -24.34 52.24 -27.71
CA ARG A 843 -23.49 51.08 -27.91
C ARG A 843 -23.48 50.67 -29.37
N THR A 844 -24.65 50.52 -29.98
CA THR A 844 -24.65 49.99 -31.34
C THR A 844 -24.12 51.01 -32.34
N ASP A 845 -24.33 52.28 -32.05
CA ASP A 845 -23.79 53.36 -32.88
C ASP A 845 -22.26 53.37 -32.90
N ILE A 846 -21.65 53.26 -31.72
CA ILE A 846 -20.18 53.18 -31.66
C ILE A 846 -19.65 51.88 -32.24
N LEU A 847 -20.39 50.79 -32.05
CA LEU A 847 -19.98 49.50 -32.59
C LEU A 847 -20.00 49.49 -34.11
N LYS A 848 -20.91 50.25 -34.69
CA LYS A 848 -20.98 50.36 -36.14
C LYS A 848 -19.74 51.03 -36.74
N THR A 849 -18.90 51.65 -35.91
CA THR A 849 -17.68 52.29 -36.44
C THR A 849 -16.49 51.32 -36.54
N SER A 850 -16.71 50.08 -36.14
CA SER A 850 -15.70 49.06 -36.20
C SER A 850 -15.77 48.30 -37.52
N VAL A 851 -16.87 48.52 -38.25
CA VAL A 851 -17.16 47.82 -39.50
C VAL A 851 -16.00 47.79 -40.49
N ASP A 852 -15.32 48.92 -40.64
CA ASP A 852 -14.25 49.02 -41.62
C ASP A 852 -12.84 48.89 -41.00
N THR A 853 -12.80 48.89 -39.66
CA THR A 853 -11.55 48.93 -38.91
C THR A 853 -10.49 47.92 -39.33
N GLY A 854 -10.90 46.67 -39.51
CA GLY A 854 -9.94 45.65 -39.90
C GLY A 854 -9.29 45.95 -41.24
N ARG A 855 -10.08 46.46 -42.18
CA ARG A 855 -9.59 46.69 -43.53
C ARG A 855 -8.65 47.88 -43.55
N GLU A 856 -8.99 48.91 -42.76
CA GLU A 856 -8.12 50.08 -42.62
C GLU A 856 -6.78 49.64 -42.06
N ALA A 857 -6.82 48.67 -41.16
CA ALA A 857 -5.61 48.23 -40.50
C ALA A 857 -4.79 47.38 -41.47
N ALA A 858 -5.47 46.57 -42.27
CA ALA A 858 -4.80 45.78 -43.28
C ALA A 858 -4.13 46.67 -44.30
N ALA A 859 -4.84 47.70 -44.77
CA ALA A 859 -4.27 48.58 -45.77
C ALA A 859 -3.05 49.31 -45.20
N GLU A 860 -3.06 49.57 -43.89
CA GLU A 860 -1.96 50.27 -43.24
C GLU A 860 -0.71 49.38 -43.10
N VAL A 861 -0.94 48.14 -42.65
CA VAL A 861 0.14 47.16 -42.54
C VAL A 861 0.75 46.81 -43.90
N THR A 862 -0.11 46.65 -44.91
CA THR A 862 0.36 46.25 -46.24
C THR A 862 0.88 47.43 -47.06
N ASN A 863 0.90 48.60 -46.45
CA ASN A 863 1.34 49.84 -47.08
C ASN A 863 0.61 50.19 -48.37
N LEU A 864 -0.70 50.07 -48.35
CA LEU A 864 -1.54 50.47 -49.47
C LEU A 864 -2.41 51.66 -49.10
N ASP A 865 -3.02 52.26 -50.13
CA ASP A 865 -3.92 53.40 -50.00
C ASP A 865 -5.01 53.10 -48.98
N LYS A 866 -5.32 54.09 -48.14
CA LYS A 866 -6.25 53.91 -47.04
C LYS A 866 -7.62 53.40 -47.47
N ASP A 867 -7.94 53.55 -48.76
CA ASP A 867 -9.27 53.24 -49.29
C ASP A 867 -9.25 52.03 -50.22
N THR A 868 -8.23 51.18 -50.04
CA THR A 868 -8.10 49.98 -50.84
C THR A 868 -9.22 48.97 -50.57
N PRO A 869 -9.89 48.52 -51.63
CA PRO A 869 -10.92 47.49 -51.50
C PRO A 869 -10.44 46.25 -50.76
N ALA A 870 -11.34 45.58 -50.07
CA ALA A 870 -10.97 44.43 -49.25
C ALA A 870 -10.64 43.21 -50.09
N ASP A 871 -11.04 43.21 -51.36
CA ASP A 871 -10.75 42.09 -52.24
C ASP A 871 -9.71 42.45 -53.31
N ASP A 872 -9.04 43.60 -53.14
CA ASP A 872 -8.01 44.02 -54.09
C ASP A 872 -6.87 43.01 -54.20
N PRO A 873 -6.61 42.51 -55.41
CA PRO A 873 -5.56 41.56 -55.74
C PRO A 873 -4.24 41.80 -55.01
N GLU A 874 -3.75 43.02 -55.04
CA GLU A 874 -2.50 43.33 -54.35
C GLU A 874 -2.64 43.19 -52.82
N LEU A 875 -3.75 43.66 -52.27
CA LEU A 875 -3.99 43.56 -50.84
C LEU A 875 -4.00 42.11 -50.37
N LEU A 876 -4.65 41.24 -51.14
CA LEU A 876 -4.69 39.82 -50.82
C LEU A 876 -3.31 39.14 -50.97
N LYS A 877 -2.57 39.50 -52.02
CA LYS A 877 -1.22 38.99 -52.18
C LYS A 877 -0.34 39.35 -50.98
N ARG A 878 -0.42 40.60 -50.55
CA ARG A 878 0.35 41.08 -49.40
C ARG A 878 -0.10 40.47 -48.07
N LEU A 879 -1.38 40.14 -47.96
CA LEU A 879 -1.89 39.53 -46.75
C LEU A 879 -1.38 38.11 -46.67
N GLN A 880 -1.32 37.45 -47.81
CA GLN A 880 -0.82 36.10 -47.84
C GLN A 880 0.66 36.09 -47.47
N GLU A 881 1.40 37.08 -47.95
CA GLU A 881 2.79 37.23 -47.54
C GLU A 881 2.86 37.31 -46.03
N ILE A 882 2.02 38.19 -45.45
CA ILE A 882 1.98 38.40 -44.03
C ILE A 882 1.71 37.09 -43.28
N LEU A 883 0.81 36.28 -43.82
CA LEU A 883 0.39 35.03 -43.20
C LEU A 883 1.53 34.05 -43.03
N ARG A 884 2.41 33.98 -44.03
CA ARG A 884 3.55 33.06 -44.00
C ARG A 884 4.65 33.39 -42.99
N ASP A 885 4.66 34.58 -42.43
CA ASP A 885 5.74 35.02 -41.56
C ASP A 885 5.25 35.43 -40.18
N ASN A 886 5.75 34.75 -39.16
CA ASN A 886 5.37 35.04 -37.79
C ASN A 886 5.54 36.50 -37.33
N ASN A 887 6.65 37.14 -37.65
CA ASN A 887 6.84 38.54 -37.29
C ASN A 887 5.83 39.47 -37.96
N LYS A 888 5.60 39.26 -39.25
CA LYS A 888 4.68 40.10 -40.00
C LYS A 888 3.26 39.95 -39.51
N SER A 889 2.83 38.71 -39.32
CA SER A 889 1.53 38.40 -38.76
C SER A 889 1.36 39.09 -37.41
N GLY A 890 2.43 39.06 -36.62
CA GLY A 890 2.47 39.79 -35.37
C GLY A 890 2.12 41.26 -35.52
N ILE A 891 2.71 41.93 -36.52
CA ILE A 891 2.41 43.33 -36.76
C ILE A 891 0.94 43.55 -37.11
N LEU A 892 0.45 42.78 -38.08
CA LEU A 892 -0.93 42.89 -38.54
C LEU A 892 -1.85 42.76 -37.35
N ASP A 893 -1.56 41.77 -36.49
CA ASP A 893 -2.33 41.54 -35.26
C ASP A 893 -2.23 42.73 -34.29
N ALA A 894 -1.02 43.17 -33.96
CA ALA A 894 -0.89 44.31 -33.05
C ALA A 894 -1.63 45.58 -33.52
N VAL A 895 -1.52 45.93 -34.80
CA VAL A 895 -2.08 47.16 -35.32
C VAL A 895 -3.61 47.07 -35.35
N THR A 896 -4.13 45.93 -35.79
CA THR A 896 -5.56 45.73 -35.86
C THR A 896 -6.16 45.72 -34.47
N SER A 897 -5.47 45.07 -33.55
CA SER A 897 -5.91 44.99 -32.16
C SER A 897 -5.97 46.38 -31.53
N SER A 898 -5.00 47.21 -31.87
CA SER A 898 -4.92 48.51 -31.23
C SER A 898 -6.13 49.33 -31.62
N LYS A 899 -6.51 49.26 -32.89
CA LYS A 899 -7.63 49.99 -33.42
C LYS A 899 -8.91 49.49 -32.82
N VAL A 900 -9.18 48.19 -32.93
CA VAL A 900 -10.42 47.68 -32.36
C VAL A 900 -10.51 47.93 -30.86
N ASN A 901 -9.38 47.93 -30.17
CA ASN A 901 -9.38 48.20 -28.74
C ASN A 901 -9.81 49.62 -28.38
N ALA A 902 -9.53 50.56 -29.28
CA ALA A 902 -9.94 51.95 -29.09
C ALA A 902 -11.46 52.04 -29.17
N ILE A 903 -12.05 51.36 -30.15
CA ILE A 903 -13.48 51.20 -30.24
C ILE A 903 -14.04 50.67 -28.90
N THR A 904 -13.44 49.60 -28.39
CA THR A 904 -13.92 49.01 -27.15
C THR A 904 -13.92 50.04 -26.02
N SER A 905 -12.87 50.83 -25.93
CA SER A 905 -12.78 51.80 -24.85
C SER A 905 -13.83 52.90 -25.00
N GLN A 906 -14.15 53.27 -26.23
CA GLN A 906 -15.19 54.27 -26.48
C GLN A 906 -16.54 53.78 -26.00
N VAL A 907 -16.88 52.55 -26.39
CA VAL A 907 -18.16 51.97 -25.99
C VAL A 907 -18.32 51.94 -24.46
N VAL A 908 -17.28 51.49 -23.76
CA VAL A 908 -17.37 51.36 -22.32
C VAL A 908 -17.41 52.74 -21.66
N SER A 909 -16.60 53.66 -22.18
CA SER A 909 -16.49 54.98 -21.57
C SER A 909 -17.82 55.74 -21.63
N LYS A 910 -18.62 55.42 -22.64
CA LYS A 910 -19.88 56.09 -22.88
C LYS A 910 -21.06 55.41 -22.17
N CYS A 911 -21.05 54.07 -22.16
CA CYS A 911 -22.19 53.33 -21.60
C CYS A 911 -22.13 53.03 -20.09
N VAL A 912 -20.94 52.85 -19.53
CA VAL A 912 -20.81 52.64 -18.08
C VAL A 912 -20.07 53.79 -17.37
N PRO A 913 -20.77 54.52 -16.49
CA PRO A 913 -22.10 54.21 -15.97
C PRO A 913 -23.27 54.90 -16.64
N ASP A 914 -23.03 55.83 -17.57
CA ASP A 914 -24.09 56.76 -17.98
C ASP A 914 -25.28 56.12 -18.70
N GLY A 915 -25.08 54.92 -19.21
CA GLY A 915 -26.10 54.30 -20.04
C GLY A 915 -26.77 53.13 -19.37
N THR A 916 -26.52 52.95 -18.09
CA THR A 916 -27.09 51.81 -17.37
C THR A 916 -28.52 52.08 -16.90
N MET A 917 -29.37 51.05 -16.93
CA MET A 917 -30.75 51.22 -16.49
C MET A 917 -30.86 51.55 -15.01
N LYS A 918 -30.23 50.73 -14.17
CA LYS A 918 -30.06 51.06 -12.75
C LYS A 918 -28.69 51.67 -12.52
N LYS A 919 -28.65 52.68 -11.67
CA LYS A 919 -27.42 53.38 -11.37
C LYS A 919 -26.95 52.97 -9.98
N PHE A 920 -25.66 53.16 -9.71
CA PHE A 920 -25.17 53.08 -8.35
C PHE A 920 -25.97 54.09 -7.52
N PRO A 921 -26.32 53.75 -6.27
CA PRO A 921 -26.00 52.54 -5.50
C PRO A 921 -26.97 51.36 -5.67
N CYS A 922 -28.04 51.55 -6.42
CA CYS A 922 -29.08 50.54 -6.49
C CYS A 922 -28.62 49.40 -7.32
N ASN A 923 -27.78 49.71 -8.30
CA ASN A 923 -27.19 48.71 -9.16
C ASN A 923 -26.10 47.94 -8.41
N SER A 924 -26.45 46.74 -7.96
CA SER A 924 -25.56 45.95 -7.15
C SER A 924 -24.32 45.49 -7.91
N MET A 925 -24.49 45.21 -9.20
CA MET A 925 -23.35 44.78 -10.01
C MET A 925 -22.32 45.90 -10.07
N GLN A 926 -22.77 47.13 -10.28
CA GLN A 926 -21.84 48.25 -10.25
C GLN A 926 -21.27 48.49 -8.85
N ALA A 927 -22.14 48.43 -7.85
CA ALA A 927 -21.72 48.74 -6.50
C ALA A 927 -20.62 47.78 -6.02
N MET A 928 -20.72 46.52 -6.40
CA MET A 928 -19.73 45.53 -5.97
C MET A 928 -18.36 45.88 -6.56
N ALA A 929 -18.36 46.19 -7.86
CA ALA A 929 -17.16 46.63 -8.56
C ALA A 929 -16.54 47.91 -7.98
N LEU A 930 -17.36 48.91 -7.67
CA LEU A 930 -16.83 50.19 -7.23
C LEU A 930 -16.34 50.17 -5.80
N SER A 931 -16.95 49.35 -4.97
CA SER A 931 -16.71 49.42 -3.55
C SER A 931 -15.57 48.51 -3.19
N GLY A 932 -15.20 47.64 -4.12
CA GLY A 932 -14.13 46.72 -3.87
C GLY A 932 -14.65 45.44 -3.27
N ALA A 933 -15.97 45.27 -3.23
CA ALA A 933 -16.54 44.06 -2.65
C ALA A 933 -16.24 42.84 -3.52
N LYS A 934 -16.54 42.95 -4.80
CA LYS A 934 -16.22 41.89 -5.76
C LYS A 934 -16.30 42.41 -7.18
N GLY A 935 -15.44 41.89 -8.03
CA GLY A 935 -15.50 42.16 -9.46
C GLY A 935 -14.69 43.37 -9.88
N SER A 936 -14.96 43.87 -11.07
CA SER A 936 -14.21 45.02 -11.54
C SER A 936 -14.97 45.71 -12.65
N ASN A 937 -14.54 46.92 -12.96
CA ASN A 937 -15.15 47.64 -14.05
C ASN A 937 -15.02 46.89 -15.37
N VAL A 938 -13.91 46.21 -15.55
CA VAL A 938 -13.71 45.35 -16.71
C VAL A 938 -14.80 44.29 -16.84
N ASN A 939 -15.04 43.57 -15.75
CA ASN A 939 -16.02 42.50 -15.75
C ASN A 939 -17.42 43.02 -16.03
N VAL A 940 -17.74 44.17 -15.46
CA VAL A 940 -19.05 44.75 -15.68
C VAL A 940 -19.21 45.07 -17.16
N SER A 941 -18.16 45.61 -17.77
CA SER A 941 -18.25 46.05 -19.15
C SER A 941 -18.35 44.88 -20.11
N GLN A 942 -17.81 43.73 -19.75
CA GLN A 942 -17.93 42.59 -20.64
C GLN A 942 -19.34 42.01 -20.55
N ILE A 943 -20.01 42.24 -19.42
CA ILE A 943 -21.40 41.85 -19.30
C ILE A 943 -22.32 42.82 -20.06
N MET A 944 -22.08 44.12 -19.89
CA MET A 944 -23.01 45.15 -20.32
C MET A 944 -22.72 45.79 -21.69
N CYS A 945 -21.47 45.72 -22.14
CA CYS A 945 -21.09 46.35 -23.41
C CYS A 945 -20.56 45.39 -24.47
N LEU A 946 -19.41 44.79 -24.21
CA LEU A 946 -18.84 43.82 -25.15
C LEU A 946 -17.63 43.10 -24.56
N LEU A 947 -17.42 41.86 -24.99
CA LEU A 947 -16.24 41.08 -24.62
C LEU A 947 -14.93 41.73 -25.08
N GLY A 948 -14.91 42.23 -26.30
CA GLY A 948 -13.72 42.90 -26.80
C GLY A 948 -12.94 41.96 -27.71
N GLN A 949 -11.70 42.33 -28.01
CA GLN A 949 -10.78 41.49 -28.78
C GLN A 949 -10.35 40.29 -27.96
N GLN A 950 -10.43 39.10 -28.54
CA GLN A 950 -9.90 37.92 -27.84
C GLN A 950 -8.41 37.87 -28.11
N ALA A 951 -7.58 37.76 -27.07
CA ALA A 951 -6.13 37.82 -27.26
C ALA A 951 -5.42 36.55 -26.83
N LEU A 952 -4.61 36.00 -27.72
CA LEU A 952 -3.85 34.80 -27.36
C LEU A 952 -2.35 35.07 -27.41
N GLU A 953 -1.73 35.20 -26.23
CA GLU A 953 -0.30 35.42 -26.15
C GLU A 953 0.15 36.61 -27.02
N GLY A 954 -0.62 37.68 -26.95
CA GLY A 954 -0.27 38.92 -27.65
C GLY A 954 -0.77 38.99 -29.09
N ARG A 955 -0.86 37.83 -29.71
CA ARG A 955 -1.42 37.75 -31.06
C ARG A 955 -2.96 37.79 -30.99
N ARG A 956 -3.60 37.64 -32.14
CA ARG A 956 -5.05 37.48 -32.17
C ARG A 956 -5.35 35.98 -32.30
N VAL A 957 -6.17 35.67 -33.27
CA VAL A 957 -6.74 34.36 -33.42
C VAL A 957 -5.94 33.62 -34.52
N PRO A 958 -5.61 32.33 -34.31
CA PRO A 958 -4.81 31.56 -35.27
C PRO A 958 -5.44 31.51 -36.67
N VAL A 959 -4.60 31.36 -37.69
CA VAL A 959 -5.05 31.31 -39.06
C VAL A 959 -4.53 30.06 -39.73
N MET A 960 -5.43 29.37 -40.41
CA MET A 960 -5.10 28.13 -41.11
C MET A 960 -4.25 28.43 -42.35
N VAL A 961 -3.57 27.40 -42.87
CA VAL A 961 -2.69 27.58 -44.00
C VAL A 961 -3.43 28.18 -45.21
N SER A 962 -4.74 28.01 -45.22
CA SER A 962 -5.61 28.47 -46.28
C SER A 962 -5.91 29.94 -46.14
N GLY A 963 -5.51 30.52 -45.00
CA GLY A 963 -5.72 31.95 -44.78
C GLY A 963 -7.05 32.32 -44.09
N LYS A 964 -7.81 31.28 -43.75
CA LYS A 964 -9.08 31.40 -43.03
C LYS A 964 -8.93 31.14 -41.54
N THR A 965 -9.65 31.89 -40.71
CA THR A 965 -9.54 31.70 -39.26
C THR A 965 -10.64 30.79 -38.74
N LEU A 966 -11.50 30.33 -39.65
CA LEU A 966 -12.63 29.48 -39.32
C LEU A 966 -13.25 29.09 -40.65
N PRO A 967 -13.94 27.94 -40.73
CA PRO A 967 -14.62 27.62 -41.99
C PRO A 967 -15.60 28.69 -42.53
N SER A 968 -16.15 29.55 -41.67
CA SER A 968 -17.16 30.47 -42.14
C SER A 968 -16.62 31.80 -42.66
N PHE A 969 -15.34 32.05 -42.41
CA PHE A 969 -14.71 33.26 -42.95
C PHE A 969 -13.96 32.93 -44.22
N LYS A 970 -14.03 33.82 -45.21
CA LYS A 970 -13.30 33.59 -46.45
C LYS A 970 -11.82 33.82 -46.20
N PRO A 971 -10.96 33.33 -47.11
CA PRO A 971 -9.52 33.55 -46.95
C PRO A 971 -9.19 35.04 -46.95
N TYR A 972 -8.37 35.46 -45.99
CA TYR A 972 -7.94 36.85 -45.85
C TYR A 972 -9.07 37.86 -45.59
N GLU A 973 -10.16 37.40 -44.98
CA GLU A 973 -11.18 38.29 -44.40
C GLU A 973 -10.52 39.37 -43.59
N THR A 974 -11.05 40.57 -43.67
CA THR A 974 -10.49 41.66 -42.91
C THR A 974 -11.48 42.18 -41.86
N ASP A 975 -12.67 41.59 -41.81
CA ASP A 975 -13.58 41.84 -40.73
C ASP A 975 -12.88 41.60 -39.37
N ALA A 976 -12.96 42.55 -38.46
CA ALA A 976 -12.39 42.39 -37.14
C ALA A 976 -12.97 41.14 -36.46
N MET A 977 -14.20 40.80 -36.79
CA MET A 977 -14.85 39.68 -36.13
C MET A 977 -14.13 38.42 -36.49
N ALA A 978 -13.66 38.35 -37.73
CA ALA A 978 -12.94 37.18 -38.20
C ALA A 978 -11.57 36.98 -37.48
N GLY A 979 -11.07 38.03 -36.84
CA GLY A 979 -9.85 37.95 -36.08
C GLY A 979 -10.08 37.81 -34.57
N GLY A 980 -11.33 37.51 -34.18
CA GLY A 980 -11.69 37.34 -32.78
C GLY A 980 -12.05 38.60 -32.01
N TYR A 981 -12.49 39.63 -32.71
CA TYR A 981 -13.06 40.80 -32.05
C TYR A 981 -14.52 40.48 -31.75
N VAL A 982 -14.86 40.40 -30.47
CA VAL A 982 -16.22 40.00 -30.12
C VAL A 982 -17.08 41.20 -29.71
N LYS A 983 -18.07 41.54 -30.55
CA LYS A 983 -18.91 42.68 -30.27
C LYS A 983 -20.04 42.27 -29.34
N GLY A 984 -20.31 40.96 -29.28
CA GLY A 984 -21.32 40.44 -28.36
C GLY A 984 -20.95 40.71 -26.91
N ARG A 985 -21.94 40.61 -26.02
CA ARG A 985 -21.70 40.81 -24.59
C ARG A 985 -22.44 39.73 -23.87
N PHE A 986 -22.00 39.42 -22.65
CA PHE A 986 -22.57 38.27 -21.94
C PHE A 986 -24.06 38.44 -21.69
N TYR A 987 -24.53 39.68 -21.60
CA TYR A 987 -25.94 39.94 -21.38
C TYR A 987 -26.81 39.43 -22.51
N SER A 988 -26.49 39.81 -23.74
CA SER A 988 -27.32 39.41 -24.88
C SER A 988 -26.76 38.24 -25.68
N GLY A 989 -25.67 37.64 -25.21
CA GLY A 989 -25.14 36.44 -25.82
C GLY A 989 -24.11 36.70 -26.90
N ILE A 990 -23.31 35.69 -27.23
CA ILE A 990 -22.29 35.81 -28.28
C ILE A 990 -22.53 34.79 -29.42
N LYS A 991 -22.20 35.21 -30.64
CA LYS A 991 -22.39 34.38 -31.83
C LYS A 991 -21.51 33.11 -31.75
N PRO A 992 -24.01 32.37 -30.58
CA PRO A 992 -23.26 31.10 -30.72
C PRO A 992 -21.83 31.28 -31.28
N GLN A 993 -21.68 32.13 -32.29
CA GLN A 993 -20.36 32.40 -32.81
C GLN A 993 -19.46 33.00 -31.74
N GLU A 994 -19.95 34.01 -31.03
CA GLU A 994 -19.16 34.67 -30.00
C GLU A 994 -18.80 33.68 -28.90
N TYR A 995 -19.77 32.88 -28.50
CA TYR A 995 -19.62 31.85 -27.48
C TYR A 995 -18.47 30.93 -27.82
N TYR A 996 -18.47 30.45 -29.04
CA TYR A 996 -17.44 29.50 -29.47
C TYR A 996 -16.06 30.14 -29.38
N PHE A 997 -15.90 31.32 -29.96
CA PHE A 997 -14.66 32.08 -29.87
C PHE A 997 -14.30 32.33 -28.42
N HIS A 998 -15.29 32.55 -27.58
CA HIS A 998 -15.00 32.86 -26.20
C HIS A 998 -14.55 31.61 -25.44
N CYS A 999 -14.98 30.44 -25.90
CA CYS A 999 -14.42 29.20 -25.38
C CYS A 999 -12.90 29.10 -25.67
N MET A 1000 -12.51 29.43 -26.89
CA MET A 1000 -11.12 29.49 -27.25
C MET A 1000 -10.32 30.32 -26.28
N ALA A 1001 -10.80 31.53 -25.99
CA ALA A 1001 -10.08 32.46 -25.11
C ALA A 1001 -9.99 31.92 -23.71
N GLY A 1002 -11.04 31.26 -23.26
CA GLY A 1002 -11.10 30.72 -21.92
C GLY A 1002 -10.12 29.58 -21.71
N ARG A 1003 -10.09 28.68 -22.69
CA ARG A 1003 -9.26 27.49 -22.66
C ARG A 1003 -7.76 27.85 -22.74
N GLU A 1004 -7.45 28.97 -23.37
CA GLU A 1004 -6.06 29.36 -23.60
C GLU A 1004 -5.17 29.34 -22.38
N GLY A 1005 -5.58 30.01 -21.32
CA GLY A 1005 -4.75 30.09 -20.14
C GLY A 1005 -4.56 28.72 -19.50
N LEU A 1006 -5.62 27.92 -19.47
CA LEU A 1006 -5.53 26.56 -18.94
C LEU A 1006 -4.56 25.65 -19.75
N SER A 1016 8.31 26.92 -9.49
CA SER A 1016 9.20 27.73 -8.68
C SER A 1016 9.66 26.95 -7.42
N GLY A 1017 9.15 25.72 -7.29
CA GLY A 1017 9.38 24.92 -6.10
C GLY A 1017 10.82 24.54 -5.84
N TYR A 1018 11.44 23.92 -6.83
CA TYR A 1018 12.84 23.55 -6.70
C TYR A 1018 13.72 24.74 -6.31
N LEU A 1019 13.52 25.88 -6.98
CA LEU A 1019 14.18 27.13 -6.62
C LEU A 1019 13.99 27.49 -5.13
N GLN A 1020 12.77 27.42 -4.63
CA GLN A 1020 12.55 27.73 -3.23
C GLN A 1020 13.27 26.78 -2.30
N ARG A 1021 13.31 25.49 -2.65
CA ARG A 1021 13.96 24.53 -1.79
C ARG A 1021 15.41 24.87 -1.67
N CYS A 1022 16.04 25.13 -2.81
CA CYS A 1022 17.46 25.40 -2.82
C CYS A 1022 17.83 26.69 -2.08
N LEU A 1023 17.04 27.75 -2.21
CA LEU A 1023 17.28 28.95 -1.42
C LEU A 1023 17.19 28.65 0.07
N THR A 1024 16.13 27.96 0.50
CA THR A 1024 15.91 27.79 1.93
C THR A 1024 16.93 26.84 2.53
N LYS A 1025 17.32 25.83 1.78
CA LYS A 1025 18.19 24.83 2.35
C LYS A 1025 19.56 25.45 2.62
N GLN A 1026 19.95 26.40 1.79
CA GLN A 1026 21.20 27.12 1.99
C GLN A 1026 21.04 28.28 2.97
N LEU A 1027 19.87 28.90 3.01
CA LEU A 1027 19.71 30.05 3.87
C LEU A 1027 19.12 29.72 5.25
N GLU A 1028 18.76 28.45 5.49
CA GLU A 1028 17.99 28.04 6.68
C GLU A 1028 18.49 28.58 8.03
N GLY A 1029 19.81 28.54 8.24
CA GLY A 1029 20.37 28.95 9.51
C GLY A 1029 20.92 30.35 9.58
N VAL A 1030 20.73 31.14 8.52
CA VAL A 1030 21.12 32.53 8.53
C VAL A 1030 20.13 33.36 9.35
N HIS A 1031 20.64 34.01 10.38
CA HIS A 1031 19.79 34.68 11.35
C HIS A 1031 20.39 35.98 11.93
N VAL A 1032 19.55 36.77 12.60
CA VAL A 1032 20.04 37.98 13.27
C VAL A 1032 20.66 37.64 14.60
N SER A 1033 21.86 38.14 14.82
CA SER A 1033 22.61 37.81 16.03
C SER A 1033 22.37 38.89 17.10
N TYR A 1034 22.80 38.64 18.34
CA TYR A 1034 22.53 39.60 19.38
C TYR A 1034 23.39 40.85 19.22
N ASP A 1035 24.37 40.78 18.32
CA ASP A 1035 25.20 41.96 18.00
C ASP A 1035 24.68 42.74 16.77
N ASN A 1036 23.45 42.42 16.35
CA ASN A 1036 22.82 42.97 15.14
C ASN A 1036 23.35 42.51 13.79
N SER A 1037 24.45 41.76 13.77
CA SER A 1037 24.97 41.26 12.50
C SER A 1037 24.11 40.09 12.06
N ILE A 1038 24.28 39.68 10.83
CA ILE A 1038 23.54 38.56 10.31
C ILE A 1038 24.52 37.42 10.12
N ARG A 1039 24.30 36.31 10.83
CA ARG A 1039 25.26 35.22 10.82
C ARG A 1039 24.64 33.94 10.30
N ASP A 1040 25.48 33.08 9.72
CA ASP A 1040 25.12 31.70 9.42
C ASP A 1040 25.31 30.92 10.71
N ALA A 1041 24.81 29.69 10.76
CA ALA A 1041 24.78 28.98 12.04
C ALA A 1041 26.18 28.61 12.55
N ASP A 1042 27.14 28.51 11.63
CA ASP A 1042 28.50 28.17 11.98
C ASP A 1042 29.31 29.40 12.37
N GLY A 1043 28.63 30.52 12.54
CA GLY A 1043 29.28 31.75 12.97
C GLY A 1043 29.72 32.67 11.87
N THR A 1044 29.73 32.19 10.63
CA THR A 1044 30.17 32.99 9.51
C THR A 1044 29.29 34.23 9.38
N LEU A 1045 29.92 35.40 9.32
CA LEU A 1045 29.20 36.67 9.23
C LEU A 1045 28.78 36.95 7.79
N VAL A 1046 27.47 37.07 7.55
CA VAL A 1046 26.97 37.24 6.19
C VAL A 1046 26.72 38.71 5.90
N GLN A 1047 26.05 39.41 6.82
CA GLN A 1047 25.89 40.86 6.74
C GLN A 1047 26.28 41.53 8.07
N PHE A 1048 26.62 42.81 8.05
CA PHE A 1048 27.00 43.49 9.28
C PHE A 1048 25.79 44.09 10.03
N MET A 1049 24.72 44.26 9.29
CA MET A 1049 23.49 44.83 9.81
C MET A 1049 22.33 43.92 9.44
N TYR A 1050 21.23 44.05 10.18
CA TYR A 1050 20.04 43.30 9.86
C TYR A 1050 19.63 43.73 8.47
N GLY A 1051 19.81 45.01 8.17
CA GLY A 1051 19.49 45.54 6.86
C GLY A 1051 20.45 46.63 6.54
N GLY A 1052 21.60 46.54 7.21
CA GLY A 1052 22.44 47.69 7.44
C GLY A 1052 21.80 48.59 8.48
N ASP A 1053 20.64 48.20 9.02
CA ASP A 1053 19.92 49.10 9.90
C ASP A 1053 19.16 48.48 11.05
N ALA A 1054 19.21 47.15 11.17
CA ALA A 1054 18.67 46.44 12.34
C ALA A 1054 17.15 46.47 12.48
N ILE A 1055 16.45 46.88 11.44
CA ILE A 1055 15.14 47.49 11.61
C ILE A 1055 14.07 46.53 11.13
N ASP A 1056 13.12 46.23 12.01
CA ASP A 1056 12.09 45.26 11.68
C ASP A 1056 11.28 45.80 10.52
N ILE A 1057 10.95 44.93 9.57
CA ILE A 1057 10.04 45.32 8.48
C ILE A 1057 8.59 45.47 8.97
N THR A 1058 8.21 44.61 9.91
CA THR A 1058 6.87 44.63 10.46
C THR A 1058 6.66 45.69 11.53
N LYS A 1059 7.69 46.48 11.87
CA LYS A 1059 7.49 47.64 12.75
C LYS A 1059 7.77 48.96 12.02
N GLU A 1060 7.72 48.92 10.70
CA GLU A 1060 8.26 50.02 9.92
C GLU A 1060 7.22 50.98 9.39
N SER A 1061 5.99 50.49 9.15
CA SER A 1061 4.93 51.26 8.48
C SER A 1061 4.80 52.73 8.84
N HIS A 1062 4.90 53.08 10.12
CA HIS A 1062 4.65 54.47 10.53
C HIS A 1062 5.86 55.31 10.94
N MET A 1063 7.07 54.84 10.63
CA MET A 1063 8.29 55.50 11.05
C MET A 1063 8.51 56.82 10.31
N THR A 1064 7.96 56.95 9.12
CA THR A 1064 8.09 58.20 8.41
C THR A 1064 6.74 58.81 8.13
N GLN A 1065 5.72 58.25 8.78
CA GLN A 1065 4.39 58.83 8.82
C GLN A 1065 4.26 59.97 9.87
N PHE A 1066 5.08 61.00 9.74
CA PHE A 1066 5.27 62.00 10.79
C PHE A 1066 4.01 62.73 11.19
N GLU A 1067 3.19 63.09 10.21
CA GLU A 1067 1.98 63.83 10.54
C GLU A 1067 0.98 62.93 11.25
N PHE A 1068 0.99 61.65 10.94
CA PHE A 1068 0.16 60.76 11.71
C PHE A 1068 0.69 60.63 13.13
N CYS A 1069 2.01 60.68 13.32
CA CYS A 1069 2.56 60.59 14.68
C CYS A 1069 2.44 61.88 15.47
N LEU A 1070 2.34 63.02 14.80
CA LEU A 1070 2.19 64.29 15.49
C LEU A 1070 0.79 64.51 16.07
N ASP A 1071 -0.25 64.26 15.28
CA ASP A 1071 -1.58 63.99 15.87
C ASP A 1071 -1.25 62.67 16.49
N ASN A 1072 -1.97 62.22 17.49
CA ASN A 1072 -1.56 60.97 18.14
C ASN A 1072 -0.24 61.03 18.88
N TYR A 1073 0.39 62.21 18.97
CA TYR A 1073 1.58 62.36 19.80
C TYR A 1073 1.40 61.84 21.20
N TYR A 1074 0.34 62.30 21.87
CA TYR A 1074 0.17 61.94 23.26
C TYR A 1074 -0.05 60.45 23.50
N ALA A 1075 -0.80 59.77 22.64
CA ALA A 1075 -0.98 58.34 22.82
C ALA A 1075 0.34 57.60 22.59
N LEU A 1076 1.15 58.10 21.66
CA LEU A 1076 2.39 57.42 21.32
C LEU A 1076 3.35 57.54 22.48
N LEU A 1077 3.34 58.70 23.12
CA LEU A 1077 4.15 58.97 24.29
C LEU A 1077 3.73 58.06 25.45
N LYS A 1078 2.45 57.74 25.52
CA LYS A 1078 1.98 56.88 26.60
C LYS A 1078 2.49 55.49 26.29
N LYS A 1079 2.26 55.06 25.06
CA LYS A 1079 2.66 53.73 24.61
C LYS A 1079 4.14 53.49 24.83
N TYR A 1080 4.99 54.43 24.41
CA TYR A 1080 6.44 54.22 24.46
C TYR A 1080 7.03 54.46 25.85
N ASN A 1081 6.28 55.16 26.69
CA ASN A 1081 6.63 55.41 28.10
C ASN A 1081 8.10 55.72 28.39
N PRO A 1082 8.53 56.96 28.09
CA PRO A 1082 9.96 57.28 28.21
C PRO A 1082 10.47 57.23 29.65
N SER A 1083 9.57 57.33 30.62
CA SER A 1083 9.96 57.35 32.03
C SER A 1083 10.72 56.09 32.46
N ALA A 1084 10.30 54.96 31.92
CA ALA A 1084 10.86 53.66 32.31
C ALA A 1084 12.22 53.38 31.70
N LEU A 1085 12.73 54.30 30.88
CA LEU A 1085 13.98 54.05 30.15
C LEU A 1085 15.07 55.08 30.37
N ILE A 1086 14.77 56.14 31.11
CA ILE A 1086 15.76 57.21 31.27
C ILE A 1086 17.02 56.68 31.94
N GLU A 1087 16.84 55.79 32.90
CA GLU A 1087 17.97 55.23 33.61
C GLU A 1087 18.79 54.26 32.78
N HIS A 1088 18.23 53.78 31.67
CA HIS A 1088 18.90 52.72 30.95
C HIS A 1088 19.38 53.11 29.55
N LEU A 1089 19.20 54.37 29.17
CA LEU A 1089 19.64 54.84 27.85
C LEU A 1089 20.60 56.00 27.91
N ASP A 1090 21.53 56.03 26.96
CA ASP A 1090 22.41 57.18 26.78
C ASP A 1090 21.66 58.13 25.90
N VAL A 1091 21.37 59.32 26.43
CA VAL A 1091 20.50 60.27 25.77
C VAL A 1091 21.28 61.39 25.05
N GLU A 1092 22.59 61.45 25.26
CA GLU A 1092 23.38 62.56 24.75
C GLU A 1092 24.36 62.16 23.64
N SER A 1093 25.00 61.00 23.79
CA SER A 1093 26.18 60.64 23.01
C SER A 1093 25.95 60.54 21.50
N ALA A 1094 24.91 59.81 21.11
CA ALA A 1094 24.60 59.61 19.70
C ALA A 1094 24.10 60.89 19.03
N LEU A 1095 23.31 61.67 19.75
CA LEU A 1095 22.76 62.92 19.20
C LEU A 1095 23.89 63.88 18.86
N LYS A 1096 24.88 63.95 19.74
CA LYS A 1096 26.04 64.80 19.54
C LYS A 1096 26.82 64.33 18.33
N TYR A 1097 27.04 63.02 18.23
CA TYR A 1097 27.79 62.47 17.11
C TYR A 1097 27.03 62.65 15.79
N SER A 1098 25.71 62.46 15.85
CA SER A 1098 24.84 62.64 14.70
C SER A 1098 25.00 64.03 14.09
N LYS A 1099 25.04 65.07 14.93
CA LYS A 1099 25.17 66.43 14.43
C LYS A 1099 26.51 66.62 13.74
N LYS A 1100 27.57 66.09 14.34
CA LYS A 1100 28.91 66.13 13.76
C LYS A 1100 28.92 65.58 12.35
N THR A 1101 28.19 64.50 12.13
CA THR A 1101 28.18 63.86 10.80
C THR A 1101 27.26 64.56 9.82
N LEU A 1102 26.17 65.16 10.31
CA LEU A 1102 25.27 65.90 9.45
C LEU A 1102 26.01 67.07 8.85
N LYS A 1103 26.92 67.66 9.63
CA LYS A 1103 27.72 68.77 9.14
C LYS A 1103 28.67 68.31 8.03
N TYR A 1104 29.48 67.31 8.30
CA TYR A 1104 30.41 66.81 7.27
C TYR A 1104 29.72 66.28 6.03
N ARG A 1105 28.53 65.74 6.18
CA ARG A 1105 27.84 65.13 5.06
C ARG A 1105 27.24 66.21 4.15
N LYS A 1106 26.90 67.35 4.74
CA LYS A 1106 26.36 68.49 4.00
C LYS A 1106 27.48 69.31 3.38
N LYS A 1107 28.53 69.54 4.17
CA LYS A 1107 29.71 70.29 3.72
C LYS A 1107 30.38 69.63 2.50
N HIS A 1108 30.13 68.34 2.32
CA HIS A 1108 30.63 67.63 1.15
C HIS A 1108 29.47 67.00 0.37
N SER A 1109 28.38 67.76 0.23
CA SER A 1109 27.12 67.22 -0.31
C SER A 1109 27.11 66.98 -1.83
N LYS A 1110 27.49 68.00 -2.59
CA LYS A 1110 27.30 67.96 -4.05
C LYS A 1110 28.42 67.26 -4.83
N GLU A 1111 29.57 67.03 -4.17
CA GLU A 1111 30.70 66.34 -4.80
C GLU A 1111 30.45 64.83 -4.93
N PRO A 1112 30.95 64.21 -6.03
CA PRO A 1112 30.57 62.83 -6.41
C PRO A 1112 30.95 61.80 -5.35
N HIS A 1113 30.39 60.60 -5.47
CA HIS A 1113 30.42 59.62 -4.37
C HIS A 1113 31.79 59.04 -4.00
N TYR A 1114 32.78 59.15 -4.89
CA TYR A 1114 34.09 58.57 -4.65
C TYR A 1114 35.05 59.59 -4.04
N LYS A 1115 34.69 60.87 -4.16
CA LYS A 1115 35.39 61.97 -3.48
C LYS A 1115 34.68 62.32 -2.17
N GLN A 1116 33.93 61.38 -1.62
CA GLN A 1116 33.18 61.63 -0.38
C GLN A 1116 34.07 61.62 0.85
N SER A 1117 33.81 62.55 1.77
CA SER A 1117 34.47 62.56 3.07
C SER A 1117 34.12 61.27 3.80
N VAL A 1118 35.14 60.59 4.30
CA VAL A 1118 34.89 59.40 5.10
C VAL A 1118 35.58 59.54 6.46
N LYS A 1119 35.68 60.77 6.91
CA LYS A 1119 36.23 61.07 8.22
C LYS A 1119 35.27 60.55 9.28
N TYR A 1120 33.98 60.56 8.99
CA TYR A 1120 32.96 60.21 9.98
C TYR A 1120 31.99 59.13 9.49
N ASP A 1121 32.11 57.94 10.06
CA ASP A 1121 31.17 56.86 9.79
C ASP A 1121 29.79 57.25 10.28
N PRO A 1122 28.75 56.61 9.74
CA PRO A 1122 27.38 56.83 10.19
C PRO A 1122 27.20 56.43 11.64
N VAL A 1123 26.28 57.08 12.35
CA VAL A 1123 26.07 56.81 13.78
C VAL A 1123 25.85 55.35 14.10
N LEU A 1124 25.10 54.67 13.24
CA LEU A 1124 24.73 53.28 13.49
C LEU A 1124 25.98 52.39 13.52
N ALA A 1125 27.05 52.85 12.90
CA ALA A 1125 28.29 52.08 12.86
C ALA A 1125 28.99 52.11 14.21
N LYS A 1126 28.76 53.16 14.97
CA LYS A 1126 29.49 53.39 16.21
C LYS A 1126 28.66 53.22 17.47
N TYR A 1127 27.35 53.41 17.37
CA TYR A 1127 26.50 53.41 18.54
C TYR A 1127 25.35 52.42 18.38
N ASN A 1128 25.12 51.61 19.40
CA ASN A 1128 24.06 50.62 19.34
C ASN A 1128 22.66 51.24 19.38
N PRO A 1129 21.89 51.09 18.29
CA PRO A 1129 20.56 51.70 18.22
C PRO A 1129 19.65 51.34 19.37
N ALA A 1130 19.93 50.24 20.07
CA ALA A 1130 19.08 49.82 21.18
C ALA A 1130 19.40 50.56 22.46
N LYS A 1131 20.62 51.08 22.56
CA LYS A 1131 21.12 51.73 23.75
C LYS A 1131 21.21 53.27 23.67
N TYR A 1132 21.55 53.79 22.49
CA TYR A 1132 21.81 55.21 22.31
C TYR A 1132 20.70 55.92 21.53
N LEU A 1133 19.90 56.72 22.22
CA LEU A 1133 18.86 57.53 21.58
C LEU A 1133 19.50 58.42 20.55
N GLY A 1134 18.99 58.38 19.32
CA GLY A 1134 19.59 59.17 18.28
C GLY A 1134 20.42 58.36 17.30
N SER A 1135 20.85 57.16 17.70
CA SER A 1135 21.54 56.32 16.76
C SER A 1135 20.50 55.73 15.83
N VAL A 1136 20.54 56.22 14.60
CA VAL A 1136 19.43 56.14 13.68
C VAL A 1136 19.99 56.20 12.23
N SER A 1137 19.31 55.55 11.30
CA SER A 1137 19.74 55.53 9.91
C SER A 1137 19.77 56.93 9.36
N GLU A 1138 20.64 57.20 8.40
CA GLU A 1138 20.75 58.56 7.94
C GLU A 1138 19.53 58.96 7.10
N ASN A 1139 18.94 57.99 6.41
CA ASN A 1139 17.70 58.26 5.67
C ASN A 1139 16.66 58.81 6.64
N PHE A 1140 16.46 58.12 7.75
CA PHE A 1140 15.47 58.48 8.73
C PHE A 1140 15.81 59.84 9.30
N GLN A 1141 17.07 60.03 9.67
CA GLN A 1141 17.54 61.31 10.18
C GLN A 1141 17.16 62.46 9.23
N ASP A 1142 17.32 62.23 7.92
CA ASP A 1142 17.06 63.25 6.92
C ASP A 1142 15.58 63.50 6.75
N LYS A 1143 14.84 62.41 6.57
CA LYS A 1143 13.40 62.50 6.40
C LYS A 1143 12.76 63.24 7.56
N LEU A 1144 13.20 62.93 8.78
CA LEU A 1144 12.70 63.58 9.99
C LEU A 1144 13.03 65.08 10.01
N GLU A 1145 14.28 65.41 9.78
CA GLU A 1145 14.70 66.80 9.89
C GLU A 1145 14.07 67.66 8.81
N SER A 1146 13.90 67.08 7.62
CA SER A 1146 13.16 67.73 6.54
C SER A 1146 11.73 68.02 6.95
N PHE A 1147 11.05 67.04 7.54
CA PHE A 1147 9.70 67.27 8.03
C PHE A 1147 9.62 68.46 9.02
N LEU A 1148 10.37 68.38 10.10
CA LEU A 1148 10.43 69.47 11.09
C LEU A 1148 10.72 70.83 10.46
N ASP A 1149 11.56 70.81 9.44
CA ASP A 1149 11.99 72.02 8.79
C ASP A 1149 10.82 72.61 8.00
N LYS A 1150 10.12 71.77 7.25
CA LYS A 1150 9.14 72.24 6.28
C LYS A 1150 7.74 72.35 6.85
N ASN A 1151 7.61 72.24 8.17
CA ASN A 1151 6.29 72.14 8.80
C ASN A 1151 6.19 72.84 10.14
N SER A 1152 6.86 73.99 10.27
CA SER A 1152 6.83 74.74 11.52
C SER A 1152 5.40 75.14 11.89
N LYS A 1153 4.55 75.30 10.88
CA LYS A 1153 3.13 75.55 11.08
C LYS A 1153 2.50 74.57 12.08
N LEU A 1154 2.63 73.29 11.83
CA LEU A 1154 2.02 72.26 12.68
C LEU A 1154 2.51 72.23 14.13
N PHE A 1155 3.50 73.05 14.48
CA PHE A 1155 4.01 73.05 15.85
C PHE A 1155 3.57 74.30 16.61
N LYS A 1156 2.43 74.85 16.17
CA LYS A 1156 1.72 75.91 16.90
C LYS A 1156 0.25 75.51 16.97
N SER A 1157 -0.27 75.07 15.83
CA SER A 1157 -1.61 74.47 15.73
C SER A 1157 -1.55 73.00 16.17
N SER A 1158 -0.64 72.73 17.10
CA SER A 1158 -0.52 71.45 17.77
C SER A 1158 -1.13 71.56 19.17
N ASP A 1159 -1.11 70.47 19.93
CA ASP A 1159 -1.73 70.42 21.25
C ASP A 1159 -0.80 70.89 22.37
N GLY A 1160 0.22 71.67 22.03
CA GLY A 1160 1.30 72.01 22.96
C GLY A 1160 2.55 71.18 22.70
N VAL A 1161 2.62 70.53 21.54
CA VAL A 1161 3.77 69.75 21.16
C VAL A 1161 4.79 70.58 20.43
N ASN A 1162 5.95 70.73 21.03
CA ASN A 1162 7.01 71.52 20.45
C ASN A 1162 7.97 70.68 19.61
N GLU A 1163 8.62 71.33 18.64
CA GLU A 1163 9.57 70.69 17.73
C GLU A 1163 10.60 69.76 18.42
N LYS A 1164 11.20 70.21 19.51
CA LYS A 1164 12.14 69.38 20.27
C LYS A 1164 11.52 68.05 20.72
N LYS A 1165 10.36 68.13 21.37
CA LYS A 1165 9.70 66.96 21.96
C LYS A 1165 9.36 65.93 20.89
N PHE A 1166 8.95 66.40 19.72
CA PHE A 1166 8.55 65.48 18.66
C PHE A 1166 9.72 64.71 18.09
N ARG A 1167 10.85 65.40 17.93
CA ARG A 1167 12.08 64.75 17.48
C ARG A 1167 12.44 63.61 18.43
N ALA A 1168 12.45 63.90 19.73
CA ALA A 1168 12.76 62.90 20.73
C ALA A 1168 11.84 61.68 20.59
N LEU A 1169 10.54 61.92 20.45
CA LEU A 1169 9.59 60.82 20.40
C LEU A 1169 9.82 59.97 19.16
N MET A 1170 10.03 60.63 18.04
CA MET A 1170 10.29 59.91 16.79
C MET A 1170 11.57 59.09 16.88
N GLN A 1171 12.56 59.63 17.58
CA GLN A 1171 13.83 58.94 17.83
C GLN A 1171 13.63 57.70 18.69
N LEU A 1172 12.73 57.83 19.66
CA LEU A 1172 12.37 56.71 20.51
C LEU A 1172 11.58 55.68 19.72
N LYS A 1173 10.80 56.15 18.75
CA LYS A 1173 10.03 55.21 17.94
C LYS A 1173 11.00 54.31 17.15
N TYR A 1174 12.02 54.93 16.55
CA TYR A 1174 13.04 54.20 15.81
C TYR A 1174 13.62 53.12 16.71
N MET A 1175 13.99 53.48 17.92
CA MET A 1175 14.56 52.55 18.91
C MET A 1175 13.68 51.33 19.12
N ARG A 1176 12.36 51.55 19.12
CA ARG A 1176 11.40 50.50 19.43
C ARG A 1176 10.93 49.77 18.17
N SER A 1177 11.55 50.08 17.04
CA SER A 1177 11.21 49.40 15.79
C SER A 1177 12.33 48.47 15.33
N LEU A 1178 13.30 48.27 16.22
CA LEU A 1178 14.45 47.40 15.93
C LEU A 1178 14.11 45.91 15.82
N ILE A 1179 14.72 45.26 14.83
CA ILE A 1179 14.47 43.85 14.53
C ILE A 1179 15.04 42.96 15.62
N ASN A 1180 14.36 41.85 15.89
CA ASN A 1180 14.82 40.92 16.91
C ASN A 1180 16.17 40.32 16.55
N PRO A 1181 17.04 40.21 17.55
CA PRO A 1181 18.03 39.13 17.62
C PRO A 1181 17.34 37.77 17.68
N GLY A 1182 17.72 36.86 16.79
CA GLY A 1182 17.05 35.59 16.74
C GLY A 1182 16.27 35.36 15.46
N GLU A 1183 15.88 36.41 14.73
CA GLU A 1183 15.05 36.24 13.52
C GLU A 1183 15.71 35.43 12.42
N ALA A 1184 15.02 34.41 11.96
CA ALA A 1184 15.42 33.63 10.81
C ALA A 1184 15.28 34.42 9.48
N VAL A 1185 16.06 35.49 9.32
CA VAL A 1185 15.95 36.32 8.14
C VAL A 1185 16.29 35.57 6.85
N GLY A 1186 17.14 34.57 6.97
CA GLY A 1186 17.50 33.73 5.85
C GLY A 1186 16.33 32.94 5.30
N ILE A 1187 15.65 32.17 6.16
CA ILE A 1187 14.41 31.47 5.73
C ILE A 1187 13.41 32.48 5.13
N ILE A 1188 13.22 33.60 5.83
CA ILE A 1188 12.24 34.61 5.38
C ILE A 1188 12.58 35.21 4.01
N ALA A 1189 13.85 35.52 3.76
CA ALA A 1189 14.25 36.01 2.45
C ALA A 1189 13.96 34.96 1.40
N SER A 1190 14.23 33.71 1.72
CA SER A 1190 13.93 32.65 0.79
C SER A 1190 12.45 32.62 0.45
N GLN A 1191 11.61 32.81 1.45
CA GLN A 1191 10.17 32.71 1.20
C GLN A 1191 9.69 33.96 0.46
N SER A 1192 10.35 35.09 0.71
CA SER A 1192 9.97 36.34 0.07
C SER A 1192 10.41 36.41 -1.40
N VAL A 1193 11.15 35.43 -1.85
CA VAL A 1193 11.51 35.36 -3.26
C VAL A 1193 10.78 34.19 -3.93
N GLY A 1194 10.72 33.05 -3.25
CA GLY A 1194 10.10 31.87 -3.81
C GLY A 1194 8.60 31.98 -3.89
N GLU A 1195 7.97 32.35 -2.79
CA GLU A 1195 6.51 32.49 -2.74
C GLU A 1195 5.98 33.50 -3.78
N PRO A 1196 6.46 34.77 -3.78
CA PRO A 1196 5.91 35.70 -4.76
C PRO A 1196 6.19 35.30 -6.21
N SER A 1197 7.23 34.51 -6.44
CA SER A 1197 7.56 34.11 -7.80
C SER A 1197 6.55 33.11 -8.39
N THR A 1198 5.65 32.58 -7.56
CA THR A 1198 4.61 31.70 -8.08
C THR A 1198 3.58 32.48 -8.91
N GLN A 1199 3.61 33.80 -8.78
CA GLN A 1199 2.77 34.69 -9.57
C GLN A 1199 3.34 34.96 -10.95
N MET A 1200 4.52 34.39 -11.21
CA MET A 1200 5.21 34.54 -12.49
C MET A 1200 5.24 33.25 -13.28
N THR A 1201 4.35 32.34 -12.94
CA THR A 1201 4.32 31.04 -13.59
C THR A 1201 3.98 31.18 -15.09
N LEU A 1202 3.34 32.28 -15.47
CA LEU A 1202 2.90 32.55 -16.85
C LEU A 1202 3.40 33.92 -17.34
N ASN A 1203 2.91 34.37 -18.50
CA ASN A 1203 3.40 35.62 -19.12
C ASN A 1203 2.42 36.39 -20.04
N THR A 1204 2.72 37.68 -20.27
CA THR A 1204 1.91 38.57 -21.12
C THR A 1204 2.35 38.54 -22.59
N PHE A 1205 1.61 39.25 -23.45
CA PHE A 1205 1.91 39.41 -24.88
C PHE A 1205 1.38 40.75 -25.40
N ALA A 1213 14.80 45.71 -26.69
CA ALA A 1213 15.38 44.92 -25.61
C ALA A 1213 15.19 43.41 -25.81
N ASN A 1214 14.02 42.90 -25.42
CA ASN A 1214 13.67 41.47 -25.59
C ASN A 1214 14.49 40.55 -24.68
N VAL A 1215 14.29 40.69 -23.38
CA VAL A 1215 15.15 40.05 -22.41
C VAL A 1215 14.49 38.79 -21.77
N THR A 1216 15.27 37.97 -21.05
CA THR A 1216 14.71 36.80 -20.35
C THR A 1216 13.91 37.22 -19.10
N LEU A 1217 12.74 36.63 -18.91
CA LEU A 1217 11.85 37.08 -17.84
C LEU A 1217 11.50 36.05 -16.78
N GLY A 1218 10.76 36.50 -15.78
CA GLY A 1218 10.14 35.63 -14.80
C GLY A 1218 11.01 34.54 -14.22
N ILE A 1219 10.43 33.36 -14.04
CA ILE A 1219 11.16 32.29 -13.39
C ILE A 1219 12.45 31.85 -14.13
N PRO A 1220 12.39 31.65 -15.44
CA PRO A 1220 13.64 31.29 -16.13
C PRO A 1220 14.78 32.23 -15.78
N ARG A 1221 14.50 33.52 -15.77
CA ARG A 1221 15.54 34.48 -15.46
C ARG A 1221 15.99 34.34 -14.02
N LEU A 1222 15.02 34.20 -13.12
CA LEU A 1222 15.32 34.07 -11.71
C LEU A 1222 16.21 32.86 -11.48
N ARG A 1223 16.03 31.81 -12.28
CA ARG A 1223 16.91 30.63 -12.23
C ARG A 1223 18.30 30.92 -12.74
N GLU A 1224 18.41 31.70 -13.83
CA GLU A 1224 19.71 32.04 -14.40
C GLU A 1224 20.58 32.76 -13.39
N ILE A 1225 19.94 33.54 -12.52
CA ILE A 1225 20.66 34.35 -11.53
C ILE A 1225 20.96 33.55 -10.27
N VAL A 1226 19.94 32.91 -9.72
CA VAL A 1226 20.01 32.33 -8.38
C VAL A 1226 20.39 30.86 -8.37
N MET A 1227 20.01 30.14 -9.41
CA MET A 1227 20.16 28.70 -9.43
C MET A 1227 21.36 28.14 -10.17
N THR A 1228 21.84 28.88 -11.17
CA THR A 1228 22.97 28.39 -11.95
C THR A 1228 24.13 29.37 -11.88
N ALA A 1229 23.83 30.63 -11.59
CA ALA A 1229 24.81 31.71 -11.68
C ALA A 1229 25.59 31.60 -12.99
N SER A 1230 24.88 31.72 -14.11
CA SER A 1230 25.50 31.40 -15.39
C SER A 1230 26.45 32.52 -15.83
N ALA A 1231 27.58 32.10 -16.39
CA ALA A 1231 28.50 33.01 -17.04
C ALA A 1231 27.91 33.32 -18.41
N ALA A 1232 27.11 32.36 -18.91
CA ALA A 1232 26.47 32.43 -20.21
C ALA A 1232 24.97 32.48 -20.13
N ILE A 1233 24.42 33.66 -19.87
CA ILE A 1233 22.96 33.83 -19.78
C ILE A 1233 22.38 33.94 -21.17
N LYS A 1234 21.06 33.80 -21.28
CA LYS A 1234 20.43 33.75 -22.59
C LYS A 1234 20.39 35.08 -23.34
N THR A 1235 20.17 36.18 -22.64
CA THR A 1235 20.12 37.46 -23.31
C THR A 1235 20.97 38.54 -22.60
N PRO A 1236 22.30 38.42 -22.68
CA PRO A 1236 23.20 39.39 -22.05
C PRO A 1236 23.07 40.79 -22.67
N GLN A 1237 23.16 41.84 -21.85
CA GLN A 1237 23.00 43.21 -22.33
C GLN A 1237 23.85 44.19 -21.54
N MET A 1238 24.33 45.25 -22.20
CA MET A 1238 24.89 46.39 -21.51
C MET A 1238 23.97 47.56 -21.76
N THR A 1239 23.91 48.45 -20.79
CA THR A 1239 23.12 49.66 -20.93
C THR A 1239 24.09 50.83 -20.89
N LEU A 1240 24.08 51.64 -21.94
CA LEU A 1240 25.08 52.71 -22.07
C LEU A 1240 24.41 54.06 -21.97
N PRO A 1241 24.69 54.80 -20.89
CA PRO A 1241 24.12 56.13 -20.74
C PRO A 1241 24.88 57.07 -21.64
N ILE A 1242 24.19 57.95 -22.37
CA ILE A 1242 24.85 58.83 -23.33
C ILE A 1242 24.86 60.30 -22.90
N TRP A 1243 25.98 60.97 -23.15
CA TRP A 1243 26.10 62.39 -22.86
C TRP A 1243 25.00 63.26 -23.45
N ASN A 1244 24.89 64.48 -22.92
CA ASN A 1244 23.84 65.39 -23.34
C ASN A 1244 24.14 66.08 -24.65
N ASP A 1245 25.43 66.21 -24.97
CA ASP A 1245 25.82 66.82 -26.23
C ASP A 1245 25.65 65.86 -27.42
N VAL A 1246 25.39 64.58 -27.11
CA VAL A 1246 25.03 63.61 -28.14
C VAL A 1246 23.54 63.75 -28.41
N SER A 1247 23.20 64.29 -29.57
CA SER A 1247 21.80 64.42 -29.95
C SER A 1247 21.21 63.05 -30.23
N ASP A 1248 19.92 63.02 -30.50
CA ASP A 1248 19.26 61.76 -30.82
C ASP A 1248 19.68 61.18 -32.18
N GLU A 1249 20.08 62.02 -33.12
CA GLU A 1249 20.45 61.49 -34.42
C GLU A 1249 21.81 60.84 -34.31
N GLN A 1250 22.69 61.47 -33.55
CA GLN A 1250 24.05 60.98 -33.39
C GLN A 1250 24.04 59.67 -32.63
N ALA A 1251 23.07 59.51 -31.74
CA ALA A 1251 22.95 58.29 -30.98
C ALA A 1251 22.55 57.17 -31.91
N ASP A 1252 21.53 57.44 -32.73
CA ASP A 1252 21.02 56.45 -33.66
C ASP A 1252 22.12 55.95 -34.61
N THR A 1253 22.88 56.89 -35.18
CA THR A 1253 24.04 56.55 -35.99
C THR A 1253 25.05 55.72 -35.22
N PHE A 1254 25.41 56.18 -34.03
CA PHE A 1254 26.32 55.43 -33.18
C PHE A 1254 25.89 53.98 -32.98
N CYS A 1255 24.59 53.74 -32.82
CA CYS A 1255 24.08 52.37 -32.68
C CYS A 1255 24.45 51.56 -33.91
N LYS A 1256 24.27 52.15 -35.08
CA LYS A 1256 24.50 51.43 -36.31
C LYS A 1256 25.97 51.05 -36.38
N SER A 1257 26.83 51.92 -35.86
CA SER A 1257 28.26 51.72 -35.99
C SER A 1257 28.82 50.59 -35.13
N ILE A 1258 28.20 50.32 -33.98
CA ILE A 1258 28.69 49.22 -33.16
C ILE A 1258 27.88 47.93 -33.30
N SER A 1259 26.88 47.93 -34.16
CA SER A 1259 26.08 46.73 -34.40
C SER A 1259 26.76 45.84 -35.41
N LYS A 1260 26.59 44.53 -35.26
CA LYS A 1260 27.09 43.53 -36.20
C LYS A 1260 26.35 43.66 -37.53
N VAL A 1261 27.03 43.34 -38.63
CA VAL A 1261 26.39 42.74 -39.81
C VAL A 1261 27.03 41.44 -40.36
N LEU A 1262 26.20 40.41 -40.59
CA LEU A 1262 26.52 39.25 -41.45
C LEU A 1262 26.31 39.44 -42.97
N LEU A 1263 26.92 38.58 -43.80
CA LEU A 1263 27.08 38.90 -45.22
C LEU A 1263 25.74 38.79 -45.93
N SER A 1264 24.94 37.84 -45.50
CA SER A 1264 23.62 37.62 -46.08
C SER A 1264 22.74 38.84 -45.92
N GLU A 1265 23.00 39.64 -44.89
CA GLU A 1265 22.12 40.76 -44.63
C GLU A 1265 22.19 41.83 -45.74
N VAL A 1266 23.33 41.92 -46.42
CA VAL A 1266 23.49 42.93 -47.47
C VAL A 1266 23.35 42.36 -48.88
N ILE A 1267 23.16 41.06 -48.98
CA ILE A 1267 23.00 40.43 -50.29
C ILE A 1267 21.56 40.43 -50.73
N ASP A 1268 21.30 40.96 -51.91
CA ASP A 1268 19.96 40.87 -52.47
C ASP A 1268 19.80 39.52 -53.15
N LYS A 1269 20.78 39.14 -53.96
CA LYS A 1269 20.61 37.93 -54.75
C LYS A 1269 21.97 37.41 -55.22
N VAL A 1270 22.09 36.08 -55.29
CA VAL A 1270 23.28 35.47 -55.88
C VAL A 1270 22.86 34.68 -57.11
N ILE A 1271 23.59 34.88 -58.20
CA ILE A 1271 23.30 34.18 -59.46
C ILE A 1271 24.51 33.32 -59.80
N VAL A 1272 24.27 32.03 -60.06
CA VAL A 1272 25.35 31.10 -60.35
C VAL A 1272 25.19 30.48 -61.72
N THR A 1273 26.23 30.63 -62.53
CA THR A 1273 26.26 30.10 -63.88
C THR A 1273 27.31 28.98 -63.97
N GLU A 1274 26.85 27.78 -64.29
CA GLU A 1274 27.71 26.62 -64.34
C GLU A 1274 27.86 26.09 -65.77
N THR A 1275 29.09 25.77 -66.18
CA THR A 1275 29.34 25.24 -67.53
C THR A 1275 30.28 24.03 -67.54
N THR A 1276 30.34 23.34 -68.68
CA THR A 1276 31.22 22.17 -68.82
C THR A 1276 31.88 22.10 -70.19
N ALA A 1286 37.90 22.35 -70.50
CA ALA A 1286 38.94 21.62 -69.77
C ALA A 1286 38.48 21.09 -68.41
N ALA A 1287 37.46 21.74 -67.83
CA ALA A 1287 36.95 21.41 -66.49
C ALA A 1287 35.56 21.98 -66.22
N ARG A 1288 35.09 21.82 -64.97
CA ARG A 1288 33.73 22.25 -64.60
C ARG A 1288 33.74 23.58 -63.83
N SER A 1289 33.16 24.62 -64.43
CA SER A 1289 33.31 25.97 -63.90
C SER A 1289 32.02 26.67 -63.43
N TYR A 1290 32.14 27.42 -62.34
CA TYR A 1290 31.03 28.14 -61.73
C TYR A 1290 31.31 29.63 -61.66
N VAL A 1291 30.45 30.43 -62.29
CA VAL A 1291 30.54 31.87 -62.13
C VAL A 1291 29.52 32.36 -61.09
N ILE A 1292 30.05 32.80 -59.96
CA ILE A 1292 29.26 33.25 -58.82
C ILE A 1292 29.21 34.77 -58.80
N HIS A 1293 28.03 35.33 -59.06
CA HIS A 1293 27.84 36.78 -59.11
C HIS A 1293 26.92 37.22 -57.99
N MET A 1294 27.43 38.03 -57.07
CA MET A 1294 26.63 38.50 -55.93
C MET A 1294 26.06 39.90 -56.21
N ARG A 1295 24.75 40.03 -56.14
CA ARG A 1295 24.13 41.36 -56.27
C ARG A 1295 23.70 41.86 -54.89
N PHE A 1296 24.38 42.89 -54.39
CA PHE A 1296 24.01 43.44 -53.09
C PHE A 1296 22.88 44.45 -53.26
N PHE A 1297 22.34 44.91 -52.14
CA PHE A 1297 21.16 45.75 -52.16
C PHE A 1297 21.49 47.20 -51.82
N ASP A 1298 21.07 48.12 -52.66
CA ASP A 1298 21.94 48.68 -53.69
C ASP A 1298 23.07 49.51 -53.09
N ASN A 1299 24.25 49.44 -53.71
CA ASN A 1299 25.41 50.12 -53.17
C ASN A 1299 25.03 51.33 -52.34
N ASN A 1300 24.14 52.15 -52.89
CA ASN A 1300 23.71 53.34 -52.19
C ASN A 1300 23.04 52.97 -50.86
N GLU A 1301 22.23 51.91 -50.89
CA GLU A 1301 21.53 51.49 -49.67
C GLU A 1301 22.47 51.05 -48.55
N TYR A 1302 23.45 50.20 -48.85
CA TYR A 1302 24.32 49.72 -47.78
C TYR A 1302 25.40 50.72 -47.39
N SER A 1303 25.78 51.62 -48.30
CA SER A 1303 26.64 52.71 -47.88
C SER A 1303 25.88 53.56 -46.88
N GLU A 1304 24.65 53.89 -47.22
CA GLU A 1304 23.84 54.77 -46.37
C GLU A 1304 23.66 54.14 -45.00
N GLU A 1305 23.26 52.87 -45.02
CA GLU A 1305 22.92 52.14 -43.80
C GLU A 1305 24.08 51.78 -42.88
N TYR A 1306 25.21 51.36 -43.43
CA TYR A 1306 26.29 50.86 -42.59
C TYR A 1306 27.60 51.62 -42.75
N ASP A 1307 27.63 52.61 -43.65
CA ASP A 1307 28.87 53.28 -44.03
C ASP A 1307 29.92 52.25 -44.51
N VAL A 1308 29.57 51.51 -45.55
CA VAL A 1308 30.44 50.49 -46.12
C VAL A 1308 30.65 50.76 -47.61
N SER A 1309 31.92 50.70 -48.01
CA SER A 1309 32.46 51.43 -49.14
C SER A 1309 32.55 50.50 -50.33
N LYS A 1310 33.45 50.84 -51.25
CA LYS A 1310 34.14 49.80 -52.01
C LYS A 1310 34.94 48.88 -51.09
N GLU A 1311 35.62 49.45 -50.09
CA GLU A 1311 36.95 48.93 -49.72
C GLU A 1311 36.85 47.82 -48.67
N GLU A 1312 36.11 48.10 -47.59
CA GLU A 1312 35.86 47.11 -46.55
C GLU A 1312 35.31 45.83 -47.16
N LEU A 1313 34.40 46.01 -48.12
CA LEU A 1313 33.71 44.89 -48.74
C LEU A 1313 34.69 44.06 -49.59
N GLN A 1314 35.45 44.72 -50.44
CA GLN A 1314 36.50 44.05 -51.22
C GLN A 1314 37.46 43.32 -50.31
N ASN A 1315 37.80 43.97 -49.19
CA ASN A 1315 38.82 43.48 -48.30
C ASN A 1315 38.46 42.12 -47.69
N VAL A 1316 37.17 41.91 -47.46
CA VAL A 1316 36.68 40.70 -46.81
C VAL A 1316 36.63 39.54 -47.79
N ILE A 1317 36.28 39.85 -49.02
CA ILE A 1317 36.25 38.86 -50.07
C ILE A 1317 37.67 38.38 -50.38
N SER A 1318 38.60 39.33 -50.51
CA SER A 1318 40.01 39.03 -50.78
C SER A 1318 40.66 38.15 -49.70
N ASN A 1319 40.40 38.47 -48.44
CA ASN A 1319 40.97 37.72 -47.34
C ASN A 1319 40.09 36.57 -46.84
N GLN A 1320 39.27 36.83 -45.83
CA GLN A 1320 38.63 35.73 -45.13
C GLN A 1320 37.52 34.97 -45.89
N PHE A 1321 36.97 35.52 -46.97
CA PHE A 1321 35.86 34.84 -47.64
C PHE A 1321 36.33 33.66 -48.50
N ILE A 1322 37.23 33.95 -49.44
CA ILE A 1322 37.80 32.94 -50.30
C ILE A 1322 38.41 31.82 -49.48
N HIS A 1323 39.12 32.19 -48.41
CA HIS A 1323 39.78 31.18 -47.58
C HIS A 1323 38.74 30.19 -47.09
N LEU A 1324 37.71 30.72 -46.46
CA LEU A 1324 36.61 29.91 -45.96
C LEU A 1324 35.94 29.08 -47.04
N LEU A 1325 35.73 29.65 -48.22
CA LEU A 1325 35.11 28.92 -49.33
C LEU A 1325 35.96 27.75 -49.80
N GLU A 1326 37.25 27.98 -50.04
CA GLU A 1326 38.15 26.90 -50.44
C GLU A 1326 38.24 25.85 -49.34
N ALA A 1327 38.28 26.34 -48.11
CA ALA A 1327 38.26 25.48 -46.93
C ALA A 1327 37.08 24.51 -46.99
N ALA A 1328 35.89 25.09 -47.20
CA ALA A 1328 34.66 24.34 -47.31
C ALA A 1328 34.68 23.38 -48.50
N ILE A 1329 35.26 23.83 -49.61
CA ILE A 1329 35.34 23.01 -50.80
C ILE A 1329 36.23 21.78 -50.60
N VAL A 1330 37.42 22.01 -50.05
CA VAL A 1330 38.37 20.94 -49.78
C VAL A 1330 37.72 19.86 -48.92
N LYS A 1331 37.03 20.31 -47.88
CA LYS A 1331 36.33 19.43 -46.94
C LYS A 1331 35.22 18.63 -47.63
N GLU A 1332 34.66 19.16 -48.71
CA GLU A 1332 33.58 18.47 -49.41
C GLU A 1332 34.14 17.49 -50.45
N ILE A 1333 35.27 17.86 -51.03
CA ILE A 1333 35.97 16.95 -51.94
C ILE A 1333 36.44 15.74 -51.15
N LYS A 1334 36.94 16.01 -49.95
CA LYS A 1334 37.35 14.97 -49.01
C LYS A 1334 36.23 13.96 -48.82
N LYS A 1335 35.02 14.47 -48.54
CA LYS A 1335 33.86 13.63 -48.24
C LYS A 1335 33.53 12.68 -49.38
N GLN A 1336 33.83 13.10 -50.61
CA GLN A 1336 33.55 12.31 -51.81
C GLN A 1336 34.43 11.06 -51.95
N LYS A 1337 35.29 10.83 -50.96
CA LYS A 1337 36.21 9.70 -51.01
C LYS A 1337 36.03 8.77 -49.81
N ARG A 1338 35.63 9.36 -48.68
CA ARG A 1338 35.32 8.61 -47.44
C ARG A 1338 33.91 8.00 -47.45
N THR A 1339 33.80 6.79 -48.03
CA THR A 1339 32.55 6.02 -48.21
C THR A 1339 31.28 6.47 -47.47
N ASN A 1440 41.96 48.90 -62.97
CA ASN A 1440 42.18 47.57 -63.52
C ASN A 1440 43.65 47.11 -63.50
N LYS A 1441 44.43 47.65 -62.58
CA LYS A 1441 45.73 47.06 -62.27
C LYS A 1441 45.89 46.94 -60.75
N VAL A 1442 45.24 47.85 -60.02
CA VAL A 1442 45.02 47.69 -58.60
C VAL A 1442 44.17 46.44 -58.47
N GLN A 1443 43.31 46.27 -59.46
CA GLN A 1443 42.37 45.18 -59.55
C GLN A 1443 42.99 43.91 -60.10
N ARG A 1444 43.59 44.03 -61.27
CA ARG A 1444 44.30 42.94 -61.94
C ARG A 1444 45.19 42.20 -60.95
N ASP A 1445 45.93 42.96 -60.14
CA ASP A 1445 46.84 42.41 -59.13
C ASP A 1445 46.15 41.85 -57.88
N ARG A 1446 45.16 42.58 -57.35
CA ARG A 1446 44.33 42.08 -56.25
C ARG A 1446 43.68 40.75 -56.59
N GLN A 1447 43.33 40.57 -57.86
CA GLN A 1447 42.78 39.31 -58.35
C GLN A 1447 43.82 38.20 -58.23
N SER A 1448 45.03 38.47 -58.72
CA SER A 1448 46.10 37.46 -58.66
C SER A 1448 46.49 37.13 -57.24
N ALA A 1449 46.44 38.15 -56.39
CA ALA A 1449 46.71 37.96 -54.98
C ALA A 1449 45.70 36.98 -54.41
N ILE A 1450 44.46 37.09 -54.85
CA ILE A 1450 43.41 36.22 -54.34
C ILE A 1450 43.52 34.83 -54.92
N ILE A 1451 43.90 34.75 -56.19
CA ILE A 1451 44.01 33.44 -56.82
C ILE A 1451 45.10 32.61 -56.15
N SER A 1452 46.20 33.26 -55.76
CA SER A 1452 47.33 32.54 -55.17
C SER A 1452 47.11 32.13 -53.71
N HIS A 1453 46.09 32.70 -53.06
CA HIS A 1453 45.77 32.36 -51.67
C HIS A 1453 44.59 31.39 -51.53
N HIS A 1454 44.19 30.75 -52.63
CA HIS A 1454 43.00 29.88 -52.62
C HIS A 1454 43.11 28.69 -53.57
N ARG A 1455 42.19 27.74 -53.41
CA ARG A 1455 42.31 26.46 -54.08
C ARG A 1455 41.67 26.37 -55.49
N PHE A 1456 40.58 27.10 -55.74
CA PHE A 1456 39.80 26.93 -56.98
C PHE A 1456 39.43 28.20 -57.76
N ILE A 1457 39.89 29.36 -57.34
CA ILE A 1457 39.40 30.60 -57.96
C ILE A 1457 40.20 30.91 -59.20
N THR A 1458 39.54 31.29 -60.29
CA THR A 1458 40.28 31.65 -61.50
C THR A 1458 40.10 33.09 -61.92
N LYS A 1459 39.00 33.72 -61.50
CA LYS A 1459 38.78 35.15 -61.68
C LYS A 1459 38.15 35.76 -60.41
N TYR A 1460 38.32 37.07 -60.21
CA TYR A 1460 37.73 37.75 -59.04
C TYR A 1460 37.57 39.24 -59.29
N ASN A 1461 36.36 39.74 -59.12
CA ASN A 1461 36.17 41.17 -59.27
C ASN A 1461 35.10 41.77 -58.36
N PHE A 1462 35.37 42.98 -57.89
CA PHE A 1462 34.46 43.70 -57.02
C PHE A 1462 34.07 45.03 -57.63
N ASP A 1463 32.80 45.40 -57.52
CA ASP A 1463 32.35 46.72 -57.94
C ASP A 1463 32.96 47.77 -57.02
N ASP A 1464 34.21 48.12 -57.27
CA ASP A 1464 34.93 49.07 -56.43
C ASP A 1464 34.33 50.47 -56.48
N GLU A 1465 33.64 50.80 -57.57
CA GLU A 1465 33.05 52.14 -57.69
C GLU A 1465 31.77 52.32 -56.88
N SER A 1466 30.78 51.45 -57.08
CA SER A 1466 29.43 51.68 -56.58
C SER A 1466 28.98 50.65 -55.56
N GLY A 1467 29.83 49.65 -55.37
CA GLY A 1467 29.59 48.61 -54.39
C GLY A 1467 28.34 47.79 -54.56
N LYS A 1468 27.89 47.57 -55.80
CA LYS A 1468 26.64 46.87 -56.04
C LYS A 1468 26.84 45.39 -56.34
N TRP A 1469 28.06 44.99 -56.64
CA TRP A 1469 28.22 43.57 -56.97
C TRP A 1469 29.60 43.03 -56.68
N CYS A 1470 29.67 41.72 -56.63
CA CYS A 1470 30.93 41.03 -56.58
C CYS A 1470 30.74 39.83 -57.48
N GLU A 1471 31.75 39.52 -58.28
CA GLU A 1471 31.72 38.32 -59.13
C GLU A 1471 33.08 37.62 -59.15
N PHE A 1472 33.07 36.31 -59.03
CA PHE A 1472 34.29 35.52 -59.19
C PHE A 1472 33.97 34.16 -59.79
N LYS A 1473 35.01 33.46 -60.24
CA LYS A 1473 34.82 32.21 -60.97
C LYS A 1473 35.61 31.09 -60.30
N LEU A 1474 34.91 30.02 -59.95
CA LEU A 1474 35.56 28.82 -59.42
C LEU A 1474 35.66 27.75 -60.50
N GLU A 1475 36.86 27.23 -60.72
CA GLU A 1475 37.01 26.06 -61.58
C GLU A 1475 37.34 24.82 -60.75
N LEU A 1476 36.47 23.82 -60.84
CA LEU A 1476 36.69 22.55 -60.15
C LEU A 1476 37.11 21.48 -61.15
N ALA A 1477 37.83 20.48 -60.64
CA ALA A 1477 38.27 19.33 -61.41
C ALA A 1477 37.17 18.79 -62.34
N ALA A 1478 37.56 18.38 -63.54
CA ALA A 1478 36.60 17.96 -64.56
C ALA A 1478 35.74 16.76 -64.12
N ASP A 1479 36.37 15.81 -63.43
CA ASP A 1479 35.68 14.58 -63.01
C ASP A 1479 34.60 14.78 -61.93
N THR A 1480 34.72 15.86 -61.15
CA THR A 1480 33.77 16.18 -60.09
C THR A 1480 32.31 16.14 -60.58
N GLU A 1481 31.47 15.39 -59.88
CA GLU A 1481 30.05 15.31 -60.21
C GLU A 1481 29.32 16.50 -59.58
N LYS A 1482 28.13 16.81 -60.09
CA LYS A 1482 27.48 18.11 -59.85
C LYS A 1482 27.21 18.51 -58.41
N LEU A 1483 27.45 19.80 -58.14
CA LEU A 1483 27.17 20.41 -56.87
C LEU A 1483 25.97 21.37 -56.92
N LEU A 1484 25.25 21.45 -55.82
CA LEU A 1484 24.23 22.48 -55.66
C LEU A 1484 24.91 23.76 -55.19
N MET A 1485 25.74 24.32 -56.06
CA MET A 1485 26.62 25.43 -55.73
C MET A 1485 25.90 26.65 -55.15
N VAL A 1486 24.73 26.94 -55.70
CA VAL A 1486 24.02 28.12 -55.24
C VAL A 1486 23.71 27.91 -53.75
N ASN A 1487 23.27 26.70 -53.41
CA ASN A 1487 22.93 26.37 -52.03
C ASN A 1487 24.10 26.28 -51.09
N ILE A 1488 25.19 25.66 -51.52
CA ILE A 1488 26.42 25.74 -50.75
C ILE A 1488 26.76 27.21 -50.45
N VAL A 1489 26.70 28.05 -51.48
CA VAL A 1489 26.94 29.48 -51.31
C VAL A 1489 25.99 30.17 -50.33
N GLU A 1490 24.70 29.86 -50.41
CA GLU A 1490 23.71 30.40 -49.48
C GLU A 1490 24.14 30.15 -48.03
N GLU A 1491 24.52 28.91 -47.73
CA GLU A 1491 24.91 28.55 -46.39
C GLU A 1491 26.13 29.32 -45.90
N ILE A 1492 27.09 29.58 -46.78
CA ILE A 1492 28.31 30.22 -46.32
C ILE A 1492 28.04 31.71 -46.09
N CYS A 1493 27.11 32.24 -46.87
CA CYS A 1493 26.72 33.65 -46.72
C CYS A 1493 26.12 33.94 -45.34
N ARG A 1494 25.33 32.99 -44.82
CA ARG A 1494 24.63 33.21 -43.57
C ARG A 1494 25.55 33.05 -42.37
N LYS A 1495 26.78 32.63 -42.63
CA LYS A 1495 27.81 32.45 -41.61
C LYS A 1495 28.85 33.55 -41.69
N SER A 1496 29.07 34.11 -42.87
CA SER A 1496 30.11 35.13 -43.02
C SER A 1496 29.81 36.40 -42.25
N ILE A 1497 30.78 36.84 -41.46
CA ILE A 1497 30.58 38.00 -40.60
C ILE A 1497 31.25 39.26 -41.13
N ILE A 1498 30.48 40.17 -41.72
CA ILE A 1498 31.07 41.32 -42.40
C ILE A 1498 31.84 42.30 -41.51
N ARG A 1499 31.25 42.67 -40.38
CA ARG A 1499 31.90 43.53 -39.37
C ARG A 1499 31.21 43.38 -38.02
N GLN A 1500 31.86 43.78 -36.92
CA GLN A 1500 31.34 43.31 -35.65
C GLN A 1500 32.31 43.55 -34.50
N ILE A 1501 31.81 44.14 -33.44
CA ILE A 1501 32.58 44.23 -32.21
C ILE A 1501 32.41 42.89 -31.53
N PRO A 1502 33.53 42.26 -31.09
CA PRO A 1502 33.53 40.98 -30.38
C PRO A 1502 32.45 40.94 -29.31
N HIS A 1503 31.56 39.95 -29.43
CA HIS A 1503 30.49 39.67 -28.47
C HIS A 1503 29.26 40.54 -28.60
N ILE A 1504 29.32 41.58 -29.41
CA ILE A 1504 28.15 42.43 -29.55
C ILE A 1504 27.40 42.12 -30.83
N ASP A 1505 26.07 42.01 -30.72
CA ASP A 1505 25.22 41.85 -31.90
C ASP A 1505 24.66 43.17 -32.32
N ARG A 1506 23.54 43.55 -31.73
CA ARG A 1506 22.81 44.73 -32.13
C ARG A 1506 22.85 45.74 -30.99
N CYS A 1507 22.97 47.01 -31.34
CA CYS A 1507 22.82 48.06 -30.35
C CYS A 1507 21.57 48.81 -30.75
N VAL A 1508 20.83 49.25 -29.75
CA VAL A 1508 19.52 49.81 -30.00
C VAL A 1508 19.35 51.03 -29.12
N HIS A 1509 18.56 51.98 -29.62
CA HIS A 1509 18.26 53.24 -28.94
C HIS A 1509 16.82 53.23 -28.46
N PRO A 1510 16.57 52.87 -27.19
CA PRO A 1510 15.18 52.85 -26.73
C PRO A 1510 14.75 54.22 -26.20
N GLU A 1511 13.46 54.37 -25.90
CA GLU A 1511 12.92 55.63 -25.39
C GLU A 1511 13.49 55.95 -24.01
N PRO A 1512 13.80 57.24 -23.76
CA PRO A 1512 14.48 57.68 -22.54
C PRO A 1512 13.72 57.22 -21.31
N GLU A 1513 14.07 56.08 -20.75
CA GLU A 1513 13.32 55.59 -19.61
C GLU A 1513 13.67 56.35 -18.32
N ASN A 1514 12.63 56.88 -17.66
CA ASN A 1514 12.74 57.80 -16.51
C ASN A 1514 13.64 59.04 -16.69
N GLY A 1515 13.81 59.47 -17.94
CA GLY A 1515 14.65 60.62 -18.24
C GLY A 1515 16.11 60.27 -18.09
N LYS A 1516 16.41 58.98 -18.24
CA LYS A 1516 17.78 58.49 -18.34
C LYS A 1516 18.06 58.12 -19.80
N ARG A 1517 18.79 58.97 -20.50
CA ARG A 1517 19.08 58.73 -21.91
C ARG A 1517 20.13 57.65 -22.07
N VAL A 1518 19.76 56.59 -22.78
CA VAL A 1518 20.46 55.34 -22.69
C VAL A 1518 20.43 54.56 -24.01
N LEU A 1519 21.48 53.79 -24.28
CA LEU A 1519 21.49 52.84 -25.39
C LEU A 1519 21.56 51.43 -24.80
N VAL A 1520 21.15 50.44 -25.58
CA VAL A 1520 21.12 49.07 -25.08
C VAL A 1520 21.68 48.10 -26.11
N THR A 1521 22.61 47.27 -25.67
CA THR A 1521 23.29 46.36 -26.58
C THR A 1521 22.88 44.92 -26.32
N GLU A 1522 22.70 44.15 -27.38
CA GLU A 1522 22.61 42.72 -27.26
C GLU A 1522 24.06 42.27 -27.27
N GLY A 1523 24.56 41.76 -26.14
CA GLY A 1523 25.94 41.32 -26.01
C GLY A 1523 26.72 42.17 -25.01
N VAL A 1524 27.79 41.62 -24.46
CA VAL A 1524 28.62 42.36 -23.49
C VAL A 1524 30.13 42.42 -23.82
N ASN A 1525 30.67 43.63 -23.79
CA ASN A 1525 32.06 43.84 -24.03
C ASN A 1525 32.39 45.21 -23.48
N PHE A 1526 32.82 45.24 -22.22
CA PHE A 1526 33.05 46.49 -21.53
C PHE A 1526 34.21 47.30 -22.10
N GLN A 1527 35.34 46.62 -22.34
CA GLN A 1527 36.57 47.28 -22.78
C GLN A 1527 36.35 47.97 -24.11
N ALA A 1528 35.61 47.33 -25.01
CA ALA A 1528 35.28 47.95 -26.30
C ALA A 1528 34.49 49.23 -26.06
N MET A 1529 33.51 49.16 -25.18
CA MET A 1529 32.76 50.35 -24.82
C MET A 1529 33.63 51.43 -24.16
N TRP A 1530 34.70 51.02 -23.48
CA TRP A 1530 35.58 52.00 -22.85
C TRP A 1530 36.23 52.91 -23.88
N ASP A 1531 36.22 52.51 -25.14
CA ASP A 1531 36.80 53.33 -26.18
C ASP A 1531 35.83 54.38 -26.73
N GLN A 1532 34.54 54.18 -26.48
CA GLN A 1532 33.53 55.14 -26.93
C GLN A 1532 33.23 56.27 -25.93
N GLU A 1533 34.18 56.50 -25.02
CA GLU A 1533 34.20 57.65 -24.09
C GLU A 1533 33.61 58.95 -24.66
N ALA A 1534 33.69 59.12 -25.98
CA ALA A 1534 33.15 60.31 -26.65
C ALA A 1534 31.61 60.41 -26.69
N PHE A 1535 30.94 59.26 -26.62
CA PHE A 1535 29.49 59.20 -26.69
C PHE A 1535 28.85 58.76 -25.38
N ILE A 1536 29.52 57.89 -24.64
CA ILE A 1536 28.90 57.35 -23.43
C ILE A 1536 29.73 57.58 -22.15
N ASP A 1537 29.02 57.73 -21.04
CA ASP A 1537 29.66 57.92 -19.74
C ASP A 1537 30.04 56.55 -19.28
N VAL A 1538 31.29 56.15 -19.55
CA VAL A 1538 31.78 54.83 -19.16
C VAL A 1538 31.57 54.47 -17.68
N ASP A 1539 31.53 55.49 -16.82
CA ASP A 1539 31.38 55.29 -15.39
C ASP A 1539 29.97 54.79 -15.00
N GLY A 1540 29.04 54.85 -15.94
CA GLY A 1540 27.66 54.48 -15.67
C GLY A 1540 27.12 53.36 -16.57
N ILE A 1541 28.03 52.61 -17.19
CA ILE A 1541 27.67 51.43 -17.99
C ILE A 1541 27.21 50.36 -17.06
N THR A 1542 26.09 49.72 -17.34
CA THR A 1542 25.68 48.62 -16.49
C THR A 1542 25.39 47.38 -17.31
N SER A 1543 25.29 46.23 -16.64
CA SER A 1543 24.99 45.00 -17.37
C SER A 1543 23.95 44.07 -16.73
N ASN A 1544 23.44 43.21 -17.59
CA ASN A 1544 22.58 42.11 -17.31
C ASN A 1544 23.41 41.07 -16.60
N ASP A 1545 24.66 40.97 -17.06
CA ASP A 1545 25.45 39.78 -16.84
C ASP A 1545 26.30 39.85 -15.60
N VAL A 1546 25.84 39.20 -14.54
CA VAL A 1546 26.50 39.25 -13.24
C VAL A 1546 27.97 38.82 -13.33
N ALA A 1547 28.24 37.76 -14.08
CA ALA A 1547 29.62 37.22 -14.14
C ALA A 1547 30.58 38.11 -14.95
N ALA A 1548 30.04 38.78 -15.97
CA ALA A 1548 30.84 39.74 -16.70
C ALA A 1548 31.27 40.87 -15.78
N VAL A 1549 30.35 41.33 -14.94
CA VAL A 1549 30.59 42.49 -14.13
C VAL A 1549 31.61 42.09 -13.10
N LEU A 1550 31.45 40.88 -12.58
CA LEU A 1550 32.37 40.32 -11.62
C LEU A 1550 33.79 40.30 -12.14
N LYS A 1551 33.95 39.80 -13.35
CA LYS A 1551 35.26 39.70 -13.96
C LYS A 1551 35.92 41.07 -14.19
N THR A 1552 35.15 42.05 -14.64
CA THR A 1552 35.68 43.37 -14.99
C THR A 1552 35.74 44.37 -13.84
N TYR A 1553 34.78 44.31 -12.91
CA TYR A 1553 34.61 45.38 -11.95
C TYR A 1553 34.69 44.91 -10.51
N GLY A 1554 34.63 43.59 -10.29
CA GLY A 1554 34.82 43.06 -8.95
C GLY A 1554 33.56 42.63 -8.23
N VAL A 1555 33.72 42.19 -6.99
CA VAL A 1555 32.64 41.46 -6.34
C VAL A 1555 31.56 42.39 -5.82
N GLU A 1556 31.94 43.55 -5.34
CA GLU A 1556 30.95 44.48 -4.86
C GLU A 1556 30.06 44.94 -5.99
N ALA A 1557 30.65 45.13 -7.17
CA ALA A 1557 29.89 45.57 -8.34
C ALA A 1557 28.92 44.48 -8.75
N ALA A 1558 29.42 43.26 -8.70
CA ALA A 1558 28.65 42.08 -9.05
C ALA A 1558 27.50 41.89 -8.07
N ARG A 1559 27.77 42.17 -6.80
CA ARG A 1559 26.74 42.07 -5.77
C ARG A 1559 25.57 42.97 -6.16
N ASN A 1560 25.89 44.22 -6.49
CA ASN A 1560 24.86 45.20 -6.80
C ASN A 1560 24.09 44.77 -8.00
N THR A 1561 24.79 44.18 -8.96
CA THR A 1561 24.17 43.75 -10.19
C THR A 1561 23.16 42.64 -9.92
N ILE A 1562 23.52 41.70 -9.07
CA ILE A 1562 22.56 40.70 -8.62
C ILE A 1562 21.31 41.33 -8.00
N VAL A 1563 21.48 42.18 -6.98
CA VAL A 1563 20.33 42.87 -6.41
C VAL A 1563 19.44 43.51 -7.49
N ASN A 1564 20.01 44.31 -8.37
CA ASN A 1564 19.23 45.02 -9.36
C ASN A 1564 18.53 44.09 -10.32
N GLU A 1565 19.23 43.07 -10.76
CA GLU A 1565 18.68 42.09 -11.69
C GLU A 1565 17.48 41.30 -11.11
N ILE A 1566 17.59 40.87 -9.85
CA ILE A 1566 16.50 40.16 -9.17
C ILE A 1566 15.33 41.11 -8.97
N ASN A 1567 15.64 42.32 -8.55
CA ASN A 1567 14.62 43.33 -8.43
C ASN A 1567 13.95 43.63 -9.76
N ASN A 1568 14.73 43.70 -10.84
CA ASN A 1568 14.14 43.90 -12.18
C ASN A 1568 13.17 42.80 -12.56
N VAL A 1569 13.44 41.58 -12.11
CA VAL A 1569 12.57 40.46 -12.40
C VAL A 1569 11.19 40.68 -11.80
N PHE A 1570 11.15 41.00 -10.50
CA PHE A 1570 9.88 41.26 -9.81
C PHE A 1570 9.18 42.56 -10.20
N SER A 1571 9.94 43.61 -10.49
CA SER A 1571 9.35 44.89 -10.90
C SER A 1571 8.52 44.76 -12.15
N ARG A 1572 8.95 43.91 -13.07
CA ARG A 1572 8.20 43.74 -14.29
C ARG A 1572 6.82 43.14 -14.04
N TYR A 1573 6.70 42.31 -13.00
CA TYR A 1573 5.37 41.79 -12.69
C TYR A 1573 4.70 42.57 -11.57
N ALA A 1574 5.09 43.82 -11.36
CA ALA A 1574 4.56 44.66 -10.29
C ALA A 1574 4.53 43.99 -8.92
N ILE A 1575 5.43 43.03 -8.69
CA ILE A 1575 5.59 42.43 -7.37
C ILE A 1575 6.64 43.21 -6.59
N SER A 1576 6.34 43.49 -5.32
CA SER A 1576 7.23 44.31 -4.53
C SER A 1576 7.93 43.44 -3.51
N VAL A 1577 9.26 43.45 -3.51
CA VAL A 1577 10.04 42.64 -2.58
C VAL A 1577 11.15 43.48 -1.96
N SER A 1578 11.19 43.49 -0.63
CA SER A 1578 12.13 44.35 0.08
C SER A 1578 13.60 44.09 -0.24
N PHE A 1579 14.33 45.16 -0.51
CA PHE A 1579 15.74 45.07 -0.81
C PHE A 1579 16.48 44.42 0.32
N ARG A 1580 15.91 44.48 1.52
CA ARG A 1580 16.49 43.80 2.67
C ARG A 1580 16.69 42.31 2.43
N HIS A 1581 15.70 41.67 1.79
CA HIS A 1581 15.82 40.26 1.40
C HIS A 1581 16.81 40.12 0.28
N LEU A 1582 16.76 41.04 -0.67
CA LEU A 1582 17.61 40.95 -1.85
C LEU A 1582 19.08 41.10 -1.48
N ASP A 1583 19.40 42.09 -0.65
CA ASP A 1583 20.76 42.30 -0.17
C ASP A 1583 21.31 41.03 0.49
N LEU A 1584 20.49 40.39 1.31
CA LEU A 1584 20.93 39.19 2.01
C LEU A 1584 21.22 38.07 1.03
N ILE A 1585 20.37 37.94 0.03
CA ILE A 1585 20.53 36.85 -0.91
C ILE A 1585 21.82 37.07 -1.68
N ALA A 1586 22.14 38.33 -1.94
CA ALA A 1586 23.25 38.66 -2.80
C ALA A 1586 24.55 38.66 -2.03
N ASP A 1587 24.46 39.04 -0.76
CA ASP A 1587 25.61 38.96 0.13
C ASP A 1587 26.00 37.49 0.33
N MET A 1588 24.99 36.65 0.46
CA MET A 1588 25.21 35.22 0.56
C MET A 1588 25.92 34.70 -0.67
N MET A 1589 25.34 34.95 -1.84
CA MET A 1589 25.94 34.52 -3.08
C MET A 1589 27.39 34.97 -3.26
N THR A 1590 27.79 36.06 -2.61
CA THR A 1590 29.13 36.59 -2.83
C THR A 1590 30.04 36.38 -1.64
N ARG A 1591 29.61 35.53 -0.72
CA ARG A 1591 30.32 35.34 0.52
C ARG A 1591 31.76 34.86 0.36
N GLN A 1592 32.07 34.21 -0.76
CA GLN A 1592 33.45 33.81 -1.07
C GLN A 1592 34.15 34.71 -2.09
N GLY A 1593 33.63 35.91 -2.32
CA GLY A 1593 34.28 36.83 -3.23
C GLY A 1593 34.00 36.49 -4.68
N THR A 1594 33.07 35.56 -4.86
CA THR A 1594 32.82 34.99 -6.18
C THR A 1594 31.33 35.05 -6.47
N TYR A 1595 30.90 34.33 -7.49
CA TYR A 1595 29.49 34.25 -7.85
C TYR A 1595 28.92 32.83 -7.66
N LEU A 1596 28.57 32.46 -6.42
CA LEU A 1596 28.10 31.12 -6.03
C LEU A 1596 26.60 30.91 -6.15
N ALA A 1597 26.18 29.87 -6.85
CA ALA A 1597 24.76 29.61 -7.00
C ALA A 1597 24.23 28.85 -5.80
N PHE A 1598 22.91 28.76 -5.67
CA PHE A 1598 22.31 27.85 -4.70
C PHE A 1598 22.10 26.49 -5.34
N ASN A 1599 23.21 25.84 -5.66
CA ASN A 1599 23.17 24.48 -6.17
C ASN A 1599 24.18 23.64 -5.41
N ARG A 1600 24.47 22.46 -5.96
CA ARG A 1600 25.43 21.55 -5.33
C ARG A 1600 26.74 22.22 -4.94
N GLN A 1601 27.30 23.01 -5.86
CA GLN A 1601 28.63 23.59 -5.62
C GLN A 1601 28.61 24.58 -4.47
N GLY A 1602 27.58 25.42 -4.41
CA GLY A 1602 27.49 26.42 -3.38
C GLY A 1602 27.26 25.76 -2.04
N MET A 1603 26.38 24.77 -2.06
CA MET A 1603 26.04 23.97 -0.89
C MET A 1603 27.22 23.16 -0.36
N GLU A 1604 28.10 22.70 -1.26
CA GLU A 1604 29.22 21.84 -0.90
C GLU A 1604 30.18 22.46 0.11
N THR A 1605 30.12 23.77 0.27
CA THR A 1605 31.04 24.45 1.18
C THR A 1605 30.62 24.43 2.66
N SER A 1606 29.32 24.64 2.91
CA SER A 1606 28.68 24.42 4.22
C SER A 1606 29.44 23.52 5.22
N THR A 1607 29.57 24.00 6.46
CA THR A 1607 30.44 23.39 7.45
C THR A 1607 29.97 21.98 7.77
N SER A 1608 28.66 21.81 7.87
CA SER A 1608 28.07 20.51 8.14
C SER A 1608 28.39 19.56 6.98
N SER A 1609 28.73 18.33 7.33
CA SER A 1609 28.56 17.21 6.42
C SER A 1609 27.15 16.65 6.42
N PHE A 1610 26.50 16.66 7.58
CA PHE A 1610 25.10 16.27 7.65
C PHE A 1610 24.21 17.18 6.80
N MET A 1611 24.50 18.47 6.74
CA MET A 1611 23.69 19.32 5.87
C MET A 1611 23.89 18.99 4.40
N LYS A 1612 25.14 18.72 3.99
CA LYS A 1612 25.38 18.31 2.61
C LYS A 1612 24.71 16.97 2.29
N MET A 1613 24.89 16.00 3.18
CA MET A 1613 24.26 14.70 3.06
C MET A 1613 22.75 14.78 2.86
N SER A 1614 22.13 15.86 3.34
CA SER A 1614 20.69 15.97 3.28
C SER A 1614 20.26 16.89 2.13
N TYR A 1615 21.21 17.25 1.28
CA TYR A 1615 20.93 18.09 0.13
C TYR A 1615 20.90 17.27 -1.16
N GLU A 1616 21.97 16.51 -1.46
CA GLU A 1616 22.07 15.97 -2.80
C GLU A 1616 22.47 14.52 -2.95
N THR A 1617 23.54 14.08 -2.32
CA THR A 1617 24.13 12.82 -2.80
C THR A 1617 24.78 12.17 -1.63
N THR A 1618 23.93 11.62 -0.76
CA THR A 1618 24.35 11.23 0.58
C THR A 1618 25.67 10.48 0.63
N CYS A 1619 25.83 9.42 -0.15
CA CYS A 1619 27.04 8.63 0.00
C CYS A 1619 28.30 9.32 -0.46
N GLN A 1620 28.20 10.21 -1.43
CA GLN A 1620 29.37 10.99 -1.80
C GLN A 1620 29.85 11.86 -0.64
N PHE A 1621 28.97 12.57 0.03
CA PHE A 1621 29.42 13.53 1.03
C PHE A 1621 29.87 12.77 2.24
N LEU A 1622 29.33 11.58 2.38
CA LEU A 1622 29.64 10.75 3.51
C LEU A 1622 31.05 10.21 3.32
N THR A 1623 31.30 9.63 2.14
CA THR A 1623 32.63 9.21 1.75
C THR A 1623 33.65 10.33 2.00
N LYS A 1624 33.32 11.56 1.63
CA LYS A 1624 34.23 12.69 1.87
C LYS A 1624 34.46 12.94 3.34
N ALA A 1625 33.41 12.86 4.13
CA ALA A 1625 33.55 13.09 5.56
C ALA A 1625 34.45 12.04 6.21
N VAL A 1626 34.35 10.80 5.75
CA VAL A 1626 35.05 9.71 6.41
C VAL A 1626 36.51 9.86 6.11
N LEU A 1627 36.83 10.13 4.84
CA LEU A 1627 38.23 10.28 4.42
C LEU A 1627 38.88 11.54 4.97
N ASP A 1628 38.10 12.45 5.54
CA ASP A 1628 38.68 13.62 6.17
C ASP A 1628 38.78 13.41 7.68
N ASN A 1629 38.28 12.25 8.13
CA ASN A 1629 38.05 11.99 9.55
C ASN A 1629 37.35 13.17 10.20
N GLU A 1630 36.37 13.73 9.49
CA GLU A 1630 35.68 14.96 9.91
C GLU A 1630 34.95 14.81 11.24
N ARG A 1631 34.88 15.91 11.98
CA ARG A 1631 33.97 15.99 13.12
C ARG A 1631 32.81 16.87 12.73
N GLU A 1632 31.60 16.37 12.87
CA GLU A 1632 30.40 17.21 12.79
C GLU A 1632 30.22 17.92 14.10
N GLN A 1633 30.47 19.23 14.09
CA GLN A 1633 30.34 20.06 15.27
C GLN A 1633 28.87 20.29 15.69
N LEU A 1634 27.95 19.88 14.82
CA LEU A 1634 26.52 19.91 15.08
C LEU A 1634 25.96 21.32 15.22
N ASP A 1635 26.42 22.23 14.37
CA ASP A 1635 25.94 23.60 14.50
C ASP A 1635 24.84 23.96 13.52
N SER A 1636 24.81 23.31 12.36
CA SER A 1636 23.77 23.59 11.36
C SER A 1636 22.40 23.06 11.76
N PRO A 1637 21.31 23.69 11.28
CA PRO A 1637 19.99 23.13 11.56
C PRO A 1637 19.85 21.69 11.11
N SER A 1638 20.41 21.35 9.96
CA SER A 1638 20.27 19.99 9.46
C SER A 1638 20.89 18.96 10.39
N ALA A 1639 22.11 19.25 10.82
CA ALA A 1639 22.88 18.34 11.64
C ALA A 1639 22.16 18.10 12.96
N ARG A 1640 21.61 19.15 13.54
CA ARG A 1640 20.94 19.03 14.84
C ARG A 1640 19.65 18.24 14.75
N ILE A 1641 18.93 18.38 13.65
CA ILE A 1641 17.78 17.55 13.43
C ILE A 1641 18.17 16.07 13.32
N VAL A 1642 19.29 15.81 12.66
CA VAL A 1642 19.82 14.45 12.53
C VAL A 1642 20.09 13.77 13.87
N VAL A 1643 20.56 14.52 14.86
CA VAL A 1643 21.03 13.95 16.12
C VAL A 1643 19.99 14.19 17.21
N GLY A 1644 18.98 15.00 16.90
CA GLY A 1644 17.85 15.22 17.80
C GLY A 1644 18.10 16.37 18.77
N LYS A 1645 19.02 17.24 18.40
CA LYS A 1645 19.40 18.38 19.23
C LYS A 1645 18.51 19.60 18.99
N LEU A 1646 18.15 20.29 20.07
CA LEU A 1646 17.36 21.53 19.99
C LEU A 1646 18.05 22.49 19.03
N ASN A 1647 17.28 23.05 18.12
CA ASN A 1647 17.79 24.03 17.15
C ASN A 1647 18.49 25.25 17.76
N ASN A 1648 19.47 25.80 17.03
CA ASN A 1648 20.31 26.94 17.45
C ASN A 1648 19.68 28.28 17.26
N VAL A 1649 18.65 28.31 16.41
CA VAL A 1649 17.76 29.47 16.28
C VAL A 1649 16.85 29.62 17.49
N GLY A 1650 16.46 30.86 17.80
CA GLY A 1650 15.16 31.13 18.39
C GLY A 1650 15.17 30.94 19.89
N THR A 1651 14.01 31.09 20.53
CA THR A 1651 13.93 30.78 21.95
C THR A 1651 15.05 29.88 22.44
N GLY A 1652 15.84 29.34 21.52
CA GLY A 1652 16.97 28.53 21.91
C GLY A 1652 18.28 29.29 21.89
N SER A 1653 18.22 30.59 21.70
CA SER A 1653 19.45 31.36 21.48
C SER A 1653 20.04 31.95 22.77
N PHE A 1654 19.62 31.40 23.91
CA PHE A 1654 20.06 31.92 25.21
C PHE A 1654 19.70 30.83 26.21
N ASP A 1655 20.21 30.97 27.43
CA ASP A 1655 19.95 29.99 28.49
C ASP A 1655 19.10 30.62 29.57
N VAL A 1656 18.39 29.82 30.33
CA VAL A 1656 17.63 30.37 31.44
C VAL A 1656 18.17 29.82 32.76
N LEU A 1657 18.36 30.69 33.73
CA LEU A 1657 18.84 30.28 35.03
C LEU A 1657 17.92 30.83 36.11
N ALA A 1658 17.82 30.11 37.20
CA ALA A 1658 16.97 30.50 38.32
C ALA A 1658 17.80 31.15 39.42
N LYS A 1659 17.34 32.31 39.87
CA LYS A 1659 17.91 33.02 41.00
C LYS A 1659 17.33 32.37 42.25
N VAL A 1660 18.20 31.78 43.08
CA VAL A 1660 17.77 31.07 44.29
C VAL A 1660 18.35 31.74 45.51
N PRO A 1661 17.53 31.98 46.54
CA PRO A 1661 18.03 32.61 47.74
C PRO A 1661 18.68 31.56 48.60
N ASN A 1662 19.09 31.93 49.81
CA ASN A 1662 19.59 30.99 50.83
C ASN A 1662 20.55 29.91 50.33
N ALA B 14 -41.30 21.99 -26.92
CA ALA B 14 -41.06 20.96 -25.90
C ALA B 14 -42.29 20.19 -25.40
N ASP B 15 -42.11 18.91 -25.10
CA ASP B 15 -43.15 18.10 -24.47
C ASP B 15 -42.59 17.25 -23.32
N PHE B 16 -43.39 17.06 -22.27
CA PHE B 16 -42.98 16.24 -21.14
C PHE B 16 -43.05 14.76 -21.50
N ARG B 17 -43.95 14.45 -22.43
CA ARG B 17 -44.18 13.08 -22.88
C ARG B 17 -44.54 12.15 -21.72
N THR B 18 -45.33 12.64 -20.76
CA THR B 18 -45.58 11.91 -19.52
C THR B 18 -46.20 10.52 -19.75
N LEU B 19 -47.25 10.44 -20.56
CA LEU B 19 -47.89 9.16 -20.80
C LEU B 19 -47.00 8.24 -21.62
N GLU B 20 -46.36 8.78 -22.63
CA GLU B 20 -45.54 8.00 -23.55
C GLU B 20 -44.42 7.33 -22.76
N ARG B 21 -43.76 8.12 -21.91
CA ARG B 21 -42.65 7.66 -21.06
C ARG B 21 -43.06 6.55 -20.10
N GLU B 22 -44.09 6.81 -19.31
CA GLU B 22 -44.43 5.91 -18.22
C GLU B 22 -44.93 4.57 -18.77
N SER B 23 -45.61 4.62 -19.90
CA SER B 23 -46.08 3.39 -20.51
C SER B 23 -44.88 2.61 -21.02
N ARG B 24 -43.89 3.33 -21.52
CA ARG B 24 -42.73 2.65 -22.09
C ARG B 24 -41.94 1.97 -20.99
N PHE B 25 -41.93 2.57 -19.80
CA PHE B 25 -41.26 1.99 -18.64
C PHE B 25 -41.87 0.64 -18.36
N ILE B 26 -43.20 0.59 -18.44
CA ILE B 26 -43.95 -0.59 -18.02
C ILE B 26 -43.92 -1.64 -19.10
N ASN B 27 -43.92 -1.17 -20.35
CA ASN B 27 -43.98 -2.04 -21.51
C ASN B 27 -42.80 -1.82 -22.43
N PRO B 28 -41.64 -2.39 -22.07
CA PRO B 28 -40.43 -2.28 -22.89
C PRO B 28 -40.74 -2.82 -24.28
N PRO B 29 -40.42 -2.05 -25.32
CA PRO B 29 -40.79 -2.42 -26.69
C PRO B 29 -40.32 -3.83 -27.07
N LYS B 30 -41.18 -4.54 -27.81
CA LYS B 30 -40.91 -5.91 -28.21
C LYS B 30 -40.25 -6.02 -29.59
N ASP B 31 -40.02 -4.87 -30.23
CA ASP B 31 -39.52 -4.80 -31.61
C ASP B 31 -38.16 -4.10 -31.78
N LYS B 32 -38.06 -2.86 -31.32
CA LYS B 32 -36.85 -2.08 -31.45
C LYS B 32 -36.82 -0.95 -30.42
N SER B 33 -35.62 -0.52 -30.06
CA SER B 33 -35.44 0.56 -29.09
C SER B 33 -36.02 1.90 -29.57
N ALA B 34 -36.52 2.68 -28.63
CA ALA B 34 -37.17 3.96 -28.95
C ALA B 34 -36.19 5.14 -29.13
N PHE B 35 -34.90 4.87 -28.98
CA PHE B 35 -33.92 5.93 -29.00
C PHE B 35 -32.76 5.54 -29.89
N PRO B 36 -32.96 5.67 -31.20
CA PRO B 36 -32.02 5.20 -32.21
C PRO B 36 -30.75 6.01 -32.13
N LEU B 37 -30.92 7.29 -31.80
CA LEU B 37 -29.79 8.20 -31.64
C LEU B 37 -28.74 7.68 -30.65
N LEU B 38 -29.23 7.00 -29.62
CA LEU B 38 -28.39 6.45 -28.58
C LEU B 38 -27.61 5.26 -29.13
N GLN B 39 -28.24 4.46 -29.96
CA GLN B 39 -27.54 3.35 -30.60
C GLN B 39 -26.56 3.88 -31.63
N GLU B 40 -26.95 4.94 -32.33
CA GLU B 40 -26.06 5.57 -33.29
C GLU B 40 -24.77 6.09 -32.65
N ALA B 41 -24.83 6.50 -31.39
CA ALA B 41 -23.69 7.12 -30.74
C ALA B 41 -22.61 6.11 -30.43
N VAL B 42 -22.99 4.84 -30.33
CA VAL B 42 -22.08 3.79 -29.90
C VAL B 42 -21.63 3.00 -31.11
N GLN B 43 -22.15 3.40 -32.27
CA GLN B 43 -21.88 2.71 -33.54
C GLN B 43 -20.40 2.54 -33.95
N PRO B 44 -19.55 3.54 -33.73
CA PRO B 44 -18.14 3.30 -34.05
C PRO B 44 -17.53 2.10 -33.29
N HIS B 45 -18.02 1.78 -32.11
CA HIS B 45 -17.46 0.65 -31.37
C HIS B 45 -18.03 -0.68 -31.87
N ILE B 46 -19.35 -0.80 -31.93
CA ILE B 46 -19.98 -2.02 -32.37
C ILE B 46 -19.60 -2.31 -33.82
N GLY B 47 -19.57 -1.26 -34.63
CA GLY B 47 -19.28 -1.38 -36.04
C GLY B 47 -17.90 -1.95 -36.28
N SER B 48 -16.92 -1.34 -35.64
CA SER B 48 -15.54 -1.73 -35.86
C SER B 48 -15.28 -3.10 -35.31
N PHE B 49 -15.95 -3.48 -34.23
CA PHE B 49 -15.74 -4.82 -33.69
C PHE B 49 -16.36 -5.83 -34.66
N ASN B 50 -17.52 -5.46 -35.20
CA ASN B 50 -18.19 -6.36 -36.09
C ASN B 50 -17.38 -6.59 -37.35
N ALA B 51 -16.60 -5.58 -37.73
CA ALA B 51 -15.78 -5.66 -38.93
C ALA B 51 -14.72 -6.79 -38.87
N LEU B 52 -14.37 -7.23 -37.67
CA LEU B 52 -13.41 -8.33 -37.49
C LEU B 52 -13.84 -9.68 -38.08
N THR B 53 -15.14 -9.88 -38.27
CA THR B 53 -15.69 -11.19 -38.65
C THR B 53 -16.68 -11.11 -39.84
N GLU B 54 -17.17 -9.92 -40.13
CA GLU B 54 -18.12 -9.72 -41.22
C GLU B 54 -17.35 -9.43 -42.49
N GLY B 55 -17.76 -8.41 -43.24
CA GLY B 55 -17.14 -8.13 -44.52
C GLY B 55 -17.33 -9.25 -45.55
N PRO B 56 -17.17 -8.93 -46.84
CA PRO B 56 -17.38 -9.96 -47.86
C PRO B 56 -16.19 -10.94 -47.95
N ASP B 57 -15.16 -10.69 -47.13
CA ASP B 57 -13.88 -11.39 -47.23
C ASP B 57 -13.41 -12.04 -45.91
N GLY B 58 -14.36 -12.54 -45.12
CA GLY B 58 -14.04 -13.25 -43.90
C GLY B 58 -13.77 -12.32 -42.74
N GLY B 59 -13.65 -11.03 -43.02
CA GLY B 59 -13.43 -10.07 -41.96
C GLY B 59 -11.97 -9.66 -41.79
N LEU B 60 -11.75 -8.68 -40.91
CA LEU B 60 -10.41 -8.17 -40.71
C LEU B 60 -9.46 -9.24 -40.14
N LEU B 61 -9.97 -10.17 -39.34
CA LEU B 61 -9.12 -11.19 -38.76
C LEU B 61 -8.63 -12.14 -39.83
N ASN B 62 -9.53 -12.54 -40.71
CA ASN B 62 -9.15 -13.43 -41.77
C ASN B 62 -8.25 -12.76 -42.79
N LEU B 63 -8.47 -11.48 -43.04
CA LEU B 63 -7.57 -10.74 -43.91
C LEU B 63 -6.18 -10.66 -43.29
N GLY B 64 -6.15 -10.40 -41.99
CA GLY B 64 -4.90 -10.17 -41.28
C GLY B 64 -4.05 -11.41 -41.26
N VAL B 65 -4.71 -12.54 -41.14
CA VAL B 65 -4.06 -13.81 -40.95
C VAL B 65 -3.49 -14.27 -42.29
N LYS B 66 -4.15 -13.83 -43.35
CA LYS B 66 -3.77 -14.17 -44.71
C LYS B 66 -2.38 -13.65 -45.06
N ASP B 67 -2.07 -12.44 -44.61
CA ASP B 67 -0.99 -11.66 -45.18
C ASP B 67 0.35 -12.36 -45.01
N ILE B 68 0.55 -12.96 -43.84
CA ILE B 68 1.68 -13.86 -43.63
C ILE B 68 1.60 -15.09 -44.52
N GLY B 69 0.40 -15.63 -44.68
CA GLY B 69 0.21 -16.93 -45.30
C GLY B 69 0.94 -18.04 -44.57
N GLU B 70 1.68 -18.84 -45.33
CA GLU B 70 2.32 -20.03 -44.77
C GLU B 70 3.57 -19.70 -43.98
N LYS B 71 3.90 -20.59 -43.06
CA LYS B 71 5.16 -20.58 -42.34
C LYS B 71 5.83 -21.92 -42.61
N VAL B 72 7.12 -21.92 -42.95
CA VAL B 72 7.75 -23.13 -43.51
C VAL B 72 8.95 -23.73 -42.73
N ILE B 73 9.04 -25.05 -42.68
CA ILE B 73 10.23 -25.69 -42.14
C ILE B 73 10.55 -27.02 -42.81
N PHE B 74 11.83 -27.36 -42.84
CA PHE B 74 12.28 -28.64 -43.40
C PHE B 74 12.81 -29.57 -42.31
N ASP B 75 12.63 -30.87 -42.49
CA ASP B 75 12.98 -31.84 -41.44
C ASP B 75 14.42 -32.33 -41.47
N GLY B 76 15.10 -32.10 -42.58
CA GLY B 76 16.52 -32.37 -42.67
C GLY B 76 16.90 -33.78 -43.09
N LYS B 77 15.91 -34.64 -43.28
CA LYS B 77 16.13 -36.03 -43.67
C LYS B 77 16.82 -36.16 -45.04
N PRO B 78 17.34 -37.36 -45.36
CA PRO B 78 18.31 -37.41 -46.47
C PRO B 78 17.77 -37.73 -47.88
N LEU B 79 17.00 -38.80 -48.09
CA LEU B 79 16.74 -39.36 -49.44
C LEU B 79 17.91 -40.23 -49.97
N ASN B 80 19.14 -39.82 -49.67
CA ASN B 80 20.35 -40.57 -50.02
C ASN B 80 20.60 -40.82 -51.52
N SER B 81 21.38 -39.93 -52.12
CA SER B 81 21.71 -40.01 -53.54
C SER B 81 23.14 -40.50 -53.76
N ASN B 87 25.30 -35.75 -54.83
CA ASN B 87 24.60 -34.93 -55.82
C ASN B 87 23.56 -33.90 -55.30
N SER B 88 23.03 -34.14 -54.09
CA SER B 88 21.82 -33.44 -53.62
C SER B 88 22.01 -32.23 -52.68
N GLY B 89 21.18 -31.21 -52.94
CA GLY B 89 21.02 -30.05 -52.07
C GLY B 89 19.59 -30.02 -51.53
N TYR B 90 19.06 -31.23 -51.39
CA TYR B 90 17.76 -31.54 -50.78
C TYR B 90 17.79 -31.17 -49.32
N LEU B 91 16.65 -30.70 -48.81
CA LEU B 91 16.58 -30.19 -47.44
C LEU B 91 15.69 -31.04 -46.54
N GLY B 92 15.15 -32.13 -47.08
CA GLY B 92 14.23 -32.98 -46.36
C GLY B 92 12.77 -32.69 -46.75
N ASN B 93 11.84 -33.25 -46.00
CA ASN B 93 10.42 -33.03 -46.24
C ASN B 93 10.04 -31.65 -45.78
N LYS B 94 9.11 -31.01 -46.49
CA LYS B 94 8.70 -29.62 -46.22
C LYS B 94 7.42 -29.63 -45.42
N LEU B 95 7.35 -28.76 -44.42
CA LEU B 95 6.13 -28.52 -43.64
C LEU B 95 5.69 -27.09 -43.82
N SER B 96 4.49 -26.91 -44.35
CA SER B 96 3.89 -25.57 -44.50
C SER B 96 2.70 -25.51 -43.60
N VAL B 97 2.69 -24.51 -42.70
CA VAL B 97 1.59 -24.33 -41.78
C VAL B 97 0.92 -23.00 -42.08
N SER B 98 -0.40 -23.00 -42.09
CA SER B 98 -1.15 -21.77 -42.31
C SER B 98 -2.50 -21.93 -41.67
N VAL B 99 -3.19 -20.83 -41.46
CA VAL B 99 -4.56 -20.92 -40.98
C VAL B 99 -5.51 -20.64 -42.14
N GLU B 100 -6.50 -21.48 -42.32
CA GLU B 100 -7.33 -21.45 -43.50
C GLU B 100 -8.61 -20.65 -43.29
N GLN B 101 -9.12 -20.69 -42.08
CA GLN B 101 -10.43 -20.14 -41.78
C GLN B 101 -10.48 -19.88 -40.30
N VAL B 102 -10.96 -18.70 -39.92
CA VAL B 102 -11.16 -18.37 -38.53
C VAL B 102 -12.66 -18.39 -38.26
N SER B 103 -13.06 -18.73 -37.05
CA SER B 103 -14.46 -18.61 -36.64
C SER B 103 -14.63 -18.26 -35.16
N ILE B 104 -15.72 -17.58 -34.84
CA ILE B 104 -16.00 -17.16 -33.48
C ILE B 104 -17.39 -17.63 -33.11
N ALA B 105 -17.50 -18.41 -32.04
CA ALA B 105 -18.81 -18.86 -31.56
C ALA B 105 -19.39 -17.86 -30.59
N LYS B 106 -20.71 -17.88 -30.39
CA LYS B 106 -21.28 -17.05 -29.34
C LYS B 106 -20.97 -17.69 -27.99
N PRO B 107 -21.08 -16.92 -26.91
CA PRO B 107 -20.72 -17.50 -25.61
C PRO B 107 -21.65 -18.62 -25.19
N MET B 108 -21.11 -19.83 -25.07
CA MET B 108 -21.86 -20.97 -24.58
C MET B 108 -21.21 -21.47 -23.31
N SER B 109 -21.78 -22.51 -22.76
CA SER B 109 -21.19 -23.21 -21.64
C SER B 109 -21.80 -24.59 -21.54
N ASN B 110 -20.95 -25.61 -21.65
CA ASN B 110 -21.36 -26.96 -21.33
C ASN B 110 -21.05 -27.23 -19.87
N ASP B 111 -22.02 -26.98 -19.01
CA ASP B 111 -21.85 -27.13 -17.57
C ASP B 111 -21.30 -28.52 -17.24
N GLY B 112 -19.98 -28.66 -17.42
CA GLY B 112 -19.24 -29.83 -17.01
C GLY B 112 -18.87 -30.87 -18.05
N VAL B 113 -18.95 -32.13 -17.64
CA VAL B 113 -18.52 -33.27 -18.43
C VAL B 113 -19.62 -33.79 -19.37
N SER B 114 -19.34 -34.92 -20.02
CA SER B 114 -20.20 -35.50 -21.07
C SER B 114 -20.42 -34.55 -22.25
N SER B 115 -19.76 -33.38 -22.20
CA SER B 115 -20.13 -32.23 -22.99
C SER B 115 -21.65 -32.08 -22.94
N ALA B 116 -22.20 -32.24 -21.74
CA ALA B 116 -23.65 -32.18 -21.49
C ALA B 116 -24.16 -30.95 -22.21
N VAL B 117 -24.90 -31.19 -23.29
CA VAL B 117 -25.04 -30.27 -24.42
C VAL B 117 -25.08 -28.76 -24.10
N GLU B 118 -24.56 -27.95 -25.01
CA GLU B 118 -24.29 -26.55 -24.74
C GLU B 118 -25.53 -25.68 -24.50
N ARG B 119 -25.38 -24.67 -23.64
CA ARG B 119 -26.43 -23.70 -23.37
C ARG B 119 -25.88 -22.29 -23.49
N LYS B 120 -26.72 -21.37 -23.97
CA LYS B 120 -26.31 -19.98 -24.16
C LYS B 120 -25.91 -19.31 -22.83
N VAL B 121 -24.99 -18.35 -22.92
CA VAL B 121 -24.60 -17.54 -21.77
C VAL B 121 -24.89 -16.09 -22.07
N TYR B 122 -25.67 -15.45 -21.20
CA TYR B 122 -25.98 -14.05 -21.41
C TYR B 122 -25.06 -13.19 -20.55
N PRO B 123 -24.77 -11.95 -20.96
CA PRO B 123 -23.79 -11.10 -20.24
C PRO B 123 -24.12 -10.87 -18.76
N SER B 124 -25.40 -10.85 -18.38
CA SER B 124 -25.74 -10.65 -16.97
C SER B 124 -25.07 -11.71 -16.09
N GLU B 125 -25.04 -12.95 -16.57
CA GLU B 125 -24.36 -14.03 -15.88
C GLU B 125 -22.87 -13.71 -15.67
N SER B 126 -22.23 -13.21 -16.72
CA SER B 126 -20.83 -12.85 -16.64
C SER B 126 -20.62 -11.77 -15.59
N ARG B 127 -21.54 -10.82 -15.52
CA ARG B 127 -21.42 -9.71 -14.59
C ARG B 127 -21.51 -10.22 -13.16
N GLN B 128 -22.41 -11.18 -12.95
CA GLN B 128 -22.72 -11.68 -11.61
C GLN B 128 -21.66 -12.64 -11.10
N ARG B 129 -21.13 -13.45 -12.01
CA ARG B 129 -20.03 -14.37 -11.70
C ARG B 129 -18.67 -13.65 -11.62
N LEU B 130 -18.64 -12.41 -12.07
CA LEU B 130 -17.41 -11.62 -12.15
C LEU B 130 -16.33 -12.31 -12.99
N THR B 131 -16.73 -12.90 -14.10
CA THR B 131 -15.80 -13.46 -15.08
C THR B 131 -15.93 -12.72 -16.42
N SER B 132 -15.53 -13.39 -17.51
CA SER B 132 -15.50 -12.74 -18.82
C SER B 132 -16.57 -13.28 -19.75
N TYR B 133 -17.09 -12.40 -20.60
CA TYR B 133 -18.13 -12.80 -21.55
C TYR B 133 -17.46 -13.21 -22.85
N ARG B 134 -17.30 -14.53 -23.04
CA ARG B 134 -16.46 -14.98 -24.15
C ARG B 134 -17.00 -16.13 -24.98
N GLY B 135 -16.67 -16.09 -26.25
CA GLY B 135 -17.01 -17.16 -27.18
C GLY B 135 -15.78 -17.95 -27.64
N LYS B 136 -16.02 -19.18 -28.09
CA LYS B 136 -14.92 -20.06 -28.48
C LYS B 136 -14.35 -19.59 -29.81
N LEU B 137 -13.03 -19.41 -29.85
CA LEU B 137 -12.30 -19.04 -31.08
C LEU B 137 -11.73 -20.28 -31.74
N LEU B 138 -12.16 -20.59 -32.95
CA LEU B 138 -11.68 -21.78 -33.64
C LEU B 138 -10.82 -21.43 -34.85
N LEU B 139 -9.66 -22.06 -34.97
CA LEU B 139 -8.82 -21.91 -36.17
C LEU B 139 -8.73 -23.21 -36.96
N LYS B 140 -8.95 -23.14 -38.27
CA LYS B 140 -8.76 -24.30 -39.12
C LYS B 140 -7.31 -24.31 -39.59
N LEU B 141 -6.51 -25.15 -38.95
CA LEU B 141 -5.08 -25.22 -39.22
C LEU B 141 -4.81 -26.09 -40.44
N LYS B 142 -4.05 -25.57 -41.40
CA LYS B 142 -3.65 -26.37 -42.55
C LYS B 142 -2.19 -26.79 -42.38
N TRP B 143 -1.95 -28.09 -42.40
CA TRP B 143 -0.64 -28.62 -42.13
C TRP B 143 -0.18 -29.35 -43.39
N SER B 144 0.57 -28.67 -44.25
CA SER B 144 0.84 -29.19 -45.59
C SER B 144 2.23 -29.79 -45.79
N VAL B 145 2.30 -31.11 -45.96
CA VAL B 145 3.58 -31.74 -46.23
C VAL B 145 3.98 -31.77 -47.70
N ASN B 146 5.19 -31.30 -48.00
CA ASN B 146 5.73 -31.32 -49.37
C ASN B 146 4.83 -30.66 -50.41
N ASN B 147 4.51 -29.41 -50.15
CA ASN B 147 3.84 -28.58 -51.14
C ASN B 147 2.55 -29.17 -51.69
N GLY B 148 1.80 -29.85 -50.82
CA GLY B 148 0.48 -30.30 -51.17
C GLY B 148 0.37 -31.81 -51.21
N GLU B 149 1.51 -32.47 -51.35
CA GLU B 149 1.58 -33.92 -51.51
C GLU B 149 0.67 -34.66 -50.50
N GLU B 150 0.56 -34.09 -49.33
CA GLU B 150 -0.20 -34.68 -48.24
C GLU B 150 -0.51 -33.58 -47.24
N ASN B 151 -1.74 -33.09 -47.23
CA ASN B 151 -2.04 -32.05 -46.25
C ASN B 151 -3.13 -32.40 -45.22
N LEU B 152 -2.81 -32.14 -43.95
CA LEU B 152 -3.70 -32.43 -42.83
C LEU B 152 -4.44 -31.19 -42.34
N PHE B 153 -5.71 -31.38 -42.01
CA PHE B 153 -6.49 -30.31 -41.41
C PHE B 153 -6.94 -30.66 -39.99
N GLU B 154 -7.04 -29.66 -39.14
CA GLU B 154 -7.55 -29.83 -37.79
C GLU B 154 -8.09 -28.49 -37.31
N VAL B 155 -9.27 -28.50 -36.71
CA VAL B 155 -9.82 -27.27 -36.15
C VAL B 155 -9.43 -27.20 -34.68
N ARG B 156 -8.83 -26.09 -34.27
CA ARG B 156 -8.24 -25.99 -32.94
C ARG B 156 -8.99 -25.04 -32.03
N ASP B 157 -9.18 -25.46 -30.79
CA ASP B 157 -9.80 -24.62 -29.77
C ASP B 157 -8.77 -23.63 -29.28
N CYS B 158 -8.86 -22.39 -29.74
CA CYS B 158 -7.89 -21.39 -29.34
C CYS B 158 -8.38 -20.44 -28.26
N GLY B 159 -9.26 -20.95 -27.40
CA GLY B 159 -9.58 -20.25 -26.17
C GLY B 159 -10.87 -19.45 -26.22
N GLY B 160 -11.16 -18.80 -25.10
CA GLY B 160 -12.34 -17.98 -25.00
C GLY B 160 -11.99 -16.56 -25.32
N LEU B 161 -12.57 -16.10 -26.41
CA LEU B 161 -12.32 -14.76 -26.97
C LEU B 161 -13.40 -13.77 -26.50
N PRO B 162 -13.02 -12.79 -25.70
CA PRO B 162 -14.03 -11.82 -25.23
C PRO B 162 -14.79 -11.20 -26.40
N VAL B 163 -16.11 -11.16 -26.27
CA VAL B 163 -16.99 -10.75 -27.35
C VAL B 163 -17.65 -9.41 -27.05
N MET B 164 -17.80 -8.58 -28.08
CA MET B 164 -18.40 -7.26 -27.92
C MET B 164 -19.92 -7.34 -27.73
N LEU B 165 -20.42 -6.72 -26.67
CA LEU B 165 -21.86 -6.74 -26.41
C LEU B 165 -22.67 -6.13 -27.56
N GLN B 166 -23.80 -6.76 -27.86
CA GLN B 166 -24.72 -6.30 -28.90
C GLN B 166 -24.10 -6.38 -30.30
N SER B 167 -23.13 -7.27 -30.48
CA SER B 167 -22.51 -7.46 -31.79
C SER B 167 -23.00 -8.77 -32.37
N ASN B 168 -22.64 -9.05 -33.63
CA ASN B 168 -23.06 -10.30 -34.26
C ASN B 168 -22.47 -11.59 -33.66
N ARG B 169 -21.80 -11.47 -32.51
CA ARG B 169 -21.36 -12.64 -31.77
C ARG B 169 -21.83 -12.57 -30.30
N CYS B 170 -22.73 -11.62 -30.02
CA CYS B 170 -23.40 -11.52 -28.73
C CYS B 170 -24.83 -12.06 -28.82
N HIS B 171 -25.32 -12.63 -27.72
CA HIS B 171 -26.66 -13.20 -27.70
C HIS B 171 -27.78 -12.16 -27.58
N LEU B 172 -27.41 -10.91 -27.34
CA LEU B 172 -28.40 -9.84 -27.23
C LEU B 172 -28.68 -9.26 -28.59
N ASN B 173 -27.82 -9.58 -29.54
CA ASN B 173 -27.97 -9.10 -30.90
C ASN B 173 -29.39 -9.38 -31.41
N LYS B 174 -30.00 -8.37 -32.01
CA LYS B 174 -31.34 -8.52 -32.61
C LYS B 174 -32.52 -8.69 -31.59
N MET B 175 -32.23 -8.54 -30.30
CA MET B 175 -33.29 -8.59 -29.28
C MET B 175 -34.04 -7.26 -29.16
N SER B 176 -35.36 -7.38 -29.06
CA SER B 176 -36.22 -6.22 -28.81
C SER B 176 -35.99 -5.71 -27.41
N PRO B 177 -36.44 -4.48 -27.13
CA PRO B 177 -36.34 -4.01 -25.75
C PRO B 177 -36.96 -5.02 -24.78
N TYR B 178 -38.17 -5.49 -25.06
CA TYR B 178 -38.83 -6.48 -24.19
C TYR B 178 -37.94 -7.69 -23.89
N GLU B 179 -37.28 -8.23 -24.91
CA GLU B 179 -36.43 -9.40 -24.70
C GLU B 179 -35.17 -9.06 -23.88
N LEU B 180 -34.60 -7.89 -24.11
CA LEU B 180 -33.46 -7.43 -23.32
C LEU B 180 -33.83 -7.39 -21.84
N VAL B 181 -35.02 -6.90 -21.54
CA VAL B 181 -35.45 -6.79 -20.15
C VAL B 181 -35.62 -8.17 -19.57
N GLN B 182 -36.17 -9.10 -20.35
CA GLN B 182 -36.36 -10.46 -19.88
C GLN B 182 -35.03 -11.17 -19.64
N HIS B 183 -33.96 -10.62 -20.19
CA HIS B 183 -32.65 -11.24 -20.07
C HIS B 183 -31.78 -10.39 -19.18
N LYS B 184 -32.43 -9.62 -18.32
CA LYS B 184 -31.79 -8.85 -17.25
C LYS B 184 -30.90 -7.71 -17.73
N GLU B 185 -31.05 -7.32 -18.99
CA GLU B 185 -30.25 -6.23 -19.53
C GLU B 185 -31.07 -4.98 -19.46
N GLU B 186 -30.40 -3.84 -19.57
CA GLU B 186 -31.07 -2.55 -19.66
C GLU B 186 -32.03 -2.58 -20.84
N SER B 187 -33.17 -1.91 -20.73
CA SER B 187 -34.17 -1.92 -21.78
C SER B 187 -33.59 -1.49 -23.13
N ASP B 188 -32.69 -0.52 -23.10
CA ASP B 188 -32.09 -0.04 -24.35
C ASP B 188 -30.56 -0.15 -24.36
N GLU B 189 -30.08 -1.24 -23.79
CA GLU B 189 -28.68 -1.61 -23.73
C GLU B 189 -27.95 -1.32 -25.05
N ILE B 190 -26.97 -0.42 -25.00
CA ILE B 190 -26.26 0.03 -26.19
C ILE B 190 -25.21 -0.97 -26.66
N GLY B 191 -24.49 -1.55 -25.71
CA GLY B 191 -23.42 -2.47 -26.04
C GLY B 191 -22.17 -1.73 -26.48
N GLY B 192 -21.32 -2.38 -27.25
CA GLY B 192 -20.10 -1.77 -27.76
C GLY B 192 -18.89 -2.00 -26.87
N TYR B 193 -19.12 -2.57 -25.70
CA TYR B 193 -18.02 -2.84 -24.78
C TYR B 193 -17.85 -4.33 -24.58
N PHE B 194 -16.80 -4.69 -23.87
CA PHE B 194 -16.52 -6.07 -23.52
C PHE B 194 -16.72 -6.20 -22.04
N ILE B 195 -16.99 -7.43 -21.59
CA ILE B 195 -16.99 -7.73 -20.17
C ILE B 195 -15.84 -8.67 -19.86
N VAL B 196 -14.90 -8.18 -19.04
CA VAL B 196 -13.71 -8.93 -18.68
C VAL B 196 -13.51 -8.96 -17.17
N ASN B 197 -13.60 -10.15 -16.58
CA ASN B 197 -13.54 -10.34 -15.12
C ASN B 197 -14.51 -9.44 -14.38
N GLY B 198 -15.73 -9.36 -14.88
CA GLY B 198 -16.73 -8.53 -14.28
C GLY B 198 -16.60 -7.05 -14.61
N ILE B 199 -15.49 -6.66 -15.21
CA ILE B 199 -15.34 -5.27 -15.55
C ILE B 199 -15.69 -4.97 -17.00
N GLU B 200 -16.43 -3.88 -17.23
CA GLU B 200 -16.81 -3.46 -18.58
C GLU B 200 -15.72 -2.62 -19.21
N LYS B 201 -15.01 -3.19 -20.18
CA LYS B 201 -13.81 -2.57 -20.71
C LYS B 201 -14.01 -2.20 -22.17
N LEU B 202 -13.70 -0.95 -22.51
CA LEU B 202 -13.75 -0.51 -23.90
C LEU B 202 -12.35 -0.22 -24.41
N ILE B 203 -12.01 -0.83 -25.54
CA ILE B 203 -10.82 -0.44 -26.29
C ILE B 203 -11.07 0.95 -26.81
N ARG B 204 -10.34 1.93 -26.28
CA ARG B 204 -10.64 3.30 -26.66
C ARG B 204 -10.04 3.76 -27.95
N MET B 205 -10.78 4.65 -28.58
CA MET B 205 -10.50 5.11 -29.90
C MET B 205 -9.23 5.92 -29.95
N LEU B 206 -8.41 5.64 -30.94
CA LEU B 206 -7.14 6.33 -31.11
C LEU B 206 -7.16 7.21 -32.36
N ILE B 207 -6.54 8.39 -32.25
CA ILE B 207 -6.47 9.33 -33.36
C ILE B 207 -5.12 9.25 -34.06
N VAL B 208 -4.86 8.11 -34.70
CA VAL B 208 -3.60 7.91 -35.42
C VAL B 208 -3.43 8.91 -36.55
N GLN B 209 -2.43 8.68 -37.40
CA GLN B 209 -2.16 9.57 -38.52
C GLN B 209 -3.19 9.39 -39.62
N ARG B 210 -2.79 9.64 -40.87
CA ARG B 210 -3.69 9.51 -42.01
C ARG B 210 -3.14 8.52 -43.04
N ARG B 211 -4.00 7.62 -43.48
CA ARG B 211 -3.55 6.48 -44.27
C ARG B 211 -3.02 6.97 -45.60
N ASN B 212 -1.89 6.43 -46.03
CA ASN B 212 -1.51 6.39 -47.43
C ASN B 212 -1.45 7.79 -48.03
N HIS B 213 -1.03 8.76 -47.23
CA HIS B 213 -0.83 10.10 -47.75
C HIS B 213 0.53 10.55 -47.30
N PRO B 214 1.34 10.99 -48.26
CA PRO B 214 2.71 11.41 -47.98
C PRO B 214 2.73 12.82 -47.42
N MET B 215 2.89 12.92 -46.11
CA MET B 215 3.02 14.21 -45.45
C MET B 215 4.42 14.82 -45.58
N ALA B 216 4.49 16.14 -45.73
CA ALA B 216 5.79 16.80 -45.72
C ALA B 216 6.13 17.22 -44.29
N ILE B 217 7.24 16.72 -43.77
CA ILE B 217 7.56 16.91 -42.37
C ILE B 217 8.78 17.78 -42.17
N ILE B 218 8.70 18.75 -41.27
CA ILE B 218 9.87 19.41 -40.70
C ILE B 218 9.96 19.11 -39.21
N ARG B 219 10.94 18.30 -38.84
CA ARG B 219 11.04 17.81 -37.48
C ARG B 219 12.50 17.73 -37.08
N PRO B 220 12.90 18.53 -36.08
CA PRO B 220 14.21 18.56 -35.41
C PRO B 220 14.83 17.19 -35.21
N SER B 221 14.04 16.27 -34.68
CA SER B 221 14.47 14.89 -34.54
C SER B 221 15.15 14.30 -35.79
N PHE B 222 14.71 14.69 -36.98
CA PHE B 222 15.30 14.17 -38.22
C PHE B 222 16.72 14.64 -38.42
N ALA B 223 17.07 15.76 -37.79
CA ALA B 223 18.40 16.31 -37.97
C ALA B 223 19.41 15.56 -37.13
N ASN B 224 18.94 14.82 -36.13
CA ASN B 224 19.80 14.15 -35.16
C ASN B 224 20.11 12.70 -35.50
N ARG B 225 19.78 12.28 -36.71
CA ARG B 225 20.17 10.95 -37.16
C ARG B 225 21.60 10.96 -37.71
N GLY B 226 22.22 12.14 -37.71
CA GLY B 226 23.55 12.33 -38.31
C GLY B 226 23.76 13.79 -38.73
N ALA B 227 25.01 14.21 -38.82
CA ALA B 227 25.33 15.61 -39.14
C ALA B 227 24.94 15.95 -40.57
N SER B 228 24.86 14.90 -41.40
CA SER B 228 24.51 15.02 -42.81
C SER B 228 22.98 15.24 -43.04
N TYR B 229 22.17 14.81 -42.07
CA TYR B 229 20.72 14.87 -42.14
C TYR B 229 20.18 16.28 -41.97
N SER B 230 19.19 16.63 -42.79
CA SER B 230 18.46 17.88 -42.61
C SER B 230 17.17 17.60 -41.85
N HIS B 231 16.45 18.66 -41.50
CA HIS B 231 15.21 18.42 -40.78
C HIS B 231 13.98 18.18 -41.67
N TYR B 232 14.21 18.07 -42.98
CA TYR B 232 13.16 17.86 -43.97
C TYR B 232 12.94 16.39 -44.24
N GLY B 233 11.68 15.98 -44.30
CA GLY B 233 11.35 14.59 -44.58
C GLY B 233 10.02 14.42 -45.28
N ILE B 234 9.77 13.23 -45.81
CA ILE B 234 8.45 12.86 -46.23
C ILE B 234 8.05 11.63 -45.42
N GLN B 235 6.86 11.66 -44.83
CA GLN B 235 6.43 10.54 -44.02
C GLN B 235 5.09 9.99 -44.44
N ILE B 236 5.04 8.71 -44.75
CA ILE B 236 3.80 8.13 -45.20
C ILE B 236 3.43 6.92 -44.34
N ARG B 237 2.19 6.86 -43.87
CA ARG B 237 1.74 5.73 -43.07
C ARG B 237 0.85 4.83 -43.92
N SER B 238 1.43 3.81 -44.54
CA SER B 238 0.69 2.86 -45.37
C SER B 238 0.04 1.81 -44.51
N VAL B 239 -1.21 1.46 -44.79
CA VAL B 239 -1.86 0.40 -44.03
C VAL B 239 -2.42 -0.69 -44.92
N ARG B 240 -2.31 -1.92 -44.46
CA ARG B 240 -2.62 -3.10 -45.27
C ARG B 240 -4.08 -3.40 -45.05
N PRO B 241 -4.67 -4.25 -45.89
CA PRO B 241 -6.06 -4.67 -45.65
C PRO B 241 -6.37 -5.15 -44.22
N ASP B 242 -5.43 -5.82 -43.55
CA ASP B 242 -5.69 -6.31 -42.19
C ASP B 242 -5.59 -5.23 -41.11
N GLN B 243 -5.24 -4.03 -41.56
CA GLN B 243 -5.23 -2.80 -40.75
C GLN B 243 -3.92 -2.49 -40.08
N THR B 244 -2.99 -3.44 -40.04
CA THR B 244 -1.64 -3.13 -39.60
C THR B 244 -0.99 -2.16 -40.58
N SER B 245 -0.13 -1.31 -40.07
CA SER B 245 0.52 -0.33 -40.91
C SER B 245 2.03 -0.52 -40.96
N GLN B 246 2.63 0.23 -41.88
CA GLN B 246 4.07 0.22 -42.10
C GLN B 246 4.41 1.64 -42.50
N THR B 247 5.29 2.30 -41.76
CA THR B 247 5.64 3.69 -42.11
C THR B 247 6.95 3.79 -42.92
N ASN B 248 6.89 4.55 -44.01
CA ASN B 248 8.09 4.84 -44.80
C ASN B 248 8.40 6.32 -44.62
N VAL B 249 9.70 6.64 -44.59
CA VAL B 249 10.15 8.00 -44.45
C VAL B 249 11.23 8.23 -45.48
N LEU B 250 11.18 9.38 -46.14
CA LEU B 250 12.29 9.85 -46.96
C LEU B 250 13.03 10.92 -46.18
N HIS B 251 14.36 10.83 -46.11
CA HIS B 251 15.14 11.93 -45.54
C HIS B 251 15.92 12.67 -46.62
N TYR B 252 15.95 13.99 -46.53
CA TYR B 252 16.82 14.75 -47.39
C TYR B 252 18.08 15.05 -46.61
N LEU B 253 19.22 14.53 -47.08
CA LEU B 253 20.52 14.88 -46.49
C LEU B 253 21.12 16.06 -47.23
N ASN B 254 21.92 16.85 -46.53
CA ASN B 254 22.41 18.11 -47.09
C ASN B 254 23.30 17.97 -48.31
N ASP B 255 23.99 16.85 -48.44
CA ASP B 255 24.84 16.58 -49.61
C ASP B 255 24.06 16.08 -50.83
N GLY B 256 22.73 16.06 -50.72
CA GLY B 256 21.89 15.75 -51.87
C GLY B 256 21.24 14.38 -51.87
N GLN B 257 21.82 13.49 -51.08
CA GLN B 257 21.31 12.13 -50.86
C GLN B 257 19.86 12.12 -50.41
N VAL B 258 19.11 11.13 -50.83
CA VAL B 258 17.77 10.94 -50.31
C VAL B 258 17.61 9.52 -49.81
N THR B 259 17.61 9.31 -48.49
CA THR B 259 17.44 7.97 -47.95
C THR B 259 16.01 7.58 -47.57
N PHE B 260 15.69 6.32 -47.83
CA PHE B 260 14.43 5.68 -47.50
C PHE B 260 14.60 4.95 -46.18
N ARG B 261 13.76 5.24 -45.20
CA ARG B 261 13.89 4.61 -43.88
C ARG B 261 12.65 3.80 -43.58
N PHE B 262 12.84 2.56 -43.13
CA PHE B 262 11.73 1.73 -42.68
C PHE B 262 12.02 1.02 -41.38
N SER B 263 11.01 0.36 -40.82
CA SER B 263 11.18 -0.30 -39.54
C SER B 263 10.86 -1.78 -39.65
N TRP B 264 11.68 -2.62 -39.01
CA TRP B 264 11.43 -4.06 -38.98
C TRP B 264 11.95 -4.70 -37.70
N ARG B 265 11.06 -5.44 -37.02
CA ARG B 265 11.38 -6.13 -35.78
C ARG B 265 11.99 -5.16 -34.78
N LYS B 266 11.44 -3.94 -34.76
CA LYS B 266 11.86 -2.88 -33.84
C LYS B 266 13.25 -2.32 -34.12
N ASN B 267 13.79 -2.60 -35.31
CA ASN B 267 14.98 -1.88 -35.76
C ASN B 267 14.70 -1.01 -36.94
N GLU B 268 15.48 0.04 -37.11
CA GLU B 268 15.34 0.91 -38.26
C GLU B 268 16.43 0.66 -39.32
N TYR B 269 16.04 0.69 -40.58
CA TYR B 269 16.99 0.46 -41.64
C TYR B 269 16.95 1.58 -42.66
N LEU B 270 18.09 1.85 -43.29
CA LEU B 270 18.18 2.89 -44.31
C LEU B 270 18.63 2.32 -45.64
N VAL B 271 17.94 2.72 -46.71
CA VAL B 271 18.27 2.32 -48.07
C VAL B 271 18.24 3.56 -48.97
N PRO B 272 19.23 3.72 -49.87
CA PRO B 272 19.16 4.85 -50.82
C PRO B 272 17.91 4.71 -51.70
N VAL B 273 17.15 5.79 -51.83
CA VAL B 273 15.84 5.73 -52.47
C VAL B 273 15.90 5.24 -53.90
N VAL B 274 17.01 5.52 -54.58
CA VAL B 274 17.10 5.11 -55.97
C VAL B 274 17.09 3.59 -56.07
N MET B 275 17.65 2.93 -55.06
CA MET B 275 17.72 1.47 -55.07
C MET B 275 16.32 0.83 -54.96
N ILE B 276 15.48 1.40 -54.12
CA ILE B 276 14.11 0.93 -54.03
C ILE B 276 13.33 1.21 -55.31
N LEU B 277 13.59 2.36 -55.95
CA LEU B 277 13.05 2.64 -57.28
C LEU B 277 13.45 1.58 -58.31
N LYS B 278 14.76 1.32 -58.45
CA LYS B 278 15.22 0.37 -59.47
C LYS B 278 14.89 -1.09 -59.15
N ALA B 279 14.31 -1.34 -57.99
CA ALA B 279 13.94 -2.69 -57.60
C ALA B 279 12.47 -2.96 -57.85
N LEU B 280 11.67 -1.90 -57.90
CA LEU B 280 10.22 -2.00 -58.13
C LEU B 280 9.87 -2.36 -59.57
N CYS B 281 10.59 -1.79 -60.53
CA CYS B 281 10.29 -1.96 -61.94
C CYS B 281 11.52 -2.03 -62.78
N HIS B 282 11.38 -2.56 -63.98
CA HIS B 282 12.37 -2.24 -64.98
C HIS B 282 12.22 -0.75 -65.20
N THR B 283 13.33 -0.04 -65.33
CA THR B 283 13.28 1.40 -65.52
C THR B 283 14.62 1.95 -66.01
N SER B 284 14.58 3.14 -66.57
CA SER B 284 15.78 3.81 -67.01
C SER B 284 15.97 5.10 -66.22
N ASP B 285 17.18 5.63 -66.26
CA ASP B 285 17.46 6.85 -65.52
C ASP B 285 16.53 7.97 -65.95
N ARG B 286 16.27 8.06 -67.27
CA ARG B 286 15.44 9.12 -67.81
C ARG B 286 14.04 9.03 -67.25
N GLU B 287 13.53 7.79 -67.09
CA GLU B 287 12.20 7.58 -66.52
C GLU B 287 12.07 8.11 -65.10
N ILE B 288 13.05 7.80 -64.26
CA ILE B 288 13.09 8.34 -62.92
C ILE B 288 13.13 9.87 -63.01
N PHE B 289 14.04 10.38 -63.82
CA PHE B 289 14.17 11.82 -64.04
C PHE B 289 12.83 12.49 -64.41
N ASP B 290 12.18 11.97 -65.44
CA ASP B 290 10.89 12.48 -65.86
C ASP B 290 9.88 12.41 -64.73
N GLY B 291 9.96 11.34 -63.94
CA GLY B 291 9.03 11.13 -62.84
C GLY B 291 9.10 12.17 -61.75
N ILE B 292 10.29 12.71 -61.53
CA ILE B 292 10.49 13.71 -60.47
C ILE B 292 10.48 15.12 -61.03
N ILE B 293 11.23 15.35 -62.09
CA ILE B 293 11.36 16.70 -62.65
C ILE B 293 10.15 17.09 -63.52
N GLY B 294 9.64 16.14 -64.28
CA GLY B 294 8.56 16.46 -65.19
C GLY B 294 9.02 17.38 -66.29
N ASN B 295 8.45 18.58 -66.37
CA ASN B 295 8.83 19.50 -67.43
C ASN B 295 9.72 20.60 -66.90
N ASP B 296 9.92 20.61 -65.60
CA ASP B 296 10.58 21.75 -64.98
C ASP B 296 12.11 21.67 -65.05
N VAL B 297 12.63 21.57 -66.26
CA VAL B 297 14.05 21.31 -66.47
C VAL B 297 14.92 22.55 -66.38
N LYS B 298 14.31 23.73 -66.43
CA LYS B 298 15.06 24.97 -66.21
C LYS B 298 15.21 25.25 -64.70
N ASP B 299 14.71 24.33 -63.87
CA ASP B 299 14.89 24.47 -62.43
C ASP B 299 16.22 23.92 -62.01
N SER B 300 17.19 24.82 -61.94
CA SER B 300 18.54 24.52 -61.52
C SER B 300 18.59 23.74 -60.18
N PHE B 301 17.78 24.17 -59.23
CA PHE B 301 17.75 23.57 -57.91
C PHE B 301 17.36 22.07 -57.99
N LEU B 302 16.38 21.77 -58.82
CA LEU B 302 15.91 20.40 -59.00
C LEU B 302 16.87 19.52 -59.79
N THR B 303 17.28 19.97 -60.97
CA THR B 303 18.15 19.15 -61.82
C THR B 303 19.45 18.77 -61.13
N ASP B 304 19.95 19.66 -60.28
CA ASP B 304 21.22 19.40 -59.61
C ASP B 304 21.10 18.27 -58.59
N ARG B 305 20.08 18.30 -57.73
CA ARG B 305 19.94 17.21 -56.75
C ARG B 305 19.69 15.93 -57.50
N LEU B 306 18.93 16.00 -58.58
CA LEU B 306 18.63 14.79 -59.33
C LEU B 306 19.84 14.17 -60.01
N GLU B 307 20.77 15.00 -60.43
CA GLU B 307 22.00 14.48 -60.97
C GLU B 307 22.80 13.81 -59.84
N LEU B 308 22.83 14.46 -58.67
CA LEU B 308 23.48 13.85 -57.52
C LEU B 308 22.91 12.46 -57.27
N LEU B 309 21.60 12.40 -57.16
CA LEU B 309 20.90 11.15 -56.87
C LEU B 309 21.26 10.02 -57.84
N LEU B 310 21.17 10.32 -59.14
CA LEU B 310 21.40 9.32 -60.19
C LEU B 310 22.86 8.96 -60.32
N ARG B 311 23.75 9.96 -60.37
CA ARG B 311 25.18 9.69 -60.49
C ARG B 311 25.72 8.96 -59.27
N GLY B 312 25.02 9.09 -58.15
CA GLY B 312 25.48 8.53 -56.91
C GLY B 312 25.13 7.07 -56.82
N PHE B 313 23.99 6.71 -57.43
CA PHE B 313 23.60 5.31 -57.44
C PHE B 313 24.53 4.49 -58.33
N LYS B 314 24.78 4.95 -59.56
CA LYS B 314 25.92 4.48 -60.32
C LYS B 314 27.11 4.91 -59.48
N LYS B 315 28.24 4.25 -59.64
CA LYS B 315 29.43 4.59 -58.86
C LYS B 315 29.40 4.16 -57.40
N ARG B 316 28.22 3.94 -56.84
CA ARG B 316 28.19 3.20 -55.59
C ARG B 316 27.77 1.77 -55.90
N TYR B 317 26.99 1.61 -56.95
CA TYR B 317 26.42 0.30 -57.27
C TYR B 317 26.50 0.01 -58.78
N PRO B 318 27.71 0.07 -59.34
CA PRO B 318 27.91 0.04 -60.79
C PRO B 318 27.51 -1.29 -61.41
N HIS B 319 27.48 -2.35 -60.61
CA HIS B 319 27.18 -3.67 -61.14
C HIS B 319 25.69 -4.02 -61.12
N LEU B 320 24.89 -3.10 -60.57
CA LEU B 320 23.43 -3.25 -60.54
C LEU B 320 22.77 -2.55 -61.73
N GLN B 321 22.50 -3.31 -62.80
CA GLN B 321 22.02 -2.77 -64.08
C GLN B 321 20.67 -3.35 -64.43
N ASN B 322 20.33 -4.41 -63.72
CA ASN B 322 19.15 -5.17 -63.99
C ASN B 322 18.15 -4.86 -62.89
N ARG B 323 16.88 -5.11 -63.11
CA ARG B 323 15.98 -5.05 -61.98
C ARG B 323 16.19 -6.31 -61.12
N THR B 324 16.50 -7.42 -61.79
CA THR B 324 16.76 -8.65 -61.08
C THR B 324 17.96 -8.51 -60.16
N GLN B 325 19.03 -7.94 -60.70
CA GLN B 325 20.23 -7.72 -59.90
C GLN B 325 19.98 -6.87 -58.65
N VAL B 326 19.17 -5.82 -58.78
CA VAL B 326 18.88 -4.98 -57.63
C VAL B 326 18.12 -5.77 -56.55
N LEU B 327 17.14 -6.56 -56.97
CA LEU B 327 16.42 -7.41 -56.02
C LEU B 327 17.36 -8.39 -55.31
N GLN B 328 18.28 -8.98 -56.05
CA GLN B 328 19.22 -9.91 -55.45
C GLN B 328 20.11 -9.21 -54.43
N TYR B 329 20.52 -7.98 -54.74
CA TYR B 329 21.33 -7.21 -53.81
C TYR B 329 20.59 -7.06 -52.49
N LEU B 330 19.37 -6.54 -52.55
CA LEU B 330 18.57 -6.36 -51.35
C LEU B 330 18.39 -7.66 -50.59
N GLY B 331 18.03 -8.71 -51.33
CA GLY B 331 17.76 -9.99 -50.72
C GLY B 331 18.95 -10.48 -49.93
N ASP B 332 20.14 -10.26 -50.46
CA ASP B 332 21.33 -10.71 -49.81
C ASP B 332 21.52 -9.97 -48.50
N LYS B 333 21.36 -8.65 -48.54
CA LYS B 333 21.59 -7.83 -47.36
C LYS B 333 20.50 -7.96 -46.28
N PHE B 334 19.30 -8.38 -46.68
CA PHE B 334 18.19 -8.46 -45.72
C PHE B 334 17.70 -9.87 -45.36
N ARG B 335 18.29 -10.91 -45.96
CA ARG B 335 17.79 -12.26 -45.74
C ARG B 335 17.93 -12.69 -44.27
N VAL B 336 18.94 -12.18 -43.58
CA VAL B 336 19.02 -12.43 -42.14
C VAL B 336 17.98 -11.62 -41.36
N VAL B 337 17.91 -10.32 -41.59
CA VAL B 337 16.91 -9.47 -40.91
C VAL B 337 15.49 -10.02 -41.07
N PHE B 338 15.15 -10.48 -42.27
CA PHE B 338 13.79 -10.98 -42.56
C PHE B 338 13.57 -12.46 -42.34
N GLN B 339 14.50 -13.11 -41.61
CA GLN B 339 14.39 -14.51 -41.26
C GLN B 339 14.02 -15.42 -42.41
N ALA B 340 14.76 -15.30 -43.52
CA ALA B 340 14.46 -16.07 -44.73
C ALA B 340 14.87 -17.53 -44.57
N SER B 341 14.11 -18.43 -45.19
CA SER B 341 14.46 -19.86 -45.14
C SER B 341 15.64 -20.13 -46.08
N PRO B 342 16.37 -21.22 -45.84
CA PRO B 342 17.53 -21.52 -46.68
C PRO B 342 17.21 -21.89 -48.14
N ASP B 343 15.93 -22.01 -48.50
CA ASP B 343 15.56 -22.35 -49.88
C ASP B 343 15.14 -21.11 -50.66
N GLN B 344 15.06 -19.99 -49.98
CA GLN B 344 14.61 -18.76 -50.59
C GLN B 344 15.79 -18.05 -51.24
N SER B 345 15.70 -17.84 -52.54
CA SER B 345 16.77 -17.16 -53.26
C SER B 345 16.96 -15.74 -52.79
N ASP B 346 18.12 -15.15 -53.09
CA ASP B 346 18.34 -13.74 -52.83
C ASP B 346 17.25 -12.95 -53.55
N LEU B 347 16.96 -13.36 -54.79
CA LEU B 347 15.92 -12.73 -55.59
C LEU B 347 14.55 -12.70 -54.92
N GLU B 348 14.14 -13.82 -54.33
CA GLU B 348 12.87 -13.87 -53.61
C GLU B 348 12.85 -12.92 -52.42
N VAL B 349 13.87 -13.02 -51.58
CA VAL B 349 13.90 -12.23 -50.35
C VAL B 349 13.79 -10.74 -50.69
N GLY B 350 14.43 -10.34 -51.79
CA GLY B 350 14.33 -8.98 -52.28
C GLY B 350 12.88 -8.60 -52.51
N GLN B 351 12.16 -9.42 -53.27
CA GLN B 351 10.74 -9.17 -53.47
C GLN B 351 10.00 -9.12 -52.14
N GLU B 352 10.30 -10.06 -51.24
CA GLU B 352 9.65 -10.10 -49.95
C GLU B 352 9.84 -8.77 -49.18
N VAL B 353 11.05 -8.23 -49.19
CA VAL B 353 11.29 -6.95 -48.55
C VAL B 353 10.38 -5.87 -49.13
N LEU B 354 10.30 -5.82 -50.47
CA LEU B 354 9.41 -4.86 -51.14
C LEU B 354 7.96 -5.06 -50.71
N ASP B 355 7.44 -6.29 -50.83
CA ASP B 355 6.06 -6.60 -50.47
C ASP B 355 5.72 -6.26 -49.01
N ARG B 356 6.63 -6.55 -48.10
CA ARG B 356 6.33 -6.37 -46.68
C ARG B 356 6.54 -4.96 -46.17
N ILE B 357 7.20 -4.12 -46.95
CA ILE B 357 7.67 -2.88 -46.39
C ILE B 357 7.48 -1.61 -47.21
N VAL B 358 7.56 -1.74 -48.54
CA VAL B 358 7.51 -0.53 -49.35
C VAL B 358 6.11 -0.19 -49.79
N LEU B 359 5.58 0.92 -49.27
CA LEU B 359 4.26 1.44 -49.64
C LEU B 359 3.18 0.37 -49.64
N VAL B 360 2.99 -0.27 -48.50
CA VAL B 360 2.27 -1.53 -48.49
C VAL B 360 0.80 -1.41 -48.83
N HIS B 361 0.30 -0.18 -48.93
CA HIS B 361 -1.13 -0.01 -49.21
C HIS B 361 -1.43 -0.35 -50.66
N LEU B 362 -0.42 -0.30 -51.51
CA LEU B 362 -0.60 -0.52 -52.94
C LEU B 362 -0.54 -2.00 -53.34
N GLY B 363 -0.11 -2.85 -52.39
CA GLY B 363 -0.21 -4.29 -52.54
C GLY B 363 0.83 -4.96 -53.42
N LYS B 364 0.83 -6.29 -53.42
CA LYS B 364 1.89 -7.04 -54.07
C LYS B 364 1.89 -6.86 -55.58
N ASP B 365 0.70 -6.68 -56.16
CA ASP B 365 0.54 -6.50 -57.59
C ASP B 365 0.67 -5.05 -58.05
N GLY B 366 1.11 -4.17 -57.18
CA GLY B 366 1.14 -2.75 -57.52
C GLY B 366 2.53 -2.15 -57.60
N SER B 367 3.47 -2.90 -58.17
CA SER B 367 4.83 -2.43 -58.20
C SER B 367 4.92 -1.13 -59.04
N GLN B 368 4.18 -1.08 -60.14
CA GLN B 368 4.12 0.12 -60.96
C GLN B 368 3.52 1.35 -60.21
N ASP B 369 2.48 1.13 -59.41
CA ASP B 369 1.90 2.16 -58.57
C ASP B 369 2.82 2.63 -57.43
N LYS B 370 3.62 1.72 -56.88
CA LYS B 370 4.54 2.09 -55.83
C LYS B 370 5.63 2.97 -56.42
N PHE B 371 6.04 2.62 -57.64
CA PHE B 371 7.01 3.39 -58.37
C PHE B 371 6.57 4.84 -58.54
N ARG B 372 5.40 5.07 -59.14
CA ARG B 372 4.93 6.44 -59.40
C ARG B 372 4.81 7.23 -58.12
N MET B 373 4.38 6.55 -57.05
CA MET B 373 4.12 7.18 -55.78
C MET B 373 5.43 7.58 -55.12
N LEU B 374 6.42 6.72 -55.24
CA LEU B 374 7.71 6.98 -54.65
C LEU B 374 8.34 8.18 -55.36
N LEU B 375 8.13 8.27 -56.68
CA LEU B 375 8.58 9.45 -57.43
C LEU B 375 7.89 10.71 -56.95
N PHE B 376 6.56 10.63 -56.78
CA PHE B 376 5.76 11.73 -56.26
C PHE B 376 6.28 12.26 -54.93
N MET B 377 6.58 11.35 -54.02
CA MET B 377 7.17 11.72 -52.74
C MET B 377 8.50 12.45 -52.86
N ILE B 378 9.38 11.95 -53.72
CA ILE B 378 10.68 12.59 -53.87
C ILE B 378 10.51 14.04 -54.31
N ARG B 379 9.62 14.29 -55.27
CA ARG B 379 9.40 15.64 -55.72
C ARG B 379 8.84 16.51 -54.61
N LYS B 380 7.83 16.01 -53.90
CA LYS B 380 7.26 16.76 -52.80
C LYS B 380 8.34 17.09 -51.77
N LEU B 381 9.26 16.15 -51.58
CA LEU B 381 10.37 16.36 -50.67
C LEU B 381 11.21 17.53 -51.15
N TYR B 382 11.55 17.55 -52.43
CA TYR B 382 12.35 18.62 -53.01
C TYR B 382 11.56 19.92 -52.92
N SER B 383 10.24 19.81 -53.06
CA SER B 383 9.37 20.96 -52.94
C SER B 383 9.43 21.58 -51.56
N LEU B 384 9.33 20.75 -50.54
CA LEU B 384 9.54 21.18 -49.15
C LEU B 384 10.93 21.81 -48.88
N VAL B 385 12.00 21.16 -49.32
CA VAL B 385 13.33 21.65 -49.09
C VAL B 385 13.50 23.04 -49.69
N ALA B 386 12.91 23.24 -50.86
CA ALA B 386 13.00 24.51 -51.56
C ALA B 386 12.07 25.61 -51.00
N GLY B 387 11.21 25.24 -50.06
CA GLY B 387 10.27 26.19 -49.51
C GLY B 387 9.06 26.41 -50.38
N GLU B 388 8.98 25.64 -51.47
CA GLU B 388 7.92 25.78 -52.46
C GLU B 388 6.57 25.43 -51.84
N CYS B 389 6.60 24.45 -50.96
CA CYS B 389 5.39 24.07 -50.23
C CYS B 389 5.66 24.10 -48.74
N SER B 390 4.62 24.26 -47.95
CA SER B 390 4.81 24.35 -46.50
C SER B 390 4.62 22.98 -45.88
N PRO B 391 5.14 22.79 -44.67
CA PRO B 391 5.03 21.44 -44.10
C PRO B 391 3.62 21.13 -43.60
N ASP B 392 3.26 19.86 -43.60
CA ASP B 392 1.97 19.42 -43.10
C ASP B 392 2.05 19.25 -41.59
N ASN B 393 1.08 19.79 -40.87
CA ASN B 393 1.10 19.70 -39.42
C ASN B 393 0.50 18.42 -38.87
N PRO B 394 1.32 17.54 -38.32
CA PRO B 394 0.81 16.25 -37.85
C PRO B 394 0.00 16.39 -36.56
N ASP B 395 -0.02 17.58 -35.97
CA ASP B 395 -0.72 17.75 -34.72
C ASP B 395 -2.13 18.27 -34.97
N ALA B 396 -2.44 18.53 -36.23
CA ALA B 396 -3.74 19.03 -36.64
C ALA B 396 -4.61 17.86 -37.10
N THR B 397 -5.88 17.90 -36.74
CA THR B 397 -6.83 16.85 -37.10
C THR B 397 -6.90 16.67 -38.60
N GLN B 398 -6.58 17.73 -39.34
CA GLN B 398 -6.44 17.67 -40.78
C GLN B 398 -5.65 16.47 -41.29
N HIS B 399 -4.62 16.05 -40.58
CA HIS B 399 -3.80 15.04 -41.17
C HIS B 399 -3.85 13.96 -40.14
N GLN B 400 -5.03 13.34 -40.02
CA GLN B 400 -5.09 12.27 -39.04
C GLN B 400 -6.38 11.46 -39.15
N GLU B 401 -6.27 10.16 -38.91
CA GLU B 401 -7.42 9.26 -38.98
C GLU B 401 -7.81 8.77 -37.58
N VAL B 402 -8.27 7.53 -37.49
CA VAL B 402 -8.66 6.97 -36.21
C VAL B 402 -8.57 5.46 -36.15
N LEU B 403 -7.82 4.95 -35.17
CA LEU B 403 -7.64 3.52 -34.97
C LEU B 403 -8.69 3.01 -34.00
N LEU B 404 -9.58 2.12 -34.46
CA LEU B 404 -10.69 1.62 -33.64
C LEU B 404 -10.39 0.31 -32.89
N GLY B 405 -11.00 0.19 -31.72
CA GLY B 405 -10.34 -0.49 -30.62
C GLY B 405 -10.17 -1.82 -31.30
N GLY B 406 -11.18 -2.10 -32.10
CA GLY B 406 -11.30 -3.33 -32.85
C GLY B 406 -10.08 -3.57 -33.72
N PHE B 407 -9.51 -2.48 -34.24
CA PHE B 407 -8.37 -2.60 -35.12
C PHE B 407 -7.19 -3.00 -34.29
N LEU B 408 -7.07 -2.41 -33.11
CA LEU B 408 -5.96 -2.74 -32.24
C LEU B 408 -6.04 -4.20 -31.79
N TYR B 409 -7.24 -4.63 -31.43
CA TYR B 409 -7.52 -6.02 -31.09
C TYR B 409 -7.02 -6.95 -32.20
N GLY B 410 -7.36 -6.58 -33.44
CA GLY B 410 -6.92 -7.32 -34.62
C GLY B 410 -5.42 -7.39 -34.74
N MET B 411 -4.75 -6.25 -34.54
CA MET B 411 -3.31 -6.22 -34.64
C MET B 411 -2.64 -7.17 -33.63
N ILE B 412 -3.08 -7.12 -32.39
CA ILE B 412 -2.49 -7.94 -31.37
C ILE B 412 -2.78 -9.38 -31.74
N LEU B 413 -4.00 -9.63 -32.17
CA LEU B 413 -4.42 -10.99 -32.51
C LEU B 413 -3.53 -11.58 -33.61
N LYS B 414 -3.23 -10.79 -34.64
CA LYS B 414 -2.34 -11.21 -35.72
C LYS B 414 -0.95 -11.56 -35.18
N GLU B 415 -0.47 -10.80 -34.21
CA GLU B 415 0.83 -11.07 -33.61
C GLU B 415 0.80 -12.38 -32.85
N LYS B 416 -0.27 -12.67 -32.14
CA LYS B 416 -0.32 -13.90 -31.37
C LYS B 416 -0.34 -15.12 -32.29
N ILE B 417 -0.95 -14.97 -33.47
CA ILE B 417 -0.96 -16.05 -34.45
C ILE B 417 0.43 -16.22 -35.04
N ASP B 418 1.12 -15.10 -35.26
CA ASP B 418 2.50 -15.14 -35.71
C ASP B 418 3.40 -15.85 -34.69
N GLU B 419 3.26 -15.48 -33.41
CA GLU B 419 3.99 -16.15 -32.33
C GLU B 419 3.63 -17.64 -32.34
N TYR B 420 2.34 -17.92 -32.49
CA TYR B 420 1.85 -19.28 -32.57
C TYR B 420 2.56 -20.11 -33.64
N LEU B 421 2.66 -19.60 -34.87
CA LEU B 421 3.37 -20.31 -35.93
C LEU B 421 4.85 -20.49 -35.61
N GLN B 422 5.43 -19.52 -34.91
CA GLN B 422 6.83 -19.63 -34.54
C GLN B 422 7.04 -20.68 -33.46
N ASN B 423 6.06 -20.80 -32.57
CA ASN B 423 6.11 -21.81 -31.53
C ASN B 423 6.11 -23.22 -32.09
N ILE B 424 5.29 -23.44 -33.11
CA ILE B 424 5.27 -24.73 -33.76
C ILE B 424 6.66 -25.02 -34.29
N ILE B 425 7.25 -24.06 -34.99
CA ILE B 425 8.54 -24.29 -35.59
C ILE B 425 9.56 -24.51 -34.50
N ALA B 426 9.38 -23.77 -33.41
CA ALA B 426 10.27 -23.88 -32.27
C ALA B 426 10.27 -25.32 -31.72
N GLN B 427 9.08 -25.88 -31.63
CA GLN B 427 8.90 -27.21 -31.11
C GLN B 427 9.54 -28.28 -32.02
N VAL B 428 9.44 -28.07 -33.32
CA VAL B 428 9.96 -29.01 -34.29
C VAL B 428 11.48 -28.96 -34.28
N ARG B 429 12.03 -27.79 -34.02
CA ARG B 429 13.49 -27.66 -33.92
C ARG B 429 14.01 -28.42 -32.71
N MET B 430 13.34 -28.27 -31.58
CA MET B 430 13.68 -29.06 -30.40
C MET B 430 13.66 -30.57 -30.68
N ASP B 431 12.63 -31.03 -31.38
CA ASP B 431 12.59 -32.42 -31.75
C ASP B 431 13.83 -32.80 -32.54
N ILE B 432 14.16 -31.98 -33.54
CA ILE B 432 15.30 -32.25 -34.42
C ILE B 432 16.61 -32.30 -33.64
N ASN B 433 16.81 -31.33 -32.75
CA ASN B 433 18.04 -31.26 -31.96
C ASN B 433 18.12 -32.38 -30.91
N ARG B 434 16.98 -32.90 -30.48
CA ARG B 434 16.94 -33.99 -29.52
C ARG B 434 17.15 -35.35 -30.20
N GLY B 435 17.15 -35.35 -31.53
CA GLY B 435 17.25 -36.57 -32.31
C GLY B 435 15.97 -37.39 -32.43
N MET B 436 14.85 -36.78 -32.04
CA MET B 436 13.55 -37.44 -32.10
C MET B 436 13.17 -37.91 -33.52
N ALA B 437 12.39 -38.98 -33.61
CA ALA B 437 12.00 -39.50 -34.93
C ALA B 437 10.95 -38.59 -35.55
N ILE B 438 11.25 -38.04 -36.71
CA ILE B 438 10.37 -37.03 -37.26
C ILE B 438 9.94 -37.30 -38.69
N ASN B 439 8.64 -37.45 -38.90
CA ASN B 439 8.08 -37.55 -40.23
C ASN B 439 7.05 -36.45 -40.45
N PHE B 440 7.43 -35.41 -41.18
CA PHE B 440 6.55 -34.29 -41.43
C PHE B 440 5.25 -34.74 -42.11
N LYS B 441 5.28 -35.86 -42.81
CA LYS B 441 4.13 -36.28 -43.60
C LYS B 441 3.15 -37.11 -42.80
N ASP B 442 3.53 -37.44 -41.58
CA ASP B 442 2.69 -38.24 -40.70
C ASP B 442 1.82 -37.34 -39.83
N LYS B 443 0.50 -37.53 -39.87
CA LYS B 443 -0.39 -36.66 -39.10
C LYS B 443 -0.29 -36.87 -37.58
N ARG B 444 0.09 -38.06 -37.14
CA ARG B 444 0.29 -38.32 -35.71
C ARG B 444 1.45 -37.48 -35.15
N TYR B 445 2.41 -37.15 -36.01
CA TYR B 445 3.49 -36.29 -35.58
C TYR B 445 3.01 -34.84 -35.53
N MET B 446 2.23 -34.45 -36.53
CA MET B 446 1.71 -33.07 -36.57
C MET B 446 0.90 -32.80 -35.32
N SER B 447 0.12 -33.79 -34.91
CA SER B 447 -0.75 -33.64 -33.74
C SER B 447 0.02 -33.76 -32.43
N ARG B 448 1.08 -34.54 -32.42
CA ARG B 448 1.92 -34.63 -31.23
C ARG B 448 2.69 -33.31 -31.02
N VAL B 449 3.07 -32.67 -32.12
CA VAL B 449 3.79 -31.40 -32.05
C VAL B 449 2.88 -30.31 -31.52
N LEU B 450 1.67 -30.23 -32.04
CA LEU B 450 0.74 -29.19 -31.64
C LEU B 450 0.27 -29.39 -30.21
N MET B 451 0.30 -30.63 -29.75
CA MET B 451 -0.06 -30.92 -28.36
C MET B 451 0.84 -30.18 -27.37
N ARG B 452 2.07 -29.88 -27.78
CA ARG B 452 3.07 -29.34 -26.87
C ARG B 452 3.23 -27.85 -27.07
N VAL B 453 2.36 -27.30 -27.89
CA VAL B 453 2.46 -25.87 -28.19
C VAL B 453 1.29 -25.15 -27.52
N ASN B 454 1.58 -24.01 -26.92
CA ASN B 454 0.55 -23.21 -26.31
C ASN B 454 -0.36 -22.63 -27.39
N GLU B 455 -1.54 -23.21 -27.51
CA GLU B 455 -2.51 -22.74 -28.48
C GLU B 455 -3.54 -21.76 -27.90
N ASN B 456 -3.45 -21.48 -26.60
CA ASN B 456 -4.44 -20.64 -25.96
C ASN B 456 -4.28 -19.15 -26.26
N ILE B 457 -4.56 -18.79 -27.51
CA ILE B 457 -4.41 -17.43 -27.96
C ILE B 457 -5.48 -16.58 -27.29
N GLY B 458 -6.66 -17.17 -27.15
CA GLY B 458 -7.77 -16.48 -26.53
C GLY B 458 -7.40 -15.88 -25.18
N SER B 459 -6.74 -16.66 -24.34
CA SER B 459 -6.46 -16.21 -22.99
C SER B 459 -5.41 -15.12 -23.01
N LYS B 460 -4.55 -15.13 -24.02
CA LYS B 460 -3.58 -14.06 -24.16
C LYS B 460 -4.29 -12.74 -24.49
N MET B 461 -5.33 -12.80 -25.33
CA MET B 461 -6.14 -11.64 -25.61
C MET B 461 -6.87 -11.19 -24.35
N GLN B 462 -7.29 -12.15 -23.54
CA GLN B 462 -7.91 -11.83 -22.28
C GLN B 462 -6.94 -11.07 -21.40
N TYR B 463 -5.69 -11.52 -21.35
CA TYR B 463 -4.70 -10.82 -20.55
C TYR B 463 -4.59 -9.35 -20.97
N PHE B 464 -4.55 -9.11 -22.28
CA PHE B 464 -4.50 -7.76 -22.84
C PHE B 464 -5.69 -6.91 -22.36
N LEU B 465 -6.91 -7.42 -22.51
CA LEU B 465 -8.11 -6.72 -22.08
C LEU B 465 -8.10 -6.51 -20.57
N SER B 466 -7.50 -7.43 -19.86
CA SER B 466 -7.58 -7.38 -18.42
C SER B 466 -6.58 -6.40 -17.81
N THR B 467 -5.41 -6.27 -18.41
CA THR B 467 -4.33 -5.52 -17.81
C THR B 467 -3.98 -4.28 -18.62
N GLY B 468 -4.43 -4.26 -19.88
CA GLY B 468 -4.21 -3.16 -20.81
C GLY B 468 -2.84 -2.63 -21.22
N ASN B 469 -1.90 -3.51 -21.59
CA ASN B 469 -0.61 -3.06 -22.16
C ASN B 469 -0.27 -3.68 -23.55
N LEU B 470 0.46 -2.93 -24.38
CA LEU B 470 0.74 -3.35 -25.73
C LEU B 470 1.97 -4.22 -25.66
N VAL B 471 1.82 -5.45 -26.07
CA VAL B 471 2.91 -6.38 -26.08
C VAL B 471 3.07 -6.86 -27.50
N SER B 472 4.07 -6.34 -28.20
CA SER B 472 4.59 -6.98 -29.40
C SER B 472 6.06 -6.62 -29.63
N GLN B 473 6.75 -7.42 -30.43
CA GLN B 473 8.06 -7.02 -30.94
C GLN B 473 7.98 -5.77 -31.83
N SER B 474 6.95 -5.71 -32.66
CA SER B 474 6.52 -4.45 -33.25
C SER B 474 5.99 -3.49 -32.21
N GLY B 475 6.26 -2.19 -32.38
CA GLY B 475 5.42 -1.16 -31.80
C GLY B 475 4.00 -1.25 -32.28
N LEU B 476 3.84 -1.55 -33.57
CA LEU B 476 2.60 -1.25 -34.30
C LEU B 476 2.53 0.18 -34.86
N ASP B 477 3.66 0.90 -34.81
CA ASP B 477 3.80 2.26 -35.33
C ASP B 477 3.16 3.23 -34.34
N LEU B 478 3.23 2.88 -33.06
CA LEU B 478 2.63 3.70 -31.99
C LEU B 478 3.64 4.03 -30.89
N GLN B 479 3.48 5.23 -30.31
CA GLN B 479 4.52 5.86 -29.51
C GLN B 479 4.52 5.44 -28.03
N GLN B 480 3.66 4.50 -27.66
CA GLN B 480 3.55 4.12 -26.25
C GLN B 480 3.11 2.70 -26.07
N VAL B 481 3.26 2.23 -24.84
CA VAL B 481 3.17 0.82 -24.55
C VAL B 481 1.96 0.53 -23.66
N SER B 482 1.39 1.57 -23.07
CA SER B 482 0.25 1.36 -22.20
C SER B 482 -0.83 2.43 -22.35
N GLY B 483 -1.91 2.27 -21.58
CA GLY B 483 -3.04 3.19 -21.61
C GLY B 483 -4.01 2.96 -22.74
N TYR B 484 -3.94 1.79 -23.37
CA TYR B 484 -4.75 1.54 -24.54
C TYR B 484 -6.21 1.20 -24.26
N THR B 485 -6.46 0.51 -23.15
CA THR B 485 -7.81 0.29 -22.70
C THR B 485 -8.03 1.02 -21.40
N VAL B 486 -9.27 1.08 -20.98
CA VAL B 486 -9.66 1.84 -19.82
C VAL B 486 -11.01 1.26 -19.38
N VAL B 487 -11.38 1.42 -18.11
CA VAL B 487 -12.68 0.94 -17.69
C VAL B 487 -13.79 1.85 -18.22
N ALA B 488 -14.81 1.24 -18.81
CA ALA B 488 -16.01 1.97 -19.18
C ALA B 488 -16.78 2.28 -17.91
N GLU B 489 -16.28 3.25 -17.15
CA GLU B 489 -16.88 3.69 -15.90
C GLU B 489 -18.35 4.00 -16.11
N LYS B 490 -19.17 3.43 -15.24
CA LYS B 490 -20.61 3.65 -15.37
C LYS B 490 -21.10 4.53 -14.24
N ILE B 491 -20.20 5.35 -13.66
CA ILE B 491 -20.51 6.21 -12.50
C ILE B 491 -21.91 6.78 -12.62
N ASN B 492 -22.18 7.34 -13.80
CA ASN B 492 -23.53 7.58 -14.26
C ASN B 492 -23.53 7.42 -15.80
N PHE B 493 -24.66 7.65 -16.44
CA PHE B 493 -24.71 7.42 -17.88
C PHE B 493 -23.94 8.44 -18.67
N TYR B 494 -23.93 9.68 -18.18
CA TYR B 494 -23.29 10.79 -18.88
C TYR B 494 -21.81 10.45 -19.01
N ARG B 495 -21.21 9.90 -17.95
CA ARG B 495 -19.81 9.54 -18.01
C ARG B 495 -19.60 8.35 -18.93
N PHE B 496 -20.51 7.38 -18.86
CA PHE B 496 -20.44 6.20 -19.71
C PHE B 496 -20.42 6.57 -21.20
N ILE B 497 -21.37 7.36 -21.63
CA ILE B 497 -21.44 7.70 -23.04
C ILE B 497 -20.18 8.45 -23.47
N SER B 498 -19.65 9.32 -22.59
CA SER B 498 -18.50 10.13 -22.89
C SER B 498 -17.30 9.30 -23.31
N HIS B 499 -17.06 8.21 -22.59
CA HIS B 499 -15.97 7.29 -22.90
C HIS B 499 -15.89 6.97 -24.40
N PHE B 500 -17.05 6.75 -25.01
CA PHE B 500 -17.12 6.29 -26.39
C PHE B 500 -16.97 7.40 -27.40
N ARG B 501 -16.84 8.63 -26.95
CA ARG B 501 -16.71 9.77 -27.83
C ARG B 501 -15.40 10.49 -27.55
N MET B 502 -14.60 9.88 -26.68
CA MET B 502 -13.32 10.44 -26.22
C MET B 502 -12.22 10.05 -27.19
N VAL B 503 -11.28 10.96 -27.41
CA VAL B 503 -10.11 10.65 -28.22
C VAL B 503 -8.93 11.42 -27.67
N HIS B 504 -7.75 10.81 -27.65
CA HIS B 504 -6.52 11.47 -27.26
C HIS B 504 -5.39 11.09 -28.18
N ARG B 505 -4.21 11.70 -27.98
CA ARG B 505 -3.03 11.47 -28.84
C ARG B 505 -2.12 10.38 -28.30
N GLY B 506 -2.19 10.16 -26.99
CA GLY B 506 -1.38 9.13 -26.37
C GLY B 506 -0.38 9.68 -25.37
N SER B 507 -0.11 8.91 -24.32
CA SER B 507 0.80 9.30 -23.24
C SER B 507 2.11 9.96 -23.67
N PHE B 508 2.63 9.58 -24.84
CA PHE B 508 3.84 10.21 -25.41
C PHE B 508 3.75 11.74 -25.47
N PHE B 509 2.66 12.27 -26.03
CA PHE B 509 2.50 13.71 -26.24
C PHE B 509 2.01 14.47 -25.00
N ALA B 510 1.94 13.77 -23.88
CA ALA B 510 1.39 14.30 -22.62
C ALA B 510 2.48 14.82 -21.70
N GLN B 511 3.68 14.31 -21.90
CA GLN B 511 4.79 14.63 -21.02
C GLN B 511 5.58 15.74 -21.70
N LEU B 512 5.26 15.99 -22.95
CA LEU B 512 5.93 17.04 -23.71
C LEU B 512 5.51 18.43 -23.25
N LYS B 513 6.51 19.25 -22.93
CA LYS B 513 6.32 20.52 -22.24
C LYS B 513 6.06 21.70 -23.19
N THR B 514 5.29 21.48 -24.23
CA THR B 514 4.76 22.61 -24.99
C THR B 514 3.24 22.66 -24.86
N THR B 515 2.68 23.79 -25.27
CA THR B 515 1.25 24.00 -25.18
C THR B 515 0.57 23.61 -26.46
N THR B 516 1.30 23.64 -27.56
CA THR B 516 0.71 23.50 -28.88
C THR B 516 -0.23 22.29 -29.05
N VAL B 517 0.13 21.15 -28.48
CA VAL B 517 -0.75 20.00 -28.57
C VAL B 517 -2.00 20.17 -27.73
N ARG B 518 -2.01 21.17 -26.85
CA ARG B 518 -3.16 21.37 -25.97
C ARG B 518 -4.09 22.49 -26.45
N LYS B 519 -3.60 23.33 -27.35
CA LYS B 519 -4.37 24.47 -27.84
C LYS B 519 -5.57 24.03 -28.65
N LEU B 520 -6.69 24.70 -28.45
CA LEU B 520 -7.84 24.54 -29.33
C LEU B 520 -7.62 25.29 -30.66
N LEU B 521 -7.67 24.55 -31.76
CA LEU B 521 -7.34 25.12 -33.08
C LEU B 521 -8.54 25.15 -34.00
N PRO B 522 -8.59 26.13 -34.90
CA PRO B 522 -9.61 26.28 -35.95
C PRO B 522 -9.78 24.99 -36.75
N GLU B 523 -8.69 24.26 -37.00
CA GLU B 523 -8.83 23.09 -37.84
C GLU B 523 -9.63 21.95 -37.19
N SER B 524 -10.03 22.13 -35.94
CA SER B 524 -10.85 21.15 -35.22
C SER B 524 -12.37 21.38 -35.39
N TRP B 525 -12.73 22.60 -35.76
CA TRP B 525 -14.12 23.04 -35.83
C TRP B 525 -15.00 21.97 -36.46
N GLY B 526 -16.01 21.52 -35.72
CA GLY B 526 -16.92 20.55 -36.26
C GLY B 526 -16.45 19.12 -36.06
N PHE B 527 -15.21 18.94 -35.64
CA PHE B 527 -14.70 17.59 -35.45
C PHE B 527 -14.44 17.29 -33.98
N LEU B 528 -13.70 18.15 -33.29
CA LEU B 528 -13.54 17.99 -31.85
C LEU B 528 -14.33 19.09 -31.18
N CYS B 529 -14.90 18.80 -30.02
CA CYS B 529 -15.63 19.77 -29.24
C CYS B 529 -14.71 20.74 -28.56
N PRO B 530 -15.01 22.02 -28.66
CA PRO B 530 -14.15 23.04 -28.05
C PRO B 530 -14.35 23.16 -26.54
N VAL B 531 -15.40 22.55 -26.00
CA VAL B 531 -15.71 22.67 -24.59
C VAL B 531 -15.25 21.43 -23.77
N HIS B 532 -15.54 20.24 -24.27
CA HIS B 532 -15.47 19.07 -23.45
C HIS B 532 -14.04 18.52 -23.38
N THR B 533 -13.18 19.24 -22.67
CA THR B 533 -11.88 18.74 -22.25
C THR B 533 -11.71 19.00 -20.73
N PRO B 534 -11.07 18.06 -19.99
CA PRO B 534 -10.87 18.21 -18.54
C PRO B 534 -9.99 19.38 -18.15
N ASP B 535 -10.13 19.91 -16.94
CA ASP B 535 -9.14 20.84 -16.44
C ASP B 535 -8.02 20.00 -15.83
N GLY B 536 -7.12 20.63 -15.12
CA GLY B 536 -6.02 19.89 -14.56
C GLY B 536 -5.05 19.44 -15.62
N SER B 537 -4.43 18.29 -15.41
CA SER B 537 -3.28 17.91 -16.19
C SER B 537 -3.58 17.30 -17.57
N PRO B 538 -4.74 16.67 -17.75
CA PRO B 538 -4.89 16.19 -19.12
C PRO B 538 -5.57 17.24 -19.99
N CYS B 539 -5.66 18.47 -19.48
CA CYS B 539 -6.36 19.53 -20.18
C CYS B 539 -5.82 19.74 -21.58
N GLY B 540 -6.68 19.58 -22.56
CA GLY B 540 -6.31 19.80 -23.94
C GLY B 540 -5.89 18.52 -24.63
N LEU B 541 -5.57 17.51 -23.83
CA LEU B 541 -5.07 16.24 -24.37
C LEU B 541 -6.19 15.21 -24.53
N LEU B 542 -7.12 15.14 -23.57
CA LEU B 542 -8.27 14.26 -23.73
C LEU B 542 -9.44 15.07 -24.26
N ASN B 543 -9.90 14.73 -25.46
CA ASN B 543 -10.95 15.49 -26.09
C ASN B 543 -12.12 14.61 -26.45
N HIS B 544 -13.23 15.22 -26.82
CA HIS B 544 -14.36 14.45 -27.31
C HIS B 544 -14.81 15.00 -28.66
N PHE B 545 -15.29 14.12 -29.52
CA PHE B 545 -15.72 14.54 -30.84
C PHE B 545 -16.96 15.40 -30.70
N ALA B 546 -17.18 16.24 -31.70
CA ALA B 546 -18.47 16.88 -31.89
C ALA B 546 -19.53 15.85 -32.26
N HIS B 547 -20.76 16.08 -31.81
CA HIS B 547 -21.71 15.00 -31.58
C HIS B 547 -22.05 14.29 -32.90
N LYS B 548 -22.19 15.06 -33.97
CA LYS B 548 -22.53 14.51 -35.27
C LYS B 548 -21.44 13.55 -35.77
N CYS B 549 -20.18 13.92 -35.56
CA CYS B 549 -19.08 13.20 -36.20
C CYS B 549 -19.41 11.73 -36.47
N ARG B 550 -19.16 11.30 -37.69
CA ARG B 550 -19.48 9.96 -38.13
C ARG B 550 -18.19 9.19 -38.40
N ILE B 551 -18.29 7.86 -38.43
CA ILE B 551 -17.41 7.04 -39.26
C ILE B 551 -18.24 6.00 -40.00
N SER B 552 -17.78 5.60 -41.19
CA SER B 552 -18.42 4.52 -41.93
C SER B 552 -17.48 3.32 -42.06
N THR B 553 -17.99 2.15 -41.69
CA THR B 553 -17.13 1.05 -41.26
C THR B 553 -16.21 0.57 -42.37
N GLN B 554 -16.74 0.51 -43.59
CA GLN B 554 -16.18 -0.35 -44.63
C GLN B 554 -15.70 0.47 -45.82
N GLN B 555 -14.48 0.22 -46.27
CA GLN B 555 -13.93 0.89 -47.43
C GLN B 555 -15.08 1.02 -48.46
N SER B 556 -15.36 2.23 -48.90
CA SER B 556 -16.41 2.44 -49.91
C SER B 556 -15.93 1.96 -51.28
N ASP B 557 -16.86 1.45 -52.08
CA ASP B 557 -16.54 0.96 -53.42
C ASP B 557 -16.15 2.12 -54.31
N VAL B 558 -14.86 2.22 -54.63
CA VAL B 558 -14.42 3.29 -55.51
C VAL B 558 -13.97 2.75 -56.85
N SER B 559 -14.33 1.50 -57.11
CA SER B 559 -13.88 0.81 -58.33
C SER B 559 -14.28 1.52 -59.63
N ARG B 560 -15.33 2.34 -59.58
CA ARG B 560 -15.83 2.94 -60.80
C ARG B 560 -15.42 4.40 -60.92
N ILE B 561 -14.80 4.93 -59.87
CA ILE B 561 -14.32 6.32 -59.90
C ILE B 561 -13.32 6.63 -61.03
N PRO B 562 -12.33 5.75 -61.25
CA PRO B 562 -11.42 6.00 -62.37
C PRO B 562 -12.13 6.27 -63.67
N SER B 563 -13.14 5.50 -64.03
CA SER B 563 -13.82 5.78 -65.31
C SER B 563 -14.59 7.11 -65.34
N ILE B 564 -15.26 7.45 -64.25
CA ILE B 564 -15.87 8.75 -64.10
C ILE B 564 -14.81 9.84 -64.26
N LEU B 565 -13.64 9.64 -63.64
CA LEU B 565 -12.55 10.63 -63.75
C LEU B 565 -12.07 10.79 -65.19
N TYR B 566 -11.92 9.65 -65.88
CA TYR B 566 -11.40 9.68 -67.23
C TYR B 566 -12.37 10.45 -68.10
N SER B 567 -13.66 10.21 -67.89
CA SER B 567 -14.70 10.84 -68.69
C SER B 567 -14.76 12.35 -68.44
N LEU B 568 -14.26 12.79 -67.30
CA LEU B 568 -14.29 14.22 -66.99
C LEU B 568 -13.04 14.93 -67.49
N GLY B 569 -12.22 14.20 -68.23
CA GLY B 569 -11.04 14.79 -68.82
C GLY B 569 -9.72 14.58 -68.09
N VAL B 570 -9.70 13.69 -67.12
CA VAL B 570 -8.45 13.30 -66.48
C VAL B 570 -7.57 12.47 -67.43
N ALA B 571 -6.35 12.95 -67.67
CA ALA B 571 -5.40 12.26 -68.54
C ALA B 571 -4.82 11.07 -67.81
N PRO B 572 -5.06 9.87 -68.34
CA PRO B 572 -4.60 8.62 -67.71
C PRO B 572 -3.07 8.57 -67.45
N ALA B 573 -2.70 8.19 -66.23
CA ALA B 573 -1.29 8.21 -65.83
C ALA B 573 -0.39 7.24 -66.60
N SER B 574 -0.98 6.16 -67.09
CA SER B 574 -0.24 5.15 -67.82
C SER B 574 0.49 5.70 -69.08
N HIS B 575 -0.06 6.75 -69.68
CA HIS B 575 0.60 7.35 -70.83
C HIS B 575 0.86 8.85 -70.70
N THR B 576 0.88 9.34 -69.48
CA THR B 576 1.07 10.76 -69.23
C THR B 576 2.18 10.96 -68.20
N PHE B 577 3.26 11.59 -68.64
CA PHE B 577 4.39 11.85 -67.76
C PHE B 577 4.38 13.32 -67.36
N ALA B 578 3.99 13.60 -66.13
CA ALA B 578 3.91 14.98 -65.67
C ALA B 578 4.38 15.00 -64.24
N ALA B 579 4.53 16.20 -63.69
CA ALA B 579 5.15 16.35 -62.38
C ALA B 579 5.04 17.79 -61.87
N GLY B 580 5.13 17.93 -60.55
CA GLY B 580 5.15 19.26 -59.95
C GLY B 580 3.82 20.00 -59.93
N PRO B 581 3.78 21.11 -59.19
CA PRO B 581 2.56 21.85 -58.84
C PRO B 581 2.02 22.73 -59.93
N SER B 582 2.55 22.62 -61.14
CA SER B 582 2.05 23.36 -62.29
C SER B 582 0.73 22.77 -62.74
N LEU B 583 0.47 21.53 -62.32
CA LEU B 583 -0.81 20.91 -62.62
C LEU B 583 -1.35 19.97 -61.54
N CYS B 584 -2.57 19.50 -61.76
CA CYS B 584 -3.32 18.81 -60.72
C CYS B 584 -3.18 17.29 -60.81
N CYS B 585 -2.45 16.71 -59.87
CA CYS B 585 -2.37 15.27 -59.80
C CYS B 585 -3.66 14.72 -59.19
N VAL B 586 -4.27 13.72 -59.83
CA VAL B 586 -5.54 13.16 -59.35
C VAL B 586 -5.37 11.76 -58.77
N GLN B 587 -5.71 11.63 -57.48
CA GLN B 587 -5.49 10.38 -56.75
C GLN B 587 -6.77 9.85 -56.08
N ILE B 588 -6.87 8.53 -55.97
CA ILE B 588 -7.93 7.91 -55.18
C ILE B 588 -7.26 7.00 -54.18
N ASP B 589 -7.41 7.32 -52.89
CA ASP B 589 -6.94 6.43 -51.83
C ASP B 589 -5.47 6.13 -52.04
N GLY B 590 -4.71 7.15 -52.39
CA GLY B 590 -3.29 7.05 -52.55
C GLY B 590 -2.84 6.40 -53.86
N LYS B 591 -3.76 6.16 -54.80
CA LYS B 591 -3.36 5.73 -56.15
C LYS B 591 -3.52 6.88 -57.16
N ILE B 592 -2.44 7.20 -57.87
CA ILE B 592 -2.50 8.19 -58.93
C ILE B 592 -3.26 7.67 -60.15
N ILE B 593 -4.32 8.40 -60.53
CA ILE B 593 -5.17 8.03 -61.65
C ILE B 593 -4.75 8.80 -62.91
N GLY B 594 -4.35 10.04 -62.71
CA GLY B 594 -3.92 10.85 -63.83
C GLY B 594 -3.77 12.33 -63.55
N TRP B 595 -3.75 13.13 -64.62
CA TRP B 595 -3.41 14.55 -64.53
C TRP B 595 -4.40 15.47 -65.26
N VAL B 596 -4.66 16.64 -64.68
CA VAL B 596 -5.48 17.66 -65.32
C VAL B 596 -4.89 18.99 -64.93
N SER B 597 -5.31 20.05 -65.63
CA SER B 597 -5.02 21.42 -65.21
C SER B 597 -5.68 21.70 -63.86
N HIS B 598 -5.21 22.72 -63.14
CA HIS B 598 -5.86 23.12 -61.91
C HIS B 598 -7.29 23.60 -62.15
N GLU B 599 -7.51 24.32 -63.26
CA GLU B 599 -8.84 24.89 -63.53
C GLU B 599 -9.85 23.77 -63.70
N GLN B 600 -9.46 22.76 -64.46
CA GLN B 600 -10.34 21.62 -64.68
C GLN B 600 -10.43 20.75 -63.43
N GLY B 601 -9.36 20.72 -62.68
CA GLY B 601 -9.33 19.99 -61.44
C GLY B 601 -10.40 20.47 -60.50
N LYS B 602 -10.56 21.78 -60.38
CA LYS B 602 -11.62 22.36 -59.54
C LYS B 602 -13.02 22.04 -60.05
N ILE B 603 -13.20 22.17 -61.36
CA ILE B 603 -14.48 21.82 -61.98
C ILE B 603 -14.83 20.36 -61.75
N ILE B 604 -13.82 19.49 -61.79
CA ILE B 604 -14.06 18.08 -61.55
C ILE B 604 -14.49 17.87 -60.10
N ALA B 605 -13.81 18.55 -59.19
CA ALA B 605 -14.11 18.44 -57.78
C ALA B 605 -15.55 18.85 -57.53
N ASP B 606 -15.94 19.96 -58.15
CA ASP B 606 -17.28 20.50 -57.99
C ASP B 606 -18.34 19.61 -58.65
N THR B 607 -17.99 19.03 -59.80
CA THR B 607 -18.90 18.17 -60.51
C THR B 607 -19.12 16.90 -59.70
N LEU B 608 -18.00 16.32 -59.26
CA LEU B 608 -18.05 15.10 -58.45
C LEU B 608 -18.94 15.31 -57.22
N ARG B 609 -18.77 16.43 -56.54
CA ARG B 609 -19.59 16.75 -55.37
C ARG B 609 -21.10 16.79 -55.70
N TYR B 610 -21.47 17.57 -56.71
CA TYR B 610 -22.84 17.68 -57.17
C TYR B 610 -23.41 16.31 -57.51
N TRP B 611 -22.67 15.50 -58.25
CA TRP B 611 -23.14 14.17 -58.63
C TRP B 611 -23.28 13.24 -57.44
N LYS B 612 -22.32 13.35 -56.53
CA LYS B 612 -22.25 12.54 -55.32
C LYS B 612 -23.53 12.73 -54.50
N VAL B 613 -23.88 14.00 -54.29
CA VAL B 613 -25.03 14.39 -53.46
C VAL B 613 -26.37 14.13 -54.14
N GLU B 614 -26.44 14.42 -55.44
CA GLU B 614 -27.59 14.04 -56.25
C GLU B 614 -27.96 12.56 -56.12
N GLY B 615 -26.97 11.69 -56.06
CA GLY B 615 -27.21 10.30 -55.76
C GLY B 615 -27.67 9.45 -56.93
N LYS B 616 -27.47 9.95 -58.15
CA LYS B 616 -27.95 9.24 -59.32
C LYS B 616 -26.82 8.70 -60.18
N THR B 617 -25.59 8.83 -59.69
CA THR B 617 -24.42 8.30 -60.41
C THR B 617 -23.89 7.07 -59.71
N PRO B 618 -24.02 5.89 -60.34
CA PRO B 618 -23.61 4.67 -59.66
C PRO B 618 -22.11 4.56 -59.57
N GLY B 619 -21.62 4.07 -58.44
CA GLY B 619 -20.18 3.94 -58.22
C GLY B 619 -19.59 5.15 -57.54
N LEU B 620 -20.45 6.10 -57.18
CA LEU B 620 -20.01 7.34 -56.55
C LEU B 620 -20.81 7.64 -55.25
N PRO B 621 -20.28 7.19 -54.09
CA PRO B 621 -20.99 7.16 -52.80
C PRO B 621 -20.97 8.50 -52.05
N ILE B 622 -22.02 8.86 -51.30
CA ILE B 622 -22.08 10.18 -50.65
C ILE B 622 -20.87 10.53 -49.83
N ASP B 623 -20.27 9.50 -49.24
CA ASP B 623 -19.21 9.73 -48.25
C ASP B 623 -17.83 9.95 -48.87
N LEU B 624 -17.74 10.04 -50.19
CA LEU B 624 -16.44 10.24 -50.79
C LEU B 624 -15.86 11.58 -50.35
N GLU B 625 -14.65 11.57 -49.79
CA GLU B 625 -13.93 12.82 -49.53
C GLU B 625 -13.35 13.35 -50.82
N ILE B 626 -13.64 14.61 -51.13
CA ILE B 626 -13.10 15.25 -52.32
C ILE B 626 -12.06 16.27 -51.91
N GLY B 627 -10.83 15.81 -51.73
CA GLY B 627 -9.75 16.66 -51.28
C GLY B 627 -9.09 17.50 -52.35
N TYR B 628 -9.82 18.49 -52.87
CA TYR B 628 -9.24 19.40 -53.85
C TYR B 628 -8.40 20.43 -53.14
N VAL B 629 -7.16 20.57 -53.59
CA VAL B 629 -6.26 21.55 -53.03
C VAL B 629 -5.80 22.43 -54.16
N PRO B 630 -6.22 23.70 -54.16
CA PRO B 630 -5.88 24.62 -55.24
C PRO B 630 -4.40 24.94 -55.27
N PRO B 631 -3.92 25.45 -56.42
CA PRO B 631 -2.60 26.06 -56.46
C PRO B 631 -2.60 27.26 -55.53
N SER B 632 -1.42 27.64 -55.06
CA SER B 632 -1.31 28.80 -54.18
C SER B 632 0.12 29.29 -54.26
N THR B 633 0.45 30.30 -53.48
CA THR B 633 1.82 30.77 -53.40
C THR B 633 2.44 30.36 -52.07
N ARG B 634 3.25 29.29 -52.11
CA ARG B 634 3.90 28.71 -50.92
C ARG B 634 2.96 28.08 -49.89
N GLY B 635 1.78 27.66 -50.36
CA GLY B 635 0.85 26.94 -49.52
C GLY B 635 0.98 25.44 -49.62
N GLN B 636 -0.12 24.74 -49.34
CA GLN B 636 -0.11 23.30 -49.36
C GLN B 636 0.05 22.81 -50.78
N TYR B 637 0.82 21.74 -50.95
CA TYR B 637 1.07 21.15 -52.25
C TYR B 637 -0.26 20.73 -52.89
N PRO B 638 -0.55 21.22 -54.09
CA PRO B 638 -1.85 21.08 -54.74
C PRO B 638 -2.18 19.69 -55.25
N GLY B 639 -3.40 19.53 -55.71
CA GLY B 639 -3.83 18.29 -56.31
C GLY B 639 -5.25 17.96 -55.90
N LEU B 640 -5.78 16.87 -56.45
CA LEU B 640 -7.13 16.42 -56.15
C LEU B 640 -7.06 15.06 -55.48
N TYR B 641 -7.20 15.04 -54.16
CA TYR B 641 -7.09 13.78 -53.41
C TYR B 641 -8.45 13.22 -52.96
N LEU B 642 -8.89 12.15 -53.60
CA LEU B 642 -10.13 11.50 -53.22
C LEU B 642 -9.86 10.37 -52.22
N PHE B 643 -10.64 10.29 -51.16
CA PHE B 643 -10.55 9.21 -50.20
C PHE B 643 -11.88 8.52 -49.97
N GLY B 644 -11.86 7.22 -49.78
CA GLY B 644 -13.06 6.46 -49.46
C GLY B 644 -12.78 5.35 -48.45
N GLY B 645 -11.77 5.57 -47.62
CA GLY B 645 -11.42 4.72 -46.50
C GLY B 645 -12.34 4.77 -45.27
N HIS B 646 -12.26 3.70 -44.48
CA HIS B 646 -12.96 3.56 -43.20
C HIS B 646 -12.29 4.33 -42.05
N SER B 647 -12.97 4.35 -40.89
CA SER B 647 -12.60 5.13 -39.70
C SER B 647 -12.49 6.64 -39.94
N ARG B 648 -13.45 7.16 -40.69
CA ARG B 648 -13.54 8.57 -41.04
C ARG B 648 -14.58 9.36 -40.23
N MET B 649 -14.21 10.56 -39.79
CA MET B 649 -15.20 11.46 -39.20
C MET B 649 -16.04 12.10 -40.31
N LEU B 650 -17.35 11.96 -40.21
CA LEU B 650 -18.28 12.48 -41.19
C LEU B 650 -19.43 13.21 -40.50
N ARG B 651 -19.93 14.28 -41.11
CA ARG B 651 -21.06 15.01 -40.51
C ARG B 651 -22.00 15.56 -41.56
N PRO B 652 -23.30 15.67 -41.22
CA PRO B 652 -24.22 16.19 -42.24
C PRO B 652 -24.23 17.71 -42.29
N VAL B 653 -24.18 18.25 -43.51
CA VAL B 653 -24.36 19.68 -43.76
C VAL B 653 -25.22 19.79 -44.99
N ARG B 654 -25.73 20.99 -45.24
CA ARG B 654 -26.74 21.23 -46.28
C ARG B 654 -26.14 21.91 -47.52
N TYR B 655 -26.29 21.24 -48.67
CA TYR B 655 -25.71 21.67 -49.94
C TYR B 655 -26.69 22.59 -50.68
N LEU B 656 -26.24 23.80 -51.03
CA LEU B 656 -27.16 24.82 -51.56
C LEU B 656 -27.54 24.77 -53.06
N PRO B 657 -26.68 24.24 -53.95
CA PRO B 657 -27.13 24.19 -55.34
C PRO B 657 -28.37 23.32 -55.59
N LEU B 658 -28.42 22.11 -55.03
CA LEU B 658 -29.67 21.36 -54.89
C LEU B 658 -30.13 21.83 -53.53
N ASP B 659 -31.01 21.10 -52.86
CA ASP B 659 -31.19 21.47 -51.45
C ASP B 659 -31.13 20.22 -50.60
N LYS B 660 -30.06 19.45 -50.75
CA LYS B 660 -30.02 18.14 -50.13
C LYS B 660 -28.95 18.10 -49.10
N GLU B 661 -29.00 17.05 -48.30
CA GLU B 661 -27.95 16.72 -47.36
C GLU B 661 -26.66 16.34 -48.11
N ASP B 662 -25.54 16.92 -47.65
CA ASP B 662 -24.21 16.48 -48.06
C ASP B 662 -23.49 15.92 -46.83
N ILE B 663 -22.46 15.09 -47.04
CA ILE B 663 -21.67 14.53 -45.95
C ILE B 663 -20.24 14.97 -46.08
N VAL B 664 -19.66 15.41 -44.98
CA VAL B 664 -18.40 16.13 -45.01
C VAL B 664 -17.42 15.70 -43.91
N GLY B 665 -16.15 15.55 -44.30
CA GLY B 665 -15.09 15.22 -43.36
C GLY B 665 -14.19 16.39 -43.02
N PRO B 666 -13.35 16.24 -41.97
CA PRO B 666 -12.51 17.32 -41.46
C PRO B 666 -11.38 17.74 -42.39
N PHE B 667 -11.01 16.88 -43.35
CA PHE B 667 -9.95 17.19 -44.28
C PHE B 667 -10.44 18.17 -45.33
N GLU B 668 -11.63 17.89 -45.87
CA GLU B 668 -12.21 18.74 -46.92
C GLU B 668 -12.73 20.07 -46.37
N GLN B 669 -13.15 20.04 -45.12
CA GLN B 669 -13.84 21.20 -44.54
C GLN B 669 -12.98 22.43 -44.42
N VAL B 670 -11.69 22.24 -44.24
CA VAL B 670 -10.75 23.35 -44.09
C VAL B 670 -10.88 24.40 -45.22
N TYR B 671 -11.24 23.95 -46.42
CA TYR B 671 -11.39 24.83 -47.56
C TYR B 671 -12.86 25.10 -47.95
N MET B 672 -13.80 24.58 -47.17
CA MET B 672 -15.24 24.73 -47.46
C MET B 672 -15.93 25.95 -46.83
N ASN B 673 -16.66 26.71 -47.63
CA ASN B 673 -17.43 27.79 -47.04
C ASN B 673 -18.84 27.38 -46.62
N ILE B 674 -19.02 27.11 -45.33
CA ILE B 674 -20.28 26.59 -44.80
C ILE B 674 -20.92 27.59 -43.85
N ALA B 675 -22.04 28.21 -44.25
CA ALA B 675 -22.66 29.26 -43.45
C ALA B 675 -23.29 28.68 -42.18
N VAL B 676 -23.27 29.42 -41.09
CA VAL B 676 -23.80 28.90 -39.84
C VAL B 676 -25.32 28.86 -39.86
N THR B 677 -25.93 29.93 -40.37
CA THR B 677 -27.39 30.02 -40.48
C THR B 677 -27.78 30.51 -41.87
N PRO B 678 -28.98 30.15 -42.33
CA PRO B 678 -29.41 30.57 -43.66
C PRO B 678 -29.39 32.08 -43.84
N GLN B 679 -29.57 32.81 -42.74
CA GLN B 679 -29.56 34.27 -42.81
C GLN B 679 -28.17 34.80 -43.19
N GLU B 680 -27.12 34.08 -42.84
CA GLU B 680 -25.76 34.60 -43.00
C GLU B 680 -25.07 34.18 -44.28
N ILE B 681 -25.81 33.52 -45.17
CA ILE B 681 -25.30 33.06 -46.46
C ILE B 681 -24.94 34.22 -47.39
N GLN B 682 -23.71 34.24 -47.91
CA GLN B 682 -23.28 35.28 -48.85
C GLN B 682 -23.15 34.73 -50.26
N ASN B 683 -23.52 35.54 -51.25
CA ASN B 683 -23.41 35.20 -52.66
C ASN B 683 -21.98 34.95 -53.05
N ASN B 684 -21.75 34.00 -53.95
CA ASN B 684 -20.41 33.71 -54.44
C ASN B 684 -19.41 33.40 -53.33
N VAL B 685 -19.91 32.91 -52.22
CA VAL B 685 -19.08 32.60 -51.08
C VAL B 685 -19.46 31.25 -50.50
N HIS B 686 -20.65 31.14 -49.94
CA HIS B 686 -21.03 29.89 -49.31
C HIS B 686 -21.67 28.91 -50.27
N THR B 687 -21.17 27.67 -50.24
CA THR B 687 -21.73 26.54 -50.99
C THR B 687 -22.64 25.63 -50.16
N HIS B 688 -22.48 25.70 -48.83
CA HIS B 688 -23.31 24.93 -47.90
C HIS B 688 -23.77 25.84 -46.75
N VAL B 689 -24.73 25.34 -45.98
CA VAL B 689 -25.12 25.96 -44.72
C VAL B 689 -25.37 24.81 -43.74
N GLU B 690 -25.26 25.08 -42.45
CA GLU B 690 -25.53 24.06 -41.43
C GLU B 690 -27.01 23.76 -41.32
N PHE B 691 -27.35 22.55 -40.95
CA PHE B 691 -28.73 22.24 -40.64
C PHE B 691 -29.19 23.04 -39.40
N THR B 692 -28.41 22.97 -38.32
CA THR B 692 -28.50 23.92 -37.21
C THR B 692 -27.19 23.89 -36.46
N PRO B 693 -26.82 25.02 -35.86
CA PRO B 693 -25.58 25.07 -35.09
C PRO B 693 -25.55 24.01 -34.00
N THR B 694 -26.70 23.54 -33.50
CA THR B 694 -26.67 22.53 -32.44
C THR B 694 -25.95 21.27 -32.87
N ASN B 695 -25.76 21.09 -34.17
CA ASN B 695 -24.99 19.96 -34.67
C ASN B 695 -23.52 19.92 -34.21
N ILE B 696 -23.00 21.05 -33.75
CA ILE B 696 -21.60 21.14 -33.43
C ILE B 696 -21.34 20.82 -31.97
N LEU B 697 -22.40 20.67 -31.19
CA LEU B 697 -22.25 20.37 -29.78
C LEU B 697 -22.43 18.88 -29.52
N SER B 698 -21.86 18.46 -28.41
CA SER B 698 -21.69 17.05 -28.08
C SER B 698 -22.94 16.51 -27.40
N ILE B 699 -22.81 15.35 -26.80
CA ILE B 699 -23.86 14.85 -25.93
C ILE B 699 -24.04 15.87 -24.81
N LEU B 700 -22.94 16.44 -24.32
CA LEU B 700 -22.97 17.10 -23.02
C LEU B 700 -22.98 18.60 -23.17
N ALA B 701 -22.20 19.08 -24.13
CA ALA B 701 -22.12 20.51 -24.39
C ALA B 701 -23.45 21.05 -24.87
N ASN B 702 -24.21 20.21 -25.57
CA ASN B 702 -25.52 20.59 -26.09
C ASN B 702 -26.57 20.67 -24.99
N LEU B 703 -26.32 20.03 -23.86
CA LEU B 703 -27.32 19.93 -22.81
C LEU B 703 -27.26 21.11 -21.84
N THR B 704 -26.10 21.75 -21.77
CA THR B 704 -25.94 22.92 -20.92
C THR B 704 -26.88 24.03 -21.38
N PRO B 705 -27.84 24.39 -20.52
CA PRO B 705 -28.84 25.41 -20.83
C PRO B 705 -28.25 26.79 -20.96
N PHE B 706 -28.62 27.49 -22.03
CA PHE B 706 -28.21 28.87 -22.26
C PHE B 706 -26.70 29.04 -22.29
N SER B 707 -25.99 28.03 -22.76
CA SER B 707 -24.52 28.08 -22.77
C SER B 707 -23.96 29.29 -23.49
N ASP B 708 -24.71 29.85 -24.43
CA ASP B 708 -24.23 31.01 -25.18
C ASP B 708 -24.24 32.28 -24.34
N PHE B 709 -24.57 32.12 -23.05
CA PHE B 709 -24.59 33.20 -22.09
C PHE B 709 -23.60 32.97 -20.93
N ASN B 710 -22.77 31.93 -21.04
CA ASN B 710 -21.71 31.69 -20.05
C ASN B 710 -20.35 31.94 -20.65
N GLN B 711 -19.43 32.45 -19.85
CA GLN B 711 -18.02 32.48 -20.24
C GLN B 711 -17.57 31.05 -20.52
N SER B 712 -16.70 30.87 -21.50
CA SER B 712 -16.38 29.50 -21.98
C SER B 712 -15.91 28.48 -20.96
N PRO B 713 -15.03 28.88 -20.04
CA PRO B 713 -14.57 27.86 -19.09
C PRO B 713 -15.66 27.24 -18.22
N ARG B 714 -16.77 27.95 -18.00
CA ARG B 714 -17.89 27.43 -17.26
C ARG B 714 -18.59 26.35 -18.03
N ASN B 715 -18.84 26.56 -19.30
CA ASN B 715 -19.44 25.51 -20.12
C ASN B 715 -18.51 24.30 -20.19
N MET B 716 -17.20 24.57 -20.16
CA MET B 716 -16.21 23.52 -20.17
C MET B 716 -16.32 22.78 -18.86
N TYR B 717 -16.29 23.54 -17.77
CA TYR B 717 -16.42 22.94 -16.47
C TYR B 717 -17.70 22.11 -16.27
N GLN B 718 -18.82 22.56 -16.81
CA GLN B 718 -20.05 21.79 -16.70
C GLN B 718 -19.92 20.39 -17.27
N CYS B 719 -19.19 20.23 -18.35
CA CYS B 719 -19.00 18.91 -18.95
C CYS B 719 -18.25 18.01 -17.97
N GLN B 720 -17.37 18.59 -17.18
CA GLN B 720 -16.66 17.84 -16.18
C GLN B 720 -17.57 17.47 -15.01
N MET B 721 -18.31 18.44 -14.50
CA MET B 721 -19.25 18.20 -13.40
C MET B 721 -20.32 17.18 -13.75
N GLY B 722 -20.96 17.34 -14.92
CA GLY B 722 -21.99 16.41 -15.34
C GLY B 722 -21.52 14.96 -15.30
N LYS B 723 -20.24 14.73 -15.63
CA LYS B 723 -19.65 13.39 -15.65
C LYS B 723 -19.21 12.92 -14.24
N GLN B 724 -19.30 13.82 -13.29
CA GLN B 724 -18.85 13.51 -11.95
C GLN B 724 -20.07 13.45 -10.98
N THR B 725 -21.29 13.66 -11.49
CA THR B 725 -22.43 13.72 -10.57
C THR B 725 -22.94 12.36 -10.13
N MET B 726 -23.47 12.30 -8.91
CA MET B 726 -24.19 11.14 -8.41
C MET B 726 -25.57 11.17 -9.07
N GLY B 727 -25.82 10.27 -10.01
CA GLY B 727 -27.04 10.31 -10.79
C GLY B 727 -27.63 8.93 -10.97
N THR B 728 -27.87 8.53 -12.22
CA THR B 728 -28.43 7.21 -12.49
C THR B 728 -27.49 6.32 -13.31
N PRO B 729 -26.85 5.33 -12.67
CA PRO B 729 -25.91 4.49 -13.42
C PRO B 729 -26.66 3.51 -14.32
N GLY B 730 -27.94 3.35 -14.04
CA GLY B 730 -28.70 2.38 -14.76
C GLY B 730 -29.83 1.90 -13.91
N VAL B 731 -30.61 0.98 -14.44
CA VAL B 731 -31.88 0.65 -13.85
C VAL B 731 -31.98 -0.86 -13.64
N ALA B 732 -31.17 -1.61 -14.41
CA ALA B 732 -31.07 -3.07 -14.26
C ALA B 732 -30.02 -3.46 -13.23
N LEU B 733 -29.89 -2.63 -12.19
CA LEU B 733 -28.77 -2.71 -11.27
C LEU B 733 -28.73 -4.02 -10.50
N CYS B 734 -29.87 -4.69 -10.44
CA CYS B 734 -29.94 -5.85 -9.58
C CYS B 734 -29.31 -7.10 -10.19
N HIS B 735 -28.86 -6.99 -11.45
CA HIS B 735 -28.21 -8.12 -12.12
C HIS B 735 -26.75 -7.80 -12.36
N ARG B 736 -26.28 -6.77 -11.67
CA ARG B 736 -24.94 -6.29 -11.82
C ARG B 736 -24.15 -6.55 -10.54
N SER B 737 -22.84 -6.73 -10.68
CA SER B 737 -21.94 -6.90 -9.57
C SER B 737 -20.73 -6.01 -9.80
N ASP B 738 -21.02 -4.74 -10.12
CA ASP B 738 -19.98 -3.74 -10.33
C ASP B 738 -19.18 -3.44 -9.08
N ASN B 739 -17.96 -2.97 -9.31
CA ASN B 739 -17.06 -2.65 -8.24
C ASN B 739 -17.63 -1.55 -7.34
N LYS B 740 -18.11 -0.46 -7.96
CA LYS B 740 -18.63 0.70 -7.23
C LYS B 740 -19.70 1.41 -8.06
N LEU B 741 -20.89 1.60 -7.48
CA LEU B 741 -21.95 2.36 -8.15
C LEU B 741 -22.37 3.49 -7.26
N TYR B 742 -22.64 4.65 -7.86
CA TYR B 742 -23.25 5.76 -7.14
C TYR B 742 -24.65 5.98 -7.67
N ARG B 743 -25.59 6.19 -6.77
CA ARG B 743 -26.97 6.35 -7.20
C ARG B 743 -27.73 7.45 -6.47
N LEU B 744 -28.16 8.47 -7.20
CA LEU B 744 -29.10 9.47 -6.68
C LEU B 744 -30.44 8.77 -6.61
N GLN B 745 -31.16 8.95 -5.51
CA GLN B 745 -32.39 8.19 -5.32
C GLN B 745 -33.53 8.73 -6.14
N THR B 746 -33.75 10.05 -6.03
CA THR B 746 -34.86 10.69 -6.73
C THR B 746 -34.40 11.81 -7.65
N GLY B 747 -34.40 11.54 -8.95
CA GLY B 747 -34.13 12.58 -9.91
C GLY B 747 -35.40 13.19 -10.45
N GLN B 748 -35.28 14.39 -11.00
CA GLN B 748 -36.39 15.02 -11.72
C GLN B 748 -35.97 15.37 -13.14
N THR B 749 -36.95 15.46 -14.04
CA THR B 749 -36.70 16.04 -15.37
C THR B 749 -36.41 17.50 -15.15
N PRO B 750 -35.50 18.08 -15.93
CA PRO B 750 -35.30 19.52 -15.77
C PRO B 750 -36.45 20.33 -16.39
N ILE B 751 -36.86 21.42 -15.74
CA ILE B 751 -37.89 22.29 -16.33
C ILE B 751 -37.28 23.05 -17.52
N VAL B 752 -36.04 23.51 -17.33
CA VAL B 752 -35.24 24.13 -18.38
C VAL B 752 -34.31 23.08 -19.01
N LYS B 753 -34.49 22.86 -20.30
CA LYS B 753 -34.04 21.66 -20.97
C LYS B 753 -33.50 22.11 -22.28
N ALA B 754 -32.55 21.35 -22.83
CA ALA B 754 -32.22 21.43 -24.24
C ALA B 754 -33.10 20.40 -24.94
N ASN B 755 -33.60 20.68 -26.13
CA ASN B 755 -34.52 19.72 -26.74
C ASN B 755 -33.82 18.40 -27.00
N LEU B 756 -32.51 18.47 -27.20
CA LEU B 756 -31.73 17.26 -27.41
C LEU B 756 -31.70 16.36 -26.17
N TYR B 757 -32.01 16.91 -25.01
CA TYR B 757 -32.10 16.12 -23.80
C TYR B 757 -33.17 15.03 -23.99
N ASP B 758 -34.23 15.37 -24.70
CA ASP B 758 -35.27 14.40 -24.98
C ASP B 758 -34.77 13.42 -26.04
N ASP B 759 -34.07 13.92 -27.04
CA ASP B 759 -33.65 13.09 -28.18
C ASP B 759 -32.66 11.99 -27.82
N TYR B 760 -31.83 12.24 -26.80
CA TYR B 760 -30.87 11.23 -26.32
C TYR B 760 -31.44 10.35 -25.20
N GLY B 761 -32.74 10.49 -24.94
CA GLY B 761 -33.42 9.74 -23.91
C GLY B 761 -32.89 9.93 -22.50
N MET B 762 -32.52 11.15 -22.16
CA MET B 762 -31.84 11.41 -20.89
C MET B 762 -32.69 11.23 -19.64
N ASP B 763 -34.00 11.15 -19.81
CA ASP B 763 -34.89 10.96 -18.67
C ASP B 763 -34.76 9.55 -18.15
N ASN B 764 -34.18 8.67 -18.97
CA ASN B 764 -33.95 7.29 -18.52
C ASN B 764 -32.85 7.23 -17.48
N PHE B 765 -32.09 8.30 -17.36
CA PHE B 765 -31.03 8.39 -16.36
C PHE B 765 -31.03 9.77 -15.71
N PRO B 766 -32.02 10.02 -14.83
CA PRO B 766 -32.11 11.30 -14.13
C PRO B 766 -30.79 11.60 -13.46
N ASN B 767 -30.34 12.84 -13.53
CA ASN B 767 -28.99 13.23 -13.17
C ASN B 767 -28.96 14.40 -12.21
N GLY B 768 -30.10 14.75 -11.63
CA GLY B 768 -30.19 15.94 -10.83
C GLY B 768 -31.61 16.23 -10.42
N PHE B 769 -31.85 17.43 -9.93
CA PHE B 769 -33.17 17.79 -9.41
C PHE B 769 -33.40 19.29 -9.47
N ASN B 770 -34.66 19.68 -9.48
CA ASN B 770 -34.99 21.09 -9.58
C ASN B 770 -35.07 21.70 -8.20
N ALA B 771 -34.06 22.48 -7.83
CA ALA B 771 -34.03 23.12 -6.52
C ALA B 771 -34.63 24.52 -6.52
N VAL B 772 -35.16 24.94 -5.38
CA VAL B 772 -35.48 26.34 -5.24
C VAL B 772 -34.21 27.03 -4.79
N VAL B 773 -33.67 27.88 -5.65
CA VAL B 773 -32.39 28.47 -5.35
C VAL B 773 -32.55 29.95 -5.16
N ALA B 774 -31.99 30.45 -4.06
CA ALA B 774 -31.91 31.88 -3.81
C ALA B 774 -30.46 32.39 -3.91
N VAL B 775 -30.27 33.48 -4.64
CA VAL B 775 -28.97 34.11 -4.72
C VAL B 775 -28.90 35.16 -3.64
N ILE B 776 -28.48 34.76 -2.46
CA ILE B 776 -28.51 35.67 -1.33
C ILE B 776 -27.27 35.52 -0.41
N SER B 777 -26.77 36.65 0.06
CA SER B 777 -25.84 36.67 1.18
C SER B 777 -26.69 36.77 2.42
N TYR B 778 -26.57 35.80 3.31
CA TYR B 778 -27.46 35.77 4.46
C TYR B 778 -26.86 34.94 5.62
N THR B 779 -26.48 33.70 5.35
CA THR B 779 -25.99 32.84 6.43
C THR B 779 -24.61 33.21 6.92
N GLY B 780 -23.78 33.75 6.04
CA GLY B 780 -22.42 34.06 6.43
C GLY B 780 -21.47 32.86 6.28
N TYR B 781 -22.01 31.72 5.85
CA TYR B 781 -21.28 30.47 5.77
C TYR B 781 -21.12 30.08 4.31
N ASP B 782 -21.51 30.98 3.41
CA ASP B 782 -21.62 30.66 1.99
C ASP B 782 -20.63 31.45 1.11
N MET B 783 -19.62 32.06 1.75
CA MET B 783 -18.58 32.76 1.01
C MET B 783 -17.58 31.75 0.44
N ASP B 784 -16.70 32.20 -0.46
CA ASP B 784 -15.68 31.31 -1.06
C ASP B 784 -16.25 30.04 -1.73
N ASP B 785 -17.39 30.23 -2.40
CA ASP B 785 -18.04 29.16 -3.15
C ASP B 785 -18.63 28.05 -2.30
N ALA B 786 -18.68 28.26 -0.99
CA ALA B 786 -19.39 27.33 -0.13
C ALA B 786 -20.89 27.58 -0.36
N MET B 787 -21.71 26.56 -0.13
CA MET B 787 -23.16 26.71 -0.27
C MET B 787 -23.94 26.11 0.88
N ILE B 788 -25.21 26.46 0.93
CA ILE B 788 -26.13 26.09 2.01
C ILE B 788 -27.21 25.16 1.49
N ILE B 789 -27.54 24.14 2.25
CA ILE B 789 -28.68 23.30 1.93
C ILE B 789 -29.69 23.41 3.05
N ASN B 790 -30.96 23.54 2.70
CA ASN B 790 -32.02 23.62 3.69
C ASN B 790 -32.12 22.33 4.51
N LYS B 791 -32.05 22.46 5.84
CA LYS B 791 -32.04 21.30 6.73
C LYS B 791 -33.31 20.47 6.62
N SER B 792 -34.44 21.12 6.39
CA SER B 792 -35.70 20.40 6.33
C SER B 792 -35.83 19.78 4.97
N ALA B 793 -35.36 20.50 3.95
CA ALA B 793 -35.30 19.96 2.61
C ALA B 793 -34.54 18.65 2.64
N ASP B 794 -33.35 18.68 3.25
CA ASP B 794 -32.57 17.48 3.42
C ASP B 794 -33.40 16.40 4.10
N GLU B 795 -33.97 16.72 5.27
CA GLU B 795 -34.71 15.74 6.04
C GLU B 795 -35.93 15.19 5.32
N ARG B 796 -36.35 15.86 4.24
CA ARG B 796 -37.51 15.41 3.47
C ARG B 796 -37.14 14.65 2.21
N GLY B 797 -35.86 14.29 2.09
CA GLY B 797 -35.36 13.51 0.96
C GLY B 797 -34.48 14.20 -0.11
N PHE B 798 -34.33 15.52 -0.03
CA PHE B 798 -33.63 16.29 -1.05
C PHE B 798 -32.19 15.78 -1.23
N GLY B 799 -31.88 15.38 -2.46
CA GLY B 799 -30.55 14.89 -2.76
C GLY B 799 -30.24 13.75 -1.82
N TYR B 800 -31.24 12.93 -1.53
CA TYR B 800 -31.09 11.90 -0.54
C TYR B 800 -30.61 10.69 -1.29
N GLY B 801 -29.33 10.41 -1.12
CA GLY B 801 -28.67 9.45 -1.97
C GLY B 801 -28.10 8.29 -1.20
N THR B 802 -27.64 7.30 -1.96
CA THR B 802 -27.15 6.04 -1.44
C THR B 802 -25.82 5.62 -2.11
N MET B 803 -25.01 4.86 -1.38
CA MET B 803 -23.84 4.23 -1.97
C MET B 803 -23.89 2.73 -1.78
N TYR B 804 -23.45 1.98 -2.80
CA TYR B 804 -23.39 0.52 -2.69
C TYR B 804 -21.97 0.06 -2.87
N LYS B 805 -21.51 -0.88 -2.02
CA LYS B 805 -20.20 -1.50 -2.15
C LYS B 805 -20.36 -3.02 -2.21
N THR B 806 -19.72 -3.69 -3.18
CA THR B 806 -19.73 -5.18 -3.20
C THR B 806 -18.37 -5.77 -2.87
N GLU B 807 -18.34 -6.64 -1.86
CA GLU B 807 -17.12 -7.29 -1.41
C GLU B 807 -17.21 -8.74 -1.76
N LYS B 808 -16.11 -9.37 -2.15
CA LYS B 808 -16.15 -10.79 -2.48
C LYS B 808 -15.44 -11.60 -1.40
N VAL B 809 -16.16 -12.49 -0.74
CA VAL B 809 -15.53 -13.37 0.23
C VAL B 809 -15.35 -14.73 -0.42
N ASP B 810 -14.08 -15.14 -0.52
CA ASP B 810 -13.72 -16.35 -1.27
C ASP B 810 -12.70 -17.19 -0.49
N LEU B 811 -13.17 -18.14 0.31
CA LEU B 811 -12.26 -18.89 1.16
C LEU B 811 -11.55 -20.05 0.46
N ALA B 812 -11.53 -20.02 -0.87
CA ALA B 812 -10.68 -20.88 -1.68
C ALA B 812 -9.41 -20.13 -2.08
N LEU B 813 -9.20 -18.99 -1.41
CA LEU B 813 -8.11 -18.07 -1.75
C LEU B 813 -6.74 -18.66 -1.43
N ASN B 814 -6.67 -19.43 -0.34
CA ASN B 814 -5.42 -20.06 0.09
C ASN B 814 -5.15 -21.40 -0.61
N ARG B 815 -6.17 -22.26 -0.63
CA ARG B 815 -6.07 -23.63 -1.16
C ARG B 815 -5.27 -23.76 -2.45
N ASN B 816 -4.36 -24.74 -2.49
CA ASN B 816 -3.53 -24.96 -3.66
C ASN B 816 -4.23 -25.78 -4.74
N ARG B 817 -5.09 -25.12 -5.51
CA ARG B 817 -5.72 -25.66 -6.73
C ARG B 817 -6.41 -27.02 -6.61
N GLY B 818 -7.75 -27.01 -6.62
CA GLY B 818 -8.53 -28.23 -6.53
C GLY B 818 -8.11 -29.11 -5.36
N ASP B 819 -7.72 -28.44 -4.27
CA ASP B 819 -7.14 -29.07 -3.08
C ASP B 819 -8.27 -29.60 -2.21
N PRO B 820 -7.93 -30.38 -1.16
CA PRO B 820 -9.02 -30.71 -0.23
C PRO B 820 -9.52 -29.42 0.41
N ILE B 821 -10.82 -29.34 0.71
CA ILE B 821 -11.39 -28.11 1.23
C ILE B 821 -11.34 -28.04 2.76
N THR B 822 -10.65 -27.05 3.28
CA THR B 822 -10.48 -26.90 4.72
C THR B 822 -11.68 -26.19 5.33
N GLN B 823 -12.14 -25.12 4.68
CA GLN B 823 -13.11 -24.20 5.28
C GLN B 823 -14.47 -24.18 4.59
N HIS B 824 -15.52 -24.44 5.36
CA HIS B 824 -16.88 -24.49 4.81
C HIS B 824 -17.82 -23.52 5.51
N PHE B 825 -18.61 -22.78 4.73
CA PHE B 825 -19.51 -21.80 5.33
C PHE B 825 -20.52 -22.49 6.24
N GLY B 826 -20.59 -22.00 7.46
CA GLY B 826 -21.53 -22.54 8.42
C GLY B 826 -20.93 -22.53 9.78
N PHE B 827 -21.60 -23.16 10.74
CA PHE B 827 -21.09 -23.21 12.08
C PHE B 827 -20.64 -24.61 12.46
N GLY B 828 -19.62 -24.68 13.30
CA GLY B 828 -19.12 -25.92 13.82
C GLY B 828 -19.84 -26.25 15.10
N ASN B 829 -19.46 -27.34 15.76
CA ASN B 829 -20.11 -27.73 17.00
C ASN B 829 -19.28 -27.43 18.26
N ASP B 830 -18.13 -26.79 18.06
CA ASP B 830 -17.34 -26.28 19.18
C ASP B 830 -18.09 -25.10 19.79
N GLU B 831 -17.55 -24.48 20.83
CA GLU B 831 -18.25 -23.35 21.43
C GLU B 831 -17.79 -21.98 20.91
N TRP B 832 -18.75 -21.26 20.33
CA TRP B 832 -18.49 -19.96 19.70
C TRP B 832 -19.56 -18.98 20.16
N PRO B 833 -19.24 -17.68 20.16
CA PRO B 833 -19.99 -16.57 20.79
C PRO B 833 -21.50 -16.67 21.01
N LYS B 834 -22.29 -16.92 19.97
CA LYS B 834 -23.77 -16.90 20.01
C LYS B 834 -24.36 -15.52 19.67
N GLU B 835 -23.63 -14.45 19.99
CA GLU B 835 -24.03 -13.10 19.57
C GLU B 835 -23.95 -13.07 18.05
N TRP B 836 -23.14 -13.98 17.53
CA TRP B 836 -22.95 -14.12 16.09
C TRP B 836 -24.24 -14.35 15.31
N LEU B 837 -25.21 -15.04 15.92
CA LEU B 837 -26.46 -15.36 15.23
C LEU B 837 -27.36 -14.14 15.09
N GLU B 838 -26.97 -13.01 15.67
CA GLU B 838 -27.72 -11.77 15.52
C GLU B 838 -27.52 -11.23 14.11
N LYS B 839 -26.31 -11.41 13.59
CA LYS B 839 -25.99 -11.00 12.23
C LYS B 839 -26.11 -12.13 11.20
N LEU B 840 -25.80 -13.36 11.61
CA LEU B 840 -25.66 -14.46 10.67
C LEU B 840 -26.71 -15.57 10.74
N ASP B 841 -27.19 -15.99 9.57
CA ASP B 841 -28.12 -17.11 9.42
C ASP B 841 -27.35 -18.41 9.62
N GLU B 842 -28.07 -19.52 9.57
CA GLU B 842 -27.52 -20.85 9.87
C GLU B 842 -26.42 -21.26 8.89
N ASP B 843 -26.49 -20.76 7.67
CA ASP B 843 -25.53 -21.12 6.65
C ASP B 843 -24.18 -20.44 6.87
N GLY B 844 -24.15 -19.44 7.75
CA GLY B 844 -22.94 -18.68 8.00
C GLY B 844 -22.87 -17.43 7.14
N LEU B 845 -23.96 -17.19 6.42
CA LEU B 845 -24.12 -15.98 5.63
C LEU B 845 -25.01 -14.98 6.39
N PRO B 846 -24.88 -13.68 6.10
CA PRO B 846 -25.64 -12.71 6.91
C PRO B 846 -27.07 -12.57 6.43
N TYR B 847 -28.02 -12.44 7.33
CA TYR B 847 -29.41 -12.22 6.94
C TYR B 847 -29.51 -10.93 6.13
N ILE B 848 -30.26 -10.96 5.03
CA ILE B 848 -30.46 -9.74 4.24
C ILE B 848 -31.19 -8.65 5.04
N GLY B 849 -30.69 -7.43 4.97
CA GLY B 849 -31.34 -6.31 5.64
C GLY B 849 -30.64 -5.85 6.91
N THR B 850 -29.78 -6.71 7.42
CA THR B 850 -29.09 -6.50 8.68
C THR B 850 -28.23 -5.25 8.71
N TYR B 851 -28.36 -4.49 9.78
CA TYR B 851 -27.46 -3.38 10.03
C TYR B 851 -26.11 -3.92 10.50
N VAL B 852 -25.03 -3.38 9.98
CA VAL B 852 -23.71 -3.92 10.22
C VAL B 852 -22.72 -2.78 10.35
N GLU B 853 -22.11 -2.66 11.52
CA GLU B 853 -21.09 -1.65 11.75
C GLU B 853 -19.72 -2.29 12.08
N GLU B 854 -18.67 -1.47 12.07
CA GLU B 854 -17.29 -1.98 12.11
C GLU B 854 -17.06 -3.00 13.21
N GLY B 855 -16.54 -4.15 12.83
CA GLY B 855 -16.27 -5.22 13.76
C GLY B 855 -17.30 -6.34 13.77
N ASP B 856 -18.49 -6.09 13.24
CA ASP B 856 -19.53 -7.11 13.23
C ASP B 856 -19.17 -8.30 12.32
N PRO B 857 -19.80 -9.44 12.55
CA PRO B 857 -19.57 -10.57 11.65
C PRO B 857 -20.29 -10.35 10.33
N ILE B 858 -19.67 -10.70 9.20
CA ILE B 858 -20.43 -10.72 7.96
C ILE B 858 -20.37 -12.09 7.35
N CYS B 859 -19.78 -13.01 8.09
CA CYS B 859 -19.45 -14.32 7.54
C CYS B 859 -18.97 -15.27 8.64
N ALA B 860 -19.41 -16.52 8.57
CA ALA B 860 -18.91 -17.52 9.51
C ALA B 860 -18.64 -18.83 8.80
N TYR B 861 -17.48 -19.39 9.07
CA TYR B 861 -17.12 -20.67 8.48
C TYR B 861 -16.43 -21.53 9.51
N PHE B 862 -16.40 -22.82 9.27
CA PHE B 862 -15.66 -23.72 10.14
C PHE B 862 -14.35 -24.08 9.46
N ASP B 863 -13.24 -23.86 10.17
CA ASP B 863 -11.92 -24.19 9.65
C ASP B 863 -11.49 -25.54 10.21
N ASP B 864 -11.09 -26.45 9.32
CA ASP B 864 -10.70 -27.80 9.73
C ASP B 864 -9.33 -27.83 10.41
N THR B 865 -8.34 -27.14 9.84
CA THR B 865 -7.01 -27.09 10.40
C THR B 865 -6.96 -26.41 11.77
N LEU B 866 -8.06 -25.78 12.17
CA LEU B 866 -8.11 -25.12 13.46
C LEU B 866 -9.09 -25.77 14.44
N ASN B 867 -9.94 -26.66 13.94
CA ASN B 867 -11.01 -27.26 14.74
C ASN B 867 -11.84 -26.18 15.47
N LYS B 868 -11.93 -25.00 14.84
CA LYS B 868 -12.67 -23.86 15.39
C LYS B 868 -13.58 -23.24 14.33
N THR B 869 -14.56 -22.49 14.79
CA THR B 869 -15.44 -21.77 13.89
C THR B 869 -15.02 -20.32 13.87
N LYS B 870 -14.60 -19.84 12.71
CA LYS B 870 -14.11 -18.48 12.58
C LYS B 870 -15.05 -17.53 11.81
N ILE B 871 -14.60 -16.29 11.65
CA ILE B 871 -15.50 -15.20 11.32
C ILE B 871 -14.81 -14.05 10.57
N LYS B 872 -15.19 -13.84 9.31
CA LYS B 872 -14.79 -12.64 8.57
C LYS B 872 -15.59 -11.42 9.08
N THR B 873 -14.90 -10.36 9.48
CA THR B 873 -15.59 -9.20 10.06
C THR B 873 -15.69 -8.02 9.09
N TYR B 874 -16.63 -7.13 9.38
CA TYR B 874 -16.89 -5.95 8.57
C TYR B 874 -15.89 -4.88 8.89
N HIS B 875 -15.29 -4.28 7.87
CA HIS B 875 -14.13 -3.40 8.07
C HIS B 875 -14.32 -1.88 7.94
N SER B 876 -15.34 -1.43 7.22
CA SER B 876 -15.51 0.01 7.04
C SER B 876 -15.88 0.69 8.36
N SER B 877 -15.46 1.95 8.52
CA SER B 877 -15.79 2.71 9.72
C SER B 877 -17.19 3.32 9.56
N GLU B 878 -17.73 3.16 8.35
CA GLU B 878 -19.07 3.60 8.02
C GLU B 878 -20.05 2.43 8.06
N PRO B 879 -21.08 2.53 8.89
CA PRO B 879 -21.99 1.39 9.02
C PRO B 879 -22.87 1.26 7.78
N ALA B 880 -23.40 0.05 7.54
CA ALA B 880 -24.18 -0.23 6.33
C ALA B 880 -25.24 -1.30 6.57
N TYR B 881 -26.04 -1.58 5.54
CA TYR B 881 -27.02 -2.69 5.57
C TYR B 881 -26.73 -3.70 4.46
N ILE B 882 -27.04 -4.97 4.71
CA ILE B 882 -26.84 -6.01 3.72
C ILE B 882 -27.91 -5.95 2.64
N GLU B 883 -27.51 -5.87 1.37
CA GLU B 883 -28.45 -5.75 0.25
C GLU B 883 -28.71 -7.06 -0.47
N GLU B 884 -27.68 -7.58 -1.11
CA GLU B 884 -27.78 -8.86 -1.79
C GLU B 884 -26.65 -9.71 -1.24
N VAL B 885 -26.93 -10.99 -1.05
CA VAL B 885 -25.88 -11.97 -0.81
C VAL B 885 -25.95 -13.02 -1.90
N ASN B 886 -24.96 -13.06 -2.78
CA ASN B 886 -24.97 -14.00 -3.89
C ASN B 886 -24.08 -15.22 -3.65
N LEU B 887 -24.63 -16.40 -3.86
CA LEU B 887 -23.85 -17.62 -3.81
C LEU B 887 -23.28 -17.91 -5.19
N ILE B 888 -21.98 -17.71 -5.33
CA ILE B 888 -21.32 -17.96 -6.58
C ILE B 888 -20.80 -19.39 -6.58
N GLY B 889 -21.60 -20.26 -7.16
CA GLY B 889 -21.24 -21.67 -7.27
C GLY B 889 -20.17 -21.84 -8.30
N ASP B 890 -19.63 -23.04 -8.38
CA ASP B 890 -18.57 -23.27 -9.34
C ASP B 890 -19.04 -24.18 -10.43
N GLU B 891 -18.39 -24.08 -11.58
CA GLU B 891 -18.70 -24.95 -12.71
C GLU B 891 -17.82 -26.19 -12.60
N SER B 892 -17.29 -26.67 -13.72
CA SER B 892 -16.59 -27.95 -13.71
C SER B 892 -17.44 -29.01 -13.00
N ASN B 893 -18.71 -29.08 -13.42
CA ASN B 893 -19.69 -30.08 -12.99
C ASN B 893 -19.96 -30.33 -11.49
N LYS B 894 -20.64 -29.38 -10.84
CA LYS B 894 -21.25 -29.59 -9.51
C LYS B 894 -20.28 -29.98 -8.40
N PHE B 895 -20.47 -31.19 -7.88
CA PHE B 895 -19.75 -31.79 -6.74
C PHE B 895 -19.14 -30.87 -5.67
N GLN B 896 -18.66 -29.71 -6.12
CA GLN B 896 -17.97 -28.76 -5.25
C GLN B 896 -18.98 -28.01 -4.38
N GLU B 897 -18.63 -27.87 -3.10
CA GLU B 897 -19.46 -27.12 -2.17
C GLU B 897 -19.12 -25.63 -2.18
N LEU B 898 -19.92 -24.85 -1.47
CA LEU B 898 -19.83 -23.40 -1.49
C LEU B 898 -18.49 -22.86 -1.02
N GLN B 899 -17.85 -22.04 -1.87
CA GLN B 899 -16.55 -21.48 -1.54
C GLN B 899 -16.48 -20.00 -1.81
N THR B 900 -17.39 -19.50 -2.64
CA THR B 900 -17.34 -18.08 -3.06
C THR B 900 -18.67 -17.37 -2.84
N VAL B 901 -18.62 -16.22 -2.17
CA VAL B 901 -19.84 -15.42 -1.93
C VAL B 901 -19.60 -13.95 -2.21
N SER B 902 -20.61 -13.26 -2.79
CA SER B 902 -20.56 -11.78 -2.88
C SER B 902 -21.59 -11.09 -2.01
N ILE B 903 -21.12 -10.18 -1.16
CA ILE B 903 -21.97 -9.43 -0.25
C ILE B 903 -22.01 -7.98 -0.68
N LYS B 904 -23.21 -7.45 -0.92
CA LYS B 904 -23.33 -6.05 -1.33
C LYS B 904 -23.86 -5.20 -0.18
N TYR B 905 -23.07 -4.23 0.26
CA TYR B 905 -23.48 -3.35 1.36
C TYR B 905 -24.16 -2.08 0.86
N ARG B 906 -25.12 -1.59 1.62
CA ARG B 906 -25.80 -0.34 1.28
C ARG B 906 -25.45 0.69 2.32
N ILE B 907 -24.93 1.82 1.90
CA ILE B 907 -24.54 2.87 2.82
C ILE B 907 -25.40 4.12 2.62
N ARG B 908 -26.02 4.61 3.70
CA ARG B 908 -26.86 5.79 3.61
C ARG B 908 -26.01 7.04 3.44
N ARG B 909 -26.39 7.92 2.51
CA ARG B 909 -25.80 9.24 2.40
C ARG B 909 -26.83 10.36 2.46
N THR B 910 -27.32 10.71 3.64
CA THR B 910 -27.92 12.01 3.80
C THR B 910 -26.80 13.00 3.58
N PRO B 911 -27.06 14.04 2.78
CA PRO B 911 -25.95 14.79 2.19
C PRO B 911 -25.21 15.50 3.31
N GLN B 912 -23.89 15.42 3.33
CA GLN B 912 -23.16 15.89 4.50
C GLN B 912 -22.46 17.23 4.24
N ILE B 913 -21.94 17.82 5.30
CA ILE B 913 -21.08 18.97 5.19
C ILE B 913 -19.91 18.50 4.37
N GLY B 914 -19.50 19.31 3.41
CA GLY B 914 -18.39 18.97 2.58
C GLY B 914 -18.73 18.26 1.27
N ASP B 915 -19.99 17.85 1.10
CA ASP B 915 -20.45 17.30 -0.16
C ASP B 915 -20.56 18.41 -1.21
N LYS B 916 -20.28 18.09 -2.47
CA LYS B 916 -20.27 19.14 -3.48
C LYS B 916 -21.49 19.13 -4.37
N PHE B 917 -21.99 20.32 -4.68
CA PHE B 917 -23.19 20.48 -5.49
C PHE B 917 -22.93 21.48 -6.62
N SER B 918 -23.64 21.32 -7.73
CA SER B 918 -23.45 22.23 -8.84
C SER B 918 -24.62 22.34 -9.78
N SER B 919 -24.94 23.57 -10.16
CA SER B 919 -25.87 23.82 -11.25
C SER B 919 -25.23 23.38 -12.56
N ARG B 920 -25.93 23.50 -13.67
CA ARG B 920 -25.35 23.10 -14.93
C ARG B 920 -24.59 24.24 -15.60
N HIS B 921 -23.95 25.10 -14.82
CA HIS B 921 -23.17 26.21 -15.37
C HIS B 921 -21.79 26.35 -14.72
N GLY B 922 -21.26 25.26 -14.19
CA GLY B 922 -19.89 25.27 -13.72
C GLY B 922 -19.75 26.08 -12.46
N GLN B 923 -20.86 26.20 -11.74
CA GLN B 923 -20.87 26.84 -10.43
C GLN B 923 -20.93 25.74 -9.35
N LYS B 924 -19.77 25.28 -8.95
CA LYS B 924 -19.61 24.16 -8.05
C LYS B 924 -19.43 24.68 -6.64
N GLY B 925 -20.05 24.02 -5.68
CA GLY B 925 -20.02 24.52 -4.32
C GLY B 925 -19.90 23.42 -3.29
N VAL B 926 -19.33 23.76 -2.15
CA VAL B 926 -19.18 22.78 -1.10
C VAL B 926 -20.14 23.11 0.01
N CYS B 927 -20.96 22.13 0.38
CA CYS B 927 -21.91 22.31 1.47
C CYS B 927 -21.23 22.72 2.76
N SER B 928 -21.63 23.88 3.27
CA SER B 928 -21.03 24.45 4.47
C SER B 928 -21.88 24.21 5.72
N ARG B 929 -23.19 24.21 5.53
CA ARG B 929 -24.15 24.05 6.63
C ARG B 929 -25.42 23.42 6.08
N LYS B 930 -26.07 22.62 6.92
CA LYS B 930 -27.47 22.29 6.70
C LYS B 930 -28.35 23.23 7.55
N TRP B 931 -28.75 24.35 6.95
CA TRP B 931 -29.36 25.46 7.70
C TRP B 931 -30.80 25.19 8.11
N PRO B 932 -31.09 25.32 9.41
CA PRO B 932 -32.44 25.04 9.92
C PRO B 932 -33.47 25.91 9.19
N THR B 933 -34.56 25.31 8.72
CA THR B 933 -35.52 26.04 7.90
C THR B 933 -36.20 27.22 8.62
N ILE B 934 -36.30 27.17 9.94
CA ILE B 934 -36.87 28.32 10.61
C ILE B 934 -35.89 29.48 10.58
N ASP B 935 -34.62 29.17 10.30
CA ASP B 935 -33.54 30.14 10.29
C ASP B 935 -33.21 30.70 8.88
N MET B 936 -33.72 30.02 7.84
CA MET B 936 -33.57 30.48 6.45
C MET B 936 -34.33 31.77 6.18
N PRO B 937 -33.99 32.47 5.08
CA PRO B 937 -34.90 33.54 4.69
C PRO B 937 -36.17 32.92 4.11
N PHE B 938 -37.30 33.60 4.21
CA PHE B 938 -38.55 33.10 3.63
C PHE B 938 -39.30 34.12 2.79
N SER B 939 -39.91 33.65 1.69
CA SER B 939 -40.49 34.53 0.70
C SER B 939 -41.91 35.05 1.02
N GLU B 940 -42.30 36.10 0.33
CA GLU B 940 -43.68 36.55 0.40
C GLU B 940 -44.62 35.38 0.11
N THR B 941 -44.16 34.45 -0.73
CA THR B 941 -44.94 33.29 -1.11
C THR B 941 -44.93 32.27 0.01
N GLY B 942 -44.16 32.53 1.07
CA GLY B 942 -44.04 31.59 2.18
C GLY B 942 -43.18 30.35 1.92
N ILE B 943 -42.24 30.46 0.99
CA ILE B 943 -41.32 29.39 0.62
C ILE B 943 -39.95 29.64 1.21
N GLN B 944 -39.28 28.59 1.67
CA GLN B 944 -37.84 28.65 1.96
C GLN B 944 -36.99 27.99 0.89
N PRO B 945 -35.87 28.62 0.53
CA PRO B 945 -34.98 28.08 -0.51
C PRO B 945 -34.40 26.70 -0.14
N ASP B 946 -34.30 25.82 -1.11
CA ASP B 946 -33.66 24.52 -0.90
C ASP B 946 -32.16 24.70 -0.78
N ILE B 947 -31.65 25.64 -1.55
CA ILE B 947 -30.22 25.84 -1.68
C ILE B 947 -29.96 27.34 -1.68
N ILE B 948 -28.90 27.78 -1.02
CA ILE B 948 -28.44 29.15 -1.18
C ILE B 948 -27.14 29.19 -1.98
N ILE B 949 -27.08 30.04 -2.99
CA ILE B 949 -25.79 30.31 -3.61
C ILE B 949 -25.49 31.78 -3.43
N ASN B 950 -24.21 32.10 -3.21
CA ASN B 950 -23.83 33.46 -2.79
C ASN B 950 -23.65 34.43 -3.97
N PRO B 951 -24.22 35.63 -3.89
CA PRO B 951 -24.06 36.48 -5.07
C PRO B 951 -22.59 36.70 -5.46
N HIS B 952 -21.68 36.62 -4.49
CA HIS B 952 -20.28 36.88 -4.77
C HIS B 952 -19.61 35.77 -5.59
N ALA B 953 -20.36 34.71 -5.85
CA ALA B 953 -19.92 33.62 -6.69
C ALA B 953 -20.13 33.91 -8.17
N PHE B 954 -20.61 35.09 -8.50
CA PHE B 954 -20.99 35.34 -9.89
C PHE B 954 -20.12 36.33 -10.67
N PRO B 955 -19.74 37.46 -10.06
CA PRO B 955 -19.07 38.43 -10.93
C PRO B 955 -17.73 37.99 -11.52
N SER B 956 -17.05 37.01 -10.94
CA SER B 956 -15.79 36.54 -11.55
C SER B 956 -15.96 35.46 -12.60
N ARG B 957 -17.09 34.77 -12.57
CA ARG B 957 -17.30 33.62 -13.44
C ARG B 957 -18.22 33.92 -14.61
N MET B 958 -19.08 34.91 -14.44
CA MET B 958 -19.98 35.37 -15.49
C MET B 958 -20.79 34.23 -16.06
N THR B 959 -21.33 33.40 -15.20
CA THR B 959 -22.26 32.39 -15.66
C THR B 959 -23.67 32.99 -15.80
N ILE B 960 -23.83 33.91 -16.73
CA ILE B 960 -25.12 34.60 -16.88
C ILE B 960 -26.23 33.64 -17.25
N GLY B 961 -25.87 32.50 -17.81
CA GLY B 961 -26.85 31.48 -18.14
C GLY B 961 -27.57 30.89 -16.96
N MET B 962 -27.01 31.00 -15.76
CA MET B 962 -27.67 30.47 -14.57
C MET B 962 -28.80 31.41 -14.20
N PHE B 963 -28.53 32.72 -14.24
CA PHE B 963 -29.56 33.72 -13.99
C PHE B 963 -30.76 33.53 -14.95
N VAL B 964 -30.47 33.18 -16.20
CA VAL B 964 -31.54 32.95 -17.14
C VAL B 964 -32.31 31.72 -16.71
N GLU B 965 -31.60 30.63 -16.41
CA GLU B 965 -32.25 29.40 -15.95
C GLU B 965 -33.15 29.65 -14.74
N SER B 966 -32.73 30.54 -13.84
CA SER B 966 -33.52 30.88 -12.65
C SER B 966 -34.91 31.40 -13.00
N LEU B 967 -34.99 32.37 -13.91
CA LEU B 967 -36.28 32.92 -14.36
C LEU B 967 -37.07 31.85 -15.08
N ALA B 968 -36.43 31.19 -16.04
CA ALA B 968 -37.12 30.24 -16.90
C ALA B 968 -37.74 29.10 -16.13
N GLY B 969 -37.00 28.64 -15.11
CA GLY B 969 -37.42 27.52 -14.29
C GLY B 969 -38.59 27.87 -13.39
N LYS B 970 -38.54 29.05 -12.78
CA LYS B 970 -39.66 29.56 -12.00
C LYS B 970 -40.90 29.75 -12.89
N ALA B 971 -40.72 30.34 -14.06
CA ALA B 971 -41.85 30.53 -14.96
C ALA B 971 -42.41 29.20 -15.45
N GLY B 972 -41.55 28.20 -15.55
CA GLY B 972 -42.00 26.91 -16.02
C GLY B 972 -42.82 26.20 -14.96
N ALA B 973 -42.36 26.30 -13.72
CA ALA B 973 -43.04 25.68 -12.59
C ALA B 973 -44.41 26.31 -12.37
N LEU B 974 -44.54 27.59 -12.72
CA LEU B 974 -45.80 28.29 -12.56
C LEU B 974 -46.80 27.98 -13.65
N HIS B 975 -46.36 27.98 -14.91
CA HIS B 975 -47.28 27.79 -16.02
C HIS B 975 -47.45 26.32 -16.43
N GLY B 976 -46.63 25.44 -15.86
CA GLY B 976 -46.68 24.03 -16.20
C GLY B 976 -46.07 23.82 -17.58
N ILE B 977 -44.84 24.25 -17.71
CA ILE B 977 -44.28 24.50 -19.02
C ILE B 977 -42.83 24.03 -19.03
N ALA B 978 -42.47 23.23 -20.03
CA ALA B 978 -41.05 22.95 -20.22
C ALA B 978 -40.43 24.12 -21.00
N GLN B 979 -39.24 24.55 -20.59
CA GLN B 979 -38.57 25.66 -21.26
C GLN B 979 -37.36 25.22 -22.10
N ASP B 980 -37.37 25.54 -23.40
CA ASP B 980 -36.26 25.18 -24.29
C ASP B 980 -35.10 26.12 -24.11
N SER B 981 -33.92 25.57 -23.81
CA SER B 981 -32.74 26.36 -23.51
C SER B 981 -31.59 25.98 -24.43
N THR B 982 -31.92 25.42 -25.58
CA THR B 982 -30.99 25.22 -26.66
C THR B 982 -30.20 26.50 -26.98
N PRO B 983 -28.89 26.38 -27.21
CA PRO B 983 -28.11 27.58 -27.52
C PRO B 983 -28.55 28.20 -28.85
N TRP B 984 -28.37 29.52 -28.94
CA TRP B 984 -28.59 30.28 -30.18
C TRP B 984 -30.05 30.35 -30.68
N ILE B 985 -31.04 30.11 -29.84
CA ILE B 985 -32.42 30.32 -30.28
C ILE B 985 -32.86 31.76 -30.01
N PHE B 986 -32.26 32.40 -29.01
CA PHE B 986 -32.50 33.81 -28.73
C PHE B 986 -31.48 34.70 -29.44
N ASN B 987 -31.65 36.01 -29.36
CA ASN B 987 -30.65 36.97 -29.82
C ASN B 987 -30.82 38.34 -29.23
N GLU B 988 -30.11 39.32 -29.76
CA GLU B 988 -30.10 40.65 -29.14
C GLU B 988 -31.41 41.40 -29.25
N ASP B 989 -32.24 41.00 -30.21
CA ASP B 989 -33.56 41.59 -30.42
C ASP B 989 -34.68 40.77 -29.77
N ASP B 990 -34.30 39.70 -29.11
CA ASP B 990 -35.25 38.79 -28.51
C ASP B 990 -34.53 38.11 -27.34
N THR B 991 -34.33 38.82 -26.24
CA THR B 991 -33.55 38.30 -25.13
C THR B 991 -34.38 37.43 -24.19
N PRO B 992 -33.73 36.47 -23.52
CA PRO B 992 -34.45 35.58 -22.62
C PRO B 992 -34.93 36.30 -21.34
N ALA B 993 -34.17 37.29 -20.88
CA ALA B 993 -34.55 38.03 -19.68
C ALA B 993 -35.88 38.72 -19.91
N ASP B 994 -36.09 39.19 -21.14
CA ASP B 994 -37.35 39.83 -21.54
C ASP B 994 -38.41 38.76 -21.69
N TYR B 995 -38.09 37.73 -22.45
CA TYR B 995 -39.01 36.63 -22.70
C TYR B 995 -39.52 35.97 -21.43
N PHE B 996 -38.64 35.44 -20.60
CA PHE B 996 -39.04 34.76 -19.38
C PHE B 996 -39.60 35.75 -18.36
N GLY B 997 -39.09 36.97 -18.36
CA GLY B 997 -39.60 38.00 -17.46
C GLY B 997 -41.05 38.34 -17.76
N GLU B 998 -41.39 38.38 -19.04
CA GLU B 998 -42.75 38.63 -19.44
C GLU B 998 -43.61 37.49 -18.90
N GLN B 999 -43.11 36.26 -19.04
CA GLN B 999 -43.82 35.08 -18.51
C GLN B 999 -44.04 35.12 -17.00
N LEU B 1000 -43.08 35.62 -16.25
CA LEU B 1000 -43.25 35.73 -14.80
C LEU B 1000 -44.30 36.79 -14.45
N ALA B 1001 -44.28 37.88 -15.22
CA ALA B 1001 -45.21 38.97 -14.97
C ALA B 1001 -46.64 38.50 -15.23
N LYS B 1002 -46.85 37.77 -16.33
CA LYS B 1002 -48.13 37.16 -16.59
C LYS B 1002 -48.58 36.22 -15.46
N ALA B 1003 -47.63 35.56 -14.80
CA ALA B 1003 -47.98 34.70 -13.68
C ALA B 1003 -48.33 35.47 -12.41
N GLY B 1004 -47.83 36.70 -12.29
CA GLY B 1004 -48.06 37.53 -11.11
C GLY B 1004 -46.85 37.77 -10.21
N TYR B 1005 -45.67 37.36 -10.66
CA TYR B 1005 -44.46 37.62 -9.91
C TYR B 1005 -43.70 38.76 -10.57
N ASN B 1006 -42.75 39.33 -9.83
CA ASN B 1006 -41.83 40.35 -10.34
C ASN B 1006 -41.10 39.92 -11.63
N TYR B 1007 -41.09 40.84 -12.59
CA TYR B 1007 -40.63 40.64 -13.95
C TYR B 1007 -39.12 40.39 -14.00
N HIS B 1008 -38.39 40.91 -13.02
CA HIS B 1008 -36.95 40.69 -12.96
C HIS B 1008 -36.52 39.44 -12.20
N GLY B 1009 -37.49 38.70 -11.66
CA GLY B 1009 -37.21 37.47 -10.95
C GLY B 1009 -36.90 37.63 -9.47
N ASN B 1010 -36.89 38.88 -9.02
CA ASN B 1010 -36.80 39.15 -7.60
C ASN B 1010 -38.11 38.79 -6.86
N GLU B 1011 -38.00 38.63 -5.54
CA GLU B 1011 -39.10 38.27 -4.67
C GLU B 1011 -38.87 38.90 -3.30
N PRO B 1012 -39.92 39.38 -2.65
CA PRO B 1012 -39.65 39.89 -1.30
C PRO B 1012 -39.34 38.75 -0.33
N MET B 1013 -38.34 38.92 0.52
CA MET B 1013 -38.10 37.94 1.56
C MET B 1013 -37.92 38.52 2.96
N TYR B 1014 -38.07 37.65 3.95
CA TYR B 1014 -37.95 38.06 5.32
C TYR B 1014 -36.85 37.25 6.00
N SER B 1015 -36.12 37.88 6.91
CA SER B 1015 -35.10 37.20 7.71
C SER B 1015 -35.73 36.21 8.67
N GLY B 1016 -35.20 34.99 8.69
CA GLY B 1016 -35.71 33.96 9.57
C GLY B 1016 -35.40 34.27 11.02
N ALA B 1017 -34.34 35.04 11.22
CA ALA B 1017 -33.87 35.35 12.56
C ALA B 1017 -34.59 36.55 13.18
N THR B 1018 -34.65 37.67 12.45
CA THR B 1018 -35.20 38.91 12.99
C THR B 1018 -36.68 39.05 12.67
N GLY B 1019 -37.10 38.40 11.59
CA GLY B 1019 -38.49 38.39 11.19
C GLY B 1019 -38.84 39.50 10.22
N GLU B 1020 -37.90 40.42 10.02
CA GLU B 1020 -38.17 41.61 9.22
C GLU B 1020 -37.88 41.46 7.73
N GLU B 1021 -38.50 42.31 6.91
CA GLU B 1021 -38.30 42.26 5.46
C GLU B 1021 -36.89 42.68 5.22
N LEU B 1022 -36.22 41.99 4.29
CA LEU B 1022 -34.83 42.32 3.96
C LEU B 1022 -34.77 43.62 3.16
N ARG B 1023 -33.58 44.18 2.99
CA ARG B 1023 -33.43 45.52 2.43
C ARG B 1023 -33.98 45.67 1.01
N ALA B 1024 -33.74 44.68 0.17
CA ALA B 1024 -34.21 44.67 -1.19
C ALA B 1024 -34.87 43.35 -1.55
N ASP B 1025 -35.62 43.31 -2.64
CA ASP B 1025 -36.14 42.03 -3.09
C ASP B 1025 -34.95 41.13 -3.43
N ILE B 1026 -35.07 39.84 -3.16
CA ILE B 1026 -33.93 39.00 -3.44
C ILE B 1026 -34.19 38.07 -4.65
N TYR B 1027 -33.13 37.71 -5.37
CA TYR B 1027 -33.26 36.93 -6.60
C TYR B 1027 -33.50 35.45 -6.30
N VAL B 1028 -34.65 34.91 -6.69
CA VAL B 1028 -34.99 33.53 -6.37
C VAL B 1028 -35.61 32.89 -7.59
N GLY B 1029 -35.52 31.58 -7.69
CA GLY B 1029 -36.02 30.88 -8.85
C GLY B 1029 -35.73 29.40 -8.71
N VAL B 1030 -35.91 28.67 -9.81
CA VAL B 1030 -35.71 27.22 -9.83
C VAL B 1030 -34.56 26.91 -10.77
N VAL B 1031 -33.53 26.27 -10.22
CA VAL B 1031 -32.34 25.89 -10.98
C VAL B 1031 -32.05 24.42 -10.77
N TYR B 1032 -31.83 23.70 -11.86
CA TYR B 1032 -31.50 22.28 -11.81
C TYR B 1032 -30.14 22.07 -11.19
N TYR B 1033 -30.06 21.24 -10.16
CA TYR B 1033 -28.82 21.04 -9.43
C TYR B 1033 -28.36 19.59 -9.48
N GLN B 1034 -27.05 19.42 -9.52
CA GLN B 1034 -26.46 18.10 -9.57
C GLN B 1034 -25.70 17.88 -8.26
N ARG B 1035 -25.82 16.69 -7.69
CA ARG B 1035 -25.03 16.36 -6.52
C ARG B 1035 -23.81 15.61 -6.98
N LEU B 1036 -22.63 16.08 -6.58
CA LEU B 1036 -21.39 15.48 -7.04
C LEU B 1036 -20.92 14.40 -6.11
N ARG B 1037 -20.49 13.28 -6.67
CA ARG B 1037 -20.00 12.19 -5.88
C ARG B 1037 -18.70 12.57 -5.21
N HIS B 1038 -18.45 11.94 -4.07
CA HIS B 1038 -17.15 12.07 -3.43
C HIS B 1038 -16.13 11.32 -4.27
N LYS B 1043 -13.15 12.07 1.52
CA LYS B 1043 -13.45 11.73 2.90
C LYS B 1043 -12.47 12.25 3.96
N PHE B 1044 -13.02 12.87 5.00
CA PHE B 1044 -12.23 13.42 6.09
C PHE B 1044 -11.44 12.34 6.85
N GLN B 1045 -10.57 12.78 7.76
CA GLN B 1045 -9.85 11.85 8.61
C GLN B 1045 -9.43 12.53 9.91
N VAL B 1046 -9.30 11.76 10.98
CA VAL B 1046 -8.84 12.32 12.24
C VAL B 1046 -7.98 11.27 12.91
N ARG B 1047 -6.95 11.67 13.61
CA ARG B 1047 -6.13 10.71 14.30
C ARG B 1047 -5.81 11.31 15.63
N SER B 1048 -6.08 10.57 16.71
CA SER B 1048 -5.40 10.80 17.99
C SER B 1048 -3.89 10.51 18.04
N THR B 1049 -3.47 9.37 17.48
CA THR B 1049 -2.12 8.86 17.78
C THR B 1049 -1.60 7.76 16.85
N GLY B 1050 -1.70 6.51 17.32
CA GLY B 1050 -2.20 5.42 16.51
C GLY B 1050 -1.10 4.48 16.04
N PRO B 1051 -1.41 3.52 15.17
CA PRO B 1051 -0.40 2.56 14.75
C PRO B 1051 0.84 3.14 14.02
N VAL B 1052 2.00 2.69 14.48
CA VAL B 1052 3.28 3.03 13.88
C VAL B 1052 3.88 1.83 13.15
N ASN B 1053 4.77 2.13 12.24
CA ASN B 1053 5.45 1.13 11.43
C ASN B 1053 6.64 0.55 12.18
N SER B 1054 6.80 -0.75 12.06
CA SER B 1054 7.82 -1.50 12.80
C SER B 1054 9.27 -0.98 12.75
N LEU B 1055 9.71 -0.55 11.57
CA LEU B 1055 11.11 -0.16 11.38
C LEU B 1055 11.43 1.25 11.82
N THR B 1056 10.56 2.19 11.50
CA THR B 1056 10.82 3.59 11.79
C THR B 1056 10.11 4.13 13.03
N MET B 1057 9.12 3.39 13.53
CA MET B 1057 8.26 3.83 14.62
C MET B 1057 7.58 5.15 14.32
N GLN B 1058 7.33 5.38 13.04
CA GLN B 1058 6.65 6.57 12.59
C GLN B 1058 5.25 6.17 12.21
N PRO B 1059 4.30 7.12 12.26
CA PRO B 1059 2.90 6.83 11.91
C PRO B 1059 2.75 6.13 10.58
N VAL B 1060 1.96 5.09 10.60
CA VAL B 1060 1.67 4.28 9.44
C VAL B 1060 0.88 5.14 8.43
N LYS B 1061 0.78 4.72 7.16
CA LYS B 1061 -0.11 5.40 6.20
C LYS B 1061 -1.46 4.69 6.20
N GLY B 1062 -2.56 5.42 6.12
CA GLY B 1062 -3.81 4.77 6.46
C GLY B 1062 -5.17 5.39 6.19
N ARG B 1063 -5.51 6.41 6.96
CA ARG B 1063 -6.90 6.87 7.08
C ARG B 1063 -7.82 5.78 7.63
N LYS B 1064 -8.06 4.73 6.85
CA LYS B 1064 -8.92 3.63 7.28
C LYS B 1064 -8.29 2.92 8.48
N ARG B 1065 -7.05 3.25 8.78
CA ARG B 1065 -6.48 2.99 10.11
C ARG B 1065 -5.82 4.23 10.68
N HIS B 1066 -6.62 5.20 11.10
CA HIS B 1066 -6.18 6.23 12.04
C HIS B 1066 -4.99 7.02 11.53
N GLY B 1067 -4.98 7.34 10.24
CA GLY B 1067 -3.81 7.87 9.59
C GLY B 1067 -3.41 9.23 10.13
N GLY B 1068 -2.10 9.45 10.24
CA GLY B 1068 -1.59 10.68 10.84
C GLY B 1068 -0.77 11.50 9.88
N ILE B 1069 -1.08 12.79 9.80
CA ILE B 1069 -1.00 13.53 8.54
C ILE B 1069 0.44 13.57 8.03
N ARG B 1070 1.38 13.76 8.94
CA ARG B 1070 2.68 14.31 8.59
C ARG B 1070 2.81 15.82 8.78
N VAL B 1071 3.85 16.21 9.49
CA VAL B 1071 4.34 17.58 9.51
C VAL B 1071 5.54 17.56 8.55
N GLY B 1072 5.35 18.13 7.36
CA GLY B 1072 6.35 18.03 6.32
C GLY B 1072 7.19 19.28 6.28
N GLU B 1073 8.20 19.16 5.41
CA GLU B 1073 9.40 20.01 5.30
C GLU B 1073 9.04 21.40 4.84
N MET B 1074 8.05 21.44 3.97
CA MET B 1074 7.30 22.65 3.75
C MET B 1074 6.81 22.99 5.14
N GLU B 1075 6.54 21.99 5.98
CA GLU B 1075 6.16 22.38 7.33
C GLU B 1075 7.39 22.60 8.23
N ARG B 1076 8.43 21.82 8.00
CA ARG B 1076 9.73 22.13 8.58
C ARG B 1076 10.14 23.60 8.31
N ASP B 1077 10.10 24.01 7.05
CA ASP B 1077 10.55 25.36 6.71
C ASP B 1077 9.67 26.40 7.40
N ALA B 1078 8.37 26.12 7.48
CA ALA B 1078 7.47 27.03 8.14
C ALA B 1078 7.84 27.17 9.61
N LEU B 1079 8.05 26.04 10.27
CA LEU B 1079 8.50 26.07 11.66
C LEU B 1079 9.85 26.79 11.86
N ILE B 1080 10.79 26.66 10.92
CA ILE B 1080 11.99 27.49 11.03
C ILE B 1080 11.66 28.99 10.83
N GLY B 1081 10.83 29.30 9.83
CA GLY B 1081 10.45 30.67 9.54
C GLY B 1081 9.82 31.42 10.71
N HIS B 1082 8.94 30.72 11.43
CA HIS B 1082 8.64 30.99 12.85
C HIS B 1082 9.75 30.73 13.87
N GLY B 1083 10.46 29.61 13.71
CA GLY B 1083 11.21 29.01 14.80
C GLY B 1083 10.48 28.65 16.09
N THR B 1084 9.27 28.10 15.99
CA THR B 1084 8.72 27.22 17.00
C THR B 1084 9.54 25.97 17.16
N SER B 1085 10.62 26.06 17.94
CA SER B 1085 11.54 24.94 18.07
C SER B 1085 11.00 23.76 18.87
N PHE B 1086 10.06 24.03 19.77
CA PHE B 1086 9.42 22.97 20.54
C PHE B 1086 8.37 22.24 19.74
N LEU B 1087 7.74 22.92 18.79
CA LEU B 1087 6.78 22.24 17.94
C LEU B 1087 7.53 21.30 17.05
N LEU B 1088 8.67 21.80 16.55
CA LEU B 1088 9.56 20.98 15.74
C LEU B 1088 10.06 19.79 16.56
N GLN B 1089 10.49 20.04 17.80
CA GLN B 1089 10.97 18.98 18.64
C GLN B 1089 9.85 17.97 18.95
N ASP B 1090 8.63 18.48 19.15
CA ASP B 1090 7.51 17.61 19.42
C ASP B 1090 7.26 16.66 18.23
N ARG B 1091 7.31 17.19 17.01
CA ARG B 1091 6.97 16.38 15.84
C ARG B 1091 8.12 15.48 15.42
N LEU B 1092 9.26 16.10 15.14
CA LEU B 1092 10.52 15.38 15.14
C LEU B 1092 10.83 14.89 16.54
N LEU B 1093 10.57 15.74 17.52
CA LEU B 1093 10.93 15.44 18.90
C LEU B 1093 10.16 14.23 19.41
N ASN B 1094 8.85 14.27 19.24
CA ASN B 1094 7.94 13.52 20.11
C ASN B 1094 7.09 12.52 19.33
N SER B 1095 6.46 12.99 18.27
CA SER B 1095 5.89 12.13 17.24
C SER B 1095 6.99 11.33 16.56
N SER B 1096 8.11 11.98 16.30
CA SER B 1096 8.95 11.64 15.16
C SER B 1096 9.49 10.21 15.32
N ASP B 1097 9.87 9.85 16.54
CA ASP B 1097 10.73 8.70 16.74
C ASP B 1097 11.73 8.94 17.87
N TYR B 1098 11.38 9.86 18.76
CA TYR B 1098 12.10 10.08 20.01
C TYR B 1098 12.35 8.76 20.69
N THR B 1099 13.58 8.55 21.14
CA THR B 1099 14.03 7.31 21.75
C THR B 1099 15.17 7.51 22.73
N GLN B 1100 15.01 7.02 23.95
CA GLN B 1100 16.14 7.02 24.88
C GLN B 1100 16.96 5.78 24.63
N ALA B 1101 18.23 5.97 24.38
CA ALA B 1101 19.06 4.90 23.87
C ALA B 1101 20.35 4.88 24.66
N SER B 1102 21.02 3.74 24.70
CA SER B 1102 22.30 3.67 25.40
C SER B 1102 23.48 4.02 24.48
N VAL B 1103 24.44 4.76 25.02
CA VAL B 1103 25.71 5.02 24.36
C VAL B 1103 26.81 4.54 25.25
N CYS B 1104 27.92 4.12 24.65
CA CYS B 1104 29.15 3.95 25.38
C CYS B 1104 29.92 5.27 25.31
N ARG B 1105 30.08 5.89 26.47
CA ARG B 1105 30.83 7.12 26.61
C ARG B 1105 32.27 6.94 26.16
N GLU B 1106 32.71 5.70 26.06
CA GLU B 1106 34.14 5.41 25.87
C GLU B 1106 34.52 5.28 24.41
N CYS B 1107 33.71 4.55 23.64
CA CYS B 1107 33.91 4.41 22.20
C CYS B 1107 32.94 5.26 21.38
N GLY B 1108 31.94 5.82 22.04
CA GLY B 1108 30.96 6.67 21.41
C GLY B 1108 30.01 5.95 20.46
N SER B 1109 29.65 4.72 20.78
CA SER B 1109 28.71 3.99 19.94
C SER B 1109 27.34 3.83 20.59
N ILE B 1110 26.31 3.65 19.76
CA ILE B 1110 24.96 3.39 20.24
C ILE B 1110 24.53 2.07 19.68
N LEU B 1111 25.46 1.31 19.13
CA LEU B 1111 25.13 0.02 18.53
C LEU B 1111 25.76 -1.19 19.23
N THR B 1112 26.71 -0.93 20.12
CA THR B 1112 27.51 -2.00 20.72
C THR B 1112 27.20 -2.17 22.20
N THR B 1113 26.13 -1.54 22.65
CA THR B 1113 25.68 -1.73 24.01
C THR B 1113 24.64 -2.85 24.04
N GLN B 1114 24.48 -3.49 25.21
CA GLN B 1114 23.41 -4.46 25.44
C GLN B 1114 23.20 -4.50 26.94
N GLN B 1115 22.08 -5.11 27.34
CA GLN B 1115 21.87 -5.42 28.76
C GLN B 1115 22.71 -6.63 29.12
N SER B 1116 23.32 -6.61 30.29
CA SER B 1116 24.02 -7.80 30.75
C SER B 1116 22.97 -8.82 31.10
N VAL B 1117 23.35 -10.08 31.10
CA VAL B 1117 22.49 -11.11 31.67
C VAL B 1117 23.08 -11.55 32.99
N PRO B 1118 22.37 -11.30 34.10
CA PRO B 1118 22.95 -11.51 35.41
C PRO B 1118 22.58 -12.90 35.99
N ARG B 1119 23.32 -13.34 37.01
CA ARG B 1119 22.93 -14.51 37.79
C ARG B 1119 21.63 -14.16 38.49
N ILE B 1120 20.88 -15.16 38.90
CA ILE B 1120 19.61 -14.86 39.56
C ILE B 1120 19.91 -14.14 40.87
N GLY B 1121 19.11 -13.14 41.21
CA GLY B 1121 19.35 -12.33 42.39
C GLY B 1121 20.11 -11.04 42.14
N SER B 1122 21.06 -11.08 41.20
CA SER B 1122 21.76 -9.87 40.77
C SER B 1122 20.93 -9.02 39.78
N ILE B 1123 21.31 -7.76 39.62
CA ILE B 1123 20.58 -6.88 38.73
C ILE B 1123 21.34 -6.65 37.42
N SER B 1124 20.60 -6.55 36.32
CA SER B 1124 21.20 -6.35 35.02
C SER B 1124 21.81 -4.98 34.83
N THR B 1125 22.93 -4.92 34.14
CA THR B 1125 23.59 -3.63 33.91
C THR B 1125 23.81 -3.35 32.40
N VAL B 1126 24.20 -2.13 32.03
CA VAL B 1126 24.34 -1.82 30.60
C VAL B 1126 25.78 -1.73 30.12
N CYS B 1127 26.15 -2.56 29.14
CA CYS B 1127 27.56 -2.75 28.83
C CYS B 1127 27.89 -2.64 27.36
N CYS B 1128 29.14 -2.31 27.06
CA CYS B 1128 29.60 -2.16 25.69
C CYS B 1128 30.41 -3.34 25.19
N ARG B 1129 29.94 -3.99 24.14
CA ARG B 1129 30.67 -5.12 23.58
C ARG B 1129 31.99 -4.73 22.93
N ARG B 1130 32.18 -3.47 22.57
CA ARG B 1130 33.43 -3.10 21.90
C ARG B 1130 34.55 -2.91 22.90
N CYS B 1131 34.22 -2.29 24.02
CA CYS B 1131 35.21 -1.80 24.97
C CYS B 1131 35.58 -2.82 26.05
N SER B 1132 35.03 -4.02 25.95
CA SER B 1132 35.28 -5.00 26.99
C SER B 1132 36.03 -6.19 26.43
N MET B 1133 36.85 -6.84 27.29
CA MET B 1133 37.61 -8.04 26.94
C MET B 1133 36.84 -9.30 27.25
N ARG B 1134 37.03 -10.31 26.41
CA ARG B 1134 36.61 -11.68 26.74
C ARG B 1134 37.33 -12.03 28.03
N PHE B 1135 36.65 -12.74 28.95
CA PHE B 1135 37.19 -12.94 30.31
C PHE B 1135 38.55 -13.62 30.32
N GLU B 1136 38.69 -14.69 29.52
CA GLU B 1136 39.96 -15.40 29.38
C GLU B 1136 41.14 -14.46 29.08
N ASP B 1137 41.04 -13.76 27.96
CA ASP B 1137 42.06 -12.83 27.48
C ASP B 1137 42.47 -11.79 28.53
N ALA B 1138 41.55 -11.41 29.41
CA ALA B 1138 41.82 -10.38 30.42
C ALA B 1138 42.64 -10.95 31.58
N LYS B 1139 42.34 -12.20 31.94
CA LYS B 1139 43.10 -12.93 32.95
C LYS B 1139 44.54 -13.03 32.49
N LYS B 1140 44.71 -13.43 31.22
CA LYS B 1140 46.02 -13.58 30.58
C LYS B 1140 46.83 -12.29 30.51
N LEU B 1141 46.41 -11.24 31.21
CA LEU B 1141 47.24 -10.05 31.38
C LEU B 1141 46.90 -9.33 32.70
N ILE B 1151 48.01 -7.62 40.21
CA ILE B 1151 46.70 -6.98 40.10
C ILE B 1151 45.53 -7.98 40.13
N PHE B 1152 44.42 -7.60 40.76
CA PHE B 1152 43.26 -8.46 40.86
C PHE B 1152 42.04 -7.82 40.19
N ILE B 1153 41.17 -8.66 39.63
CA ILE B 1153 39.98 -8.16 38.92
C ILE B 1153 38.70 -8.15 39.77
N ASP B 1154 38.23 -6.94 40.02
CA ASP B 1154 37.03 -6.65 40.82
C ASP B 1154 35.77 -7.34 40.27
N ASP B 1155 34.81 -7.64 41.15
CA ASP B 1155 33.61 -8.38 40.77
C ASP B 1155 32.63 -7.56 39.90
N SER B 1156 32.57 -6.26 40.17
CA SER B 1156 31.63 -5.36 39.49
C SER B 1156 32.01 -5.14 38.04
N GLN B 1157 33.22 -5.56 37.70
CA GLN B 1157 33.82 -5.36 36.39
C GLN B 1157 33.58 -6.54 35.41
N ILE B 1158 32.89 -7.58 35.88
CA ILE B 1158 32.60 -8.74 35.05
C ILE B 1158 31.13 -8.75 34.73
N TRP B 1159 30.79 -9.07 33.50
CA TRP B 1159 29.39 -9.23 33.13
C TRP B 1159 29.33 -10.36 32.14
N GLU B 1160 28.13 -10.86 31.88
CA GLU B 1160 27.92 -12.02 31.02
C GLU B 1160 26.79 -11.78 30.04
N ASP B 1161 26.85 -12.46 28.90
CA ASP B 1161 25.69 -12.43 28.02
C ASP B 1161 24.81 -13.66 28.20
N GLY B 1162 23.83 -13.81 27.32
CA GLY B 1162 22.95 -14.96 27.34
C GLY B 1162 23.63 -16.27 26.98
N GLN B 1163 24.43 -16.28 25.91
CA GLN B 1163 25.23 -17.46 25.57
C GLN B 1163 26.06 -17.97 26.76
N GLY B 1164 26.70 -17.07 27.49
CA GLY B 1164 27.41 -17.46 28.69
C GLY B 1164 28.83 -16.91 28.82
N ASN B 1165 29.35 -16.29 27.76
CA ASN B 1165 30.69 -15.69 27.79
C ASN B 1165 30.83 -14.56 28.81
N LYS B 1166 31.96 -14.50 29.47
CA LYS B 1166 32.16 -13.52 30.53
C LYS B 1166 33.00 -12.40 29.96
N PHE B 1167 32.71 -11.18 30.40
CA PHE B 1167 33.44 -10.02 29.92
C PHE B 1167 33.99 -9.21 31.06
N VAL B 1168 35.08 -8.50 30.77
CA VAL B 1168 35.69 -7.59 31.70
C VAL B 1168 35.63 -6.18 31.12
N GLY B 1169 35.07 -5.24 31.88
CA GLY B 1169 34.99 -3.86 31.45
C GLY B 1169 33.80 -3.49 30.57
N GLY B 1170 33.85 -2.29 30.00
CA GLY B 1170 32.78 -1.78 29.16
C GLY B 1170 31.58 -1.23 29.91
N ASN B 1171 31.85 -0.59 31.06
CA ASN B 1171 30.79 -0.15 31.96
C ASN B 1171 30.57 1.36 31.90
N GLU B 1172 31.17 2.02 30.91
CA GLU B 1172 31.04 3.46 30.80
C GLU B 1172 29.89 3.79 29.85
N THR B 1173 28.66 3.50 30.28
CA THR B 1173 27.52 3.74 29.42
C THR B 1173 26.60 4.77 30.06
N THR B 1174 25.82 5.49 29.24
CA THR B 1174 24.64 6.24 29.70
C THR B 1174 23.54 6.17 28.67
N THR B 1175 22.56 7.02 28.87
CA THR B 1175 21.49 7.11 27.89
C THR B 1175 21.39 8.54 27.37
N VAL B 1176 21.08 8.66 26.09
CA VAL B 1176 20.95 9.94 25.42
C VAL B 1176 19.64 9.88 24.68
N ALA B 1177 19.08 11.05 24.35
CA ALA B 1177 17.81 11.06 23.59
C ALA B 1177 18.07 11.32 22.11
N ILE B 1178 17.79 10.31 21.28
CA ILE B 1178 18.05 10.45 19.84
C ILE B 1178 16.87 10.05 19.00
N PRO B 1179 16.82 10.55 17.77
CA PRO B 1179 15.74 10.03 16.93
C PRO B 1179 16.07 8.61 16.57
N PHE B 1180 15.09 7.72 16.56
CA PHE B 1180 15.35 6.33 16.29
C PHE B 1180 16.02 6.14 14.96
N VAL B 1181 15.60 6.93 13.98
CA VAL B 1181 16.12 6.72 12.63
C VAL B 1181 17.65 6.90 12.60
N LEU B 1182 18.21 7.49 13.66
CA LEU B 1182 19.65 7.66 13.74
C LEU B 1182 20.30 6.31 13.87
N LYS B 1183 19.66 5.45 14.66
CA LYS B 1183 20.16 4.10 14.88
C LYS B 1183 20.20 3.34 13.56
N TYR B 1184 19.13 3.48 12.78
CA TYR B 1184 19.09 2.86 11.46
C TYR B 1184 20.21 3.38 10.56
N LEU B 1185 20.42 4.69 10.55
CA LEU B 1185 21.46 5.21 9.71
C LEU B 1185 22.82 4.65 10.15
N ASP B 1186 23.09 4.71 11.45
CA ASP B 1186 24.35 4.21 11.98
C ASP B 1186 24.55 2.74 11.62
N SER B 1187 23.48 1.97 11.73
CA SER B 1187 23.53 0.56 11.37
C SER B 1187 23.90 0.35 9.89
N GLU B 1188 23.19 1.01 8.99
CA GLU B 1188 23.52 0.94 7.57
C GLU B 1188 24.98 1.33 7.29
N LEU B 1189 25.45 2.40 7.94
CA LEU B 1189 26.81 2.88 7.77
C LEU B 1189 27.84 1.84 8.20
N SER B 1190 27.53 1.10 9.26
CA SER B 1190 28.50 0.12 9.72
C SER B 1190 28.51 -1.11 8.78
N ALA B 1191 27.40 -1.34 8.08
CA ALA B 1191 27.42 -2.34 7.03
C ALA B 1191 28.42 -1.98 5.96
N MET B 1192 28.53 -0.68 5.67
CA MET B 1192 29.44 -0.18 4.67
C MET B 1192 30.85 0.01 5.22
N GLY B 1193 31.08 -0.42 6.46
CA GLY B 1193 32.39 -0.34 7.08
C GLY B 1193 32.68 0.99 7.72
N ILE B 1194 31.64 1.81 7.85
CA ILE B 1194 31.78 3.17 8.37
C ILE B 1194 31.35 3.30 9.83
N ARG B 1195 32.15 4.02 10.61
CA ARG B 1195 31.87 4.18 12.04
C ARG B 1195 31.51 5.60 12.46
N LEU B 1196 30.32 5.75 13.05
CA LEU B 1196 30.00 7.01 13.72
C LEU B 1196 30.42 6.92 15.19
N ARG B 1197 31.00 8.00 15.70
CA ARG B 1197 31.44 8.05 17.08
C ARG B 1197 30.88 9.30 17.76
N TYR B 1198 29.90 9.10 18.64
CA TYR B 1198 29.23 10.22 19.32
C TYR B 1198 29.98 10.64 20.55
N ASN B 1199 30.40 11.90 20.62
CA ASN B 1199 31.02 12.41 21.83
C ASN B 1199 29.95 12.89 22.77
N VAL B 1200 29.87 12.24 23.93
CA VAL B 1200 28.86 12.50 24.93
C VAL B 1200 29.47 13.27 26.11
N GLU B 1201 28.69 14.18 26.69
CA GLU B 1201 29.09 14.87 27.90
C GLU B 1201 27.95 14.76 28.89
N PRO B 1202 28.26 14.74 30.20
CA PRO B 1202 29.56 14.88 30.84
C PRO B 1202 30.34 13.61 30.70
N LYS B 1203 31.66 13.74 30.70
CA LYS B 1203 32.55 12.59 30.70
C LYS B 1203 32.66 12.05 32.13
N TRP C 31 -47.01 53.10 26.35
CA TRP C 31 -47.61 51.78 26.19
C TRP C 31 -48.00 51.22 27.54
N ASN C 32 -48.76 50.14 27.50
CA ASN C 32 -49.58 49.71 28.61
C ASN C 32 -50.41 48.55 28.05
N VAL C 33 -50.64 47.51 28.85
CA VAL C 33 -51.39 46.36 28.34
C VAL C 33 -52.86 46.68 27.99
N GLU C 34 -53.47 47.61 28.72
CA GLU C 34 -54.83 48.04 28.40
C GLU C 34 -54.89 48.83 27.09
N LYS C 35 -53.86 49.63 26.81
CA LYS C 35 -53.86 50.41 25.57
C LYS C 35 -53.82 49.44 24.43
N PHE C 36 -53.06 48.36 24.59
CA PHE C 36 -52.96 47.29 23.59
C PHE C 36 -54.30 46.59 23.38
N LYS C 37 -54.97 46.25 24.47
CA LYS C 37 -56.27 45.58 24.43
C LYS C 37 -57.29 46.37 23.63
N LYS C 38 -57.32 47.68 23.84
CA LYS C 38 -58.25 48.57 23.16
C LYS C 38 -57.97 48.67 21.66
N ASP C 39 -56.70 48.57 21.27
CA ASP C 39 -56.33 48.74 19.87
C ASP C 39 -56.17 47.44 19.08
N PHE C 40 -55.87 46.36 19.75
CA PHE C 40 -55.70 45.10 19.06
C PHE C 40 -57.02 44.64 18.45
N GLU C 41 -56.95 43.97 17.30
CA GLU C 41 -58.16 43.56 16.60
C GLU C 41 -57.89 42.32 15.74
N VAL C 42 -58.89 41.45 15.61
CA VAL C 42 -58.76 40.24 14.79
C VAL C 42 -59.84 40.24 13.72
N ASN C 43 -59.51 39.84 12.50
CA ASN C 43 -60.48 39.74 11.43
C ASN C 43 -60.38 38.37 10.82
N ILE C 44 -61.48 37.62 10.76
CA ILE C 44 -61.39 36.26 10.22
C ILE C 44 -62.03 36.11 8.86
N SER C 45 -61.19 36.13 7.83
CA SER C 45 -61.63 36.15 6.46
C SER C 45 -62.29 34.84 6.04
N SER C 46 -61.67 33.73 6.44
CA SER C 46 -62.17 32.41 6.07
C SER C 46 -61.65 31.37 7.04
N LEU C 47 -62.54 30.59 7.61
CA LEU C 47 -62.13 29.48 8.45
C LEU C 47 -62.82 28.24 7.96
N ASP C 48 -62.09 27.12 8.07
CA ASP C 48 -62.39 25.90 7.38
C ASP C 48 -61.77 24.81 8.25
N ALA C 49 -62.04 23.54 7.97
CA ALA C 49 -61.45 22.44 8.77
C ALA C 49 -59.96 22.26 8.51
N ARG C 50 -59.50 22.66 7.31
CA ARG C 50 -58.10 22.54 6.94
C ARG C 50 -57.34 23.86 6.96
N GLU C 51 -57.90 24.94 6.41
CA GLU C 51 -57.18 26.22 6.45
C GLU C 51 -57.91 27.48 6.93
N ALA C 52 -57.15 28.34 7.60
CA ALA C 52 -57.65 29.62 8.11
C ALA C 52 -56.95 30.82 7.48
N ASN C 53 -57.70 31.87 7.19
CA ASN C 53 -57.14 33.12 6.74
C ASN C 53 -57.66 34.26 7.60
N PHE C 54 -56.78 34.89 8.36
CA PHE C 54 -57.20 35.89 9.29
C PHE C 54 -56.15 36.97 9.51
N ASP C 55 -56.58 38.16 9.94
CA ASP C 55 -55.65 39.25 10.17
C ASP C 55 -55.50 39.55 11.66
N LEU C 56 -54.27 39.76 12.11
CA LEU C 56 -54.04 40.35 13.42
C LEU C 56 -53.69 41.82 13.18
N ILE C 57 -54.44 42.74 13.78
CA ILE C 57 -54.23 44.17 13.54
C ILE C 57 -53.70 44.92 14.77
N ASN C 58 -52.74 45.81 14.56
CA ASN C 58 -52.05 46.54 15.63
C ASN C 58 -51.31 45.69 16.68
N ILE C 59 -50.61 44.65 16.22
CA ILE C 59 -49.76 43.86 17.10
C ILE C 59 -48.36 44.07 16.58
N ASP C 60 -47.36 43.92 17.45
CA ASP C 60 -45.98 44.10 17.00
C ASP C 60 -45.44 42.88 16.27
N THR C 61 -44.63 43.15 15.25
CA THR C 61 -44.03 42.12 14.45
C THR C 61 -43.33 41.01 15.28
N SER C 62 -42.67 41.39 16.38
CA SER C 62 -41.97 40.41 17.22
C SER C 62 -42.87 39.32 17.74
N ILE C 63 -44.15 39.66 17.93
CA ILE C 63 -45.11 38.75 18.54
C ILE C 63 -45.82 37.94 17.47
N ALA C 64 -46.15 38.59 16.36
CA ALA C 64 -46.71 37.87 15.22
C ALA C 64 -45.73 36.81 14.80
N ASN C 65 -44.46 37.21 14.68
CA ASN C 65 -43.41 36.28 14.33
C ASN C 65 -43.33 35.13 15.32
N ALA C 66 -43.41 35.42 16.62
CA ALA C 66 -43.42 34.36 17.63
C ALA C 66 -44.48 33.31 17.36
N PHE C 67 -45.72 33.74 17.14
CA PHE C 67 -46.83 32.82 16.93
C PHE C 67 -46.48 31.96 15.73
N ARG C 68 -46.06 32.61 14.66
CA ARG C 68 -45.68 31.93 13.40
C ARG C 68 -44.63 30.85 13.60
N ARG C 69 -43.54 31.20 14.26
CA ARG C 69 -42.51 30.24 14.60
C ARG C 69 -43.08 29.11 15.45
N ILE C 70 -43.91 29.45 16.42
CA ILE C 70 -44.38 28.44 17.35
C ILE C 70 -45.30 27.44 16.64
N MET C 71 -46.19 27.97 15.81
CA MET C 71 -47.12 27.13 15.04
C MET C 71 -46.39 26.09 14.17
N ILE C 72 -45.28 26.50 13.56
CA ILE C 72 -44.51 25.61 12.72
C ILE C 72 -43.75 24.59 13.53
N SER C 73 -43.11 25.04 14.62
CA SER C 73 -42.06 24.23 15.24
C SER C 73 -42.26 23.70 16.68
N GLU C 74 -43.28 24.20 17.38
CA GLU C 74 -43.41 23.86 18.81
C GLU C 74 -44.80 23.37 19.24
N VAL C 75 -45.72 23.25 18.30
CA VAL C 75 -47.04 22.73 18.62
C VAL C 75 -47.02 21.24 18.37
N PRO C 76 -47.12 20.46 19.44
CA PRO C 76 -46.93 19.00 19.37
C PRO C 76 -47.89 18.30 18.43
N SER C 77 -47.46 17.15 17.93
CA SER C 77 -48.27 16.38 17.02
C SER C 77 -47.91 14.91 17.18
N VAL C 78 -48.76 14.04 16.68
CA VAL C 78 -48.42 12.64 16.73
C VAL C 78 -47.95 12.16 15.37
N ALA C 79 -46.79 11.50 15.35
CA ALA C 79 -46.31 10.87 14.12
C ALA C 79 -45.55 9.59 14.43
N ALA C 80 -45.49 8.68 13.47
CA ALA C 80 -44.70 7.48 13.64
C ALA C 80 -43.22 7.84 13.85
N GLU C 81 -42.61 7.24 14.88
CA GLU C 81 -41.23 7.54 15.26
C GLU C 81 -40.36 6.32 15.15
N TYR C 82 -40.85 5.17 15.62
CA TYR C 82 -40.08 3.94 15.56
C TYR C 82 -40.82 2.92 14.73
N VAL C 83 -40.14 2.35 13.74
CA VAL C 83 -40.75 1.35 12.87
C VAL C 83 -40.04 0.02 13.07
N TYR C 84 -40.81 -1.02 13.37
CA TYR C 84 -40.25 -2.34 13.62
C TYR C 84 -40.59 -3.28 12.47
N PHE C 85 -39.59 -3.57 11.64
CA PHE C 85 -39.77 -4.46 10.50
C PHE C 85 -39.61 -5.94 10.87
N PHE C 86 -40.51 -6.77 10.36
CA PHE C 86 -40.32 -8.22 10.51
C PHE C 86 -39.99 -8.77 9.15
N ASN C 87 -40.44 -8.08 8.12
CA ASN C 87 -40.08 -8.44 6.76
C ASN C 87 -40.43 -7.35 5.76
N ASN C 88 -39.56 -7.18 4.79
CA ASN C 88 -39.81 -6.27 3.69
C ASN C 88 -39.04 -6.70 2.46
N THR C 89 -39.69 -7.43 1.56
CA THR C 89 -39.02 -7.85 0.34
C THR C 89 -39.51 -7.06 -0.86
N SER C 90 -39.94 -5.83 -0.60
CA SER C 90 -40.29 -4.92 -1.65
C SER C 90 -39.04 -4.25 -2.17
N VAL C 91 -39.24 -3.47 -3.21
CA VAL C 91 -38.17 -2.82 -3.91
C VAL C 91 -37.70 -1.58 -3.14
N ILE C 92 -38.52 -1.11 -2.20
CA ILE C 92 -38.22 0.07 -1.39
C ILE C 92 -37.49 -0.30 -0.08
N GLN C 93 -36.36 0.33 0.17
CA GLN C 93 -35.55 -0.08 1.31
C GLN C 93 -36.19 0.31 2.65
N ASP C 94 -35.97 -0.54 3.68
CA ASP C 94 -36.56 -0.36 5.01
C ASP C 94 -36.56 1.09 5.48
N GLU C 95 -35.38 1.69 5.55
CA GLU C 95 -35.25 2.99 6.19
C GLU C 95 -36.05 4.03 5.44
N VAL C 96 -36.13 3.84 4.12
CA VAL C 96 -36.88 4.77 3.29
C VAL C 96 -38.37 4.57 3.55
N LEU C 97 -38.83 3.33 3.55
CA LEU C 97 -40.22 3.03 3.90
C LEU C 97 -40.58 3.58 5.28
N ALA C 98 -39.73 3.32 6.27
CA ALA C 98 -39.92 3.87 7.60
C ALA C 98 -40.10 5.38 7.55
N HIS C 99 -39.24 6.05 6.77
CA HIS C 99 -39.29 7.50 6.65
C HIS C 99 -40.64 8.02 6.17
N ARG C 100 -41.24 7.35 5.19
CA ARG C 100 -42.44 7.86 4.58
C ARG C 100 -43.58 7.68 5.54
N ILE C 101 -43.57 6.55 6.25
CA ILE C 101 -44.57 6.27 7.26
C ILE C 101 -44.53 7.38 8.33
N GLY C 102 -43.33 7.88 8.59
CA GLY C 102 -43.18 8.95 9.55
C GLY C 102 -43.72 10.26 9.04
N LEU C 103 -43.88 10.38 7.73
CA LEU C 103 -44.36 11.64 7.14
C LEU C 103 -45.88 11.63 7.04
N VAL C 104 -46.47 10.45 7.14
CA VAL C 104 -47.92 10.32 7.15
C VAL C 104 -48.49 11.02 8.37
N PRO C 105 -49.36 12.01 8.13
CA PRO C 105 -50.02 12.76 9.19
C PRO C 105 -51.13 11.91 9.77
N LEU C 106 -51.01 11.57 11.05
CA LEU C 106 -52.02 10.78 11.72
C LEU C 106 -53.10 11.69 12.30
N LYS C 107 -54.36 11.34 12.09
CA LYS C 107 -55.49 12.11 12.60
C LYS C 107 -55.69 11.69 14.05
N VAL C 108 -54.87 12.27 14.94
CA VAL C 108 -54.90 11.94 16.35
C VAL C 108 -54.86 13.22 17.13
N ASP C 109 -55.68 13.33 18.16
CA ASP C 109 -55.62 14.49 19.01
C ASP C 109 -54.44 14.37 19.97
N PRO C 110 -53.44 15.24 19.82
CA PRO C 110 -52.24 15.17 20.66
C PRO C 110 -52.51 15.31 22.15
N ASP C 111 -53.66 15.87 22.51
CA ASP C 111 -54.03 16.00 23.91
C ASP C 111 -54.34 14.65 24.52
N MET C 112 -54.66 13.67 23.67
CA MET C 112 -55.03 12.33 24.14
C MET C 112 -53.83 11.47 24.50
N LEU C 113 -52.65 12.07 24.43
CA LEU C 113 -51.41 11.34 24.66
C LEU C 113 -50.52 12.12 25.63
N THR C 114 -49.72 11.40 26.40
CA THR C 114 -48.71 12.04 27.24
C THR C 114 -47.34 11.83 26.58
N TRP C 115 -46.35 12.58 27.02
CA TRP C 115 -45.03 12.49 26.42
C TRP C 115 -44.25 11.28 26.94
N VAL C 116 -43.39 10.77 26.07
CA VAL C 116 -42.51 9.67 26.40
C VAL C 116 -41.32 10.19 27.19
N ASP C 117 -40.92 9.48 28.24
CA ASP C 117 -39.68 9.81 28.93
C ASP C 117 -38.54 8.99 28.32
N SER C 118 -37.57 9.65 27.72
CA SER C 118 -36.52 8.95 26.96
C SER C 118 -35.30 8.59 27.80
N ASN C 119 -35.52 8.34 29.09
CA ASN C 119 -34.47 7.94 30.00
C ASN C 119 -34.71 6.54 30.55
N LEU C 120 -35.88 6.01 30.25
CA LEU C 120 -36.25 4.67 30.68
C LEU C 120 -35.86 3.67 29.59
N PRO C 121 -35.64 2.41 29.99
CA PRO C 121 -35.41 1.33 29.02
C PRO C 121 -36.63 1.14 28.10
N ASP C 122 -36.47 0.43 26.99
CA ASP C 122 -37.55 0.26 26.01
C ASP C 122 -38.85 -0.35 26.56
N ASP C 123 -38.73 -1.26 27.53
CA ASP C 123 -39.90 -1.90 28.12
C ASP C 123 -40.79 -0.89 28.86
N GLU C 124 -40.16 -0.05 29.69
CA GLU C 124 -40.85 0.96 30.49
C GLU C 124 -41.23 2.19 29.67
N LYS C 125 -40.47 2.42 28.60
CA LYS C 125 -40.62 3.63 27.81
C LYS C 125 -42.02 3.78 27.18
N PHE C 126 -42.58 2.70 26.65
CA PHE C 126 -43.81 2.80 25.86
C PHE C 126 -45.06 2.28 26.56
N THR C 127 -45.99 3.19 26.87
CA THR C 127 -47.21 2.84 27.60
C THR C 127 -48.47 3.19 26.80
N ASP C 128 -49.63 2.86 27.36
CA ASP C 128 -50.92 3.21 26.72
C ASP C 128 -51.23 4.73 26.73
N GLU C 129 -50.53 5.48 27.58
CA GLU C 129 -50.62 6.93 27.55
C GLU C 129 -49.54 7.54 26.66
N ASN C 130 -48.58 6.72 26.26
CA ASN C 130 -47.36 7.19 25.59
C ASN C 130 -47.44 7.13 24.08
N THR C 131 -48.00 6.04 23.59
CA THR C 131 -47.67 5.49 22.28
C THR C 131 -48.89 4.97 21.56
N ILE C 132 -48.90 5.07 20.24
CA ILE C 132 -49.94 4.45 19.42
C ILE C 132 -49.30 3.46 18.47
N VAL C 133 -49.86 2.27 18.37
CA VAL C 133 -49.27 1.23 17.53
C VAL C 133 -50.03 1.02 16.23
N LEU C 134 -49.32 1.11 15.12
CA LEU C 134 -49.88 0.83 13.80
C LEU C 134 -49.20 -0.41 13.23
N SER C 135 -49.95 -1.23 12.51
CA SER C 135 -49.36 -2.40 11.88
C SER C 135 -49.60 -2.30 10.38
N LEU C 136 -48.82 -3.05 9.61
CA LEU C 136 -48.96 -3.06 8.17
C LEU C 136 -48.56 -4.44 7.68
N ASN C 137 -49.45 -5.10 6.95
CA ASN C 137 -49.21 -6.48 6.57
C ASN C 137 -49.75 -6.88 5.21
N VAL C 138 -48.93 -6.70 4.17
CA VAL C 138 -49.36 -6.98 2.82
C VAL C 138 -48.44 -7.99 2.13
N LYS C 139 -49.03 -8.97 1.45
CA LYS C 139 -48.32 -9.83 0.50
C LYS C 139 -48.93 -9.63 -0.86
N CYS C 140 -48.08 -9.56 -1.88
CA CYS C 140 -48.57 -9.43 -3.25
C CYS C 140 -48.57 -10.77 -3.98
N THR C 141 -49.71 -11.13 -4.55
CA THR C 141 -49.80 -12.35 -5.33
C THR C 141 -50.20 -12.00 -6.76
N ARG C 142 -50.00 -12.92 -7.69
CA ARG C 142 -50.40 -12.69 -9.07
C ARG C 142 -51.89 -13.01 -9.24
N ASN C 143 -52.57 -12.26 -10.09
CA ASN C 143 -54.01 -12.47 -10.34
C ASN C 143 -54.23 -13.35 -11.57
N PRO C 144 -54.90 -14.50 -11.37
CA PRO C 144 -55.22 -15.38 -12.51
C PRO C 144 -56.24 -14.76 -13.46
N ASP C 145 -57.24 -14.08 -12.91
CA ASP C 145 -58.38 -13.52 -13.66
C ASP C 145 -58.09 -12.19 -14.32
N ALA C 146 -56.83 -11.95 -14.67
CA ALA C 146 -56.44 -10.72 -15.33
C ALA C 146 -56.91 -10.72 -16.79
N PRO C 147 -57.66 -9.68 -17.20
CA PRO C 147 -58.14 -9.53 -18.58
C PRO C 147 -56.97 -9.46 -19.56
N LYS C 148 -56.66 -10.59 -20.21
CA LYS C 148 -55.45 -10.78 -21.02
C LYS C 148 -55.08 -9.57 -21.87
N GLY C 149 -53.84 -9.14 -21.74
CA GLY C 149 -53.38 -7.92 -22.40
C GLY C 149 -53.78 -6.70 -21.58
N SER C 150 -53.46 -6.71 -20.30
CA SER C 150 -53.79 -5.61 -19.41
C SER C 150 -52.52 -4.94 -18.90
N THR C 151 -52.58 -3.62 -18.68
CA THR C 151 -51.45 -2.82 -18.22
C THR C 151 -51.64 -2.44 -16.75
N ASP C 152 -52.91 -2.30 -16.36
CA ASP C 152 -53.26 -1.89 -15.01
C ASP C 152 -52.86 -2.94 -13.96
N PRO C 153 -52.08 -2.51 -12.97
CA PRO C 153 -51.59 -3.39 -11.91
C PRO C 153 -52.65 -3.76 -10.89
N LYS C 154 -53.81 -3.09 -10.90
CA LYS C 154 -54.90 -3.46 -10.00
C LYS C 154 -55.47 -4.81 -10.42
N GLU C 155 -55.60 -4.99 -11.74
CA GLU C 155 -56.17 -6.22 -12.27
C GLU C 155 -55.10 -7.28 -12.56
N LEU C 156 -53.85 -6.86 -12.68
CA LEU C 156 -52.77 -7.82 -12.88
C LEU C 156 -52.31 -8.43 -11.57
N TYR C 157 -52.22 -7.61 -10.54
CA TYR C 157 -51.73 -8.05 -9.24
C TYR C 157 -52.70 -7.75 -8.10
N ASN C 158 -52.72 -8.62 -7.10
CA ASN C 158 -53.48 -8.37 -5.89
C ASN C 158 -52.62 -7.66 -4.86
N ASN C 159 -53.07 -6.49 -4.43
CA ASN C 159 -52.36 -5.66 -3.47
C ASN C 159 -51.02 -5.17 -3.99
N ALA C 160 -50.98 -4.77 -5.25
CA ALA C 160 -49.75 -4.21 -5.80
C ALA C 160 -49.44 -2.90 -5.10
N HIS C 161 -50.47 -2.10 -4.84
CA HIS C 161 -50.28 -0.77 -4.26
C HIS C 161 -50.66 -0.72 -2.79
N VAL C 162 -49.77 -0.17 -1.99
CA VAL C 162 -49.97 -0.07 -0.54
C VAL C 162 -50.21 1.37 -0.17
N TYR C 163 -51.35 1.62 0.49
CA TYR C 163 -51.73 2.99 0.87
C TYR C 163 -51.68 3.24 2.38
N ALA C 164 -51.67 4.51 2.78
CA ALA C 164 -51.61 4.85 4.19
C ALA C 164 -52.80 4.24 4.94
N ARG C 165 -53.98 4.29 4.32
CA ARG C 165 -55.18 3.67 4.87
C ARG C 165 -54.96 2.20 5.29
N ASP C 166 -53.91 1.56 4.75
CA ASP C 166 -53.60 0.15 5.05
C ASP C 166 -52.86 -0.03 6.38
N LEU C 167 -52.45 1.08 7.00
CA LEU C 167 -51.94 1.07 8.37
C LEU C 167 -53.08 0.76 9.34
N LYS C 168 -53.08 -0.44 9.93
CA LYS C 168 -54.15 -0.80 10.85
C LYS C 168 -53.85 -0.32 12.27
N PHE C 169 -54.86 0.28 12.91
CA PHE C 169 -54.68 0.78 14.26
C PHE C 169 -54.90 -0.34 15.25
N GLU C 170 -53.83 -0.72 15.96
CA GLU C 170 -53.96 -1.73 17.01
C GLU C 170 -53.92 -1.10 18.41
N PRO C 171 -55.10 -1.04 19.06
CA PRO C 171 -55.24 -0.40 20.37
C PRO C 171 -54.58 -1.26 21.44
N GLN C 172 -53.93 -0.61 22.41
CA GLN C 172 -53.27 -1.32 23.50
C GLN C 172 -53.84 -0.90 24.86
N GLY C 173 -54.11 -1.87 25.72
CA GLY C 173 -54.57 -1.57 27.07
C GLY C 173 -55.80 -0.68 27.05
N ARG C 174 -55.76 0.38 27.85
CA ARG C 174 -56.92 1.26 28.02
C ARG C 174 -57.42 1.88 26.73
N GLN C 175 -56.62 1.81 25.67
CA GLN C 175 -56.92 2.52 24.43
C GLN C 175 -58.13 1.98 23.71
N SER C 176 -58.39 0.68 23.89
CA SER C 176 -59.59 0.06 23.35
C SER C 176 -60.80 0.87 23.75
N THR C 177 -60.76 1.41 24.97
CA THR C 177 -61.81 2.28 25.50
C THR C 177 -61.64 3.73 25.02
N THR C 178 -60.51 4.34 25.39
CA THR C 178 -60.24 5.75 25.09
C THR C 178 -60.41 6.12 23.61
N PHE C 179 -59.85 5.31 22.73
CA PHE C 179 -59.93 5.56 21.29
C PHE C 179 -61.06 4.82 20.58
N ALA C 180 -62.04 4.32 21.34
CA ALA C 180 -63.14 3.58 20.73
C ALA C 180 -64.02 4.51 19.91
N ASP C 181 -64.02 5.78 20.27
CA ASP C 181 -64.89 6.76 19.62
C ASP C 181 -64.19 7.49 18.49
N CYS C 182 -62.91 7.19 18.31
CA CYS C 182 -62.11 7.83 17.27
C CYS C 182 -60.90 6.97 16.89
N PRO C 183 -61.12 5.94 16.04
CA PRO C 183 -60.03 5.07 15.60
C PRO C 183 -58.91 5.90 15.00
N VAL C 184 -57.69 5.37 14.98
CA VAL C 184 -56.57 6.11 14.44
C VAL C 184 -56.44 5.87 12.95
N VAL C 185 -56.54 6.96 12.19
CA VAL C 185 -56.65 6.91 10.75
C VAL C 185 -55.72 7.96 10.17
N PRO C 186 -55.06 7.65 9.05
CA PRO C 186 -54.24 8.74 8.51
C PRO C 186 -55.15 9.83 7.96
N ALA C 187 -54.75 11.08 8.11
CA ALA C 187 -55.56 12.21 7.62
C ALA C 187 -55.71 12.23 6.11
N ASP C 188 -54.80 11.53 5.40
CA ASP C 188 -54.80 11.50 3.94
C ASP C 188 -54.71 10.05 3.48
N PRO C 189 -55.85 9.35 3.45
CA PRO C 189 -55.86 7.89 3.30
C PRO C 189 -55.16 7.43 2.03
N ASP C 190 -55.30 8.18 0.95
CA ASP C 190 -54.87 7.73 -0.37
C ASP C 190 -53.40 7.97 -0.69
N ILE C 191 -52.61 8.29 0.33
CA ILE C 191 -51.16 8.44 0.20
C ILE C 191 -50.57 7.12 -0.27
N LEU C 192 -49.77 7.18 -1.33
CA LEU C 192 -49.13 5.99 -1.87
C LEU C 192 -47.91 5.68 -1.02
N LEU C 193 -47.84 4.50 -0.45
CA LEU C 193 -46.75 4.22 0.47
C LEU C 193 -45.68 3.33 -0.15
N ALA C 194 -46.10 2.33 -0.91
CA ALA C 194 -45.18 1.37 -1.49
C ALA C 194 -45.87 0.70 -2.65
N LYS C 195 -45.09 0.07 -3.52
CA LYS C 195 -45.64 -0.79 -4.57
C LYS C 195 -44.95 -2.14 -4.54
N LEU C 196 -45.68 -3.20 -4.91
CA LEU C 196 -45.12 -4.54 -4.88
C LEU C 196 -45.37 -5.32 -6.16
N ARG C 197 -44.66 -6.44 -6.31
CA ARG C 197 -44.97 -7.39 -7.36
C ARG C 197 -45.06 -8.77 -6.71
N PRO C 198 -45.71 -9.74 -7.39
CA PRO C 198 -45.97 -11.08 -6.87
C PRO C 198 -44.83 -11.72 -6.07
N GLY C 199 -45.10 -12.07 -4.81
CA GLY C 199 -44.14 -12.75 -3.97
C GLY C 199 -43.51 -11.85 -2.93
N GLN C 200 -43.70 -10.56 -3.08
CA GLN C 200 -43.09 -9.61 -2.15
C GLN C 200 -44.05 -9.25 -1.03
N GLU C 201 -43.51 -9.10 0.17
CA GLU C 201 -44.35 -8.78 1.33
C GLU C 201 -43.76 -7.68 2.21
N ILE C 202 -44.63 -6.94 2.87
CA ILE C 202 -44.21 -5.97 3.88
C ILE C 202 -44.90 -6.31 5.19
N SER C 203 -44.14 -6.23 6.27
CA SER C 203 -44.64 -6.58 7.59
C SER C 203 -43.96 -5.73 8.67
N LEU C 204 -44.70 -4.79 9.26
CA LEU C 204 -44.10 -3.86 10.19
C LEU C 204 -45.08 -3.34 11.24
N LYS C 205 -44.54 -2.99 12.41
CA LYS C 205 -45.32 -2.30 13.43
C LYS C 205 -44.65 -0.95 13.64
N ALA C 206 -45.45 0.09 13.81
CA ALA C 206 -44.92 1.42 14.07
C ALA C 206 -45.40 1.98 15.41
N HIS C 207 -44.49 2.57 16.18
CA HIS C 207 -44.87 3.27 17.40
C HIS C 207 -44.93 4.76 17.10
N CYS C 208 -46.06 5.38 17.43
CA CYS C 208 -46.26 6.77 17.11
C CYS C 208 -46.42 7.54 18.41
N ILE C 209 -45.71 8.66 18.53
CA ILE C 209 -45.63 9.37 19.79
C ILE C 209 -45.76 10.88 19.58
N LEU C 210 -45.75 11.63 20.68
CA LEU C 210 -45.71 13.09 20.60
C LEU C 210 -44.34 13.62 20.21
N GLY C 211 -44.31 14.69 19.42
CA GLY C 211 -43.06 15.35 19.07
C GLY C 211 -43.34 16.73 18.54
N ILE C 212 -42.30 17.52 18.31
CA ILE C 212 -42.49 18.87 17.76
C ILE C 212 -41.64 19.16 16.52
N GLY C 213 -42.14 20.05 15.68
CA GLY C 213 -41.53 20.31 14.38
C GLY C 213 -40.08 20.71 14.46
N GLY C 214 -39.72 21.45 15.51
CA GLY C 214 -38.35 21.90 15.70
C GLY C 214 -37.39 20.75 15.76
N ASP C 215 -37.88 19.62 16.30
CA ASP C 215 -37.11 18.38 16.37
C ASP C 215 -36.99 17.71 15.00
N HIS C 216 -38.14 17.44 14.39
CA HIS C 216 -38.22 16.90 13.04
C HIS C 216 -39.52 17.35 12.37
N ALA C 217 -39.44 17.71 11.10
CA ALA C 217 -40.55 18.35 10.40
C ALA C 217 -41.79 17.45 10.25
N LYS C 218 -41.63 16.17 10.56
CA LYS C 218 -42.74 15.24 10.44
C LYS C 218 -43.77 15.50 11.53
N PHE C 219 -43.31 16.15 12.60
CA PHE C 219 -44.14 16.50 13.75
C PHE C 219 -44.82 17.84 13.54
N SER C 220 -44.37 18.65 12.59
CA SER C 220 -45.02 19.94 12.38
C SER C 220 -46.46 19.69 11.98
N PRO C 221 -47.38 20.41 12.63
CA PRO C 221 -48.82 20.26 12.42
C PRO C 221 -49.32 21.15 11.30
N VAL C 222 -48.43 21.86 10.62
CA VAL C 222 -48.86 22.68 9.49
C VAL C 222 -48.36 22.23 8.11
N SER C 223 -49.22 22.37 7.10
CA SER C 223 -48.86 22.32 5.66
C SER C 223 -48.74 23.79 5.33
N THR C 224 -48.45 24.49 6.41
CA THR C 224 -47.75 25.75 6.52
C THR C 224 -48.55 26.92 7.02
N ALA C 225 -47.90 27.59 7.95
CA ALA C 225 -48.42 28.76 8.59
C ALA C 225 -47.43 29.85 8.23
N SER C 226 -47.94 30.94 7.68
CA SER C 226 -47.08 32.06 7.35
C SER C 226 -47.94 33.31 7.40
N TYR C 227 -47.31 34.47 7.29
CA TYR C 227 -48.05 35.73 7.17
C TYR C 227 -47.47 36.64 6.10
N ARG C 228 -48.22 37.68 5.78
CA ARG C 228 -47.74 38.75 4.92
C ARG C 228 -48.21 40.03 5.59
N LEU C 229 -47.50 41.13 5.38
CA LEU C 229 -47.99 42.40 5.88
C LEU C 229 -48.96 42.94 4.87
N LEU C 230 -50.00 43.62 5.35
CA LEU C 230 -51.09 44.07 4.49
C LEU C 230 -50.61 45.13 3.49
N PRO C 231 -51.15 45.08 2.29
CA PRO C 231 -50.84 46.08 1.26
C PRO C 231 -51.32 47.47 1.68
N GLN C 232 -50.52 48.49 1.38
CA GLN C 232 -50.98 49.85 1.37
C GLN C 232 -50.53 50.51 0.07
N ILE C 233 -51.47 50.79 -0.81
CA ILE C 233 -51.19 51.45 -2.06
C ILE C 233 -51.71 52.87 -1.93
N ASN C 234 -50.83 53.82 -1.70
CA ASN C 234 -51.32 55.19 -1.65
C ASN C 234 -50.82 56.09 -2.78
N ILE C 235 -51.79 56.68 -3.47
CA ILE C 235 -51.55 57.49 -4.65
C ILE C 235 -51.24 58.95 -4.28
N LEU C 236 -50.15 59.48 -4.83
CA LEU C 236 -49.58 60.74 -4.38
C LEU C 236 -50.13 61.95 -5.12
N GLN C 237 -51.05 61.69 -6.04
CA GLN C 237 -51.82 62.73 -6.72
C GLN C 237 -52.84 62.04 -7.60
N PRO C 238 -53.93 62.72 -7.94
CA PRO C 238 -54.95 62.08 -8.77
C PRO C 238 -54.39 61.56 -10.08
N ILE C 239 -54.96 60.48 -10.56
CA ILE C 239 -54.53 59.90 -11.82
C ILE C 239 -55.78 59.52 -12.53
N LYS C 240 -55.98 60.09 -13.72
CA LYS C 240 -57.26 59.95 -14.41
C LYS C 240 -57.13 59.68 -15.92
N GLY C 241 -58.27 59.43 -16.55
CA GLY C 241 -58.32 59.26 -17.98
C GLY C 241 -57.63 58.01 -18.45
N GLU C 242 -56.74 58.17 -19.43
CA GLU C 242 -56.03 57.04 -19.99
C GLU C 242 -54.94 56.54 -19.04
N SER C 243 -54.49 57.43 -18.16
CA SER C 243 -53.54 57.03 -17.13
C SER C 243 -54.22 56.11 -16.13
N ALA C 244 -55.44 56.46 -15.72
CA ALA C 244 -56.20 55.64 -14.79
C ALA C 244 -56.32 54.20 -15.27
N ARG C 245 -56.78 54.00 -16.51
CA ARG C 245 -56.87 52.66 -17.07
C ARG C 245 -55.51 51.96 -17.05
N ARG C 246 -54.46 52.67 -17.45
CA ARG C 246 -53.10 52.14 -17.47
C ARG C 246 -52.66 51.74 -16.07
N PHE C 247 -52.74 52.70 -15.16
CA PHE C 247 -52.43 52.49 -13.75
C PHE C 247 -53.17 51.30 -13.14
N GLN C 248 -54.46 51.20 -13.42
CA GLN C 248 -55.29 50.12 -12.92
C GLN C 248 -54.79 48.72 -13.32
N LYS C 249 -54.24 48.61 -14.52
CA LYS C 249 -53.76 47.32 -15.03
C LYS C 249 -52.40 46.89 -14.49
N CYS C 250 -51.79 47.70 -13.64
CA CYS C 250 -50.54 47.32 -13.00
C CYS C 250 -50.79 46.51 -11.74
N PHE C 251 -52.06 46.38 -11.37
CA PHE C 251 -52.40 45.62 -10.17
C PHE C 251 -53.43 44.58 -10.57
N PRO C 252 -53.55 43.48 -9.78
CA PRO C 252 -54.54 42.45 -10.14
C PRO C 252 -55.96 43.03 -10.25
N PRO C 253 -56.82 42.36 -11.03
CA PRO C 253 -58.23 42.72 -11.16
C PRO C 253 -58.94 43.00 -9.83
N GLY C 254 -59.51 44.20 -9.70
CA GLY C 254 -60.27 44.49 -8.50
C GLY C 254 -59.54 45.30 -7.46
N VAL C 255 -58.23 45.39 -7.57
CA VAL C 255 -57.43 46.15 -6.61
C VAL C 255 -57.63 47.66 -6.80
N ILE C 256 -57.46 48.11 -8.03
CA ILE C 256 -57.60 49.51 -8.33
C ILE C 256 -58.93 49.74 -9.04
N GLY C 257 -59.68 50.72 -8.55
CA GLY C 257 -60.92 51.09 -9.17
C GLY C 257 -60.79 52.41 -9.91
N ILE C 258 -61.58 52.55 -10.97
CA ILE C 258 -61.71 53.84 -11.62
C ILE C 258 -63.08 54.40 -11.27
N ASP C 259 -63.10 55.55 -10.62
CA ASP C 259 -64.36 56.14 -10.20
C ASP C 259 -65.08 56.86 -11.34
N GLU C 260 -66.40 56.70 -11.40
CA GLU C 260 -67.18 57.46 -12.36
C GLU C 260 -67.47 58.84 -11.79
N GLY C 261 -67.24 59.87 -12.59
CA GLY C 261 -67.39 61.23 -12.12
C GLY C 261 -66.07 61.99 -12.16
N SER C 262 -65.26 61.80 -11.11
CA SER C 262 -63.95 62.42 -11.06
C SER C 262 -63.00 61.75 -12.08
N ASP C 263 -63.43 60.61 -12.60
CA ASP C 263 -62.67 59.81 -13.56
C ASP C 263 -61.29 59.38 -13.02
N GLU C 264 -61.01 59.72 -11.77
CA GLU C 264 -59.73 59.44 -11.14
C GLU C 264 -59.70 58.03 -10.55
N ALA C 265 -58.48 57.50 -10.42
CA ALA C 265 -58.30 56.16 -9.89
C ALA C 265 -58.25 56.22 -8.37
N TYR C 266 -58.73 55.16 -7.74
CA TYR C 266 -58.71 55.03 -6.29
C TYR C 266 -58.50 53.56 -5.95
N VAL C 267 -58.13 53.27 -4.70
CA VAL C 267 -57.93 51.89 -4.29
C VAL C 267 -59.21 51.24 -3.76
N LYS C 268 -59.68 50.19 -4.45
CA LYS C 268 -60.83 49.39 -4.00
C LYS C 268 -60.50 48.56 -2.76
N ASP C 269 -59.84 47.41 -2.95
CA ASP C 269 -59.23 46.73 -1.79
C ASP C 269 -57.80 46.23 -2.00
N ALA C 270 -56.92 46.78 -1.18
CA ALA C 270 -55.53 46.42 -1.17
C ALA C 270 -55.40 44.96 -0.79
N ARG C 271 -56.38 44.45 -0.04
CA ARG C 271 -56.30 43.09 0.47
C ARG C 271 -56.11 42.02 -0.63
N LYS C 272 -56.47 42.36 -1.87
CA LYS C 272 -56.33 41.46 -3.02
C LYS C 272 -54.99 41.60 -3.73
N ASP C 273 -54.23 42.64 -3.37
CA ASP C 273 -52.96 42.90 -4.04
C ASP C 273 -51.85 41.90 -3.65
N THR C 274 -51.02 41.56 -4.63
CA THR C 274 -49.95 40.58 -4.47
C THR C 274 -48.58 41.23 -4.30
N VAL C 275 -48.55 42.56 -4.36
CA VAL C 275 -47.33 43.37 -4.22
C VAL C 275 -46.27 42.99 -5.24
N SER C 276 -46.64 42.93 -6.50
CA SER C 276 -45.72 42.58 -7.57
C SER C 276 -44.76 43.74 -7.90
N ARG C 277 -45.12 44.93 -7.44
CA ARG C 277 -44.42 46.18 -7.72
C ARG C 277 -44.37 46.51 -9.23
N GLU C 278 -45.27 45.90 -9.98
CA GLU C 278 -45.38 46.15 -11.41
C GLU C 278 -45.49 47.63 -11.77
N VAL C 279 -46.26 48.38 -11.01
CA VAL C 279 -46.39 49.82 -11.22
C VAL C 279 -45.04 50.48 -11.36
N LEU C 280 -44.14 50.13 -10.46
CA LEU C 280 -42.86 50.81 -10.37
C LEU C 280 -41.96 50.63 -11.61
N ARG C 281 -42.34 49.72 -12.49
CA ARG C 281 -41.65 49.57 -13.77
C ARG C 281 -41.94 50.73 -14.74
N TYR C 282 -43.22 51.00 -14.99
CA TYR C 282 -43.63 52.09 -15.89
C TYR C 282 -43.27 53.49 -15.37
N GLU C 283 -42.47 54.20 -16.15
CA GLU C 283 -41.87 55.47 -15.74
C GLU C 283 -42.88 56.52 -15.30
N GLU C 284 -44.01 56.57 -15.98
CA GLU C 284 -45.00 57.61 -15.71
C GLU C 284 -45.62 57.50 -14.33
N PHE C 285 -45.60 56.31 -13.76
CA PHE C 285 -46.25 56.08 -12.48
C PHE C 285 -45.29 56.06 -11.32
N ALA C 286 -44.06 55.60 -11.54
CA ALA C 286 -43.08 55.47 -10.46
C ALA C 286 -42.93 56.74 -9.61
N ASP C 287 -43.32 57.86 -10.19
CA ASP C 287 -43.29 59.17 -9.57
C ASP C 287 -44.49 59.43 -8.63
N LYS C 288 -45.61 58.77 -8.91
CA LYS C 288 -46.90 59.12 -8.33
C LYS C 288 -47.49 58.08 -7.37
N VAL C 289 -46.72 57.06 -6.98
CA VAL C 289 -47.23 56.01 -6.09
C VAL C 289 -46.18 55.60 -5.11
N LYS C 290 -46.58 55.50 -3.84
CA LYS C 290 -45.77 54.80 -2.84
C LYS C 290 -46.46 53.49 -2.45
N LEU C 291 -45.66 52.44 -2.30
CA LEU C 291 -46.20 51.15 -1.93
C LEU C 291 -45.73 50.82 -0.53
N GLY C 292 -46.67 50.61 0.38
CA GLY C 292 -46.34 50.33 1.77
C GLY C 292 -47.16 49.21 2.40
N ARG C 293 -47.24 49.19 3.71
CA ARG C 293 -48.10 48.26 4.42
C ARG C 293 -48.85 48.97 5.55
N VAL C 294 -50.00 48.42 5.93
CA VAL C 294 -50.62 48.79 7.20
C VAL C 294 -49.93 47.94 8.25
N ARG C 295 -48.93 48.54 8.89
CA ARG C 295 -47.58 47.97 8.98
C ARG C 295 -47.38 46.73 9.86
N ASN C 296 -47.92 46.77 11.07
CA ASN C 296 -48.04 45.57 11.91
C ASN C 296 -48.99 44.61 11.24
N HIS C 297 -50.03 45.21 10.69
CA HIS C 297 -51.24 44.51 10.24
C HIS C 297 -50.86 43.22 9.49
N PHE C 298 -50.99 42.09 10.18
CA PHE C 298 -50.56 40.80 9.65
C PHE C 298 -51.66 39.92 9.10
N ILE C 299 -51.56 39.56 7.82
CA ILE C 299 -52.46 38.60 7.24
C ILE C 299 -51.90 37.19 7.36
N PHE C 300 -52.42 36.42 8.30
CA PHE C 300 -51.99 35.05 8.54
C PHE C 300 -52.72 34.03 7.67
N ASN C 301 -51.99 33.05 7.16
CA ASN C 301 -52.65 31.92 6.53
C ASN C 301 -52.15 30.64 7.16
N VAL C 302 -53.06 29.88 7.75
CA VAL C 302 -52.69 28.66 8.43
C VAL C 302 -53.36 27.44 7.82
N GLU C 303 -52.57 26.49 7.31
CA GLU C 303 -53.07 25.21 6.82
C GLU C 303 -52.70 24.07 7.75
N SER C 304 -53.66 23.21 8.08
CA SER C 304 -53.37 22.11 8.97
C SER C 304 -53.00 20.90 8.16
N ALA C 305 -52.03 20.15 8.68
CA ALA C 305 -51.62 18.88 8.10
C ALA C 305 -52.71 17.80 8.25
N GLY C 306 -53.67 18.03 9.15
CA GLY C 306 -54.88 17.22 9.20
C GLY C 306 -55.34 16.73 10.57
N ALA C 307 -54.54 17.00 11.60
CA ALA C 307 -54.78 16.39 12.91
C ALA C 307 -55.68 17.28 13.74
N MET C 308 -55.32 18.56 13.79
CA MET C 308 -56.10 19.57 14.49
C MET C 308 -56.58 20.61 13.49
N THR C 309 -57.61 21.36 13.87
CA THR C 309 -58.08 22.47 13.06
C THR C 309 -57.06 23.63 13.14
N PRO C 310 -57.08 24.55 12.15
CA PRO C 310 -56.17 25.71 12.19
C PRO C 310 -56.30 26.48 13.47
N GLU C 311 -57.52 26.87 13.83
CA GLU C 311 -57.78 27.70 14.98
C GLU C 311 -57.22 27.06 16.25
N GLU C 312 -57.35 25.75 16.38
CA GLU C 312 -56.74 25.04 17.50
C GLU C 312 -55.22 25.21 17.53
N ILE C 313 -54.61 25.08 16.34
CA ILE C 313 -53.16 25.18 16.22
C ILE C 313 -52.70 26.59 16.55
N PHE C 314 -53.47 27.59 16.13
CA PHE C 314 -53.12 28.96 16.45
C PHE C 314 -53.35 29.26 17.94
N PHE C 315 -54.43 28.74 18.49
CA PHE C 315 -54.69 28.91 19.91
C PHE C 315 -53.54 28.31 20.68
N LYS C 316 -53.19 27.07 20.34
CA LYS C 316 -52.15 26.34 21.04
C LYS C 316 -50.83 27.10 21.03
N SER C 317 -50.56 27.80 19.94
CA SER C 317 -49.34 28.60 19.87
C SER C 317 -49.39 29.84 20.74
N VAL C 318 -50.53 30.52 20.79
CA VAL C 318 -50.66 31.71 21.61
C VAL C 318 -50.53 31.31 23.07
N ARG C 319 -50.99 30.11 23.38
CA ARG C 319 -50.86 29.55 24.72
C ARG C 319 -49.41 29.16 25.01
N ILE C 320 -48.74 28.53 24.04
CA ILE C 320 -47.36 28.12 24.23
C ILE C 320 -46.46 29.30 24.57
N LEU C 321 -46.67 30.43 23.89
CA LEU C 321 -45.86 31.62 24.12
C LEU C 321 -46.06 32.08 25.55
N LYS C 322 -47.31 32.11 25.98
CA LYS C 322 -47.64 32.56 27.31
C LYS C 322 -47.00 31.70 28.39
N ASN C 323 -46.94 30.39 28.17
CA ASN C 323 -46.33 29.49 29.15
C ASN C 323 -44.84 29.69 29.27
N LYS C 324 -44.19 30.01 28.15
CA LYS C 324 -42.77 30.32 28.17
C LYS C 324 -42.53 31.49 29.11
N ALA C 325 -43.37 32.51 29.00
CA ALA C 325 -43.20 33.68 29.83
C ALA C 325 -43.50 33.34 31.27
N GLU C 326 -44.57 32.55 31.49
CA GLU C 326 -44.96 32.12 32.84
C GLU C 326 -43.98 31.16 33.49
N TYR C 327 -43.47 30.21 32.72
CA TYR C 327 -42.53 29.24 33.28
C TYR C 327 -41.26 29.95 33.69
N LEU C 328 -40.91 30.98 32.94
CA LEU C 328 -39.69 31.73 33.22
C LEU C 328 -39.85 32.67 34.44
N LYS C 329 -41.01 33.33 34.54
CA LYS C 329 -41.26 34.22 35.67
C LYS C 329 -41.13 33.48 36.99
N ASN C 330 -41.47 32.18 36.99
CA ASN C 330 -41.45 31.35 38.20
C ASN C 330 -40.17 30.56 38.45
N CYS C 331 -39.24 30.59 37.51
CA CYS C 331 -37.93 29.96 37.77
C CYS C 331 -37.07 30.89 38.60
N PRO C 332 -36.40 30.34 39.62
CA PRO C 332 -35.45 31.13 40.40
C PRO C 332 -34.21 31.46 39.58
N ILE C 333 -33.75 32.70 39.70
CA ILE C 333 -32.54 33.09 39.03
C ILE C 333 -31.39 32.69 39.93
N THR C 334 -30.59 31.76 39.44
CA THR C 334 -29.36 31.36 40.12
C THR C 334 -28.28 32.40 39.86
N GLN C 335 -27.52 32.75 40.90
CA GLN C 335 -26.41 33.66 40.73
C GLN C 335 -25.25 32.96 39.96
N THR D 12 14.41 0.80 41.05
CA THR D 12 15.78 0.87 40.55
C THR D 12 16.23 2.30 40.21
N ALA D 13 17.39 2.40 39.57
CA ALA D 13 18.14 3.65 39.47
C ALA D 13 17.66 4.54 38.34
N THR D 14 17.29 5.78 38.66
CA THR D 14 16.93 6.77 37.66
C THR D 14 17.72 8.05 37.86
N THR D 15 17.45 9.05 37.02
CA THR D 15 18.13 10.33 37.13
C THR D 15 17.64 11.12 38.33
N LEU D 16 16.59 10.60 38.97
CA LEU D 16 16.03 11.26 40.15
C LEU D 16 16.72 10.86 41.47
N ASN D 17 17.29 9.65 41.52
CA ASN D 17 17.87 9.13 42.75
C ASN D 17 19.36 8.81 42.62
N THR D 18 19.88 8.91 41.40
CA THR D 18 21.27 8.59 41.13
C THR D 18 21.98 9.70 40.38
N PRO D 19 23.13 10.14 40.90
CA PRO D 19 24.02 11.06 40.19
C PRO D 19 24.28 10.60 38.75
N VAL D 20 24.40 11.54 37.81
CA VAL D 20 24.67 11.16 36.43
C VAL D 20 26.09 10.61 36.32
N VAL D 21 27.01 11.23 37.06
CA VAL D 21 28.37 10.75 37.14
C VAL D 21 29.01 11.20 38.47
N ILE D 22 29.95 10.38 39.00
CA ILE D 22 30.72 10.72 40.21
C ILE D 22 32.23 10.63 39.93
N HIS D 23 33.02 11.59 40.41
CA HIS D 23 34.46 11.55 40.26
C HIS D 23 35.18 11.98 41.54
N ALA D 24 36.17 11.20 41.95
CA ALA D 24 37.01 11.64 43.06
C ALA D 24 37.92 12.75 42.53
N THR D 25 38.05 13.82 43.31
CA THR D 25 38.87 14.96 42.91
C THR D 25 40.28 14.88 43.51
N GLN D 26 40.46 14.02 44.49
CA GLN D 26 41.77 13.83 45.09
C GLN D 26 41.98 12.36 45.40
N LEU D 27 43.21 12.04 45.76
CA LEU D 27 43.45 10.74 46.35
C LEU D 27 42.81 10.77 47.72
N PRO D 28 42.16 9.67 48.09
CA PRO D 28 41.60 9.46 49.41
C PRO D 28 42.65 9.67 50.50
N GLN D 29 42.26 10.33 51.59
CA GLN D 29 43.13 10.61 52.72
C GLN D 29 42.69 9.76 53.89
N HIS D 30 43.59 8.99 54.49
CA HIS D 30 43.20 8.17 55.62
C HIS D 30 42.92 8.99 56.86
N VAL D 31 41.97 8.53 57.66
CA VAL D 31 41.55 9.28 58.84
C VAL D 31 41.73 8.48 60.13
N SER D 32 42.20 9.17 61.17
CA SER D 32 42.43 8.55 62.47
C SER D 32 41.11 8.12 63.09
N THR D 33 41.19 7.28 64.10
CA THR D 33 40.01 6.85 64.84
C THR D 33 39.28 8.03 65.49
N ASP D 34 40.06 8.96 66.05
CA ASP D 34 39.52 10.15 66.72
C ASP D 34 38.71 10.99 65.75
N GLU D 35 39.10 10.95 64.48
CA GLU D 35 38.39 11.68 63.43
C GLU D 35 37.12 10.96 62.98
N VAL D 36 37.24 9.66 62.76
CA VAL D 36 36.11 8.79 62.44
C VAL D 36 35.02 8.96 63.48
N LEU D 37 35.41 9.07 64.74
CA LEU D 37 34.47 9.26 65.82
C LEU D 37 33.82 10.64 65.81
N GLN D 38 34.61 11.69 65.57
CA GLN D 38 34.06 13.04 65.53
C GLN D 38 33.09 13.20 64.36
N PHE D 39 33.39 12.56 63.24
CA PHE D 39 32.51 12.61 62.08
C PHE D 39 31.20 11.84 62.32
N LEU D 40 31.32 10.60 62.82
CA LEU D 40 30.14 9.79 63.10
C LEU D 40 29.19 10.52 64.04
N GLU D 41 29.76 11.04 65.13
CA GLU D 41 29.06 11.89 66.07
C GLU D 41 28.12 12.87 65.36
N SER D 42 28.70 13.83 64.64
CA SER D 42 27.94 14.90 64.03
C SER D 42 27.00 14.43 62.91
N PHE D 43 27.43 13.45 62.12
CA PHE D 43 26.60 12.99 61.01
C PHE D 43 25.34 12.33 61.55
N ILE D 44 25.49 11.56 62.62
CA ILE D 44 24.36 10.92 63.28
C ILE D 44 23.39 11.95 63.89
N ASP D 45 23.93 12.94 64.58
CA ASP D 45 23.10 13.99 65.17
C ASP D 45 22.31 14.77 64.12
N GLU D 46 22.98 15.21 63.05
CA GLU D 46 22.37 16.05 62.02
C GLU D 46 21.19 15.34 61.37
N LYS D 47 21.31 14.02 61.20
CA LYS D 47 20.27 13.23 60.53
C LYS D 47 19.22 12.64 61.48
N GLU D 48 18.89 13.38 62.54
CA GLU D 48 17.88 12.95 63.52
C GLU D 48 17.03 14.10 64.08
N THR D 80 12.99 5.95 55.44
CA THR D 80 13.01 4.61 56.06
C THR D 80 14.38 3.98 55.87
N ASN D 81 14.92 4.17 54.68
CA ASN D 81 16.25 3.67 54.35
C ASN D 81 17.30 4.40 55.19
N LEU D 82 17.14 5.71 55.35
CA LEU D 82 18.08 6.50 56.14
C LEU D 82 18.04 6.12 57.62
N SER D 83 16.85 5.74 58.12
CA SER D 83 16.70 5.33 59.51
C SER D 83 17.48 4.07 59.81
N SER D 84 17.31 3.05 58.96
CA SER D 84 17.98 1.78 59.17
C SER D 84 19.48 1.88 58.94
N SER D 85 19.88 2.96 58.27
CA SER D 85 21.30 3.21 58.00
C SER D 85 22.01 3.91 59.16
N ILE D 86 21.39 4.95 59.73
CA ILE D 86 22.00 5.60 60.89
C ILE D 86 22.01 4.62 62.06
N SER D 87 21.12 3.64 62.01
CA SER D 87 21.09 2.59 63.02
C SER D 87 22.39 1.80 62.92
N GLN D 88 22.77 1.48 61.69
CA GLN D 88 24.01 0.76 61.46
C GLN D 88 25.23 1.59 61.79
N LEU D 89 25.20 2.87 61.43
CA LEU D 89 26.28 3.78 61.78
C LEU D 89 26.45 3.82 63.29
N LYS D 90 25.32 3.84 64.00
CA LYS D 90 25.32 3.84 65.45
C LYS D 90 26.05 2.63 66.02
N ARG D 91 25.91 1.48 65.35
CA ARG D 91 26.62 0.26 65.71
C ARG D 91 28.12 0.36 65.46
N ILE D 92 28.50 1.00 64.35
CA ILE D 92 29.90 1.20 64.02
C ILE D 92 30.60 2.16 64.98
N GLN D 93 29.92 3.24 65.37
CA GLN D 93 30.51 4.20 66.30
C GLN D 93 30.66 3.58 67.68
N ARG D 94 29.82 2.58 67.95
CA ARG D 94 29.88 1.86 69.20
C ARG D 94 31.15 1.04 69.23
N ASP D 95 31.44 0.37 68.11
CA ASP D 95 32.63 -0.48 68.00
C ASP D 95 33.91 0.36 68.06
N PHE D 96 33.88 1.56 67.50
CA PHE D 96 35.07 2.38 67.50
C PHE D 96 35.37 2.94 68.88
N LYS D 97 34.39 2.83 69.79
CA LYS D 97 34.58 3.16 71.20
C LYS D 97 34.85 1.90 72.04
N GLY D 98 34.86 0.75 71.38
CA GLY D 98 34.97 -0.54 72.05
C GLY D 98 33.79 -0.86 72.94
N LEU D 99 32.90 -1.75 72.49
CA LEU D 99 31.67 -2.05 73.26
C LEU D 99 31.11 -3.52 73.10
N PRO D 100 29.97 -3.76 72.38
CA PRO D 100 29.76 -5.22 72.23
C PRO D 100 30.12 -5.72 70.83
N GLU E 4 47.41 58.23 -37.30
CA GLU E 4 46.14 58.20 -36.58
C GLU E 4 46.25 57.62 -35.16
N ASN E 5 47.38 57.88 -34.51
CA ASN E 5 47.61 57.35 -33.16
C ASN E 5 46.95 58.22 -32.12
N GLU E 6 46.17 59.19 -32.59
CA GLU E 6 45.50 60.14 -31.71
C GLU E 6 44.73 59.40 -30.62
N ARG E 7 44.06 58.31 -30.99
CA ARG E 7 43.38 57.47 -30.00
C ARG E 7 44.43 56.91 -29.03
N ASN E 8 45.42 56.24 -29.59
CA ASN E 8 46.45 55.54 -28.81
C ASN E 8 47.08 56.43 -27.77
N ILE E 9 47.37 57.67 -28.16
CA ILE E 9 47.95 58.63 -27.21
C ILE E 9 46.94 58.99 -26.15
N SER E 10 45.70 59.26 -26.56
CA SER E 10 44.63 59.57 -25.64
C SER E 10 44.44 58.42 -24.65
N ARG E 11 44.43 57.19 -25.17
CA ARG E 11 44.28 56.02 -24.32
C ARG E 11 45.43 55.92 -23.32
N LEU E 12 46.62 56.33 -23.74
CA LEU E 12 47.78 56.25 -22.86
C LEU E 12 47.70 57.37 -21.84
N TRP E 13 47.29 58.53 -22.30
CA TRP E 13 47.08 59.67 -21.42
C TRP E 13 46.06 59.31 -20.35
N ARG E 14 45.01 58.61 -20.77
CA ARG E 14 43.94 58.21 -19.86
C ARG E 14 44.41 57.20 -18.84
N ALA E 15 45.20 56.23 -19.30
CA ALA E 15 45.66 55.16 -18.42
C ALA E 15 46.63 55.74 -17.42
N PHE E 16 47.38 56.74 -17.87
CA PHE E 16 48.32 57.43 -17.02
C PHE E 16 47.57 58.10 -15.86
N ARG E 17 46.50 58.81 -16.20
CA ARG E 17 45.68 59.47 -15.20
C ARG E 17 45.20 58.48 -14.13
N THR E 18 44.67 57.34 -14.57
CA THR E 18 44.24 56.31 -13.65
C THR E 18 45.37 55.90 -12.71
N VAL E 19 46.58 55.74 -13.25
CA VAL E 19 47.71 55.29 -12.42
C VAL E 19 48.04 56.31 -11.34
N LYS E 20 48.14 57.59 -11.70
CA LYS E 20 48.34 58.64 -10.72
C LYS E 20 47.23 58.64 -9.65
N GLU E 21 45.97 58.60 -10.11
CA GLU E 21 44.82 58.52 -9.21
C GLU E 21 44.94 57.33 -8.26
N MET E 22 45.33 56.19 -8.81
CA MET E 22 45.51 54.97 -8.05
C MET E 22 46.62 55.12 -7.01
N VAL E 23 47.75 55.69 -7.43
CA VAL E 23 48.86 55.88 -6.53
C VAL E 23 48.50 56.89 -5.43
N LYS E 24 47.79 57.95 -5.79
CA LYS E 24 47.31 58.90 -4.78
C LYS E 24 46.36 58.24 -3.79
N ASP E 25 45.41 57.47 -4.29
CA ASP E 25 44.45 56.78 -3.44
C ASP E 25 45.14 55.82 -2.48
N ARG E 26 46.31 55.30 -2.87
CA ARG E 26 47.02 54.33 -2.04
C ARG E 26 47.72 55.01 -0.87
N GLY E 27 47.78 56.33 -0.90
CA GLY E 27 48.33 57.10 0.20
C GLY E 27 49.56 57.91 -0.14
N TYR E 28 50.01 57.85 -1.39
CA TYR E 28 51.28 58.47 -1.78
C TYR E 28 51.08 59.94 -2.17
N PHE E 29 52.15 60.72 -2.10
CA PHE E 29 52.04 62.15 -2.41
C PHE E 29 52.03 62.46 -3.91
N ILE E 30 50.82 62.72 -4.41
CA ILE E 30 50.64 63.18 -5.78
C ILE E 30 49.75 64.41 -5.76
N THR E 31 50.22 65.48 -6.38
CA THR E 31 49.49 66.74 -6.46
C THR E 31 48.18 66.55 -7.20
N GLN E 32 47.20 67.40 -6.93
CA GLN E 32 45.97 67.33 -7.68
C GLN E 32 46.15 67.78 -9.14
N GLU E 33 46.93 68.84 -9.36
CA GLU E 33 47.18 69.31 -10.72
C GLU E 33 47.86 68.25 -11.56
N GLU E 34 48.62 67.38 -10.88
CA GLU E 34 49.39 66.34 -11.56
C GLU E 34 48.45 65.29 -12.14
N VAL E 35 47.44 64.94 -11.36
CA VAL E 35 46.40 64.03 -11.84
C VAL E 35 45.69 64.64 -13.04
N GLU E 36 45.21 65.87 -12.84
CA GLU E 36 44.37 66.54 -13.84
C GLU E 36 45.17 67.14 -14.98
N LEU E 37 46.30 66.54 -15.30
CA LEU E 37 47.14 66.98 -16.41
C LEU E 37 46.36 66.96 -17.71
N PRO E 38 46.27 68.13 -18.37
CA PRO E 38 45.47 68.26 -19.60
C PRO E 38 46.12 67.49 -20.74
N LEU E 39 45.34 67.05 -21.72
CA LEU E 39 45.87 66.20 -22.79
C LEU E 39 47.11 66.81 -23.50
N GLU E 40 47.09 68.11 -23.74
CA GLU E 40 48.18 68.77 -24.46
C GLU E 40 49.51 68.71 -23.72
N ASP E 41 49.49 69.13 -22.46
CA ASP E 41 50.69 69.11 -21.61
C ASP E 41 51.32 67.72 -21.63
N PHE E 42 50.49 66.70 -21.69
CA PHE E 42 50.95 65.32 -21.67
C PHE E 42 51.86 65.00 -22.87
N LYS E 43 51.45 65.41 -24.06
CA LYS E 43 52.26 65.18 -25.26
C LYS E 43 53.53 66.01 -25.15
N ALA E 44 53.38 67.23 -24.65
CA ALA E 44 54.50 68.14 -24.48
C ALA E 44 55.62 67.48 -23.66
N LYS E 45 55.25 66.92 -22.52
CA LYS E 45 56.24 66.36 -21.60
C LYS E 45 56.73 64.96 -21.97
N TYR E 46 55.92 64.19 -22.68
CA TYR E 46 56.21 62.77 -22.84
C TYR E 46 56.29 62.26 -24.29
N CYS E 47 56.13 63.16 -25.26
CA CYS E 47 56.27 62.78 -26.66
C CYS E 47 57.48 63.42 -27.34
N ASP E 48 58.12 62.67 -28.23
CA ASP E 48 59.17 63.22 -29.08
C ASP E 48 58.53 64.07 -30.18
N SER E 49 59.33 64.86 -30.87
CA SER E 49 58.83 65.58 -32.03
C SER E 49 58.70 64.55 -33.17
N MET E 50 57.60 63.81 -33.10
CA MET E 50 57.35 62.68 -34.00
C MET E 50 55.93 62.22 -33.70
N GLY E 51 55.38 62.71 -32.60
CA GLY E 51 54.02 62.41 -32.20
C GLY E 51 53.87 61.11 -31.44
N ARG E 52 54.89 60.26 -31.51
CA ARG E 52 54.86 58.97 -30.83
C ARG E 52 55.24 59.14 -29.33
N PRO E 53 54.62 58.34 -28.45
CA PRO E 53 54.72 58.52 -27.01
C PRO E 53 55.84 57.70 -26.33
N GLN E 54 56.63 58.38 -25.50
CA GLN E 54 57.81 57.76 -24.89
C GLN E 54 57.55 57.26 -23.48
N ARG E 55 57.23 55.97 -23.36
CA ARG E 55 56.86 55.36 -22.09
C ARG E 55 57.93 55.49 -21.00
N LYS E 56 59.19 55.42 -21.41
CA LYS E 56 60.29 55.40 -20.45
C LYS E 56 60.37 56.70 -19.65
N MET E 57 59.89 57.79 -20.24
CA MET E 57 59.88 59.07 -19.54
C MET E 57 58.73 59.18 -18.54
N MET E 58 57.73 58.31 -18.69
CA MET E 58 56.53 58.38 -17.85
C MET E 58 56.75 57.77 -16.46
N SER E 59 57.61 56.76 -16.39
CA SER E 59 57.92 56.08 -15.14
C SER E 59 58.28 57.05 -14.02
N PHE E 60 57.78 56.81 -12.81
CA PHE E 60 57.97 57.76 -11.74
C PHE E 60 58.04 57.13 -10.34
N GLN E 61 58.56 57.90 -9.39
CA GLN E 61 58.67 57.46 -8.00
C GLN E 61 57.61 58.17 -7.18
N ALA E 62 57.18 57.54 -6.09
CA ALA E 62 56.20 58.15 -5.20
C ALA E 62 56.51 57.83 -3.75
N ASN E 63 56.43 58.86 -2.91
CA ASN E 63 56.72 58.73 -1.48
C ASN E 63 55.45 58.85 -0.68
N PRO E 64 55.39 58.17 0.46
CA PRO E 64 54.20 58.25 1.31
C PRO E 64 54.00 59.67 1.80
N THR E 65 52.75 60.03 2.08
CA THR E 65 52.42 61.36 2.58
C THR E 65 52.61 61.45 4.08
N GLU E 66 52.25 62.60 4.62
CA GLU E 66 52.23 62.84 6.06
C GLU E 66 51.34 61.83 6.80
N GLU E 67 50.05 61.85 6.49
CA GLU E 67 49.06 61.01 7.14
C GLU E 67 49.44 59.55 6.98
N SER E 68 49.98 59.21 5.82
CA SER E 68 50.32 57.82 5.52
C SER E 68 51.40 57.30 6.44
N ILE E 69 52.45 58.09 6.63
CA ILE E 69 53.55 57.68 7.48
C ILE E 69 53.07 57.43 8.91
N SER E 70 52.17 58.28 9.39
CA SER E 70 51.62 58.13 10.75
C SER E 70 50.71 56.90 10.89
N LYS E 71 49.91 56.62 9.88
CA LYS E 71 48.93 55.53 9.93
C LYS E 71 49.52 54.17 9.55
N PHE E 72 50.50 54.21 8.64
CA PHE E 72 51.15 53.01 8.11
C PHE E 72 52.66 53.17 8.14
N PRO E 73 53.26 53.06 9.34
CA PRO E 73 54.66 53.39 9.59
C PRO E 73 55.64 52.75 8.60
N ASP E 74 55.35 51.52 8.18
CA ASP E 74 56.25 50.76 7.32
C ASP E 74 55.86 50.84 5.85
N MET E 75 55.17 51.89 5.45
CA MET E 75 54.85 52.08 4.04
C MET E 75 56.11 52.52 3.33
N GLY E 76 56.55 51.76 2.34
CA GLY E 76 57.80 52.07 1.68
C GLY E 76 57.60 53.09 0.58
N SER E 77 58.59 53.22 -0.29
CA SER E 77 58.42 54.06 -1.47
C SER E 77 57.97 53.19 -2.64
N LEU E 78 57.35 53.83 -3.63
CA LEU E 78 56.77 53.11 -4.76
C LEU E 78 57.39 53.56 -6.09
N TRP E 79 57.55 52.60 -7.00
CA TRP E 79 58.04 52.90 -8.35
C TRP E 79 57.10 52.34 -9.41
N VAL E 80 56.74 53.20 -10.37
CA VAL E 80 55.85 52.81 -11.48
C VAL E 80 56.62 52.78 -12.81
N GLU E 81 56.51 51.67 -13.53
CA GLU E 81 57.24 51.50 -14.79
C GLU E 81 56.27 51.36 -15.95
N PHE E 82 56.52 52.08 -17.03
CA PHE E 82 55.80 51.87 -18.28
C PHE E 82 56.71 51.24 -19.31
N CYS E 83 56.61 49.93 -19.49
CA CYS E 83 57.43 49.22 -20.47
C CYS E 83 57.19 49.77 -21.87
N ASP E 84 58.26 49.97 -22.63
CA ASP E 84 58.13 50.56 -23.96
C ASP E 84 57.88 49.48 -25.02
N GLU E 85 58.04 48.22 -24.62
CA GLU E 85 58.01 47.10 -25.56
C GLU E 85 56.70 46.35 -25.53
N PRO E 86 56.06 46.20 -26.71
CA PRO E 86 54.81 45.47 -26.90
C PRO E 86 54.73 44.18 -26.08
N SER E 87 55.84 43.46 -25.95
CA SER E 87 55.86 42.33 -25.04
C SER E 87 56.97 42.51 -24.01
N VAL E 88 56.84 41.80 -22.89
CA VAL E 88 57.78 41.94 -21.78
C VAL E 88 58.70 40.74 -21.67
N GLY E 89 59.95 40.95 -22.08
CA GLY E 89 60.96 39.92 -21.98
C GLY E 89 61.31 39.65 -20.54
N VAL E 90 62.01 38.55 -20.29
CA VAL E 90 62.48 38.26 -18.94
C VAL E 90 63.70 39.15 -18.68
N LYS E 91 64.29 39.67 -19.76
CA LYS E 91 65.39 40.61 -19.66
C LYS E 91 64.93 41.90 -19.00
N THR E 92 63.85 42.47 -19.54
CA THR E 92 63.32 43.73 -19.04
C THR E 92 62.82 43.59 -17.60
N MET E 93 62.17 42.47 -17.35
CA MET E 93 61.64 42.14 -16.03
C MET E 93 62.71 42.17 -14.96
N LYS E 94 63.83 41.50 -15.23
CA LYS E 94 64.97 41.47 -14.33
C LYS E 94 65.47 42.90 -14.08
N THR E 95 65.71 43.66 -15.15
CA THR E 95 66.19 45.04 -15.05
C THR E 95 65.29 45.87 -14.16
N PHE E 96 63.98 45.73 -14.36
CA PHE E 96 63.00 46.36 -13.51
C PHE E 96 63.11 45.87 -12.08
N VAL E 97 63.07 44.55 -11.88
CA VAL E 97 63.16 43.98 -10.53
C VAL E 97 64.42 44.42 -9.78
N ILE E 98 65.57 44.37 -10.46
CA ILE E 98 66.83 44.86 -9.88
C ILE E 98 66.66 46.30 -9.38
N HIS E 99 66.12 47.16 -10.24
CA HIS E 99 65.85 48.57 -9.92
C HIS E 99 65.07 48.66 -8.62
N ILE E 100 64.06 47.80 -8.50
CA ILE E 100 63.19 47.77 -7.31
C ILE E 100 63.98 47.37 -6.07
N GLN E 101 64.81 46.33 -6.21
CA GLN E 101 65.54 45.82 -5.07
C GLN E 101 66.70 46.74 -4.68
N GLU E 102 67.48 47.12 -5.68
CA GLU E 102 68.66 47.95 -5.47
C GLU E 102 68.33 49.25 -4.75
N LYS E 103 67.47 50.06 -5.37
CA LYS E 103 67.13 51.36 -4.81
C LYS E 103 66.03 51.27 -3.75
N ASN E 104 65.78 50.03 -3.30
CA ASN E 104 65.03 49.78 -2.07
C ASN E 104 63.58 50.32 -2.03
N PHE E 105 62.74 49.85 -2.94
CA PHE E 105 61.34 50.24 -2.97
C PHE E 105 60.53 49.13 -2.35
N GLN E 106 59.41 49.48 -1.73
CA GLN E 106 58.52 48.46 -1.17
C GLN E 106 57.59 47.89 -2.23
N THR E 107 57.22 48.71 -3.20
CA THR E 107 56.32 48.27 -4.25
C THR E 107 56.78 48.68 -5.63
N GLY E 108 56.70 47.73 -6.56
CA GLY E 108 56.85 48.04 -7.95
C GLY E 108 55.56 47.78 -8.70
N ILE E 109 55.16 48.75 -9.52
CA ILE E 109 54.01 48.56 -10.38
C ILE E 109 54.47 48.57 -11.82
N PHE E 110 54.28 47.46 -12.49
CA PHE E 110 54.69 47.33 -13.88
C PHE E 110 53.50 47.49 -14.83
N VAL E 111 53.48 48.58 -15.60
CA VAL E 111 52.38 48.78 -16.54
C VAL E 111 52.76 48.35 -17.96
N TYR E 112 52.45 47.09 -18.27
CA TYR E 112 52.80 46.53 -19.55
C TYR E 112 51.76 46.85 -20.61
N GLN E 113 52.09 46.67 -21.88
CA GLN E 113 51.17 47.02 -22.95
C GLN E 113 50.19 45.92 -23.29
N ASN E 114 50.66 44.68 -23.39
CA ASN E 114 49.74 43.54 -23.58
C ASN E 114 50.28 42.16 -23.22
N ASN E 115 51.59 41.97 -23.25
CA ASN E 115 52.12 40.63 -23.03
C ASN E 115 53.22 40.57 -22.00
N ILE E 116 52.99 39.81 -20.94
CA ILE E 116 54.11 39.42 -20.08
C ILE E 116 54.30 37.92 -20.23
N THR E 117 55.46 37.54 -20.77
CA THR E 117 55.81 36.13 -20.92
C THR E 117 55.81 35.48 -19.54
N PRO E 118 55.14 34.32 -19.40
CA PRO E 118 55.07 33.65 -18.09
C PRO E 118 56.45 33.26 -17.57
N SER E 119 57.45 33.28 -18.47
CA SER E 119 58.85 33.16 -18.07
C SER E 119 59.20 34.29 -17.10
N ALA E 120 58.71 35.49 -17.42
CA ALA E 120 59.00 36.69 -16.64
C ALA E 120 58.08 36.84 -15.43
N MET E 121 56.88 36.29 -15.53
CA MET E 121 55.94 36.30 -14.41
C MET E 121 56.50 35.58 -13.18
N LYS E 122 57.52 34.75 -13.41
CA LYS E 122 58.19 34.02 -12.33
C LYS E 122 58.86 34.98 -11.36
N LEU E 123 59.48 36.02 -11.90
CA LEU E 123 60.25 36.97 -11.11
C LEU E 123 59.41 37.95 -10.26
N VAL E 124 58.09 37.73 -10.19
CA VAL E 124 57.24 38.66 -9.46
C VAL E 124 57.44 38.64 -7.93
N PRO E 125 57.34 37.45 -7.30
CA PRO E 125 57.62 37.45 -5.85
C PRO E 125 59.11 37.21 -5.55
N SER E 126 59.98 37.55 -6.50
CA SER E 126 61.40 37.20 -6.40
C SER E 126 62.17 37.99 -5.35
N ILE E 127 61.73 39.21 -5.04
CA ILE E 127 62.51 40.04 -4.11
C ILE E 127 61.80 40.51 -2.84
N PRO E 128 61.40 39.57 -1.96
CA PRO E 128 60.90 40.02 -0.65
C PRO E 128 61.95 40.82 0.14
N PRO E 129 61.52 41.65 1.10
CA PRO E 129 60.12 41.88 1.53
C PRO E 129 59.26 42.62 0.51
N ALA E 130 59.92 43.29 -0.45
CA ALA E 130 59.27 44.09 -1.49
C ALA E 130 58.20 43.32 -2.27
N THR E 131 57.19 44.04 -2.73
CA THR E 131 56.07 43.42 -3.44
C THR E 131 55.91 44.03 -4.85
N ILE E 132 55.53 43.20 -5.82
CA ILE E 132 55.44 43.65 -7.21
C ILE E 132 54.05 43.42 -7.83
N GLU E 133 53.58 44.39 -8.61
CA GLU E 133 52.25 44.28 -9.21
C GLU E 133 52.31 44.57 -10.70
N THR E 134 51.44 43.93 -11.47
CA THR E 134 51.39 44.10 -12.92
C THR E 134 50.01 44.60 -13.35
N PHE E 135 49.99 45.55 -14.28
CA PHE E 135 48.72 46.01 -14.84
C PHE E 135 48.88 46.09 -16.34
N ASN E 136 47.84 45.73 -17.08
CA ASN E 136 47.81 45.96 -18.51
C ASN E 136 47.32 47.39 -18.79
N GLU E 137 47.83 48.03 -19.83
CA GLU E 137 47.41 49.40 -20.16
C GLU E 137 45.91 49.53 -20.43
N ALA E 138 45.39 48.70 -21.33
CA ALA E 138 44.01 48.82 -21.80
C ALA E 138 42.95 48.71 -20.70
N ALA E 139 43.34 48.15 -19.56
CA ALA E 139 42.42 47.97 -18.45
C ALA E 139 42.55 49.12 -17.46
N LEU E 140 43.30 50.15 -17.83
CA LEU E 140 43.53 51.32 -16.98
C LEU E 140 42.96 52.56 -17.64
N VAL E 141 42.40 52.39 -18.81
CA VAL E 141 41.81 53.49 -19.57
C VAL E 141 40.73 54.18 -18.75
N VAL E 142 40.15 53.42 -17.84
CA VAL E 142 39.03 53.87 -17.02
C VAL E 142 39.38 53.56 -15.59
N ASN E 143 39.00 54.43 -14.66
CA ASN E 143 39.19 54.17 -13.23
C ASN E 143 37.94 53.54 -12.65
N ILE E 144 38.03 52.24 -12.38
CA ILE E 144 36.87 51.38 -12.24
C ILE E 144 36.04 51.83 -11.05
N THR E 145 36.74 52.26 -10.01
CA THR E 145 36.08 52.70 -8.79
C THR E 145 35.19 53.89 -9.12
N HIS E 146 35.66 54.79 -9.98
CA HIS E 146 34.87 56.00 -10.24
C HIS E 146 33.42 55.65 -10.58
N HIS E 147 33.15 54.37 -10.74
CA HIS E 147 31.84 53.90 -11.17
C HIS E 147 30.76 54.00 -10.08
N GLU E 148 29.53 54.30 -10.50
CA GLU E 148 28.43 54.42 -9.55
C GLU E 148 28.20 53.16 -8.71
N LEU E 149 28.48 51.99 -9.28
CA LEU E 149 28.17 50.74 -8.61
C LEU E 149 29.30 50.26 -7.72
N VAL E 150 30.42 50.97 -7.74
CA VAL E 150 31.57 50.57 -6.95
C VAL E 150 31.79 51.49 -5.75
N PRO E 151 31.37 51.02 -4.56
CA PRO E 151 31.51 51.84 -3.36
C PRO E 151 32.97 52.06 -3.04
N LYS E 152 33.27 53.07 -2.23
CA LYS E 152 34.62 53.40 -1.85
C LYS E 152 35.21 52.32 -0.96
N HIS E 153 36.33 51.74 -1.40
CA HIS E 153 37.06 50.80 -0.56
C HIS E 153 38.23 51.53 0.11
N ILE E 154 38.40 51.33 1.41
CA ILE E 154 39.56 51.88 2.12
C ILE E 154 40.33 50.75 2.78
N ARG E 155 41.65 50.71 2.58
CA ARG E 155 42.46 49.68 3.24
C ARG E 155 42.68 50.03 4.70
N LEU E 156 42.54 49.04 5.58
CA LEU E 156 42.79 49.26 7.00
C LEU E 156 44.25 48.99 7.38
N SER E 157 44.71 49.71 8.40
CA SER E 157 46.02 49.47 8.99
C SER E 157 45.88 48.29 9.92
N SER E 158 47.02 47.67 10.25
CA SER E 158 47.02 46.52 11.16
C SER E 158 46.34 46.82 12.49
N ASP E 159 46.50 48.06 12.97
CA ASP E 159 45.82 48.54 14.16
C ASP E 159 44.32 48.61 13.95
N GLU E 160 43.91 49.18 12.83
CA GLU E 160 42.49 49.26 12.52
C GLU E 160 41.88 47.87 12.41
N LYS E 161 42.64 46.95 11.81
CA LYS E 161 42.15 45.58 11.65
C LYS E 161 42.04 44.85 12.98
N ARG E 162 43.03 45.05 13.85
CA ARG E 162 43.04 44.38 15.14
C ARG E 162 41.82 44.85 15.92
N GLU E 163 41.50 46.13 15.78
CA GLU E 163 40.37 46.71 16.50
C GLU E 163 39.03 46.22 15.98
N LEU E 164 38.93 46.07 14.66
CA LEU E 164 37.72 45.53 14.05
C LEU E 164 37.46 44.10 14.53
N LEU E 165 38.48 43.27 14.49
CA LEU E 165 38.35 41.88 14.94
C LEU E 165 37.99 41.77 16.41
N LYS E 166 38.52 42.68 17.23
CA LYS E 166 38.21 42.72 18.65
C LYS E 166 36.77 43.16 18.92
N ARG E 167 36.33 44.21 18.23
CA ARG E 167 35.00 44.77 18.47
C ARG E 167 33.86 43.80 18.15
N TYR E 168 34.09 42.88 17.21
CA TYR E 168 33.04 41.97 16.79
C TYR E 168 33.39 40.55 17.17
N ARG E 169 34.44 40.44 18.00
CA ARG E 169 34.97 39.15 18.47
C ARG E 169 35.05 38.10 17.35
N LEU E 170 35.85 38.43 16.34
CA LEU E 170 35.87 37.71 15.09
C LEU E 170 37.17 36.99 14.88
N LYS E 171 37.11 35.80 14.33
CA LYS E 171 38.27 35.20 13.70
C LYS E 171 38.38 35.83 12.29
N GLU E 172 39.61 36.09 11.84
CA GLU E 172 39.90 36.59 10.49
C GLU E 172 39.00 36.00 9.39
N SER E 173 38.79 34.69 9.43
CA SER E 173 38.11 33.99 8.35
C SER E 173 36.60 34.03 8.45
N GLN E 174 36.08 34.70 9.48
CA GLN E 174 34.65 34.84 9.61
C GLN E 174 34.15 36.09 8.90
N LEU E 175 35.10 36.91 8.44
CA LEU E 175 34.76 38.10 7.70
C LEU E 175 34.32 37.73 6.30
N PRO E 176 33.47 38.58 5.67
CA PRO E 176 33.18 38.44 4.24
C PRO E 176 34.46 38.60 3.45
N ARG E 177 34.57 37.87 2.35
CA ARG E 177 35.80 37.79 1.58
C ARG E 177 35.83 38.75 0.40
N ILE E 178 37.02 39.25 0.07
CA ILE E 178 37.24 39.83 -1.24
C ILE E 178 38.42 39.12 -1.88
N GLN E 179 38.21 38.57 -3.07
CA GLN E 179 39.24 37.79 -3.75
C GLN E 179 40.48 38.64 -4.03
N ARG E 180 41.65 38.06 -3.78
CA ARG E 180 42.91 38.75 -4.01
C ARG E 180 43.00 39.31 -5.43
N ALA E 181 42.37 38.62 -6.38
CA ALA E 181 42.38 39.06 -7.78
C ALA E 181 41.12 39.85 -8.19
N ASP E 182 40.27 40.19 -7.23
CA ASP E 182 39.15 41.08 -7.46
C ASP E 182 39.67 42.38 -8.04
N PRO E 183 39.03 42.93 -9.07
CA PRO E 183 39.47 44.17 -9.71
C PRO E 183 39.77 45.31 -8.75
N VAL E 184 38.99 45.47 -7.69
CA VAL E 184 39.26 46.56 -6.75
C VAL E 184 40.44 46.19 -5.84
N ALA E 185 40.52 44.92 -5.45
CA ALA E 185 41.66 44.45 -4.67
C ALA E 185 42.96 44.77 -5.42
N LEU E 186 42.99 44.46 -6.71
CA LEU E 186 44.15 44.64 -7.56
C LEU E 186 44.51 46.12 -7.69
N TYR E 187 43.46 46.94 -7.66
CA TYR E 187 43.60 48.38 -7.80
C TYR E 187 44.28 48.95 -6.57
N LEU E 188 43.80 48.57 -5.39
CA LEU E 188 44.37 49.02 -4.14
C LEU E 188 45.66 48.33 -3.75
N GLY E 189 46.01 47.27 -4.48
CA GLY E 189 47.21 46.48 -4.21
C GLY E 189 47.11 45.61 -2.96
N LEU E 190 45.93 45.05 -2.71
CA LEU E 190 45.69 44.33 -1.46
C LEU E 190 46.52 43.08 -1.38
N LYS E 191 47.15 42.90 -0.22
CA LYS E 191 47.82 41.65 0.14
C LYS E 191 46.84 40.78 0.94
N ARG E 192 47.11 39.48 0.99
CA ARG E 192 46.22 38.60 1.74
C ARG E 192 46.24 38.98 3.21
N GLY E 193 45.08 39.01 3.82
CA GLY E 193 45.02 39.35 5.22
C GLY E 193 44.68 40.80 5.48
N GLU E 194 44.81 41.65 4.47
CA GLU E 194 44.44 43.05 4.66
C GLU E 194 42.92 43.14 4.66
N VAL E 195 42.36 44.07 5.42
CA VAL E 195 40.91 44.25 5.44
C VAL E 195 40.56 45.57 4.79
N VAL E 196 39.58 45.56 3.88
CA VAL E 196 39.04 46.81 3.36
C VAL E 196 37.74 47.21 4.05
N LYS E 197 37.67 48.48 4.42
CA LYS E 197 36.44 49.10 4.85
C LYS E 197 35.73 49.61 3.62
N ILE E 198 34.44 49.37 3.54
CA ILE E 198 33.64 49.71 2.36
C ILE E 198 32.46 50.60 2.74
N ILE E 199 32.41 51.81 2.19
CA ILE E 199 31.32 52.72 2.51
C ILE E 199 30.27 52.63 1.44
N ARG E 200 29.23 51.87 1.71
CA ARG E 200 28.14 51.65 0.76
C ARG E 200 27.09 52.74 0.87
N LYS E 201 26.41 53.03 -0.23
CA LYS E 201 25.13 53.72 -0.13
C LYS E 201 24.01 52.66 -0.03
N SER E 202 23.28 52.67 1.09
CA SER E 202 22.15 51.75 1.31
C SER E 202 20.85 52.39 0.81
N GLU E 203 19.92 51.58 0.30
CA GLU E 203 18.67 52.14 -0.17
C GLU E 203 17.90 52.47 1.08
N THR E 204 18.18 51.66 2.08
CA THR E 204 17.54 51.68 3.37
C THR E 204 18.17 52.75 4.29
N SER E 205 19.43 52.52 4.64
CA SER E 205 20.21 53.46 5.46
C SER E 205 20.89 54.51 4.57
N GLY E 206 21.52 55.52 5.13
CA GLY E 206 22.37 56.35 4.26
C GLY E 206 23.68 55.67 3.86
N ARG E 207 24.80 56.31 4.18
CA ARG E 207 26.09 55.63 4.21
C ARG E 207 26.05 54.48 5.20
N TYR E 208 26.80 53.41 4.91
CA TYR E 208 26.81 52.20 5.75
C TYR E 208 28.16 51.50 5.59
N ALA E 209 28.90 51.32 6.67
CA ALA E 209 30.22 50.71 6.57
C ALA E 209 30.12 49.21 6.68
N SER E 210 30.63 48.52 5.66
CA SER E 210 30.85 47.09 5.73
C SER E 210 32.36 46.82 5.52
N TYR E 211 32.77 45.57 5.69
CA TYR E 211 34.17 45.24 5.55
C TYR E 211 34.29 43.92 4.82
N ARG E 212 35.42 43.72 4.16
CA ARG E 212 35.78 42.43 3.57
C ARG E 212 37.25 42.16 3.84
N ILE E 213 37.59 40.91 4.06
CA ILE E 213 38.99 40.55 4.26
C ILE E 213 39.50 39.98 2.96
N CYS E 214 40.75 40.26 2.65
CA CYS E 214 41.31 39.76 1.41
C CYS E 214 41.96 38.41 1.65
N MET E 215 41.47 37.38 0.95
CA MET E 215 42.00 36.03 1.03
C MET E 215 42.06 35.44 -0.37
N PRO F 55 44.04 12.79 36.73
CA PRO F 55 42.93 12.98 37.66
C PRO F 55 42.99 14.33 38.34
N GLU F 56 44.18 14.71 38.83
CA GLU F 56 44.43 16.03 39.35
C GLU F 56 44.29 17.07 38.23
N ASP F 57 44.71 16.70 37.03
CA ASP F 57 44.76 17.65 35.94
C ASP F 57 43.47 17.74 35.12
N PHE F 58 42.62 16.71 35.16
CA PHE F 58 41.29 16.91 34.61
C PHE F 58 40.59 18.01 35.40
N GLN F 59 40.79 18.03 36.71
CA GLN F 59 40.22 19.07 37.57
C GLN F 59 40.65 20.42 37.04
N GLN F 60 41.93 20.52 36.73
CA GLN F 60 42.50 21.74 36.22
C GLN F 60 41.87 22.07 34.87
N HIS F 61 41.72 21.06 34.02
CA HIS F 61 41.13 21.25 32.71
C HIS F 61 39.71 21.82 32.84
N GLU F 62 38.93 21.24 33.73
CA GLU F 62 37.57 21.70 33.97
C GLU F 62 37.57 23.14 34.44
N GLN F 63 38.45 23.50 35.36
CA GLN F 63 38.47 24.86 35.91
C GLN F 63 38.77 25.88 34.85
N ILE F 64 39.62 25.50 33.88
CA ILE F 64 39.96 26.37 32.77
C ILE F 64 38.75 26.52 31.84
N ARG F 65 38.10 25.42 31.50
CA ARG F 65 36.90 25.46 30.68
C ARG F 65 35.87 26.39 31.30
N ARG F 66 35.59 26.16 32.56
CA ARG F 66 34.56 26.90 33.26
C ARG F 66 34.91 28.35 33.43
N LYS F 67 36.18 28.63 33.68
CA LYS F 67 36.65 30.01 33.77
C LYS F 67 36.49 30.76 32.45
N THR F 68 36.96 30.18 31.34
CA THR F 68 36.85 30.89 30.07
C THR F 68 35.38 31.07 29.70
N LEU F 69 34.55 30.06 29.98
CA LEU F 69 33.12 30.17 29.76
C LEU F 69 32.53 31.39 30.50
N LYS F 70 32.94 31.60 31.74
CA LYS F 70 32.45 32.75 32.50
C LYS F 70 32.97 34.07 31.92
N GLU F 71 34.18 34.07 31.38
CA GLU F 71 34.76 35.26 30.78
C GLU F 71 34.05 35.65 29.49
N LYS F 72 33.51 34.66 28.80
CA LYS F 72 32.40 34.87 27.87
C LYS F 72 31.13 35.31 28.60
N ALA F 73 30.86 34.69 29.74
CA ALA F 73 29.58 34.85 30.43
C ALA F 73 29.58 36.03 31.39
N ILE F 74 30.75 36.61 31.64
CA ILE F 74 31.05 38.03 31.41
C ILE F 74 30.79 38.87 32.66
N PRO F 75 31.37 40.06 32.71
CA PRO F 75 31.05 41.03 33.77
C PRO F 75 29.64 41.56 33.63
N LYS F 76 28.93 41.68 34.75
CA LYS F 76 27.69 42.47 34.77
C LYS F 76 27.85 43.89 34.25
N ASP F 77 28.90 44.57 34.70
CA ASP F 77 29.06 45.99 34.37
C ASP F 77 29.65 46.22 32.99
N GLN F 78 29.95 45.13 32.29
CA GLN F 78 30.47 45.26 30.93
C GLN F 78 29.46 44.76 29.92
N ARG F 79 28.21 44.59 30.36
CA ARG F 79 27.17 44.10 29.47
C ARG F 79 26.81 45.11 28.38
N ALA F 80 26.48 44.61 27.19
CA ALA F 80 26.34 45.46 26.04
C ALA F 80 25.13 45.18 25.16
N THR F 81 24.32 44.20 25.53
CA THR F 81 23.12 43.89 24.75
C THR F 81 21.86 44.66 25.22
N THR F 82 20.75 44.44 24.53
CA THR F 82 19.56 45.24 24.80
C THR F 82 19.02 45.07 26.22
N PRO F 83 18.66 46.18 26.89
CA PRO F 83 18.14 46.11 28.25
C PRO F 83 16.67 45.72 28.24
N TYR F 84 16.15 45.45 27.05
CA TYR F 84 14.77 45.01 26.90
C TYR F 84 14.70 43.50 26.80
N MET F 85 13.66 42.92 27.39
CA MET F 85 13.46 41.49 27.27
C MET F 85 12.99 41.25 25.85
N THR F 86 13.54 40.26 25.17
CA THR F 86 13.11 40.02 23.80
C THR F 86 11.82 39.20 23.80
N LYS F 87 11.05 39.34 22.71
CA LYS F 87 9.80 38.59 22.54
C LYS F 87 10.03 37.07 22.70
N TYR F 88 11.20 36.59 22.26
CA TYR F 88 11.58 35.19 22.45
C TYR F 88 11.85 34.86 23.92
N GLU F 89 12.59 35.74 24.60
CA GLU F 89 12.96 35.47 25.97
C GLU F 89 11.67 35.39 26.79
N ARG F 90 10.74 36.29 26.51
CA ARG F 90 9.49 36.34 27.25
C ARG F 90 8.71 35.04 27.17
N ALA F 91 8.43 34.61 25.93
CA ALA F 91 7.72 33.35 25.74
C ALA F 91 8.39 32.18 26.47
N ARG F 92 9.70 32.01 26.36
CA ARG F 92 10.33 30.87 26.97
C ARG F 92 10.30 30.98 28.48
N ILE F 93 10.58 32.16 29.01
CA ILE F 93 10.45 32.41 30.44
C ILE F 93 9.09 32.00 30.99
N LEU F 94 8.04 32.36 30.27
CA LEU F 94 6.68 32.02 30.67
C LEU F 94 6.43 30.53 30.65
N GLY F 95 6.76 29.89 29.53
CA GLY F 95 6.61 28.45 29.39
C GLY F 95 7.38 27.64 30.44
N THR F 96 8.63 28.01 30.63
CA THR F 96 9.48 27.26 31.51
C THR F 96 9.04 27.45 32.95
N ARG F 97 8.76 28.67 33.33
CA ARG F 97 8.26 28.92 34.68
C ARG F 97 6.91 28.22 34.88
N ALA F 98 6.09 28.19 33.84
CA ALA F 98 4.83 27.46 33.91
C ALA F 98 5.06 25.98 34.14
N LEU F 99 6.08 25.42 33.49
CA LEU F 99 6.42 24.03 33.66
C LEU F 99 6.79 23.75 35.12
N GLN F 100 7.53 24.67 35.73
CA GLN F 100 8.00 24.44 37.09
C GLN F 100 6.84 24.54 38.03
N ILE F 101 5.89 25.43 37.71
CA ILE F 101 4.70 25.56 38.52
C ILE F 101 3.89 24.27 38.47
N SER F 102 3.82 23.65 37.30
CA SER F 102 3.04 22.44 37.16
C SER F 102 3.63 21.30 37.99
N MET F 103 4.85 21.47 38.46
CA MET F 103 5.45 20.38 39.26
C MET F 103 5.87 20.89 40.62
N ASN F 104 5.05 21.80 41.15
CA ASN F 104 5.07 22.18 42.55
C ASN F 104 6.25 23.02 42.96
N ALA F 105 6.75 23.82 42.03
CA ALA F 105 7.66 24.86 42.43
C ALA F 105 6.94 25.78 43.41
N PRO F 106 7.65 26.23 44.43
CA PRO F 106 7.13 27.28 45.33
C PRO F 106 6.71 28.47 44.49
N VAL F 107 5.48 28.94 44.70
CA VAL F 107 4.91 30.04 43.91
C VAL F 107 4.90 31.35 44.68
N PHE F 108 5.29 32.43 44.01
CA PHE F 108 5.60 33.68 44.68
C PHE F 108 4.47 34.71 44.59
N VAL F 109 3.26 34.23 44.34
CA VAL F 109 2.16 35.16 44.15
C VAL F 109 0.84 34.51 44.52
N ASP F 110 -0.22 35.30 44.71
CA ASP F 110 -1.52 34.74 45.09
C ASP F 110 -2.23 34.19 43.88
N LEU F 111 -2.67 32.94 43.95
CA LEU F 111 -3.28 32.34 42.78
C LEU F 111 -4.63 32.93 42.39
N GLU F 112 -5.39 33.36 43.39
CA GLU F 112 -6.72 33.93 43.17
C GLU F 112 -7.56 33.10 42.21
N GLY F 113 -7.57 31.79 42.41
CA GLY F 113 -8.44 30.90 41.67
C GLY F 113 -7.90 30.38 40.35
N GLU F 114 -6.75 30.89 39.91
CA GLU F 114 -6.14 30.44 38.66
C GLU F 114 -5.77 28.97 38.63
N THR F 115 -6.05 28.29 37.52
CA THR F 115 -5.72 26.87 37.39
C THR F 115 -4.79 26.58 36.22
N ASP F 116 -4.54 27.60 35.42
CA ASP F 116 -3.62 27.51 34.29
C ASP F 116 -2.25 27.96 34.74
N PRO F 117 -1.27 27.05 34.69
CA PRO F 117 0.06 27.38 35.19
C PRO F 117 0.74 28.48 34.35
N LEU F 118 0.35 28.58 33.09
CA LEU F 118 0.85 29.66 32.23
C LEU F 118 0.35 31.00 32.73
N ARG F 119 -0.90 31.04 33.16
CA ARG F 119 -1.49 32.26 33.68
C ARG F 119 -0.83 32.65 35.00
N ILE F 120 -0.49 31.64 35.80
CA ILE F 120 0.21 31.90 37.06
C ILE F 120 1.56 32.53 36.81
N ALA F 121 2.27 31.99 35.83
CA ALA F 121 3.56 32.51 35.40
C ALA F 121 3.45 33.95 34.94
N MET F 122 2.42 34.21 34.14
CA MET F 122 2.20 35.55 33.62
C MET F 122 2.03 36.52 34.78
N LYS F 123 1.28 36.08 35.78
CA LYS F 123 1.06 36.87 36.97
C LYS F 123 2.38 37.13 37.67
N GLU F 124 3.16 36.08 37.88
CA GLU F 124 4.49 36.22 38.49
C GLU F 124 5.34 37.19 37.69
N LEU F 125 5.24 37.12 36.36
CA LEU F 125 6.05 37.97 35.52
C LEU F 125 5.68 39.42 35.75
N ALA F 126 4.38 39.65 35.83
CA ALA F 126 3.82 40.99 36.01
C ALA F 126 4.32 41.65 37.29
N GLU F 127 4.47 40.85 38.35
CA GLU F 127 4.97 41.37 39.62
C GLU F 127 6.49 41.24 39.76
N LYS F 128 7.12 40.74 38.70
CA LYS F 128 8.57 40.51 38.69
C LYS F 128 9.02 39.58 39.81
N LYS F 129 8.32 38.47 39.97
CA LYS F 129 8.69 37.47 40.95
C LYS F 129 9.07 36.15 40.26
N ILE F 130 9.64 36.20 39.06
CA ILE F 130 10.09 34.96 38.44
C ILE F 130 11.59 34.82 38.65
N PRO F 131 12.01 33.79 39.43
CA PRO F 131 13.41 33.56 39.81
C PRO F 131 14.22 32.88 38.71
N LEU F 132 14.12 33.40 37.49
CA LEU F 132 14.86 32.87 36.38
C LEU F 132 15.85 33.89 35.81
N VAL F 133 16.86 33.38 35.12
CA VAL F 133 17.91 34.21 34.58
C VAL F 133 18.11 33.82 33.13
N ILE F 134 18.21 34.80 32.25
CA ILE F 134 18.45 34.47 30.87
C ILE F 134 19.93 34.61 30.59
N ARG F 135 20.50 33.56 30.00
CA ARG F 135 21.90 33.59 29.58
C ARG F 135 21.96 33.76 28.07
N ARG F 136 22.29 34.98 27.63
CA ARG F 136 22.39 35.34 26.23
C ARG F 136 23.77 35.03 25.66
N TYR F 137 23.81 34.28 24.57
CA TYR F 137 25.07 33.91 23.93
C TYR F 137 25.37 34.80 22.74
N LEU F 138 26.53 35.43 22.79
CA LEU F 138 27.12 36.10 21.63
C LEU F 138 27.71 35.03 20.72
N PRO F 139 27.99 35.36 19.45
CA PRO F 139 28.24 34.26 18.51
C PRO F 139 29.56 33.53 18.74
N ASP F 140 30.47 34.05 19.55
CA ASP F 140 31.73 33.36 19.90
C ASP F 140 31.57 32.45 21.13
N GLY F 141 30.36 32.38 21.66
CA GLY F 141 30.06 31.50 22.77
C GLY F 141 30.17 32.14 24.15
N SER F 142 30.66 33.38 24.19
CA SER F 142 30.67 34.09 25.45
C SER F 142 29.25 34.64 25.70
N PHE F 143 28.96 34.97 26.94
CA PHE F 143 27.57 35.20 27.28
C PHE F 143 27.35 36.28 28.33
N GLU F 144 26.14 36.83 28.36
CA GLU F 144 25.76 37.78 29.39
C GLU F 144 24.57 37.20 30.18
N ASP F 145 24.67 37.17 31.51
CA ASP F 145 23.54 36.77 32.35
C ASP F 145 22.64 37.96 32.70
N TRP F 146 21.36 37.86 32.38
CA TRP F 146 20.39 38.91 32.72
C TRP F 146 19.27 38.29 33.52
N SER F 147 18.99 38.86 34.69
CA SER F 147 17.90 38.39 35.53
C SER F 147 16.57 38.84 34.92
N VAL F 148 15.55 38.00 35.04
CA VAL F 148 14.24 38.35 34.53
C VAL F 148 13.74 39.65 35.14
N GLU F 149 14.01 39.87 36.43
CA GLU F 149 13.49 41.08 37.06
C GLU F 149 14.12 42.35 36.51
N GLU F 150 15.37 42.30 36.08
CA GLU F 150 16.04 43.52 35.64
C GLU F 150 15.74 43.91 34.19
N LEU F 151 15.22 42.99 33.40
CA LEU F 151 14.97 43.30 32.01
C LEU F 151 13.67 44.07 31.91
N ILE F 152 13.63 45.05 31.01
CA ILE F 152 12.42 45.85 30.81
C ILE F 152 11.48 45.02 29.97
N VAL F 153 10.28 44.83 30.47
CA VAL F 153 9.36 43.93 29.81
C VAL F 153 8.32 44.67 29.04
N ASP F 154 8.32 44.45 27.73
CA ASP F 154 7.23 44.84 26.83
C ASP F 154 7.47 44.30 25.43
N ALA G 14 50.97 0.22 26.20
CA ALA G 14 50.49 1.13 25.15
C ALA G 14 49.03 1.51 25.34
N ARG G 15 48.31 0.75 26.17
CA ARG G 15 46.89 0.99 26.46
C ARG G 15 46.58 0.69 27.93
N PHE G 16 45.91 1.62 28.62
CA PHE G 16 45.69 1.47 30.06
C PHE G 16 44.25 1.56 30.55
N ILE G 17 43.51 0.46 30.40
CA ILE G 17 42.28 0.25 31.14
C ILE G 17 42.67 -0.25 32.53
N LYS G 18 43.95 -0.62 32.67
CA LYS G 18 44.53 -1.16 33.90
C LYS G 18 44.52 -0.13 35.03
N LYS G 19 43.84 0.97 34.82
CA LYS G 19 43.58 1.95 35.86
C LYS G 19 42.22 1.65 36.49
N HIS G 20 41.96 0.35 36.66
CA HIS G 20 41.00 -0.15 37.63
C HIS G 20 41.66 -1.31 38.41
N LYS G 21 42.80 -0.99 39.00
CA LYS G 21 43.60 -1.94 39.76
C LYS G 21 43.66 -1.50 41.22
N LYS G 22 43.30 -2.41 42.13
CA LYS G 22 43.18 -2.08 43.55
C LYS G 22 44.47 -1.51 44.13
N GLN G 23 44.46 -0.20 44.37
CA GLN G 23 45.62 0.52 44.88
C GLN G 23 45.49 0.79 46.38
N VAL G 24 44.75 -0.11 47.04
CA VAL G 24 44.72 -0.17 48.49
C VAL G 24 45.07 -1.59 48.93
N THR G 25 46.86 2.57 49.09
CA THR G 25 47.13 1.39 49.90
C THR G 25 46.69 1.61 51.34
N ASN G 26 46.08 0.60 51.94
CA ASN G 26 45.73 0.66 53.35
C ASN G 26 46.93 0.32 54.27
N PRO G 27 47.30 1.26 55.14
CA PRO G 27 48.43 1.09 56.05
C PRO G 27 48.11 0.20 57.25
N ILE G 28 49.13 -0.50 57.77
CA ILE G 28 49.01 -1.28 58.99
C ILE G 28 49.17 -0.34 60.19
N ASP G 29 48.51 -0.67 61.31
CA ASP G 29 48.40 0.26 62.45
C ASP G 29 49.32 -0.04 63.64
N GLU G 30 49.32 0.90 64.59
CA GLU G 30 50.00 0.79 65.87
C GLU G 30 49.45 1.94 66.75
N LYS G 31 49.23 1.73 68.05
CA LYS G 31 49.43 0.48 68.78
C LYS G 31 48.34 -0.54 68.46
N ASN G 32 48.63 -1.42 67.52
CA ASN G 32 47.66 -2.33 66.93
C ASN G 32 48.34 -3.24 65.89
N GLY G 33 47.56 -3.88 65.04
CA GLY G 33 48.09 -4.71 63.98
C GLY G 33 47.23 -4.75 62.72
N THR G 34 46.08 -4.09 62.78
CA THR G 34 45.12 -4.13 61.68
C THR G 34 45.38 -3.04 60.64
N SER G 35 44.68 -3.10 59.52
CA SER G 35 44.74 -2.02 58.56
C SER G 35 43.58 -1.05 58.75
N ASN G 36 43.89 0.23 58.80
CA ASN G 36 42.89 1.27 58.79
C ASN G 36 42.35 1.44 57.36
N CYS G 37 41.07 1.14 57.16
CA CYS G 37 40.45 1.26 55.84
C CYS G 37 39.47 2.42 55.73
N ILE G 38 39.31 3.21 56.78
CA ILE G 38 38.45 4.37 56.67
C ILE G 38 39.23 5.53 56.08
N VAL G 39 38.63 6.16 55.07
CA VAL G 39 39.33 7.12 54.27
C VAL G 39 38.37 8.27 53.95
N ARG G 40 38.90 9.48 53.74
CA ARG G 40 38.08 10.62 53.34
C ARG G 40 38.43 11.10 51.94
N VAL G 41 37.47 10.96 51.02
CA VAL G 41 37.70 11.32 49.63
C VAL G 41 36.78 12.44 49.16
N PRO G 42 37.35 13.48 48.54
CA PRO G 42 36.53 14.57 47.98
C PRO G 42 36.01 14.17 46.61
N ILE G 43 34.73 14.42 46.37
CA ILE G 43 34.18 14.11 45.06
C ILE G 43 33.46 15.27 44.42
N ALA G 44 33.27 15.15 43.12
CA ALA G 44 32.38 16.00 42.33
C ALA G 44 31.32 15.08 41.79
N LEU G 45 30.08 15.56 41.75
CA LEU G 45 28.99 14.74 41.25
C LEU G 45 27.95 15.61 40.57
N TYR G 46 27.46 15.14 39.43
CA TYR G 46 26.53 15.86 38.59
C TYR G 46 25.15 15.27 38.85
N VAL G 47 24.26 16.06 39.41
CA VAL G 47 22.99 15.54 39.88
C VAL G 47 21.79 16.37 39.45
N SER G 48 20.63 15.74 39.48
CA SER G 48 19.39 16.40 39.16
C SER G 48 18.83 17.08 40.39
N LEU G 49 18.15 18.21 40.19
CA LEU G 49 17.41 18.87 41.27
C LEU G 49 15.95 18.98 40.87
N ALA G 50 15.07 18.36 41.63
CA ALA G 50 13.64 18.39 41.33
C ALA G 50 13.07 19.76 41.61
N PRO G 51 12.04 20.14 40.86
CA PRO G 51 11.42 21.46 41.03
C PRO G 51 10.89 21.73 42.43
N MET G 52 10.48 20.70 43.15
CA MET G 52 9.99 20.91 44.51
C MET G 52 11.07 21.45 45.46
N TYR G 53 12.33 21.34 45.08
CA TYR G 53 13.44 21.73 45.95
C TYR G 53 14.06 23.07 45.56
N LEU G 54 13.43 23.77 44.64
CA LEU G 54 13.98 25.02 44.11
C LEU G 54 14.26 26.07 45.16
N GLU G 55 13.66 25.94 46.34
CA GLU G 55 13.91 26.87 47.44
C GLU G 55 14.83 26.25 48.49
N ASN G 56 15.10 24.95 48.33
CA ASN G 56 15.98 24.22 49.23
C ASN G 56 16.98 23.33 48.50
N PRO G 57 17.80 23.90 47.62
CA PRO G 57 18.62 23.05 46.75
C PRO G 57 19.55 22.06 47.49
N LEU G 58 20.17 22.48 48.58
CA LEU G 58 21.05 21.56 49.33
C LEU G 58 20.25 20.42 49.95
N GLN G 59 19.13 20.76 50.58
CA GLN G 59 18.20 19.77 51.08
C GLN G 59 17.86 18.76 49.99
N GLY G 60 17.58 19.26 48.80
CA GLY G 60 17.16 18.41 47.70
C GLY G 60 18.26 17.50 47.21
N VAL G 61 19.46 18.04 47.06
CA VAL G 61 20.58 17.19 46.68
C VAL G 61 20.79 16.09 47.72
N MET G 62 20.66 16.44 49.00
CA MET G 62 20.79 15.46 50.07
C MET G 62 19.74 14.36 49.98
N LYS G 63 18.46 14.73 49.94
CA LYS G 63 17.37 13.74 49.91
C LYS G 63 17.27 12.92 48.62
N GLN G 64 17.74 13.47 47.50
CA GLN G 64 17.61 12.77 46.24
C GLN G 64 18.79 11.85 45.98
N HIS G 65 20.00 12.32 46.28
CA HIS G 65 21.21 11.64 45.80
C HIS G 65 22.19 11.08 46.86
N LEU G 66 22.51 11.90 47.84
CA LEU G 66 23.50 11.56 48.86
C LEU G 66 22.98 10.55 49.88
N ASN G 67 21.86 10.86 50.54
CA ASN G 67 21.26 9.95 51.52
C ASN G 67 21.16 8.49 51.03
N PRO G 68 20.69 8.27 49.78
CA PRO G 68 20.65 6.88 49.28
C PRO G 68 22.00 6.20 49.14
N LEU G 69 23.09 6.94 49.21
CA LEU G 69 24.43 6.33 49.12
C LEU G 69 24.91 5.76 50.46
N VAL G 70 24.28 6.17 51.56
CA VAL G 70 24.77 5.85 52.89
C VAL G 70 24.65 4.36 53.22
N MET G 71 25.79 3.77 53.59
CA MET G 71 25.89 2.37 53.97
C MET G 71 25.59 1.41 52.83
N LYS G 72 25.95 1.82 51.61
CA LYS G 72 25.92 0.94 50.46
C LYS G 72 27.27 1.03 49.75
N TYR G 73 27.67 -0.04 49.09
CA TYR G 73 28.92 0.00 48.34
C TYR G 73 28.72 0.90 47.12
N ASN G 74 29.72 1.72 46.83
CA ASN G 74 29.71 2.55 45.64
C ASN G 74 30.90 2.35 44.70
N ASN G 75 30.60 1.92 43.48
CA ASN G 75 31.63 1.47 42.55
C ASN G 75 32.75 2.47 42.31
N LYS G 76 32.44 3.76 42.43
CA LYS G 76 33.42 4.79 42.10
C LYS G 76 34.43 5.11 43.20
N VAL G 77 33.99 5.19 44.46
CA VAL G 77 34.94 5.40 45.56
C VAL G 77 35.56 4.09 46.02
N GLY G 78 35.09 2.99 45.43
CA GLY G 78 35.64 1.67 45.72
C GLY G 78 35.51 1.20 47.16
N GLY G 79 34.40 1.55 47.81
CA GLY G 79 34.15 1.10 49.16
C GLY G 79 32.70 1.35 49.55
N VAL G 80 32.42 1.24 50.85
CA VAL G 80 31.10 1.57 51.37
C VAL G 80 31.12 3.02 51.81
N VAL G 81 30.10 3.78 51.41
CA VAL G 81 30.03 5.15 51.85
C VAL G 81 29.41 5.21 53.23
N LEU G 82 30.15 5.78 54.18
CA LEU G 82 29.65 5.91 55.54
C LEU G 82 28.81 7.18 55.68
N GLY G 83 29.21 8.25 55.01
CA GLY G 83 28.50 9.51 55.14
C GLY G 83 29.19 10.62 54.38
N TYR G 84 28.79 11.86 54.66
CA TYR G 84 29.26 12.98 53.86
C TYR G 84 29.29 14.31 54.62
N GLU G 85 30.23 15.17 54.23
CA GLU G 85 30.41 16.49 54.81
C GLU G 85 30.60 17.56 53.75
N GLY G 86 30.21 18.79 54.07
CA GLY G 86 30.56 19.97 53.27
C GLY G 86 30.05 20.02 51.85
N LEU G 87 28.77 19.71 51.67
CA LEU G 87 28.16 19.78 50.35
C LEU G 87 28.17 21.23 49.87
N LYS G 88 28.50 21.40 48.58
CA LYS G 88 28.57 22.70 47.96
C LYS G 88 28.07 22.57 46.54
N ILE G 89 27.24 23.52 46.13
CA ILE G 89 26.79 23.55 44.75
C ILE G 89 27.72 24.45 43.96
N LEU G 90 28.08 24.04 42.74
CA LEU G 90 28.89 24.90 41.91
C LEU G 90 27.97 25.77 41.08
N ASP G 91 28.01 27.06 41.37
CA ASP G 91 27.20 28.02 40.65
C ASP G 91 27.47 27.97 39.15
N ALA G 92 26.42 27.83 38.33
CA ALA G 92 26.56 27.94 36.87
C ALA G 92 26.96 29.34 36.44
N ASP G 93 26.80 30.32 37.33
CA ASP G 93 27.34 31.66 37.10
C ASP G 93 28.78 31.71 37.59
N PRO G 94 29.73 31.70 36.67
CA PRO G 94 31.12 31.56 37.05
C PRO G 94 31.64 32.87 37.60
N LEU G 95 30.82 33.92 37.56
CA LEU G 95 31.26 35.25 37.97
C LEU G 95 30.95 35.57 39.43
N SER G 96 30.15 34.73 40.07
CA SER G 96 29.79 34.97 41.47
C SER G 96 30.88 34.51 42.43
N LYS G 97 30.81 35.00 43.68
CA LYS G 97 31.76 34.65 44.74
C LYS G 97 31.34 33.33 45.38
N GLU G 98 32.28 32.49 45.80
CA GLU G 98 31.94 31.17 46.36
C GLU G 98 31.06 31.31 47.61
N ASP G 99 31.14 32.51 48.18
CA ASP G 99 30.30 32.98 49.27
C ASP G 99 28.77 32.86 48.97
N THR G 100 28.22 33.80 48.19
CA THR G 100 26.76 34.01 48.06
C THR G 100 25.83 32.81 48.08
N SER G 101 24.64 33.03 48.63
CA SER G 101 23.70 31.95 48.83
C SER G 101 22.66 31.96 47.72
N GLU G 102 22.83 32.86 46.75
CA GLU G 102 22.02 32.80 45.52
C GLU G 102 22.83 32.22 44.37
N LYS G 103 22.40 31.06 43.84
CA LYS G 103 23.14 30.39 42.76
C LYS G 103 22.29 30.00 41.55
N LEU G 104 22.94 29.79 40.42
CA LEU G 104 22.25 29.37 39.20
C LEU G 104 22.36 27.89 38.93
N ILE G 105 21.23 27.28 38.58
CA ILE G 105 21.21 25.89 38.17
C ILE G 105 20.49 25.77 36.83
N LYS G 106 21.21 25.33 35.80
CA LYS G 106 20.64 25.26 34.44
C LYS G 106 19.50 24.24 34.36
N ILE G 107 18.40 24.66 33.73
CA ILE G 107 17.22 23.82 33.60
C ILE G 107 17.24 23.11 32.27
N THR G 108 16.88 21.82 32.29
CA THR G 108 16.76 20.99 31.11
C THR G 108 15.92 21.69 30.08
N PRO G 109 16.28 21.57 28.81
CA PRO G 109 15.36 22.07 27.79
C PRO G 109 13.99 21.37 27.89
N ASP G 110 13.97 20.05 27.81
CA ASP G 110 12.70 19.31 27.82
C ASP G 110 11.88 19.31 29.13
N THR G 111 12.54 19.35 30.30
CA THR G 111 11.84 19.13 31.57
C THR G 111 12.07 20.27 32.55
N PRO G 112 11.30 20.32 33.65
CA PRO G 112 11.53 21.35 34.66
C PRO G 112 12.68 21.07 35.62
N PHE G 113 13.41 19.97 35.42
CA PHE G 113 14.47 19.59 36.33
C PHE G 113 15.76 20.37 36.12
N GLY G 114 16.45 20.70 37.20
CA GLY G 114 17.79 21.25 37.07
C GLY G 114 18.82 20.14 37.07
N PHE G 115 20.05 20.50 36.72
CA PHE G 115 21.22 19.63 36.85
C PHE G 115 22.38 20.51 37.23
N THR G 116 23.02 20.21 38.35
CA THR G 116 24.17 20.99 38.72
C THR G 116 25.33 20.09 39.12
N TRP G 117 26.55 20.62 39.09
CA TRP G 117 27.68 19.95 39.71
C TRP G 117 27.68 20.24 41.19
N CYS G 118 28.19 19.30 41.98
CA CYS G 118 28.35 19.51 43.42
C CYS G 118 29.70 19.04 43.88
N HIS G 119 30.23 19.67 44.91
CA HIS G 119 31.36 19.08 45.62
C HIS G 119 30.90 18.62 46.99
N VAL G 120 31.35 17.45 47.40
CA VAL G 120 31.07 16.95 48.75
C VAL G 120 32.24 16.07 49.19
N ASN G 121 32.33 15.80 50.49
CA ASN G 121 33.33 14.89 51.03
C ASN G 121 32.72 13.58 51.50
N LEU G 122 33.28 12.45 51.05
CA LEU G 122 32.74 11.16 51.43
C LEU G 122 33.67 10.45 52.42
N TYR G 123 33.08 9.79 53.40
CA TYR G 123 33.84 8.92 54.26
C TYR G 123 33.57 7.49 53.83
N VAL G 124 34.64 6.78 53.52
CA VAL G 124 34.52 5.48 52.85
C VAL G 124 35.33 4.41 53.55
N TRP G 125 34.67 3.28 53.76
CA TRP G 125 35.31 2.08 54.22
C TRP G 125 35.73 1.29 52.99
N GLN G 126 37.02 1.28 52.69
CA GLN G 126 37.52 0.65 51.47
C GLN G 126 38.51 -0.49 51.71
N PRO G 127 38.03 -1.61 52.25
CA PRO G 127 38.95 -2.75 52.39
C PRO G 127 39.41 -3.26 51.02
N GLN G 128 40.70 -3.08 50.70
CA GLN G 128 41.27 -3.66 49.47
C GLN G 128 41.88 -5.03 49.78
N VAL G 129 42.24 -5.78 48.75
CA VAL G 129 42.84 -7.10 48.94
C VAL G 129 44.22 -6.96 49.56
N GLY G 130 44.52 -7.81 50.55
CA GLY G 130 45.81 -7.78 51.20
C GLY G 130 45.72 -7.23 52.61
N ASP G 131 44.69 -6.44 52.87
CA ASP G 131 44.54 -5.80 54.17
C ASP G 131 44.27 -6.79 55.32
N VAL G 132 44.62 -6.36 56.53
CA VAL G 132 44.40 -7.18 57.72
C VAL G 132 43.25 -6.60 58.53
N LEU G 133 42.19 -7.38 58.68
CA LEU G 133 41.01 -6.94 59.43
C LEU G 133 40.70 -7.86 60.59
N GLU G 134 39.90 -7.37 61.54
CA GLU G 134 39.43 -8.17 62.67
C GLU G 134 37.90 -8.28 62.67
N GLY G 135 37.40 -9.48 62.93
CA GLY G 135 35.97 -9.70 62.90
C GLY G 135 35.45 -10.40 64.14
N TYR G 136 34.15 -10.21 64.42
CA TYR G 136 33.49 -10.88 65.54
C TYR G 136 32.73 -12.11 65.04
N ILE G 137 33.18 -13.28 65.47
CA ILE G 137 32.62 -14.54 64.98
C ILE G 137 31.16 -14.72 65.38
N PHE G 138 30.30 -14.95 64.40
CA PHE G 138 28.88 -15.14 64.68
C PHE G 138 28.29 -16.48 64.20
N ILE G 139 29.10 -17.31 63.54
CA ILE G 139 28.62 -18.58 62.95
C ILE G 139 29.80 -19.50 62.56
N GLN G 140 29.67 -20.80 62.87
CA GLN G 140 30.72 -21.76 62.54
C GLN G 140 30.20 -23.12 62.03
N SER G 141 30.24 -23.32 60.71
CA SER G 141 29.92 -24.61 60.08
C SER G 141 31.22 -25.29 59.66
N ALA G 142 31.11 -26.50 59.12
CA ALA G 142 32.30 -27.18 58.60
C ALA G 142 32.72 -26.59 57.25
N SER G 143 31.95 -25.63 56.75
CA SER G 143 32.17 -25.07 55.41
C SER G 143 32.76 -23.65 55.40
N HIS G 144 32.54 -22.89 56.47
CA HIS G 144 33.06 -21.52 56.57
C HIS G 144 32.95 -20.94 57.99
N ILE G 145 33.75 -19.91 58.28
CA ILE G 145 33.60 -19.14 59.50
C ILE G 145 33.03 -17.78 59.16
N GLY G 146 31.95 -17.38 59.83
CA GLY G 146 31.29 -16.12 59.54
C GLY G 146 31.57 -15.04 60.56
N LEU G 147 32.10 -13.90 60.12
CA LEU G 147 32.50 -12.82 61.01
C LEU G 147 31.78 -11.51 60.72
N LEU G 148 31.82 -10.58 61.66
CA LEU G 148 31.25 -9.26 61.47
C LEU G 148 32.28 -8.19 61.81
N ILE G 149 32.77 -7.48 60.78
CA ILE G 149 33.80 -6.45 60.94
C ILE G 149 33.19 -5.13 61.41
N HIS G 150 33.78 -4.56 62.45
CA HIS G 150 33.25 -3.34 63.07
C HIS G 150 31.79 -3.48 63.48
N ASP G 151 31.34 -4.73 63.66
CA ASP G 151 29.94 -5.05 63.98
C ASP G 151 28.97 -4.50 62.94
N ALA G 152 29.34 -4.64 61.67
CA ALA G 152 28.57 -4.01 60.60
C ALA G 152 28.62 -4.70 59.24
N PHE G 153 29.83 -5.09 58.81
CA PHE G 153 30.02 -5.66 57.48
C PHE G 153 30.33 -7.13 57.52
N ASN G 154 29.75 -7.88 56.59
CA ASN G 154 29.93 -9.34 56.55
C ASN G 154 31.29 -9.83 56.09
N ALA G 155 31.82 -10.82 56.78
CA ALA G 155 33.03 -11.48 56.33
C ALA G 155 32.80 -12.99 56.31
N SER G 156 33.64 -13.71 55.59
CA SER G 156 33.55 -15.17 55.53
C SER G 156 34.87 -15.82 55.11
N ILE G 157 35.34 -16.76 55.91
CA ILE G 157 36.55 -17.50 55.60
C ILE G 157 36.17 -18.90 55.13
N LYS G 158 36.40 -19.19 53.85
CA LYS G 158 36.02 -20.49 53.29
C LYS G 158 36.85 -21.64 53.87
N LYS G 159 36.23 -22.82 53.93
CA LYS G 159 36.80 -24.02 54.56
C LYS G 159 38.27 -24.27 54.27
N ASN G 160 38.68 -24.02 53.03
CA ASN G 160 40.07 -24.24 52.65
C ASN G 160 40.86 -22.94 52.47
N ASN G 161 40.55 -21.97 53.32
CA ASN G 161 41.42 -20.83 53.54
C ASN G 161 41.86 -20.85 54.99
N ILE G 162 41.19 -21.72 55.75
CA ILE G 162 41.58 -22.07 57.11
C ILE G 162 42.70 -23.09 57.01
N PRO G 163 43.82 -22.85 57.73
CA PRO G 163 44.99 -23.74 57.72
C PRO G 163 44.66 -25.24 57.93
N VAL G 164 45.49 -26.09 57.33
CA VAL G 164 45.16 -27.51 57.17
C VAL G 164 45.04 -28.29 58.49
N ASP G 165 45.82 -27.92 59.49
CA ASP G 165 45.82 -28.64 60.77
C ASP G 165 44.69 -28.23 61.71
N TRP G 166 43.91 -27.24 61.31
CA TRP G 166 42.72 -26.84 62.06
C TRP G 166 41.62 -27.88 61.83
N THR G 167 40.90 -28.20 62.89
CA THR G 167 39.90 -29.25 62.86
C THR G 167 38.52 -28.70 63.23
N PHE G 168 37.48 -29.48 62.98
CA PHE G 168 36.11 -29.05 63.25
C PHE G 168 35.38 -30.09 64.12
N VAL G 169 34.35 -29.64 64.85
CA VAL G 169 33.56 -30.55 65.69
C VAL G 169 32.09 -30.10 65.78
N HIS G 170 31.24 -30.92 66.40
CA HIS G 170 29.80 -30.61 66.47
C HIS G 170 29.28 -30.30 67.88
N GLY G 215 28.41 -26.59 64.37
CA GLY G 215 29.34 -26.91 65.44
C GLY G 215 30.23 -25.75 65.82
N HIS G 216 31.53 -26.03 65.99
CA HIS G 216 32.53 -25.00 66.34
C HIS G 216 33.95 -25.42 65.98
N TRP G 217 34.76 -24.49 65.49
CA TRP G 217 36.13 -24.79 65.06
C TRP G 217 37.15 -24.92 66.20
N VAL G 218 38.27 -25.57 65.91
CA VAL G 218 39.36 -25.78 66.87
C VAL G 218 40.68 -25.58 66.11
N ASP G 219 41.66 -24.94 66.74
CA ASP G 219 42.87 -24.55 66.02
C ASP G 219 44.03 -25.56 66.04
N SER G 220 45.22 -25.03 65.76
CA SER G 220 46.43 -25.81 65.60
C SER G 220 46.83 -26.51 66.89
N ASN G 221 46.49 -25.87 68.01
CA ASN G 221 46.90 -26.37 69.33
C ASN G 221 45.77 -27.03 70.12
N GLY G 222 44.64 -27.25 69.46
CA GLY G 222 43.53 -27.96 70.07
C GLY G 222 42.54 -27.12 70.86
N GLU G 223 42.74 -25.81 70.90
CA GLU G 223 41.85 -24.92 71.65
C GLU G 223 40.86 -24.21 70.72
N PRO G 224 39.59 -24.10 71.14
CA PRO G 224 38.57 -23.46 70.30
C PRO G 224 38.78 -21.97 70.10
N ILE G 225 38.35 -21.47 68.95
CA ILE G 225 38.45 -20.05 68.64
C ILE G 225 37.14 -19.35 69.00
N ASP G 226 37.21 -18.04 69.26
CA ASP G 226 36.04 -17.31 69.71
C ASP G 226 36.17 -15.81 69.47
N GLY G 227 35.02 -15.14 69.35
CA GLY G 227 34.96 -13.69 69.30
C GLY G 227 35.87 -13.10 68.25
N LYS G 228 36.74 -12.19 68.66
CA LYS G 228 37.63 -11.51 67.73
C LYS G 228 38.59 -12.48 67.01
N LEU G 229 38.60 -12.38 65.67
CA LEU G 229 39.54 -13.14 64.84
C LEU G 229 40.17 -12.22 63.81
N ARG G 230 41.46 -12.44 63.55
CA ARG G 230 42.24 -11.61 62.66
C ARG G 230 42.50 -12.36 61.36
N PHE G 231 42.10 -11.76 60.23
CA PHE G 231 42.25 -12.40 58.93
C PHE G 231 42.72 -11.40 57.89
N THR G 232 43.19 -11.91 56.75
CA THR G 232 43.61 -11.05 55.63
C THR G 232 42.62 -11.15 54.48
N VAL G 233 42.47 -10.04 53.74
CA VAL G 233 41.47 -9.93 52.68
C VAL G 233 41.85 -10.68 51.42
N ARG G 234 41.03 -11.66 51.03
CA ARG G 234 41.25 -12.41 49.80
C ARG G 234 40.53 -11.76 48.58
N ASN G 235 39.22 -11.52 48.72
CA ASN G 235 38.48 -10.72 47.75
C ASN G 235 37.30 -10.02 48.44
N VAL G 236 36.88 -8.89 47.89
CA VAL G 236 35.73 -8.16 48.39
C VAL G 236 34.57 -8.24 47.39
N HIS G 237 33.52 -8.98 47.75
CA HIS G 237 32.33 -9.09 46.90
C HIS G 237 31.43 -7.89 47.17
N THR G 238 30.96 -7.24 46.12
CA THR G 238 30.34 -5.93 46.29
C THR G 238 29.01 -5.81 45.55
N THR G 239 28.68 -6.79 44.72
CA THR G 239 27.55 -6.67 43.82
C THR G 239 26.23 -7.15 44.43
N GLY G 240 26.32 -7.89 45.52
CA GLY G 240 25.13 -8.41 46.17
C GLY G 240 24.35 -7.33 46.88
N ARG G 241 23.35 -7.74 47.66
CA ARG G 241 22.56 -6.78 48.41
C ARG G 241 23.45 -5.96 49.33
N VAL G 242 24.31 -6.64 50.09
CA VAL G 242 25.25 -5.97 50.97
C VAL G 242 26.68 -6.44 50.71
N VAL G 243 27.64 -5.60 51.09
CA VAL G 243 29.04 -5.96 50.91
C VAL G 243 29.39 -7.21 51.71
N SER G 244 30.34 -7.98 51.20
CA SER G 244 30.81 -9.20 51.87
C SER G 244 32.28 -9.42 51.58
N VAL G 245 33.05 -9.72 52.64
CA VAL G 245 34.49 -9.86 52.50
C VAL G 245 34.90 -11.32 52.51
N ASP G 246 35.76 -11.70 51.57
CA ASP G 246 36.33 -13.04 51.56
C ASP G 246 37.70 -12.96 52.22
N GLY G 247 37.87 -13.67 53.33
CA GLY G 247 39.10 -13.59 54.09
C GLY G 247 39.83 -14.91 54.14
N THR G 248 41.13 -14.84 54.39
CA THR G 248 41.96 -16.05 54.49
C THR G 248 42.82 -16.05 55.76
N LEU G 249 43.31 -17.22 56.13
CA LEU G 249 44.19 -17.35 57.28
C LEU G 249 45.54 -17.97 56.90
N ILE G 250 45.85 -17.98 55.60
CA ILE G 250 47.14 -18.46 55.09
C ILE G 250 47.63 -17.58 53.94
N ASN H 3 -26.75 78.17 26.38
CA ASN H 3 -26.93 79.41 25.63
C ASN H 3 -26.77 79.32 24.09
N THR H 4 -27.39 80.27 23.38
CA THR H 4 -27.44 80.31 21.92
C THR H 4 -26.18 80.92 21.29
N LEU H 5 -25.65 80.29 20.25
CA LEU H 5 -24.41 80.76 19.63
C LEU H 5 -24.60 81.44 18.28
N PHE H 6 -25.71 81.13 17.59
CA PHE H 6 -25.97 81.63 16.24
C PHE H 6 -27.41 81.38 15.79
N ASP H 7 -28.06 82.40 15.24
CA ASP H 7 -29.30 82.15 14.51
C ASP H 7 -29.42 83.13 13.32
N ASP H 8 -30.28 82.78 12.36
CA ASP H 8 -30.49 83.59 11.15
C ASP H 8 -31.64 82.97 10.40
N ILE H 9 -32.33 83.75 9.57
CA ILE H 9 -33.31 83.16 8.67
C ILE H 9 -32.63 82.90 7.33
N PHE H 10 -32.64 81.65 6.88
CA PHE H 10 -32.07 81.28 5.60
C PHE H 10 -33.15 80.97 4.57
N GLN H 11 -32.85 81.23 3.30
CA GLN H 11 -33.76 80.85 2.24
C GLN H 11 -33.11 79.82 1.35
N VAL H 12 -33.81 78.71 1.15
CA VAL H 12 -33.28 77.57 0.42
C VAL H 12 -33.23 77.76 -1.10
N SER H 13 -32.05 77.51 -1.66
CA SER H 13 -31.81 77.60 -3.10
C SER H 13 -32.09 76.28 -3.78
N GLU H 14 -31.50 75.22 -3.24
CA GLU H 14 -31.50 73.92 -3.89
C GLU H 14 -31.77 72.84 -2.85
N VAL H 15 -32.54 71.82 -3.22
CA VAL H 15 -32.69 70.65 -2.36
C VAL H 15 -32.37 69.37 -3.14
N ASP H 16 -31.12 68.91 -3.05
CA ASP H 16 -30.67 67.78 -3.86
C ASP H 16 -30.74 66.47 -3.10
N PRO H 17 -31.52 65.52 -3.62
CA PRO H 17 -31.69 64.21 -2.97
C PRO H 17 -30.51 63.29 -3.23
N GLY H 18 -29.56 63.74 -4.04
CA GLY H 18 -28.43 62.92 -4.41
C GLY H 18 -28.91 61.53 -4.81
N ARG H 19 -28.15 60.51 -4.41
CA ARG H 19 -28.54 59.16 -4.72
C ARG H 19 -29.29 58.50 -3.54
N TYR H 20 -29.58 59.28 -2.50
CA TYR H 20 -30.28 58.77 -1.31
C TYR H 20 -31.78 58.94 -1.48
N ASN H 21 -32.54 58.40 -0.55
CA ASN H 21 -33.96 58.72 -0.52
C ASN H 21 -34.54 59.04 0.86
N LYS H 22 -33.70 59.50 1.78
CA LYS H 22 -34.17 59.98 3.07
C LYS H 22 -33.42 61.27 3.44
N VAL H 23 -32.35 61.55 2.71
CA VAL H 23 -31.48 62.66 3.01
C VAL H 23 -31.40 63.53 1.78
N CYS H 24 -31.32 64.84 1.99
CA CYS H 24 -31.13 65.78 0.89
C CYS H 24 -30.11 66.79 1.33
N ARG H 25 -29.34 67.26 0.36
CA ARG H 25 -28.38 68.32 0.57
C ARG H 25 -29.06 69.65 0.26
N ILE H 26 -29.02 70.56 1.22
CA ILE H 26 -29.70 71.82 1.10
C ILE H 26 -28.65 72.89 0.93
N GLU H 27 -28.90 73.83 0.02
CA GLU H 27 -28.06 75.00 -0.12
C GLU H 27 -28.96 76.16 0.13
N ALA H 28 -28.55 77.08 1.00
CA ALA H 28 -29.42 78.19 1.36
C ALA H 28 -28.60 79.40 1.76
N ALA H 29 -29.12 80.58 1.46
CA ALA H 29 -28.44 81.83 1.81
C ALA H 29 -29.23 82.61 2.84
N SER H 30 -28.50 83.35 3.67
CA SER H 30 -29.12 84.19 4.69
C SER H 30 -29.89 85.34 4.05
N THR H 31 -30.91 85.80 4.75
CA THR H 31 -31.72 86.92 4.28
C THR H 31 -31.23 88.22 4.93
N THR H 32 -30.39 88.07 5.94
CA THR H 32 -29.93 89.19 6.77
C THR H 32 -28.48 89.58 6.48
N GLN H 33 -27.66 88.61 6.09
CA GLN H 33 -26.27 88.88 5.69
C GLN H 33 -26.05 88.47 4.25
N ASP H 34 -25.42 89.35 3.48
CA ASP H 34 -25.16 89.06 2.06
C ASP H 34 -24.03 88.06 1.89
N GLN H 35 -23.29 87.81 2.98
CA GLN H 35 -22.08 87.01 2.90
C GLN H 35 -22.21 85.66 3.60
N CYS H 36 -23.37 85.43 4.21
CA CYS H 36 -23.59 84.24 5.02
C CYS H 36 -24.39 83.16 4.26
N LYS H 37 -23.75 82.02 3.99
CA LYS H 37 -24.41 80.94 3.28
C LYS H 37 -24.20 79.57 3.94
N LEU H 38 -24.99 78.60 3.51
CA LEU H 38 -25.12 77.38 4.27
C LEU H 38 -25.28 76.17 3.36
N THR H 39 -24.78 75.03 3.83
CA THR H 39 -24.91 73.74 3.16
C THR H 39 -25.25 72.72 4.25
N LEU H 40 -26.30 71.92 4.07
CA LEU H 40 -26.75 71.07 5.16
C LEU H 40 -27.46 69.82 4.69
N ASP H 41 -27.05 68.67 5.22
CA ASP H 41 -27.71 67.40 4.96
C ASP H 41 -28.85 67.26 5.94
N ILE H 42 -30.02 66.88 5.45
CA ILE H 42 -31.20 66.80 6.30
C ILE H 42 -31.97 65.54 6.03
N ASN H 43 -32.36 64.83 7.10
CA ASN H 43 -33.32 63.74 6.98
C ASN H 43 -34.67 64.36 6.59
N VAL H 44 -34.91 64.36 5.29
CA VAL H 44 -36.02 65.08 4.71
C VAL H 44 -37.28 64.23 4.79
N GLU H 45 -37.12 62.99 5.22
CA GLU H 45 -38.27 62.15 5.50
C GLU H 45 -38.91 62.64 6.79
N LEU H 46 -38.09 63.12 7.73
CA LEU H 46 -38.62 63.65 8.99
C LEU H 46 -38.89 65.14 8.91
N PHE H 47 -38.27 65.81 7.95
CA PHE H 47 -38.44 67.24 7.83
C PHE H 47 -38.33 67.68 6.38
N PRO H 48 -39.43 67.56 5.63
CA PRO H 48 -39.39 67.84 4.18
C PRO H 48 -39.02 69.30 3.91
N VAL H 49 -38.23 69.53 2.85
CA VAL H 49 -37.84 70.87 2.47
C VAL H 49 -37.95 71.03 0.95
N ALA H 50 -38.49 72.15 0.51
CA ALA H 50 -38.52 72.46 -0.91
C ALA H 50 -37.76 73.76 -1.17
N ALA H 51 -37.31 73.96 -2.41
CA ALA H 51 -36.66 75.20 -2.76
C ALA H 51 -37.56 76.39 -2.43
N GLN H 52 -36.94 77.51 -2.08
CA GLN H 52 -37.64 78.75 -1.72
C GLN H 52 -38.26 78.74 -0.32
N ASP H 53 -38.20 77.62 0.38
CA ASP H 53 -38.58 77.59 1.79
C ASP H 53 -37.72 78.58 2.58
N SER H 54 -38.26 79.06 3.69
CA SER H 54 -37.47 79.89 4.58
C SER H 54 -37.36 79.18 5.92
N LEU H 55 -36.13 78.90 6.31
CA LEU H 55 -35.87 78.14 7.50
C LEU H 55 -35.16 79.05 8.48
N THR H 56 -35.59 79.02 9.73
CA THR H 56 -34.84 79.65 10.81
C THR H 56 -33.84 78.63 11.33
N VAL H 57 -32.57 79.01 11.40
CA VAL H 57 -31.55 78.05 11.79
C VAL H 57 -30.73 78.52 12.99
N THR H 58 -30.76 77.72 14.05
CA THR H 58 -30.07 78.07 15.29
C THR H 58 -29.01 77.03 15.68
N ILE H 59 -27.81 77.50 15.99
CA ILE H 59 -26.84 76.64 16.64
C ILE H 59 -26.69 77.06 18.10
N ALA H 60 -26.82 76.11 19.02
CA ALA H 60 -26.68 76.38 20.44
C ALA H 60 -25.80 75.33 21.11
N SER H 61 -25.08 75.74 22.15
CA SER H 61 -24.16 74.85 22.88
C SER H 61 -24.90 73.85 23.78
N SER H 62 -26.06 74.25 24.29
CA SER H 62 -26.87 73.39 25.16
C SER H 62 -28.35 73.68 24.96
N LEU H 63 -29.21 73.00 25.71
CA LEU H 63 -30.66 73.27 25.65
C LEU H 63 -31.27 73.53 27.05
N ASN H 64 -31.69 74.78 27.33
CA ASN H 64 -32.31 75.16 28.64
C ASN H 64 -33.60 76.03 28.55
N SER H 78 -27.11 63.65 30.67
CA SER H 78 -27.02 63.27 29.26
C SER H 78 -28.30 62.61 28.75
N TRP H 79 -28.40 62.43 27.43
CA TRP H 79 -29.67 62.14 26.79
C TRP H 79 -30.34 60.86 27.23
N ARG H 80 -31.66 60.97 27.31
CA ARG H 80 -32.52 59.96 27.85
C ARG H 80 -33.87 60.26 27.20
N PRO H 81 -34.69 59.23 26.97
CA PRO H 81 -36.02 59.46 26.41
C PRO H 81 -36.81 60.47 27.25
N PRO H 82 -37.47 61.45 26.57
CA PRO H 82 -38.42 62.39 27.17
C PRO H 82 -39.27 61.78 28.29
N GLN H 83 -39.45 62.54 29.36
CA GLN H 83 -40.26 62.08 30.48
C GLN H 83 -41.44 62.99 30.72
N ALA H 84 -42.11 62.74 31.84
CA ALA H 84 -43.19 63.60 32.30
C ALA H 84 -42.71 65.04 32.49
N GLY H 85 -43.23 65.95 31.67
CA GLY H 85 -42.99 67.38 31.83
C GLY H 85 -41.56 67.88 31.64
N ASP H 86 -40.82 67.28 30.73
CA ASP H 86 -39.50 67.79 30.38
C ASP H 86 -39.64 69.00 29.46
N ARG H 87 -38.94 70.08 29.78
CA ARG H 87 -38.94 71.24 28.92
C ARG H 87 -37.53 71.72 28.57
N SER H 88 -37.30 72.02 27.29
CA SER H 88 -35.99 72.46 26.82
C SER H 88 -36.10 73.27 25.53
N LEU H 89 -34.95 73.81 25.07
CA LEU H 89 -34.93 74.69 23.91
C LEU H 89 -35.51 74.01 22.66
N ALA H 90 -35.46 72.68 22.66
CA ALA H 90 -35.96 71.91 21.52
C ALA H 90 -37.45 72.16 21.27
N ASP H 91 -38.18 72.49 22.31
CA ASP H 91 -39.62 72.72 22.21
C ASP H 91 -39.99 73.82 21.23
N ASP H 92 -39.09 74.78 21.04
CA ASP H 92 -39.34 75.93 20.18
C ASP H 92 -39.13 75.65 18.68
N TYR H 93 -38.69 74.44 18.36
CA TYR H 93 -38.35 74.13 16.97
C TYR H 93 -38.95 72.83 16.44
N ASP H 94 -38.85 72.66 15.12
CA ASP H 94 -39.42 71.50 14.43
C ASP H 94 -38.42 70.33 14.35
N TYR H 95 -37.17 70.64 14.07
CA TYR H 95 -36.14 69.66 13.74
C TYR H 95 -34.86 69.93 14.50
N VAL H 96 -34.39 68.96 15.28
CA VAL H 96 -33.20 69.19 16.09
C VAL H 96 -32.13 68.09 15.97
N MET H 97 -30.91 68.50 15.66
CA MET H 97 -29.80 67.56 15.54
C MET H 97 -28.64 67.88 16.48
N TYR H 98 -27.93 66.83 16.90
CA TYR H 98 -26.74 66.97 17.74
C TYR H 98 -25.48 66.51 16.99
N GLY H 99 -24.40 67.29 17.11
CA GLY H 99 -23.21 67.00 16.33
C GLY H 99 -21.94 67.69 16.79
N THR H 100 -20.91 67.63 15.96
CA THR H 100 -19.58 68.10 16.33
C THR H 100 -19.02 69.08 15.30
N ALA H 101 -18.40 70.15 15.77
CA ALA H 101 -17.58 70.99 14.90
C ALA H 101 -16.22 70.32 14.74
N TYR H 102 -15.74 70.19 13.50
CA TYR H 102 -14.55 69.41 13.26
C TYR H 102 -13.48 70.10 12.42
N LYS H 103 -13.85 71.19 11.77
CA LYS H 103 -12.90 71.93 10.99
C LYS H 103 -13.33 73.41 10.93
N PHE H 104 -12.38 74.33 11.08
CA PHE H 104 -12.56 75.75 10.77
C PHE H 104 -11.64 76.15 9.62
N GLU H 105 -12.05 77.10 8.77
CA GLU H 105 -11.15 77.59 7.74
C GLU H 105 -11.30 79.07 7.37
N GLU H 106 -10.17 79.74 7.12
CA GLU H 106 -10.17 81.08 6.53
C GLU H 106 -10.58 81.00 5.07
N VAL H 107 -11.63 81.72 4.68
CA VAL H 107 -12.03 81.72 3.29
C VAL H 107 -11.45 82.92 2.61
N SER H 108 -11.43 84.04 3.33
CA SER H 108 -10.83 85.27 2.87
C SER H 108 -10.44 86.10 4.09
N LYS H 109 -9.96 87.32 3.83
CA LYS H 109 -9.52 88.22 4.89
C LYS H 109 -10.70 88.53 5.82
N ASP H 110 -11.90 88.41 5.27
CA ASP H 110 -13.10 88.79 6.01
C ASP H 110 -13.93 87.59 6.43
N LEU H 111 -13.95 86.54 5.62
CA LEU H 111 -14.89 85.47 5.92
C LEU H 111 -14.32 84.09 6.26
N ILE H 112 -15.13 83.34 7.00
CA ILE H 112 -14.74 82.12 7.69
C ILE H 112 -15.81 81.04 7.45
N ALA H 113 -15.41 79.76 7.48
CA ALA H 113 -16.38 78.67 7.36
C ALA H 113 -16.17 77.65 8.46
N VAL H 114 -17.25 77.20 9.07
CA VAL H 114 -17.12 76.13 10.06
C VAL H 114 -17.84 74.88 9.58
N TYR H 115 -17.30 73.73 9.96
CA TYR H 115 -17.79 72.46 9.47
C TYR H 115 -18.33 71.62 10.60
N TYR H 116 -19.55 71.12 10.43
CA TYR H 116 -20.19 70.33 11.46
C TYR H 116 -20.49 68.96 10.89
N SER H 117 -20.49 67.95 11.75
CA SER H 117 -20.97 66.65 11.33
C SER H 117 -22.01 66.18 12.33
N PHE H 118 -23.14 65.72 11.80
CA PHE H 118 -24.18 65.19 12.64
C PHE H 118 -24.29 63.73 12.29
N GLY H 119 -23.44 62.92 12.93
CA GLY H 119 -23.35 61.49 12.66
C GLY H 119 -23.16 61.21 11.19
N GLY H 120 -22.48 62.11 10.48
CA GLY H 120 -22.33 61.96 9.05
C GLY H 120 -23.09 62.95 8.17
N LEU H 121 -24.18 63.52 8.66
CA LEU H 121 -24.89 64.51 7.86
C LEU H 121 -24.13 65.83 8.00
N LEU H 122 -23.59 66.37 6.91
CA LEU H 122 -22.64 67.47 7.02
C LEU H 122 -23.23 68.86 6.81
N MET H 123 -22.78 69.78 7.66
CA MET H 123 -23.10 71.18 7.51
C MET H 123 -21.85 71.99 7.26
N ARG H 124 -21.92 72.90 6.29
CA ARG H 124 -20.87 73.90 6.12
C ARG H 124 -21.50 75.29 6.15
N LEU H 125 -21.15 76.06 7.19
CA LEU H 125 -21.67 77.40 7.41
C LEU H 125 -20.58 78.45 7.19
N GLU H 126 -20.75 79.27 6.17
CA GLU H 126 -19.79 80.32 5.85
C GLU H 126 -20.42 81.67 6.18
N GLY H 127 -19.61 82.60 6.66
CA GLY H 127 -20.12 83.89 7.08
C GLY H 127 -19.02 84.82 7.53
N ASN H 128 -19.39 86.05 7.89
CA ASN H 128 -18.42 87.04 8.36
C ASN H 128 -17.85 86.69 9.74
N TYR H 129 -16.54 86.90 9.93
CA TYR H 129 -15.86 86.38 11.12
C TYR H 129 -16.38 86.97 12.44
N ARG H 130 -17.13 88.07 12.35
CA ARG H 130 -17.76 88.68 13.52
C ARG H 130 -19.16 88.11 13.71
N ASN H 131 -19.80 87.77 12.61
CA ASN H 131 -21.11 87.16 12.64
C ASN H 131 -21.08 85.73 13.20
N LEU H 132 -19.93 85.06 13.09
CA LEU H 132 -19.79 83.68 13.57
C LEU H 132 -18.83 83.58 14.77
N ASN H 133 -18.69 84.67 15.50
CA ASN H 133 -17.73 84.77 16.59
C ASN H 133 -17.90 83.72 17.69
N ASN H 134 -19.14 83.36 18.00
CA ASN H 134 -19.41 82.50 19.14
C ASN H 134 -19.18 81.02 18.88
N LEU H 135 -19.07 80.64 17.61
CA LEU H 135 -18.89 79.23 17.24
C LEU H 135 -17.52 78.73 17.64
N LYS H 136 -17.49 77.62 18.38
CA LYS H 136 -16.20 77.05 18.78
C LYS H 136 -16.11 75.65 18.22
N GLN H 137 -14.93 75.05 18.34
CA GLN H 137 -14.72 73.65 17.94
C GLN H 137 -15.11 72.73 19.10
N GLU H 138 -16.42 72.58 19.29
CA GLU H 138 -16.97 71.76 20.35
C GLU H 138 -18.13 70.98 19.75
N ASN H 139 -18.95 70.42 20.62
CA ASN H 139 -20.22 69.85 20.17
C ASN H 139 -21.30 70.92 20.20
N ALA H 140 -22.35 70.71 19.44
CA ALA H 140 -23.39 71.72 19.37
C ALA H 140 -24.70 71.10 18.91
N TYR H 141 -25.80 71.73 19.28
CA TYR H 141 -27.10 71.32 18.80
C TYR H 141 -27.47 72.19 17.62
N LEU H 142 -28.21 71.63 16.67
CA LEU H 142 -28.74 72.40 15.56
C LEU H 142 -30.26 72.41 15.59
N LEU H 143 -30.85 73.58 15.49
CA LEU H 143 -32.29 73.69 15.61
C LEU H 143 -32.85 74.42 14.40
N ILE H 144 -33.86 73.81 13.80
CA ILE H 144 -34.46 74.34 12.59
C ILE H 144 -35.97 74.40 12.77
N ARG H 145 -36.58 75.50 12.37
CA ARG H 145 -38.03 75.56 12.33
C ARG H 145 -38.47 76.29 11.09
N ARG H 146 -39.68 75.99 10.64
CA ARG H 146 -40.18 76.60 9.41
C ARG H 146 -40.85 77.95 9.69
N SER I 2 18.10 13.26 -75.13
CA SER I 2 19.53 13.51 -75.04
C SER I 2 19.83 14.59 -74.01
N VAL I 3 19.98 15.82 -74.49
CA VAL I 3 20.58 16.87 -73.66
C VAL I 3 19.60 17.55 -72.71
N VAL I 4 20.00 17.61 -71.44
CA VAL I 4 19.26 18.33 -70.41
C VAL I 4 20.30 19.03 -69.55
N GLY I 5 21.08 19.92 -70.18
CA GLY I 5 22.11 20.71 -69.52
C GLY I 5 22.96 20.02 -68.48
N SER I 6 24.19 19.69 -68.85
CA SER I 6 25.15 19.04 -67.95
C SER I 6 24.90 17.55 -67.77
N LEU I 7 23.65 17.12 -67.98
CA LEU I 7 23.37 15.69 -68.07
C LEU I 7 22.98 15.35 -69.49
N ILE I 8 23.59 14.31 -70.06
CA ILE I 8 23.18 13.85 -71.36
C ILE I 8 22.73 12.40 -71.28
N PHE I 9 21.48 12.14 -71.70
CA PHE I 9 20.89 10.81 -71.66
C PHE I 9 21.02 10.17 -73.03
N CYS I 10 21.19 8.85 -73.03
CA CYS I 10 21.28 8.09 -74.26
C CYS I 10 19.96 8.18 -75.03
N LEU I 11 20.03 8.28 -76.34
CA LEU I 11 18.83 8.40 -77.14
C LEU I 11 18.10 7.08 -77.21
N ASP I 12 18.87 6.00 -77.18
CA ASP I 12 18.35 4.67 -77.46
C ASP I 12 17.69 4.02 -76.24
N CYS I 13 18.49 3.65 -75.25
CA CYS I 13 17.97 3.29 -73.92
C CYS I 13 17.85 4.61 -73.17
N GLY I 14 17.65 4.58 -71.87
CA GLY I 14 17.46 5.86 -71.22
C GLY I 14 18.62 6.34 -70.35
N ASP I 15 19.74 5.61 -70.41
CA ASP I 15 20.80 5.81 -69.43
C ASP I 15 21.57 7.12 -69.56
N LEU I 16 22.14 7.53 -68.43
CA LEU I 16 22.96 8.73 -68.38
C LEU I 16 24.36 8.42 -68.93
N LEU I 17 24.74 9.11 -70.00
CA LEU I 17 26.04 8.92 -70.62
C LEU I 17 27.12 9.47 -69.72
N GLU I 18 28.32 8.90 -69.82
CA GLU I 18 29.43 9.35 -68.99
C GLU I 18 29.86 10.74 -69.41
N ASN I 19 30.50 11.46 -68.50
CA ASN I 19 30.97 12.81 -68.82
C ASN I 19 32.19 12.68 -69.70
N PRO I 20 32.10 13.15 -70.96
CA PRO I 20 33.12 12.95 -72.00
C PRO I 20 34.54 13.07 -71.46
N ASN I 21 34.81 14.13 -70.69
CA ASN I 21 36.16 14.39 -70.17
C ASN I 21 36.67 13.36 -69.14
N ALA I 22 36.19 12.13 -69.23
CA ALA I 22 36.64 11.04 -68.36
C ALA I 22 36.65 9.73 -69.13
N VAL I 23 36.75 9.83 -70.45
CA VAL I 23 36.78 8.67 -71.32
C VAL I 23 38.02 8.77 -72.20
N LEU I 24 38.85 7.73 -72.16
CA LEU I 24 40.16 7.72 -72.80
C LEU I 24 40.14 7.96 -74.32
N GLY I 25 39.10 7.44 -74.97
CA GLY I 25 38.99 7.53 -76.42
C GLY I 25 38.57 8.90 -76.96
N SER I 26 38.05 8.89 -78.18
CA SER I 26 37.58 10.12 -78.81
C SER I 26 36.06 10.04 -79.02
N ASN I 27 35.46 8.98 -78.49
CA ASN I 27 34.01 8.79 -78.54
C ASN I 27 33.46 8.29 -77.21
N VAL I 28 32.17 8.45 -77.00
CA VAL I 28 31.55 8.04 -75.74
C VAL I 28 30.56 6.91 -75.98
N GLU I 29 30.69 5.84 -75.22
CA GLU I 29 29.82 4.68 -75.42
C GLU I 29 28.90 4.41 -74.25
N CYS I 30 27.62 4.23 -74.55
CA CYS I 30 26.62 3.89 -73.53
C CYS I 30 26.85 2.48 -72.98
N SER I 31 27.29 2.39 -71.74
CA SER I 31 27.57 1.09 -71.15
C SER I 31 26.34 0.19 -71.04
N GLN I 32 25.18 0.68 -71.45
CA GLN I 32 23.94 -0.08 -71.33
C GLN I 32 23.59 -0.79 -72.63
N CYS I 33 23.49 -0.03 -73.71
CA CYS I 33 23.03 -0.60 -74.98
C CYS I 33 24.07 -0.56 -76.11
N LYS I 34 25.28 -0.11 -75.77
CA LYS I 34 26.42 -0.06 -76.71
C LYS I 34 26.27 0.99 -77.82
N ALA I 35 25.43 2.00 -77.60
CA ALA I 35 25.29 3.09 -78.55
C ALA I 35 26.58 3.90 -78.62
N ILE I 36 26.88 4.48 -79.79
CA ILE I 36 28.10 5.26 -79.94
C ILE I 36 27.82 6.74 -80.17
N TYR I 37 28.54 7.61 -79.45
CA TYR I 37 28.34 9.04 -79.55
C TYR I 37 29.69 9.75 -79.73
N PRO I 38 29.81 10.57 -80.78
CA PRO I 38 31.03 11.36 -81.03
C PRO I 38 31.27 12.38 -79.93
N LYS I 39 32.48 12.41 -79.37
CA LYS I 39 32.80 13.28 -78.24
C LYS I 39 32.52 14.75 -78.57
N SER I 40 32.71 15.08 -79.84
CA SER I 40 32.42 16.41 -80.37
C SER I 40 30.92 16.57 -80.63
N GLN I 41 30.20 16.99 -79.59
CA GLN I 41 28.75 17.08 -79.64
C GLN I 41 28.31 17.54 -78.28
N PHE I 42 29.16 17.27 -77.28
CA PHE I 42 28.78 17.41 -75.89
C PHE I 42 29.72 18.37 -75.16
N SER I 43 30.04 19.47 -75.85
CA SER I 43 31.08 20.38 -75.42
C SER I 43 30.58 21.53 -74.55
N ASN I 44 31.44 21.90 -73.60
CA ASN I 44 31.36 23.15 -72.84
C ASN I 44 29.93 23.62 -72.52
N LEU I 45 29.16 22.73 -71.93
CA LEU I 45 27.81 23.05 -71.45
C LEU I 45 27.91 23.69 -70.07
N LYS I 46 25.31 25.48 -70.40
CA LYS I 46 25.26 26.25 -69.16
C LYS I 46 23.95 26.05 -68.41
N VAL I 47 24.01 26.15 -67.08
CA VAL I 47 22.81 26.17 -66.25
C VAL I 47 22.90 27.38 -65.34
N VAL I 48 21.78 28.08 -65.16
CA VAL I 48 21.78 29.27 -64.30
C VAL I 48 20.87 29.13 -63.10
N THR I 49 21.48 29.06 -61.91
CA THR I 49 20.71 28.98 -60.66
C THR I 49 20.81 30.30 -59.90
N THR I 50 19.73 30.69 -59.23
CA THR I 50 19.75 31.88 -58.39
C THR I 50 19.24 31.56 -56.98
N THR I 51 19.61 32.38 -56.01
CA THR I 51 19.11 32.21 -54.66
C THR I 51 17.66 32.62 -54.61
N ALA I 52 16.87 31.86 -53.84
CA ALA I 52 15.45 32.14 -53.66
C ALA I 52 15.27 33.50 -53.00
N ASP I 53 14.16 34.17 -53.29
CA ASP I 53 13.92 35.51 -52.76
C ASP I 53 14.02 35.58 -51.22
N ASP I 54 13.50 34.54 -50.57
CA ASP I 54 13.49 34.48 -49.12
C ASP I 54 14.74 33.85 -48.51
N ALA I 55 15.81 33.74 -49.29
CA ALA I 55 17.00 33.05 -48.84
C ALA I 55 17.74 33.83 -47.77
N PHE I 56 17.79 35.15 -47.90
CA PHE I 56 18.58 35.98 -46.98
C PHE I 56 17.74 37.02 -46.24
N PRO I 57 17.02 36.59 -45.19
CA PRO I 57 16.12 37.45 -44.43
C PRO I 57 16.94 38.51 -43.76
N SER I 58 16.48 39.75 -43.77
CA SER I 58 17.25 40.85 -43.22
C SER I 58 16.36 42.06 -43.12
N SER I 59 16.80 43.03 -42.33
CA SER I 59 16.10 44.29 -42.19
C SER I 59 15.78 44.87 -43.58
N LEU I 60 16.72 44.78 -44.52
CA LEU I 60 16.58 45.36 -45.83
C LEU I 60 15.64 44.58 -46.73
N ARG I 61 15.77 43.25 -46.71
CA ARG I 61 14.90 42.40 -47.52
C ARG I 61 13.44 42.62 -47.12
N ALA I 62 13.21 42.89 -45.85
CA ALA I 62 11.84 43.06 -45.36
C ALA I 62 11.21 44.34 -45.88
N LYS I 63 12.03 45.36 -46.15
CA LYS I 63 11.51 46.61 -46.66
C LYS I 63 11.20 46.48 -48.14
N LYS I 64 11.73 45.43 -48.76
CA LYS I 64 11.44 45.19 -50.17
C LYS I 64 10.01 44.65 -50.36
N SER I 65 9.30 44.41 -49.26
CA SER I 65 7.92 43.92 -49.29
C SER I 65 6.91 45.06 -49.36
N VAL I 66 5.77 44.80 -49.98
CA VAL I 66 4.78 45.85 -50.15
C VAL I 66 3.91 46.09 -48.92
N VAL I 67 3.89 45.14 -47.99
CA VAL I 67 3.06 45.25 -46.79
C VAL I 67 3.88 45.60 -45.56
N THR I 81 -6.80 50.42 -23.03
CA THR I 81 -6.97 51.39 -21.98
C THR I 81 -8.29 51.06 -21.24
N ILE I 82 -8.39 51.44 -19.98
CA ILE I 82 -9.61 51.20 -19.21
C ILE I 82 -9.75 52.19 -18.07
N LYS I 83 -10.99 52.40 -17.62
CA LYS I 83 -11.24 53.24 -16.45
C LYS I 83 -10.78 52.52 -15.16
N GLU I 84 -9.82 53.13 -14.48
CA GLU I 84 -9.26 52.58 -13.26
C GLU I 84 -8.40 53.69 -12.72
N LYS I 85 -8.79 54.24 -11.57
CA LYS I 85 -8.05 55.36 -10.97
C LYS I 85 -6.61 54.95 -10.65
N CYS I 86 -5.66 55.72 -11.16
CA CYS I 86 -4.26 55.52 -10.82
C CYS I 86 -4.10 55.88 -9.36
N PRO I 87 -3.59 54.93 -8.56
CA PRO I 87 -3.37 55.22 -7.14
C PRO I 87 -2.33 56.34 -6.92
N GLN I 88 -1.31 56.42 -7.77
CA GLN I 88 -0.28 57.47 -7.65
C GLN I 88 -0.76 58.89 -8.00
N CYS I 89 -1.23 59.09 -9.24
CA CYS I 89 -1.55 60.45 -9.71
C CYS I 89 -3.04 60.82 -9.74
N GLY I 90 -3.90 59.81 -9.73
CA GLY I 90 -5.33 60.05 -9.68
C GLY I 90 -6.01 59.92 -11.02
N ASN I 91 -5.22 59.70 -12.07
CA ASN I 91 -5.70 59.54 -13.45
C ASN I 91 -6.83 58.54 -13.60
N GLU I 92 -7.72 58.81 -14.55
CA GLU I 92 -8.89 57.99 -14.76
C GLU I 92 -8.65 56.75 -15.68
N GLU I 93 -7.75 56.88 -16.65
CA GLU I 93 -7.42 55.78 -17.56
C GLU I 93 -6.12 55.11 -17.14
N MET I 94 -6.02 53.80 -17.36
CA MET I 94 -4.73 53.08 -17.27
C MET I 94 -4.67 51.99 -18.32
N ASN I 95 -3.48 51.66 -18.78
CA ASN I 95 -3.33 50.54 -19.70
C ASN I 95 -3.20 49.21 -18.95
N TYR I 96 -3.60 48.12 -19.58
CA TYR I 96 -3.68 46.86 -18.85
C TYR I 96 -3.28 45.66 -19.70
N HIS I 97 -2.83 44.61 -19.03
CA HIS I 97 -2.55 43.30 -19.63
C HIS I 97 -2.97 42.24 -18.63
N THR I 98 -3.26 41.04 -19.11
CA THR I 98 -3.66 39.93 -18.25
C THR I 98 -2.80 38.67 -18.41
N VAL I 110 -3.97 41.04 -13.29
CA VAL I 110 -4.11 42.16 -14.21
C VAL I 110 -2.99 43.15 -13.98
N PHE I 111 -2.28 43.48 -15.05
CA PHE I 111 -1.15 44.40 -14.98
C PHE I 111 -1.60 45.76 -15.46
N TYR I 112 -1.44 46.77 -14.61
CA TYR I 112 -1.82 48.13 -14.98
C TYR I 112 -0.61 49.03 -15.17
N THR I 113 -0.71 49.91 -16.16
CA THR I 113 0.26 50.97 -16.39
C THR I 113 -0.45 52.31 -16.56
N CYS I 114 -0.18 53.26 -15.68
CA CYS I 114 -0.86 54.55 -15.76
C CYS I 114 -0.50 55.29 -17.03
N THR I 115 -1.52 55.72 -17.76
CA THR I 115 -1.35 56.30 -19.09
C THR I 115 -0.50 57.57 -19.14
N SER I 116 -0.69 58.44 -18.15
CA SER I 116 0.06 59.68 -18.09
C SER I 116 1.31 59.62 -17.17
N CYS I 117 1.16 59.10 -15.96
CA CYS I 117 2.25 59.18 -14.98
C CYS I 117 3.22 57.98 -14.94
N GLY I 118 2.89 56.91 -15.66
CA GLY I 118 3.82 55.80 -15.86
C GLY I 118 3.91 54.73 -14.78
N TYR I 119 3.34 55.01 -13.61
CA TYR I 119 3.23 54.04 -12.51
C TYR I 119 2.67 52.68 -12.98
N LYS I 120 3.31 51.60 -12.55
CA LYS I 120 2.88 50.25 -12.95
C LYS I 120 2.53 49.44 -11.71
N PHE I 121 1.43 48.69 -11.74
CA PHE I 121 1.14 47.75 -10.66
C PHE I 121 0.31 46.55 -11.13
N ARG I 122 0.28 45.48 -10.32
CA ARG I 122 -0.47 44.29 -10.65
C ARG I 122 -1.52 44.06 -9.60
N THR I 123 -2.48 43.17 -9.90
CA THR I 123 -3.65 42.97 -9.05
C THR I 123 -4.10 41.53 -9.20
N ASN I 124 -4.29 40.82 -8.10
CA ASN I 124 -4.77 39.44 -8.18
C ASN I 124 -6.25 39.32 -7.78
N MET J 1 -38.12 8.36 -6.77
CA MET J 1 -38.55 7.03 -7.21
C MET J 1 -40.08 6.88 -7.25
N ILE J 2 -40.67 6.87 -6.06
CA ILE J 2 -42.11 6.91 -5.95
C ILE J 2 -42.51 8.32 -5.47
N VAL J 3 -43.77 8.70 -5.68
CA VAL J 3 -44.26 10.02 -5.26
C VAL J 3 -43.80 10.35 -3.85
N PRO J 4 -43.33 11.57 -3.63
CA PRO J 4 -43.02 11.85 -2.23
C PRO J 4 -44.31 11.96 -1.46
N VAL J 5 -44.27 11.67 -0.16
CA VAL J 5 -45.46 11.79 0.67
C VAL J 5 -45.84 13.26 0.89
N ARG J 6 -44.91 14.04 1.45
CA ARG J 6 -45.18 15.47 1.68
C ARG J 6 -44.33 16.32 0.75
N CYS J 7 -44.81 17.52 0.43
CA CYS J 7 -44.04 18.56 -0.25
C CYS J 7 -42.86 18.96 0.61
N PHE J 8 -41.68 18.99 0.03
CA PHE J 8 -40.47 19.31 0.80
C PHE J 8 -40.52 20.60 1.62
N SER J 9 -41.17 21.63 1.09
CA SER J 9 -41.17 22.95 1.74
C SER J 9 -42.42 23.26 2.59
N CYS J 10 -43.61 22.93 2.05
CA CYS J 10 -44.97 23.22 2.59
C CYS J 10 -45.20 22.31 3.81
N GLY J 11 -44.89 21.03 3.62
CA GLY J 11 -45.26 19.98 4.55
C GLY J 11 -46.54 19.31 4.07
N LYS J 12 -47.13 19.87 3.02
CA LYS J 12 -48.47 19.45 2.56
C LYS J 12 -48.46 18.09 1.90
N VAL J 13 -49.40 17.23 2.27
CA VAL J 13 -49.45 15.90 1.68
C VAL J 13 -49.64 16.00 0.19
N VAL J 14 -48.83 15.24 -0.53
CA VAL J 14 -48.82 15.30 -1.98
C VAL J 14 -48.89 13.88 -2.56
N GLY J 15 -48.56 12.89 -1.75
CA GLY J 15 -48.53 11.51 -2.17
C GLY J 15 -49.85 10.85 -2.56
N ASP J 16 -50.98 11.49 -2.25
CA ASP J 16 -52.26 10.94 -2.64
C ASP J 16 -52.66 11.49 -4.01
N LYS J 17 -51.80 12.34 -4.57
CA LYS J 17 -52.15 13.12 -5.75
C LYS J 17 -51.52 12.68 -7.08
N TRP J 18 -50.65 11.68 -7.06
CA TRP J 18 -49.96 11.29 -8.29
C TRP J 18 -50.86 10.56 -9.29
N GLU J 19 -51.54 9.52 -8.82
CA GLU J 19 -52.35 8.70 -9.70
C GLU J 19 -53.48 9.50 -10.33
N SER J 20 -54.04 10.44 -9.57
CA SER J 20 -55.12 11.30 -10.07
C SER J 20 -54.59 12.32 -11.08
N TYR J 21 -53.45 12.93 -10.77
CA TYR J 21 -52.82 13.89 -11.67
C TYR J 21 -52.60 13.29 -13.06
N LEU J 22 -52.13 12.05 -13.11
CA LEU J 22 -51.96 11.39 -14.40
C LEU J 22 -53.30 11.20 -15.10
N ASN J 23 -54.31 10.76 -14.35
CA ASN J 23 -55.63 10.61 -14.92
C ASN J 23 -56.21 11.95 -15.42
N LEU J 24 -55.85 13.05 -14.77
CA LEU J 24 -56.29 14.35 -15.25
C LEU J 24 -55.67 14.70 -16.61
N LEU J 25 -54.36 14.52 -16.75
CA LEU J 25 -53.66 14.80 -18.00
C LEU J 25 -54.17 13.87 -19.11
N GLN J 26 -54.35 12.61 -18.74
CA GLN J 26 -54.70 11.58 -19.69
C GLN J 26 -56.14 11.67 -20.13
N GLU J 27 -57.05 11.44 -19.19
CA GLU J 27 -58.50 11.33 -19.43
C GLU J 27 -59.17 12.66 -19.72
N ASP J 28 -59.00 13.62 -18.82
CA ASP J 28 -59.65 14.92 -18.93
C ASP J 28 -58.94 15.87 -19.90
N GLU J 29 -57.77 15.43 -20.37
CA GLU J 29 -56.98 16.16 -21.34
C GLU J 29 -56.73 17.63 -20.95
N LEU J 30 -56.33 17.84 -19.71
CA LEU J 30 -56.02 19.18 -19.23
C LEU J 30 -54.54 19.46 -19.44
N ASP J 31 -54.15 20.72 -19.33
CA ASP J 31 -52.73 21.03 -19.29
C ASP J 31 -52.22 20.84 -17.86
N GLU J 32 -50.92 20.98 -17.64
CA GLU J 32 -50.37 20.61 -16.36
C GLU J 32 -50.82 21.61 -15.25
N GLY J 33 -50.79 22.89 -15.56
CA GLY J 33 -51.08 23.88 -14.56
C GLY J 33 -52.55 23.91 -14.17
N THR J 34 -53.42 23.51 -15.08
CA THR J 34 -54.83 23.44 -14.71
C THR J 34 -55.07 22.24 -13.79
N ALA J 35 -54.43 21.12 -14.09
CA ALA J 35 -54.61 19.89 -13.33
C ALA J 35 -54.06 20.04 -11.92
N LEU J 36 -52.90 20.69 -11.81
CA LEU J 36 -52.29 20.91 -10.49
C LEU J 36 -53.22 21.73 -9.61
N SER J 37 -53.85 22.72 -10.21
CA SER J 37 -54.78 23.58 -9.47
C SER J 37 -55.97 22.77 -8.98
N ARG J 38 -56.51 21.93 -9.86
CA ARG J 38 -57.67 21.10 -9.51
C ARG J 38 -57.40 20.14 -8.34
N LEU J 39 -56.14 19.79 -8.12
CA LEU J 39 -55.78 18.92 -6.99
C LEU J 39 -55.45 19.70 -5.72
N GLY J 40 -55.50 21.03 -5.81
CA GLY J 40 -55.36 21.86 -4.63
C GLY J 40 -53.95 22.31 -4.39
N LEU J 41 -53.07 22.12 -5.37
CA LEU J 41 -51.69 22.55 -5.20
C LEU J 41 -51.54 24.01 -5.57
N LYS J 42 -51.54 24.89 -4.57
CA LYS J 42 -51.56 26.32 -4.81
C LYS J 42 -50.17 26.93 -4.80
N ARG J 43 -49.45 26.78 -3.70
CA ARG J 43 -48.09 27.30 -3.62
C ARG J 43 -47.16 26.68 -4.67
N TYR J 44 -46.26 27.45 -5.29
CA TYR J 44 -45.34 26.83 -6.25
C TYR J 44 -44.41 25.76 -5.64
N CYS J 45 -44.10 25.90 -4.34
CA CYS J 45 -43.61 24.81 -3.48
C CYS J 45 -44.24 23.49 -3.93
N CYS J 46 -45.56 23.41 -3.78
CA CYS J 46 -46.30 22.17 -3.93
C CYS J 46 -46.56 21.77 -5.39
N ARG J 47 -46.71 22.76 -6.27
CA ARG J 47 -46.98 22.45 -7.66
C ARG J 47 -45.75 21.75 -8.23
N ARG J 48 -44.58 22.20 -7.77
CA ARG J 48 -43.29 21.64 -8.23
C ARG J 48 -43.18 20.15 -7.94
N MET J 49 -43.67 19.72 -6.78
CA MET J 49 -43.56 18.32 -6.38
C MET J 49 -44.22 17.35 -7.36
N ILE J 50 -45.44 17.67 -7.80
CA ILE J 50 -46.16 16.79 -8.70
C ILE J 50 -45.80 17.06 -10.17
N LEU J 51 -45.59 18.32 -10.52
CA LEU J 51 -45.26 18.70 -11.88
C LEU J 51 -44.02 17.97 -12.37
N THR J 52 -43.01 17.90 -11.52
CA THR J 52 -41.71 17.38 -11.92
C THR J 52 -41.36 16.02 -11.33
N HIS J 53 -42.35 15.29 -10.83
CA HIS J 53 -42.05 13.96 -10.34
C HIS J 53 -41.73 12.99 -11.47
N VAL J 54 -40.73 12.15 -11.27
CA VAL J 54 -40.41 11.07 -12.20
C VAL J 54 -40.66 9.73 -11.56
N ASP J 55 -41.67 9.01 -12.03
CA ASP J 55 -42.10 7.76 -11.40
C ASP J 55 -41.13 6.65 -11.79
N LEU J 56 -39.85 6.87 -11.49
CA LEU J 56 -38.79 5.95 -11.81
C LEU J 56 -39.06 4.55 -11.30
N ILE J 57 -39.85 4.44 -10.23
CA ILE J 57 -40.14 3.12 -9.66
C ILE J 57 -40.74 2.17 -10.71
N GLU J 58 -41.55 2.72 -11.61
CA GLU J 58 -42.21 1.87 -12.57
C GLU J 58 -41.20 1.18 -13.49
N LYS J 59 -39.99 1.74 -13.58
CA LYS J 59 -38.88 1.09 -14.27
C LYS J 59 -38.28 0.00 -13.40
N PHE J 60 -37.97 0.32 -12.15
CA PHE J 60 -37.41 -0.64 -11.20
C PHE J 60 -38.25 -1.90 -11.10
N LEU J 61 -39.57 -1.71 -11.19
CA LEU J 61 -40.52 -2.80 -10.97
C LEU J 61 -40.49 -3.88 -12.07
N ARG J 62 -39.89 -3.56 -13.21
CA ARG J 62 -39.89 -4.49 -14.35
C ARG J 62 -38.84 -5.56 -14.18
N TYR J 63 -37.97 -5.35 -13.20
CA TYR J 63 -37.00 -6.37 -12.85
C TYR J 63 -37.47 -6.98 -11.53
N ASN J 64 -38.25 -8.05 -11.64
CA ASN J 64 -38.73 -8.74 -10.45
C ASN J 64 -38.15 -10.13 -10.40
N PRO J 65 -37.15 -10.33 -9.53
CA PRO J 65 -36.41 -11.58 -9.33
C PRO J 65 -37.28 -12.74 -8.85
N LEU J 66 -38.53 -12.46 -8.50
CA LEU J 66 -39.42 -13.47 -7.94
C LEU J 66 -40.55 -13.94 -8.87
N GLU J 67 -40.31 -13.94 -10.19
CA GLU J 67 -41.29 -14.46 -11.13
C GLU J 67 -40.68 -14.88 -12.47
N LYS J 68 -41.17 -15.98 -13.04
CA LYS J 68 -40.62 -16.56 -14.28
C LYS J 68 -41.00 -15.78 -15.55
N ARG J 69 -40.12 -14.89 -15.98
CA ARG J 69 -40.34 -14.03 -17.14
C ARG J 69 -40.69 -14.81 -18.42
N PRO K 42 -36.62 22.77 41.90
CA PRO K 42 -36.56 23.94 41.02
C PRO K 42 -35.88 23.60 39.71
N ASP K 43 -35.36 24.60 39.01
CA ASP K 43 -34.38 24.38 37.96
C ASP K 43 -33.40 25.55 37.89
N ARG K 44 -32.17 25.29 38.35
CA ARG K 44 -31.18 26.34 38.51
C ARG K 44 -30.33 26.55 37.25
N GLU K 45 -30.44 25.64 36.30
CA GLU K 45 -29.57 25.67 35.14
C GLU K 45 -30.10 26.50 33.97
N LYS K 46 -31.32 27.03 34.11
CA LYS K 46 -31.99 27.79 33.04
C LYS K 46 -31.45 29.20 32.82
N ILE K 47 -31.45 30.00 33.87
CA ILE K 47 -31.01 31.38 33.76
C ILE K 47 -29.93 31.65 34.81
N LYS K 48 -28.86 32.31 34.40
CA LYS K 48 -27.84 32.68 35.37
C LYS K 48 -27.32 34.09 35.13
N LEU K 49 -26.79 34.68 36.20
CA LEU K 49 -26.22 36.00 36.16
C LEU K 49 -24.79 35.90 35.66
N LEU K 50 -24.39 36.83 34.82
CA LEU K 50 -23.00 36.90 34.37
C LEU K 50 -22.32 37.98 35.18
N THR K 51 -21.80 37.59 36.34
CA THR K 51 -21.32 38.53 37.38
C THR K 51 -20.17 39.46 36.96
N GLN K 52 -19.64 39.25 35.76
CA GLN K 52 -18.51 40.02 35.24
C GLN K 52 -18.96 41.19 34.38
N ALA K 53 -20.28 41.40 34.35
CA ALA K 53 -20.88 42.52 33.66
C ALA K 53 -22.10 43.03 34.44
N THR K 54 -22.16 42.66 35.71
CA THR K 54 -23.18 43.18 36.62
C THR K 54 -22.56 44.07 37.72
N SER K 55 -23.07 45.29 37.85
CA SER K 55 -22.50 46.29 38.75
C SER K 55 -22.79 45.98 40.21
N GLU K 56 -22.15 46.75 41.11
CA GLU K 56 -22.33 46.56 42.56
C GLU K 56 -23.73 46.90 43.02
N ASP K 57 -24.27 47.99 42.47
CA ASP K 57 -25.59 48.50 42.84
C ASP K 57 -26.74 47.72 42.21
N GLY K 58 -26.41 46.82 41.28
CA GLY K 58 -27.39 45.97 40.65
C GLY K 58 -28.33 46.68 39.70
N THR K 59 -27.97 47.91 39.32
CA THR K 59 -28.78 48.65 38.36
C THR K 59 -28.37 48.32 36.92
N SER K 60 -27.54 47.29 36.79
CA SER K 60 -27.00 46.91 35.50
C SER K 60 -26.57 45.45 35.59
N ALA K 61 -26.95 44.64 34.61
CA ALA K 61 -26.74 43.21 34.71
C ALA K 61 -26.90 42.48 33.38
N SER K 62 -26.26 41.32 33.30
CA SER K 62 -26.34 40.49 32.12
C SER K 62 -26.73 39.08 32.54
N PHE K 63 -27.67 38.49 31.80
CA PHE K 63 -28.21 37.18 32.14
C PHE K 63 -28.00 36.25 30.98
N GLN K 64 -27.68 34.99 31.30
CA GLN K 64 -27.55 33.99 30.25
C GLN K 64 -28.62 32.93 30.43
N ILE K 65 -29.50 32.86 29.44
CA ILE K 65 -30.62 31.94 29.45
C ILE K 65 -30.42 30.81 28.45
N VAL K 66 -30.54 29.58 28.93
CA VAL K 66 -30.36 28.38 28.12
C VAL K 66 -31.65 28.04 27.38
N GLU K 67 -31.52 27.42 26.20
CA GLU K 67 -32.66 26.92 25.43
C GLU K 67 -33.62 28.01 24.96
N GLU K 68 -33.09 29.16 24.56
CA GLU K 68 -33.94 30.22 24.05
C GLU K 68 -33.25 31.04 22.96
N ASP K 69 -33.97 31.31 21.88
CA ASP K 69 -33.41 32.10 20.80
C ASP K 69 -34.14 33.43 20.66
N HIS K 70 -34.18 33.93 19.42
CA HIS K 70 -34.88 35.17 19.09
C HIS K 70 -36.32 35.22 19.58
N THR K 71 -37.03 34.09 19.47
CA THR K 71 -38.45 33.99 19.82
C THR K 71 -38.76 34.73 21.12
N LEU K 72 -38.21 34.26 22.23
CA LEU K 72 -38.41 34.91 23.51
C LEU K 72 -37.55 36.18 23.67
N GLY K 73 -36.34 36.15 23.13
CA GLY K 73 -35.39 37.23 23.33
C GLY K 73 -35.88 38.56 22.83
N ASN K 74 -36.31 38.59 21.57
CA ASN K 74 -36.79 39.80 20.97
C ASN K 74 -38.06 40.30 21.69
N ALA K 75 -38.98 39.38 21.97
CA ALA K 75 -40.24 39.72 22.65
C ALA K 75 -40.00 40.29 24.04
N LEU K 76 -39.00 39.75 24.71
CA LEU K 76 -38.69 40.17 26.07
C LEU K 76 -38.02 41.54 26.09
N ARG K 77 -37.13 41.81 25.13
CA ARG K 77 -36.51 43.13 25.11
C ARG K 77 -37.53 44.19 24.72
N TYR K 78 -38.53 43.84 23.90
CA TYR K 78 -39.56 44.79 23.48
C TYR K 78 -40.35 45.24 24.70
N VAL K 79 -40.71 44.26 25.50
CA VAL K 79 -41.47 44.52 26.70
C VAL K 79 -40.66 45.31 27.72
N ILE K 80 -39.46 44.83 28.04
CA ILE K 80 -38.58 45.50 28.98
C ILE K 80 -38.31 46.97 28.64
N MET K 81 -38.21 47.29 27.36
CA MET K 81 -37.83 48.64 26.96
C MET K 81 -38.98 49.62 27.14
N LYS K 82 -40.17 49.10 27.40
CA LYS K 82 -41.32 49.93 27.69
C LYS K 82 -41.26 50.42 29.15
N ASN K 83 -40.53 49.70 29.99
CA ASN K 83 -40.32 50.11 31.38
C ASN K 83 -39.50 51.40 31.40
N PRO K 84 -40.10 52.50 31.88
CA PRO K 84 -39.50 53.84 31.89
C PRO K 84 -38.22 53.98 32.71
N ASP K 85 -37.95 53.06 33.64
CA ASP K 85 -36.70 53.09 34.42
C ASP K 85 -35.51 52.37 33.74
N VAL K 86 -35.79 51.66 32.64
CA VAL K 86 -34.76 51.00 31.90
C VAL K 86 -34.02 52.00 31.01
N GLU K 87 -32.70 52.07 31.17
CA GLU K 87 -31.84 52.97 30.40
C GLU K 87 -31.24 52.25 29.21
N PHE K 88 -31.07 50.94 29.32
CA PHE K 88 -30.53 50.18 28.23
C PHE K 88 -31.04 48.76 28.26
N CYS K 89 -31.31 48.19 27.09
CA CYS K 89 -31.61 46.78 26.99
C CYS K 89 -31.44 46.25 25.58
N GLY K 90 -30.86 45.07 25.49
CA GLY K 90 -30.74 44.35 24.23
C GLY K 90 -30.51 42.89 24.52
N TYR K 91 -30.70 42.06 23.52
CA TYR K 91 -30.40 40.65 23.66
C TYR K 91 -29.43 40.28 22.54
N SER K 92 -28.70 39.19 22.73
CA SER K 92 -27.83 38.67 21.66
C SER K 92 -27.70 37.17 21.73
N ILE K 93 -27.31 36.58 20.61
CA ILE K 93 -27.13 35.14 20.54
C ILE K 93 -25.70 34.88 20.15
N PRO K 94 -24.84 34.57 21.15
CA PRO K 94 -23.43 34.26 21.00
C PRO K 94 -23.16 33.45 19.74
N HIS K 95 -23.82 32.30 19.63
CA HIS K 95 -23.64 31.47 18.48
C HIS K 95 -24.88 30.62 18.25
N PRO K 96 -25.31 30.51 16.99
CA PRO K 96 -26.40 29.65 16.50
C PRO K 96 -26.27 28.19 16.90
N SER K 97 -25.14 27.76 17.44
CA SER K 97 -24.93 26.35 17.69
C SER K 97 -24.93 26.00 19.15
N GLU K 98 -24.78 27.02 19.99
CA GLU K 98 -25.03 26.88 21.42
C GLU K 98 -26.37 27.54 21.75
N ASN K 99 -27.29 26.75 22.30
CA ASN K 99 -28.59 27.30 22.66
C ASN K 99 -28.46 28.22 23.87
N LEU K 100 -28.13 29.49 23.60
CA LEU K 100 -27.92 30.47 24.65
C LEU K 100 -28.42 31.82 24.22
N LEU K 101 -28.91 32.56 25.20
CA LEU K 101 -29.51 33.86 24.96
C LEU K 101 -28.99 34.79 26.04
N ASN K 102 -28.46 35.93 25.62
CA ASN K 102 -27.87 36.86 26.55
C ASN K 102 -28.72 38.12 26.57
N ILE K 103 -29.21 38.51 27.76
CA ILE K 103 -29.98 39.72 27.91
C ILE K 103 -29.21 40.70 28.76
N ARG K 104 -29.18 41.95 28.34
CA ARG K 104 -28.54 42.99 29.11
C ARG K 104 -29.61 43.99 29.57
N ILE K 105 -29.60 44.35 30.85
CA ILE K 105 -30.49 45.41 31.36
C ILE K 105 -29.73 46.42 32.21
N GLN K 106 -29.94 47.70 31.94
CA GLN K 106 -29.41 48.77 32.76
C GLN K 106 -30.55 49.70 33.13
N THR K 107 -30.65 50.07 34.39
CA THR K 107 -31.74 50.95 34.81
C THR K 107 -31.23 52.31 35.20
N TYR K 108 -32.15 53.27 35.35
CA TYR K 108 -31.78 54.63 35.71
C TYR K 108 -31.65 54.77 37.21
N GLY K 109 -31.84 53.67 37.94
CA GLY K 109 -31.57 53.65 39.37
C GLY K 109 -32.75 53.57 40.32
N GLU K 110 -33.97 53.50 39.79
CA GLU K 110 -35.15 53.40 40.61
C GLU K 110 -35.39 51.94 41.02
N THR K 111 -35.23 51.03 40.06
CA THR K 111 -35.31 49.61 40.36
C THR K 111 -34.01 48.95 39.98
N THR K 112 -33.79 47.73 40.45
CA THR K 112 -32.59 47.00 40.05
C THR K 112 -32.78 46.40 38.66
N ALA K 113 -31.74 45.79 38.12
CA ALA K 113 -31.83 45.14 36.82
C ALA K 113 -32.69 43.88 36.89
N VAL K 114 -32.59 43.18 38.02
CA VAL K 114 -33.38 41.97 38.24
C VAL K 114 -34.87 42.28 38.30
N ASP K 115 -35.24 43.40 38.93
CA ASP K 115 -36.62 43.89 38.93
C ASP K 115 -37.15 44.05 37.50
N ALA K 116 -36.42 44.78 36.68
CA ALA K 116 -36.84 45.02 35.30
C ALA K 116 -37.05 43.72 34.54
N LEU K 117 -36.22 42.72 34.81
CA LEU K 117 -36.36 41.42 34.18
C LEU K 117 -37.70 40.80 34.57
N GLN K 118 -38.06 40.94 35.83
CA GLN K 118 -39.29 40.35 36.36
C GLN K 118 -40.54 41.07 35.84
N LYS K 119 -40.51 42.41 35.84
CA LYS K 119 -41.62 43.20 35.32
C LYS K 119 -41.81 42.90 33.85
N GLY K 120 -40.69 42.74 33.13
CA GLY K 120 -40.73 42.43 31.72
C GLY K 120 -41.37 41.07 31.50
N LEU K 121 -40.93 40.08 32.26
CA LEU K 121 -41.48 38.75 32.13
C LEU K 121 -42.96 38.73 32.45
N LYS K 122 -43.35 39.46 33.50
CA LYS K 122 -44.75 39.55 33.90
C LYS K 122 -45.55 40.28 32.82
N ASP K 123 -45.06 41.45 32.42
CA ASP K 123 -45.64 42.20 31.34
C ASP K 123 -45.87 41.34 30.10
N LEU K 124 -44.91 40.48 29.77
CA LEU K 124 -45.01 39.62 28.61
C LEU K 124 -46.14 38.60 28.76
N MET K 125 -46.22 37.97 29.92
CA MET K 125 -47.30 37.04 30.24
C MET K 125 -48.67 37.69 30.09
N ASP K 126 -48.82 38.86 30.69
CA ASP K 126 -50.08 39.59 30.66
C ASP K 126 -50.45 39.93 29.22
N LEU K 127 -49.43 40.30 28.44
CA LEU K 127 -49.63 40.65 27.05
C LEU K 127 -50.19 39.49 26.25
N CYS K 128 -49.78 38.26 26.58
CA CYS K 128 -50.27 37.10 25.87
C CYS K 128 -51.71 36.83 26.21
N ASP K 129 -52.03 36.97 27.50
CA ASP K 129 -53.41 36.86 27.96
C ASP K 129 -54.31 37.76 27.13
N VAL K 130 -53.93 39.03 27.00
CA VAL K 130 -54.74 39.98 26.24
C VAL K 130 -55.03 39.47 24.83
N VAL K 131 -54.03 38.85 24.23
CA VAL K 131 -54.15 38.31 22.86
C VAL K 131 -55.08 37.08 22.81
N GLU K 132 -54.90 36.19 23.77
CA GLU K 132 -55.68 34.97 23.82
C GLU K 132 -57.16 35.34 24.00
N SER K 133 -57.43 36.24 24.93
CA SER K 133 -58.79 36.64 25.22
C SER K 133 -59.42 37.31 24.00
N LYS K 134 -58.67 38.19 23.35
CA LYS K 134 -59.18 38.90 22.18
C LYS K 134 -59.53 37.96 21.05
N PHE K 135 -58.66 36.97 20.87
CA PHE K 135 -58.83 35.99 19.80
C PHE K 135 -60.04 35.14 20.09
N THR K 136 -60.18 34.71 21.34
CA THR K 136 -61.34 33.95 21.75
C THR K 136 -62.62 34.68 21.40
N GLU K 137 -62.74 35.94 21.84
CA GLU K 137 -63.95 36.72 21.60
C GLU K 137 -64.29 36.78 20.13
N LYS K 138 -63.27 36.95 19.28
CA LYS K 138 -63.50 37.13 17.85
C LYS K 138 -63.92 35.83 17.20
N ILE K 139 -63.46 34.71 17.74
CA ILE K 139 -63.86 33.42 17.23
C ILE K 139 -65.32 33.16 17.58
N LYS K 140 -65.67 33.43 18.83
CA LYS K 140 -67.07 33.34 19.27
C LYS K 140 -67.97 34.21 18.42
N SER K 141 -67.62 35.50 18.34
CA SER K 141 -68.45 36.47 17.62
C SER K 141 -68.49 36.23 16.12
N MET K 142 -67.51 35.50 15.60
CA MET K 142 -67.44 35.22 14.17
C MET K 142 -68.67 34.43 13.68
N LEU L 27 -36.92 -22.65 2.99
CA LEU L 27 -36.33 -22.61 1.65
C LEU L 27 -35.41 -21.40 1.44
N LYS L 28 -34.22 -21.47 2.02
CA LYS L 28 -33.32 -20.33 2.11
C LYS L 28 -32.80 -19.70 0.78
N TYR L 29 -32.70 -20.50 -0.28
CA TYR L 29 -32.05 -20.04 -1.51
C TYR L 29 -32.95 -20.04 -2.73
N ILE L 30 -32.47 -19.38 -3.78
CA ILE L 30 -33.16 -19.25 -5.06
C ILE L 30 -32.17 -19.48 -6.19
N CYS L 31 -32.61 -20.19 -7.22
CA CYS L 31 -31.75 -20.37 -8.37
C CYS L 31 -31.68 -19.06 -9.15
N ALA L 32 -30.49 -18.70 -9.61
CA ALA L 32 -30.32 -17.45 -10.35
C ALA L 32 -30.75 -17.55 -11.80
N GLU L 33 -30.87 -18.78 -12.30
CA GLU L 33 -31.24 -18.99 -13.70
C GLU L 33 -32.71 -19.34 -13.93
N CYS L 34 -33.24 -20.30 -13.17
CA CYS L 34 -34.60 -20.81 -13.39
C CYS L 34 -35.58 -20.33 -12.34
N SER L 35 -35.04 -19.81 -11.25
CA SER L 35 -35.81 -19.16 -10.17
C SER L 35 -36.48 -20.13 -9.19
N SER L 36 -36.22 -21.42 -9.36
CA SER L 36 -36.82 -22.39 -8.46
C SER L 36 -36.32 -22.16 -7.04
N LYS L 37 -37.25 -22.07 -6.09
CA LYS L 37 -36.90 -21.91 -4.69
C LYS L 37 -36.46 -23.26 -4.15
N LEU L 38 -35.36 -23.28 -3.42
CA LEU L 38 -34.83 -24.54 -2.90
C LEU L 38 -33.91 -24.37 -1.70
N SER L 39 -33.68 -25.46 -0.97
CA SER L 39 -32.85 -25.41 0.22
C SER L 39 -31.66 -26.37 0.15
N LEU L 40 -30.65 -26.13 0.99
CA LEU L 40 -29.47 -26.96 1.03
C LEU L 40 -29.34 -27.69 2.35
N SER L 41 -28.29 -28.50 2.46
CA SER L 41 -27.97 -29.18 3.72
C SER L 41 -26.46 -29.26 3.93
N ARG L 42 -26.05 -30.04 4.91
CA ARG L 42 -24.62 -30.20 5.21
C ARG L 42 -23.95 -31.06 4.13
N THR L 43 -22.93 -30.49 3.49
CA THR L 43 -22.31 -31.05 2.28
C THR L 43 -23.38 -31.52 1.29
N ASP L 44 -23.89 -30.55 0.52
CA ASP L 44 -24.94 -30.80 -0.45
C ASP L 44 -24.50 -30.17 -1.75
N ALA L 45 -25.16 -30.55 -2.83
CA ALA L 45 -24.80 -30.07 -4.17
C ALA L 45 -25.07 -28.57 -4.36
N VAL L 46 -24.04 -27.75 -4.18
CA VAL L 46 -24.21 -26.30 -4.37
C VAL L 46 -24.57 -26.00 -5.83
N ARG L 47 -25.84 -26.26 -6.16
CA ARG L 47 -26.36 -26.13 -7.50
C ARG L 47 -27.88 -26.29 -7.49
N CYS L 48 -28.54 -25.81 -8.54
CA CYS L 48 -29.99 -25.97 -8.64
C CYS L 48 -30.34 -27.42 -8.94
N LYS L 49 -31.27 -27.97 -8.16
CA LYS L 49 -31.70 -29.35 -8.34
C LYS L 49 -32.54 -29.54 -9.60
N ASP L 50 -32.92 -28.44 -10.25
CA ASP L 50 -33.64 -28.48 -11.53
C ASP L 50 -32.68 -28.19 -12.70
N CYS L 51 -32.02 -27.04 -12.65
CA CYS L 51 -31.16 -26.55 -13.74
C CYS L 51 -29.83 -27.25 -13.78
N GLY L 52 -29.15 -27.26 -12.63
CA GLY L 52 -27.77 -27.67 -12.56
C GLY L 52 -26.92 -26.44 -12.66
N HIS L 53 -27.55 -25.28 -12.58
CA HIS L 53 -26.78 -24.04 -12.50
C HIS L 53 -26.19 -23.88 -11.13
N ARG L 54 -24.95 -23.41 -11.07
CA ARG L 54 -24.19 -23.48 -9.84
C ARG L 54 -24.12 -22.12 -9.19
N ILE L 55 -25.18 -21.33 -9.35
CA ILE L 55 -25.16 -19.98 -8.78
C ILE L 55 -26.50 -19.67 -8.09
N LEU L 56 -26.46 -19.48 -6.77
CA LEU L 56 -27.69 -19.41 -5.97
C LEU L 56 -27.81 -18.11 -5.17
N LEU L 57 -29.00 -17.52 -5.19
CA LEU L 57 -29.25 -16.27 -4.43
C LEU L 57 -29.92 -16.61 -3.11
N LYS L 58 -29.43 -15.99 -2.04
CA LYS L 58 -29.99 -16.17 -0.70
C LYS L 58 -31.38 -15.55 -0.56
N ALA L 59 -32.23 -16.17 0.26
CA ALA L 59 -33.55 -15.62 0.55
C ALA L 59 -33.86 -15.63 2.05
N ARG L 60 -34.72 -14.71 2.48
CA ARG L 60 -34.56 -14.03 3.76
C ARG L 60 -35.88 -14.00 4.54
N THR L 61 -35.78 -14.01 5.88
CA THR L 61 -36.79 -14.66 6.72
C THR L 61 -37.28 -13.75 7.85
N LYS L 62 -38.53 -13.93 8.25
CA LYS L 62 -39.15 -13.13 9.30
C LYS L 62 -38.18 -12.86 10.45
N ARG L 63 -37.80 -11.59 10.62
CA ARG L 63 -36.83 -11.24 11.65
C ARG L 63 -36.87 -9.74 12.00
N LEU L 64 -36.62 -9.41 13.26
CA LEU L 64 -36.82 -8.04 13.71
C LEU L 64 -35.65 -7.09 13.42
N VAL L 65 -35.86 -6.15 12.51
CA VAL L 65 -34.94 -5.02 12.36
C VAL L 65 -35.65 -3.74 12.75
N GLN L 66 -35.01 -2.92 13.58
CA GLN L 66 -35.69 -1.73 14.10
C GLN L 66 -35.14 -0.41 13.51
N PHE L 67 -36.04 0.48 13.14
CA PHE L 67 -35.65 1.74 12.53
C PHE L 67 -36.31 2.95 13.19
N GLU L 68 -35.65 4.09 13.07
CA GLU L 68 -36.20 5.33 13.52
C GLU L 68 -36.62 6.13 12.27
N ALA L 69 -37.86 6.61 12.26
CA ALA L 69 -38.48 7.15 11.06
C ALA L 69 -37.93 8.51 10.62
N ARG L 70 -36.62 8.67 10.64
CA ARG L 70 -36.04 9.98 10.36
C ARG L 70 -34.89 9.87 9.37
N SER M 8 -14.52 25.62 -85.22
CA SER M 8 -15.91 25.72 -85.63
C SER M 8 -16.50 24.37 -86.08
N GLU M 9 -16.59 24.15 -87.40
CA GLU M 9 -17.17 22.92 -87.92
C GLU M 9 -16.20 22.05 -88.73
N ILE M 10 -16.22 20.75 -88.47
CA ILE M 10 -15.36 19.78 -89.17
C ILE M 10 -16.14 18.53 -89.55
N GLU M 11 -16.12 18.18 -90.84
CA GLU M 11 -16.81 17.00 -91.36
C GLU M 11 -15.96 15.72 -91.23
N ILE M 12 -16.59 14.60 -90.94
CA ILE M 12 -15.89 13.34 -90.75
C ILE M 12 -16.00 12.42 -91.97
N GLU M 13 -14.93 12.37 -92.78
CA GLU M 13 -14.93 11.56 -94.00
C GLU M 13 -15.16 10.08 -93.70
N SER M 14 -14.26 9.48 -92.93
CA SER M 14 -14.33 8.05 -92.64
C SER M 14 -13.97 7.76 -91.19
N VAL M 15 -14.49 6.64 -90.68
CA VAL M 15 -14.09 6.17 -89.36
C VAL M 15 -13.80 4.67 -89.37
N GLN M 16 -12.53 4.33 -89.18
CA GLN M 16 -12.08 2.93 -89.15
C GLN M 16 -12.26 2.25 -87.78
N ASP M 17 -12.82 1.06 -87.79
CA ASP M 17 -13.20 0.38 -86.57
C ASP M 17 -12.22 -0.74 -86.28
N GLN M 18 -11.39 -1.03 -87.26
CA GLN M 18 -10.51 -2.19 -87.23
C GLN M 18 -9.07 -1.79 -86.90
N PRO M 19 -8.28 -2.74 -86.37
CA PRO M 19 -6.86 -2.45 -86.15
C PRO M 19 -6.18 -1.94 -87.41
N SER M 20 -5.68 -0.70 -87.31
CA SER M 20 -4.96 -0.05 -88.39
C SER M 20 -3.60 0.42 -87.86
N VAL M 21 -3.61 1.51 -87.09
CA VAL M 21 -2.38 2.00 -86.48
C VAL M 21 -2.39 1.80 -84.96
N ALA M 22 -1.23 2.03 -84.35
CA ALA M 22 -1.10 1.94 -82.90
C ALA M 22 -0.29 3.12 -82.38
N VAL M 23 -0.38 3.37 -81.09
CA VAL M 23 0.34 4.48 -80.46
C VAL M 23 1.13 3.98 -79.26
N GLY M 24 2.40 4.34 -79.23
CA GLY M 24 3.27 3.88 -78.16
C GLY M 24 3.92 5.06 -77.47
N SER M 25 3.88 5.05 -76.15
CA SER M 25 4.61 6.04 -75.39
C SER M 25 5.84 5.37 -74.83
N PHE M 26 6.99 5.82 -75.31
CA PHE M 26 8.25 5.28 -74.83
C PHE M 26 8.93 6.28 -73.91
N PHE M 27 9.41 7.36 -74.52
CA PHE M 27 9.93 8.51 -73.80
C PHE M 27 10.16 9.61 -74.80
N LYS M 28 10.61 10.77 -74.34
CA LYS M 28 10.78 11.89 -75.25
C LYS M 28 12.00 11.72 -76.18
N GLY M 29 11.80 12.05 -77.45
CA GLY M 29 12.88 11.98 -78.41
C GLY M 29 13.18 10.56 -78.85
N PHE M 30 12.27 9.65 -78.49
CA PHE M 30 12.42 8.25 -78.83
C PHE M 30 12.45 8.02 -80.33
N ARG M 31 13.38 7.20 -80.79
CA ARG M 31 13.35 6.65 -82.14
C ARG M 31 13.95 5.27 -82.16
N ALA M 32 13.73 4.58 -83.27
CA ALA M 32 14.27 3.25 -83.43
C ALA M 32 14.94 3.25 -84.78
N PRO M 33 15.97 2.43 -84.93
CA PRO M 33 16.68 2.21 -86.20
C PRO M 33 15.73 1.97 -87.38
N SER M 34 16.18 2.27 -88.60
CA SER M 34 15.36 2.20 -89.81
C SER M 34 14.57 0.90 -89.98
N ASP M 35 15.28 -0.22 -89.84
CA ASP M 35 14.71 -1.55 -90.06
C ASP M 35 13.57 -1.90 -89.12
N THR M 36 13.75 -1.65 -87.83
CA THR M 36 12.82 -2.02 -86.75
C THR M 36 11.34 -2.13 -87.12
N THR M 37 10.73 -3.22 -86.66
CA THR M 37 9.36 -3.54 -87.04
C THR M 37 8.62 -4.15 -85.86
N PHE M 38 7.34 -3.79 -85.72
CA PHE M 38 6.57 -4.07 -84.50
C PHE M 38 5.35 -4.96 -84.73
N ASP M 39 5.28 -6.07 -84.01
CA ASP M 39 4.17 -7.00 -84.12
C ASP M 39 3.11 -6.69 -83.06
N LEU M 40 1.88 -6.45 -83.52
CA LEU M 40 0.76 -6.10 -82.65
C LEU M 40 -0.13 -7.32 -82.36
N TYR M 41 -0.67 -7.42 -81.16
CA TYR M 41 -1.47 -8.57 -80.76
C TYR M 41 -2.74 -8.12 -80.06
N LYS M 42 -3.83 -8.88 -80.23
CA LYS M 42 -5.16 -8.45 -79.73
C LYS M 42 -6.04 -9.55 -79.12
N LYS M 43 -6.61 -9.27 -77.95
CA LYS M 43 -7.49 -10.19 -77.23
C LYS M 43 -8.87 -9.58 -77.02
N LYS M 44 -9.93 -10.39 -77.11
CA LYS M 44 -11.29 -9.84 -76.94
C LYS M 44 -11.90 -10.09 -75.54
N LYS M 45 -11.48 -9.30 -74.56
CA LYS M 45 -11.91 -9.45 -73.16
C LYS M 45 -13.13 -8.59 -72.83
N SER M 46 -14.28 -9.24 -72.64
CA SER M 46 -15.58 -8.55 -72.49
C SER M 46 -15.89 -7.76 -73.77
N GLU M 47 -16.45 -6.56 -73.60
CA GLU M 47 -16.63 -5.64 -74.72
C GLU M 47 -15.52 -4.56 -74.68
N LYS M 48 -14.33 -4.98 -74.28
CA LYS M 48 -13.14 -4.14 -74.29
C LYS M 48 -12.05 -4.83 -75.07
N ASP M 49 -11.25 -4.06 -75.81
CA ASP M 49 -10.18 -4.65 -76.60
C ASP M 49 -8.80 -4.38 -75.99
N GLU M 50 -8.12 -5.46 -75.60
CA GLU M 50 -6.76 -5.36 -75.06
C GLU M 50 -5.71 -5.55 -76.16
N PHE M 51 -4.59 -4.85 -76.04
CA PHE M 51 -3.53 -4.95 -77.04
C PHE M 51 -2.17 -5.18 -76.41
N VAL M 52 -1.32 -5.92 -77.09
CA VAL M 52 0.06 -6.11 -76.66
C VAL M 52 1.02 -5.89 -77.84
N LEU M 53 2.11 -5.19 -77.58
CA LEU M 53 3.08 -4.86 -78.62
C LEU M 53 4.41 -5.56 -78.39
N HIS M 54 4.97 -6.11 -79.46
CA HIS M 54 6.30 -6.72 -79.41
C HIS M 54 7.08 -6.41 -80.67
N GLY M 55 8.20 -5.72 -80.48
CA GLY M 55 9.06 -5.32 -81.57
C GLY M 55 10.44 -5.92 -81.36
N GLU M 56 11.18 -6.01 -82.46
CA GLU M 56 12.45 -6.71 -82.43
C GLU M 56 13.37 -6.11 -83.46
N ASN M 57 14.56 -5.73 -83.01
CA ASN M 57 15.63 -5.49 -83.96
C ASN M 57 16.91 -6.20 -83.52
N GLU M 58 18.02 -5.90 -84.18
CA GLU M 58 19.24 -6.69 -84.00
C GLU M 58 19.74 -6.73 -82.55
N ARG M 59 19.71 -5.58 -81.87
CA ARG M 59 20.22 -5.54 -80.50
C ARG M 59 19.31 -4.83 -79.49
N LEU M 60 18.03 -4.73 -79.83
CA LEU M 60 17.04 -4.16 -78.91
C LEU M 60 15.72 -4.91 -79.02
N GLU M 61 15.03 -5.03 -77.90
CA GLU M 61 13.66 -5.50 -77.92
C GLU M 61 12.74 -4.34 -77.56
N TYR M 62 11.50 -4.41 -78.00
CA TYR M 62 10.51 -3.40 -77.68
C TYR M 62 9.23 -4.09 -77.22
N GLU M 63 8.71 -3.74 -76.05
CA GLU M 63 7.43 -4.30 -75.61
C GLU M 63 6.47 -3.22 -75.16
N GLY M 64 5.17 -3.52 -75.20
CA GLY M 64 4.13 -2.57 -74.86
C GLY M 64 2.78 -3.18 -74.52
N TYR M 65 2.09 -2.61 -73.55
CA TYR M 65 0.76 -3.11 -73.18
C TYR M 65 -0.27 -1.98 -73.08
N THR M 66 -1.54 -2.33 -73.16
CA THR M 66 -2.57 -1.34 -72.96
C THR M 66 -2.90 -1.28 -71.48
N ASP M 67 -3.05 -0.08 -70.94
CA ASP M 67 -3.36 0.09 -69.52
C ASP M 67 -4.77 -0.42 -69.22
N SER M 68 -4.84 -1.48 -68.41
CA SER M 68 -6.12 -2.11 -68.05
C SER M 68 -7.11 -1.13 -67.41
N SER M 69 -6.58 -0.15 -66.67
CA SER M 69 -7.44 0.76 -65.93
C SER M 69 -8.00 1.91 -66.79
N SER M 70 -7.17 2.50 -67.63
CA SER M 70 -7.63 3.65 -68.41
C SER M 70 -8.57 3.22 -69.53
N GLN M 71 -8.31 2.05 -70.11
CA GLN M 71 -9.11 1.56 -71.24
C GLN M 71 -10.55 1.23 -70.87
N ALA M 72 -10.81 1.20 -69.56
CA ALA M 72 -12.16 1.06 -69.05
C ALA M 72 -12.97 2.34 -69.26
N SER M 73 -12.30 3.49 -69.43
CA SER M 73 -13.03 4.74 -69.58
C SER M 73 -12.48 5.70 -70.65
N ASN M 74 -11.33 5.35 -71.23
CA ASN M 74 -10.78 6.13 -72.34
C ASN M 74 -10.67 5.33 -73.64
N GLN M 75 -11.14 5.92 -74.73
CA GLN M 75 -11.03 5.34 -76.07
C GLN M 75 -10.17 6.28 -76.88
N TYR M 76 -9.20 5.74 -77.63
CA TYR M 76 -8.30 6.61 -78.35
C TYR M 76 -8.40 6.46 -79.87
N VAL M 77 -8.22 7.57 -80.56
CA VAL M 77 -8.46 7.66 -82.00
C VAL M 77 -7.46 8.62 -82.67
N VAL M 78 -6.79 8.13 -83.70
CA VAL M 78 -5.86 8.94 -84.48
C VAL M 78 -6.60 9.60 -85.63
N GLY M 79 -6.30 10.87 -85.89
CA GLY M 79 -7.01 11.61 -86.93
C GLY M 79 -6.12 12.22 -87.99
N LEU M 80 -6.56 12.11 -89.24
CA LEU M 80 -5.87 12.74 -90.35
C LEU M 80 -6.71 13.91 -90.80
N PHE M 81 -6.08 15.09 -90.85
CA PHE M 81 -6.81 16.34 -91.02
C PHE M 81 -6.51 16.99 -92.37
N ASN M 82 -7.57 17.35 -93.08
CA ASN M 82 -7.44 18.06 -94.35
C ASN M 82 -7.95 19.49 -94.16
N PRO M 83 -7.03 20.47 -93.98
CA PRO M 83 -7.39 21.88 -93.78
C PRO M 83 -7.83 22.59 -95.06
N GLU M 84 -7.51 22.03 -96.23
CA GLU M 84 -8.07 22.51 -97.50
C GLU M 84 -9.36 21.71 -97.73
N LYS M 85 -10.25 21.79 -96.75
CA LYS M 85 -11.47 21.00 -96.62
C LYS M 85 -11.87 21.22 -95.17
N LYS M 86 -13.10 20.85 -94.82
CA LYS M 86 -13.47 20.87 -93.41
C LYS M 86 -13.50 19.42 -92.92
N SER M 87 -12.61 18.60 -93.46
CA SER M 87 -12.70 17.14 -93.27
C SER M 87 -11.58 16.52 -92.42
N ILE M 88 -11.91 15.39 -91.80
CA ILE M 88 -10.95 14.64 -90.99
C ILE M 88 -11.23 13.14 -91.10
N GLN M 89 -10.17 12.33 -91.03
CA GLN M 89 -10.30 10.88 -91.14
C GLN M 89 -9.85 10.22 -89.85
N LEU M 90 -10.78 9.57 -89.15
CA LEU M 90 -10.48 8.98 -87.84
C LEU M 90 -10.24 7.49 -87.95
N TYR M 91 -9.19 7.03 -87.26
CA TYR M 91 -8.86 5.62 -87.15
C TYR M 91 -8.72 5.27 -85.66
N LYS M 92 -9.29 4.15 -85.24
CA LYS M 92 -9.15 3.75 -83.84
C LYS M 92 -7.78 3.15 -83.62
N ALA M 93 -7.22 3.45 -82.46
CA ALA M 93 -5.86 3.06 -82.15
C ALA M 93 -5.76 2.79 -80.67
N PRO M 94 -5.04 1.74 -80.30
CA PRO M 94 -4.75 1.56 -78.88
C PRO M 94 -3.54 2.42 -78.48
N VAL M 95 -3.51 2.91 -77.25
CA VAL M 95 -2.30 3.54 -76.73
C VAL M 95 -1.61 2.55 -75.82
N LEU M 96 -0.37 2.20 -76.15
CA LEU M 96 0.38 1.21 -75.38
C LEU M 96 1.50 1.81 -74.56
N VAL M 97 1.58 1.38 -73.30
CA VAL M 97 2.70 1.75 -72.43
C VAL M 97 3.88 0.85 -72.75
N SER M 98 4.97 1.45 -73.24
CA SER M 98 6.03 0.66 -73.83
C SER M 98 7.42 0.98 -73.32
N LYS M 99 8.30 0.00 -73.39
CA LYS M 99 9.68 0.18 -72.97
C LYS M 99 10.61 -0.31 -74.07
N VAL M 100 11.88 0.10 -73.98
CA VAL M 100 12.91 -0.40 -74.88
C VAL M 100 13.89 -1.17 -74.02
N VAL M 101 14.16 -2.42 -74.37
CA VAL M 101 15.07 -3.25 -73.61
C VAL M 101 16.32 -3.56 -74.41
N SER M 102 17.48 -3.41 -73.78
CA SER M 102 18.72 -3.73 -74.44
C SER M 102 18.99 -5.22 -74.35
N LYS M 103 19.14 -5.88 -75.50
CA LYS M 103 19.45 -7.30 -75.54
C LYS M 103 20.80 -7.54 -74.89
N SER M 104 21.68 -6.56 -74.99
CA SER M 104 22.61 -6.25 -73.91
C SER M 104 21.88 -5.83 -72.64
N SER M 105 20.83 -5.03 -72.81
CA SER M 105 19.96 -4.66 -71.70
C SER M 105 19.27 -5.87 -71.09
N LYS M 106 18.83 -6.78 -71.96
CA LYS M 106 18.05 -7.93 -71.52
C LYS M 106 18.86 -8.83 -70.61
N ASN M 107 20.13 -9.02 -70.94
CA ASN M 107 20.83 -10.25 -70.62
C ASN M 107 20.94 -10.48 -69.10
N LEU M 108 21.21 -9.41 -68.37
CA LEU M 108 22.18 -9.44 -67.30
C LEU M 108 21.44 -9.86 -66.00
N ARG M 109 22.13 -10.58 -65.12
CA ARG M 109 21.50 -11.26 -64.00
C ARG M 109 22.56 -11.79 -63.05
N GLY M 110 22.37 -11.60 -61.76
CA GLY M 110 23.26 -12.20 -60.77
C GLY M 110 22.86 -13.64 -60.47
N PRO M 111 23.63 -14.31 -59.61
CA PRO M 111 23.36 -15.70 -59.20
C PRO M 111 22.10 -15.78 -58.32
N LYS M 112 21.48 -16.97 -58.22
CA LYS M 112 20.23 -17.09 -57.48
C LYS M 112 20.33 -16.56 -56.07
N ILE M 113 21.42 -16.89 -55.39
CA ILE M 113 21.72 -16.31 -54.09
C ILE M 113 23.23 -16.20 -53.96
N LYS M 114 23.71 -15.08 -53.47
CA LYS M 114 25.08 -15.00 -52.95
C LYS M 114 25.08 -15.51 -51.48
N SER M 115 25.17 -16.84 -51.36
CA SER M 115 25.03 -17.55 -50.10
C SER M 115 26.24 -17.33 -49.22
N SER N 24 6.92 -13.60 -76.68
CA SER N 24 6.22 -14.51 -75.76
C SER N 24 4.74 -14.15 -75.53
N ILE N 25 3.98 -14.24 -76.62
CA ILE N 25 2.52 -14.07 -76.65
C ILE N 25 1.80 -14.61 -75.43
N PRO N 26 0.97 -13.76 -74.79
CA PRO N 26 0.14 -14.14 -73.64
C PRO N 26 -1.16 -14.84 -74.06
N ASP N 27 -1.89 -15.37 -73.09
CA ASP N 27 -3.10 -16.15 -73.35
C ASP N 27 -4.25 -15.35 -73.93
N GLY N 28 -4.68 -15.74 -75.13
CA GLY N 28 -5.89 -15.16 -75.70
C GLY N 28 -5.69 -14.13 -76.79
N PHE N 29 -4.44 -13.72 -77.01
CA PHE N 29 -4.11 -12.73 -78.04
C PHE N 29 -3.72 -13.41 -79.36
N LYS N 30 -4.27 -12.94 -80.47
CA LYS N 30 -3.86 -13.40 -81.79
C LYS N 30 -3.28 -12.24 -82.59
N LYS N 31 -2.20 -12.50 -83.33
CA LYS N 31 -1.51 -11.46 -84.09
C LYS N 31 -2.46 -10.78 -85.07
N CYS N 32 -2.42 -9.45 -85.09
CA CYS N 32 -3.30 -8.68 -85.95
C CYS N 32 -2.87 -8.86 -87.38
N LYS N 33 -3.58 -9.74 -88.09
CA LYS N 33 -3.17 -10.18 -89.42
C LYS N 33 -3.25 -9.08 -90.46
N HIS N 34 -4.47 -8.70 -90.84
CA HIS N 34 -4.67 -7.76 -91.95
C HIS N 34 -4.94 -6.33 -91.51
N LEU N 35 -3.88 -5.53 -91.45
CA LEU N 35 -3.98 -4.16 -90.99
C LEU N 35 -4.59 -3.22 -92.05
N LYS N 36 -5.62 -2.47 -91.64
CA LYS N 36 -6.28 -1.55 -92.57
C LYS N 36 -5.38 -0.35 -92.93
N ASN N 37 -5.82 0.43 -93.91
CA ASN N 37 -4.96 1.44 -94.55
C ASN N 37 -4.91 2.82 -93.87
N PHE N 38 -3.77 3.50 -93.97
CA PHE N 38 -3.57 4.76 -93.28
C PHE N 38 -2.91 5.83 -94.16
N PRO N 39 -3.71 6.55 -94.96
CA PRO N 39 -3.26 7.56 -95.93
C PRO N 39 -2.49 8.76 -95.36
N LEU N 40 -1.16 8.65 -95.32
CA LEU N 40 -0.32 9.71 -94.79
C LEU N 40 0.16 10.70 -95.87
N ASN N 41 1.29 11.38 -95.62
CA ASN N 41 1.82 12.36 -96.56
C ASN N 41 3.30 12.68 -96.36
N LYS N 49 -0.01 25.12 -97.11
CA LYS N 49 -0.72 24.56 -95.96
C LYS N 49 -0.94 23.07 -96.16
N GLN N 50 -0.25 22.27 -95.35
CA GLN N 50 -0.22 20.80 -95.54
C GLN N 50 -1.15 20.11 -94.54
N GLN N 51 -1.16 18.77 -94.54
CA GLN N 51 -2.07 18.03 -93.67
C GLN N 51 -1.50 17.81 -92.27
N GLN N 52 -2.38 17.54 -91.32
CA GLN N 52 -1.98 17.37 -89.91
C GLN N 52 -2.47 16.05 -89.31
N VAL N 53 -1.73 15.53 -88.34
CA VAL N 53 -2.12 14.31 -87.64
C VAL N 53 -2.48 14.60 -86.18
N TRP N 54 -3.68 14.20 -85.78
CA TRP N 54 -4.18 14.49 -84.44
C TRP N 54 -4.39 13.22 -83.63
N LEU N 55 -4.30 13.35 -82.30
CA LEU N 55 -4.74 12.30 -81.38
C LEU N 55 -5.93 12.82 -80.60
N ILE N 56 -6.98 12.02 -80.50
CA ILE N 56 -8.20 12.45 -79.82
C ILE N 56 -8.67 11.39 -78.84
N LYS N 57 -8.94 11.80 -77.61
CA LYS N 57 -9.57 10.94 -76.60
C LYS N 57 -11.09 11.16 -76.54
N PHE N 58 -11.84 10.06 -76.66
CA PHE N 58 -13.29 10.06 -76.51
C PHE N 58 -13.59 9.16 -75.32
N PRO N 59 -14.74 9.38 -74.65
CA PRO N 59 -15.17 8.43 -73.62
C PRO N 59 -15.41 7.07 -74.27
N SER N 60 -15.04 6.00 -73.57
CA SER N 60 -15.09 4.66 -74.13
C SER N 60 -16.50 4.24 -74.54
N ASN N 61 -17.51 4.82 -73.88
CA ASN N 61 -18.91 4.53 -74.15
C ASN N 61 -19.49 5.21 -75.40
N VAL N 62 -18.67 5.99 -76.09
CA VAL N 62 -19.11 6.73 -77.27
C VAL N 62 -18.84 5.97 -78.56
N ASP N 63 -19.90 5.68 -79.31
CA ASP N 63 -19.78 5.12 -80.64
C ASP N 63 -19.25 6.18 -81.57
N ILE N 64 -17.97 6.07 -81.93
CA ILE N 64 -17.32 7.05 -82.77
C ILE N 64 -17.73 6.89 -84.22
N SER N 65 -18.15 5.68 -84.56
CA SER N 65 -18.49 5.34 -85.94
C SER N 65 -19.66 6.14 -86.50
N LYS N 66 -20.36 6.87 -85.65
CA LYS N 66 -21.46 7.68 -86.13
C LYS N 66 -21.46 9.10 -85.58
N LEU N 67 -20.59 9.94 -86.14
CA LEU N 67 -20.55 11.36 -85.82
C LEU N 67 -20.53 12.19 -87.09
N LYS N 68 -20.48 13.51 -86.94
CA LYS N 68 -20.40 14.40 -88.09
C LYS N 68 -19.55 15.62 -87.80
N SER N 69 -19.92 16.38 -86.76
CA SER N 69 -19.23 17.63 -86.43
C SER N 69 -17.97 17.45 -85.59
N LEU N 70 -17.34 18.59 -85.27
CA LEU N 70 -16.09 18.66 -84.54
C LEU N 70 -15.61 20.12 -84.56
N PRO N 71 -15.39 20.72 -83.38
CA PRO N 71 -15.01 22.14 -83.29
C PRO N 71 -13.51 22.38 -83.21
N VAL N 72 -13.10 23.64 -83.38
CA VAL N 72 -11.70 24.09 -83.26
C VAL N 72 -11.47 25.07 -82.08
N THR N 78 -13.40 24.63 -76.50
CA THR N 78 -14.83 24.89 -76.25
C THR N 78 -15.68 23.65 -76.07
N THR N 79 -16.90 23.71 -76.62
CA THR N 79 -17.94 22.76 -76.30
C THR N 79 -18.47 22.05 -77.52
N MET N 80 -18.90 20.81 -77.33
CA MET N 80 -19.57 20.05 -78.37
C MET N 80 -20.55 19.06 -77.75
N THR N 81 -21.56 18.68 -78.53
CA THR N 81 -22.47 17.65 -78.09
C THR N 81 -22.35 16.45 -79.03
N ILE N 82 -22.41 15.25 -78.45
CA ILE N 82 -22.42 14.03 -79.22
C ILE N 82 -23.59 13.19 -78.71
N ASP N 83 -24.49 12.82 -79.63
CA ASP N 83 -25.75 12.13 -79.28
C ASP N 83 -26.55 12.89 -78.24
N LYS N 84 -26.77 14.18 -78.50
CA LYS N 84 -27.55 15.10 -77.65
C LYS N 84 -26.99 15.30 -76.21
N HIS N 85 -26.02 14.50 -75.81
CA HIS N 85 -25.34 14.73 -74.56
C HIS N 85 -24.17 15.68 -74.82
N ASP N 86 -23.87 16.57 -73.89
CA ASP N 86 -22.80 17.55 -74.12
C ASP N 86 -21.45 17.32 -73.39
N TYR N 87 -20.39 17.54 -74.16
CA TYR N 87 -19.03 17.31 -73.73
C TYR N 87 -18.20 18.58 -73.92
N LYS N 88 -16.93 18.50 -73.57
CA LYS N 88 -16.02 19.62 -73.68
C LYS N 88 -14.73 19.15 -74.39
N ILE N 89 -14.28 19.90 -75.39
CA ILE N 89 -13.02 19.60 -76.07
C ILE N 89 -11.88 20.46 -75.53
N MET N 90 -10.82 19.81 -75.07
CA MET N 90 -9.69 20.55 -74.52
C MET N 90 -8.44 20.29 -75.34
N ASP N 91 -7.62 21.33 -75.50
CA ASP N 91 -6.38 21.25 -76.26
C ASP N 91 -5.25 20.83 -75.33
N ASP N 92 -5.14 19.52 -75.12
CA ASP N 92 -4.13 18.99 -74.21
C ASP N 92 -2.80 18.77 -74.91
N THR N 93 -2.51 19.55 -75.93
CA THR N 93 -1.26 19.40 -76.65
C THR N 93 -0.04 19.69 -75.74
N ASP N 94 -0.14 20.68 -74.88
CA ASP N 94 1.00 21.05 -74.01
C ASP N 94 1.30 20.03 -72.89
N ILE N 95 0.47 19.00 -72.80
CA ILE N 95 0.67 17.90 -71.85
C ILE N 95 1.37 16.74 -72.55
N GLU N 96 0.96 16.45 -73.78
CA GLU N 96 1.58 15.39 -74.56
C GLU N 96 2.91 15.85 -75.12
N SER N 97 3.08 17.15 -75.32
CA SER N 97 4.31 17.69 -75.90
C SER N 97 4.58 19.11 -75.46
N SER N 98 5.65 19.71 -75.96
CA SER N 98 5.92 21.12 -75.71
C SER N 98 5.41 22.00 -76.82
N LEU N 99 4.82 23.13 -76.46
CA LEU N 99 4.36 24.09 -77.46
C LEU N 99 5.52 24.96 -77.96
N THR N 100 6.48 25.24 -77.07
CA THR N 100 7.59 26.15 -77.38
C THR N 100 8.83 25.46 -77.97
N GLN N 101 8.98 24.15 -77.75
CA GLN N 101 10.17 23.46 -78.21
C GLN N 101 9.85 22.13 -78.89
N ASP N 102 10.60 21.84 -79.96
CA ASP N 102 10.44 20.60 -80.72
C ASP N 102 11.01 19.34 -80.03
N ASN N 103 10.53 18.17 -80.46
CA ASN N 103 11.06 16.88 -80.05
C ASN N 103 10.79 16.53 -78.57
N LEU N 104 9.82 17.20 -77.98
CA LEU N 104 9.46 16.89 -76.60
C LEU N 104 8.14 16.14 -76.53
N SER N 105 7.90 15.26 -77.49
CA SER N 105 6.65 14.48 -77.56
C SER N 105 6.69 13.15 -76.81
N ASN N 106 5.65 12.91 -76.02
CA ASN N 106 5.51 11.66 -75.28
C ASN N 106 5.23 10.47 -76.19
N MET N 107 4.49 10.70 -77.27
CA MET N 107 3.96 9.61 -78.09
C MET N 107 4.56 9.52 -79.47
N THR N 108 4.67 8.29 -79.95
CA THR N 108 5.19 8.02 -81.27
C THR N 108 4.17 7.17 -82.02
N LEU N 109 3.89 7.53 -83.27
CA LEU N 109 2.86 6.89 -84.05
C LEU N 109 3.39 5.68 -84.80
N LEU N 110 2.62 4.59 -84.81
CA LEU N 110 3.03 3.37 -85.48
C LEU N 110 2.02 2.99 -86.55
N VAL N 111 2.48 2.98 -87.80
CA VAL N 111 1.61 2.72 -88.95
C VAL N 111 1.93 1.36 -89.57
N PRO N 112 0.95 0.78 -90.30
CA PRO N 112 1.21 -0.51 -90.96
C PRO N 112 2.36 -0.45 -91.97
N SER N 113 3.19 -1.48 -91.98
CA SER N 113 4.33 -1.53 -92.90
C SER N 113 3.97 -2.17 -94.24
N GLU N 114 4.98 -2.36 -95.08
CA GLU N 114 4.76 -2.80 -96.47
C GLU N 114 4.41 -4.28 -96.59
N SER N 115 3.43 -4.71 -95.79
CA SER N 115 3.03 -6.11 -95.74
C SER N 115 1.68 -6.20 -95.06
N LYS N 116 1.31 -5.11 -94.40
CA LYS N 116 0.09 -5.04 -93.60
C LYS N 116 0.04 -6.13 -92.53
N GLU N 117 1.20 -6.60 -92.09
CA GLU N 117 1.26 -7.63 -91.05
C GLU N 117 2.13 -7.18 -89.87
N SER N 118 2.55 -5.92 -89.90
CA SER N 118 3.34 -5.36 -88.82
C SER N 118 3.33 -3.84 -88.85
N LEU N 119 4.04 -3.22 -87.92
CA LEU N 119 4.00 -1.76 -87.78
C LEU N 119 5.38 -1.12 -87.85
N LYS N 120 5.44 0.05 -88.45
CA LYS N 120 6.68 0.82 -88.52
C LYS N 120 6.43 2.14 -87.85
N ILE N 121 7.48 2.77 -87.35
CA ILE N 121 7.35 4.11 -86.78
C ILE N 121 7.02 5.09 -87.89
N ALA N 122 5.90 5.79 -87.75
CA ALA N 122 5.45 6.74 -88.77
C ALA N 122 6.38 7.93 -88.87
N SER N 123 6.86 8.20 -90.08
CA SER N 123 7.69 9.37 -90.33
C SER N 123 7.23 10.14 -91.55
N THR N 124 7.68 11.38 -91.66
CA THR N 124 7.24 12.30 -92.70
C THR N 124 8.43 13.13 -93.20
N ALA N 125 9.52 13.09 -92.42
CA ALA N 125 10.65 14.03 -92.57
C ALA N 125 11.65 13.69 -93.68
N LYS N 126 11.45 12.56 -94.36
CA LYS N 126 12.44 12.03 -95.31
C LYS N 126 13.80 12.00 -94.64
N ASP N 127 13.77 11.61 -93.36
CA ASP N 127 14.92 11.63 -92.48
C ASP N 127 14.66 10.54 -91.44
N ASN N 128 13.48 9.93 -91.53
CA ASN N 128 12.99 8.93 -90.59
C ASN N 128 12.76 9.47 -89.18
N ALA N 129 12.85 10.80 -89.06
CA ALA N 129 12.49 11.50 -87.83
C ALA N 129 11.03 11.21 -87.54
N PRO N 130 10.76 10.59 -86.38
CA PRO N 130 9.41 10.12 -86.06
C PRO N 130 8.40 11.26 -86.13
N LEU N 131 7.20 10.95 -86.61
CA LEU N 131 6.12 11.92 -86.62
C LEU N 131 5.77 12.32 -85.20
N GLN N 132 5.49 13.61 -85.01
CA GLN N 132 4.97 14.12 -83.74
C GLN N 132 3.53 14.56 -83.97
N PHE N 133 2.68 14.36 -82.98
CA PHE N 133 1.29 14.77 -83.15
C PHE N 133 1.17 16.28 -83.23
N ASP N 134 0.41 16.75 -84.22
CA ASP N 134 0.24 18.18 -84.43
C ASP N 134 -0.65 18.74 -83.33
N LYS N 135 -1.59 17.93 -82.88
CA LYS N 135 -2.51 18.30 -81.82
C LYS N 135 -3.03 17.08 -81.06
N VAL N 136 -3.28 17.26 -79.77
CA VAL N 136 -3.92 16.23 -78.94
C VAL N 136 -5.18 16.80 -78.29
N PHE N 137 -6.30 16.12 -78.49
CA PHE N 137 -7.57 16.64 -78.01
C PHE N 137 -8.22 15.66 -77.04
N SER N 138 -8.81 16.22 -75.99
CA SER N 138 -9.54 15.41 -75.03
C SER N 138 -11.00 15.80 -75.02
N VAL N 139 -11.84 14.90 -75.53
CA VAL N 139 -13.28 15.05 -75.43
C VAL N 139 -13.75 14.42 -74.14
N SER N 140 -14.17 15.27 -73.20
CA SER N 140 -15.11 14.87 -72.13
C SER N 140 -16.41 15.68 -72.14
N GLU N 141 -17.53 14.97 -72.05
CA GLU N 141 -18.87 15.58 -72.01
C GLU N 141 -19.21 16.26 -70.67
N THR N 142 -20.15 17.21 -70.71
CA THR N 142 -20.11 18.38 -69.85
C THR N 142 -21.47 18.52 -69.17
N ALA N 143 -21.49 19.08 -67.96
CA ALA N 143 -22.75 19.32 -67.26
C ALA N 143 -22.79 20.74 -66.76
N LYS N 144 -23.95 21.37 -66.87
CA LYS N 144 -24.11 22.72 -66.37
C LYS N 144 -24.71 22.67 -64.98
N ILE N 145 -23.92 23.01 -63.97
CA ILE N 145 -24.37 22.94 -62.60
C ILE N 145 -25.12 24.21 -62.22
N PRO N 146 -26.36 24.06 -61.75
CA PRO N 146 -27.26 25.18 -61.45
C PRO N 146 -26.62 26.19 -60.54
N ALA N 147 -26.98 27.46 -60.71
CA ALA N 147 -26.52 28.46 -59.77
C ALA N 147 -27.33 28.33 -58.49
N ILE N 148 -26.71 28.73 -57.40
CA ILE N 148 -27.42 28.72 -56.13
C ILE N 148 -28.47 29.83 -56.17
N ASP N 149 -29.65 29.53 -55.64
CA ASP N 149 -30.70 30.53 -55.49
C ASP N 149 -30.65 31.16 -54.10
N TYR N 150 -29.90 32.24 -53.97
CA TYR N 150 -29.69 32.85 -52.66
C TYR N 150 -30.99 33.42 -52.04
N SER N 151 -32.00 33.67 -52.86
CA SER N 151 -33.29 34.14 -52.35
C SER N 151 -33.97 33.05 -51.56
N LYS N 152 -33.96 31.82 -52.10
CA LYS N 152 -34.62 30.71 -51.43
C LYS N 152 -33.77 30.20 -50.30
N VAL N 153 -32.46 30.41 -50.40
CA VAL N 153 -31.55 29.70 -49.54
C VAL N 153 -30.93 30.52 -48.40
N ARG N 154 -30.66 31.79 -48.63
CA ARG N 154 -30.12 32.67 -47.60
C ARG N 154 -31.27 33.44 -46.94
N VAL N 155 -31.83 32.83 -45.90
CA VAL N 155 -33.01 33.35 -45.23
C VAL N 155 -32.65 33.98 -43.88
N PRO N 156 -33.17 35.17 -43.60
CA PRO N 156 -33.04 35.83 -42.30
C PRO N 156 -33.31 34.89 -41.14
N ARG N 157 -32.66 35.13 -40.00
CA ARG N 157 -32.91 34.32 -38.81
C ARG N 157 -34.27 34.70 -38.26
N LYS N 158 -35.01 33.74 -37.73
CA LYS N 158 -36.28 34.01 -37.04
C LYS N 158 -36.02 33.96 -35.54
N ASP N 159 -36.71 34.80 -34.77
CA ASP N 159 -36.57 34.81 -33.31
C ASP N 159 -37.19 33.56 -32.77
N VAL N 160 -36.86 33.20 -31.53
CA VAL N 160 -37.53 32.08 -30.87
C VAL N 160 -38.94 32.54 -30.60
N PRO N 161 -39.92 31.77 -31.09
CA PRO N 161 -41.34 32.14 -31.12
C PRO N 161 -41.91 32.41 -29.74
N LYS N 162 -42.62 33.53 -29.61
CA LYS N 162 -43.29 33.86 -28.36
C LYS N 162 -44.46 32.91 -28.18
N VAL N 163 -44.65 32.41 -26.96
CA VAL N 163 -45.81 31.57 -26.66
C VAL N 163 -47.01 32.45 -26.43
N GLU N 164 -48.07 32.21 -27.20
CA GLU N 164 -49.24 33.09 -27.21
C GLU N 164 -50.23 32.82 -26.07
N GLY N 165 -50.78 33.89 -25.53
CA GLY N 165 -51.87 33.78 -24.57
C GLY N 165 -51.41 33.44 -23.17
N LEU N 166 -50.40 34.14 -22.70
CA LEU N 166 -49.94 33.92 -21.34
C LEU N 166 -50.64 34.91 -20.38
N LYS N 167 -51.16 34.38 -19.29
CA LYS N 167 -51.85 35.19 -18.29
C LYS N 167 -51.16 35.06 -16.93
N LEU N 168 -51.58 35.91 -15.98
CA LEU N 168 -51.14 35.78 -14.60
C LEU N 168 -51.42 34.38 -14.11
N GLU N 169 -50.43 33.76 -13.47
CA GLU N 169 -50.60 32.43 -12.88
C GLU N 169 -50.09 32.50 -11.44
N HIS N 170 -49.98 33.72 -10.92
CA HIS N 170 -49.58 33.94 -9.53
C HIS N 170 -50.32 35.11 -8.84
N PHE N 171 -50.85 34.85 -7.65
CA PHE N 171 -51.51 35.91 -6.92
C PHE N 171 -51.06 35.94 -5.46
N ALA N 172 -51.17 37.10 -4.83
CA ALA N 172 -50.80 37.23 -3.44
C ALA N 172 -51.72 36.32 -2.62
N THR N 173 -51.22 35.79 -1.51
CA THR N 173 -51.99 34.83 -0.75
C THR N 173 -53.29 35.46 -0.27
N GLY N 174 -54.39 34.79 -0.55
CA GLY N 174 -55.70 35.29 -0.15
C GLY N 174 -56.49 35.80 -1.33
N TYR N 175 -55.95 35.59 -2.53
CA TYR N 175 -56.64 36.00 -3.76
C TYR N 175 -56.44 34.96 -4.83
N ASP N 176 -57.27 35.01 -5.85
CA ASP N 176 -57.19 34.04 -6.91
C ASP N 176 -57.48 34.70 -8.25
N ALA N 177 -57.42 33.91 -9.31
CA ALA N 177 -57.60 34.41 -10.67
C ALA N 177 -58.80 35.36 -10.88
N GLU N 178 -60.00 34.94 -10.49
CA GLU N 178 -61.19 35.76 -10.76
C GLU N 178 -61.42 36.93 -9.79
N ASP N 179 -60.36 37.28 -9.04
CA ASP N 179 -60.31 38.53 -8.29
C ASP N 179 -59.56 39.59 -9.11
N PHE N 180 -59.37 39.29 -10.40
CA PHE N 180 -58.60 40.10 -11.32
C PHE N 180 -59.17 40.03 -12.75
N SER O 48 22.05 -48.74 49.46
CA SER O 48 21.26 -47.51 49.49
C SER O 48 21.88 -46.52 50.47
N ALA O 49 21.47 -46.59 51.73
CA ALA O 49 21.94 -45.65 52.74
C ALA O 49 23.40 -45.23 52.52
N ALA O 50 24.28 -46.23 52.46
CA ALA O 50 25.70 -45.98 52.27
C ALA O 50 26.09 -45.93 50.80
N MET O 51 25.27 -46.57 49.96
CA MET O 51 25.49 -46.46 48.52
C MET O 51 25.34 -45.01 48.07
N TYR O 52 24.27 -44.36 48.53
CA TYR O 52 24.04 -42.97 48.17
C TYR O 52 25.16 -42.08 48.72
N SER O 53 25.57 -42.32 49.96
CA SER O 53 26.69 -41.57 50.54
C SER O 53 27.90 -41.62 49.63
N ARG O 54 28.07 -42.75 48.95
CA ARG O 54 29.13 -42.93 47.96
C ARG O 54 28.80 -42.11 46.71
N PHE O 55 27.60 -42.33 46.18
CA PHE O 55 27.16 -41.63 44.97
C PHE O 55 27.50 -40.12 45.00
N VAL O 56 27.17 -39.47 46.10
CA VAL O 56 27.42 -38.03 46.21
C VAL O 56 28.91 -37.77 46.38
N LYS O 57 29.54 -38.53 47.27
CA LYS O 57 30.97 -38.36 47.57
C LYS O 57 31.77 -38.50 46.30
N SER O 58 31.31 -39.40 45.43
CA SER O 58 31.86 -39.53 44.08
C SER O 58 31.57 -38.27 43.29
N ALA O 59 30.30 -37.89 43.25
CA ALA O 59 29.85 -36.70 42.51
C ALA O 59 30.72 -35.48 42.80
N LEU O 60 31.07 -35.30 44.07
CA LEU O 60 31.90 -34.17 44.48
C LEU O 60 33.35 -34.30 43.98
N ASP O 61 33.91 -35.50 44.10
CA ASP O 61 35.22 -35.77 43.50
C ASP O 61 35.13 -35.43 42.01
N ASP O 62 34.13 -35.99 41.34
CA ASP O 62 33.89 -35.74 39.94
C ASP O 62 33.72 -34.26 39.62
N LEU O 63 33.32 -33.47 40.62
CA LEU O 63 33.12 -32.05 40.42
C LEU O 63 34.46 -31.31 40.52
N ASP O 64 35.34 -31.79 41.40
CA ASP O 64 36.69 -31.24 41.51
C ASP O 64 37.45 -31.49 40.20
N LYS O 65 36.92 -32.42 39.40
CA LYS O 65 37.49 -32.75 38.11
C LYS O 65 36.70 -32.09 36.98
N ASN O 66 35.55 -31.51 37.32
CA ASN O 66 34.77 -30.68 36.40
C ASN O 66 33.80 -31.45 35.51
N ASP O 67 33.66 -32.75 35.75
CA ASP O 67 32.80 -33.57 34.90
C ASP O 67 31.35 -33.09 35.06
N SER O 68 30.98 -32.79 36.31
CA SER O 68 29.73 -32.05 36.59
C SER O 68 28.46 -32.85 36.26
N THR O 69 28.60 -34.01 35.66
CA THR O 69 27.45 -34.83 35.29
C THR O 69 26.73 -35.38 36.51
N GLN O 70 27.48 -36.04 37.38
CA GLN O 70 26.90 -36.67 38.56
C GLN O 70 26.09 -35.69 39.41
N ILE O 71 26.71 -34.57 39.75
CA ILE O 71 25.99 -33.51 40.45
C ILE O 71 24.68 -33.17 39.76
N GLY O 72 24.78 -32.74 38.50
CA GLY O 72 23.61 -32.36 37.73
C GLY O 72 22.50 -33.40 37.77
N ILE O 73 22.90 -34.66 37.80
CA ILE O 73 21.93 -35.74 37.88
C ILE O 73 21.18 -35.62 39.20
N ILE O 74 21.95 -35.35 40.25
CA ILE O 74 21.42 -35.16 41.60
C ILE O 74 20.54 -33.92 41.65
N ALA O 75 21.08 -32.79 41.20
CA ALA O 75 20.34 -31.54 41.22
C ALA O 75 18.99 -31.72 40.56
N ASN O 76 19.02 -32.12 39.29
CA ASN O 76 17.79 -32.41 38.55
C ASN O 76 16.82 -33.27 39.36
N GLN O 77 17.37 -34.16 40.18
CA GLN O 77 16.54 -35.07 40.96
C GLN O 77 15.87 -34.34 42.12
N VAL O 78 16.53 -33.31 42.63
CA VAL O 78 15.96 -32.56 43.75
C VAL O 78 15.05 -31.44 43.27
N ALA O 79 15.27 -30.99 42.05
CA ALA O 79 14.52 -29.87 41.47
C ALA O 79 13.08 -30.24 41.10
N LEU O 80 12.82 -31.54 40.94
CA LEU O 80 11.48 -32.03 40.60
C LEU O 80 10.39 -31.45 41.49
N PRO O 81 9.16 -31.40 40.98
CA PRO O 81 7.98 -30.85 41.68
C PRO O 81 7.50 -31.73 42.84
N SER O 82 6.98 -31.08 43.87
CA SER O 82 6.38 -31.76 45.03
C SER O 82 5.48 -32.94 44.67
N LYS O 83 5.00 -32.99 43.43
CA LYS O 83 4.05 -34.01 42.99
C LYS O 83 4.73 -35.28 42.44
N ASN O 84 5.76 -35.10 41.63
CA ASN O 84 6.43 -36.21 40.97
C ASN O 84 7.05 -37.17 41.97
N PRO O 85 6.60 -38.44 41.95
CA PRO O 85 7.11 -39.50 42.83
C PRO O 85 8.63 -39.67 42.72
N GLU O 86 9.18 -39.32 41.56
CA GLU O 86 10.59 -39.55 41.28
C GLU O 86 11.55 -38.50 41.83
N ARG O 87 11.00 -37.54 42.57
CA ARG O 87 11.82 -36.53 43.25
C ARG O 87 12.55 -37.18 44.40
N ILE O 88 13.81 -36.81 44.58
CA ILE O 88 14.63 -37.34 45.66
C ILE O 88 13.85 -37.45 46.97
N ASN O 89 13.88 -38.63 47.57
CA ASN O 89 13.19 -38.90 48.83
C ASN O 89 13.92 -38.38 50.07
N ASP O 90 13.18 -38.28 51.17
CA ASP O 90 13.74 -37.74 52.43
C ASP O 90 15.09 -38.32 52.81
N LYS O 91 15.14 -39.64 53.01
CA LYS O 91 16.36 -40.27 53.53
C LYS O 91 17.59 -39.93 52.70
N ASN O 92 17.51 -40.09 51.39
CA ASN O 92 18.63 -39.70 50.52
C ASN O 92 18.92 -38.20 50.61
N LEU O 93 17.87 -37.39 50.68
CA LEU O 93 18.04 -35.96 50.83
C LEU O 93 18.72 -35.61 52.16
N ASN O 94 18.34 -36.31 53.23
CA ASN O 94 19.04 -36.16 54.52
C ASN O 94 20.54 -36.29 54.30
N ILE O 95 20.91 -37.28 53.49
CA ILE O 95 22.31 -37.59 53.25
C ILE O 95 22.95 -36.48 52.44
N LEU O 96 22.44 -36.25 51.24
CA LEU O 96 22.94 -35.20 50.38
C LEU O 96 23.17 -33.90 51.17
N LEU O 97 22.21 -33.54 52.00
CA LEU O 97 22.27 -32.28 52.71
C LEU O 97 23.41 -32.26 53.73
N ASP O 98 23.44 -33.24 54.62
CA ASP O 98 24.44 -33.29 55.68
C ASP O 98 25.86 -33.38 55.14
N ILE O 99 26.02 -34.00 53.97
CA ILE O 99 27.32 -34.03 53.31
C ILE O 99 27.73 -32.67 52.75
N LEU O 100 26.80 -31.99 52.09
CA LEU O 100 27.05 -30.67 51.54
C LEU O 100 27.34 -29.63 52.65
N SER O 101 26.58 -29.67 53.74
CA SER O 101 26.76 -28.74 54.85
C SER O 101 28.16 -28.88 55.45
N SER O 102 28.68 -30.11 55.47
CA SER O 102 29.91 -30.40 56.19
C SER O 102 31.15 -29.73 55.57
N ASN O 103 31.09 -29.49 54.27
CA ASN O 103 32.13 -28.69 53.61
C ASN O 103 31.57 -27.88 52.44
N ILE O 104 30.87 -26.80 52.78
CA ILE O 104 30.17 -26.00 51.78
C ILE O 104 31.12 -25.40 50.75
N ASN O 105 32.40 -25.24 51.13
CA ASN O 105 33.38 -24.62 50.24
C ASN O 105 33.67 -25.45 49.01
N ARG O 106 33.37 -26.74 49.09
CA ARG O 106 33.56 -27.64 47.96
C ARG O 106 32.66 -27.24 46.80
N ILE O 107 31.58 -26.53 47.12
CA ILE O 107 30.55 -26.23 46.13
C ILE O 107 30.59 -24.79 45.62
N GLU O 108 31.28 -23.89 46.33
CA GLU O 108 31.26 -22.48 45.96
C GLU O 108 32.00 -22.20 44.65
N SER O 109 31.50 -22.79 43.57
CA SER O 109 32.12 -22.68 42.26
C SER O 109 31.05 -22.56 41.19
N SER O 110 31.45 -22.10 40.01
CA SER O 110 30.54 -22.00 38.88
C SER O 110 29.90 -23.35 38.59
N ARG O 111 30.65 -24.43 38.80
CA ARG O 111 30.14 -25.77 38.55
C ARG O 111 29.07 -26.12 39.58
N GLY O 112 29.17 -25.49 40.75
CA GLY O 112 28.31 -25.81 41.88
C GLY O 112 27.01 -25.05 41.90
N THR O 113 26.99 -23.94 41.17
CA THR O 113 25.81 -23.07 41.09
C THR O 113 24.49 -23.82 40.90
N PHE O 114 24.40 -24.63 39.85
CA PHE O 114 23.15 -25.29 39.50
C PHE O 114 22.59 -26.13 40.64
N LEU O 115 23.47 -26.86 41.32
CA LEU O 115 23.06 -27.70 42.44
C LEU O 115 22.39 -26.87 43.52
N ILE O 116 23.05 -25.77 43.87
CA ILE O 116 22.59 -24.87 44.91
C ILE O 116 21.23 -24.27 44.57
N GLN O 117 21.14 -23.78 43.34
CA GLN O 117 19.90 -23.19 42.83
C GLN O 117 18.75 -24.18 42.97
N SER O 118 19.05 -25.44 42.73
CA SER O 118 18.06 -26.51 42.78
C SER O 118 17.57 -26.80 44.20
N ILE O 119 18.40 -26.53 45.20
CA ILE O 119 18.01 -26.77 46.58
C ILE O 119 17.26 -25.56 47.18
N ILE O 120 17.64 -24.36 46.77
CA ILE O 120 16.91 -23.17 47.19
C ILE O 120 15.50 -23.24 46.61
N ASN O 121 15.39 -23.77 45.40
CA ASN O 121 14.12 -23.88 44.70
C ASN O 121 13.38 -25.20 44.95
N PHE O 122 13.66 -25.82 46.10
CA PHE O 122 13.00 -27.06 46.49
C PHE O 122 11.55 -26.78 46.92
N GLU O 123 10.60 -27.30 46.17
CA GLU O 123 9.17 -27.04 46.41
C GLU O 123 8.68 -27.39 47.81
N LYS O 124 7.92 -26.48 48.38
CA LYS O 124 7.29 -26.74 49.67
C LYS O 124 8.26 -27.36 50.67
N TRP O 125 9.45 -26.77 50.80
CA TRP O 125 10.41 -27.29 51.77
C TRP O 125 9.87 -27.19 53.20
N TRP O 126 9.14 -26.12 53.50
CA TRP O 126 8.55 -25.98 54.82
C TRP O 126 7.64 -27.16 55.11
N GLU O 127 7.35 -27.94 54.08
CA GLU O 127 6.46 -29.09 54.26
C GLU O 127 7.22 -30.38 54.55
N LEU O 128 8.55 -30.33 54.55
CA LEU O 128 9.38 -31.52 54.80
C LEU O 128 9.16 -32.04 56.21
N PRO O 129 9.39 -33.34 56.42
CA PRO O 129 9.26 -33.99 57.73
C PRO O 129 10.23 -33.36 58.73
N PRO O 130 9.86 -33.29 60.01
CA PRO O 130 10.72 -32.66 61.03
C PRO O 130 12.21 -32.84 60.74
N HIS O 131 12.73 -34.03 61.01
CA HIS O 131 14.17 -34.31 60.90
C HIS O 131 14.81 -33.84 59.59
N THR O 132 14.13 -34.10 58.47
CA THR O 132 14.64 -33.69 57.17
C THR O 132 14.54 -32.19 56.99
N LEU O 133 13.43 -31.62 57.45
CA LEU O 133 13.24 -30.18 57.38
C LEU O 133 14.40 -29.51 58.08
N SER O 134 14.81 -30.10 59.20
CA SER O 134 15.87 -29.54 60.02
C SER O 134 17.20 -29.51 59.28
N LYS O 135 17.43 -30.51 58.44
CA LYS O 135 18.67 -30.60 57.71
C LYS O 135 18.68 -29.58 56.59
N TYR O 136 17.52 -29.36 55.99
CA TYR O 136 17.38 -28.34 54.95
C TYR O 136 17.67 -26.95 55.52
N ILE O 137 17.07 -26.66 56.66
CA ILE O 137 17.29 -25.39 57.34
C ILE O 137 18.77 -25.18 57.67
N TYR O 138 19.38 -26.17 58.33
CA TYR O 138 20.81 -26.10 58.67
C TYR O 138 21.65 -25.88 57.42
N PHE O 139 21.27 -26.50 56.32
CA PHE O 139 22.01 -26.31 55.08
C PHE O 139 21.91 -24.86 54.63
N ILE O 140 20.68 -24.35 54.52
CA ILE O 140 20.48 -22.97 54.09
C ILE O 140 21.26 -22.05 55.02
N LYS O 141 21.06 -22.21 56.32
CA LYS O 141 21.85 -21.45 57.31
C LYS O 141 23.34 -21.44 56.92
N ILE O 142 23.92 -22.64 56.83
CA ILE O 142 25.33 -22.80 56.43
C ILE O 142 25.68 -22.09 55.12
N LEU O 143 24.86 -22.29 54.09
CA LEU O 143 25.08 -21.69 52.76
C LEU O 143 25.19 -20.16 52.76
N CYS O 144 24.17 -19.48 53.30
CA CYS O 144 24.13 -18.04 53.24
C CYS O 144 25.16 -17.39 54.18
N SER O 145 25.77 -18.21 55.03
CA SER O 145 26.80 -17.69 55.94
C SER O 145 28.16 -17.62 55.26
N SER O 146 28.45 -18.59 54.41
CA SER O 146 29.75 -18.65 53.76
C SER O 146 29.64 -17.96 52.42
N ILE O 147 28.40 -17.72 52.02
CA ILE O 147 28.11 -17.08 50.74
C ILE O 147 26.84 -16.24 50.88
N PRO O 148 26.99 -14.98 51.31
CA PRO O 148 25.89 -14.04 51.50
C PRO O 148 25.06 -13.83 50.23
N LYS O 149 25.69 -14.01 49.07
CA LYS O 149 25.02 -13.82 47.78
C LYS O 149 23.67 -14.53 47.65
N TRP O 150 23.56 -15.74 48.20
CA TRP O 150 22.35 -16.55 48.06
C TRP O 150 21.20 -16.10 48.97
N TRP O 151 21.51 -15.28 49.96
CA TRP O 151 20.47 -14.77 50.87
C TRP O 151 19.41 -14.01 50.10
N GLN O 152 19.83 -13.37 49.00
CA GLN O 152 18.90 -12.65 48.15
C GLN O 152 17.85 -13.60 47.58
N ASP O 153 18.29 -14.77 47.12
CA ASP O 153 17.40 -15.74 46.49
C ASP O 153 16.52 -16.44 47.53
N VAL O 154 17.09 -16.72 48.69
CA VAL O 154 16.38 -17.46 49.73
C VAL O 154 15.25 -16.64 50.33
N SER O 155 15.54 -15.37 50.62
CA SER O 155 14.56 -14.50 51.27
C SER O 155 13.38 -14.17 50.36
N MET O 156 13.65 -13.93 49.08
CA MET O 156 12.58 -13.71 48.13
C MET O 156 11.52 -14.79 48.23
N ILE O 157 11.94 -16.05 48.14
CA ILE O 157 11.03 -17.19 48.25
C ILE O 157 10.35 -17.18 49.60
N LEU O 158 11.08 -16.75 50.62
CA LEU O 158 10.54 -16.67 51.97
C LEU O 158 9.38 -15.70 52.00
N VAL O 159 9.64 -14.47 51.60
CA VAL O 159 8.59 -13.45 51.62
C VAL O 159 7.38 -13.94 50.86
N SER O 160 7.59 -14.50 49.68
CA SER O 160 6.47 -14.96 48.87
C SER O 160 5.61 -15.98 49.62
N CYS O 161 6.16 -16.57 50.67
CA CYS O 161 5.44 -17.59 51.42
C CYS O 161 4.57 -16.94 52.47
N PHE O 162 4.64 -15.61 52.52
CA PHE O 162 3.82 -14.84 53.46
C PHE O 162 2.33 -14.97 53.18
N ILE O 163 1.97 -15.46 51.99
CA ILE O 163 0.56 -15.74 51.67
C ILE O 163 0.05 -16.95 52.44
N LEU O 164 0.97 -17.73 53.01
CA LEU O 164 0.64 -18.89 53.83
C LEU O 164 0.30 -18.50 55.26
N PRO O 165 -0.59 -19.27 55.91
CA PRO O 165 -1.02 -19.05 57.30
C PRO O 165 0.14 -18.98 58.30
N ILE O 166 -0.10 -18.31 59.42
CA ILE O 166 0.89 -18.12 60.47
C ILE O 166 1.50 -19.42 60.95
N LYS O 167 0.67 -20.42 61.21
CA LYS O 167 1.15 -21.70 61.71
C LYS O 167 2.18 -22.34 60.79
N GLN O 168 2.08 -22.06 59.50
CA GLN O 168 2.95 -22.68 58.51
C GLN O 168 4.20 -21.84 58.17
N THR O 169 4.38 -20.70 58.83
CA THR O 169 5.51 -19.82 58.48
C THR O 169 6.66 -19.77 59.50
N VAL O 170 6.44 -20.29 60.70
CA VAL O 170 7.46 -20.20 61.75
C VAL O 170 8.87 -20.31 61.19
N CYS O 171 9.13 -21.36 60.42
CA CYS O 171 10.46 -21.58 59.84
C CYS O 171 10.92 -20.40 58.98
N HIS O 172 9.99 -19.80 58.23
CA HIS O 172 10.33 -18.69 57.35
C HIS O 172 10.76 -17.45 58.16
N HIS O 173 10.01 -17.14 59.21
CA HIS O 173 10.34 -16.03 60.08
C HIS O 173 11.61 -16.29 60.85
N ASP O 174 11.75 -17.52 61.37
CA ASP O 174 12.94 -17.90 62.11
C ASP O 174 14.16 -17.58 61.28
N MET O 175 14.07 -17.90 59.99
CA MET O 175 15.17 -17.68 59.05
C MET O 175 15.35 -16.21 58.72
N LEU O 176 14.25 -15.47 58.55
CA LEU O 176 14.33 -14.04 58.27
C LEU O 176 14.95 -13.32 59.46
N LYS O 177 14.48 -13.64 60.66
CA LYS O 177 15.02 -13.05 61.88
C LYS O 177 16.52 -13.29 61.92
N TYR O 178 16.92 -14.54 61.72
CA TYR O 178 18.34 -14.89 61.76
C TYR O 178 19.17 -14.03 60.83
N PHE O 179 18.85 -14.04 59.54
CA PHE O 179 19.73 -13.38 58.56
C PHE O 179 19.57 -11.86 58.46
N LEU O 180 18.45 -11.33 58.95
CA LEU O 180 18.35 -9.88 59.01
C LEU O 180 19.39 -9.38 59.99
N ARG O 181 19.58 -10.15 61.06
CA ARG O 181 20.52 -9.83 62.12
C ARG O 181 21.96 -9.88 61.63
N MET O 182 22.30 -10.96 60.93
CA MET O 182 23.68 -11.21 60.52
C MET O 182 24.05 -10.50 59.23
N ILE O 183 23.02 -10.07 58.49
CA ILE O 183 23.20 -9.37 57.22
C ILE O 183 22.21 -8.20 57.16
N PRO O 184 22.45 -7.16 57.97
CA PRO O 184 21.49 -6.07 58.15
C PRO O 184 21.31 -5.30 56.84
N SER O 185 22.31 -5.40 55.98
CA SER O 185 22.28 -4.71 54.69
C SER O 185 21.19 -5.28 53.77
N SER O 186 20.69 -6.45 54.10
CA SER O 186 19.70 -7.09 53.24
C SER O 186 18.36 -6.36 53.30
N MET O 187 18.07 -5.74 54.43
CA MET O 187 16.79 -5.04 54.64
C MET O 187 16.29 -4.27 53.42
N GLY O 188 17.23 -3.84 52.57
CA GLY O 188 16.91 -3.11 51.36
C GLY O 188 16.04 -3.89 50.39
N PHE O 189 16.62 -4.88 49.73
CA PHE O 189 15.90 -5.61 48.69
C PHE O 189 14.75 -6.42 49.27
N ILE O 190 14.92 -6.90 50.49
CA ILE O 190 13.89 -7.69 51.13
C ILE O 190 12.66 -6.84 51.49
N ASP O 191 12.88 -5.54 51.70
CA ASP O 191 11.78 -4.61 51.83
C ASP O 191 10.97 -4.51 50.53
N THR O 192 11.66 -4.38 49.42
CA THR O 192 10.99 -4.36 48.12
C THR O 192 10.20 -5.65 47.89
N TYR O 193 10.67 -6.76 48.45
CA TYR O 193 9.93 -8.01 48.37
C TYR O 193 8.58 -7.85 49.05
N LEU O 194 8.59 -7.23 50.22
CA LEU O 194 7.35 -6.90 50.93
C LEU O 194 6.35 -6.24 49.97
N ALA O 195 6.86 -5.36 49.11
CA ALA O 195 6.03 -4.73 48.09
C ALA O 195 5.61 -5.75 47.04
N LYS O 196 6.59 -6.24 46.30
CA LYS O 196 6.37 -7.17 45.20
C LYS O 196 5.30 -8.22 45.45
N PHE O 197 5.34 -8.86 46.61
CA PHE O 197 4.54 -10.06 46.79
C PHE O 197 3.23 -9.85 47.53
N PHE O 198 2.89 -8.61 47.83
CA PHE O 198 1.58 -8.33 48.40
C PHE O 198 0.47 -8.85 47.47
N PRO O 199 -0.43 -9.68 48.01
CA PRO O 199 -1.55 -10.19 47.23
C PRO O 199 -2.34 -9.05 46.63
N ASN O 200 -2.90 -9.25 45.43
CA ASN O 200 -3.74 -8.23 44.85
C ASN O 200 -5.12 -8.20 45.53
N LYS O 201 -5.84 -7.11 45.31
CA LYS O 201 -7.14 -6.91 45.90
C LYS O 201 -8.11 -7.99 45.41
N ASN O 202 -7.92 -8.42 44.16
CA ASN O 202 -8.76 -9.46 43.57
C ASN O 202 -8.46 -10.82 44.17
N ASP O 203 -7.19 -11.03 44.51
CA ASP O 203 -6.74 -12.33 45.01
C ASP O 203 -7.51 -12.76 46.26
N THR O 204 -7.39 -14.03 46.63
CA THR O 204 -8.21 -14.58 47.70
C THR O 204 -8.05 -13.83 49.03
N ARG O 205 -9.14 -13.70 49.77
CA ARG O 205 -9.10 -13.00 51.05
C ARG O 205 -8.10 -13.66 52.01
N ARG O 206 -8.10 -14.99 52.03
CA ARG O 206 -7.18 -15.72 52.89
C ARG O 206 -5.73 -15.37 52.56
N LYS O 207 -5.44 -15.17 51.27
CA LYS O 207 -4.13 -14.69 50.86
C LYS O 207 -3.85 -13.32 51.45
N LEU O 208 -4.77 -12.38 51.26
CA LEU O 208 -4.60 -11.01 51.78
C LEU O 208 -4.46 -11.03 53.29
N VAL O 209 -5.41 -11.66 53.97
CA VAL O 209 -5.44 -11.66 55.43
C VAL O 209 -4.18 -12.29 56.02
N ASN O 210 -3.67 -13.30 55.33
CA ASN O 210 -2.43 -13.95 55.75
C ASN O 210 -1.24 -13.02 55.57
N TYR O 211 -1.11 -12.48 54.37
CA TYR O 211 0.05 -11.68 54.04
C TYR O 211 0.14 -10.41 54.92
N THR O 212 -0.92 -10.10 55.67
CA THR O 212 -0.83 -8.97 56.58
C THR O 212 -0.52 -9.51 57.97
N SER O 213 -1.11 -10.65 58.29
CA SER O 213 -0.78 -11.30 59.55
C SER O 213 0.74 -11.49 59.70
N ASN O 214 1.41 -11.89 58.61
CA ASN O 214 2.85 -12.11 58.61
C ASN O 214 3.63 -10.81 58.73
N LEU O 215 3.21 -9.82 57.96
CA LEU O 215 3.87 -8.51 57.99
C LEU O 215 3.85 -7.93 59.40
N LEU O 216 2.75 -8.15 60.11
CA LEU O 216 2.68 -7.71 61.50
C LEU O 216 3.68 -8.49 62.34
N LYS O 217 3.77 -9.80 62.11
CA LYS O 217 4.71 -10.63 62.83
C LYS O 217 6.13 -10.19 62.55
N LEU O 218 6.40 -9.90 61.28
CA LEU O 218 7.73 -9.45 60.87
C LEU O 218 8.08 -8.17 61.61
N ARG O 219 7.11 -7.25 61.64
CA ARG O 219 7.30 -5.96 62.31
C ARG O 219 7.86 -6.13 63.71
N GLY O 220 7.48 -7.20 64.37
CA GLY O 220 7.80 -7.44 65.77
C GLY O 220 9.18 -8.00 66.08
N TYR O 221 10.06 -8.03 65.08
CA TYR O 221 11.43 -8.46 65.29
C TYR O 221 12.40 -7.74 64.34
N CYS O 222 11.83 -6.98 63.41
CA CYS O 222 12.64 -6.12 62.56
C CYS O 222 12.00 -4.74 62.51
N SER O 223 12.22 -3.98 63.57
CA SER O 223 11.51 -2.73 63.81
C SER O 223 11.86 -1.75 62.70
N GLU O 224 13.11 -1.79 62.26
CA GLU O 224 13.65 -0.76 61.39
C GLU O 224 12.85 -0.73 60.10
N LEU O 225 12.48 -1.91 59.60
CA LEU O 225 11.47 -1.97 58.53
C LEU O 225 10.07 -1.47 58.93
N GLY O 226 9.82 -1.31 60.23
CA GLY O 226 8.52 -0.94 60.76
C GLY O 226 7.72 0.13 60.02
N PHE O 227 8.35 1.24 59.66
CA PHE O 227 7.64 2.32 59.00
C PHE O 227 7.22 1.88 57.61
N GLN O 228 8.17 1.36 56.84
CA GLN O 228 7.93 0.92 55.47
C GLN O 228 6.78 -0.09 55.44
N ILE O 229 6.80 -1.00 56.40
CA ILE O 229 5.71 -1.94 56.57
C ILE O 229 4.38 -1.19 56.75
N TRP O 230 4.28 -0.41 57.80
CA TRP O 230 3.05 0.32 58.05
C TRP O 230 2.64 1.15 56.84
N SER O 231 3.61 1.68 56.11
CA SER O 231 3.31 2.42 54.89
C SER O 231 2.67 1.53 53.83
N LEU O 232 3.10 0.28 53.79
CA LEU O 232 2.62 -0.66 52.79
C LEU O 232 1.17 -1.04 53.12
N LEU O 233 0.94 -1.47 54.35
CA LEU O 233 -0.40 -1.80 54.80
C LEU O 233 -1.38 -0.66 54.56
N ILE O 234 -1.01 0.55 54.99
CA ILE O 234 -1.84 1.74 54.82
C ILE O 234 -2.09 1.98 53.34
N GLU O 235 -1.03 2.11 52.55
CA GLU O 235 -1.17 2.30 51.10
C GLU O 235 -2.13 1.28 50.47
N LYS O 236 -2.19 0.08 51.04
CA LYS O 236 -3.35 -0.80 50.87
C LYS O 236 -4.66 -0.17 51.38
N ILE O 237 -4.55 0.56 52.48
CA ILE O 237 -5.05 1.96 52.54
C ILE O 237 -5.99 2.35 51.38
N ILE O 238 -5.42 2.59 50.21
CA ILE O 238 -6.18 3.03 49.05
C ILE O 238 -7.23 2.01 48.59
N SER O 239 -6.87 0.72 48.63
CA SER O 239 -7.82 -0.35 48.33
C SER O 239 -8.98 -0.41 49.32
N ILE O 240 -8.67 -0.17 50.58
CA ILE O 240 -9.69 -0.03 51.61
C ILE O 240 -10.61 1.16 51.33
N ASP O 241 -10.04 2.26 50.87
CA ASP O 241 -10.82 3.42 50.44
C ASP O 241 -11.73 3.06 49.27
N VAL O 242 -11.20 2.24 48.36
CA VAL O 242 -11.93 1.71 47.22
C VAL O 242 -13.14 0.87 47.64
N GLU O 243 -12.99 0.12 48.71
CA GLU O 243 -13.86 -1.06 48.95
C GLU O 243 -15.35 -0.68 49.03
N LEU O 244 -15.65 0.47 49.63
CA LEU O 244 -16.64 0.61 50.70
C LEU O 244 -17.43 1.90 50.55
N GLN O 245 -16.74 3.00 50.24
CA GLN O 245 -17.44 4.26 50.03
C GLN O 245 -18.40 4.14 48.86
N ASN O 246 -17.88 3.95 47.65
CA ASN O 246 -18.74 3.78 46.48
C ASN O 246 -19.97 2.93 46.76
N GLU O 247 -19.75 1.77 47.36
CA GLU O 247 -20.86 0.88 47.72
C GLU O 247 -21.79 1.52 48.74
N LEU O 248 -21.34 2.60 49.37
CA LEU O 248 -22.15 3.27 50.39
C LEU O 248 -22.88 4.50 49.85
N GLY O 324 -20.83 -8.30 44.04
CA GLY O 324 -19.44 -8.53 44.40
C GLY O 324 -19.23 -7.79 45.70
N ILE O 325 -19.39 -6.47 45.69
CA ILE O 325 -19.47 -5.61 46.88
C ILE O 325 -19.59 -6.33 48.23
N LYS O 326 -20.45 -7.35 48.31
CA LYS O 326 -20.49 -8.20 49.51
C LYS O 326 -19.11 -8.79 49.83
N GLU O 327 -18.29 -8.95 48.80
CA GLU O 327 -16.94 -9.49 48.95
C GLU O 327 -16.06 -8.49 49.68
N LEU O 328 -15.87 -7.32 49.06
CA LEU O 328 -14.99 -6.30 49.60
C LEU O 328 -15.34 -5.98 51.04
N SER O 329 -16.63 -5.95 51.35
CA SER O 329 -17.07 -5.80 52.73
C SER O 329 -16.32 -6.74 53.67
N THR O 330 -16.55 -8.04 53.53
CA THR O 330 -15.94 -9.03 54.41
C THR O 330 -14.42 -9.11 54.28
N LYS O 331 -13.89 -8.74 53.10
CA LYS O 331 -12.45 -8.59 52.93
C LYS O 331 -11.95 -7.47 53.84
N LEU O 332 -12.22 -6.25 53.40
CA LEU O 332 -11.88 -5.05 54.13
C LEU O 332 -12.22 -5.17 55.61
N ASP O 333 -13.33 -5.85 55.92
CA ASP O 333 -13.70 -6.16 57.30
C ASP O 333 -12.76 -7.10 58.06
N SER O 334 -12.31 -8.17 57.39
CA SER O 334 -11.33 -9.09 57.96
C SER O 334 -9.96 -8.44 58.14
N ILE O 335 -9.58 -7.58 57.19
CA ILE O 335 -8.30 -6.91 57.26
C ILE O 335 -8.22 -5.89 58.40
N LEU O 336 -9.18 -4.97 58.46
CA LEU O 336 -9.16 -3.92 59.50
C LEU O 336 -9.26 -4.50 60.90
N THR O 337 -10.17 -5.44 61.10
CA THR O 337 -10.34 -6.01 62.43
C THR O 337 -9.02 -6.61 62.87
N LEU O 338 -8.31 -7.24 61.96
CA LEU O 338 -6.97 -7.73 62.25
C LEU O 338 -6.04 -6.57 62.65
N VAL O 339 -5.77 -5.68 61.71
CA VAL O 339 -4.89 -4.55 61.95
C VAL O 339 -5.12 -3.91 63.31
N SER O 340 -6.35 -3.53 63.59
CA SER O 340 -6.66 -2.84 64.83
C SER O 340 -6.44 -3.67 66.10
N THR O 341 -6.61 -4.99 66.02
CA THR O 341 -6.42 -5.80 67.22
C THR O 341 -4.92 -5.96 67.49
N HIS O 342 -4.14 -6.03 66.41
CA HIS O 342 -2.70 -6.09 66.53
C HIS O 342 -2.18 -4.78 67.13
N VAL O 343 -2.83 -3.69 66.77
CA VAL O 343 -2.46 -2.38 67.27
C VAL O 343 -2.90 -2.19 68.72
N GLU O 344 -4.05 -2.75 69.07
CA GLU O 344 -4.51 -2.71 70.46
C GLU O 344 -3.50 -3.37 71.37
N GLU O 345 -2.84 -4.40 70.84
CA GLU O 345 -1.79 -5.13 71.56
C GLU O 345 -0.46 -4.40 71.55
N GLN O 346 -0.10 -3.86 70.38
CA GLN O 346 1.14 -3.10 70.20
C GLN O 346 1.18 -1.80 71.04
N VAL O 347 0.00 -1.21 71.27
CA VAL O 347 -0.06 0.05 71.99
C VAL O 347 -0.66 -0.13 73.37
N THR O 348 0.13 0.10 74.40
CA THR O 348 -0.32 -0.13 75.77
C THR O 348 0.55 0.69 76.68
N PRO O 349 0.06 1.08 77.87
CA PRO O 349 0.79 2.06 78.69
C PRO O 349 2.21 1.58 78.97
N GLU O 350 2.32 0.32 79.37
CA GLU O 350 3.61 -0.33 79.56
C GLU O 350 4.44 -0.12 78.30
N SER O 351 3.84 -0.45 77.18
CA SER O 351 4.49 -0.34 75.87
C SER O 351 4.71 1.11 75.43
N LEU O 352 4.07 2.06 76.10
CA LEU O 352 4.17 3.44 75.68
C LEU O 352 5.34 4.15 76.35
N GLU O 353 5.64 3.78 77.58
CA GLU O 353 6.77 4.38 78.28
C GLU O 353 8.11 3.83 77.79
N SER O 354 8.25 2.51 77.77
CA SER O 354 9.50 1.88 77.38
C SER O 354 9.42 1.17 76.04
N GLY O 355 8.32 1.32 75.33
CA GLY O 355 8.08 0.46 74.19
C GLY O 355 8.00 1.10 72.81
N GLU O 356 7.58 0.30 71.85
CA GLU O 356 7.43 0.74 70.48
C GLU O 356 5.99 1.06 70.17
N GLY O 357 5.20 1.27 71.22
CA GLY O 357 3.83 1.67 71.07
C GLY O 357 3.84 3.03 70.42
N VAL O 358 4.61 3.91 71.01
CA VAL O 358 4.89 5.22 70.46
C VAL O 358 5.21 5.15 68.96
N GLY O 359 6.11 4.24 68.59
CA GLY O 359 6.47 4.10 67.19
C GLY O 359 5.26 3.86 66.30
N VAL O 360 4.34 3.00 66.76
CA VAL O 360 3.19 2.62 65.94
C VAL O 360 2.20 3.78 65.77
N PHE O 361 1.78 4.37 66.89
CA PHE O 361 0.98 5.58 66.86
C PHE O 361 1.56 6.63 65.91
N ASN O 362 2.82 7.02 66.13
CA ASN O 362 3.48 7.96 65.22
C ASN O 362 3.26 7.62 63.75
N THR O 363 3.71 6.44 63.34
CA THR O 363 3.64 6.10 61.91
C THR O 363 2.21 5.98 61.40
N LEU O 364 1.29 5.57 62.26
CA LEU O 364 -0.14 5.56 61.91
C LEU O 364 -0.75 6.97 61.85
N THR O 365 -0.23 7.89 62.65
CA THR O 365 -0.67 9.28 62.61
C THR O 365 -0.09 9.96 61.37
N THR O 366 1.18 9.74 61.12
CA THR O 366 1.75 10.23 59.88
C THR O 366 0.97 9.78 58.64
N LEU O 367 0.67 8.49 58.55
CA LEU O 367 -0.02 7.96 57.39
C LEU O 367 -1.46 8.50 57.33
N PHE O 368 -1.98 8.92 58.48
CA PHE O 368 -3.30 9.55 58.50
C PHE O 368 -3.27 10.93 57.85
N LYS O 369 -2.21 11.69 58.13
CA LYS O 369 -2.04 13.02 57.57
C LYS O 369 -1.71 13.02 56.07
N THR O 370 -1.15 11.92 55.58
CA THR O 370 -0.64 11.87 54.22
C THR O 370 -1.54 11.11 53.25
N HIS O 371 -2.43 10.29 53.79
CA HIS O 371 -3.24 9.39 52.97
C HIS O 371 -4.74 9.48 53.28
N VAL O 372 -5.10 9.23 54.52
CA VAL O 372 -6.50 9.21 54.92
C VAL O 372 -7.20 10.55 54.76
N LEU O 373 -6.64 11.59 55.37
CA LEU O 373 -7.25 12.91 55.39
C LEU O 373 -7.49 13.49 54.00
N PRO O 374 -6.44 13.57 53.18
CA PRO O 374 -6.59 14.16 51.85
C PRO O 374 -7.59 13.44 50.92
N THR O 375 -7.39 12.14 50.79
CA THR O 375 -8.14 11.33 49.84
C THR O 375 -9.59 11.37 50.25
N TYR O 376 -9.83 11.31 51.55
CA TYR O 376 -10.50 12.37 52.28
C TYR O 376 -11.91 12.18 51.82
N TYR O 377 -12.09 11.07 51.09
CA TYR O 377 -13.40 10.45 51.00
C TYR O 377 -13.37 8.94 51.23
N THR O 378 -12.73 8.54 52.32
CA THR O 378 -12.60 7.13 52.68
C THR O 378 -13.59 6.76 53.79
N ARG O 379 -14.19 5.58 53.66
CA ARG O 379 -15.09 5.07 54.69
C ARG O 379 -14.53 3.87 55.40
N SER O 380 -13.55 3.21 54.77
CA SER O 380 -12.97 2.01 55.33
C SER O 380 -12.27 2.34 56.65
N ILE O 381 -11.56 3.47 56.66
CA ILE O 381 -10.13 3.43 56.98
C ILE O 381 -9.70 4.41 58.06
N GLN O 382 -10.40 5.52 58.19
CA GLN O 382 -10.04 6.53 59.17
C GLN O 382 -10.40 6.03 60.57
N TYR O 383 -11.06 4.89 60.65
CA TYR O 383 -11.46 4.37 61.95
C TYR O 383 -10.31 3.67 62.68
N ILE O 384 -9.19 3.48 61.97
CA ILE O 384 -7.99 3.00 62.63
C ILE O 384 -7.56 4.05 63.65
N MET O 385 -7.56 5.31 63.21
CA MET O 385 -7.23 6.43 64.10
C MET O 385 -8.36 6.69 65.12
N PHE O 386 -9.60 6.50 64.71
CA PHE O 386 -10.70 6.70 65.62
C PHE O 386 -10.48 5.80 66.83
N HIS O 387 -10.00 4.60 66.55
CA HIS O 387 -9.98 3.52 67.53
C HIS O 387 -8.72 3.48 68.39
N VAL O 388 -7.56 3.65 67.78
CA VAL O 388 -6.31 3.64 68.54
C VAL O 388 -6.31 4.83 69.50
N SER O 389 -6.62 6.01 68.96
CA SER O 389 -6.91 7.22 69.72
C SER O 389 -7.47 6.98 71.11
N GLN O 390 -8.56 6.21 71.16
CA GLN O 390 -9.34 6.10 72.39
C GLN O 390 -8.84 4.99 73.32
N GLN O 391 -7.63 4.50 73.06
CA GLN O 391 -7.03 3.55 73.98
C GLN O 391 -6.60 4.25 75.28
N GLN O 392 -5.92 5.38 75.14
CA GLN O 392 -5.40 6.16 76.27
C GLN O 392 -5.65 7.69 76.17
N LEU O 393 -5.88 8.31 77.31
CA LEU O 393 -6.19 9.74 77.33
C LEU O 393 -5.25 10.60 76.49
N GLU O 394 -3.95 10.31 76.53
CA GLU O 394 -3.01 11.15 75.79
C GLU O 394 -3.06 10.89 74.30
N LEU O 395 -3.46 9.68 73.92
CA LEU O 395 -3.53 9.37 72.52
C LEU O 395 -4.64 10.23 71.94
N MET O 396 -5.74 10.33 72.67
CA MET O 396 -6.81 11.24 72.30
C MET O 396 -6.27 12.68 72.23
N ASP O 397 -5.63 13.14 73.30
CA ASP O 397 -5.08 14.48 73.33
C ASP O 397 -4.23 14.75 72.10
N SER O 398 -3.34 13.82 71.75
CA SER O 398 -2.45 14.04 70.64
C SER O 398 -3.23 14.16 69.34
N PHE O 399 -4.30 13.37 69.21
CA PHE O 399 -5.08 13.42 67.98
C PHE O 399 -5.85 14.75 67.87
N LEU O 400 -6.58 15.14 68.91
CA LEU O 400 -7.27 16.43 68.92
C LEU O 400 -6.34 17.57 68.52
N VAL O 401 -5.26 17.73 69.27
CA VAL O 401 -4.35 18.83 69.00
C VAL O 401 -3.80 18.70 67.60
N THR O 402 -3.59 17.45 67.16
CA THR O 402 -3.14 17.22 65.79
C THR O 402 -4.17 17.70 64.78
N LEU O 403 -5.44 17.41 65.03
CA LEU O 403 -6.51 17.84 64.13
C LEU O 403 -6.59 19.35 64.14
N ILE O 404 -6.67 19.93 65.33
CA ILE O 404 -6.66 21.37 65.50
C ILE O 404 -5.55 22.04 64.71
N ASP O 405 -4.33 21.54 64.86
CA ASP O 405 -3.21 22.02 64.08
C ASP O 405 -3.58 22.13 62.59
N ILE O 406 -3.86 20.99 61.98
CA ILE O 406 -4.14 20.91 60.56
C ILE O 406 -5.28 21.83 60.12
N SER O 407 -6.28 22.01 60.99
CA SER O 407 -7.46 22.81 60.63
C SER O 407 -7.31 24.31 60.81
N PHE O 408 -6.22 24.76 61.43
CA PHE O 408 -5.98 26.20 61.61
C PHE O 408 -4.55 26.65 61.29
N ALA O 409 -3.79 25.82 60.58
CA ALA O 409 -2.41 26.20 60.27
C ALA O 409 -2.42 27.20 59.13
N VAL O 410 -1.55 28.20 59.19
CA VAL O 410 -1.59 29.30 58.24
C VAL O 410 -1.09 28.90 56.85
N ASN O 411 -0.22 27.90 56.80
CA ASN O 411 0.39 27.52 55.53
C ASN O 411 -0.50 26.61 54.67
N GLU O 412 -1.24 25.72 55.33
CA GLU O 412 -1.98 24.68 54.63
C GLU O 412 -3.05 25.23 53.70
N ALA O 413 -3.36 24.48 52.65
CA ALA O 413 -4.41 24.85 51.71
C ALA O 413 -5.78 24.83 52.38
N ALA O 414 -6.66 25.73 51.95
CA ALA O 414 -7.97 25.86 52.57
C ALA O 414 -8.76 24.54 52.59
N GLU O 415 -8.68 23.76 51.52
CA GLU O 415 -9.40 22.49 51.46
C GLU O 415 -8.90 21.53 52.53
N LYS O 416 -7.60 21.56 52.80
CA LYS O 416 -7.07 20.74 53.88
C LYS O 416 -7.68 21.19 55.20
N LYS O 417 -7.70 22.51 55.42
CA LYS O 417 -8.26 23.08 56.65
C LYS O 417 -9.72 22.73 56.83
N ILE O 418 -10.46 22.70 55.72
CA ILE O 418 -11.87 22.34 55.76
C ILE O 418 -12.09 20.83 56.06
N LYS O 419 -11.25 19.97 55.48
CA LYS O 419 -11.33 18.54 55.72
C LYS O 419 -11.03 18.22 57.20
N SER O 420 -9.97 18.83 57.72
CA SER O 420 -9.61 18.65 59.12
C SER O 420 -10.76 19.06 60.03
N LEU O 421 -11.36 20.21 59.72
CA LEU O 421 -12.46 20.73 60.52
C LEU O 421 -13.67 19.80 60.50
N GLN O 422 -13.92 19.17 59.37
CA GLN O 422 -14.93 18.12 59.33
C GLN O 422 -14.49 16.97 60.22
N TYR O 423 -13.24 16.52 60.08
CA TYR O 423 -12.72 15.44 60.94
C TYR O 423 -12.90 15.82 62.38
N LEU O 424 -12.42 17.02 62.73
CA LEU O 424 -12.47 17.52 64.09
C LEU O 424 -13.86 17.45 64.70
N GLY O 425 -14.85 17.98 63.99
CA GLY O 425 -16.22 18.00 64.45
C GLY O 425 -16.84 16.62 64.57
N SER O 426 -16.64 15.79 63.54
CA SER O 426 -17.11 14.42 63.56
C SER O 426 -16.53 13.64 64.75
N TYR O 427 -15.23 13.81 64.97
CA TYR O 427 -14.52 13.11 66.04
C TYR O 427 -15.09 13.43 67.42
N ILE O 428 -15.10 14.71 67.78
CA ILE O 428 -15.61 15.13 69.08
C ILE O 428 -17.02 14.58 69.33
N ALA O 429 -17.81 14.52 68.27
CA ALA O 429 -19.21 14.14 68.37
C ALA O 429 -19.34 12.67 68.69
N ARG O 430 -18.52 11.87 68.02
CA ARG O 430 -18.69 10.41 68.00
C ARG O 430 -17.88 9.63 69.04
N ALA O 431 -16.65 10.06 69.30
CA ALA O 431 -15.71 9.29 70.09
C ALA O 431 -16.13 9.11 71.55
N LYS O 432 -16.70 7.95 71.87
CA LYS O 432 -17.29 7.73 73.20
C LYS O 432 -16.32 7.94 74.39
N LYS O 433 -15.06 7.55 74.24
CA LYS O 433 -14.13 7.59 75.36
C LYS O 433 -13.58 8.98 75.68
N LEU O 434 -14.16 10.02 75.08
CA LEU O 434 -13.68 11.38 75.35
C LEU O 434 -14.17 11.90 76.68
N SER O 435 -13.33 12.70 77.32
CA SER O 435 -13.67 13.26 78.62
C SER O 435 -14.40 14.58 78.43
N ARG O 436 -15.32 14.88 79.34
CA ARG O 436 -16.06 16.13 79.27
C ARG O 436 -15.12 17.28 78.93
N THR O 437 -14.00 17.34 79.63
CA THR O 437 -13.08 18.47 79.51
C THR O 437 -12.29 18.49 78.19
N GLN O 438 -12.01 17.33 77.61
CA GLN O 438 -11.32 17.37 76.33
C GLN O 438 -12.29 17.99 75.33
N ILE O 439 -13.58 17.68 75.47
CA ILE O 439 -14.61 18.24 74.59
C ILE O 439 -14.73 19.76 74.78
N ILE O 440 -15.01 20.19 76.01
CA ILE O 440 -15.01 21.61 76.34
C ILE O 440 -13.74 22.27 75.82
N PHE O 441 -12.65 21.52 75.79
CA PHE O 441 -11.39 22.03 75.27
C PHE O 441 -11.62 22.43 73.82
N VAL O 442 -12.14 21.51 73.01
CA VAL O 442 -12.40 21.83 71.61
C VAL O 442 -13.44 22.96 71.36
N ALA O 443 -14.51 22.97 72.15
CA ALA O 443 -15.45 24.07 72.14
C ALA O 443 -14.78 25.39 72.48
N SER O 444 -13.97 25.37 73.55
CA SER O 444 -13.26 26.56 73.99
C SER O 444 -12.26 27.02 72.94
N TYR O 445 -11.69 26.09 72.18
CA TYR O 445 -10.82 26.54 71.10
C TYR O 445 -11.62 27.19 69.99
N LEU O 446 -12.74 26.58 69.63
CA LEU O 446 -13.52 27.03 68.47
C LEU O 446 -14.22 28.37 68.70
N THR O 447 -14.92 28.51 69.83
CA THR O 447 -15.58 29.79 70.14
C THR O 447 -14.54 30.89 70.26
N SER O 448 -13.43 30.59 70.91
CA SER O 448 -12.32 31.53 71.01
C SER O 448 -11.84 31.95 69.64
N TRP O 449 -11.44 30.99 68.81
CA TRP O 449 -11.02 31.30 67.45
C TRP O 449 -12.11 32.02 66.65
N LEU O 450 -13.37 31.69 66.94
CA LEU O 450 -14.50 32.27 66.22
C LEU O 450 -14.75 33.71 66.64
N ASN O 451 -14.78 33.95 67.95
CA ASN O 451 -14.94 35.29 68.49
C ASN O 451 -13.92 36.25 67.95
N ARG O 452 -12.70 35.78 67.77
CA ARG O 452 -11.64 36.62 67.21
C ARG O 452 -11.92 36.93 65.75
N TYR O 453 -12.38 35.94 64.99
CA TYR O 453 -12.62 36.10 63.56
C TYR O 453 -13.62 37.22 63.29
N VAL O 454 -14.73 37.16 64.03
CA VAL O 454 -15.79 38.15 63.91
C VAL O 454 -15.33 39.53 64.38
N ILE O 455 -14.54 39.59 65.46
CA ILE O 455 -14.02 40.85 65.97
C ILE O 455 -13.02 41.51 65.01
N GLU O 456 -12.22 40.69 64.33
CA GLU O 456 -11.15 41.23 63.50
C GLU O 456 -11.55 41.36 62.04
N ARG O 457 -12.61 40.66 61.63
CA ARG O 457 -12.93 40.54 60.20
C ARG O 457 -14.31 40.96 59.68
N GLU O 458 -15.33 41.00 60.54
CA GLU O 458 -16.68 41.38 60.09
C GLU O 458 -16.68 42.60 59.18
N GLU O 459 -15.73 43.50 59.41
CA GLU O 459 -15.59 44.74 58.64
C GLU O 459 -15.26 44.49 57.17
N GLU O 460 -14.87 43.26 56.84
CA GLU O 460 -14.41 42.94 55.48
C GLU O 460 -15.54 42.46 54.58
N VAL O 461 -16.71 42.27 55.16
CA VAL O 461 -17.85 41.70 54.45
C VAL O 461 -18.49 42.72 53.49
N ASP O 462 -18.81 43.91 53.99
CA ASP O 462 -19.38 44.94 53.15
C ASP O 462 -18.32 45.53 52.23
N GLN O 463 -17.08 45.04 52.36
CA GLN O 463 -16.02 45.42 51.44
C GLN O 463 -15.98 44.48 50.24
N ARG O 464 -15.05 44.73 49.34
CA ARG O 464 -15.02 44.07 48.04
C ARG O 464 -14.52 42.63 48.11
N GLY O 465 -15.29 41.72 47.53
CA GLY O 465 -15.00 40.30 47.58
C GLY O 465 -16.33 39.57 47.74
N GLY O 466 -16.27 38.27 48.02
CA GLY O 466 -17.47 37.49 48.19
C GLY O 466 -17.48 36.80 49.53
N MET O 467 -18.57 36.12 49.88
CA MET O 467 -18.63 35.40 51.13
C MET O 467 -17.69 34.19 51.16
N GLU O 468 -17.13 33.82 50.01
CA GLU O 468 -16.19 32.71 49.98
C GLU O 468 -14.91 33.06 50.73
N ARG O 469 -14.53 34.33 50.70
CA ARG O 469 -13.38 34.80 51.46
C ARG O 469 -13.40 34.21 52.86
N PHE O 470 -14.56 33.71 53.28
CA PHE O 470 -14.76 33.27 54.64
C PHE O 470 -15.12 31.78 54.78
N LYS O 471 -14.77 30.98 53.77
CA LYS O 471 -14.95 29.52 53.83
C LYS O 471 -14.58 29.00 55.21
N HIS O 472 -13.36 29.34 55.60
CA HIS O 472 -12.74 28.84 56.81
C HIS O 472 -13.57 29.18 58.06
N PHE O 473 -14.18 30.35 58.06
CA PHE O 473 -15.06 30.73 59.16
C PHE O 473 -16.23 29.77 59.29
N TYR O 474 -16.99 29.61 58.20
CA TYR O 474 -18.11 28.69 58.19
C TYR O 474 -17.69 27.27 58.56
N ALA O 475 -16.59 26.83 57.98
CA ALA O 475 -16.03 25.50 58.26
C ALA O 475 -15.91 25.26 59.76
N ALA O 476 -15.30 26.20 60.47
CA ALA O 476 -15.11 26.08 61.90
C ALA O 476 -16.44 26.19 62.65
N PHE O 477 -17.29 27.14 62.24
CA PHE O 477 -18.61 27.30 62.85
C PHE O 477 -19.50 26.06 62.65
N GLN O 478 -19.39 25.43 61.48
CA GLN O 478 -20.05 24.15 61.28
C GLN O 478 -19.62 23.11 62.31
N ALA O 479 -18.32 22.85 62.35
CA ALA O 479 -17.75 21.90 63.29
C ALA O 479 -18.28 22.16 64.70
N LEU O 480 -18.32 23.43 65.10
CA LEU O 480 -18.75 23.74 66.46
C LEU O 480 -20.23 23.49 66.63
N CYS O 481 -20.99 23.80 65.58
CA CYS O 481 -22.43 23.57 65.64
C CYS O 481 -22.65 22.09 65.72
N TYR O 482 -21.98 21.37 64.83
CA TYR O 482 -22.09 19.93 64.80
C TYR O 482 -21.77 19.34 66.17
N ILE O 483 -20.70 19.83 66.79
CA ILE O 483 -20.30 19.34 68.10
C ILE O 483 -21.41 19.58 69.11
N PHE O 484 -22.09 20.72 68.96
CA PHE O 484 -23.18 21.06 69.88
C PHE O 484 -24.39 20.13 69.71
N CYS O 485 -24.61 19.67 68.48
CA CYS O 485 -25.72 18.77 68.25
C CYS O 485 -25.54 17.51 69.08
N PHE O 486 -24.39 16.89 68.93
CA PHE O 486 -24.14 15.59 69.58
C PHE O 486 -23.90 15.68 71.07
N ARG O 487 -23.39 16.82 71.55
CA ARG O 487 -22.94 16.92 72.94
C ARG O 487 -23.45 18.12 73.72
N HIS O 488 -24.63 18.63 73.36
CA HIS O 488 -25.18 19.81 74.04
C HIS O 488 -25.49 19.53 75.50
N ASN O 489 -25.93 18.31 75.79
CA ASN O 489 -26.24 17.93 77.17
C ASN O 489 -25.04 18.03 78.13
N ILE O 490 -23.83 18.03 77.57
CA ILE O 490 -22.62 18.16 78.37
C ILE O 490 -22.26 19.61 78.72
N PHE O 491 -22.57 20.54 77.82
CA PHE O 491 -22.14 21.93 77.99
C PHE O 491 -22.92 22.73 79.05
N ARG O 492 -23.84 22.09 79.76
CA ARG O 492 -24.51 22.69 80.90
C ARG O 492 -23.80 22.32 82.19
N ASP O 493 -23.14 23.28 82.84
CA ASP O 493 -22.47 23.01 84.10
C ASP O 493 -23.47 22.85 85.25
N THR O 494 -22.96 22.59 86.45
CA THR O 494 -23.81 22.25 87.59
C THR O 494 -24.96 23.25 87.79
N ASP O 495 -24.66 24.53 87.61
CA ASP O 495 -25.66 25.57 87.80
C ASP O 495 -26.82 25.45 86.82
N GLY O 496 -26.53 24.97 85.62
CA GLY O 496 -27.49 24.99 84.54
C GLY O 496 -27.10 26.10 83.58
N ASN O 497 -25.92 26.66 83.81
CA ASN O 497 -25.34 27.64 82.90
C ASN O 497 -24.58 26.95 81.77
N TRP O 498 -24.26 27.70 80.73
CA TRP O 498 -23.62 27.12 79.57
C TRP O 498 -22.12 27.37 79.55
N GLU O 499 -21.35 26.29 79.40
CA GLU O 499 -19.91 26.45 79.20
C GLU O 499 -19.67 27.25 77.93
N CYS O 500 -18.72 28.19 77.99
CA CYS O 500 -18.37 28.99 76.83
C CYS O 500 -19.47 29.99 76.44
N GLU O 501 -20.40 30.24 77.35
CA GLU O 501 -21.50 31.17 77.11
C GLU O 501 -22.19 30.87 75.77
N LEU O 502 -22.31 29.60 75.45
CA LEU O 502 -22.94 29.17 74.21
C LEU O 502 -24.27 29.87 73.90
N ASP O 503 -25.05 30.19 74.93
CA ASP O 503 -26.32 30.85 74.68
C ASP O 503 -26.06 32.20 74.02
N LYS O 504 -25.30 33.04 74.71
CA LYS O 504 -24.91 34.34 74.20
C LYS O 504 -24.01 34.26 72.93
N PHE O 505 -23.19 33.22 72.80
CA PHE O 505 -22.21 33.14 71.71
C PHE O 505 -22.82 32.78 70.35
N PHE O 506 -23.77 31.88 70.34
CA PHE O 506 -24.22 31.34 69.08
C PHE O 506 -24.96 32.44 68.37
N GLN O 507 -25.84 33.09 69.14
CA GLN O 507 -26.67 34.17 68.63
C GLN O 507 -25.81 35.21 67.92
N ARG O 508 -24.68 35.56 68.52
CA ARG O 508 -23.84 36.60 67.96
C ARG O 508 -23.33 36.27 66.57
N MET O 509 -23.14 34.99 66.30
CA MET O 509 -22.54 34.56 65.05
C MET O 509 -23.65 34.49 64.05
N VAL O 510 -24.75 33.89 64.51
CA VAL O 510 -25.94 33.75 63.69
C VAL O 510 -26.46 35.08 63.11
N ILE O 511 -26.35 36.15 63.90
CA ILE O 511 -26.78 37.47 63.44
C ILE O 511 -25.64 38.29 62.81
N SER O 512 -24.42 37.78 62.85
CA SER O 512 -23.29 38.47 62.26
C SER O 512 -23.53 38.70 60.77
N LYS O 513 -22.57 39.36 60.12
CA LYS O 513 -22.68 39.62 58.69
C LYS O 513 -22.27 38.42 57.85
N PHE O 514 -21.56 37.46 58.46
CA PHE O 514 -21.15 36.28 57.74
C PHE O 514 -22.38 35.44 57.41
N ASN O 515 -23.39 35.57 58.26
CA ASN O 515 -24.60 34.78 58.11
C ASN O 515 -24.28 33.31 57.85
N PRO O 516 -23.60 32.68 58.79
CA PRO O 516 -23.24 31.26 58.76
C PRO O 516 -24.41 30.38 58.29
N LEU O 517 -25.61 30.66 58.77
CA LEU O 517 -26.75 29.76 58.54
C LEU O 517 -26.99 29.52 57.05
N LYS O 518 -26.56 30.46 56.24
CA LYS O 518 -26.82 30.42 54.80
C LYS O 518 -25.75 29.63 54.04
N PHE O 519 -24.54 29.60 54.59
CA PHE O 519 -23.41 29.06 53.86
C PHE O 519 -22.89 27.70 54.32
N CYS O 520 -23.33 27.25 55.49
CA CYS O 520 -22.89 25.98 56.01
C CYS O 520 -23.77 24.85 55.51
N ASN O 521 -23.45 23.62 55.87
CA ASN O 521 -24.28 22.50 55.48
C ASN O 521 -25.72 22.73 55.91
N GLU O 522 -26.66 22.44 55.02
CA GLU O 522 -28.06 22.77 55.25
C GLU O 522 -28.70 21.92 56.35
N ASN O 523 -28.34 20.63 56.36
CA ASN O 523 -28.93 19.69 57.30
C ASN O 523 -28.43 19.89 58.74
N VAL O 524 -27.17 20.26 58.88
CA VAL O 524 -26.64 20.58 60.20
C VAL O 524 -27.24 21.89 60.73
N MET O 525 -27.15 22.94 59.91
CA MET O 525 -27.73 24.22 60.30
C MET O 525 -29.18 24.07 60.75
N LEU O 526 -29.94 23.26 60.03
CA LEU O 526 -31.30 22.90 60.44
C LEU O 526 -31.40 22.20 61.80
N MET O 527 -30.57 21.19 61.99
CA MET O 527 -30.57 20.43 63.24
C MET O 527 -30.08 21.29 64.41
N PHE O 528 -29.08 22.12 64.15
CA PHE O 528 -28.63 23.07 65.15
C PHE O 528 -29.76 24.03 65.55
N ALA O 529 -30.45 24.58 64.55
CA ALA O 529 -31.62 25.39 64.81
C ALA O 529 -32.57 24.67 65.76
N ARG O 530 -33.05 23.51 65.33
CA ARG O 530 -33.96 22.75 66.16
C ARG O 530 -33.45 22.66 67.60
N ILE O 531 -32.27 22.09 67.77
CA ILE O 531 -31.73 21.88 69.11
C ILE O 531 -31.46 23.18 69.86
N ALA O 532 -30.73 24.10 69.25
CA ALA O 532 -30.46 25.40 69.85
C ALA O 532 -31.72 26.11 70.33
N GLN O 533 -32.76 26.12 69.51
CA GLN O 533 -34.02 26.73 69.89
C GLN O 533 -34.60 26.01 71.10
N GLN O 534 -34.55 24.69 71.07
CA GLN O 534 -35.09 23.90 72.18
C GLN O 534 -34.41 24.22 73.50
N GLU O 535 -33.12 24.51 73.42
CA GLU O 535 -32.31 24.73 74.62
C GLU O 535 -32.23 26.20 75.06
N SER O 536 -33.04 27.05 74.43
CA SER O 536 -33.02 28.50 74.68
C SER O 536 -31.63 29.05 74.42
N VAL O 537 -30.90 28.41 73.53
CA VAL O 537 -29.52 28.78 73.29
C VAL O 537 -29.42 29.81 72.17
N ALA O 538 -30.19 29.58 71.11
CA ALA O 538 -30.24 30.53 70.01
C ALA O 538 -31.50 30.37 69.17
N TYR O 539 -31.89 31.44 68.49
CA TYR O 539 -33.07 31.41 67.64
C TYR O 539 -32.66 31.78 66.24
N CYS O 540 -32.63 30.78 65.36
CA CYS O 540 -32.12 30.95 64.00
C CYS O 540 -33.23 30.94 62.98
N PHE O 541 -34.38 30.38 63.36
CA PHE O 541 -35.40 30.02 62.39
C PHE O 541 -35.94 31.17 61.53
N SER O 542 -35.95 32.40 62.05
CA SER O 542 -36.32 33.56 61.23
C SER O 542 -35.21 33.93 60.25
N ILE O 543 -33.97 33.80 60.68
CA ILE O 543 -32.83 34.03 59.79
C ILE O 543 -32.81 33.02 58.65
N ILE O 544 -33.22 31.78 58.93
CA ILE O 544 -33.34 30.79 57.89
C ILE O 544 -34.47 31.18 56.90
N GLU O 545 -35.64 31.47 57.44
CA GLU O 545 -36.75 31.95 56.62
C GLU O 545 -36.29 33.06 55.68
N ASN O 546 -35.71 34.10 56.24
CA ASN O 546 -35.21 35.22 55.44
C ASN O 546 -34.26 34.72 54.37
N ASN O 547 -33.51 33.67 54.69
CA ASN O 547 -32.44 33.22 53.80
C ASN O 547 -32.93 32.55 52.53
N ASN O 548 -33.90 31.64 52.65
CA ASN O 548 -34.42 30.97 51.46
C ASN O 548 -35.60 31.71 50.83
N ASN O 549 -35.95 32.86 51.40
CA ASN O 549 -36.85 33.79 50.75
C ASN O 549 -36.04 34.63 49.77
N GLU O 550 -34.94 35.19 50.29
CA GLU O 550 -34.02 35.96 49.47
C GLU O 550 -33.55 35.10 48.30
N ARG O 551 -33.66 33.79 48.50
CA ARG O 551 -33.20 32.82 47.51
C ARG O 551 -34.19 32.73 46.35
N LEU O 552 -35.47 32.61 46.68
CA LEU O 552 -36.52 32.53 45.66
C LEU O 552 -36.54 33.81 44.81
N ARG O 553 -36.70 34.96 45.46
CA ARG O 553 -36.77 36.22 44.73
C ARG O 553 -35.97 36.14 43.42
N SER O 575 -23.29 38.97 49.89
CA SER O 575 -23.60 37.56 50.16
C SER O 575 -23.73 36.69 48.89
N SER O 576 -22.77 36.81 47.96
CA SER O 576 -22.77 36.01 46.74
C SER O 576 -21.46 35.27 46.52
N TRP O 577 -21.56 34.09 45.91
CA TRP O 577 -20.45 33.14 45.85
C TRP O 577 -20.58 32.33 44.56
N SER O 578 -19.47 32.24 43.81
CA SER O 578 -19.48 31.78 42.41
C SER O 578 -20.30 30.54 42.04
N LEU O 579 -20.09 29.44 42.75
CA LEU O 579 -20.77 28.16 42.52
C LEU O 579 -19.97 27.21 41.63
N ALA O 580 -18.99 27.76 40.93
CA ALA O 580 -17.99 26.92 40.30
C ALA O 580 -17.25 26.26 41.42
N THR O 581 -16.88 27.06 42.42
CA THR O 581 -16.11 26.60 43.57
C THR O 581 -16.98 26.49 44.81
N ARG O 582 -18.21 26.98 44.70
CA ARG O 582 -19.16 26.95 45.81
C ARG O 582 -19.64 25.52 46.08
N GLN O 583 -19.61 24.69 45.06
CA GLN O 583 -20.09 23.32 45.20
C GLN O 583 -19.10 22.43 45.95
N GLN O 584 -17.81 22.49 45.60
CA GLN O 584 -16.85 21.65 46.31
C GLN O 584 -17.00 21.86 47.80
N PHE O 585 -17.27 23.10 48.18
CA PHE O 585 -17.43 23.43 49.58
C PHE O 585 -18.65 22.73 50.16
N ILE O 586 -19.77 22.82 49.44
CA ILE O 586 -20.99 22.14 49.88
C ILE O 586 -20.72 20.65 49.95
N ASP O 587 -19.91 20.16 49.03
CA ASP O 587 -19.50 18.75 49.02
C ASP O 587 -18.67 18.43 50.25
N LEU O 588 -17.64 19.23 50.47
CA LEU O 588 -16.74 19.05 51.62
C LEU O 588 -17.46 19.14 52.95
N GLN O 589 -18.55 19.92 53.01
CA GLN O 589 -19.28 20.09 54.26
C GLN O 589 -20.34 19.04 54.49
N SER O 590 -20.50 18.15 53.52
CA SER O 590 -21.50 17.10 53.61
C SER O 590 -20.89 15.82 54.12
N TYR O 591 -19.60 15.66 53.89
CA TYR O 591 -18.86 14.46 54.32
C TYR O 591 -18.49 14.50 55.81
N PHE O 592 -18.86 13.45 56.53
CA PHE O 592 -18.48 13.30 57.93
C PHE O 592 -17.75 11.95 58.16
N PRO O 593 -16.43 12.00 58.37
CA PRO O 593 -15.62 10.78 58.29
C PRO O 593 -15.94 9.76 59.37
N TYR O 594 -16.69 10.16 60.39
CA TYR O 594 -17.06 9.21 61.43
C TYR O 594 -18.56 9.09 61.59
N ASP O 595 -19.28 9.25 60.49
CA ASP O 595 -20.66 8.79 60.44
C ASP O 595 -20.60 7.27 60.47
N PRO O 596 -21.70 6.63 60.89
CA PRO O 596 -21.66 5.21 61.24
C PRO O 596 -21.00 4.31 60.19
N LEU O 597 -20.47 3.19 60.69
CA LEU O 597 -19.78 2.20 59.89
C LEU O 597 -20.82 1.21 59.35
N PHE O 598 -20.55 0.60 58.21
CA PHE O 598 -21.46 -0.44 57.70
C PHE O 598 -20.81 -1.83 57.52
N LEU O 599 -19.66 -2.05 58.16
CA LEU O 599 -18.98 -3.33 58.11
C LEU O 599 -19.37 -4.13 59.33
N LYS O 600 -19.96 -5.31 59.14
CA LYS O 600 -20.58 -6.07 60.23
C LYS O 600 -19.76 -6.10 61.52
N ASN O 601 -18.61 -6.75 61.47
CA ASN O 601 -17.78 -6.96 62.64
C ASN O 601 -17.21 -5.67 63.23
N TYR O 602 -16.44 -4.95 62.42
CA TYR O 602 -15.86 -3.68 62.82
C TYR O 602 -16.85 -2.84 63.63
N LYS O 603 -18.08 -2.80 63.17
CA LYS O 603 -19.12 -2.04 63.84
C LYS O 603 -19.24 -2.47 65.29
N ILE O 604 -19.43 -3.77 65.49
CA ILE O 604 -19.54 -4.36 66.82
C ILE O 604 -18.32 -4.00 67.66
N LEU O 605 -17.15 -4.07 67.02
CA LEU O 605 -15.90 -3.80 67.69
C LEU O 605 -15.81 -2.33 68.11
N MET O 606 -16.39 -1.46 67.29
CA MET O 606 -16.37 -0.01 67.53
C MET O 606 -17.36 0.43 68.58
N LYS O 607 -18.36 -0.39 68.85
CA LYS O 607 -19.47 0.05 69.68
C LYS O 607 -18.99 0.71 70.97
N GLU O 608 -18.05 0.07 71.65
CA GLU O 608 -17.46 0.59 72.88
C GLU O 608 -16.85 1.99 72.70
N TYR O 609 -16.49 2.32 71.46
CA TYR O 609 -15.84 3.57 71.11
C TYR O 609 -16.72 4.54 70.29
N TYR O 610 -18.02 4.25 70.19
CA TYR O 610 -18.87 5.02 69.29
C TYR O 610 -20.16 5.50 69.92
N ILE O 611 -20.56 6.72 69.58
CA ILE O 611 -21.87 7.25 69.95
C ILE O 611 -22.78 7.34 68.73
N GLU O 612 -23.76 6.44 68.64
CA GLU O 612 -24.73 6.51 67.55
C GLU O 612 -25.64 7.71 67.82
N TRP O 613 -26.21 8.29 66.77
CA TRP O 613 -27.09 9.44 66.96
C TRP O 613 -28.16 9.13 68.00
N SER O 614 -28.73 7.93 67.93
CA SER O 614 -29.79 7.56 68.87
C SER O 614 -29.31 7.75 70.32
N GLU O 615 -28.02 7.56 70.55
CA GLU O 615 -27.46 7.66 71.91
C GLU O 615 -27.43 9.10 72.40
N ALA O 616 -26.98 10.00 71.53
CA ALA O 616 -26.87 11.41 71.88
C ALA O 616 -28.23 12.08 72.10
N VAL P 20 17.85 -47.40 -15.93
CA VAL P 20 17.90 -46.09 -15.30
C VAL P 20 19.34 -45.68 -15.02
N GLN P 21 20.07 -46.51 -14.26
CA GLN P 21 21.40 -46.13 -13.79
C GLN P 21 22.32 -45.75 -14.95
N GLY P 22 22.42 -46.62 -15.95
CA GLY P 22 23.25 -46.37 -17.12
C GLY P 22 22.56 -45.55 -18.19
N ALA P 23 21.25 -45.73 -18.35
CA ALA P 23 20.51 -45.00 -19.38
C ALA P 23 20.59 -43.49 -19.17
N SER P 24 20.55 -43.03 -17.92
CA SER P 24 20.68 -41.61 -17.64
C SER P 24 21.91 -41.26 -16.82
N LEU P 25 22.84 -42.20 -16.63
CA LEU P 25 24.24 -41.81 -16.46
C LEU P 25 24.86 -41.46 -17.81
N TYR P 26 24.33 -42.03 -18.89
CA TYR P 26 24.81 -41.71 -20.23
C TYR P 26 24.54 -40.24 -20.58
N CYS P 27 23.27 -39.85 -20.56
CA CYS P 27 22.84 -38.53 -21.04
C CYS P 27 23.18 -38.31 -22.52
N THR P 49 9.20 -46.42 -18.44
CA THR P 49 9.95 -46.82 -17.26
C THR P 49 9.64 -48.25 -16.86
N LEU P 50 9.22 -49.05 -17.83
CA LEU P 50 8.54 -50.31 -17.54
C LEU P 50 9.52 -51.43 -17.19
N ALA P 51 10.44 -51.76 -18.10
CA ALA P 51 11.20 -53.01 -17.96
C ALA P 51 12.37 -53.10 -18.94
N GLU P 52 12.84 -54.33 -19.17
CA GLU P 52 13.43 -54.63 -20.46
C GLU P 52 12.42 -55.21 -21.43
N ASP P 53 11.38 -55.87 -20.91
CA ASP P 53 10.80 -57.02 -21.58
C ASP P 53 9.35 -57.16 -21.13
N ALA P 54 8.60 -58.02 -21.83
CA ALA P 54 7.25 -58.39 -21.45
C ALA P 54 7.27 -59.63 -20.58
N LEU P 55 6.08 -60.08 -20.18
CA LEU P 55 5.86 -60.80 -18.93
C LEU P 55 5.70 -62.31 -19.16
N ASP P 56 6.70 -63.11 -18.76
CA ASP P 56 6.68 -64.54 -18.98
C ASP P 56 7.08 -65.34 -17.72
N LEU P 57 6.55 -66.57 -17.63
CA LEU P 57 6.41 -67.28 -16.36
C LEU P 57 6.82 -68.76 -16.39
N HIS P 58 5.97 -69.64 -15.87
CA HIS P 58 6.35 -70.97 -15.43
C HIS P 58 5.38 -72.04 -15.90
N ILE P 59 5.89 -73.15 -16.44
CA ILE P 59 5.09 -74.33 -16.80
C ILE P 59 5.89 -75.58 -16.44
N VAL P 60 5.23 -76.75 -16.46
CA VAL P 60 5.81 -78.01 -15.98
C VAL P 60 5.86 -79.04 -17.12
N VAL P 61 6.66 -80.10 -16.88
CA VAL P 61 6.75 -81.38 -17.61
C VAL P 61 7.34 -82.41 -16.64
N LYS P 62 6.61 -83.50 -16.35
CA LYS P 62 6.88 -84.34 -15.18
C LYS P 62 7.24 -85.77 -15.56
N SER P 63 8.00 -86.44 -14.69
CA SER P 63 8.40 -87.82 -14.94
C SER P 63 8.93 -88.46 -13.67
N LEU P 64 8.77 -89.77 -13.59
CA LEU P 64 9.33 -90.58 -12.51
C LEU P 64 10.76 -90.99 -12.84
N LEU P 65 11.60 -91.10 -11.81
CA LEU P 65 13.02 -91.41 -12.03
C LEU P 65 13.47 -92.66 -11.32
N CYS P 66 13.34 -92.75 -9.99
CA CYS P 66 13.76 -93.94 -9.27
C CYS P 66 13.08 -93.96 -7.91
N ASP P 67 12.98 -95.16 -7.34
CA ASP P 67 12.33 -95.34 -6.05
C ASP P 67 13.27 -96.08 -5.11
N THR P 68 13.19 -95.73 -3.83
CA THR P 68 14.07 -96.31 -2.83
C THR P 68 13.47 -97.54 -2.12
N SER P 184 9.57 -81.14 16.18
CA SER P 184 9.62 -80.21 15.06
C SER P 184 11.06 -79.86 14.70
N GLN P 185 11.89 -79.66 15.72
CA GLN P 185 13.28 -79.28 15.52
C GLN P 185 14.01 -80.23 14.58
N TYR P 186 14.39 -79.72 13.40
CA TYR P 186 15.14 -80.51 12.43
C TYR P 186 16.63 -80.16 12.60
N ILE P 187 17.51 -80.81 11.81
CA ILE P 187 18.95 -80.47 11.80
C ILE P 187 19.54 -80.46 10.40
N GLN P 188 20.66 -79.73 10.29
CA GLN P 188 21.77 -79.83 9.32
C GLN P 188 21.95 -81.04 8.38
N THR P 189 21.12 -81.22 7.34
CA THR P 189 21.29 -82.36 6.44
C THR P 189 20.80 -82.01 5.02
N ALA P 190 21.32 -82.74 4.00
CA ALA P 190 20.78 -82.72 2.62
C ALA P 190 21.44 -83.71 1.65
N SER P 191 20.73 -84.77 1.21
CA SER P 191 21.34 -86.05 0.81
C SER P 191 20.81 -86.64 -0.49
N ASP P 192 21.28 -86.11 -1.64
CA ASP P 192 21.05 -86.72 -2.96
C ASP P 192 21.79 -85.96 -4.07
N LEU P 193 22.50 -86.67 -4.96
CA LEU P 193 23.16 -85.96 -6.07
C LEU P 193 23.09 -86.75 -7.38
N ARG P 194 23.35 -86.02 -8.48
CA ARG P 194 23.48 -86.51 -9.84
C ARG P 194 24.39 -85.56 -10.62
N ASN P 195 25.47 -86.09 -11.21
CA ASN P 195 26.45 -85.26 -11.92
C ASN P 195 27.22 -86.11 -12.92
N TYR P 196 27.69 -85.49 -14.01
CA TYR P 196 28.29 -86.28 -15.09
C TYR P 196 29.81 -86.19 -15.14
N ARG P 197 30.47 -87.33 -15.03
CA ARG P 197 31.91 -87.46 -15.25
C ARG P 197 32.22 -88.78 -15.96
N ASP P 198 33.34 -88.84 -16.66
CA ASP P 198 33.88 -90.11 -17.15
C ASP P 198 35.26 -90.41 -16.57
N GLY P 199 35.40 -91.57 -15.95
CA GLY P 199 36.67 -91.99 -15.37
C GLY P 199 37.83 -92.21 -16.32
N THR P 200 37.54 -92.85 -17.45
CA THR P 200 38.58 -93.44 -18.29
C THR P 200 39.55 -92.40 -18.84
N GLU P 201 38.99 -91.28 -19.26
CA GLU P 201 39.76 -90.19 -19.88
C GLU P 201 40.89 -90.73 -20.76
N ILE P 202 40.66 -91.88 -21.39
CA ILE P 202 41.41 -92.27 -22.58
C ILE P 202 40.65 -91.70 -23.75
N ILE P 203 40.60 -90.36 -23.81
CA ILE P 203 39.80 -89.59 -24.76
C ILE P 203 38.37 -90.14 -24.79
N ALA P 204 37.62 -89.88 -23.73
CA ALA P 204 36.25 -90.37 -23.61
C ALA P 204 35.34 -89.19 -23.26
N TYR P 205 34.15 -89.50 -22.73
CA TYR P 205 33.17 -88.49 -22.37
C TYR P 205 32.76 -88.68 -20.92
N ALA P 206 31.91 -87.79 -20.43
CA ALA P 206 31.39 -87.88 -19.08
C ALA P 206 30.10 -88.70 -19.07
N SER P 207 29.79 -89.28 -17.91
CA SER P 207 28.57 -90.04 -17.69
C SER P 207 27.79 -89.43 -16.55
N GLY P 208 26.54 -89.05 -16.80
CA GLY P 208 25.69 -88.50 -15.77
C GLY P 208 25.26 -89.58 -14.81
N LYS P 209 25.69 -89.48 -13.55
CA LYS P 209 25.50 -90.51 -12.55
C LYS P 209 24.59 -90.01 -11.44
N THR P 210 23.91 -90.92 -10.76
CA THR P 210 23.19 -90.60 -9.53
C THR P 210 23.82 -91.31 -8.33
N GLY P 211 24.00 -90.53 -7.26
CA GLY P 211 24.21 -91.02 -5.92
C GLY P 211 22.91 -90.81 -5.18
N SER P 212 22.16 -91.90 -5.07
CA SER P 212 20.86 -91.97 -4.40
C SER P 212 21.01 -92.73 -3.10
N VAL P 213 19.97 -92.64 -2.27
CA VAL P 213 20.04 -92.98 -0.86
C VAL P 213 18.92 -93.96 -0.52
N LEU P 214 19.25 -95.07 0.14
CA LEU P 214 18.28 -96.11 0.50
C LEU P 214 18.20 -96.20 2.01
N ASN P 215 16.97 -96.34 2.53
CA ASN P 215 16.68 -96.08 3.93
C ASN P 215 15.88 -97.22 4.55
N ILE P 216 16.38 -97.74 5.66
CA ILE P 216 15.57 -98.39 6.69
C ILE P 216 15.87 -97.55 7.93
N ALA P 217 17.04 -97.80 8.54
CA ALA P 217 17.89 -96.71 8.95
C ALA P 217 18.66 -96.30 7.72
N VAL P 218 18.97 -95.01 7.59
CA VAL P 218 19.59 -94.57 6.35
C VAL P 218 21.02 -95.11 6.30
N LEU P 219 21.13 -96.42 6.07
CA LEU P 219 22.41 -97.12 6.04
C LEU P 219 23.01 -97.19 4.64
N THR P 220 22.21 -97.01 3.60
CA THR P 220 22.53 -97.51 2.27
C THR P 220 22.84 -96.37 1.31
N ARG P 221 24.02 -96.42 0.70
CA ARG P 221 24.43 -95.53 -0.38
C ARG P 221 24.41 -96.30 -1.69
N GLN P 222 23.86 -95.68 -2.73
CA GLN P 222 23.68 -96.35 -4.02
C GLN P 222 24.14 -95.46 -5.15
N ASN P 223 24.98 -96.00 -6.03
CA ASN P 223 25.51 -95.25 -7.18
C ASN P 223 25.13 -95.99 -8.45
N THR P 224 24.45 -95.29 -9.38
CA THR P 224 24.12 -95.94 -10.64
C THR P 224 24.00 -94.89 -11.75
N LEU P 225 24.13 -95.36 -12.98
CA LEU P 225 24.24 -94.51 -14.15
C LEU P 225 22.88 -93.99 -14.61
N HIS P 226 22.94 -92.88 -15.33
CA HIS P 226 21.79 -92.28 -16.01
C HIS P 226 22.10 -92.15 -17.47
N LEU P 227 21.24 -92.71 -18.32
CA LEU P 227 21.32 -92.46 -19.76
C LEU P 227 20.33 -91.36 -20.09
N ASN P 228 20.82 -90.28 -20.70
CA ASN P 228 20.00 -89.12 -20.97
C ASN P 228 19.37 -89.22 -22.36
N ARG P 229 18.40 -88.34 -22.60
CA ARG P 229 17.51 -88.38 -23.76
C ARG P 229 16.54 -87.22 -23.55
N HIS P 230 15.51 -87.09 -24.39
CA HIS P 230 14.35 -86.32 -23.99
C HIS P 230 13.51 -87.08 -22.97
N ASN P 231 13.74 -88.38 -22.84
CA ASN P 231 13.13 -89.24 -21.81
C ASN P 231 14.28 -89.78 -20.95
N ASN P 232 14.46 -89.23 -19.75
CA ASN P 232 15.67 -89.41 -18.96
C ASN P 232 15.46 -90.52 -17.93
N VAL P 233 16.04 -91.68 -18.21
CA VAL P 233 15.79 -92.88 -17.41
C VAL P 233 17.11 -93.34 -16.80
N THR P 234 17.14 -94.60 -16.34
CA THR P 234 18.27 -95.20 -15.66
C THR P 234 18.48 -96.60 -16.24
N SER P 235 19.59 -97.23 -15.86
CA SER P 235 19.77 -98.66 -16.14
C SER P 235 20.37 -99.34 -14.92
N ILE P 236 19.98 -100.61 -14.75
CA ILE P 236 19.86 -101.36 -13.49
C ILE P 236 20.95 -101.07 -12.44
N GLU P 237 20.58 -101.26 -11.17
CA GLU P 237 21.05 -100.54 -10.00
C GLU P 237 22.34 -101.11 -9.40
N LEU P 238 23.11 -100.24 -8.77
CA LEU P 238 24.35 -100.61 -8.08
C LEU P 238 24.43 -99.91 -6.73
N HIS P 239 24.98 -100.63 -5.75
CA HIS P 239 24.55 -100.56 -4.36
C HIS P 239 25.75 -100.58 -3.42
N SER P 240 25.51 -100.21 -2.15
CA SER P 240 26.48 -100.26 -1.04
C SER P 240 25.86 -99.86 0.29
N PRO P 241 26.34 -100.39 1.42
CA PRO P 241 25.81 -99.96 2.72
C PRO P 241 26.85 -99.38 3.66
N ILE P 242 26.40 -98.68 4.70
CA ILE P 242 27.25 -98.22 5.79
C ILE P 242 26.43 -98.34 7.08
N LYS P 243 27.11 -98.60 8.19
CA LYS P 243 26.39 -98.76 9.46
C LYS P 243 25.90 -97.43 10.05
N SER P 244 26.46 -96.30 9.60
CA SER P 244 26.02 -94.99 10.08
C SER P 244 24.74 -94.55 9.39
N ILE P 245 23.99 -93.70 10.09
CA ILE P 245 22.93 -92.93 9.44
C ILE P 245 23.60 -91.94 8.48
N LYS P 246 23.09 -91.86 7.26
CA LYS P 246 23.83 -91.23 6.18
C LYS P 246 23.28 -89.84 5.88
N ILE P 247 24.18 -88.88 5.76
CA ILE P 247 23.84 -87.51 5.38
C ILE P 247 24.60 -87.20 4.08
N PRO P 248 24.98 -85.95 3.74
CA PRO P 248 24.95 -85.58 2.33
C PRO P 248 25.87 -86.46 1.48
N GLY P 249 25.29 -86.97 0.39
CA GLY P 249 26.08 -87.36 -0.75
C GLY P 249 26.45 -86.09 -1.48
N ALA P 250 27.73 -85.96 -1.80
CA ALA P 250 28.21 -84.84 -2.60
C ALA P 250 29.28 -85.36 -3.57
N SER P 251 29.19 -84.93 -4.83
CA SER P 251 30.19 -85.24 -5.86
C SER P 251 30.49 -83.93 -6.56
N GLU P 252 31.65 -83.34 -6.27
CA GLU P 252 31.94 -82.00 -6.76
C GLU P 252 32.52 -82.07 -8.17
N SER P 253 32.86 -80.90 -8.71
CA SER P 253 33.52 -80.80 -10.01
C SER P 253 34.13 -79.42 -10.15
N ILE P 254 35.46 -79.34 -10.10
CA ILE P 254 36.12 -78.06 -10.36
C ILE P 254 35.81 -77.64 -11.80
N GLY P 255 35.57 -76.34 -11.98
CA GLY P 255 35.24 -75.81 -13.28
C GLY P 255 36.41 -75.89 -14.25
N ARG P 256 36.14 -75.41 -15.47
CA ARG P 256 37.01 -75.66 -16.61
C ARG P 256 38.14 -74.63 -16.69
N ARG P 257 38.90 -74.57 -15.62
CA ARG P 257 40.31 -74.26 -15.75
C ARG P 257 41.08 -75.49 -16.23
N SER P 258 40.46 -76.66 -16.14
CA SER P 258 41.23 -77.90 -16.15
C SER P 258 40.51 -79.09 -16.79
N ASN P 259 39.73 -79.82 -16.00
CA ASN P 259 39.38 -81.18 -16.33
C ASN P 259 37.97 -81.50 -15.85
N LEU P 260 37.42 -82.60 -16.36
CA LEU P 260 36.09 -83.08 -16.01
C LEU P 260 36.27 -84.26 -15.04
N VAL P 261 35.69 -84.14 -13.85
CA VAL P 261 36.30 -84.68 -12.64
C VAL P 261 35.89 -86.11 -12.28
N GLY P 262 36.58 -86.66 -11.29
CA GLY P 262 36.44 -88.03 -10.85
C GLY P 262 35.33 -88.23 -9.85
N ILE P 263 35.62 -88.89 -8.73
CA ILE P 263 34.59 -89.64 -7.99
C ILE P 263 34.18 -88.98 -6.66
N ILE P 264 33.38 -89.70 -5.86
CA ILE P 264 32.29 -89.07 -5.08
C ILE P 264 32.34 -89.41 -3.59
N THR P 265 31.87 -88.47 -2.75
CA THR P 265 32.12 -88.41 -1.32
C THR P 265 30.82 -88.31 -0.53
N GLU P 266 30.84 -88.77 0.73
CA GLU P 266 29.68 -88.65 1.58
C GLU P 266 30.05 -88.41 3.04
N ASN P 267 29.13 -87.75 3.75
CA ASN P 267 29.23 -87.44 5.18
C ASN P 267 28.13 -88.18 5.92
N SER P 268 28.41 -88.63 7.16
CA SER P 268 27.45 -89.54 7.81
C SER P 268 27.13 -89.18 9.27
N PHE P 269 26.80 -90.20 10.06
CA PHE P 269 26.49 -90.09 11.48
C PHE P 269 27.75 -90.10 12.32
N GLN P 270 28.70 -90.95 11.98
CA GLN P 270 30.06 -90.87 12.51
C GLN P 270 31.06 -90.46 11.46
N ILE P 271 30.90 -91.01 10.28
CA ILE P 271 31.99 -91.28 9.38
C ILE P 271 32.05 -90.24 8.28
N PHE P 272 33.19 -90.23 7.60
CA PHE P 272 33.42 -89.44 6.41
C PHE P 272 34.10 -90.33 5.39
N ARG P 273 33.42 -90.64 4.28
CA ARG P 273 33.95 -91.61 3.33
C ARG P 273 34.08 -90.99 1.94
N ILE P 274 35.00 -91.53 1.14
CA ILE P 274 35.17 -91.06 -0.23
C ILE P 274 35.42 -92.27 -1.14
N GLU P 275 34.61 -92.41 -2.20
CA GLU P 275 34.71 -93.54 -3.12
C GLU P 275 35.28 -93.14 -4.47
N SER P 276 36.00 -94.09 -5.08
CA SER P 276 36.38 -94.06 -6.48
C SER P 276 35.44 -94.93 -7.30
N VAL P 277 35.61 -94.89 -8.63
CA VAL P 277 34.77 -95.69 -9.52
C VAL P 277 35.51 -95.95 -10.82
N HIS P 278 35.28 -97.14 -11.37
CA HIS P 278 35.50 -97.49 -12.76
C HIS P 278 34.18 -97.98 -13.31
N SER P 279 34.01 -97.91 -14.64
CA SER P 279 32.73 -98.33 -15.22
C SER P 279 32.92 -98.75 -16.66
N ARG P 280 32.13 -99.76 -17.08
CA ARG P 280 32.07 -100.26 -18.45
C ARG P 280 30.85 -101.15 -18.66
N SER P 281 30.10 -100.91 -19.75
CA SER P 281 29.03 -101.78 -20.24
C SER P 281 27.84 -101.85 -19.29
N CYS P 282 27.42 -100.68 -18.79
CA CYS P 282 26.21 -100.45 -17.99
C CYS P 282 26.33 -100.91 -16.53
N ASP P 283 27.54 -101.09 -16.04
CA ASP P 283 27.81 -101.34 -14.63
C ASP P 283 28.69 -100.23 -14.09
N VAL P 284 28.59 -99.98 -12.79
CA VAL P 284 29.27 -98.87 -12.13
C VAL P 284 29.98 -99.44 -10.91
N MET P 285 31.22 -99.89 -11.07
CA MET P 285 31.92 -100.53 -9.96
C MET P 285 32.75 -99.49 -9.20
N VAL P 286 32.40 -99.26 -7.93
CA VAL P 286 33.06 -98.26 -7.11
C VAL P 286 33.96 -98.95 -6.08
N SER P 287 34.83 -98.17 -5.45
CA SER P 287 35.79 -98.68 -4.47
C SER P 287 35.87 -97.71 -3.30
N SER P 288 35.96 -98.27 -2.09
CA SER P 288 35.72 -97.53 -0.84
C SER P 288 37.00 -96.91 -0.31
N SER P 289 37.31 -95.70 -0.80
CA SER P 289 38.39 -94.92 -0.23
C SER P 289 38.07 -94.54 1.21
N GLU P 290 39.01 -94.90 2.08
CA GLU P 290 38.73 -95.44 3.41
C GLU P 290 38.08 -94.41 4.32
N PRO P 291 37.16 -94.84 5.19
CA PRO P 291 36.52 -93.93 6.15
C PRO P 291 37.51 -93.45 7.20
N LEU P 292 37.09 -92.40 7.91
CA LEU P 292 37.62 -92.11 9.23
C LEU P 292 36.43 -91.85 10.13
N TYR P 293 36.24 -92.71 11.14
CA TYR P 293 35.09 -92.55 12.02
C TYR P 293 35.14 -91.20 12.70
N PHE P 294 36.34 -90.76 13.08
CA PHE P 294 36.64 -89.46 13.67
C PHE P 294 38.05 -89.48 14.23
N VAL P 295 38.68 -88.32 14.34
CA VAL P 295 39.63 -88.12 15.40
C VAL P 295 38.95 -87.57 16.64
N GLU P 296 37.76 -86.99 16.48
CA GLU P 296 37.33 -85.85 17.28
C GLU P 296 36.16 -86.10 18.22
N ILE P 297 35.34 -87.11 17.99
CA ILE P 297 33.99 -87.18 18.54
C ILE P 297 33.31 -85.85 18.24
N ASP P 298 33.17 -85.53 16.95
CA ASP P 298 32.43 -84.36 16.49
C ASP P 298 31.78 -84.69 15.16
N ASP P 299 30.51 -84.38 15.03
CA ASP P 299 29.84 -84.48 13.74
C ASP P 299 30.34 -83.37 12.82
N LEU P 300 30.31 -83.64 11.53
CA LEU P 300 30.87 -82.74 10.54
C LEU P 300 29.74 -82.16 9.70
N GLN P 301 29.75 -80.85 9.51
CA GLN P 301 28.66 -80.19 8.83
C GLN P 301 28.73 -80.43 7.33
N VAL P 302 29.77 -79.93 6.67
CA VAL P 302 29.83 -79.96 5.22
C VAL P 302 31.20 -80.47 4.79
N VAL P 303 31.22 -81.14 3.63
CA VAL P 303 32.41 -81.54 2.89
C VAL P 303 32.51 -80.64 1.67
N ASP P 304 33.73 -80.22 1.34
CA ASP P 304 33.91 -79.56 0.06
C ASP P 304 35.18 -80.09 -0.61
N PHE P 305 35.17 -80.03 -1.93
CA PHE P 305 36.26 -80.55 -2.73
C PHE P 305 36.81 -79.49 -3.67
N GLN P 314 43.78 -83.31 -4.92
CA GLN P 314 42.33 -83.22 -4.66
C GLN P 314 41.97 -83.23 -3.16
N PHE P 315 41.13 -82.27 -2.76
CA PHE P 315 41.10 -81.73 -1.41
C PHE P 315 39.81 -82.11 -0.68
N ALA P 316 39.91 -82.99 0.33
CA ALA P 316 38.80 -83.31 1.21
C ALA P 316 38.79 -82.31 2.36
N ILE P 317 37.90 -81.33 2.28
CA ILE P 317 37.75 -80.30 3.31
C ILE P 317 36.55 -80.64 4.17
N ILE P 318 36.75 -80.67 5.48
CA ILE P 318 35.67 -80.95 6.41
C ILE P 318 35.42 -79.74 7.28
N ASP P 319 34.15 -79.56 7.66
CA ASP P 319 33.77 -78.67 8.73
C ASP P 319 32.99 -79.44 9.78
N ILE P 320 33.46 -79.37 11.03
CA ILE P 320 32.71 -79.81 12.21
C ILE P 320 32.39 -78.55 13.01
N LYS P 321 31.16 -78.46 13.52
CA LYS P 321 30.64 -77.28 14.24
C LYS P 321 31.67 -76.34 14.89
N GLY P 322 32.19 -75.41 14.10
CA GLY P 322 33.09 -74.40 14.61
C GLY P 322 34.57 -74.70 14.51
N ASN P 323 34.98 -75.53 13.56
CA ASN P 323 36.39 -75.81 13.28
C ASN P 323 36.54 -76.72 12.06
N TRP P 324 37.52 -76.41 11.24
CA TRP P 324 37.61 -76.95 9.90
C TRP P 324 39.00 -77.52 9.66
N SER P 325 39.10 -78.28 8.57
CA SER P 325 40.35 -78.96 8.21
C SER P 325 40.43 -79.17 6.71
N ILE P 326 41.57 -78.80 6.12
CA ILE P 326 41.91 -79.12 4.73
C ILE P 326 42.64 -80.46 4.72
N GLY P 327 42.21 -81.35 3.84
CA GLY P 327 42.77 -82.69 3.80
C GLY P 327 42.90 -83.17 2.38
N ARG P 328 43.54 -84.33 2.22
CA ARG P 328 43.79 -84.94 0.91
C ARG P 328 43.34 -86.40 0.91
N ILE P 329 43.14 -86.95 -0.28
CA ILE P 329 42.59 -88.28 -0.45
C ILE P 329 43.68 -89.21 -0.99
N PRO P 330 43.72 -90.49 -0.61
CA PRO P 330 44.75 -91.39 -1.13
C PRO P 330 44.58 -91.63 -2.62
N LYS P 331 45.61 -92.23 -3.23
CA LYS P 331 45.52 -92.63 -4.62
C LYS P 331 45.17 -94.10 -4.73
N ASN P 332 44.16 -94.38 -5.55
CA ASN P 332 43.43 -95.64 -5.70
C ASN P 332 43.38 -96.62 -4.52
N PHE P 333 44.52 -97.18 -4.08
CA PHE P 333 44.42 -98.45 -3.35
C PHE P 333 45.21 -98.58 -2.06
N ASN P 334 44.48 -98.84 -0.99
CA ASN P 334 44.79 -99.94 -0.06
C ASN P 334 46.03 -99.70 0.80
N ASN P 335 46.17 -98.49 1.34
CA ASN P 335 47.31 -98.24 2.22
C ASN P 335 47.22 -99.15 3.44
N GLN P 342 44.00 -93.11 6.35
CA GLN P 342 44.03 -93.18 4.89
C GLN P 342 44.04 -91.80 4.24
N LEU P 343 43.06 -90.96 4.59
CA LEU P 343 43.06 -89.55 4.21
C LEU P 343 43.66 -88.73 5.35
N ILE P 344 44.52 -87.75 5.01
CA ILE P 344 45.29 -87.03 6.01
C ILE P 344 45.01 -85.53 5.86
N ASP P 345 45.40 -84.76 6.89
CA ASP P 345 45.28 -83.31 6.89
C ASP P 345 46.46 -82.71 7.64
N ASN P 346 46.77 -81.43 7.36
CA ASN P 346 47.80 -80.70 8.13
C ASN P 346 47.50 -79.22 8.34
N LEU P 347 46.51 -78.68 7.65
CA LEU P 347 46.11 -77.30 7.78
C LEU P 347 44.71 -77.30 8.38
N HIS P 348 44.51 -76.53 9.45
CA HIS P 348 43.28 -76.60 10.22
C HIS P 348 42.91 -75.23 10.73
N GLY P 349 41.76 -75.13 11.37
CA GLY P 349 41.32 -73.85 11.88
C GLY P 349 39.99 -74.00 12.58
N THR P 350 39.40 -72.85 12.89
CA THR P 350 38.10 -72.82 13.57
C THR P 350 37.42 -71.49 13.36
N ILE P 351 36.09 -71.52 13.35
CA ILE P 351 35.30 -70.29 13.29
C ILE P 351 34.33 -70.27 14.46
N PHE P 352 34.72 -70.88 15.57
CA PHE P 352 33.80 -71.11 16.69
C PHE P 352 33.21 -69.81 17.21
N ASP P 353 31.94 -69.88 17.59
CA ASP P 353 31.19 -68.72 18.03
C ASP P 353 30.23 -69.20 19.11
N PRO P 354 30.57 -69.01 20.40
CA PRO P 354 29.75 -69.62 21.46
C PRO P 354 28.29 -69.24 21.37
N GLU P 355 28.00 -68.02 20.90
CA GLU P 355 26.66 -67.46 20.97
C GLU P 355 25.86 -67.70 19.71
N GLU P 356 26.26 -68.64 18.86
CA GLU P 356 25.38 -69.15 17.82
C GLU P 356 25.08 -70.61 18.15
N LEU P 357 23.82 -70.88 18.54
CA LEU P 357 23.43 -72.20 19.02
C LEU P 357 23.19 -73.20 17.89
N SER P 358 22.69 -72.73 16.73
CA SER P 358 22.35 -73.63 15.63
C SER P 358 23.58 -74.31 15.07
N SER P 359 23.46 -75.61 14.78
CA SER P 359 24.64 -76.42 14.56
C SER P 359 25.24 -76.31 13.17
N TRP P 360 24.47 -75.89 12.17
CA TRP P 360 25.01 -75.93 10.81
C TRP P 360 26.03 -74.84 10.59
N LYS P 361 27.18 -75.25 10.11
CA LYS P 361 28.22 -74.44 9.49
C LYS P 361 28.41 -74.96 8.06
N ARG P 362 29.25 -74.30 7.27
CA ARG P 362 29.33 -74.70 5.87
C ARG P 362 30.66 -74.27 5.25
N ILE P 363 31.31 -75.18 4.51
CA ILE P 363 32.55 -74.86 3.79
C ILE P 363 32.36 -75.09 2.30
N GLU P 364 32.53 -74.03 1.51
CA GLU P 364 32.62 -74.16 0.06
C GLU P 364 33.57 -73.06 -0.40
N TRP P 365 34.49 -73.40 -1.29
CA TRP P 365 35.49 -72.39 -1.58
C TRP P 365 35.12 -71.61 -2.83
N PHE P 366 36.07 -70.81 -3.30
CA PHE P 366 35.73 -69.58 -3.97
C PHE P 366 36.83 -69.25 -4.97
N SER P 367 36.45 -69.02 -6.22
CA SER P 367 37.35 -68.66 -7.33
C SER P 367 38.22 -69.82 -7.78
N HIS P 368 38.16 -70.99 -7.14
CA HIS P 368 39.15 -72.07 -7.29
C HIS P 368 40.57 -71.59 -6.97
N PHE P 369 40.70 -70.37 -6.43
CA PHE P 369 41.99 -69.76 -6.11
C PHE P 369 42.76 -70.55 -5.07
N GLN P 370 42.21 -71.65 -4.56
CA GLN P 370 42.74 -72.32 -3.37
C GLN P 370 42.55 -71.42 -2.14
N LYS P 371 41.32 -70.90 -2.00
CA LYS P 371 40.85 -70.08 -0.89
C LYS P 371 39.40 -70.44 -0.62
N ILE P 372 39.01 -70.55 0.67
CA ILE P 372 37.74 -71.15 1.06
C ILE P 372 36.78 -70.15 1.68
N LEU P 373 35.51 -70.57 1.73
CA LEU P 373 34.43 -69.86 2.42
C LEU P 373 33.87 -70.76 3.52
N VAL P 374 33.72 -70.18 4.72
CA VAL P 374 33.18 -70.87 5.88
C VAL P 374 32.04 -70.04 6.48
N PHE P 375 30.96 -70.72 6.89
CA PHE P 375 29.65 -70.13 7.13
C PHE P 375 29.05 -70.60 8.45
N ASP P 376 28.40 -69.71 9.17
CA ASP P 376 27.35 -70.14 10.08
C ASP P 376 26.20 -69.13 10.00
N ARG P 377 25.07 -69.47 10.63
CA ARG P 377 23.87 -68.66 10.48
C ARG P 377 24.07 -67.24 11.01
N SER P 378 25.26 -66.98 11.56
CA SER P 378 25.64 -65.65 12.05
C SER P 378 26.46 -64.86 11.05
N LYS P 379 27.36 -65.50 10.29
CA LYS P 379 28.28 -64.72 9.48
C LYS P 379 28.98 -65.57 8.42
N MET P 380 29.73 -64.86 7.56
CA MET P 380 30.45 -65.40 6.41
C MET P 380 31.90 -64.97 6.50
N ILE P 381 32.78 -65.96 6.58
CA ILE P 381 34.20 -65.76 6.78
C ILE P 381 34.93 -66.33 5.57
N GLU P 382 35.77 -65.51 4.94
CA GLU P 382 36.70 -65.97 3.92
C GLU P 382 38.01 -66.36 4.58
N ILE P 383 38.63 -67.41 4.07
CA ILE P 383 39.90 -67.87 4.61
C ILE P 383 40.84 -68.21 3.47
N ASP P 384 41.81 -67.34 3.23
CA ASP P 384 42.88 -67.67 2.30
C ASP P 384 43.83 -68.58 3.05
N PHE P 385 43.81 -69.86 2.68
CA PHE P 385 44.24 -70.93 3.56
C PHE P 385 45.58 -71.52 3.18
N MET P 386 46.20 -71.06 2.09
CA MET P 386 47.58 -71.42 1.85
C MET P 386 48.53 -70.27 2.13
N ASN P 387 48.00 -69.09 2.44
CA ASN P 387 48.77 -68.11 3.22
C ASN P 387 48.22 -68.23 4.64
N ASN P 388 48.06 -67.11 5.34
CA ASN P 388 47.28 -67.07 6.57
C ASN P 388 46.33 -65.90 6.44
N TRP P 389 45.04 -66.16 6.22
CA TRP P 389 44.17 -65.03 5.94
C TRP P 389 42.73 -65.35 6.32
N GLN P 390 42.05 -64.36 6.91
CA GLN P 390 40.72 -64.54 7.50
C GLN P 390 39.98 -63.21 7.47
N THR P 391 38.71 -63.23 7.02
CA THR P 391 37.93 -62.00 6.99
C THR P 391 36.46 -62.28 7.26
N GLU P 392 35.82 -61.37 7.99
CA GLU P 392 34.39 -61.38 8.25
C GLU P 392 33.75 -60.35 7.31
N VAL P 393 32.97 -60.84 6.32
CA VAL P 393 32.51 -59.98 5.22
C VAL P 393 31.16 -59.31 5.55
N VAL P 394 30.99 -58.09 5.00
CA VAL P 394 30.56 -56.89 5.74
C VAL P 394 29.33 -56.97 6.66
N GLN P 395 28.31 -57.75 6.35
CA GLN P 395 27.29 -57.79 7.39
C GLN P 395 27.64 -58.89 8.41
N ALA P 396 26.84 -58.96 9.47
CA ALA P 396 27.00 -60.03 10.44
C ALA P 396 25.67 -60.71 10.72
N LYS P 397 25.02 -60.35 11.84
CA LYS P 397 23.85 -61.10 12.29
C LYS P 397 22.82 -60.20 12.97
N ALA P 398 22.73 -58.92 12.58
CA ALA P 398 21.80 -58.00 13.24
C ALA P 398 20.34 -58.29 12.88
N TRP P 399 20.06 -58.49 11.57
CA TRP P 399 18.68 -58.57 11.10
C TRP P 399 18.33 -59.82 10.31
N SER P 400 19.30 -60.70 10.04
CA SER P 400 18.99 -61.88 9.24
C SER P 400 20.03 -62.95 9.47
N ASN P 401 19.65 -64.18 9.19
CA ASN P 401 20.55 -65.31 9.26
C ASN P 401 21.00 -65.67 7.86
N ILE P 402 22.30 -65.95 7.70
CA ILE P 402 22.70 -66.76 6.57
C ILE P 402 21.81 -67.98 6.55
N ARG P 403 21.21 -68.27 5.41
CA ARG P 403 20.25 -69.35 5.30
C ARG P 403 20.75 -70.50 4.46
N ASP P 404 21.42 -70.21 3.33
CA ASP P 404 22.18 -71.22 2.60
C ASP P 404 23.17 -70.52 1.70
N TYR P 405 24.06 -71.32 1.12
CA TYR P 405 25.00 -70.85 0.13
C TYR P 405 25.43 -72.04 -0.74
N LYS P 406 25.50 -71.78 -2.04
CA LYS P 406 25.93 -72.76 -3.03
C LYS P 406 26.64 -71.99 -4.13
N ARG P 407 27.74 -72.56 -4.62
CA ARG P 407 28.59 -71.86 -5.59
C ARG P 407 27.95 -71.93 -6.97
N ILE P 408 27.39 -70.80 -7.44
CA ILE P 408 26.72 -70.82 -8.73
C ILE P 408 27.75 -71.16 -9.78
N ASP P 409 27.49 -72.23 -10.53
CA ASP P 409 28.50 -73.23 -10.83
C ASP P 409 29.81 -72.63 -11.29
N ASP P 410 29.77 -71.61 -12.16
CA ASP P 410 31.00 -71.04 -12.69
C ASP P 410 31.89 -70.58 -11.55
N LYS P 411 33.11 -71.13 -11.51
CA LYS P 411 34.13 -70.96 -10.49
C LYS P 411 34.03 -69.62 -9.75
N ASN P 412 34.18 -68.52 -10.47
CA ASN P 412 34.10 -67.21 -9.84
C ASN P 412 32.66 -66.75 -9.61
N GLY P 413 31.80 -67.59 -9.00
CA GLY P 413 30.40 -67.24 -8.85
C GLY P 413 29.71 -67.86 -7.64
N ILE P 414 28.94 -67.04 -6.91
CA ILE P 414 28.54 -67.30 -5.51
C ILE P 414 27.05 -66.98 -5.32
N LEU P 415 26.27 -67.94 -4.83
CA LEU P 415 24.85 -67.71 -4.62
C LEU P 415 24.47 -68.01 -3.17
N LEU P 416 23.98 -67.00 -2.46
CA LEU P 416 23.75 -67.07 -1.02
C LEU P 416 22.33 -66.64 -0.69
N THR P 417 21.55 -67.51 -0.02
CA THR P 417 20.24 -67.15 0.54
C THR P 417 20.45 -66.62 1.94
N SER P 418 20.08 -65.36 2.16
CA SER P 418 19.90 -64.89 3.52
C SER P 418 18.43 -65.09 3.88
N ARG P 419 17.98 -64.51 4.98
CA ARG P 419 16.56 -64.22 5.10
C ARG P 419 16.26 -62.96 4.30
N GLU P 420 15.24 -63.03 3.47
CA GLU P 420 14.77 -61.90 2.66
C GLU P 420 15.92 -61.22 1.91
N ILE P 421 16.67 -62.02 1.15
CA ILE P 421 17.61 -61.54 0.14
C ILE P 421 18.24 -62.73 -0.58
N ILE P 422 18.21 -62.67 -1.92
CA ILE P 422 19.06 -63.51 -2.77
C ILE P 422 20.32 -62.72 -3.07
N ILE P 423 21.47 -63.24 -2.66
CA ILE P 423 22.76 -62.56 -2.75
C ILE P 423 23.61 -63.22 -3.84
N VAL P 424 24.03 -62.42 -4.81
CA VAL P 424 24.90 -62.88 -5.88
C VAL P 424 26.29 -62.34 -5.54
N GLY P 425 27.02 -63.07 -4.71
CA GLY P 425 28.44 -62.79 -4.58
C GLY P 425 29.19 -63.45 -5.71
N ALA P 426 30.42 -62.99 -5.95
CA ALA P 426 31.26 -63.46 -7.05
C ALA P 426 32.32 -62.42 -7.36
N SER P 427 33.51 -62.85 -7.78
CA SER P 427 34.58 -61.88 -7.93
C SER P 427 34.33 -60.95 -9.12
N GLU P 428 34.54 -59.65 -8.90
CA GLU P 428 34.96 -58.75 -9.98
C GLU P 428 36.26 -58.11 -9.54
N SER P 429 37.19 -58.96 -9.14
CA SER P 429 38.63 -58.73 -9.04
C SER P 429 39.25 -60.10 -8.80
N ASN P 430 40.48 -60.27 -9.29
CA ASN P 430 41.12 -61.59 -9.19
C ASN P 430 41.17 -62.07 -7.74
N ASP P 431 41.48 -61.16 -6.82
CA ASP P 431 41.40 -61.48 -5.41
C ASP P 431 39.93 -61.71 -5.01
N PRO P 432 39.70 -62.42 -3.89
CA PRO P 432 38.33 -62.76 -3.51
C PRO P 432 37.50 -61.51 -3.22
N VAL P 433 36.18 -61.71 -3.09
CA VAL P 433 35.22 -60.63 -3.28
C VAL P 433 34.18 -60.62 -2.17
N ARG P 434 33.47 -59.48 -2.12
CA ARG P 434 32.03 -59.45 -1.92
C ARG P 434 31.40 -58.69 -3.09
N ARG P 435 30.17 -59.08 -3.43
CA ARG P 435 29.32 -58.31 -4.33
C ARG P 435 28.21 -57.64 -3.53
N ILE P 436 28.11 -56.31 -3.65
CA ILE P 436 26.95 -55.55 -3.24
C ILE P 436 26.30 -54.88 -4.45
N SER P 437 26.65 -55.36 -5.64
CA SER P 437 25.78 -55.29 -6.81
C SER P 437 24.39 -55.73 -6.37
N TRP P 438 23.45 -54.78 -6.32
CA TRP P 438 22.19 -54.96 -5.59
C TRP P 438 21.47 -56.28 -5.89
N LYS P 439 20.52 -56.66 -5.01
CA LYS P 439 19.97 -58.02 -4.98
C LYS P 439 18.46 -57.98 -4.74
N HIS P 440 17.81 -59.14 -4.84
CA HIS P 440 16.37 -59.25 -4.62
C HIS P 440 16.09 -59.84 -3.24
N ASP P 441 14.84 -59.66 -2.75
CA ASP P 441 14.48 -60.13 -1.41
C ASP P 441 13.15 -60.90 -1.39
N LEU P 442 13.03 -61.83 -0.45
CA LEU P 442 12.07 -62.93 -0.48
C LEU P 442 11.60 -63.24 0.93
N ASP P 443 10.31 -63.57 1.11
CA ASP P 443 9.74 -63.04 2.35
C ASP P 443 9.28 -64.02 3.44
N PRO P 444 10.20 -64.73 4.19
CA PRO P 444 9.75 -65.45 5.41
C PRO P 444 10.62 -65.44 6.68
N ASP P 445 10.10 -66.14 7.70
CA ASP P 445 10.80 -66.41 8.96
C ASP P 445 11.26 -67.86 9.06
N ASP P 446 10.74 -68.72 8.19
CA ASP P 446 11.18 -70.09 7.94
C ASP P 446 12.68 -70.25 8.06
N THR P 447 13.10 -71.17 8.93
CA THR P 447 14.52 -71.48 9.05
C THR P 447 15.00 -72.43 7.97
N THR P 448 14.07 -73.14 7.32
CA THR P 448 14.34 -74.36 6.58
C THR P 448 14.64 -74.10 5.09
N LEU P 449 14.62 -72.84 4.67
CA LEU P 449 14.92 -72.47 3.29
C LEU P 449 16.27 -72.98 2.82
N ARG P 450 16.32 -73.38 1.55
CA ARG P 450 17.55 -73.77 0.85
C ARG P 450 17.49 -73.18 -0.54
N ILE P 451 18.60 -73.31 -1.29
CA ILE P 451 18.69 -72.73 -2.63
C ILE P 451 19.52 -73.62 -3.55
N THR P 452 19.32 -73.44 -4.85
CA THR P 452 20.13 -74.03 -5.92
C THR P 452 19.91 -73.21 -7.19
N VAL P 453 20.93 -73.16 -8.06
CA VAL P 453 20.85 -72.43 -9.31
C VAL P 453 20.99 -73.39 -10.49
N GLN P 454 20.31 -73.05 -11.59
CA GLN P 454 20.62 -73.59 -12.92
C GLN P 454 21.07 -72.44 -13.80
N LYS P 455 21.87 -72.76 -14.80
CA LYS P 455 22.62 -71.77 -15.57
C LYS P 455 22.41 -72.05 -17.05
N VAL P 456 21.72 -71.15 -17.74
CA VAL P 456 21.48 -71.31 -19.17
C VAL P 456 22.27 -70.26 -19.95
N LYS P 457 22.66 -70.64 -21.16
CA LYS P 457 23.55 -69.87 -22.02
C LYS P 457 22.79 -69.36 -23.23
N LYS P 458 23.08 -68.13 -23.62
CA LYS P 458 22.46 -67.49 -24.77
C LYS P 458 23.45 -66.50 -25.34
N PRO P 459 23.18 -65.96 -26.53
CA PRO P 459 24.16 -65.06 -27.16
C PRO P 459 24.43 -63.77 -26.38
N ASP P 460 23.38 -63.01 -26.07
CA ASP P 460 23.52 -61.67 -25.50
C ASP P 460 23.62 -61.64 -23.99
N HIS P 461 23.43 -62.77 -23.32
CA HIS P 461 23.45 -62.80 -21.86
C HIS P 461 23.81 -64.21 -21.41
N ILE P 462 23.95 -64.39 -20.09
CA ILE P 462 24.25 -65.68 -19.45
C ILE P 462 23.45 -65.80 -18.16
N LEU P 463 22.28 -66.43 -18.20
CA LEU P 463 21.30 -66.21 -17.13
C LEU P 463 21.19 -67.37 -16.14
N LEU P 464 20.86 -67.02 -14.90
CA LEU P 464 20.89 -67.91 -13.74
C LEU P 464 19.53 -67.94 -13.07
N VAL P 465 18.98 -69.13 -12.87
CA VAL P 465 17.68 -69.31 -12.23
C VAL P 465 17.90 -69.82 -10.83
N ALA P 466 17.35 -69.08 -9.85
CA ALA P 466 17.52 -69.26 -8.42
C ALA P 466 16.26 -69.91 -7.88
N PHE P 467 16.39 -71.15 -7.41
CA PHE P 467 15.32 -71.90 -6.77
C PHE P 467 15.55 -71.86 -5.26
N VAL P 468 14.67 -71.18 -4.55
CA VAL P 468 14.64 -71.22 -3.09
C VAL P 468 13.42 -72.06 -2.69
N TYR P 469 13.66 -73.12 -1.92
CA TYR P 469 12.62 -74.07 -1.54
C TYR P 469 12.65 -74.28 -0.03
N SER P 470 11.64 -74.98 0.47
CA SER P 470 11.43 -75.09 1.90
C SER P 470 11.08 -76.53 2.27
N MET P 471 11.02 -76.77 3.59
CA MET P 471 10.59 -78.02 4.19
C MET P 471 9.20 -77.91 4.78
N ARG P 472 8.55 -76.77 4.61
CA ARG P 472 7.22 -76.54 5.17
C ARG P 472 6.13 -76.62 4.10
N HIS P 473 6.29 -75.92 2.99
CA HIS P 473 5.32 -75.95 1.91
C HIS P 473 6.02 -76.31 0.62
N LYS P 474 5.39 -77.19 -0.15
CA LYS P 474 5.89 -77.72 -1.42
C LYS P 474 6.10 -76.66 -2.50
N ARG P 475 5.78 -75.39 -2.25
CA ARG P 475 6.01 -74.33 -3.22
C ARG P 475 7.49 -74.09 -3.48
N ILE P 476 7.81 -73.65 -4.71
CA ILE P 476 9.16 -73.27 -5.13
C ILE P 476 9.15 -71.80 -5.48
N TYR P 477 10.17 -71.06 -5.01
CA TYR P 477 10.24 -69.62 -5.20
C TYR P 477 11.43 -69.30 -6.09
N MET P 478 11.15 -68.70 -7.24
CA MET P 478 12.11 -68.56 -8.33
C MET P 478 12.37 -67.11 -8.68
N HIS P 479 13.66 -66.80 -8.84
CA HIS P 479 14.11 -65.52 -9.38
C HIS P 479 15.18 -65.81 -10.43
N VAL P 480 15.43 -64.83 -11.30
CA VAL P 480 16.33 -65.01 -12.45
C VAL P 480 17.28 -63.82 -12.55
N PHE P 481 18.54 -64.09 -12.85
CA PHE P 481 19.53 -63.05 -13.04
C PHE P 481 20.20 -63.31 -14.37
N SER P 482 21.07 -62.38 -14.78
CA SER P 482 21.69 -62.45 -16.09
C SER P 482 23.11 -61.92 -16.01
N HIS P 483 24.02 -62.54 -16.76
CA HIS P 483 25.45 -62.23 -16.78
C HIS P 483 25.79 -61.83 -18.21
N ARG P 484 25.66 -60.53 -18.49
CA ARG P 484 26.23 -59.92 -19.70
C ARG P 484 27.65 -59.55 -19.33
N LYS P 485 28.62 -60.35 -19.79
CA LYS P 485 29.95 -60.22 -19.21
C LYS P 485 30.62 -58.89 -19.55
N ALA P 486 30.03 -57.80 -19.09
CA ALA P 486 30.75 -56.70 -18.47
C ALA P 486 30.75 -56.86 -16.96
N ASN P 487 30.54 -58.10 -16.49
CA ASN P 487 30.03 -58.38 -15.16
C ASN P 487 28.79 -57.55 -14.88
N LEU P 488 27.86 -57.58 -15.83
CA LEU P 488 26.56 -56.94 -15.72
C LEU P 488 25.56 -57.93 -15.13
N PHE P 489 24.82 -57.49 -14.11
CA PHE P 489 23.78 -58.28 -13.48
C PHE P 489 22.51 -57.44 -13.35
N GLN P 490 21.37 -58.00 -13.75
CA GLN P 490 20.08 -57.35 -13.54
C GLN P 490 19.04 -58.42 -13.17
N SER P 491 17.87 -57.94 -12.74
CA SER P 491 16.78 -58.76 -12.20
C SER P 491 15.46 -58.31 -12.81
N LEU P 492 14.56 -59.25 -13.05
CA LEU P 492 13.40 -58.99 -13.90
C LEU P 492 12.08 -58.88 -13.16
N GLY P 493 11.86 -59.71 -12.16
CA GLY P 493 10.53 -59.92 -11.61
C GLY P 493 10.45 -61.35 -11.13
N CYS P 494 9.54 -61.57 -10.18
CA CYS P 494 9.50 -62.77 -9.36
C CYS P 494 8.45 -63.77 -9.83
N SER P 495 8.66 -65.05 -9.50
CA SER P 495 7.61 -66.01 -9.81
C SER P 495 7.72 -67.22 -8.89
N THR P 496 6.57 -67.83 -8.58
CA THR P 496 6.49 -68.96 -7.66
C THR P 496 5.51 -70.02 -8.17
N VAL P 497 5.91 -71.30 -8.03
CA VAL P 497 5.05 -72.42 -8.41
C VAL P 497 4.79 -73.27 -7.17
N LEU P 498 3.79 -74.16 -7.29
CA LEU P 498 3.35 -75.03 -6.21
C LEU P 498 3.78 -76.47 -6.46
N GLU P 499 3.43 -77.34 -5.51
CA GLU P 499 3.69 -78.76 -5.60
C GLU P 499 2.73 -79.48 -4.65
N ILE P 500 2.66 -80.80 -4.78
CA ILE P 500 1.43 -81.52 -4.47
C ILE P 500 1.41 -82.06 -3.03
N PRO P 501 0.69 -83.21 -2.69
CA PRO P 501 -0.15 -83.24 -1.48
C PRO P 501 0.42 -82.71 -0.16
N GLY P 502 0.69 -83.59 0.81
CA GLY P 502 1.28 -83.21 2.09
C GLY P 502 2.75 -83.63 2.09
N GLY P 503 3.60 -82.82 2.71
CA GLY P 503 5.04 -82.96 2.61
C GLY P 503 5.65 -81.73 1.95
N THR P 504 6.95 -81.82 1.66
CA THR P 504 7.69 -80.64 1.20
C THR P 504 9.09 -81.09 0.69
N PRO P 505 9.70 -80.31 -0.21
CA PRO P 505 11.02 -80.68 -0.75
C PRO P 505 12.10 -80.92 0.30
N THR P 506 12.66 -82.13 0.29
CA THR P 506 13.94 -82.35 0.93
C THR P 506 15.12 -82.18 -0.03
N GLY P 507 14.88 -82.25 -1.34
CA GLY P 507 15.95 -81.97 -2.30
C GLY P 507 15.46 -81.36 -3.60
N ILE P 508 16.00 -80.19 -3.99
CA ILE P 508 15.82 -79.63 -5.32
C ILE P 508 17.19 -79.53 -5.98
N GLU P 509 17.36 -80.17 -7.14
CA GLU P 509 18.69 -80.23 -7.75
C GLU P 509 18.61 -80.00 -9.25
N THR P 510 19.23 -78.92 -9.71
CA THR P 510 19.31 -78.59 -11.12
C THR P 510 20.51 -79.27 -11.77
N ILE P 511 20.52 -79.27 -13.10
CA ILE P 511 21.61 -79.87 -13.87
C ILE P 511 22.05 -78.94 -15.00
N PHE P 531 13.14 -67.03 -27.53
CA PHE P 531 12.57 -66.12 -26.55
C PHE P 531 11.83 -66.87 -25.43
N GLU P 532 12.42 -67.96 -24.93
CA GLU P 532 11.81 -68.78 -23.90
C GLU P 532 12.89 -69.39 -23.02
N LEU P 533 12.46 -69.99 -21.90
CA LEU P 533 13.37 -70.61 -20.93
C LEU P 533 12.96 -72.05 -20.65
N VAL P 534 13.93 -72.96 -20.70
CA VAL P 534 13.77 -74.34 -20.24
C VAL P 534 14.74 -74.55 -19.08
N VAL P 535 14.20 -74.96 -17.94
CA VAL P 535 15.03 -75.24 -16.77
C VAL P 535 14.52 -76.51 -16.10
N ASP P 536 15.42 -77.46 -15.85
CA ASP P 536 15.01 -78.81 -15.47
C ASP P 536 15.85 -79.32 -14.31
N PHE P 537 15.22 -80.12 -13.44
CA PHE P 537 15.82 -80.49 -12.17
C PHE P 537 15.12 -81.74 -11.64
N LEU P 538 15.55 -82.20 -10.46
CA LEU P 538 14.84 -83.27 -9.78
C LEU P 538 14.45 -82.80 -8.39
N VAL P 539 13.32 -83.33 -7.90
CA VAL P 539 12.93 -83.07 -6.52
C VAL P 539 12.68 -84.39 -5.81
N LYS P 540 12.98 -84.38 -4.52
CA LYS P 540 12.61 -85.43 -3.60
C LYS P 540 11.88 -84.74 -2.46
N LEU P 541 10.74 -85.31 -2.07
CA LEU P 541 9.89 -84.72 -1.05
C LEU P 541 10.11 -85.38 0.31
N ARG P 542 9.90 -84.59 1.36
CA ARG P 542 9.86 -85.13 2.71
C ARG P 542 9.12 -86.46 2.71
N ASN P 543 9.75 -87.49 3.29
CA ASN P 543 9.12 -88.78 3.55
C ASN P 543 8.35 -89.28 2.32
N SER P 544 9.07 -89.41 1.21
CA SER P 544 8.56 -90.09 0.02
C SER P 544 9.75 -90.53 -0.81
N SER P 545 9.94 -91.84 -0.93
CA SER P 545 11.16 -92.40 -1.47
C SER P 545 11.33 -92.14 -2.96
N GLU P 546 10.39 -91.40 -3.55
CA GLU P 546 10.39 -91.17 -4.99
C GLU P 546 11.27 -89.98 -5.37
N VAL P 547 11.79 -90.05 -6.59
CA VAL P 547 12.67 -89.03 -7.17
C VAL P 547 12.06 -88.63 -8.51
N TYR P 548 11.60 -87.38 -8.61
CA TYR P 548 10.82 -86.96 -9.79
C TYR P 548 11.59 -85.94 -10.61
N TYR P 549 11.79 -86.28 -11.89
CA TYR P 549 12.35 -85.35 -12.88
C TYR P 549 11.29 -84.35 -13.28
N TYR P 550 11.67 -83.08 -13.31
CA TYR P 550 10.81 -82.01 -13.77
C TYR P 550 11.53 -81.16 -14.81
N ALA P 551 10.73 -80.55 -15.68
CA ALA P 551 11.19 -79.63 -16.69
C ALA P 551 10.23 -78.45 -16.73
N LEU P 552 10.75 -77.26 -17.02
CA LEU P 552 9.93 -76.05 -17.04
C LEU P 552 10.15 -75.31 -18.34
N SER P 553 9.03 -74.91 -18.97
CA SER P 553 8.99 -74.20 -20.24
C SER P 553 8.25 -72.88 -20.11
N ASN P 554 8.47 -72.01 -21.10
CA ASN P 554 7.96 -70.66 -21.04
C ASN P 554 6.52 -70.55 -21.55
N THR P 555 6.24 -70.94 -22.80
CA THR P 555 4.87 -70.88 -23.27
C THR P 555 4.37 -72.23 -23.76
N GLN P 556 3.33 -72.22 -24.60
CA GLN P 556 2.51 -73.39 -24.88
C GLN P 556 2.33 -73.65 -26.38
N ASN P 557 3.34 -73.35 -27.20
CA ASN P 557 3.29 -73.64 -28.63
C ASN P 557 3.83 -75.05 -28.87
N SER P 558 2.95 -75.98 -29.21
CA SER P 558 3.34 -77.35 -29.47
C SER P 558 2.32 -78.07 -30.35
N ILE P 567 -6.54 -86.53 -9.52
CA ILE P 567 -5.36 -87.06 -8.85
C ILE P 567 -5.43 -88.59 -8.76
N ILE P 568 -4.35 -89.25 -9.18
CA ILE P 568 -4.20 -90.70 -9.03
C ILE P 568 -4.13 -91.01 -7.55
N VAL P 569 -5.27 -90.95 -6.88
CA VAL P 569 -5.29 -90.86 -5.41
C VAL P 569 -4.76 -92.15 -4.80
N ASP P 570 -3.67 -92.02 -4.05
CA ASP P 570 -3.33 -92.93 -2.96
C ASP P 570 -3.15 -92.00 -1.77
N HIS P 571 -4.26 -91.59 -1.18
CA HIS P 571 -4.23 -90.93 0.12
C HIS P 571 -4.43 -92.02 1.17
N PRO P 572 -3.35 -92.54 1.76
CA PRO P 572 -3.47 -93.76 2.58
C PRO P 572 -4.41 -93.61 3.75
N GLU P 573 -4.80 -92.39 4.09
CA GLU P 573 -5.73 -92.18 5.18
C GLU P 573 -7.16 -92.47 4.77
N TRP P 574 -7.51 -92.25 3.50
CA TRP P 574 -8.88 -92.47 3.03
C TRP P 574 -9.06 -93.83 2.38
N ALA P 575 -8.08 -94.29 1.60
CA ALA P 575 -8.15 -95.64 1.03
C ALA P 575 -8.26 -96.70 2.12
N SER P 576 -7.48 -96.55 3.19
CA SER P 576 -7.68 -97.41 4.36
C SER P 576 -9.11 -97.30 4.89
N LEU P 577 -9.82 -96.23 4.53
CA LEU P 577 -11.20 -96.04 4.97
C LEU P 577 -12.20 -96.54 3.95
N PHE P 578 -11.77 -96.84 2.72
CA PHE P 578 -12.69 -97.18 1.65
C PHE P 578 -12.56 -98.61 1.12
N ASN P 579 -11.41 -99.26 1.31
CA ASN P 579 -11.13 -100.53 0.63
C ASN P 579 -11.32 -101.75 1.53
N ASN P 580 -12.02 -101.60 2.67
CA ASN P 580 -11.75 -102.43 3.85
C ASN P 580 -11.63 -103.91 3.54
N ALA P 581 -10.76 -104.57 4.32
CA ALA P 581 -9.93 -105.69 3.89
C ALA P 581 -10.65 -106.98 3.52
N ASP P 582 -11.15 -107.69 4.53
CA ASP P 582 -11.45 -109.12 4.36
C ASP P 582 -12.59 -109.32 3.37
N GLU P 583 -12.60 -110.51 2.75
CA GLU P 583 -13.57 -110.82 1.70
C GLU P 583 -15.00 -110.74 2.21
N ARG P 584 -15.23 -111.17 3.45
CA ARG P 584 -16.56 -111.01 4.03
C ARG P 584 -16.86 -109.55 4.35
N GLU P 585 -15.85 -108.69 4.36
CA GLU P 585 -16.05 -107.26 4.43
C GLU P 585 -16.05 -106.61 3.05
N LYS P 586 -15.98 -107.42 1.98
CA LYS P 586 -16.36 -107.01 0.63
C LYS P 586 -17.80 -107.40 0.34
N GLU P 587 -18.11 -108.70 0.45
CA GLU P 587 -19.46 -109.18 0.27
C GLU P 587 -20.38 -108.71 1.40
N SER P 588 -19.83 -108.24 2.51
CA SER P 588 -20.63 -107.55 3.51
C SER P 588 -21.18 -106.26 2.92
N ILE P 589 -20.28 -105.40 2.42
CA ILE P 589 -20.71 -104.15 1.82
C ILE P 589 -21.70 -104.42 0.70
N GLY P 590 -21.37 -105.38 -0.18
CA GLY P 590 -22.27 -105.71 -1.27
C GLY P 590 -23.64 -106.16 -0.79
N ALA P 591 -23.67 -106.91 0.33
CA ALA P 591 -24.94 -107.35 0.90
C ALA P 591 -25.79 -106.15 1.31
N LEU P 592 -25.20 -105.20 2.04
CA LEU P 592 -25.95 -104.01 2.43
C LEU P 592 -26.43 -103.24 1.20
N VAL P 593 -25.56 -103.07 0.20
CA VAL P 593 -25.91 -102.37 -1.04
C VAL P 593 -27.12 -103.01 -1.70
N SER P 594 -27.16 -104.35 -1.74
CA SER P 594 -28.32 -105.01 -2.33
C SER P 594 -29.58 -104.79 -1.49
N GLN P 595 -29.45 -104.92 -0.17
CA GLN P 595 -30.58 -104.64 0.72
C GLN P 595 -31.21 -103.30 0.36
N ILE P 596 -30.41 -102.24 0.34
CA ILE P 596 -31.00 -100.93 0.07
C ILE P 596 -31.48 -100.83 -1.38
N LYS P 597 -30.81 -101.49 -2.33
CA LYS P 597 -31.20 -101.33 -3.73
C LYS P 597 -32.59 -101.89 -4.00
N LEU P 598 -32.85 -103.12 -3.54
CA LEU P 598 -34.21 -103.64 -3.64
C LEU P 598 -35.19 -102.81 -2.81
N LYS P 599 -34.75 -102.29 -1.66
CA LYS P 599 -35.61 -101.37 -0.91
C LYS P 599 -36.04 -100.20 -1.79
N GLU P 600 -35.09 -99.57 -2.47
CA GLU P 600 -35.41 -98.46 -3.35
C GLU P 600 -36.41 -98.88 -4.41
N ARG P 601 -36.26 -100.12 -4.92
CA ARG P 601 -37.29 -100.63 -5.84
C ARG P 601 -38.66 -100.62 -5.18
N GLU P 602 -38.73 -101.07 -3.92
CA GLU P 602 -40.00 -101.00 -3.20
C GLU P 602 -40.52 -99.58 -3.15
N ARG P 603 -39.64 -98.60 -2.93
CA ARG P 603 -40.11 -97.21 -2.91
C ARG P 603 -40.72 -96.83 -4.27
N ILE P 604 -40.04 -97.15 -5.36
CA ILE P 604 -40.50 -96.75 -6.68
C ILE P 604 -41.87 -97.37 -6.98
N SER P 605 -41.94 -98.70 -6.99
CA SER P 605 -43.21 -99.35 -7.29
C SER P 605 -44.31 -98.93 -6.33
N ARG P 606 -43.96 -98.66 -5.07
CA ARG P 606 -44.93 -98.22 -4.07
C ARG P 606 -45.53 -96.88 -4.44
N VAL P 607 -44.69 -95.85 -4.55
CA VAL P 607 -45.19 -94.49 -4.75
C VAL P 607 -45.85 -94.33 -6.12
N GLN P 608 -45.43 -95.14 -7.11
CA GLN P 608 -45.94 -95.03 -8.48
C GLN P 608 -47.44 -94.81 -8.54
N ASN P 609 -48.22 -95.73 -7.96
CA ASN P 609 -49.67 -95.61 -7.98
C ASN P 609 -50.14 -94.35 -7.23
N LEU P 610 -49.46 -94.00 -6.15
CA LEU P 610 -49.77 -92.74 -5.49
C LEU P 610 -49.60 -91.56 -6.43
N ILE P 611 -48.70 -91.69 -7.40
CA ILE P 611 -48.58 -90.65 -8.42
C ILE P 611 -49.70 -90.77 -9.43
N GLU P 612 -50.11 -92.00 -9.75
CA GLU P 612 -51.27 -92.21 -10.61
C GLU P 612 -52.47 -91.44 -10.11
N HIS P 613 -52.69 -91.44 -8.79
CA HIS P 613 -53.80 -90.68 -8.20
C HIS P 613 -53.28 -89.30 -7.81
N GLU P 614 -53.51 -88.31 -8.68
CA GLU P 614 -53.35 -86.91 -8.34
C GLU P 614 -54.66 -86.21 -8.65
N ASN P 615 -55.02 -85.23 -7.83
CA ASN P 615 -56.27 -84.47 -7.97
C ASN P 615 -57.50 -85.39 -8.04
N SER P 616 -57.33 -86.68 -7.79
CA SER P 616 -58.44 -87.62 -7.73
C SER P 616 -59.35 -87.29 -6.55
N HIS P 617 -60.59 -87.78 -6.62
CA HIS P 617 -61.45 -87.69 -5.44
C HIS P 617 -60.92 -88.57 -4.32
N ASP P 618 -60.19 -89.63 -4.66
CA ASP P 618 -59.59 -90.48 -3.63
C ASP P 618 -58.54 -89.70 -2.83
N GLU P 619 -57.58 -89.08 -3.53
CA GLU P 619 -56.57 -88.26 -2.85
C GLU P 619 -57.19 -87.06 -2.15
N ASP P 620 -58.36 -86.60 -2.61
CA ASP P 620 -59.08 -85.57 -1.88
C ASP P 620 -59.60 -86.10 -0.55
N LYS P 621 -60.28 -87.26 -0.58
CA LYS P 621 -60.72 -87.90 0.66
C LYS P 621 -59.56 -88.07 1.61
N TYR P 622 -58.41 -88.51 1.08
CA TYR P 622 -57.24 -88.74 1.92
C TYR P 622 -56.71 -87.43 2.50
N LEU P 623 -56.74 -86.35 1.72
CA LEU P 623 -56.25 -85.08 2.25
C LEU P 623 -57.19 -84.51 3.30
N GLN P 624 -58.50 -84.81 3.19
CA GLN P 624 -59.46 -84.40 4.21
C GLN P 624 -59.23 -85.18 5.50
N ASP P 625 -59.58 -86.48 5.48
CA ASP P 625 -59.47 -87.31 6.68
C ASP P 625 -58.06 -87.29 7.22
N LEU P 626 -57.08 -87.06 6.36
CA LEU P 626 -55.72 -86.82 6.79
C LEU P 626 -55.61 -85.53 7.57
N GLY P 627 -55.97 -84.42 6.94
CA GLY P 627 -55.81 -83.12 7.57
C GLY P 627 -56.48 -83.04 8.92
N TYR P 628 -57.71 -83.52 9.02
CA TYR P 628 -58.40 -83.31 10.28
C TYR P 628 -58.37 -84.52 11.20
N ARG P 629 -57.98 -85.69 10.69
CA ARG P 629 -57.47 -86.74 11.56
C ARG P 629 -56.27 -86.23 12.35
N LEU P 630 -55.25 -85.76 11.62
CA LEU P 630 -54.11 -85.12 12.26
C LEU P 630 -54.55 -83.99 13.18
N SER P 631 -55.60 -83.25 12.80
CA SER P 631 -56.09 -82.20 13.70
C SER P 631 -56.59 -82.78 15.01
N ILE P 632 -57.28 -83.92 14.96
CA ILE P 632 -57.77 -84.54 16.20
C ILE P 632 -56.60 -84.94 17.09
N ALA P 633 -55.61 -85.63 16.52
CA ALA P 633 -54.45 -86.04 17.32
C ALA P 633 -53.73 -84.83 17.90
N THR P 634 -53.63 -83.76 17.10
CA THR P 634 -53.00 -82.53 17.55
C THR P 634 -53.73 -81.93 18.74
N ASN P 635 -55.07 -81.96 18.71
CA ASN P 635 -55.82 -81.48 19.86
C ASN P 635 -55.56 -82.35 21.09
N GLU P 636 -55.55 -83.67 20.92
CA GLU P 636 -55.25 -84.55 22.05
C GLU P 636 -53.92 -84.19 22.68
N LEU P 637 -52.87 -84.07 21.87
CA LEU P 637 -51.57 -83.69 22.39
C LEU P 637 -51.60 -82.31 23.02
N LEU P 638 -52.51 -81.44 22.59
CA LEU P 638 -52.65 -80.13 23.22
C LEU P 638 -53.32 -80.23 24.59
N GLU P 639 -54.25 -81.18 24.77
CA GLU P 639 -54.82 -81.44 26.08
C GLU P 639 -53.76 -81.98 27.04
N SER P 640 -53.06 -83.02 26.63
CA SER P 640 -51.96 -83.52 27.46
C SER P 640 -50.81 -82.51 27.56
N TRP P 641 -50.86 -81.43 26.79
CA TRP P 641 -50.03 -80.26 27.07
C TRP P 641 -50.67 -79.33 28.07
N GLN P 642 -52.00 -79.38 28.23
CA GLN P 642 -52.63 -78.59 29.28
C GLN P 642 -52.39 -79.19 30.65
N LYS P 643 -52.41 -80.53 30.76
CA LYS P 643 -52.21 -81.16 32.05
C LYS P 643 -50.84 -80.85 32.62
N THR P 644 -49.80 -80.89 31.77
CA THR P 644 -48.43 -80.61 32.18
C THR P 644 -48.04 -79.16 31.95
N LYS P 645 -49.02 -78.28 31.72
CA LYS P 645 -48.72 -76.90 31.32
C LYS P 645 -47.95 -76.15 32.42
N ASP P 646 -48.20 -76.45 33.69
CA ASP P 646 -47.62 -75.69 34.78
C ASP P 646 -46.24 -76.19 35.18
N GLU P 647 -45.46 -76.70 34.23
CA GLU P 647 -44.12 -77.17 34.58
C GLU P 647 -43.24 -76.01 35.01
N SER P 648 -43.15 -74.97 34.18
CA SER P 648 -42.46 -73.72 34.49
C SER P 648 -40.99 -73.92 34.84
N ILE P 649 -40.48 -75.15 34.69
CA ILE P 649 -39.07 -75.42 34.89
C ILE P 649 -38.30 -75.29 33.57
N LEU P 650 -38.91 -75.73 32.46
CA LEU P 650 -38.38 -75.59 31.11
C LEU P 650 -39.38 -74.80 30.25
N SER P 651 -39.11 -74.76 28.93
CA SER P 651 -40.06 -74.21 27.97
C SER P 651 -40.03 -74.99 26.66
N GLY P 652 -39.64 -76.25 26.71
CA GLY P 652 -39.75 -77.14 25.58
C GLY P 652 -40.67 -78.30 25.89
N SER P 653 -41.91 -78.23 25.42
CA SER P 653 -42.88 -79.28 25.67
C SER P 653 -42.51 -80.53 24.88
N LEU P 654 -42.62 -81.68 25.56
CA LEU P 654 -41.86 -82.87 25.17
C LEU P 654 -42.20 -83.36 23.77
N SER P 655 -41.15 -83.79 23.04
CA SER P 655 -41.26 -84.57 21.82
C SER P 655 -42.28 -83.99 20.84
N HIS P 656 -42.25 -82.67 20.70
CA HIS P 656 -43.35 -81.94 20.07
C HIS P 656 -43.38 -82.02 18.54
N SER P 657 -42.51 -81.27 17.86
CA SER P 657 -42.58 -81.04 16.41
C SER P 657 -42.78 -82.31 15.60
N LYS P 658 -44.04 -82.65 15.30
CA LYS P 658 -44.29 -83.90 14.59
C LYS P 658 -45.57 -83.86 13.74
N LEU P 659 -45.69 -84.91 12.93
CA LEU P 659 -46.96 -85.44 12.49
C LEU P 659 -47.83 -85.88 13.66
N LYS P 660 -47.21 -86.06 14.84
CA LYS P 660 -47.80 -86.57 16.08
C LYS P 660 -48.45 -87.94 15.90
N ASN P 661 -47.60 -88.97 15.94
CA ASN P 661 -47.94 -90.39 16.03
C ASN P 661 -49.24 -90.75 15.32
N LEU P 662 -49.26 -90.45 14.04
CA LEU P 662 -49.88 -91.29 13.03
C LEU P 662 -48.92 -91.11 11.86
N LEU P 663 -48.21 -92.18 11.46
CA LEU P 663 -47.13 -92.02 10.49
C LEU P 663 -47.54 -92.38 9.06
N GLU P 664 -48.43 -93.36 8.87
CA GLU P 664 -48.84 -93.72 7.52
C GLU P 664 -49.56 -92.58 6.84
N ASN P 665 -50.21 -91.72 7.63
CA ASN P 665 -50.99 -90.62 7.11
C ASN P 665 -50.15 -89.63 6.33
N SER P 666 -48.86 -89.49 6.69
CA SER P 666 -47.97 -88.66 5.89
C SER P 666 -47.98 -89.14 4.45
N ASP P 667 -47.26 -90.23 4.20
CA ASP P 667 -46.84 -90.61 2.85
C ASP P 667 -47.93 -90.48 1.80
N SER P 668 -49.08 -91.13 2.01
CA SER P 668 -49.86 -91.69 0.91
C SER P 668 -50.24 -90.68 -0.17
N PHE P 669 -50.40 -89.41 0.18
CA PHE P 669 -50.71 -88.43 -0.85
C PHE P 669 -49.51 -88.17 -1.76
N ALA P 670 -49.76 -87.51 -2.90
CA ALA P 670 -48.67 -87.21 -3.80
C ALA P 670 -48.95 -86.02 -4.70
N SER P 671 -49.33 -84.89 -4.12
CA SER P 671 -49.60 -83.66 -4.86
C SER P 671 -49.13 -82.51 -4.00
N ILE P 672 -47.94 -81.99 -4.31
CA ILE P 672 -47.38 -80.92 -3.48
C ILE P 672 -48.31 -79.73 -3.31
N PRO P 673 -48.97 -79.20 -4.35
CA PRO P 673 -49.73 -77.94 -4.14
C PRO P 673 -50.95 -78.11 -3.27
N GLU P 674 -51.70 -79.20 -3.42
CA GLU P 674 -52.86 -79.44 -2.55
C GLU P 674 -52.43 -79.78 -1.13
N PHE P 675 -51.20 -80.25 -0.96
CA PHE P 675 -50.65 -80.50 0.36
C PHE P 675 -50.20 -79.21 1.04
N SER P 676 -49.56 -78.32 0.28
CA SER P 676 -49.32 -76.97 0.77
C SER P 676 -50.61 -76.27 1.16
N SER P 677 -51.69 -76.50 0.40
CA SER P 677 -52.97 -75.89 0.77
C SER P 677 -53.54 -76.54 2.03
N LEU P 678 -53.39 -77.86 2.16
CA LEU P 678 -53.75 -78.53 3.41
C LEU P 678 -53.08 -77.85 4.60
N LEU P 679 -51.76 -77.66 4.52
CA LEU P 679 -51.01 -77.09 5.64
C LEU P 679 -51.40 -75.64 5.89
N ASP P 680 -51.66 -74.87 4.84
CA ASP P 680 -52.08 -73.49 5.05
C ASP P 680 -53.43 -73.42 5.75
N GLN P 681 -54.32 -74.37 5.47
CA GLN P 681 -55.61 -74.39 6.14
C GLN P 681 -55.59 -75.11 7.49
N PHE P 682 -54.53 -75.87 7.78
CA PHE P 682 -54.31 -76.40 9.13
C PHE P 682 -53.79 -75.30 10.05
N PHE P 683 -52.76 -74.59 9.60
CA PHE P 683 -52.33 -73.41 10.32
C PHE P 683 -53.50 -72.45 10.50
N GLN P 684 -54.29 -72.26 9.45
CA GLN P 684 -55.50 -71.46 9.59
C GLN P 684 -56.41 -72.01 10.68
N TYR P 685 -56.57 -73.35 10.73
CA TYR P 685 -57.55 -73.95 11.65
C TYR P 685 -57.12 -73.79 13.11
N TYR P 686 -55.85 -74.02 13.40
CA TYR P 686 -55.38 -73.93 14.78
C TYR P 686 -54.97 -72.51 15.17
N GLN P 687 -55.49 -71.50 14.47
CA GLN P 687 -55.28 -70.10 14.82
C GLN P 687 -55.80 -69.75 16.21
N ASP P 688 -56.63 -70.61 16.82
CA ASP P 688 -56.92 -70.51 18.24
C ASP P 688 -55.60 -70.44 19.00
N GLN P 689 -55.41 -69.35 19.73
CA GLN P 689 -54.08 -68.88 20.13
C GLN P 689 -53.39 -69.86 21.09
N ASP P 690 -52.23 -69.42 21.61
CA ASP P 690 -51.30 -70.26 22.37
C ASP P 690 -50.94 -71.51 21.56
N VAL P 691 -50.40 -71.25 20.37
CA VAL P 691 -49.99 -72.32 19.47
C VAL P 691 -48.84 -71.83 18.59
N THR P 692 -47.98 -72.75 18.20
CA THR P 692 -46.77 -72.40 17.47
C THR P 692 -47.09 -71.84 16.10
N PHE P 693 -46.28 -70.88 15.68
CA PHE P 693 -46.30 -70.36 14.32
C PHE P 693 -44.87 -70.27 13.81
N ILE P 694 -44.64 -70.74 12.59
CA ILE P 694 -43.33 -70.72 11.95
C ILE P 694 -43.53 -70.69 10.44
N GLY P 695 -42.92 -69.72 9.77
CA GLY P 695 -43.12 -69.52 8.34
C GLY P 695 -42.08 -70.20 7.48
N PHE P 696 -42.50 -71.22 6.72
CA PHE P 696 -41.56 -72.08 6.03
C PHE P 696 -40.74 -71.33 5.00
N GLU P 697 -41.42 -70.65 4.06
CA GLU P 697 -40.78 -69.94 2.96
C GLU P 697 -39.47 -69.26 3.35
N LYS P 698 -39.53 -68.45 4.41
CA LYS P 698 -38.35 -67.76 4.91
C LYS P 698 -37.23 -68.72 5.31
N LEU P 699 -37.55 -70.01 5.48
CA LEU P 699 -36.54 -71.00 5.81
C LEU P 699 -36.05 -71.78 4.59
N LEU P 700 -36.92 -72.01 3.60
CA LEU P 700 -36.46 -72.57 2.33
C LEU P 700 -35.45 -71.64 1.68
N HIS P 701 -35.55 -70.34 1.99
CA HIS P 701 -34.47 -69.38 1.74
C HIS P 701 -33.09 -69.97 2.03
N LEU P 702 -32.95 -70.71 3.13
CA LEU P 702 -31.67 -71.36 3.43
C LEU P 702 -31.39 -72.54 2.52
N PHE P 703 -32.42 -73.13 1.93
CA PHE P 703 -32.25 -74.35 1.15
C PHE P 703 -31.77 -74.04 -0.26
N LEU P 704 -32.52 -73.22 -1.00
CA LEU P 704 -32.21 -72.94 -2.40
C LEU P 704 -31.44 -71.63 -2.59
N HIS P 705 -31.30 -70.84 -1.53
CA HIS P 705 -30.48 -69.63 -1.51
C HIS P 705 -31.06 -68.50 -2.34
N GLU P 706 -32.35 -68.57 -2.65
CA GLU P 706 -33.07 -67.42 -3.14
C GLU P 706 -34.40 -67.40 -2.44
N ASP P 707 -35.16 -66.32 -2.59
CA ASP P 707 -36.45 -66.27 -1.94
C ASP P 707 -37.34 -67.36 -2.53
N VAL P 708 -37.86 -68.21 -1.66
CA VAL P 708 -38.71 -69.32 -2.08
C VAL P 708 -40.11 -69.02 -1.53
N PRO P 709 -40.91 -68.18 -2.20
CA PRO P 709 -42.22 -67.79 -1.64
C PRO P 709 -43.11 -68.98 -1.33
N GLY P 710 -43.36 -69.83 -2.32
CA GLY P 710 -44.26 -70.94 -2.17
C GLY P 710 -43.56 -72.25 -1.85
N LEU P 711 -44.26 -73.09 -1.09
CA LEU P 711 -43.83 -74.46 -0.89
C LEU P 711 -43.74 -75.20 -2.22
N ASP P 712 -44.41 -74.69 -3.26
CA ASP P 712 -44.42 -75.30 -4.58
C ASP P 712 -43.17 -74.98 -5.38
N ILE P 713 -42.85 -73.68 -5.52
CA ILE P 713 -41.69 -73.28 -6.32
C ILE P 713 -40.45 -74.02 -5.85
N PHE P 714 -40.38 -74.33 -4.55
CA PHE P 714 -39.38 -75.25 -4.03
C PHE P 714 -39.32 -76.53 -4.86
N TYR P 715 -40.49 -77.16 -5.02
CA TYR P 715 -40.61 -78.39 -5.78
C TYR P 715 -40.27 -78.17 -7.25
N ASN P 716 -40.70 -77.04 -7.82
CA ASN P 716 -40.33 -76.74 -9.21
C ASN P 716 -38.83 -76.74 -9.39
N LYS P 717 -38.12 -75.90 -8.63
CA LYS P 717 -36.68 -75.76 -8.85
C LYS P 717 -35.97 -77.09 -8.66
N LEU P 718 -36.28 -77.81 -7.58
CA LEU P 718 -35.65 -79.11 -7.42
C LEU P 718 -35.97 -80.01 -8.60
N LEU P 719 -37.19 -79.89 -9.13
CA LEU P 719 -37.63 -80.79 -10.20
C LEU P 719 -36.92 -80.48 -11.51
N GLN P 720 -36.68 -79.20 -11.82
CA GLN P 720 -35.86 -78.90 -12.98
C GLN P 720 -34.49 -79.55 -12.83
N CYS P 721 -33.82 -79.27 -11.71
CA CYS P 721 -32.49 -79.82 -11.49
C CYS P 721 -32.47 -81.32 -11.72
N TRP P 722 -33.40 -82.05 -11.12
CA TRP P 722 -33.27 -83.49 -11.15
C TRP P 722 -33.92 -84.12 -12.37
N VAL P 723 -34.92 -83.48 -12.97
CA VAL P 723 -35.45 -83.94 -14.24
C VAL P 723 -34.37 -83.90 -15.30
N LEU P 724 -33.35 -83.05 -15.12
CA LEU P 724 -32.20 -83.19 -16.01
C LEU P 724 -31.43 -84.50 -15.84
N VAL P 725 -31.66 -85.28 -14.77
CA VAL P 725 -30.66 -86.24 -14.33
C VAL P 725 -31.22 -87.61 -13.99
N SER P 726 -32.45 -87.69 -13.53
CA SER P 726 -32.89 -89.00 -13.10
C SER P 726 -34.24 -89.36 -13.68
N PRO P 727 -34.48 -90.64 -13.94
CA PRO P 727 -35.85 -91.09 -14.21
C PRO P 727 -36.67 -90.95 -12.94
N GLN P 728 -37.99 -90.82 -13.13
CA GLN P 728 -38.90 -90.59 -12.00
C GLN P 728 -38.39 -89.48 -11.08
N ALA P 729 -37.66 -88.52 -11.67
CA ALA P 729 -37.33 -87.33 -10.91
C ALA P 729 -38.56 -86.68 -10.33
N GLU P 730 -39.73 -86.81 -10.98
CA GLU P 730 -40.96 -86.31 -10.37
C GLU P 730 -41.33 -87.10 -9.13
N LEU P 731 -41.17 -88.43 -9.18
CA LEU P 731 -41.49 -89.26 -8.03
C LEU P 731 -40.54 -88.97 -6.86
N LEU P 732 -39.23 -89.03 -7.11
CA LEU P 732 -38.29 -88.74 -6.04
C LEU P 732 -38.44 -87.31 -5.53
N THR P 733 -38.31 -86.32 -6.40
CA THR P 733 -38.47 -84.94 -5.98
C THR P 733 -39.76 -84.73 -5.19
N LYS P 734 -40.85 -85.44 -5.53
CA LYS P 734 -42.04 -85.32 -4.71
C LYS P 734 -41.86 -86.00 -3.36
N GLU P 735 -41.19 -87.16 -3.36
CA GLU P 735 -40.98 -87.89 -2.12
C GLU P 735 -40.03 -87.15 -1.18
N ILE P 736 -39.13 -86.34 -1.72
CA ILE P 736 -38.14 -85.64 -0.93
C ILE P 736 -38.67 -84.27 -0.51
N VAL P 737 -39.48 -83.62 -1.34
CA VAL P 737 -40.12 -82.42 -0.83
C VAL P 737 -41.13 -82.79 0.26
N LYS P 738 -41.79 -83.95 0.12
CA LYS P 738 -42.61 -84.46 1.22
C LYS P 738 -41.78 -84.74 2.46
N ASP P 739 -40.61 -85.36 2.27
CA ASP P 739 -39.79 -85.69 3.43
C ASP P 739 -39.27 -84.42 4.12
N ILE P 740 -38.87 -83.42 3.35
CA ILE P 740 -38.40 -82.16 3.93
C ILE P 740 -39.53 -81.47 4.67
N ILE P 741 -40.65 -81.27 3.98
CA ILE P 741 -41.78 -80.56 4.55
C ILE P 741 -42.27 -81.26 5.82
N TRP P 742 -42.01 -82.57 5.92
CA TRP P 742 -42.35 -83.30 7.15
C TRP P 742 -41.28 -83.07 8.22
N SER P 743 -40.01 -83.29 7.88
CA SER P 743 -38.90 -83.06 8.80
C SER P 743 -38.95 -81.69 9.45
N LEU P 744 -39.48 -80.68 8.74
CA LEU P 744 -39.63 -79.37 9.33
C LEU P 744 -40.97 -79.16 10.00
N ALA P 745 -42.03 -79.81 9.48
CA ALA P 745 -43.42 -79.63 9.88
C ALA P 745 -43.61 -79.29 11.36
N ARG P 746 -43.73 -77.99 11.65
CA ARG P 746 -43.67 -77.53 13.03
C ARG P 746 -44.84 -78.04 13.86
N LEU P 747 -44.56 -78.31 15.14
CA LEU P 747 -45.53 -78.27 16.23
C LEU P 747 -44.78 -78.27 17.56
N GLU P 748 -44.13 -77.15 17.88
CA GLU P 748 -43.28 -77.06 19.06
C GLU P 748 -44.13 -76.70 20.29
N LYS P 749 -43.48 -76.32 21.39
CA LYS P 749 -44.16 -76.05 22.64
C LYS P 749 -45.25 -75.00 22.49
N PRO P 750 -46.22 -74.96 23.40
CA PRO P 750 -47.17 -73.83 23.43
C PRO P 750 -46.46 -72.49 23.27
N SER P 751 -47.12 -71.57 22.58
CA SER P 751 -46.43 -70.46 21.94
C SER P 751 -46.12 -69.32 22.91
N LEU P 752 -45.55 -68.27 22.32
CA LEU P 752 -44.88 -67.13 22.95
C LEU P 752 -45.38 -66.76 24.34
N PHE P 753 -46.66 -66.91 24.62
CA PHE P 753 -47.12 -66.60 25.96
C PHE P 753 -46.70 -67.65 26.97
N GLU P 754 -46.44 -68.89 26.53
CA GLU P 754 -46.01 -69.92 27.46
C GLU P 754 -44.53 -69.80 27.82
N PRO P 755 -43.61 -69.52 26.88
CA PRO P 755 -42.19 -69.41 27.28
C PRO P 755 -41.91 -68.30 28.28
N ILE P 756 -42.56 -67.13 28.17
CA ILE P 756 -42.23 -66.00 29.03
C ILE P 756 -42.45 -66.34 30.51
N GLN P 757 -43.36 -67.28 30.80
CA GLN P 757 -43.55 -67.78 32.14
C GLN P 757 -42.24 -68.33 32.72
N ASN P 758 -41.66 -69.33 32.05
CA ASN P 758 -40.39 -69.89 32.49
C ASN P 758 -39.25 -68.89 32.34
N GLU P 759 -39.34 -67.99 31.36
CA GLU P 759 -38.35 -66.94 31.19
C GLU P 759 -38.20 -66.14 32.48
N ILE P 760 -39.31 -65.59 32.97
CA ILE P 760 -39.25 -64.81 34.19
C ILE P 760 -38.96 -65.69 35.39
N SER P 761 -39.52 -66.91 35.43
CA SER P 761 -39.35 -67.74 36.63
C SER P 761 -37.92 -68.26 36.79
N ARG P 762 -37.21 -68.54 35.69
CA ARG P 762 -35.78 -68.79 35.81
C ARG P 762 -35.03 -67.49 36.06
N SER P 763 -35.51 -66.38 35.49
CA SER P 763 -35.00 -65.06 35.87
C SER P 763 -35.34 -64.70 37.31
N LEU P 764 -35.95 -65.61 38.08
CA LEU P 764 -36.22 -65.39 39.49
C LEU P 764 -35.22 -66.16 40.36
N SER P 765 -35.15 -67.49 40.17
CA SER P 765 -34.30 -68.33 41.02
C SER P 765 -32.85 -67.86 41.00
N GLY P 766 -32.43 -67.21 39.93
CA GLY P 766 -31.12 -66.61 39.89
C GLY P 766 -31.01 -65.48 40.89
N PRO P 767 -29.84 -65.34 41.52
CA PRO P 767 -29.62 -64.26 42.47
C PRO P 767 -29.83 -62.88 41.85
N TYR P 768 -30.00 -61.89 42.74
CA TYR P 768 -30.83 -60.73 42.43
C TYR P 768 -30.28 -59.83 41.33
N GLN P 769 -28.97 -59.73 41.17
CA GLN P 769 -28.42 -58.73 40.26
C GLN P 769 -27.76 -59.31 39.02
N ASP P 770 -27.60 -60.62 38.94
CA ASP P 770 -27.67 -61.22 37.62
C ASP P 770 -29.06 -61.00 37.03
N ILE P 771 -30.09 -61.10 37.88
CA ILE P 771 -31.44 -60.74 37.46
C ILE P 771 -31.49 -59.28 37.05
N ILE P 772 -30.71 -58.43 37.73
CA ILE P 772 -30.63 -57.04 37.31
C ILE P 772 -29.85 -56.91 36.00
N SER P 773 -28.94 -57.85 35.71
CA SER P 773 -28.18 -57.76 34.46
C SER P 773 -28.98 -58.23 33.25
N SER P 774 -29.83 -59.24 33.43
CA SER P 774 -30.64 -59.78 32.34
C SER P 774 -31.41 -58.66 31.65
N TRP P 775 -31.13 -58.46 30.37
CA TRP P 775 -31.47 -57.21 29.70
C TRP P 775 -31.97 -57.51 28.30
N ASP P 776 -33.21 -57.15 28.01
CA ASP P 776 -33.72 -57.16 26.65
C ASP P 776 -33.54 -55.78 26.02
N MET P 777 -33.82 -55.71 24.72
CA MET P 777 -33.70 -54.51 23.90
C MET P 777 -32.53 -53.61 24.29
N ASP P 778 -31.33 -53.95 23.83
CA ASP P 778 -30.13 -53.17 24.16
C ASP P 778 -30.16 -51.80 23.48
N ASP P 779 -29.85 -51.76 22.20
CA ASP P 779 -29.93 -50.56 21.38
C ASP P 779 -29.72 -50.92 19.91
N THR Q 3 -14.64 -7.62 25.91
CA THR Q 3 -13.56 -7.61 24.93
C THR Q 3 -12.43 -8.56 25.34
N PHE Q 4 -12.31 -9.67 24.64
CA PHE Q 4 -11.32 -10.69 24.96
C PHE Q 4 -10.35 -10.91 23.81
N ILE Q 5 -9.06 -10.89 24.12
CA ILE Q 5 -8.22 -12.08 23.98
C ILE Q 5 -7.66 -12.50 25.34
N ARG Q 6 -7.80 -13.79 25.65
CA ARG Q 6 -7.29 -14.33 26.90
C ARG Q 6 -5.79 -14.10 27.03
N GLY Q 7 -5.05 -14.43 25.99
CA GLY Q 7 -3.59 -14.39 26.03
C GLY Q 7 -2.93 -13.29 26.86
N PRO Q 8 -1.59 -13.28 26.86
CA PRO Q 8 -0.76 -12.32 27.59
C PRO Q 8 -1.27 -12.01 29.01
N ILE Q 9 -1.61 -13.02 29.81
CA ILE Q 9 -2.16 -12.79 31.15
C ILE Q 9 -2.50 -11.31 31.42
N CYS Q 10 -1.63 -10.69 32.21
CA CYS Q 10 -1.78 -9.31 32.65
C CYS Q 10 -0.42 -8.88 33.16
N GLY Q 11 0.08 -7.73 32.75
CA GLY Q 11 1.31 -7.17 33.30
C GLY Q 11 1.08 -6.43 34.61
N THR Q 12 0.35 -7.06 35.53
CA THR Q 12 0.14 -6.56 36.88
C THR Q 12 -0.05 -7.73 37.84
N ASP Q 13 0.93 -7.93 38.73
CA ASP Q 13 1.07 -9.09 39.62
C ASP Q 13 0.02 -9.18 40.75
N ASN Q 14 -1.14 -8.58 40.57
CA ASN Q 14 -2.37 -8.78 41.36
C ASN Q 14 -3.59 -9.18 40.49
N CYS Q 15 -3.31 -9.51 39.23
CA CYS Q 15 -4.12 -10.38 38.39
C CYS Q 15 -3.45 -11.85 38.36
N PRO Q 16 -3.41 -12.56 37.24
CA PRO Q 16 -3.25 -11.90 35.94
C PRO Q 16 -4.54 -11.92 35.14
N SER Q 17 -5.03 -10.74 34.78
CA SER Q 17 -6.42 -10.56 34.40
C SER Q 17 -6.51 -9.73 33.12
N ARG Q 18 -7.46 -10.08 32.26
CA ARG Q 18 -7.16 -10.88 31.10
C ARG Q 18 -7.23 -10.03 29.83
N LEU Q 19 -6.14 -10.05 29.06
CA LEU Q 19 -5.82 -8.95 28.15
C LEU Q 19 -6.80 -8.97 26.98
N TRP Q 20 -7.44 -7.84 26.72
CA TRP Q 20 -7.96 -7.44 25.41
C TRP Q 20 -7.17 -6.22 24.92
N ARG Q 21 -6.81 -6.19 23.64
CA ARG Q 21 -6.23 -5.00 23.00
C ARG Q 21 -7.30 -4.15 22.34
N ILE Q 22 -7.35 -2.87 22.71
CA ILE Q 22 -8.07 -1.85 21.95
C ILE Q 22 -7.21 -1.37 20.79
N ILE Q 23 -7.82 -0.95 19.68
CA ILE Q 23 -7.07 -0.44 18.52
C ILE Q 23 -6.02 0.62 18.84
N ASP Q 24 -6.28 1.49 19.83
CA ASP Q 24 -5.37 2.53 20.30
C ASP Q 24 -4.11 2.06 21.04
N GLY Q 25 -4.05 0.76 21.31
CA GLY Q 25 -2.83 0.15 21.81
C GLY Q 25 -2.34 0.78 23.10
N ARG Q 26 -3.28 1.15 23.96
CA ARG Q 26 -3.45 0.48 25.24
C ARG Q 26 -3.87 -0.98 25.05
N ARG Q 27 -3.34 -1.86 25.89
CA ARG Q 27 -3.95 -3.17 26.09
C ARG Q 27 -4.42 -3.35 27.52
N THR Q 28 -5.67 -3.79 27.67
CA THR Q 28 -6.44 -3.52 28.88
C THR Q 28 -6.80 -4.80 29.60
N CYS Q 29 -6.55 -4.83 30.91
CA CYS Q 29 -6.93 -5.98 31.74
C CYS Q 29 -7.99 -5.58 32.76
N GLN Q 30 -8.79 -6.54 33.19
CA GLN Q 30 -10.19 -6.29 33.50
C GLN Q 30 -10.32 -5.31 34.65
N TYR Q 31 -9.46 -5.46 35.65
CA TYR Q 31 -9.47 -4.56 36.79
C TYR Q 31 -9.15 -3.12 36.41
N GLY Q 32 -8.19 -2.95 35.49
CA GLY Q 32 -8.19 -1.79 34.59
C GLY Q 32 -6.86 -1.08 34.33
N HIS Q 33 -5.76 -1.80 34.56
CA HIS Q 33 -4.45 -1.54 33.99
C HIS Q 33 -4.58 -1.40 32.47
N VAL Q 34 -4.00 -0.31 31.96
CA VAL Q 34 -3.76 -0.02 30.56
C VAL Q 34 -2.28 0.34 30.40
N MET Q 35 -1.58 -0.51 29.68
CA MET Q 35 -0.13 -0.53 29.53
C MET Q 35 0.19 -0.30 28.04
N LYS Q 94 -10.03 -45.75 36.28
CA LYS Q 94 -10.84 -45.65 35.07
C LYS Q 94 -11.79 -46.85 34.92
N LEU Q 95 -11.24 -48.02 34.62
CA LEU Q 95 -12.05 -49.19 34.31
C LEU Q 95 -12.32 -50.03 35.56
N ILE Q 96 -13.42 -50.81 35.49
CA ILE Q 96 -13.92 -51.58 36.62
C ILE Q 96 -12.86 -52.55 37.16
N GLY Q 97 -13.01 -52.92 38.43
CA GLY Q 97 -12.20 -53.94 39.04
C GLY Q 97 -13.00 -55.03 39.73
N HIS Q 98 -12.76 -56.27 39.32
CA HIS Q 98 -13.11 -57.46 40.09
C HIS Q 98 -14.60 -57.73 40.21
N GLU Q 99 -15.46 -56.82 39.76
CA GLU Q 99 -16.85 -57.17 39.54
C GLU Q 99 -17.34 -56.70 38.18
N ALA Q 100 -16.42 -56.56 37.22
CA ALA Q 100 -16.77 -56.38 35.82
C ALA Q 100 -17.24 -57.65 35.23
N LYS Q 101 -17.60 -58.63 36.07
CA LYS Q 101 -18.49 -59.68 35.61
C LYS Q 101 -19.76 -59.08 35.04
N LEU Q 102 -20.29 -58.06 35.72
CA LEU Q 102 -21.55 -57.44 35.28
C LEU Q 102 -21.40 -56.77 33.93
N LEU Q 103 -20.29 -56.06 33.71
CA LEU Q 103 -20.06 -55.41 32.43
C LEU Q 103 -19.73 -56.44 31.36
N PHE Q 104 -18.91 -57.42 31.70
CA PHE Q 104 -18.59 -58.51 30.79
C PHE Q 104 -19.88 -59.14 30.24
N LEU Q 105 -20.72 -59.67 31.13
CA LEU Q 105 -21.95 -60.29 30.68
C LEU Q 105 -22.85 -59.32 29.93
N LYS Q 106 -22.65 -58.00 30.08
CA LYS Q 106 -23.47 -57.04 29.35
C LYS Q 106 -22.96 -56.83 27.92
N SER Q 107 -21.65 -56.69 27.73
CA SER Q 107 -21.14 -56.67 26.35
C SER Q 107 -21.42 -57.99 25.65
N PHE Q 108 -21.37 -59.11 26.39
CA PHE Q 108 -21.62 -60.41 25.78
C PHE Q 108 -23.08 -60.54 25.37
N GLN Q 109 -23.98 -60.39 26.33
CA GLN Q 109 -25.41 -60.49 26.02
C GLN Q 109 -25.82 -59.48 24.96
N PHE Q 110 -25.29 -58.26 25.03
CA PHE Q 110 -25.56 -57.26 24.01
C PHE Q 110 -25.09 -57.73 22.63
N ILE Q 111 -23.91 -58.33 22.56
CA ILE Q 111 -23.41 -58.82 21.27
C ILE Q 111 -24.30 -59.95 20.76
N LEU Q 112 -24.81 -60.78 21.66
CA LEU Q 112 -25.71 -61.86 21.25
C LEU Q 112 -26.98 -61.27 20.63
N LYS Q 113 -27.72 -60.46 21.38
CA LYS Q 113 -28.94 -59.89 20.80
C LYS Q 113 -28.65 -59.13 19.52
N ARG Q 114 -27.45 -58.54 19.40
CA ARG Q 114 -27.07 -57.91 18.14
C ARG Q 114 -27.06 -58.94 17.00
N GLN Q 115 -26.45 -60.10 17.25
CA GLN Q 115 -26.41 -61.14 16.21
C GLN Q 115 -27.81 -61.66 15.89
N ILE Q 116 -28.65 -61.85 16.91
CA ILE Q 116 -30.03 -62.26 16.66
C ILE Q 116 -30.74 -61.25 15.77
N ARG Q 117 -30.57 -59.96 16.06
CA ARG Q 117 -31.11 -58.91 15.20
C ARG Q 117 -30.68 -59.15 13.75
N TRP Q 118 -29.41 -59.45 13.54
CA TRP Q 118 -28.97 -59.70 12.17
C TRP Q 118 -29.56 -60.97 11.58
N LEU Q 119 -29.94 -61.97 12.38
CA LEU Q 119 -30.42 -63.16 11.70
C LEU Q 119 -31.94 -63.22 11.52
N ILE Q 120 -32.73 -62.65 12.42
CA ILE Q 120 -34.14 -62.46 12.09
C ILE Q 120 -34.27 -61.46 10.96
N THR Q 121 -33.61 -60.31 11.08
CA THR Q 121 -33.65 -59.30 10.03
C THR Q 121 -33.08 -59.85 8.73
N GLU Q 122 -31.77 -60.05 8.68
CA GLU Q 122 -31.09 -60.34 7.43
C GLU Q 122 -31.16 -61.82 7.02
N MET Q 123 -31.51 -62.73 7.93
CA MET Q 123 -31.66 -64.13 7.57
C MET Q 123 -33.09 -64.61 7.62
N ARG Q 124 -34.04 -63.73 7.96
CA ARG Q 124 -35.44 -64.08 8.00
C ARG Q 124 -35.68 -65.32 8.87
N PHE Q 125 -35.11 -65.28 10.08
CA PHE Q 125 -35.43 -66.22 11.14
C PHE Q 125 -36.83 -65.93 11.69
N PRO Q 126 -37.37 -66.83 12.53
CA PRO Q 126 -38.59 -66.51 13.29
C PRO Q 126 -38.31 -65.80 14.61
N LYS Q 127 -39.28 -64.97 15.01
CA LYS Q 127 -39.13 -64.18 16.23
C LYS Q 127 -39.07 -65.05 17.47
N GLU Q 128 -39.52 -66.31 17.37
CA GLU Q 128 -39.50 -67.23 18.50
C GLU Q 128 -38.08 -67.56 18.92
N PHE Q 129 -37.16 -67.60 17.95
CA PHE Q 129 -35.76 -67.87 18.23
C PHE Q 129 -35.30 -67.05 19.42
N GLU Q 130 -35.59 -65.74 19.41
CA GLU Q 130 -35.12 -64.84 20.45
C GLU Q 130 -35.53 -65.34 21.83
N HIS Q 131 -36.79 -65.76 21.99
CA HIS Q 131 -37.22 -66.30 23.27
C HIS Q 131 -36.48 -67.58 23.61
N VAL Q 132 -36.25 -68.45 22.62
CA VAL Q 132 -35.49 -69.67 22.89
C VAL Q 132 -34.08 -69.33 23.37
N ALA Q 133 -33.53 -68.21 22.88
CA ALA Q 133 -32.21 -67.73 23.25
C ALA Q 133 -32.21 -67.15 24.67
N LYS Q 134 -33.19 -66.31 25.02
CA LYS Q 134 -33.32 -65.87 26.40
C LYS Q 134 -33.46 -67.04 27.34
N ILE Q 135 -34.09 -68.14 26.90
CA ILE Q 135 -34.23 -69.29 27.79
C ILE Q 135 -32.89 -70.00 27.98
N ILE Q 136 -32.12 -70.21 26.90
CA ILE Q 136 -30.88 -70.97 27.05
C ILE Q 136 -29.81 -70.13 27.73
N TRP Q 137 -29.56 -68.93 27.20
CA TRP Q 137 -28.67 -67.95 27.84
C TRP Q 137 -29.14 -67.62 29.25
N LEU Q 138 -30.44 -67.75 29.52
CA LEU Q 138 -30.97 -67.59 30.86
C LEU Q 138 -30.57 -68.77 31.75
N LYS Q 139 -30.63 -69.98 31.21
CA LYS Q 139 -30.26 -71.15 32.01
C LYS Q 139 -28.79 -71.12 32.38
N ILE Q 140 -27.92 -70.81 31.41
CA ILE Q 140 -26.50 -70.83 31.75
C ILE Q 140 -26.08 -69.55 32.48
N LEU Q 141 -26.79 -68.43 32.26
CA LEU Q 141 -26.56 -67.25 33.10
C LEU Q 141 -26.90 -67.57 34.55
N LYS Q 142 -28.05 -68.21 34.77
CA LYS Q 142 -28.43 -68.66 36.10
C LYS Q 142 -27.45 -69.69 36.65
N THR Q 143 -26.77 -70.44 35.79
CA THR Q 143 -25.84 -71.42 36.33
C THR Q 143 -24.48 -70.79 36.66
N ILE Q 144 -24.07 -69.74 35.96
CA ILE Q 144 -22.83 -69.07 36.31
C ILE Q 144 -23.05 -68.04 37.41
N ASN Q 145 -24.29 -67.64 37.64
CA ASN Q 145 -24.65 -66.88 38.83
C ASN Q 145 -25.35 -67.74 39.87
N ASP Q 146 -25.21 -69.06 39.74
CA ASP Q 146 -25.25 -69.97 40.87
C ASP Q 146 -23.87 -70.42 41.26
N GLN Q 147 -22.86 -69.75 40.76
CA GLN Q 147 -21.51 -70.09 41.08
C GLN Q 147 -20.88 -68.96 41.89
N PRO Q 148 -20.07 -69.30 42.88
CA PRO Q 148 -19.70 -68.31 43.91
C PRO Q 148 -18.58 -67.39 43.50
N GLN Q 149 -17.50 -67.98 43.03
CA GLN Q 149 -16.17 -67.41 43.21
C GLN Q 149 -16.03 -66.03 42.57
N GLU Q 150 -15.30 -65.15 43.27
CA GLU Q 150 -14.86 -63.92 42.64
C GLU Q 150 -13.86 -64.19 41.53
N GLU Q 151 -13.10 -65.28 41.65
CA GLU Q 151 -12.39 -65.80 40.49
C GLU Q 151 -13.41 -66.25 39.47
N LEU Q 152 -13.31 -65.69 38.27
CA LEU Q 152 -14.44 -65.67 37.35
C LEU Q 152 -14.81 -67.08 36.90
N LYS Q 153 -13.83 -67.83 36.41
CA LYS Q 153 -13.95 -69.21 35.93
C LYS Q 153 -14.93 -69.36 34.78
N LEU Q 154 -15.54 -68.28 34.30
CA LEU Q 154 -16.40 -68.35 33.12
C LEU Q 154 -15.58 -68.27 31.84
N GLN Q 155 -16.07 -68.92 30.80
CA GLN Q 155 -15.55 -68.75 29.44
C GLN Q 155 -16.75 -68.41 28.57
N LEU Q 156 -17.02 -67.12 28.43
CA LEU Q 156 -17.91 -66.63 27.40
C LEU Q 156 -17.04 -66.16 26.26
N HIS Q 157 -16.48 -67.13 25.53
CA HIS Q 157 -15.89 -66.93 24.23
C HIS Q 157 -16.99 -66.85 23.19
N MET Q 158 -16.60 -66.44 21.97
CA MET Q 158 -17.58 -66.31 20.89
C MET Q 158 -18.23 -67.64 20.53
N THR Q 159 -17.48 -68.73 20.65
CA THR Q 159 -18.03 -70.07 20.52
C THR Q 159 -19.24 -70.30 21.41
N SER Q 160 -19.40 -69.53 22.48
CA SER Q 160 -20.58 -69.64 23.31
C SER Q 160 -21.77 -68.92 22.68
N THR Q 161 -21.54 -67.74 22.10
CA THR Q 161 -22.56 -67.10 21.29
C THR Q 161 -23.09 -68.07 20.24
N ILE Q 162 -22.19 -68.53 19.36
CA ILE Q 162 -22.62 -69.45 18.31
C ILE Q 162 -23.17 -70.72 18.92
N SER Q 163 -22.69 -71.11 20.10
CA SER Q 163 -23.16 -72.34 20.73
C SER Q 163 -24.63 -72.23 21.14
N ILE Q 164 -25.04 -71.10 21.69
CA ILE Q 164 -26.44 -71.03 22.11
C ILE Q 164 -27.33 -70.72 20.91
N LEU Q 165 -26.79 -70.04 19.90
CA LEU Q 165 -27.57 -69.88 18.67
C LEU Q 165 -27.87 -71.24 18.03
N TYR Q 166 -26.84 -72.06 17.81
CA TYR Q 166 -27.08 -73.40 17.27
C TYR Q 166 -27.97 -74.22 18.19
N LEU Q 167 -27.72 -74.16 19.50
CA LEU Q 167 -28.55 -74.92 20.42
C LEU Q 167 -30.03 -74.57 20.25
N ALA Q 168 -30.34 -73.27 20.29
CA ALA Q 168 -31.72 -72.83 20.15
C ALA Q 168 -32.30 -73.22 18.78
N SER Q 169 -31.53 -72.98 17.71
CA SER Q 169 -31.98 -73.34 16.37
C SER Q 169 -32.31 -74.83 16.29
N THR Q 170 -31.52 -75.66 16.95
CA THR Q 170 -31.71 -77.11 16.87
C THR Q 170 -32.92 -77.57 17.68
N HIS Q 171 -33.16 -76.95 18.84
CA HIS Q 171 -34.45 -77.18 19.50
C HIS Q 171 -35.59 -76.86 18.54
N LEU Q 172 -35.53 -75.68 17.92
CA LEU Q 172 -36.58 -75.26 17.02
C LEU Q 172 -36.59 -76.02 15.70
N SER Q 173 -35.74 -77.02 15.50
CA SER Q 173 -35.80 -77.88 14.32
C SER Q 173 -35.63 -77.12 13.01
N LEU Q 174 -35.01 -75.93 13.05
CA LEU Q 174 -34.77 -75.17 11.84
C LEU Q 174 -33.63 -75.79 11.05
N PRO Q 175 -33.69 -75.78 9.72
CA PRO Q 175 -32.76 -76.58 8.93
C PRO Q 175 -31.41 -75.90 8.76
N VAL Q 176 -31.04 -75.10 9.74
CA VAL Q 176 -29.72 -74.48 9.75
C VAL Q 176 -28.76 -75.43 10.43
N TYR Q 177 -27.53 -75.47 9.92
CA TYR Q 177 -26.50 -76.34 10.44
C TYR Q 177 -25.24 -75.54 10.69
N THR Q 178 -24.26 -76.19 11.30
CA THR Q 178 -23.06 -75.49 11.74
C THR Q 178 -22.41 -74.74 10.59
N CYS Q 179 -22.37 -75.36 9.40
CA CYS Q 179 -21.70 -74.78 8.25
C CYS Q 179 -22.36 -73.47 7.81
N ASP Q 180 -23.67 -73.36 8.01
CA ASP Q 180 -24.34 -72.07 7.82
C ASP Q 180 -23.72 -71.01 8.73
N TYR Q 181 -23.49 -71.36 10.00
CA TYR Q 181 -22.91 -70.39 10.93
C TYR Q 181 -21.48 -70.05 10.55
N ILE Q 182 -20.66 -71.06 10.30
CA ILE Q 182 -19.27 -70.83 9.88
C ILE Q 182 -19.22 -69.89 8.68
N LYS Q 183 -20.00 -70.19 7.64
CA LYS Q 183 -20.06 -69.30 6.48
C LYS Q 183 -20.47 -67.90 6.89
N TRP Q 184 -21.57 -67.80 7.65
CA TRP Q 184 -22.13 -66.51 8.04
C TRP Q 184 -21.11 -65.63 8.74
N ILE Q 185 -20.29 -66.21 9.61
CA ILE Q 185 -19.39 -65.41 10.40
C ILE Q 185 -18.07 -65.17 9.68
N CYS Q 186 -17.59 -66.16 8.93
CA CYS Q 186 -16.34 -65.96 8.21
C CYS Q 186 -16.50 -65.01 7.04
N THR Q 187 -17.73 -64.75 6.60
CA THR Q 187 -17.98 -63.78 5.54
C THR Q 187 -18.38 -62.42 6.08
N ALA Q 188 -18.15 -62.17 7.37
CA ALA Q 188 -18.36 -60.87 8.02
C ALA Q 188 -19.80 -60.40 7.93
N LYS Q 189 -20.71 -61.21 7.42
CA LYS Q 189 -22.12 -60.83 7.39
C LYS Q 189 -22.66 -60.74 8.81
N MET Q 190 -22.69 -61.85 9.50
CA MET Q 190 -23.02 -61.85 10.92
C MET Q 190 -21.83 -61.32 11.72
N PRO Q 191 -21.97 -60.17 12.39
CA PRO Q 191 -20.82 -59.61 13.13
C PRO Q 191 -20.32 -60.58 14.18
N TYR Q 192 -18.99 -60.74 14.25
CA TYR Q 192 -18.39 -61.74 15.12
C TYR Q 192 -17.03 -61.31 15.63
N PHE Q 193 -16.06 -61.15 14.73
CA PHE Q 193 -14.66 -61.26 15.12
C PHE Q 193 -14.10 -60.12 15.97
N GLN Q 194 -14.94 -59.46 16.78
CA GLN Q 194 -14.50 -58.32 17.57
C GLN Q 194 -15.19 -58.33 18.92
N ALA Q 195 -14.58 -57.64 19.88
CA ALA Q 195 -15.34 -57.06 20.97
C ALA Q 195 -15.93 -55.76 20.45
N SER Q 196 -17.19 -55.49 20.85
CA SER Q 196 -17.94 -54.28 20.53
C SER Q 196 -17.31 -53.46 19.40
N GLU Q 197 -17.35 -54.00 18.18
CA GLU Q 197 -16.57 -53.57 17.01
C GLU Q 197 -16.34 -52.07 16.89
N ILE Q 198 -15.20 -51.69 16.28
CA ILE Q 198 -14.71 -50.32 16.14
C ILE Q 198 -15.82 -49.32 15.86
N LEU Q 199 -15.92 -48.29 16.70
CA LEU Q 199 -16.92 -47.25 16.55
C LEU Q 199 -16.58 -46.07 17.46
N ARG Q 204 -16.86 -47.39 22.44
CA ARG Q 204 -17.95 -48.14 23.04
C ARG Q 204 -17.76 -48.20 24.55
N ILE Q 205 -17.04 -49.21 25.02
CA ILE Q 205 -16.80 -49.43 26.44
C ILE Q 205 -15.35 -49.83 26.63
N GLN Q 206 -14.77 -49.40 27.75
CA GLN Q 206 -13.43 -49.79 28.15
C GLN Q 206 -13.53 -50.68 29.39
N LEU Q 207 -13.11 -51.93 29.24
CA LEU Q 207 -13.28 -52.96 30.26
C LEU Q 207 -11.91 -53.43 30.74
N PRO Q 208 -11.83 -54.20 31.82
CA PRO Q 208 -10.53 -54.76 32.21
C PRO Q 208 -9.99 -55.68 31.12
N ASN Q 209 -8.76 -55.39 30.69
CA ASN Q 209 -8.10 -56.10 29.59
C ASN Q 209 -8.12 -57.62 29.79
N TYR Q 210 -8.38 -58.08 31.01
CA TYR Q 210 -8.53 -59.51 31.25
C TYR Q 210 -9.75 -60.07 30.52
N TYR Q 211 -10.85 -59.30 30.48
CA TYR Q 211 -12.07 -59.72 29.80
C TYR Q 211 -12.05 -59.45 28.29
N VAL Q 212 -11.49 -58.33 27.85
CA VAL Q 212 -11.27 -58.15 26.41
C VAL Q 212 -10.49 -59.35 25.87
N SER Q 213 -9.52 -59.84 26.66
CA SER Q 213 -8.82 -61.06 26.26
C SER Q 213 -9.75 -62.27 26.35
N ILE Q 214 -10.63 -62.31 27.34
CA ILE Q 214 -11.55 -63.44 27.43
C ILE Q 214 -12.55 -63.45 26.27
N LEU Q 215 -12.71 -62.32 25.56
CA LEU Q 215 -13.54 -62.26 24.35
C LEU Q 215 -12.70 -62.59 23.11
N GLU Q 216 -11.68 -61.78 22.84
CA GLU Q 216 -10.89 -61.95 21.63
C GLU Q 216 -10.28 -63.33 21.55
N GLY Q 217 -10.00 -63.95 22.70
CA GLY Q 217 -9.38 -65.25 22.70
C GLY Q 217 -10.37 -66.37 22.42
N SER Q 218 -9.81 -67.49 21.96
CA SER Q 218 -10.61 -68.68 21.59
C SER Q 218 -11.59 -68.40 20.45
N ILE Q 219 -11.25 -67.43 19.60
CA ILE Q 219 -12.22 -66.93 18.65
C ILE Q 219 -12.58 -67.97 17.60
N SER Q 220 -11.60 -68.82 17.21
CA SER Q 220 -11.77 -69.68 16.04
C SER Q 220 -12.70 -70.85 16.36
N PRO Q 221 -13.55 -71.22 15.40
CA PRO Q 221 -14.35 -72.45 15.51
C PRO Q 221 -13.75 -73.65 14.78
N PHE Q 222 -12.52 -73.52 14.26
CA PHE Q 222 -12.14 -74.20 13.04
C PHE Q 222 -11.52 -75.58 13.23
N ASN Q 223 -11.46 -76.11 14.44
CA ASN Q 223 -10.99 -77.48 14.57
C ASN Q 223 -12.07 -78.34 15.19
N GLY Q 224 -13.33 -77.98 14.98
CA GLY Q 224 -14.39 -78.56 15.74
C GLY Q 224 -14.64 -77.87 17.05
N GLN Q 225 -14.01 -76.72 17.29
CA GLN Q 225 -14.26 -75.96 18.51
C GLN Q 225 -15.73 -75.67 18.69
N LEU Q 226 -16.46 -75.55 17.59
CA LEU Q 226 -17.89 -75.28 17.66
C LEU Q 226 -18.67 -76.49 18.13
N TYR Q 227 -18.41 -77.66 17.54
CA TYR Q 227 -19.07 -78.88 18.02
C TYR Q 227 -18.76 -79.13 19.48
N ASN Q 228 -17.49 -78.90 19.88
CA ASN Q 228 -17.08 -79.13 21.26
C ASN Q 228 -17.73 -78.12 22.21
N LYS Q 229 -17.90 -76.89 21.77
CA LYS Q 229 -18.53 -75.89 22.63
C LYS Q 229 -20.04 -76.05 22.69
N ILE Q 230 -20.67 -76.59 21.64
CA ILE Q 230 -22.10 -76.82 21.71
C ILE Q 230 -22.39 -78.03 22.57
N ALA Q 231 -21.52 -79.05 22.52
CA ALA Q 231 -21.70 -80.17 23.45
C ALA Q 231 -21.40 -79.73 24.88
N LEU Q 232 -20.40 -78.86 25.05
CA LEU Q 232 -20.07 -78.36 26.37
C LEU Q 232 -21.24 -77.58 26.97
N THR Q 233 -21.83 -76.66 26.20
CA THR Q 233 -23.04 -76.00 26.65
C THR Q 233 -24.17 -77.01 26.90
N CYS Q 234 -24.24 -78.05 26.07
CA CYS Q 234 -25.27 -79.08 26.23
C CYS Q 234 -25.11 -79.87 27.51
N GLY Q 235 -23.91 -79.86 28.08
CA GLY Q 235 -23.78 -80.28 29.47
C GLY Q 235 -24.14 -79.18 30.44
N MET Q 236 -23.58 -77.98 30.21
CA MET Q 236 -23.71 -76.86 31.14
C MET Q 236 -25.15 -76.68 31.60
N ILE Q 237 -26.10 -76.72 30.67
CA ILE Q 237 -27.49 -76.95 31.03
C ILE Q 237 -27.99 -78.09 30.16
N HIS Q 238 -28.81 -78.95 30.76
CA HIS Q 238 -29.02 -80.29 30.21
C HIS Q 238 -29.93 -80.26 28.98
N PHE Q 239 -29.51 -80.96 27.92
CA PHE Q 239 -30.29 -80.98 26.68
C PHE Q 239 -31.59 -81.75 26.82
N LYS Q 240 -31.59 -82.83 27.60
CA LYS Q 240 -32.53 -83.92 27.45
C LYS Q 240 -33.96 -83.51 27.77
N GLU Q 241 -34.24 -83.26 29.05
CA GLU Q 241 -35.60 -82.89 29.41
C GLU Q 241 -35.92 -81.48 28.94
N PHE Q 242 -34.99 -80.54 29.11
CA PHE Q 242 -35.31 -79.14 28.91
C PHE Q 242 -35.59 -78.83 27.44
N PHE Q 243 -34.86 -79.46 26.53
CA PHE Q 243 -34.99 -79.14 25.12
C PHE Q 243 -35.08 -80.41 24.30
N ASN Q 244 -35.23 -80.23 22.99
CA ASN Q 244 -35.35 -81.33 22.05
C ASN Q 244 -34.13 -81.21 21.15
N SER Q 245 -33.15 -82.08 21.38
CA SER Q 245 -31.85 -81.98 20.73
C SER Q 245 -31.70 -83.01 19.63
N GLU Q 246 -32.73 -83.08 18.78
CA GLU Q 246 -32.69 -83.86 17.55
C GLU Q 246 -32.33 -82.92 16.41
N ILE Q 247 -31.30 -83.29 15.63
CA ILE Q 247 -30.87 -82.43 14.54
C ILE Q 247 -31.86 -82.52 13.37
N SER Q 248 -31.88 -81.47 12.53
CA SER Q 248 -32.71 -81.44 11.33
C SER Q 248 -32.03 -82.25 10.22
N CYS Q 249 -32.21 -83.56 10.28
CA CYS Q 249 -31.36 -84.47 9.52
C CYS Q 249 -31.58 -84.39 8.03
N GLN Q 250 -32.86 -84.42 7.62
CA GLN Q 250 -33.19 -84.66 6.23
C GLN Q 250 -32.90 -83.45 5.36
N GLY Q 251 -33.13 -82.25 5.88
CA GLY Q 251 -32.64 -81.05 5.21
C GLY Q 251 -31.14 -81.03 5.04
N LEU Q 252 -30.40 -81.61 5.99
CA LEU Q 252 -28.95 -81.72 5.81
C LEU Q 252 -28.63 -82.65 4.65
N LEU Q 253 -29.39 -83.75 4.53
CA LEU Q 253 -29.23 -84.62 3.36
C LEU Q 253 -29.46 -83.84 2.07
N LEU Q 254 -30.56 -83.08 2.01
CA LEU Q 254 -30.82 -82.29 0.80
C LEU Q 254 -29.67 -81.33 0.53
N LYS Q 255 -29.31 -80.53 1.53
CA LYS Q 255 -28.18 -79.62 1.46
C LYS Q 255 -26.97 -80.32 0.87
N LEU Q 256 -26.80 -81.59 1.20
CA LEU Q 256 -25.59 -82.32 0.87
C LEU Q 256 -25.60 -82.83 -0.57
N VAL Q 257 -26.73 -83.40 -1.00
CA VAL Q 257 -26.88 -83.86 -2.37
C VAL Q 257 -26.76 -82.69 -3.33
N MET Q 258 -27.56 -81.64 -3.10
CA MET Q 258 -27.41 -80.41 -3.87
C MET Q 258 -26.00 -79.84 -3.76
N GLN Q 259 -25.33 -80.01 -2.62
CA GLN Q 259 -23.99 -79.44 -2.49
C GLN Q 259 -23.02 -80.15 -3.41
N CYS Q 260 -23.16 -81.47 -3.55
CA CYS Q 260 -22.55 -82.16 -4.67
C CYS Q 260 -23.46 -81.94 -5.86
N ALA Q 261 -23.38 -82.81 -6.85
CA ALA Q 261 -24.39 -82.79 -7.90
C ALA Q 261 -25.01 -84.16 -8.00
N LEU Q 262 -25.18 -84.77 -6.85
CA LEU Q 262 -25.62 -86.15 -6.83
C LEU Q 262 -27.07 -86.22 -7.26
N PRO Q 263 -27.44 -87.25 -8.02
CA PRO Q 263 -28.84 -87.43 -8.36
C PRO Q 263 -29.65 -87.73 -7.11
N PRO Q 264 -30.95 -87.39 -7.10
CA PRO Q 264 -31.71 -87.45 -5.85
C PRO Q 264 -31.83 -88.84 -5.23
N GLU Q 265 -31.36 -89.90 -5.90
CA GLU Q 265 -31.41 -91.21 -5.28
C GLU Q 265 -30.51 -91.29 -4.05
N PHE Q 266 -29.42 -90.51 -4.04
CA PHE Q 266 -28.49 -90.61 -2.93
C PHE Q 266 -29.06 -90.01 -1.64
N TYR Q 267 -30.03 -89.11 -1.74
CA TYR Q 267 -30.76 -88.69 -0.54
C TYR Q 267 -31.37 -89.88 0.13
N PHE Q 268 -32.00 -90.76 -0.65
CA PHE Q 268 -32.65 -91.90 -0.02
C PHE Q 268 -31.65 -92.98 0.34
N TYR Q 269 -30.63 -93.18 -0.49
CA TYR Q 269 -29.52 -94.06 -0.11
C TYR Q 269 -28.99 -93.73 1.28
N THR Q 270 -28.41 -92.54 1.41
CA THR Q 270 -27.80 -92.18 2.69
C THR Q 270 -28.83 -92.11 3.79
N LYS Q 271 -30.04 -91.62 3.50
CA LYS Q 271 -31.10 -91.67 4.50
C LYS Q 271 -31.33 -93.10 4.98
N GLN Q 272 -31.11 -94.08 4.11
CA GLN Q 272 -31.35 -95.47 4.48
C GLN Q 272 -30.20 -96.02 5.31
N VAL Q 273 -28.95 -95.78 4.90
CA VAL Q 273 -27.83 -96.22 5.75
C VAL Q 273 -27.95 -95.57 7.13
N ILE Q 274 -28.34 -94.30 7.15
CA ILE Q 274 -28.66 -93.61 8.40
C ILE Q 274 -29.62 -94.45 9.23
N GLU Q 275 -30.79 -94.76 8.67
CA GLU Q 275 -31.77 -95.57 9.41
C GLU Q 275 -31.18 -96.92 9.81
N PHE Q 276 -30.20 -97.41 9.04
CA PHE Q 276 -29.67 -98.75 9.24
C PHE Q 276 -28.83 -98.83 10.49
N GLU Q 277 -27.96 -97.85 10.70
CA GLU Q 277 -27.13 -97.89 11.89
C GLU Q 277 -27.82 -97.25 13.10
N GLU Q 278 -28.62 -96.21 12.91
CA GLU Q 278 -29.22 -95.50 14.03
C GLU Q 278 -30.71 -95.81 14.25
N THR Q 279 -31.48 -95.99 13.18
CA THR Q 279 -32.96 -95.91 13.17
C THR Q 279 -33.45 -94.50 13.47
N ASP Q 280 -32.56 -93.53 13.23
CA ASP Q 280 -32.81 -92.08 13.31
C ASP Q 280 -33.13 -91.64 14.74
N ILE Q 281 -32.07 -91.63 15.56
CA ILE Q 281 -32.04 -91.06 16.89
C ILE Q 281 -30.71 -90.33 17.02
N ARG Q 282 -30.77 -89.00 17.16
CA ARG Q 282 -29.56 -88.17 17.11
C ARG Q 282 -29.57 -87.11 18.21
N ASN Q 283 -28.53 -87.12 19.03
CA ASN Q 283 -28.42 -86.36 20.27
C ASN Q 283 -27.49 -85.16 20.08
N LEU Q 284 -27.33 -84.36 21.15
CA LEU Q 284 -26.44 -83.21 21.16
C LEU Q 284 -25.33 -83.27 22.22
N THR Q 285 -25.56 -83.86 23.39
CA THR Q 285 -24.50 -83.90 24.38
C THR Q 285 -23.44 -84.90 23.97
N LEU Q 286 -22.19 -84.53 24.19
CA LEU Q 286 -21.06 -85.44 24.28
C LEU Q 286 -20.35 -85.23 25.60
N TRP Q 287 -21.11 -84.83 26.61
CA TRP Q 287 -20.57 -84.18 27.78
C TRP Q 287 -20.26 -85.19 28.88
N GLU Q 288 -19.03 -85.12 29.38
CA GLU Q 288 -18.64 -85.53 30.73
C GLU Q 288 -17.56 -84.51 31.08
N ARG Q 289 -17.94 -83.41 31.73
CA ARG Q 289 -17.09 -82.22 31.76
C ARG Q 289 -15.66 -82.58 32.14
N THR Q 290 -14.74 -82.24 31.25
CA THR Q 290 -13.34 -82.62 31.37
C THR Q 290 -12.57 -81.85 30.32
N ASP Q 291 -11.33 -82.25 30.12
CA ASP Q 291 -10.77 -82.31 28.78
C ASP Q 291 -10.81 -83.72 28.24
N GLU Q 292 -10.73 -84.70 29.16
CA GLU Q 292 -10.23 -86.04 28.83
C GLU Q 292 -11.25 -86.88 28.08
N ARG Q 293 -10.76 -87.55 27.04
CA ARG Q 293 -11.51 -88.47 26.18
C ARG Q 293 -10.49 -89.20 25.31
N HIS Q 294 -10.73 -90.50 25.04
CA HIS Q 294 -9.83 -91.18 24.13
C HIS Q 294 -10.44 -92.36 23.37
N THR Q 295 -11.70 -92.75 23.61
CA THR Q 295 -12.35 -93.70 22.72
C THR Q 295 -13.86 -93.60 22.85
N GLY Q 296 -14.55 -93.96 21.77
CA GLY Q 296 -15.99 -93.86 21.68
C GLY Q 296 -16.51 -92.50 21.25
N ARG Q 297 -15.73 -91.43 21.44
CA ARG Q 297 -16.27 -90.08 21.43
C ARG Q 297 -15.51 -89.13 20.49
N VAL Q 298 -15.02 -89.64 19.37
CA VAL Q 298 -14.70 -88.75 18.25
C VAL Q 298 -15.95 -88.49 17.42
N SER Q 299 -16.91 -89.41 17.50
CA SER Q 299 -18.05 -89.52 16.60
C SER Q 299 -19.30 -89.63 17.44
N ASN Q 300 -19.76 -88.50 17.99
CA ASN Q 300 -21.12 -88.49 18.52
C ASN Q 300 -21.70 -87.07 18.46
N HIS Q 301 -21.06 -86.19 17.69
CA HIS Q 301 -21.75 -85.02 17.17
C HIS Q 301 -22.49 -85.48 15.92
N ALA Q 302 -23.83 -85.44 15.98
CA ALA Q 302 -24.67 -86.10 14.97
C ALA Q 302 -24.21 -85.76 13.57
N GLU Q 303 -24.10 -84.47 13.26
CA GLU Q 303 -23.70 -84.02 11.93
C GLU Q 303 -22.53 -84.83 11.40
N LEU Q 304 -21.37 -84.72 12.03
CA LEU Q 304 -20.15 -85.40 11.60
C LEU Q 304 -20.43 -86.86 11.20
N ARG Q 305 -21.32 -87.51 11.95
CA ARG Q 305 -21.71 -88.87 11.56
C ARG Q 305 -22.55 -88.87 10.30
N VAL Q 306 -23.43 -87.88 10.15
CA VAL Q 306 -24.20 -87.74 8.90
C VAL Q 306 -23.24 -87.64 7.71
N LEU Q 307 -22.30 -86.71 7.75
CA LEU Q 307 -21.31 -86.62 6.68
C LEU Q 307 -20.58 -87.94 6.48
N SER Q 308 -20.30 -88.66 7.58
CA SER Q 308 -19.60 -89.92 7.47
C SER Q 308 -20.42 -90.94 6.69
N TYR Q 309 -21.69 -91.12 7.08
CA TYR Q 309 -22.62 -91.96 6.33
C TYR Q 309 -22.72 -91.53 4.88
N PHE Q 310 -22.75 -90.22 4.63
CA PHE Q 310 -22.86 -89.70 3.27
C PHE Q 310 -21.68 -90.17 2.41
N MET Q 311 -20.46 -89.86 2.87
CA MET Q 311 -19.25 -90.36 2.22
C MET Q 311 -19.31 -91.87 2.00
N LEU Q 312 -19.54 -92.61 3.09
CA LEU Q 312 -19.58 -94.06 3.01
C LEU Q 312 -20.56 -94.51 1.93
N THR Q 313 -21.81 -94.09 2.05
CA THR Q 313 -22.84 -94.36 1.07
C THR Q 313 -22.30 -94.20 -0.34
N ILE Q 314 -21.73 -93.02 -0.66
CA ILE Q 314 -21.21 -92.83 -2.02
C ILE Q 314 -20.22 -93.93 -2.37
N ASN Q 315 -19.30 -94.22 -1.46
CA ASN Q 315 -18.25 -95.21 -1.75
C ASN Q 315 -18.83 -96.60 -1.98
N TRP Q 316 -19.58 -97.11 -1.02
CA TRP Q 316 -20.21 -98.41 -1.13
C TRP Q 316 -21.09 -98.47 -2.37
N MET Q 317 -22.20 -97.74 -2.31
CA MET Q 317 -23.12 -97.59 -3.44
C MET Q 317 -22.44 -97.60 -4.81
N LEU Q 318 -21.47 -96.71 -5.02
CA LEU Q 318 -20.88 -96.62 -6.35
C LEU Q 318 -19.95 -97.79 -6.64
N SER Q 319 -19.28 -98.32 -5.63
CA SER Q 319 -18.34 -99.41 -5.89
C SER Q 319 -19.02 -100.78 -5.94
N PHE Q 320 -20.32 -100.85 -5.65
CA PHE Q 320 -21.04 -102.11 -5.72
C PHE Q 320 -22.34 -101.97 -6.51
N ASP Q 321 -22.34 -101.13 -7.55
CA ASP Q 321 -23.45 -101.09 -8.51
C ASP Q 321 -23.25 -102.22 -9.52
N ARG Q 322 -23.26 -103.45 -9.01
CA ARG Q 322 -23.18 -104.62 -9.89
C ARG Q 322 -24.21 -104.54 -11.01
N ASP Q 323 -25.28 -103.75 -10.80
CA ASP Q 323 -26.15 -103.34 -11.88
C ASP Q 323 -25.39 -102.60 -12.98
N ARG Q 324 -24.38 -101.81 -12.60
CA ARG Q 324 -23.73 -100.81 -13.47
C ARG Q 324 -24.69 -99.66 -13.78
N GLN Q 325 -25.39 -99.18 -12.76
CA GLN Q 325 -26.28 -98.03 -12.92
C GLN Q 325 -25.51 -96.72 -13.06
N TYR Q 326 -24.29 -96.65 -12.54
CA TYR Q 326 -23.55 -95.39 -12.49
C TYR Q 326 -22.26 -95.49 -13.28
N PRO Q 327 -22.23 -94.89 -14.48
CA PRO Q 327 -21.16 -95.16 -15.45
C PRO Q 327 -19.77 -94.87 -14.91
N LEU Q 328 -18.81 -95.65 -15.41
CA LEU Q 328 -17.40 -95.40 -15.15
C LEU Q 328 -17.01 -93.97 -15.50
N LYS Q 329 -17.72 -93.35 -16.45
CA LYS Q 329 -17.50 -91.98 -16.89
C LYS Q 329 -18.22 -90.95 -16.02
N TRP Q 330 -19.52 -91.11 -15.81
CA TRP Q 330 -20.31 -90.13 -15.07
C TRP Q 330 -19.75 -89.85 -13.67
N ILE Q 331 -18.94 -90.76 -13.12
CA ILE Q 331 -18.22 -90.44 -11.89
C ILE Q 331 -17.13 -89.42 -12.17
N LEU Q 332 -16.47 -89.53 -13.32
CA LEU Q 332 -15.53 -88.49 -13.72
C LEU Q 332 -16.25 -87.18 -14.02
N SER Q 333 -17.27 -87.21 -14.87
CA SER Q 333 -18.00 -85.98 -15.20
C SER Q 333 -18.59 -85.33 -13.96
N LEU Q 334 -19.01 -86.14 -13.00
CA LEU Q 334 -19.43 -85.61 -11.72
C LEU Q 334 -18.28 -84.92 -11.02
N THR Q 335 -17.11 -85.56 -10.98
CA THR Q 335 -15.95 -84.95 -10.35
C THR Q 335 -15.59 -83.62 -11.02
N GLU Q 336 -15.73 -83.53 -12.34
CA GLU Q 336 -15.30 -82.32 -13.05
C GLU Q 336 -16.33 -81.20 -12.90
N SER Q 337 -17.61 -81.52 -12.96
CA SER Q 337 -18.63 -80.50 -12.71
C SER Q 337 -18.57 -80.01 -11.28
N LEU Q 338 -18.14 -80.87 -10.35
CA LEU Q 338 -17.88 -80.45 -8.98
C LEU Q 338 -16.63 -79.59 -8.88
N THR Q 339 -15.63 -79.83 -9.74
CA THR Q 339 -14.33 -79.19 -9.59
C THR Q 339 -14.26 -77.81 -10.24
N GLN Q 340 -15.01 -77.60 -11.33
CA GLN Q 340 -14.95 -76.36 -12.10
C GLN Q 340 -15.28 -75.13 -11.25
N ARG Q 341 -14.25 -74.37 -10.89
CA ARG Q 341 -14.43 -73.17 -10.06
C ARG Q 341 -15.25 -72.13 -10.81
N THR Q 342 -16.46 -71.87 -10.34
CA THR Q 342 -17.36 -70.92 -10.97
C THR Q 342 -17.90 -69.97 -9.90
N THR Q 343 -18.28 -68.77 -10.32
CA THR Q 343 -18.51 -67.66 -9.41
C THR Q 343 -19.99 -67.50 -9.09
N THR Q 344 -20.44 -68.27 -8.10
CA THR Q 344 -21.72 -68.05 -7.44
C THR Q 344 -21.49 -67.53 -6.02
N SER Q 345 -22.55 -66.98 -5.43
CA SER Q 345 -22.45 -66.52 -4.05
C SER Q 345 -21.82 -67.58 -3.16
N GLU Q 346 -22.27 -68.82 -3.31
CA GLU Q 346 -21.79 -69.92 -2.48
C GLU Q 346 -20.28 -70.12 -2.61
N SER Q 347 -19.82 -70.52 -3.80
CA SER Q 347 -18.41 -70.87 -3.96
C SER Q 347 -17.51 -69.69 -3.57
N ILE Q 348 -17.91 -68.47 -3.94
CA ILE Q 348 -17.20 -67.28 -3.47
C ILE Q 348 -17.11 -67.29 -1.95
N GLY Q 349 -18.22 -67.64 -1.29
CA GLY Q 349 -18.18 -67.78 0.16
C GLY Q 349 -17.18 -68.81 0.62
N ARG Q 350 -17.26 -70.04 0.07
CA ARG Q 350 -16.33 -71.09 0.45
C ARG Q 350 -14.89 -70.68 0.22
N ASN Q 351 -14.62 -69.84 -0.78
CA ASN Q 351 -13.29 -69.26 -0.89
C ASN Q 351 -12.99 -68.38 0.31
N ILE Q 352 -13.95 -67.55 0.71
CA ILE Q 352 -13.76 -66.66 1.86
C ILE Q 352 -13.48 -67.45 3.14
N VAL Q 353 -14.11 -68.61 3.28
CA VAL Q 353 -13.82 -69.46 4.42
C VAL Q 353 -12.47 -70.15 4.25
N LYS Q 354 -12.14 -70.53 3.02
CA LYS Q 354 -10.85 -71.15 2.76
C LYS Q 354 -9.73 -70.26 3.24
N VAL Q 355 -9.94 -68.94 3.23
CA VAL Q 355 -8.85 -68.03 3.58
C VAL Q 355 -8.47 -68.12 5.05
N VAL Q 356 -9.42 -68.43 5.94
CA VAL Q 356 -9.17 -68.49 7.39
C VAL Q 356 -9.29 -69.91 7.93
N TYR Q 357 -9.22 -70.88 7.07
CA TYR Q 357 -9.10 -72.27 7.50
C TYR Q 357 -7.65 -72.53 7.88
N PRO Q 358 -7.40 -73.22 9.01
CA PRO Q 358 -6.03 -73.32 9.54
C PRO Q 358 -5.03 -74.04 8.64
N ASP Q 359 -5.42 -75.14 7.99
CA ASP Q 359 -4.45 -76.02 7.34
C ASP Q 359 -4.30 -75.76 5.84
N LYS Q 360 -3.07 -75.94 5.35
CA LYS Q 360 -2.84 -76.18 3.92
C LYS Q 360 -3.45 -77.56 3.70
N PRO Q 361 -3.95 -77.83 2.48
CA PRO Q 361 -3.90 -77.09 1.22
C PRO Q 361 -4.78 -75.83 1.08
N THR Q 362 -5.90 -75.73 1.80
CA THR Q 362 -6.95 -74.75 1.44
C THR Q 362 -6.39 -73.34 1.15
N SER Q 363 -5.26 -73.01 1.72
CA SER Q 363 -4.66 -71.74 1.37
C SER Q 363 -3.94 -71.80 0.01
N SER Q 364 -3.27 -72.92 -0.31
CA SER Q 364 -2.91 -73.13 -1.71
C SER Q 364 -4.14 -73.03 -2.62
N ASP Q 365 -5.31 -73.36 -2.08
CA ASP Q 365 -6.54 -73.17 -2.86
C ASP Q 365 -6.75 -71.70 -3.17
N TYR Q 366 -6.53 -70.79 -2.19
CA TYR Q 366 -6.62 -69.38 -2.60
C TYR Q 366 -5.57 -69.04 -3.64
N PHE Q 367 -4.44 -69.75 -3.63
CA PHE Q 367 -3.42 -69.56 -4.65
C PHE Q 367 -3.97 -69.80 -6.04
N GLN Q 368 -4.82 -70.82 -6.18
CA GLN Q 368 -5.28 -71.25 -7.51
C GLN Q 368 -6.58 -70.58 -7.99
N TRP Q 369 -6.95 -69.50 -7.31
CA TRP Q 369 -8.06 -68.60 -7.67
C TRP Q 369 -7.69 -67.54 -8.70
N SER Q 370 -8.72 -66.85 -9.21
CA SER Q 370 -8.59 -66.06 -10.44
C SER Q 370 -9.10 -64.62 -10.28
N GLU Q 371 -8.57 -63.74 -11.13
CA GLU Q 371 -8.59 -62.29 -10.94
C GLU Q 371 -9.95 -61.82 -10.46
N GLU Q 372 -11.02 -62.44 -10.94
CA GLU Q 372 -12.34 -62.02 -10.50
C GLU Q 372 -12.59 -62.46 -9.07
N GLU Q 373 -12.12 -63.65 -8.69
CA GLU Q 373 -12.21 -64.08 -7.30
C GLU Q 373 -11.48 -63.11 -6.39
N THR Q 374 -10.24 -62.76 -6.74
CA THR Q 374 -9.49 -61.77 -5.97
C THR Q 374 -10.22 -60.43 -5.92
N LEU Q 375 -10.85 -60.04 -7.02
CA LEU Q 375 -11.54 -58.76 -7.07
C LEU Q 375 -12.74 -58.74 -6.12
N GLU Q 376 -13.67 -59.68 -6.32
CA GLU Q 376 -14.78 -59.81 -5.39
C GLU Q 376 -14.29 -60.00 -3.97
N PHE Q 377 -13.06 -60.51 -3.80
CA PHE Q 377 -12.48 -60.61 -2.48
C PHE Q 377 -12.22 -59.23 -1.90
N LEU Q 378 -11.41 -58.42 -2.59
CA LEU Q 378 -11.18 -57.04 -2.12
C LEU Q 378 -12.49 -56.30 -1.91
N LYS Q 379 -13.51 -56.60 -2.72
CA LYS Q 379 -14.83 -56.05 -2.48
C LYS Q 379 -15.31 -56.43 -1.08
N TRP Q 380 -15.36 -57.74 -0.80
CA TRP Q 380 -15.80 -58.19 0.51
C TRP Q 380 -14.90 -57.69 1.63
N MET Q 381 -13.66 -57.34 1.30
CA MET Q 381 -12.73 -56.77 2.26
C MET Q 381 -13.14 -55.34 2.63
N GLU Q 382 -13.40 -54.51 1.62
CA GLU Q 382 -13.84 -53.14 1.92
C GLU Q 382 -15.26 -53.08 2.46
N LYS Q 383 -16.07 -54.11 2.24
CA LYS Q 383 -17.41 -54.13 2.81
C LYS Q 383 -17.42 -54.64 4.24
N GLN Q 384 -16.91 -55.84 4.46
CA GLN Q 384 -17.06 -56.54 5.74
C GLN Q 384 -15.82 -56.46 6.63
N PHE Q 385 -14.73 -55.83 6.17
CA PHE Q 385 -13.66 -55.42 7.06
C PHE Q 385 -13.71 -53.91 7.29
N LEU Q 386 -14.91 -53.33 7.23
CA LEU Q 386 -15.23 -52.15 8.00
C LEU Q 386 -15.65 -52.65 9.38
N PRO Q 387 -16.25 -53.86 9.47
CA PRO Q 387 -16.17 -54.61 10.75
C PRO Q 387 -14.75 -54.97 11.12
N THR Q 388 -13.90 -53.95 11.30
CA THR Q 388 -12.53 -54.12 11.76
C THR Q 388 -12.54 -54.07 13.29
N GLN Q 389 -11.35 -54.04 13.89
CA GLN Q 389 -11.21 -53.97 15.34
C GLN Q 389 -10.08 -53.03 15.71
N THR Q 390 -10.27 -52.30 16.81
CA THR Q 390 -9.43 -51.17 17.20
C THR Q 390 -9.19 -50.21 16.03
N ASP Q 405 -4.07 -32.23 13.29
CA ASP Q 405 -2.67 -32.61 13.20
C ASP Q 405 -2.46 -33.74 12.19
N GLN Q 406 -1.93 -34.86 12.69
CA GLN Q 406 -1.65 -35.99 11.81
C GLN Q 406 -2.92 -36.70 11.37
N LYS Q 407 -3.99 -36.62 12.16
CA LYS Q 407 -5.23 -37.29 11.80
C LYS Q 407 -5.87 -36.61 10.59
N ILE Q 408 -6.14 -35.31 10.69
CA ILE Q 408 -6.62 -34.57 9.51
C ILE Q 408 -5.57 -34.61 8.41
N ALA Q 409 -4.29 -34.70 8.78
CA ALA Q 409 -3.24 -34.86 7.78
C ALA Q 409 -3.40 -36.17 7.03
N ARG Q 410 -4.06 -37.16 7.64
CA ARG Q 410 -4.36 -38.41 6.96
C ARG Q 410 -5.75 -38.41 6.33
N ARG Q 411 -6.62 -37.46 6.70
CA ARG Q 411 -7.86 -37.28 5.95
C ARG Q 411 -7.60 -36.60 4.63
N LYS Q 412 -6.73 -35.59 4.63
CA LYS Q 412 -6.25 -35.01 3.38
C LYS Q 412 -5.26 -35.94 2.70
N LEU Q 413 -4.44 -36.63 3.49
CA LEU Q 413 -3.45 -37.56 2.94
C LEU Q 413 -4.15 -38.68 2.17
N TYR Q 414 -5.15 -39.32 2.76
CA TYR Q 414 -5.90 -40.32 2.02
C TYR Q 414 -6.76 -39.67 0.94
N LYS Q 415 -7.36 -38.51 1.25
CA LYS Q 415 -8.13 -37.77 0.24
C LYS Q 415 -7.22 -37.22 -0.91
N ILE Q 416 -5.94 -37.60 -0.93
CA ILE Q 416 -5.08 -37.33 -2.06
C ILE Q 416 -5.37 -38.29 -3.20
N PHE Q 417 -5.81 -39.51 -2.90
CA PHE Q 417 -6.08 -40.50 -3.93
C PHE Q 417 -7.51 -41.03 -3.75
N PRO Q 418 -8.31 -41.02 -4.81
CA PRO Q 418 -9.77 -41.10 -4.66
C PRO Q 418 -10.25 -42.39 -4.02
N LEU Q 419 -11.12 -42.23 -3.00
CA LEU Q 419 -11.74 -43.37 -2.35
C LEU Q 419 -12.83 -44.01 -3.21
N ASP Q 420 -13.38 -43.28 -4.16
CA ASP Q 420 -14.45 -43.78 -5.05
C ASP Q 420 -15.64 -44.33 -4.27
N SER Q 432 -28.70 -58.08 -17.01
CA SER Q 432 -27.43 -57.38 -17.14
C SER Q 432 -26.55 -57.60 -15.89
N THR Q 433 -27.08 -58.33 -14.91
CA THR Q 433 -26.29 -58.76 -13.76
C THR Q 433 -25.56 -60.05 -14.14
N HIS Q 434 -24.23 -60.05 -13.97
CA HIS Q 434 -23.38 -61.06 -14.59
C HIS Q 434 -23.54 -62.45 -13.98
N GLN Q 435 -22.89 -62.69 -12.84
CA GLN Q 435 -22.77 -64.04 -12.31
C GLN Q 435 -24.12 -64.54 -11.81
N LEU Q 436 -24.24 -65.87 -11.75
CA LEU Q 436 -25.51 -66.57 -11.64
C LEU Q 436 -25.80 -67.02 -10.21
N THR Q 437 -27.04 -67.45 -10.01
CA THR Q 437 -27.51 -67.83 -8.68
C THR Q 437 -27.13 -69.28 -8.39
N PHE Q 438 -27.62 -69.79 -7.26
CA PHE Q 438 -27.23 -71.10 -6.76
C PHE Q 438 -27.88 -72.23 -7.58
N ILE Q 439 -29.22 -72.21 -7.67
CA ILE Q 439 -29.90 -73.27 -8.42
C ILE Q 439 -29.63 -73.17 -9.91
N GLU Q 440 -29.18 -72.00 -10.40
CA GLU Q 440 -28.71 -71.93 -11.77
C GLU Q 440 -27.47 -72.79 -11.97
N ASP Q 441 -26.42 -72.52 -11.17
CA ASP Q 441 -25.22 -73.34 -11.22
C ASP Q 441 -25.55 -74.82 -11.03
N LEU Q 442 -26.39 -75.10 -10.02
CA LEU Q 442 -26.79 -76.47 -9.72
C LEU Q 442 -27.43 -77.13 -10.93
N GLN Q 443 -28.39 -76.44 -11.55
CA GLN Q 443 -28.99 -76.92 -12.78
C GLN Q 443 -27.95 -77.19 -13.83
N GLU Q 444 -27.04 -76.25 -14.05
CA GLU Q 444 -26.18 -76.36 -15.22
C GLU Q 444 -25.15 -77.47 -15.08
N ARG Q 445 -24.74 -77.81 -13.86
CA ARG Q 445 -23.86 -78.98 -13.76
C ARG Q 445 -24.66 -80.27 -13.75
N TYR Q 446 -25.89 -80.22 -13.22
CA TYR Q 446 -26.81 -81.34 -13.42
C TYR Q 446 -27.00 -81.63 -14.90
N ALA Q 447 -26.94 -80.60 -15.75
CA ALA Q 447 -27.00 -80.84 -17.18
C ALA Q 447 -25.64 -81.23 -17.72
N LYS Q 448 -24.56 -80.61 -17.22
CA LYS Q 448 -23.23 -80.94 -17.69
C LYS Q 448 -22.96 -82.42 -17.53
N GLN Q 449 -23.70 -83.10 -16.67
CA GLN Q 449 -23.63 -84.55 -16.62
C GLN Q 449 -24.78 -85.25 -17.35
N THR Q 450 -25.68 -84.49 -18.00
CA THR Q 450 -26.97 -85.06 -18.43
C THR Q 450 -26.83 -86.20 -19.45
N PRO Q 451 -25.69 -86.36 -20.17
CA PRO Q 451 -25.38 -87.69 -20.71
C PRO Q 451 -25.18 -88.71 -19.60
N PHE Q 452 -26.30 -89.27 -19.18
CA PHE Q 452 -26.38 -90.41 -18.29
C PHE Q 452 -26.82 -91.65 -19.07
N PHE Q 453 -27.97 -91.55 -19.72
CA PHE Q 453 -28.53 -92.62 -20.54
C PHE Q 453 -27.84 -92.71 -21.90
N PRO Q 469 -11.40 -100.76 -15.98
CA PRO Q 469 -12.52 -101.24 -15.14
C PRO Q 469 -12.23 -101.32 -13.63
N PRO Q 470 -11.00 -101.66 -13.22
CA PRO Q 470 -10.66 -101.50 -11.80
C PRO Q 470 -10.07 -100.14 -11.47
N ALA Q 471 -9.72 -99.35 -12.48
CA ALA Q 471 -9.29 -97.98 -12.27
C ALA Q 471 -10.47 -97.00 -12.25
N ARG Q 472 -11.70 -97.50 -12.15
CA ARG Q 472 -12.82 -96.64 -11.77
C ARG Q 472 -12.85 -96.41 -10.27
N LYS Q 473 -12.28 -97.34 -9.50
CA LYS Q 473 -12.00 -97.07 -8.10
C LYS Q 473 -11.26 -95.75 -7.93
N GLU Q 474 -10.41 -95.40 -8.89
CA GLU Q 474 -9.77 -94.10 -8.90
C GLU Q 474 -10.80 -92.99 -8.92
N ALA Q 475 -11.75 -93.07 -9.86
CA ALA Q 475 -12.78 -92.03 -9.95
C ALA Q 475 -13.55 -91.92 -8.64
N ILE Q 476 -13.91 -93.07 -8.05
CA ILE Q 476 -14.56 -93.08 -6.74
C ILE Q 476 -13.70 -92.33 -5.72
N GLY Q 477 -12.39 -92.58 -5.74
CA GLY Q 477 -11.52 -92.00 -4.72
C GLY Q 477 -11.36 -90.50 -4.87
N ARG Q 478 -11.10 -90.03 -6.09
CA ARG Q 478 -10.91 -88.61 -6.28
C ARG Q 478 -12.22 -87.85 -6.02
N LEU Q 479 -13.36 -88.43 -6.38
CA LEU Q 479 -14.64 -87.79 -6.06
C LEU Q 479 -14.83 -87.71 -4.56
N LEU Q 480 -14.61 -88.83 -3.86
CA LEU Q 480 -14.72 -88.82 -2.40
C LEU Q 480 -13.80 -87.79 -1.77
N THR Q 481 -12.56 -87.64 -2.30
CA THR Q 481 -11.61 -86.72 -1.67
C THR Q 481 -11.96 -85.27 -1.96
N HIS Q 482 -12.50 -84.96 -3.14
CA HIS Q 482 -12.95 -83.61 -3.39
C HIS Q 482 -14.14 -83.27 -2.50
N ILE Q 483 -15.14 -84.17 -2.47
CA ILE Q 483 -16.27 -83.98 -1.58
C ILE Q 483 -15.78 -83.75 -0.16
N ALA Q 484 -14.86 -84.58 0.30
CA ALA Q 484 -14.27 -84.39 1.61
C ALA Q 484 -13.73 -82.98 1.76
N SER Q 485 -12.92 -82.52 0.81
CA SER Q 485 -12.36 -81.17 0.92
C SER Q 485 -13.46 -80.15 1.20
N GLN Q 486 -14.50 -80.15 0.37
CA GLN Q 486 -15.58 -79.19 0.57
C GLN Q 486 -16.15 -79.30 1.97
N LEU Q 487 -16.32 -80.52 2.46
CA LEU Q 487 -16.88 -80.69 3.80
C LEU Q 487 -15.94 -80.14 4.86
N LEU Q 488 -14.64 -80.37 4.70
CA LEU Q 488 -13.69 -79.91 5.69
C LEU Q 488 -13.70 -78.40 5.82
N VAL Q 489 -13.67 -77.67 4.71
CA VAL Q 489 -13.72 -76.21 4.87
C VAL Q 489 -15.09 -75.75 5.32
N ASP Q 490 -16.15 -76.43 4.87
CA ASP Q 490 -17.50 -75.93 5.11
C ASP Q 490 -17.95 -76.14 6.56
N PHE Q 491 -17.63 -77.30 7.13
CA PHE Q 491 -18.02 -77.67 8.49
C PHE Q 491 -16.91 -77.44 9.52
N ALA Q 492 -15.91 -76.63 9.17
CA ALA Q 492 -14.79 -76.24 10.04
C ALA Q 492 -14.32 -77.39 10.93
N ILE Q 493 -13.83 -78.45 10.31
CA ILE Q 493 -13.14 -79.49 11.09
C ILE Q 493 -11.79 -79.81 10.44
N SER Q 494 -11.13 -80.86 10.91
CA SER Q 494 -9.83 -81.27 10.41
C SER Q 494 -9.98 -82.43 9.46
N LYS Q 495 -9.04 -82.51 8.50
CA LYS Q 495 -8.81 -83.74 7.77
C LYS Q 495 -8.88 -84.94 8.72
N GLU Q 496 -7.97 -84.93 9.71
CA GLU Q 496 -7.82 -86.05 10.62
C GLU Q 496 -9.08 -86.28 11.44
N GLN Q 497 -9.77 -85.19 11.81
CA GLN Q 497 -11.05 -85.32 12.52
C GLN Q 497 -12.05 -86.12 11.69
N LEU Q 498 -12.36 -85.63 10.50
CA LEU Q 498 -13.30 -86.30 9.60
C LEU Q 498 -12.95 -87.77 9.45
N LYS Q 499 -11.73 -88.06 8.97
CA LYS Q 499 -11.40 -89.46 8.70
C LYS Q 499 -11.39 -90.31 9.95
N ASP Q 500 -11.10 -89.72 11.12
CA ASP Q 500 -11.31 -90.46 12.36
C ASP Q 500 -12.77 -90.87 12.48
N CYS Q 501 -13.68 -89.94 12.22
CA CYS Q 501 -15.11 -90.23 12.41
C CYS Q 501 -15.58 -91.26 11.40
N ILE Q 502 -15.36 -91.00 10.10
CA ILE Q 502 -15.90 -91.93 9.11
C ILE Q 502 -15.19 -93.28 9.20
N SER Q 503 -13.94 -93.29 9.67
CA SER Q 503 -13.30 -94.57 9.95
C SER Q 503 -14.05 -95.30 11.06
N ARG Q 504 -14.24 -94.63 12.19
CA ARG Q 504 -14.87 -95.26 13.34
C ARG Q 504 -16.27 -95.78 13.00
N ILE Q 505 -17.08 -94.94 12.37
CA ILE Q 505 -18.46 -95.31 12.07
C ILE Q 505 -18.54 -96.27 10.90
N LYS Q 506 -17.51 -96.32 10.04
CA LYS Q 506 -17.42 -97.35 9.01
C LYS Q 506 -17.20 -98.71 9.63
N ASN Q 507 -16.26 -98.80 10.59
CA ASN Q 507 -16.14 -100.03 11.37
C ASN Q 507 -17.40 -100.29 12.20
N ALA Q 508 -18.14 -99.23 12.55
CA ALA Q 508 -19.42 -99.35 13.23
C ALA Q 508 -20.52 -99.86 12.33
N CYS Q 509 -20.34 -99.80 11.02
CA CYS Q 509 -21.28 -100.43 10.09
C CYS Q 509 -20.84 -101.84 9.71
N LEU Q 510 -19.53 -102.05 9.51
CA LEU Q 510 -19.03 -103.40 9.28
C LEU Q 510 -19.33 -104.31 10.47
N HIS Q 511 -19.25 -103.76 11.69
CA HIS Q 511 -19.47 -104.57 12.88
C HIS Q 511 -20.93 -105.00 12.99
N ARG Q 512 -21.87 -104.11 12.69
CA ARG Q 512 -23.29 -104.45 12.73
C ARG Q 512 -23.79 -105.00 11.40
N MET Q 513 -22.88 -105.27 10.47
CA MET Q 513 -23.18 -105.97 9.23
C MET Q 513 -22.60 -107.38 9.19
N ASN Q 514 -21.37 -107.57 9.66
CA ASN Q 514 -20.74 -108.89 9.67
C ASN Q 514 -21.40 -109.80 10.70
N MET R 1 2.26 -68.12 1.33
CA MET R 1 3.64 -68.56 1.22
C MET R 1 4.54 -67.37 0.90
N PHE R 2 3.97 -66.18 1.01
CA PHE R 2 4.70 -64.94 0.81
C PHE R 2 4.69 -64.11 2.08
N GLU R 3 5.69 -63.21 2.20
CA GLU R 3 5.79 -62.29 3.32
C GLU R 3 4.48 -61.56 3.55
N VAL R 4 4.14 -61.34 4.81
CA VAL R 4 2.90 -60.65 5.13
C VAL R 4 3.21 -59.20 5.51
N PRO R 5 2.38 -58.22 5.09
CA PRO R 5 2.64 -56.81 5.43
C PRO R 5 1.91 -56.40 6.69
N ILE R 6 2.09 -57.18 7.76
CA ILE R 6 1.52 -56.89 9.05
C ILE R 6 2.54 -57.18 10.14
N THR R 7 2.47 -56.39 11.21
CA THR R 7 3.19 -56.73 12.44
C THR R 7 2.79 -58.12 12.91
N LEU R 8 3.78 -58.91 13.28
CA LEU R 8 3.55 -60.32 13.59
C LEU R 8 2.81 -60.47 14.92
N THR R 9 1.74 -61.28 14.91
CA THR R 9 1.06 -61.68 16.15
C THR R 9 2.12 -62.10 17.17
N ASN R 10 1.85 -61.82 18.45
CA ASN R 10 2.90 -61.42 19.37
C ASN R 10 3.24 -62.53 20.36
N ARG R 11 2.75 -62.48 21.59
CA ARG R 11 3.30 -63.06 22.82
C ARG R 11 4.40 -64.12 22.66
N LYS R 12 4.04 -65.30 22.13
CA LYS R 12 4.98 -66.42 22.17
C LYS R 12 6.26 -66.12 21.40
N PHE R 13 6.16 -65.37 20.31
CA PHE R 13 7.35 -65.05 19.54
C PHE R 13 8.29 -64.16 20.34
N ALA R 14 7.73 -63.25 21.14
CA ALA R 14 8.56 -62.37 21.94
C ALA R 14 9.21 -63.08 23.11
N GLN R 15 8.44 -63.93 23.83
CA GLN R 15 9.06 -64.64 24.95
C GLN R 15 10.07 -65.68 24.45
N ARG R 16 9.86 -66.22 23.26
CA ARG R 16 10.89 -67.04 22.63
C ARG R 16 12.13 -66.21 22.31
N ARG R 17 11.95 -64.99 21.79
CA ARG R 17 13.09 -64.13 21.58
C ARG R 17 13.85 -63.91 22.89
N LYS R 18 13.12 -63.75 24.00
CA LYS R 18 13.70 -63.69 25.33
C LYS R 18 14.60 -64.89 25.56
N LEU R 19 14.00 -66.08 25.67
CA LEU R 19 14.79 -67.28 25.94
C LEU R 19 16.01 -67.36 25.06
N LYS R 20 15.84 -67.08 23.75
CA LYS R 20 16.93 -67.20 22.80
C LYS R 20 18.07 -66.26 23.15
N TYR R 21 17.80 -64.95 23.20
CA TYR R 21 18.90 -64.02 23.39
C TYR R 21 19.46 -64.07 24.81
N GLN R 22 18.67 -64.54 25.77
CA GLN R 22 19.17 -64.69 27.14
C GLN R 22 20.18 -65.83 27.22
N TYR R 23 19.81 -67.01 26.69
CA TYR R 23 20.76 -68.11 26.59
C TYR R 23 21.98 -67.73 25.75
N ILE R 24 21.76 -67.00 24.66
CA ILE R 24 22.85 -66.50 23.84
C ILE R 24 23.82 -65.71 24.69
N ASN R 25 23.28 -64.83 25.53
CA ASN R 25 24.12 -64.04 26.42
C ASN R 25 24.93 -64.94 27.34
N TYR R 26 24.30 -65.95 27.95
CA TYR R 26 25.06 -66.74 28.93
C TYR R 26 26.18 -67.53 28.26
N ILE R 27 25.92 -68.08 27.06
CA ILE R 27 26.95 -68.85 26.36
C ILE R 27 28.09 -67.96 25.90
N SER R 28 27.77 -66.81 25.29
CA SER R 28 28.84 -65.95 24.77
C SER R 28 29.62 -65.28 25.90
N ARG R 29 28.93 -64.97 27.00
CA ARG R 29 29.60 -64.49 28.20
C ARG R 29 30.63 -65.50 28.67
N ARG R 30 30.21 -66.74 28.95
CA ARG R 30 31.19 -67.70 29.44
C ARG R 30 32.27 -67.97 28.41
N PHE R 31 31.96 -67.79 27.12
CA PHE R 31 32.98 -67.96 26.08
C PHE R 31 34.06 -66.90 26.16
N ASP R 32 33.68 -65.63 26.37
CA ASP R 32 34.70 -64.59 26.57
C ASP R 32 35.40 -64.77 27.91
N ARG R 33 34.71 -65.33 28.91
CA ARG R 33 35.37 -65.69 30.15
C ARG R 33 36.49 -66.69 29.88
N ILE R 34 36.24 -67.68 29.03
CA ILE R 34 37.27 -68.69 28.77
C ILE R 34 38.34 -68.19 27.81
N SER R 35 38.05 -67.17 26.99
CA SER R 35 39.11 -66.56 26.21
C SER R 35 39.96 -65.61 27.04
N LYS R 36 39.44 -65.10 28.15
CA LYS R 36 40.25 -64.33 29.09
C LYS R 36 41.28 -65.22 29.76
N GLN R 74 14.11 -57.93 32.07
CA GLN R 74 14.24 -56.53 31.68
C GLN R 74 14.29 -56.34 30.15
N GLN R 75 13.29 -55.61 29.67
CA GLN R 75 13.25 -55.11 28.30
C GLN R 75 14.61 -54.54 27.94
N LYS R 76 15.27 -53.88 28.89
CA LYS R 76 16.56 -53.24 28.62
C LYS R 76 17.69 -54.26 28.50
N LYS R 77 17.66 -55.33 29.31
CA LYS R 77 18.66 -56.38 29.14
C LYS R 77 18.54 -57.00 27.76
N ARG R 78 17.31 -57.31 27.36
CA ARG R 78 17.09 -57.74 25.98
C ARG R 78 17.56 -56.68 24.98
N ARG R 79 17.50 -55.40 25.37
CA ARG R 79 17.79 -54.32 24.43
C ARG R 79 19.27 -54.19 24.17
N ARG R 80 20.08 -54.10 25.23
CA ARG R 80 21.53 -54.11 25.06
C ARG R 80 21.96 -55.39 24.36
N GLU R 81 21.39 -56.52 24.78
CA GLU R 81 21.70 -57.83 24.24
C GLU R 81 21.52 -57.85 22.72
N ARG R 82 20.29 -57.68 22.23
CA ARG R 82 20.08 -57.56 20.80
C ARG R 82 20.85 -56.40 20.21
N HIS R 83 21.27 -55.44 21.04
CA HIS R 83 21.88 -54.23 20.51
C HIS R 83 23.26 -54.48 19.94
N TRP R 84 24.23 -54.85 20.77
CA TRP R 84 25.63 -54.73 20.31
C TRP R 84 25.90 -55.77 19.23
N ARG R 85 25.44 -55.45 18.01
CA ARG R 85 25.49 -56.26 16.79
C ARG R 85 25.01 -55.40 15.62
N SER R 86 25.74 -55.47 14.50
CA SER R 86 25.37 -54.80 13.26
C SER R 86 23.89 -55.01 12.97
N VAL R 87 23.12 -53.94 13.05
CA VAL R 87 21.68 -54.03 13.21
C VAL R 87 20.93 -53.99 11.89
N SER R 137 30.75 -52.17 -16.31
CA SER R 137 30.24 -51.34 -17.41
C SER R 137 28.88 -50.73 -17.08
N PHE R 138 28.28 -51.14 -15.97
CA PHE R 138 27.00 -50.61 -15.54
C PHE R 138 27.08 -50.21 -14.06
N GLU R 139 26.07 -49.45 -13.64
CA GLU R 139 26.15 -48.60 -12.45
C GLU R 139 25.99 -49.39 -11.14
N ILE R 140 26.94 -50.27 -10.88
CA ILE R 140 26.89 -51.13 -9.70
C ILE R 140 27.39 -50.37 -8.48
N TRP R 141 26.50 -50.15 -7.51
CA TRP R 141 26.86 -49.57 -6.22
C TRP R 141 27.75 -50.51 -5.42
N ARG R 142 28.98 -50.74 -5.91
CA ARG R 142 29.84 -51.84 -5.49
C ARG R 142 30.00 -51.98 -3.98
N THR R 143 30.38 -53.19 -3.54
CA THR R 143 30.45 -53.56 -2.14
C THR R 143 31.83 -53.21 -1.58
N VAL R 144 32.25 -53.85 -0.49
CA VAL R 144 33.62 -53.74 0.03
C VAL R 144 34.25 -55.13 -0.11
N SER R 145 35.22 -55.25 -1.00
CA SER R 145 35.80 -56.54 -1.35
C SER R 145 36.79 -56.98 -0.27
N SER R 146 37.59 -58.01 -0.60
CA SER R 146 38.51 -58.65 0.36
C SER R 146 39.90 -58.07 0.17
N GLN R 147 40.31 -57.20 1.10
CA GLN R 147 41.69 -56.87 1.39
C GLN R 147 41.70 -56.06 2.67
N ASN R 148 42.82 -56.14 3.41
CA ASN R 148 42.95 -55.62 4.77
C ASN R 148 42.03 -56.35 5.75
N LYS R 149 42.14 -57.69 5.81
CA LYS R 149 41.38 -58.48 6.77
C LYS R 149 42.25 -59.62 7.30
N GLN R 150 42.03 -59.89 8.58
CA GLN R 150 42.70 -60.90 9.41
C GLN R 150 43.59 -61.96 8.77
N PRO R 151 44.08 -62.86 9.63
CA PRO R 151 44.96 -63.96 9.22
C PRO R 151 44.61 -65.29 9.91
N ILE R 152 43.34 -65.68 9.82
CA ILE R 152 42.80 -66.95 10.37
C ILE R 152 42.82 -67.22 11.88
N ASN R 153 42.21 -68.36 12.22
CA ASN R 153 42.02 -68.92 13.54
C ASN R 153 42.20 -70.42 13.37
N LYS R 154 42.61 -71.09 14.44
CA LYS R 154 42.73 -72.54 14.41
C LYS R 154 42.03 -73.13 15.62
N GLN R 155 41.45 -74.30 15.42
CA GLN R 155 40.24 -74.77 16.09
C GLN R 155 40.14 -74.30 17.53
N LYS R 156 38.98 -73.77 17.87
CA LYS R 156 38.70 -73.38 19.25
C LYS R 156 37.93 -74.44 20.01
N MET R 157 37.17 -75.29 19.32
CA MET R 157 36.05 -75.96 19.98
C MET R 157 35.98 -77.47 19.80
N THR R 158 36.65 -78.20 20.71
CA THR R 158 36.45 -79.64 20.73
C THR R 158 35.16 -79.95 21.47
N TYR R 159 34.78 -81.24 21.42
CA TYR R 159 33.58 -81.70 22.11
C TYR R 159 33.65 -81.34 23.59
N HIS R 160 34.71 -81.80 24.26
CA HIS R 160 34.84 -81.55 25.69
C HIS R 160 34.84 -80.06 26.01
N ASN R 161 35.60 -79.27 25.26
CA ASN R 161 35.66 -77.83 25.54
C ASN R 161 34.32 -77.15 25.29
N PHE R 162 33.63 -77.49 24.20
CA PHE R 162 32.32 -76.87 23.99
C PHE R 162 31.37 -77.22 25.13
N LYS R 163 31.19 -78.52 25.40
CA LYS R 163 30.28 -78.87 26.49
C LYS R 163 30.73 -78.28 27.82
N LYS R 164 32.02 -77.97 27.97
CA LYS R 164 32.45 -77.11 29.06
C LYS R 164 31.71 -75.78 29.01
N ILE R 165 31.78 -75.07 27.89
CA ILE R 165 31.09 -73.77 27.81
C ILE R 165 29.58 -73.91 27.94
N GLU R 166 29.02 -75.02 27.47
CA GLU R 166 27.58 -75.14 27.38
C GLU R 166 26.95 -75.57 28.70
N LYS R 167 27.70 -76.29 29.56
CA LYS R 167 27.08 -77.06 30.64
C LYS R 167 26.32 -76.18 31.62
N ILE R 168 26.88 -75.03 31.96
CA ILE R 168 26.30 -74.19 33.01
C ILE R 168 25.19 -73.29 32.48
N PRO R 169 25.37 -72.51 31.39
CA PRO R 169 24.29 -71.61 30.97
C PRO R 169 23.00 -72.32 30.65
N LEU R 170 23.04 -73.63 30.41
CA LEU R 170 21.81 -74.36 30.13
C LEU R 170 20.93 -74.51 31.36
N ARG R 171 21.51 -74.60 32.55
CA ARG R 171 20.70 -74.70 33.77
C ARG R 171 20.14 -73.34 34.17
N LYS R 172 21.00 -72.31 34.12
CA LYS R 172 20.50 -70.97 34.32
C LYS R 172 19.22 -70.80 33.50
N MET R 173 19.28 -71.26 32.25
CA MET R 173 18.09 -71.38 31.42
C MET R 173 17.04 -72.29 32.04
N GLU R 174 17.45 -73.32 32.78
CA GLU R 174 16.45 -74.16 33.42
C GLU R 174 15.56 -73.35 34.37
N ILE R 175 16.05 -72.21 34.87
CA ILE R 175 15.19 -71.43 35.78
C ILE R 175 14.00 -70.79 35.06
N PRO R 176 14.19 -69.89 34.08
CA PRO R 176 13.01 -69.20 33.51
C PRO R 176 12.26 -70.02 32.48
N LEU R 177 12.88 -71.08 31.94
CA LEU R 177 12.14 -72.10 31.21
C LEU R 177 10.96 -72.61 32.00
N LEU R 178 11.07 -72.59 33.32
CA LEU R 178 9.98 -73.06 34.17
C LEU R 178 8.82 -72.08 34.19
N HIS R 179 9.06 -70.84 33.77
CA HIS R 179 8.07 -69.78 33.71
C HIS R 179 7.39 -69.68 32.36
N CYS R 180 8.09 -70.02 31.28
CA CYS R 180 7.53 -69.94 29.94
C CYS R 180 6.65 -71.16 29.66
N THR R 181 6.03 -71.15 28.49
CA THR R 181 5.06 -72.18 28.17
C THR R 181 5.75 -73.42 27.61
N LYS R 182 5.03 -74.54 27.63
CA LYS R 182 5.62 -75.84 27.30
C LYS R 182 6.11 -75.89 25.86
N GLU R 183 5.33 -75.32 24.95
CA GLU R 183 5.75 -75.21 23.56
C GLU R 183 6.98 -74.32 23.43
N ASN R 184 6.98 -73.22 24.18
CA ASN R 184 8.11 -72.30 24.19
C ASN R 184 9.35 -72.99 24.74
N LYS R 185 9.16 -73.78 25.79
CA LYS R 185 10.25 -74.54 26.39
C LYS R 185 10.79 -75.55 25.39
N LEU R 186 9.91 -76.19 24.64
CA LEU R 186 10.31 -77.14 23.61
C LEU R 186 11.13 -76.45 22.53
N TYR R 187 10.71 -75.24 22.16
CA TYR R 187 11.43 -74.45 21.17
C TYR R 187 12.82 -74.09 21.68
N PHE R 188 12.92 -73.77 22.96
CA PHE R 188 14.21 -73.48 23.58
C PHE R 188 15.11 -74.71 23.56
N GLN R 189 14.52 -75.87 23.84
CA GLN R 189 15.25 -77.13 23.83
C GLN R 189 15.79 -77.46 22.45
N SER R 190 14.98 -77.21 21.42
CA SER R 190 15.34 -77.61 20.07
C SER R 190 16.31 -76.63 19.42
N ILE R 191 16.08 -75.32 19.58
CA ILE R 191 17.05 -74.39 19.01
C ILE R 191 18.38 -74.52 19.73
N SER R 192 18.36 -74.93 21.00
CA SER R 192 19.56 -75.08 21.78
C SER R 192 20.27 -76.40 21.51
N ARG R 193 19.53 -77.43 21.06
CA ARG R 193 20.16 -78.56 20.40
C ARG R 193 20.73 -78.17 19.05
N GLY R 194 20.22 -77.13 18.42
CA GLY R 194 20.65 -76.76 17.10
C GLY R 194 19.68 -77.07 15.99
N LEU R 195 18.60 -77.80 16.30
CA LEU R 195 17.53 -78.04 15.35
C LEU R 195 16.76 -76.76 15.03
N GLU R 196 16.26 -76.67 13.80
CA GLU R 196 15.55 -75.48 13.36
C GLU R 196 14.07 -75.75 13.15
N PRO R 197 13.23 -74.89 13.71
CA PRO R 197 11.81 -75.19 13.87
C PRO R 197 11.08 -75.35 12.53
N LEU R 198 10.18 -76.30 12.46
CA LEU R 198 9.43 -76.59 11.24
C LEU R 198 8.54 -75.43 10.79
N LYS R 199 7.93 -74.75 11.75
CA LYS R 199 6.80 -73.87 11.46
C LYS R 199 7.16 -72.40 11.59
N THR R 200 6.82 -71.63 10.55
CA THR R 200 7.09 -70.20 10.53
C THR R 200 6.25 -69.47 11.57
N SER R 201 6.61 -68.20 11.82
CA SER R 201 5.74 -67.37 12.64
C SER R 201 4.38 -67.21 11.99
N THR R 202 4.36 -66.94 10.68
CA THR R 202 3.09 -66.90 9.97
C THR R 202 2.34 -68.21 10.09
N SER R 203 3.03 -69.34 9.83
CA SER R 203 2.38 -70.64 9.82
C SER R 203 1.74 -71.02 11.14
N GLU R 204 2.01 -70.29 12.22
CA GLU R 204 1.40 -70.65 13.50
C GLU R 204 0.66 -69.47 14.12
N VAL R 205 0.34 -68.45 13.30
CA VAL R 205 -0.10 -67.07 13.72
C VAL R 205 -1.46 -66.65 14.40
N ARG R 206 -2.62 -67.12 13.92
CA ARG R 206 -3.91 -67.00 14.65
C ARG R 206 -4.59 -65.67 15.19
N ASN R 207 -6.17 -63.24 12.65
CA ASN R 207 -7.29 -62.45 13.09
C ASN R 207 -8.01 -61.92 11.87
N TYR R 208 -9.33 -61.98 11.89
CA TYR R 208 -10.19 -61.59 10.78
C TYR R 208 -9.67 -60.38 10.01
N ARG R 209 -9.70 -59.22 10.67
CA ARG R 209 -9.35 -57.96 10.00
C ARG R 209 -7.96 -58.01 9.41
N THR R 210 -6.99 -58.56 10.14
CA THR R 210 -5.61 -58.55 9.64
C THR R 210 -5.46 -59.50 8.46
N ARG R 211 -6.12 -60.65 8.49
CA ARG R 211 -6.06 -61.58 7.37
C ARG R 211 -6.69 -60.98 6.14
N HIS R 212 -7.77 -60.22 6.33
CA HIS R 212 -8.40 -59.52 5.24
C HIS R 212 -7.48 -58.44 4.68
N ILE R 213 -6.83 -57.66 5.55
CA ILE R 213 -5.86 -56.69 5.06
C ILE R 213 -4.73 -57.39 4.31
N VAL R 214 -4.33 -58.57 4.79
CA VAL R 214 -3.29 -59.34 4.11
C VAL R 214 -3.71 -59.64 2.67
N THR R 215 -4.96 -60.10 2.49
CA THR R 215 -5.44 -60.38 1.14
C THR R 215 -5.56 -59.09 0.32
N LEU R 216 -6.03 -58.01 0.93
CA LEU R 216 -6.11 -56.73 0.24
C LEU R 216 -4.75 -56.30 -0.30
N THR R 217 -3.78 -56.11 0.59
CA THR R 217 -2.43 -55.72 0.20
C THR R 217 -1.85 -56.67 -0.85
N ASP R 218 -2.01 -57.98 -0.63
CA ASP R 218 -1.58 -58.95 -1.62
C ASP R 218 -2.12 -58.62 -2.99
N LEU R 219 -3.45 -58.47 -3.09
CA LEU R 219 -4.05 -58.17 -4.39
C LEU R 219 -3.54 -56.86 -4.96
N LEU R 220 -3.20 -55.90 -4.09
CA LEU R 220 -2.52 -54.69 -4.56
C LEU R 220 -1.24 -55.07 -5.27
N HIS R 221 -0.32 -55.73 -4.55
CA HIS R 221 0.98 -56.03 -5.14
C HIS R 221 0.84 -56.87 -6.41
N LEU R 222 -0.09 -57.83 -6.40
CA LEU R 222 -0.29 -58.68 -7.55
C LEU R 222 -0.75 -57.88 -8.74
N ASN R 223 -1.77 -57.04 -8.54
CA ASN R 223 -2.30 -56.25 -9.65
C ASN R 223 -1.24 -55.29 -10.19
N VAL R 224 -0.50 -54.64 -9.31
CA VAL R 224 0.58 -53.75 -9.77
C VAL R 224 1.61 -54.53 -10.57
N SER R 225 1.86 -55.79 -10.20
CA SER R 225 2.75 -56.59 -11.04
C SER R 225 2.09 -56.90 -12.37
N ARG R 226 0.77 -57.02 -12.40
CA ARG R 226 0.02 -57.44 -13.58
C ARG R 226 -0.34 -56.30 -14.51
N HIS R 227 0.22 -55.11 -14.29
CA HIS R 227 -0.08 -53.93 -15.10
C HIS R 227 -1.55 -53.54 -15.01
N ASN R 228 -2.28 -54.07 -14.02
CA ASN R 228 -3.71 -53.83 -13.92
C ASN R 228 -4.00 -52.54 -13.17
N TRP R 229 -3.37 -51.44 -13.63
CA TRP R 229 -3.33 -50.19 -12.87
C TRP R 229 -4.71 -49.75 -12.39
N SER R 230 -5.77 -50.07 -13.14
CA SER R 230 -7.12 -49.72 -12.71
C SER R 230 -7.48 -50.43 -11.41
N LEU R 231 -7.53 -51.76 -11.48
CA LEU R 231 -7.81 -52.57 -10.29
C LEU R 231 -6.89 -52.19 -9.15
N ALA R 232 -5.59 -52.33 -9.38
CA ALA R 232 -4.56 -51.96 -8.43
C ALA R 232 -4.87 -50.62 -7.78
N TYR R 233 -5.33 -49.64 -8.57
CA TYR R 233 -5.70 -48.36 -7.98
C TYR R 233 -6.87 -48.52 -7.01
N LYS R 234 -7.89 -49.31 -7.40
CA LYS R 234 -8.99 -49.56 -6.47
C LYS R 234 -8.49 -50.20 -5.18
N ILE R 235 -7.59 -51.18 -5.32
CA ILE R 235 -6.99 -51.83 -4.17
C ILE R 235 -6.31 -50.80 -3.28
N PHE R 236 -5.50 -49.94 -3.87
CA PHE R 236 -4.73 -48.95 -3.10
C PHE R 236 -5.66 -48.02 -2.34
N ALA R 237 -6.68 -47.46 -3.01
CA ALA R 237 -7.59 -46.54 -2.34
C ALA R 237 -8.31 -47.22 -1.18
N THR R 238 -8.88 -48.41 -1.44
CA THR R 238 -9.57 -49.14 -0.39
C THR R 238 -8.63 -49.46 0.78
N LEU R 239 -7.36 -49.72 0.47
CA LEU R 239 -6.38 -50.07 1.49
C LEU R 239 -6.07 -48.87 2.38
N ILE R 240 -5.55 -47.79 1.79
CA ILE R 240 -5.22 -46.58 2.53
C ILE R 240 -6.43 -46.10 3.34
N ARG R 241 -7.65 -46.43 2.88
CA ARG R 241 -8.82 -46.12 3.70
C ARG R 241 -8.70 -46.73 5.10
N ILE R 242 -8.13 -47.92 5.20
CA ILE R 242 -8.24 -48.68 6.45
C ILE R 242 -7.42 -48.01 7.54
N PRO R 243 -7.88 -48.07 8.78
CA PRO R 243 -7.04 -47.73 9.93
C PRO R 243 -5.85 -48.67 10.08
N GLY R 244 -6.09 -49.96 9.88
CA GLY R 244 -5.16 -51.00 10.26
C GLY R 244 -3.88 -51.08 9.45
N VAL R 245 -2.79 -51.41 10.16
CA VAL R 245 -1.35 -51.11 9.91
C VAL R 245 -0.81 -49.99 9.00
N GLN R 246 0.14 -49.23 9.53
CA GLN R 246 1.15 -48.56 8.72
C GLN R 246 2.08 -49.60 8.08
N ILE R 247 2.47 -49.37 6.84
CA ILE R 247 3.39 -50.27 6.15
C ILE R 247 4.64 -49.55 5.65
N LYS R 248 5.80 -50.12 5.95
CA LYS R 248 7.04 -49.72 5.28
C LYS R 248 6.96 -50.03 3.80
N SER R 249 6.39 -51.20 3.47
CA SER R 249 5.79 -51.44 2.18
C SER R 249 5.94 -50.27 1.22
N LEU R 250 6.78 -49.29 1.56
CA LEU R 250 6.73 -48.03 0.82
C LEU R 250 7.29 -48.18 -0.60
N TRP R 251 8.39 -48.92 -0.80
CA TRP R 251 8.87 -49.15 -2.16
C TRP R 251 7.81 -49.84 -3.01
N GLY R 252 7.01 -50.70 -2.38
CA GLY R 252 5.84 -51.26 -3.05
C GLY R 252 4.95 -50.18 -3.63
N ILE R 253 4.70 -49.13 -2.84
CA ILE R 253 3.83 -48.08 -3.34
C ILE R 253 4.56 -47.07 -4.23
N GLY R 254 5.87 -46.91 -4.07
CA GLY R 254 6.65 -46.03 -4.90
C GLY R 254 6.64 -46.54 -6.33
N VAL R 255 7.13 -47.78 -6.53
CA VAL R 255 7.01 -48.37 -7.85
C VAL R 255 5.56 -48.64 -8.22
N GLU R 256 4.68 -48.73 -7.22
CA GLU R 256 3.27 -49.03 -7.48
C GLU R 256 2.55 -47.88 -8.15
N ILE R 257 2.43 -46.76 -7.44
CA ILE R 257 1.88 -45.54 -8.02
C ILE R 257 2.71 -45.09 -9.21
N LEU R 258 4.01 -45.35 -9.20
CA LEU R 258 4.85 -45.05 -10.37
C LEU R 258 4.31 -45.70 -11.63
N ASP R 259 4.28 -47.04 -11.66
CA ASP R 259 3.73 -47.71 -12.82
C ASP R 259 2.21 -47.58 -12.92
N ASN R 260 1.55 -47.04 -11.89
CA ASN R 260 0.10 -46.92 -11.96
C ASN R 260 -0.32 -45.79 -12.88
N LEU R 261 0.25 -44.60 -12.70
CA LEU R 261 -0.08 -43.41 -13.48
C LEU R 261 -1.56 -43.04 -13.38
N SER R 262 -2.34 -43.80 -12.62
CA SER R 262 -3.79 -43.78 -12.77
C SER R 262 -4.39 -42.50 -12.20
N ASN R 263 -4.28 -42.31 -10.89
CA ASN R 263 -4.94 -41.19 -10.22
C ASN R 263 -4.04 -40.52 -9.20
N SER R 264 -3.74 -41.28 -8.16
CA SER R 264 -3.60 -40.75 -6.82
C SER R 264 -2.24 -40.09 -6.58
N SER R 265 -2.27 -38.95 -5.88
CA SER R 265 -1.11 -38.11 -5.61
C SER R 265 0.15 -38.96 -5.51
N SER R 266 1.05 -38.75 -6.45
CA SER R 266 1.87 -39.81 -7.03
C SER R 266 3.21 -39.97 -6.34
N GLY R 267 3.81 -41.14 -6.56
CA GLY R 267 5.13 -41.56 -6.09
C GLY R 267 6.03 -40.48 -5.52
N LEU R 268 6.19 -39.37 -6.25
CA LEU R 268 6.90 -38.23 -5.67
C LEU R 268 6.18 -37.72 -4.42
N ASP R 269 4.88 -37.47 -4.51
CA ASP R 269 4.11 -37.02 -3.36
C ASP R 269 4.28 -37.98 -2.18
N PHE R 270 4.19 -39.28 -2.45
CA PHE R 270 4.40 -40.24 -1.37
C PHE R 270 5.79 -40.10 -0.78
N LEU R 271 6.82 -40.05 -1.63
CA LEU R 271 8.19 -40.02 -1.14
C LEU R 271 8.45 -38.78 -0.29
N GLN R 272 8.15 -37.59 -0.82
CA GLN R 272 8.34 -36.37 -0.04
C GLN R 272 7.48 -36.38 1.22
N TRP R 273 6.34 -37.10 1.19
CA TRP R 273 5.60 -37.31 2.42
C TRP R 273 6.41 -38.14 3.41
N MET R 274 6.98 -39.25 2.94
CA MET R 274 7.82 -40.10 3.79
C MET R 274 8.91 -39.30 4.47
N CYS R 275 9.57 -38.43 3.71
CA CYS R 275 10.65 -37.65 4.28
C CYS R 275 10.13 -36.56 5.20
N GLN R 276 8.96 -35.98 4.92
CA GLN R 276 8.47 -34.92 5.77
C GLN R 276 7.96 -35.47 7.11
N ILE R 277 7.33 -36.65 7.09
CA ILE R 277 6.82 -37.22 8.34
C ILE R 277 7.94 -37.90 9.12
N TYR R 278 8.85 -38.59 8.43
CA TYR R 278 9.86 -39.37 9.14
C TYR R 278 11.27 -38.80 8.99
N SER R 279 11.43 -37.49 9.25
CA SER R 279 12.75 -36.89 9.38
C SER R 279 12.93 -36.21 10.73
N SER R 280 12.04 -36.47 11.68
CA SER R 280 12.08 -35.77 12.95
C SER R 280 11.58 -36.70 14.05
N LYS R 281 12.18 -36.55 15.24
CA LYS R 281 11.70 -37.22 16.44
C LYS R 281 10.36 -36.60 16.83
N SER R 282 9.33 -36.83 16.02
CA SER R 282 8.06 -36.14 16.16
C SER R 282 6.89 -37.13 16.10
N ARG R 291 15.98 -52.78 15.68
CA ARG R 291 14.60 -53.23 15.83
C ARG R 291 14.23 -54.26 14.76
N SER R 292 13.04 -54.85 14.89
CA SER R 292 12.65 -56.00 14.10
C SER R 292 12.51 -55.69 12.61
N ILE R 293 11.52 -54.87 12.26
CA ILE R 293 11.00 -54.82 10.90
C ILE R 293 11.98 -54.27 9.88
N VAL R 294 13.05 -53.58 10.31
CA VAL R 294 13.69 -52.59 9.45
C VAL R 294 15.07 -53.01 8.96
N PRO R 295 15.19 -53.56 7.76
CA PRO R 295 16.46 -53.53 7.01
C PRO R 295 16.69 -52.17 6.35
N PRO R 296 17.53 -52.07 5.23
CA PRO R 296 17.73 -50.76 4.59
C PRO R 296 16.70 -50.25 3.59
N PHE R 297 15.96 -51.12 2.92
CA PHE R 297 15.08 -50.60 1.87
C PHE R 297 13.85 -49.87 2.39
N GLN R 298 13.65 -49.81 3.72
CA GLN R 298 12.81 -48.81 4.36
C GLN R 298 13.51 -48.39 5.64
N THR R 299 13.55 -47.09 5.89
CA THR R 299 14.57 -46.58 6.77
C THR R 299 14.09 -45.31 7.48
N GLY R 300 14.91 -44.82 8.39
CA GLY R 300 14.63 -43.61 9.15
C GLY R 300 15.63 -42.51 8.80
N SER R 301 15.20 -41.26 8.98
CA SER R 301 15.92 -40.11 8.45
C SER R 301 16.95 -39.54 9.42
N ARG R 302 17.57 -40.37 10.24
CA ARG R 302 18.74 -39.93 10.99
C ARG R 302 19.99 -40.05 10.13
N THR R 303 20.26 -41.26 9.63
CA THR R 303 21.22 -41.50 8.57
C THR R 303 20.55 -42.38 7.53
N HIS R 304 21.22 -42.54 6.39
CA HIS R 304 20.56 -42.57 5.09
C HIS R 304 19.29 -43.41 4.99
N THR R 305 18.18 -42.71 4.78
CA THR R 305 17.09 -43.24 3.98
C THR R 305 17.56 -43.30 2.54
N ALA R 306 17.62 -44.51 1.98
CA ALA R 306 18.32 -44.73 0.73
C ALA R 306 17.30 -44.94 -0.38
N LYS R 307 16.87 -46.17 -0.64
CA LYS R 307 16.24 -46.53 -1.91
C LYS R 307 15.32 -45.45 -2.48
N PHE R 308 14.20 -45.17 -1.80
CA PHE R 308 13.17 -44.34 -2.40
C PHE R 308 13.67 -42.95 -2.75
N ALA R 309 14.52 -42.37 -1.89
CA ALA R 309 15.00 -41.02 -2.11
C ALA R 309 15.86 -40.94 -3.37
N ILE R 310 16.91 -41.76 -3.43
CA ILE R 310 17.79 -41.70 -4.58
C ILE R 310 17.05 -42.07 -5.86
N THR R 311 16.04 -42.93 -5.75
CA THR R 311 15.33 -43.34 -6.97
C THR R 311 14.38 -42.25 -7.46
N TYR R 312 13.71 -41.50 -6.56
CA TYR R 312 12.95 -40.37 -7.07
C TYR R 312 13.88 -39.29 -7.61
N LEU R 313 15.08 -39.16 -7.02
CA LEU R 313 16.07 -38.20 -7.50
C LEU R 313 16.45 -38.50 -8.94
N TRP R 314 17.08 -39.66 -9.16
CA TRP R 314 17.48 -40.02 -10.52
C TRP R 314 16.28 -40.03 -11.45
N SER R 315 15.20 -40.72 -11.05
CA SER R 315 14.05 -40.86 -11.92
C SER R 315 13.43 -39.51 -12.28
N SER R 316 13.61 -38.51 -11.43
CA SER R 316 13.13 -37.17 -11.76
C SER R 316 14.06 -36.49 -12.76
N LEU R 317 15.37 -36.69 -12.62
CA LEU R 317 16.30 -36.25 -13.65
C LEU R 317 15.99 -36.91 -15.00
N ILE R 318 15.44 -38.13 -14.96
CA ILE R 318 14.97 -38.78 -16.20
C ILE R 318 13.65 -38.18 -16.65
N ASN R 319 12.81 -37.73 -15.72
CA ASN R 319 11.67 -36.91 -16.11
C ASN R 319 12.11 -35.58 -16.73
N CYS R 320 13.40 -35.23 -16.62
CA CYS R 320 13.98 -34.21 -17.48
C CYS R 320 14.53 -34.79 -18.79
N GLN R 321 15.02 -36.03 -18.78
CA GLN R 321 15.22 -36.70 -20.07
C GLN R 321 13.96 -36.61 -20.91
N LYS R 322 12.79 -36.53 -20.26
CA LYS R 322 11.58 -36.13 -20.97
C LYS R 322 11.73 -34.76 -21.61
N SER R 323 12.40 -33.84 -20.92
CA SER R 323 12.57 -32.50 -21.47
C SER R 323 13.50 -32.52 -22.67
N MET R 324 14.81 -32.68 -22.44
CA MET R 324 15.76 -32.53 -23.53
C MET R 324 16.48 -33.84 -23.86
N LEU R 345 11.83 -28.11 -14.56
CA LEU R 345 11.70 -29.35 -13.78
C LEU R 345 12.97 -29.65 -12.98
N ILE R 346 14.14 -29.33 -13.55
CA ILE R 346 15.40 -29.66 -12.88
C ILE R 346 15.60 -28.80 -11.64
N ASP R 347 15.59 -27.47 -11.80
CA ASP R 347 15.74 -26.60 -10.64
C ASP R 347 14.64 -26.83 -9.61
N LYS R 348 13.54 -27.47 -10.02
CA LYS R 348 12.57 -27.99 -9.04
C LYS R 348 13.14 -29.18 -8.29
N ILE R 349 13.57 -30.22 -9.02
CA ILE R 349 14.03 -31.45 -8.39
C ILE R 349 15.20 -31.18 -7.46
N SER R 350 16.18 -30.40 -7.92
CA SER R 350 17.30 -29.97 -7.09
C SER R 350 16.94 -28.78 -6.21
N GLU R 351 15.73 -28.23 -6.35
CA GLU R 351 15.24 -27.27 -5.37
C GLU R 351 14.77 -27.99 -4.11
N TRP R 352 14.15 -29.16 -4.26
CA TRP R 352 13.73 -29.98 -3.13
C TRP R 352 14.72 -31.09 -2.80
N VAL R 353 15.78 -31.24 -3.61
CA VAL R 353 17.01 -31.89 -3.17
C VAL R 353 17.89 -30.86 -2.48
N LEU R 354 17.72 -29.58 -2.82
CA LEU R 354 18.34 -28.51 -2.06
C LEU R 354 17.66 -28.36 -0.70
N THR R 355 16.33 -28.56 -0.65
CA THR R 355 15.57 -28.30 0.57
C THR R 355 16.00 -29.16 1.75
N PRO R 356 16.15 -30.47 1.65
CA PRO R 356 16.28 -31.29 2.85
C PRO R 356 17.70 -31.27 3.38
N PRO R 357 17.85 -31.15 4.69
CA PRO R 357 19.11 -31.58 5.33
C PRO R 357 19.04 -33.02 5.83
N PHE R 358 19.83 -33.89 5.20
CA PHE R 358 20.09 -35.27 5.60
C PHE R 358 21.49 -35.57 5.06
N MET R 359 22.50 -34.95 5.68
CA MET R 359 23.76 -34.67 5.01
C MET R 359 24.47 -35.93 4.52
N GLU R 360 24.20 -37.10 5.08
CA GLU R 360 24.96 -38.25 4.57
C GLU R 360 24.35 -38.78 3.26
N ASP R 361 24.51 -38.01 2.17
CA ASP R 361 24.09 -38.45 0.83
C ASP R 361 25.18 -38.50 -0.27
N ALA R 362 25.78 -37.36 -0.60
CA ALA R 362 26.66 -37.23 -1.75
C ALA R 362 25.95 -37.61 -3.03
N GLU R 363 25.12 -38.65 -2.99
CA GLU R 363 24.37 -38.98 -4.19
C GLU R 363 23.51 -37.81 -4.65
N VAL R 364 23.06 -36.97 -3.71
CA VAL R 364 22.37 -35.76 -4.15
C VAL R 364 23.36 -34.68 -4.54
N TRP R 365 24.64 -34.83 -4.17
CA TRP R 365 25.66 -33.97 -4.75
C TRP R 365 25.90 -34.30 -6.22
N PHE R 366 25.91 -35.60 -6.56
CA PHE R 366 26.02 -35.97 -7.97
C PHE R 366 24.72 -35.68 -8.72
N ILE R 367 23.58 -35.75 -8.02
CA ILE R 367 22.34 -35.27 -8.62
C ILE R 367 22.43 -33.78 -8.92
N TYR R 368 22.95 -33.01 -7.97
CA TYR R 368 23.11 -31.57 -8.12
C TYR R 368 24.01 -31.25 -9.30
N ALA R 369 25.23 -31.80 -9.29
CA ALA R 369 26.17 -31.57 -10.38
C ALA R 369 25.62 -32.07 -11.71
N SER R 370 24.76 -33.10 -11.68
CA SER R 370 24.10 -33.53 -12.90
C SER R 370 23.05 -32.53 -13.36
N CYS R 371 22.40 -31.85 -12.42
CA CYS R 371 21.50 -30.77 -12.80
C CYS R 371 22.27 -29.61 -13.44
N HIS R 372 23.50 -29.38 -12.99
CA HIS R 372 24.30 -28.32 -13.61
C HIS R 372 24.90 -28.74 -14.95
N LEU R 373 25.19 -30.03 -15.14
CA LEU R 373 25.64 -30.48 -16.44
C LEU R 373 24.49 -30.50 -17.43
N LEU R 374 23.29 -30.85 -16.97
CA LEU R 374 22.12 -30.81 -17.84
C LEU R 374 21.73 -29.37 -18.16
N LYS R 375 21.87 -28.44 -17.20
CA LYS R 375 21.59 -27.05 -17.54
C LYS R 375 22.69 -26.43 -18.39
N ALA R 376 23.92 -26.94 -18.29
CA ALA R 376 25.00 -26.54 -19.19
C ALA R 376 24.89 -27.23 -20.55
N ASP R 377 23.96 -28.17 -20.71
CA ASP R 377 23.67 -28.81 -21.99
C ASP R 377 24.87 -29.60 -22.51
N ILE R 401 25.84 -16.34 -22.03
CA ILE R 401 26.86 -17.36 -22.26
C ILE R 401 27.73 -17.54 -21.01
N ASN R 402 28.18 -16.41 -20.44
CA ASN R 402 28.87 -16.50 -19.15
C ASN R 402 27.99 -17.13 -18.08
N GLN R 403 26.67 -17.12 -18.25
CA GLN R 403 25.79 -17.87 -17.37
C GLN R 403 26.09 -19.36 -17.45
N VAL R 404 26.14 -19.89 -18.68
CA VAL R 404 26.54 -21.29 -18.89
C VAL R 404 27.92 -21.53 -18.29
N ILE R 405 28.81 -20.53 -18.39
CA ILE R 405 30.09 -20.63 -17.69
C ILE R 405 29.88 -20.89 -16.21
N LYS R 406 29.05 -20.07 -15.56
CA LYS R 406 28.84 -20.24 -14.13
C LYS R 406 28.24 -21.60 -13.80
N HIS R 407 27.42 -22.15 -14.71
CA HIS R 407 26.89 -23.50 -14.49
C HIS R 407 27.99 -24.56 -14.61
N ILE R 408 28.97 -24.34 -15.49
CA ILE R 408 30.05 -25.31 -15.64
C ILE R 408 31.03 -25.25 -14.47
N HIS R 409 31.38 -24.04 -14.02
CA HIS R 409 32.13 -23.92 -12.78
C HIS R 409 31.35 -24.52 -11.61
N TYR R 410 30.02 -24.41 -11.65
CA TYR R 410 29.16 -24.95 -10.60
C TYR R 410 29.29 -26.48 -10.52
N VAL R 411 29.09 -27.17 -11.65
CA VAL R 411 29.23 -28.62 -11.64
C VAL R 411 30.64 -29.03 -11.28
N ARG R 412 31.64 -28.25 -11.74
CA ARG R 412 33.01 -28.51 -11.32
C ARG R 412 33.15 -28.47 -9.80
N THR R 413 32.39 -27.59 -9.13
CA THR R 413 32.47 -27.52 -7.67
C THR R 413 31.79 -28.73 -7.02
N PHE R 414 30.55 -29.01 -7.42
CA PHE R 414 29.81 -30.04 -6.71
C PHE R 414 30.33 -31.45 -6.97
N LEU R 415 31.11 -31.65 -8.03
CA LEU R 415 31.74 -32.96 -8.20
C LEU R 415 32.80 -33.21 -7.13
N LYS R 416 33.48 -32.17 -6.65
CA LYS R 416 34.44 -32.38 -5.58
C LYS R 416 33.77 -32.39 -4.21
N ILE R 417 32.75 -31.54 -4.01
CA ILE R 417 32.04 -31.58 -2.73
C ILE R 417 31.15 -32.81 -2.76
N CYS R 418 31.23 -33.56 -3.85
CA CYS R 418 30.72 -34.92 -3.92
C CYS R 418 31.81 -35.96 -3.79
N LEU R 419 33.07 -35.60 -4.07
CA LEU R 419 34.18 -36.34 -3.49
C LEU R 419 34.21 -36.21 -1.97
N ASP R 420 33.34 -35.37 -1.41
CA ASP R 420 33.10 -35.38 0.03
C ASP R 420 32.93 -36.77 0.60
N LYS R 421 32.08 -37.58 -0.03
CA LYS R 421 31.51 -38.78 0.58
C LYS R 421 31.66 -39.98 -0.35
N GLY R 422 31.39 -41.18 0.20
CA GLY R 422 31.42 -42.46 -0.49
C GLY R 422 31.14 -42.38 -1.98
N GLY R 423 32.21 -42.53 -2.76
CA GLY R 423 32.28 -41.88 -4.06
C GLY R 423 31.39 -42.51 -5.12
N PHE R 424 30.67 -41.66 -5.84
CA PHE R 424 30.09 -42.00 -7.13
C PHE R 424 31.05 -41.45 -8.18
N ALA R 425 31.69 -42.36 -8.92
CA ALA R 425 32.75 -41.95 -9.82
C ALA R 425 32.52 -42.51 -11.21
N VAL R 426 32.43 -41.61 -12.18
CA VAL R 426 32.86 -41.86 -13.55
C VAL R 426 34.37 -41.70 -13.43
N PRO R 427 35.19 -42.19 -14.37
CA PRO R 427 36.57 -41.70 -14.43
C PRO R 427 36.67 -40.20 -14.21
N SER R 428 35.58 -39.48 -14.51
CA SER R 428 35.35 -38.09 -14.11
C SER R 428 36.26 -37.10 -14.84
N ARG R 429 37.41 -37.58 -15.33
CA ARG R 429 38.04 -36.91 -16.46
C ARG R 429 37.16 -37.04 -17.70
N LEU R 430 36.24 -38.01 -17.69
CA LEU R 430 35.18 -38.07 -18.70
C LEU R 430 34.15 -36.97 -18.45
N ILE R 431 33.71 -36.81 -17.21
CA ILE R 431 32.86 -35.68 -16.85
C ILE R 431 33.50 -34.38 -17.32
N GLU R 432 34.78 -34.20 -17.00
CA GLU R 432 35.50 -33.01 -17.41
C GLU R 432 35.63 -32.93 -18.92
N ASN R 433 35.69 -34.07 -19.61
CA ASN R 433 35.81 -34.05 -21.07
C ASN R 433 34.52 -33.58 -21.73
N GLN R 434 33.36 -33.99 -21.18
CA GLN R 434 32.13 -33.33 -21.57
C GLN R 434 32.20 -31.84 -21.26
N LEU R 435 32.82 -31.49 -20.14
CA LEU R 435 32.90 -30.08 -19.77
C LEU R 435 33.83 -29.28 -20.68
N LYS R 436 34.74 -29.95 -21.41
CA LYS R 436 35.59 -29.29 -22.40
C LYS R 436 34.93 -29.24 -23.76
N SER R 437 34.21 -30.31 -24.14
CA SER R 437 33.25 -30.20 -25.23
C SER R 437 32.33 -29.02 -25.00
N PHE R 438 32.03 -28.70 -23.73
CA PHE R 438 31.32 -27.47 -23.40
C PHE R 438 32.24 -26.27 -23.55
N GLU R 439 33.48 -26.36 -23.04
CA GLU R 439 34.41 -25.24 -23.10
C GLU R 439 34.66 -24.78 -24.53
N SER R 440 34.30 -25.59 -25.52
CA SER R 440 34.25 -25.15 -26.90
C SER R 440 33.44 -23.85 -27.05
ZN ZN S . 19.17 -8.45 22.36
ZN ZN T . 60.98 5.27 -6.80
ZN ZN U . 32.39 1.21 23.97
ZN ZN V . 21.89 3.61 -74.40
ZN ZN W . -0.94 58.08 -12.78
ZN ZN X . -45.43 22.12 -2.46
ZN ZN Y . -32.30 -23.85 -11.66
ZN ZN Z . -4.02 -6.31 35.92
#